data_8QYS
#
_entry.id   8QYS
#
_cell.length_a   1.00
_cell.length_b   1.00
_cell.length_c   1.00
_cell.angle_alpha   90.00
_cell.angle_beta   90.00
_cell.angle_gamma   90.00
#
_symmetry.space_group_name_H-M   'P 1'
#
loop_
_entity.id
_entity.type
_entity.pdbx_description
1 polymer 'Proteasome subunit alpha type-2'
2 polymer 'Proteasome subunit alpha type-4'
3 polymer 'Proteasome subunit alpha type-7'
4 polymer 'Proteasome subunit alpha type-5'
5 polymer 'Proteasome subunit alpha type-1'
6 polymer 'Proteasome subunit alpha type-3'
7 polymer 'Proteasome subunit alpha type-6'
8 polymer 'Proteasome maturation protein'
9 polymer 'Proteasome assembly chaperone 1'
10 polymer 'Proteasome assembly chaperone 2'
11 polymer 'Proteasome subunit beta type-7'
12 polymer 'Proteasome subunit beta type-3'
13 polymer 'Proteasome subunit beta type-2'
14 polymer 'Proteasome subunit beta type-5'
15 polymer 'Proteasome subunit beta type-1'
16 polymer 'Proteasome subunit beta type-4'
17 polymer 'Proteasome subunit beta type-6'
#
loop_
_entity_poly.entity_id
_entity_poly.type
_entity_poly.pdbx_seq_one_letter_code
_entity_poly.pdbx_strand_id
1 'polypeptide(L)'
;MAERGYSFSLTTFSPSGKLVQIEYALAAVAGGAPSVGIKAANGVVLATEKKQKSILYDERSVHKVEPITKHIGLVYSGMG
PDYRVLVHRARKLAQQYYLVYQEPIPTAQLVQRVASVMQEYTQSGGVRPFGVSLLICGWNEGRPYLFQSDPSGAYFAWKA
TAMGKNYVNGKTFLEKRYNEDLELEDAIHTAILTLKESFEGQMTEDNIEVGICNEAGFRRLTPTEVKDYLAAIA
;
A,R
2 'polypeptide(L)'
;RRYDSRTTIFSPEGRLYQVEYAMEAIGHAGTCLGILANDGVLLAAERRNIHKLLDEVFFSEKIYKLNEDMACSVAGITSD
ANVLTNELRLIAQRYLLQYQEPIPCEQLVTALCDIKQAYTQFGGKRPFGVSLLYIGWDKHYGFQLYQSDPSGNYGGWKAT
CIGNNSAAAVSMLKQDYKEGEMTLKSALALAIKVLNKTMDVSKLSAEKVEIATLTRENGKTVIRVLKQKEVEQLIKKHEE
EEAKAERE
;
B,S
3 'polypeptide(L)'
;YDRAITVFSPDGHLFQVEYAQEAVKKGSTAVGVRGRDIVVLGVEKKSVAKLQDERTVRKICALDDNVCMAFAGLTADARI
VINRARVECQSHRLTVEDPVTVEYITRYIASLKQRYTQSNGRRPFGISALIVGFDFDGTPRLYQTDPSGTYHAWKANAIG
RGAKSVREFLEKNYTDEAIETDDLTIKLVIKALLEVVQSGGKNIELAVMRRDQSLKILNPEEIEKYVAEIEKEK
;
C,T
4 'polypeptide(L)'
;MFLTRSEYDRGVNTFSPEGRLFQVEYAIEAIKLGSTAIGIQTSEGVCLAVEKRITSPLMEPSSIEKIVEIDAHIGCAMSG
LIADAKTLIDKARVETQNHWFTYNETMTVESVTQAVSNLALQFGEEDADPGAMSRPFGVALLFGGVDEKGPQLFHMDPSG
TFVQCDARAIGSASEGAQSSLQEVYHKSMTLKEAIKSSLIILKQVMEEKLNATNIELATVQPGQNFHMFTKEELEEVIKD
;
D,U
5 'polypeptide(L)'
;MFRNQYDNDVTVWSPQGRIHQIEYAMEAVKQGSATVGLKSKTHAVLVALKRAQSELAAHQKKILHVDNHIGISIAGLTAD
ARLLCNFMRQECLDSRFVFDRPLPVSRLVSLIGSKTQIPTQRYGRRPYGVGLLIAGYDDMGPHIFQTCPSANYFDCRAMS
IGARSQSARTYLERHMSEFMECNLNELVKHGLRALRETLPAEQDLTTKNVSIGIVGKDLEFTIYDDDDVSPFLEGLEERP
Q
;
E,V
6 'polypeptide(L)'
;GTGYDLSASTFSPDGRVFQVEYAMKAVENSSTAIGIRCKDGVVFGVEKLVLSKLYEEGSNKRLFNVDRHVGMAVAGLLAD
ARSLADIAREEASNFRSNFGYNIPLKHLADRVAMYVHAYTLYSAVRPFGCSFMLGSYSVNDGAQLYMIDPSGVSYGYWGC
AIGKARQAAKTEIEKLQMKEMTCRDIVKEVAKIIYIVHDEVKDKAFELELSWVGELTNGRHEIVPKDIREEAEKYAKESL
K
;
F,W
7 'polypeptide(L)'
;MSRGSSAGFDRHITIFSPEGRLYQVEYAFKAINQGGLTSVAVRGKDCAVIVTQKKVPDKLLDSSTVTHLFKITENIGCVM
TGMTADSRSQVQRARYEAANWKYKYGYEIPVDMLCKRIADISQVYTQNAEMRPLGCCMILIGIDEEQGPQVYKCDPAGYY
CGFKATAAGVKQTESTSFLEKKVKKKFDWTFEQTVETAITCLSTVLSIDFKPSEIEVGVVTVENPKFRILTEAEIDAHLV
ALAE
;
G,X
8 'polypeptide(L)'
;MNARGLGSELKDSIPVTELSASGPFESHDLLRKGFSCVKNELLPSHPLELSEKNFQLNQDKMNFSTLRNIQGLFAPLKLQ
MEFKAVQQVQRLPFLSSSNLSLDVLRGNDETIGFEDILNDPSQSEVMGEPHLMVEYKLGLL
;
H,Y
9 'polypeptide(L)'
;MAATFFGEVVKAPCRAGTEDEEEEEEGRRETPEDREVRLQLARKREVRLLRRQTKTSLEVSLLEKYPCSKFIIAIGNNAV
AFLSSFVMNSGVWEEVGCAKLWNEWCRTTDTTHLSSTEAFCVFYHLKSNPSVFLCQCSCYVAEDQQYQWLEKVFGSCPRK
NMQITILTCRHVTDYKTSESTGSLPSPFLRALKTQNFKDSACCPLLEQPNIVHDLPAAVLSYCQVWKIPAILYLCYTDVM
KLDLITVEAFKPILSTRSLKGLVKNIPQSTEILKKLMTTNEIQSNIYT
;
I,Z
10 'polypeptide(L)'
;MFVPCGESAPDLAGFTLLMPAVSVGNVGQLAMDLIISTLNMSKIGYFYTDCLVPMVGNNPYATTEGNSTELSINAEVYSL
PSRKLVALQLRSIFIKYKSKPFCEKLLSWVKSSGCARVIVLSSSHSYQRNDLQLRSTPFRYLLTPSMQKSVQNKIKSLNW
EEMEKSRCIPEIDDSEFCIRIPGGGITKTLYDESCSKEIQMAVLLKFVSEGDNIPDALGLVEYLNEWLQILKPLSDDPTV
SASRWKIPSSWRLLFGSGLPPALF
;
J,a
11 'polypeptide(L)'
;AAVSVYAPPVGGFSFDNCRRNAVLEADFAKRGYKLPKVRKTGTTIAGVVYKDGIVLGADTRATEGMVVADKNCSKIHFIS
PNIYCCGAGTAADTDMTTQLISSNLELHSLSTGRLPRVVTANRMLKQMLFRYQGYIGAALVLGGVDVTGPHLYSIYPHGS
TDKLPYVTMGSGSLAAMAVFEDKFRPDMEEEEAKNLVSEAIAAGIFNDLGSGSNIDLCVISKNKLDFLRPYTVPNKKGTR
LGRYRCEKGTTAVLTEKITPLE
;
K,b
12 'polypeptide(L)'
;IMSYNGGAVMAMKGKNCVAIAADRRFGIQAQMVTTDFQKIFPMGDRLYIGLAGLATDVQTVAQRLKFRLNLYELKEGRQI
KPYTLMSMVANLLYEKRFGPYYTEPVIAGLDPKTFKPFICSLDLIGCPMVTDDFVVSGTCAEQMYGMCESLWEPNMDPDH
LFETISQAMLNAVDRDAVSGMGVIVHIIEKDKITTRTLKARMD
;
L,c
13 'polypeptide(L)'
;MEYLIGIQGPDYVLVASDRVAASNIVQMKDDHDKMFKMSEKILLLCVGEAGDTVQFAEYIQKNVQLYKMRNGYELSPTAA
ANFTRRNLADCLRSRTPYHVNLLLAGYDEHEGPALYYMDYLAALAKAPFAAHGYGAFLTLSILDRYYTPTISRERAVELL
RKCLEELQKRFILNLPTFSVRIIDKNGIHDLDNISFP
;
M,d
14 'polypeptide(L)'
;PGIEMLHGTTTLAFKFRHGVIVAADSRATAGAYIASQTVKKVIEINPYLLGTMAGGAADCSFWERLLARQCRIYELRNKE
RISVAAASKLLANMVYQYKGMGLSMGTMICGWDKRGPGLYYVDSEGNRISGATFSVGSGSVYAYGVMDRGYSYDLEVEQA
YDLARRAIYQATYRDAYSGGAVNLYHVREDGWIRVSSDNVADLHEKYS
;
N,e
15 'polypeptide(L)'
;FSPYVFNGGTILAIAGEDFAIVASDTRLSEGFSIHTRDSPKCYKLTDKTVIGCSGFHGDCLTLTKIIEARLKMYKHSNNK
AMTTGAIAAMLSTILYSRRFFPYYVYNIIGGLDEEGKGAVYSFDPVGSYQRDSFKAGGSASAMLQPLLDNQVGFKNMQNV
EHVPLSLDRAMRLVKDVFISAAERDVYTGDALRICIVTKEGIREETVSLRKD
;
O,f
16 'polypeptide(L)'
;MVTGTSVLGVKFEGGVVIAADMLGSYGSLARFRNISRIMRVNNSTMLGASGDYADFQYLKQVLGQMVIDEELLGDGHSYS
PRAIHSWLTRAMYSRRSKMNPLWNTMVIGGYADGESFLGYVDMLGVAYEAPSLATGYGAYLAQPLLREVLEKQPVLSQTE
ARDLVERCMRVLYYRDARSYNRFQTATVTEKGVEIEGPLSTETNWDIA
;
P,g
17 'polypeptide(L)'
;TTIMAVQFDGGVVLGADSRTTTGSYIANRVTDKLTPIHDRIFCCRSGSAADTQAVADAVTYQLGFHSIELNEPPLVHTAA
SLFKEMCYRYREDLMAGIIIAGWDPQEGGQGYSVPMGGMMVRQSFAIGGSGSSYIYGYVDATYREGMTKEECLQFTANAL
ALAMERDGSSGGVIRLAAIAESGVERQVLLGDQIPKF
;
Q,h
#
# COMPACT_ATOMS: atom_id res chain seq x y z
N ARG A 4 -36.08 70.44 -22.73
CA ARG A 4 -36.93 69.48 -22.01
C ARG A 4 -36.10 68.69 -21.01
N GLY A 5 -36.46 68.81 -19.72
CA GLY A 5 -35.73 68.10 -18.68
C GLY A 5 -35.86 66.59 -18.79
N TYR A 6 -37.01 66.11 -19.24
CA TYR A 6 -37.25 64.67 -19.36
C TYR A 6 -36.39 64.03 -20.44
N SER A 7 -35.79 64.81 -21.34
CA SER A 7 -34.82 64.30 -22.30
C SER A 7 -33.46 64.18 -21.63
N PHE A 8 -32.41 64.02 -22.43
CA PHE A 8 -31.01 63.94 -22.02
C PHE A 8 -30.65 62.63 -21.33
N SER A 9 -31.62 61.75 -21.07
CA SER A 9 -31.35 60.49 -20.41
C SER A 9 -32.33 59.45 -20.92
N LEU A 10 -31.81 58.29 -21.33
CA LEU A 10 -32.62 57.27 -21.96
C LEU A 10 -33.37 56.40 -20.95
N THR A 11 -33.14 56.58 -19.65
CA THR A 11 -33.76 55.75 -18.63
C THR A 11 -35.03 56.37 -18.06
N THR A 12 -35.47 57.52 -18.56
CA THR A 12 -36.63 58.21 -18.03
C THR A 12 -37.69 58.37 -19.11
N PHE A 13 -38.94 58.14 -18.73
CA PHE A 13 -40.07 58.31 -19.64
C PHE A 13 -40.53 59.76 -19.62
N SER A 14 -40.74 60.32 -20.80
CA SER A 14 -41.37 61.64 -20.89
C SER A 14 -42.83 61.53 -20.47
N PRO A 15 -43.41 62.61 -19.91
CA PRO A 15 -44.78 62.50 -19.40
C PRO A 15 -45.83 62.50 -20.49
N SER A 16 -45.56 61.75 -21.55
CA SER A 16 -46.57 61.39 -22.55
C SER A 16 -46.47 59.93 -22.97
N GLY A 17 -45.33 59.28 -22.77
CA GLY A 17 -45.09 57.91 -23.18
C GLY A 17 -44.26 57.87 -24.45
N LYS A 18 -42.94 57.73 -24.28
CA LYS A 18 -41.99 57.71 -25.38
C LYS A 18 -40.60 57.54 -24.77
N LEU A 19 -39.61 57.38 -25.64
CA LEU A 19 -38.20 57.43 -25.27
C LEU A 19 -37.50 58.37 -26.25
N VAL A 20 -37.05 59.52 -25.76
CA VAL A 20 -36.49 60.54 -26.64
C VAL A 20 -35.21 60.02 -27.30
N GLN A 21 -34.36 59.35 -26.53
CA GLN A 21 -33.08 58.88 -27.07
C GLN A 21 -33.30 57.87 -28.18
N ILE A 22 -34.27 56.97 -28.02
CA ILE A 22 -34.53 55.95 -29.04
C ILE A 22 -34.98 56.61 -30.34
N GLU A 23 -35.90 57.57 -30.25
CA GLU A 23 -36.36 58.26 -31.44
C GLU A 23 -35.24 59.05 -32.09
N TYR A 24 -34.37 59.66 -31.28
CA TYR A 24 -33.23 60.39 -31.83
C TYR A 24 -32.30 59.45 -32.58
N ALA A 25 -32.03 58.27 -32.02
CA ALA A 25 -31.18 57.30 -32.70
C ALA A 25 -31.83 56.81 -34.00
N LEU A 26 -33.16 56.64 -33.97
CA LEU A 26 -33.86 56.25 -35.19
C LEU A 26 -33.72 57.32 -36.27
N ALA A 27 -33.86 58.59 -35.89
CA ALA A 27 -33.66 59.67 -36.84
C ALA A 27 -32.22 59.68 -37.35
N ALA A 28 -31.27 59.39 -36.47
CA ALA A 28 -29.86 59.35 -36.88
C ALA A 28 -29.63 58.29 -37.93
N VAL A 29 -30.13 57.08 -37.69
CA VAL A 29 -29.91 56.00 -38.65
C VAL A 29 -30.70 56.26 -39.93
N ALA A 30 -31.82 56.99 -39.83
CA ALA A 30 -32.50 57.45 -41.04
C ALA A 30 -31.61 58.39 -41.84
N GLY A 31 -30.90 59.28 -41.15
CA GLY A 31 -29.96 60.17 -41.80
C GLY A 31 -28.63 59.50 -42.11
N GLY A 32 -28.65 58.54 -43.02
CA GLY A 32 -27.44 57.81 -43.37
C GLY A 32 -27.28 57.59 -44.86
N ALA A 33 -27.07 56.34 -45.27
CA ALA A 33 -26.87 55.99 -46.66
C ALA A 33 -28.01 55.10 -47.14
N PRO A 34 -28.62 55.42 -48.28
CA PRO A 34 -29.75 54.61 -48.76
C PRO A 34 -29.37 53.16 -49.02
N SER A 35 -30.32 52.27 -48.76
CA SER A 35 -30.14 50.84 -49.02
C SER A 35 -31.50 50.26 -49.40
N VAL A 36 -31.47 49.26 -50.28
CA VAL A 36 -32.68 48.67 -50.82
C VAL A 36 -32.57 47.15 -50.76
N GLY A 37 -33.65 46.50 -50.34
CA GLY A 37 -33.72 45.05 -50.34
C GLY A 37 -34.99 44.53 -50.97
N ILE A 38 -34.87 43.60 -51.90
CA ILE A 38 -36.00 43.06 -52.65
C ILE A 38 -36.05 41.55 -52.44
N LYS A 39 -37.23 41.04 -52.13
CA LYS A 39 -37.47 39.62 -51.97
C LYS A 39 -38.23 39.10 -53.18
N ALA A 40 -37.73 38.04 -53.79
CA ALA A 40 -38.35 37.45 -54.97
C ALA A 40 -38.56 35.96 -54.74
N ALA A 41 -39.40 35.37 -55.59
CA ALA A 41 -39.76 33.97 -55.44
C ALA A 41 -38.56 33.03 -55.59
N ASN A 42 -37.50 33.48 -56.25
CA ASN A 42 -36.30 32.67 -56.42
C ASN A 42 -35.17 33.05 -55.48
N GLY A 43 -35.10 34.31 -55.07
CA GLY A 43 -34.02 34.74 -54.20
C GLY A 43 -34.22 36.17 -53.76
N VAL A 44 -33.16 36.75 -53.19
CA VAL A 44 -33.18 38.11 -52.69
C VAL A 44 -31.96 38.86 -53.20
N VAL A 45 -32.09 40.18 -53.23
CA VAL A 45 -31.01 41.06 -53.66
C VAL A 45 -30.90 42.23 -52.70
N LEU A 46 -29.67 42.56 -52.31
CA LEU A 46 -29.39 43.69 -51.42
C LEU A 46 -28.48 44.65 -52.15
N ALA A 47 -28.91 45.90 -52.27
CA ALA A 47 -28.20 46.92 -53.02
C ALA A 47 -27.93 48.14 -52.15
N THR A 48 -26.73 48.69 -52.27
CA THR A 48 -26.34 49.86 -51.49
C THR A 48 -25.18 50.55 -52.21
N GLU A 49 -24.89 51.78 -51.77
CA GLU A 49 -23.81 52.57 -52.32
C GLU A 49 -22.95 53.13 -51.20
N LYS A 50 -21.71 53.44 -51.53
CA LYS A 50 -20.71 53.87 -50.56
C LYS A 50 -20.35 55.33 -50.78
N LYS A 51 -19.84 55.96 -49.72
CA LYS A 51 -19.42 57.36 -49.77
C LYS A 51 -18.00 57.52 -50.30
N GLN A 52 -17.30 56.42 -50.60
CA GLN A 52 -15.94 56.49 -51.11
C GLN A 52 -15.93 56.89 -52.57
N LYS A 53 -16.40 58.09 -52.89
CA LYS A 53 -16.50 58.53 -54.27
C LYS A 53 -15.12 58.87 -54.84
N SER A 54 -14.27 59.54 -54.06
CA SER A 54 -12.98 59.98 -54.55
C SER A 54 -12.09 58.78 -54.87
N ILE A 55 -11.25 58.94 -55.89
CA ILE A 55 -10.36 57.87 -56.32
C ILE A 55 -9.25 57.59 -55.32
N LEU A 56 -9.09 58.44 -54.30
CA LEU A 56 -8.08 58.20 -53.28
C LEU A 56 -8.37 56.94 -52.49
N TYR A 57 -9.63 56.53 -52.40
CA TYR A 57 -10.01 55.35 -51.63
C TYR A 57 -9.64 54.10 -52.43
N ASP A 58 -10.02 52.94 -51.91
CA ASP A 58 -9.72 51.66 -52.55
C ASP A 58 -10.97 50.80 -52.58
N GLU A 59 -11.04 49.94 -53.60
CA GLU A 59 -12.19 49.04 -53.72
C GLU A 59 -12.11 47.90 -52.71
N ARG A 60 -10.92 47.41 -52.45
CA ARG A 60 -10.72 46.31 -51.52
C ARG A 60 -10.74 46.83 -50.09
N SER A 61 -10.28 45.99 -49.15
CA SER A 61 -10.16 46.36 -47.74
C SER A 61 -11.53 46.58 -47.10
N VAL A 62 -11.85 47.85 -46.80
CA VAL A 62 -13.14 48.15 -46.19
C VAL A 62 -14.26 47.75 -47.14
N HIS A 63 -15.31 47.15 -46.59
CA HIS A 63 -16.39 46.64 -47.40
C HIS A 63 -17.65 46.60 -46.55
N LYS A 64 -18.81 46.71 -47.21
CA LYS A 64 -20.07 46.90 -46.50
C LYS A 64 -20.81 45.59 -46.24
N VAL A 65 -21.18 44.87 -47.30
CA VAL A 65 -22.05 43.70 -47.14
C VAL A 65 -21.22 42.47 -46.78
N GLU A 66 -20.95 42.30 -45.49
CA GLU A 66 -20.12 41.21 -45.01
C GLU A 66 -20.97 39.95 -44.85
N PRO A 67 -20.60 38.84 -45.48
CA PRO A 67 -21.39 37.61 -45.34
C PRO A 67 -21.22 36.98 -43.97
N ILE A 68 -22.22 36.21 -43.57
CA ILE A 68 -22.18 35.40 -42.36
C ILE A 68 -22.39 33.95 -42.73
N THR A 69 -21.45 33.09 -42.34
CA THR A 69 -21.50 31.66 -42.60
C THR A 69 -21.62 31.43 -44.11
N LYS A 70 -22.78 30.94 -44.56
CA LYS A 70 -23.00 30.73 -45.99
C LYS A 70 -24.38 31.14 -46.49
N HIS A 71 -25.34 31.39 -45.60
CA HIS A 71 -26.70 31.69 -46.02
C HIS A 71 -27.22 33.03 -45.52
N ILE A 72 -26.46 33.74 -44.69
CA ILE A 72 -26.91 34.99 -44.09
C ILE A 72 -25.99 36.11 -44.54
N GLY A 73 -26.57 37.15 -45.11
CA GLY A 73 -25.82 38.33 -45.48
C GLY A 73 -26.53 39.59 -45.08
N LEU A 74 -25.77 40.59 -44.63
CA LEU A 74 -26.35 41.81 -44.08
C LEU A 74 -25.84 43.03 -44.81
N VAL A 75 -26.43 44.18 -44.46
CA VAL A 75 -26.02 45.48 -44.96
C VAL A 75 -26.47 46.55 -43.97
N TYR A 76 -25.58 47.48 -43.66
CA TYR A 76 -25.87 48.54 -42.71
C TYR A 76 -26.34 49.80 -43.43
N SER A 77 -27.05 50.65 -42.69
CA SER A 77 -27.43 51.97 -43.17
C SER A 77 -27.31 53.00 -42.06
N GLY A 78 -26.27 52.88 -41.25
CA GLY A 78 -26.10 53.77 -40.12
C GLY A 78 -24.69 54.26 -39.93
N MET A 79 -24.16 54.10 -38.72
CA MET A 79 -22.82 54.56 -38.38
C MET A 79 -21.81 53.48 -38.70
N GLY A 80 -20.78 53.84 -39.48
CA GLY A 80 -19.78 52.90 -39.93
C GLY A 80 -19.07 52.14 -38.83
N PRO A 81 -18.38 52.84 -37.94
CA PRO A 81 -17.60 52.12 -36.91
C PRO A 81 -18.46 51.49 -35.83
N ASP A 82 -19.78 51.47 -36.01
CA ASP A 82 -20.68 51.02 -34.96
C ASP A 82 -21.48 49.78 -35.35
N TYR A 83 -21.06 49.03 -36.37
CA TYR A 83 -21.70 47.74 -36.64
C TYR A 83 -20.72 46.60 -36.82
N ARG A 84 -19.42 46.87 -36.88
CA ARG A 84 -18.46 45.77 -37.02
C ARG A 84 -18.49 44.86 -35.80
N VAL A 85 -18.60 45.45 -34.61
CA VAL A 85 -18.72 44.64 -33.40
C VAL A 85 -19.99 43.79 -33.45
N LEU A 86 -21.09 44.38 -33.91
CA LEU A 86 -22.35 43.65 -34.01
C LEU A 86 -22.22 42.49 -35.01
N VAL A 87 -21.55 42.73 -36.13
CA VAL A 87 -21.35 41.67 -37.13
C VAL A 87 -20.51 40.55 -36.55
N HIS A 88 -19.45 40.90 -35.81
CA HIS A 88 -18.62 39.87 -35.20
C HIS A 88 -19.42 39.06 -34.18
N ARG A 89 -20.27 39.73 -33.40
CA ARG A 89 -21.13 39.02 -32.46
C ARG A 89 -22.08 38.09 -33.19
N ALA A 90 -22.63 38.53 -34.33
CA ALA A 90 -23.53 37.69 -35.10
C ALA A 90 -22.82 36.44 -35.61
N ARG A 91 -21.60 36.60 -36.12
CA ARG A 91 -20.84 35.44 -36.57
C ARG A 91 -20.52 34.49 -35.42
N LYS A 92 -20.14 35.04 -34.28
CA LYS A 92 -19.86 34.21 -33.11
C LYS A 92 -21.10 33.44 -32.69
N LEU A 93 -22.26 34.09 -32.71
CA LEU A 93 -23.51 33.42 -32.36
C LEU A 93 -23.85 32.31 -33.36
N ALA A 94 -23.62 32.57 -34.64
CA ALA A 94 -23.87 31.54 -35.65
C ALA A 94 -22.99 30.32 -35.42
N GLN A 95 -21.70 30.54 -35.14
CA GLN A 95 -20.82 29.42 -34.87
C GLN A 95 -21.20 28.70 -33.58
N GLN A 96 -21.59 29.46 -32.55
CA GLN A 96 -22.01 28.85 -31.30
C GLN A 96 -23.21 27.95 -31.51
N TYR A 97 -24.16 28.38 -32.33
CA TYR A 97 -25.28 27.52 -32.67
C TYR A 97 -24.84 26.34 -33.53
N TYR A 98 -23.79 26.50 -34.33
CA TYR A 98 -23.41 25.44 -35.25
C TYR A 98 -22.68 24.30 -34.56
N LEU A 99 -21.88 24.58 -33.52
CA LEU A 99 -21.22 23.48 -32.80
C LEU A 99 -22.24 22.52 -32.21
N VAL A 100 -23.25 23.05 -31.52
CA VAL A 100 -24.38 22.25 -31.08
C VAL A 100 -25.29 22.12 -32.30
N TYR A 101 -26.29 21.24 -32.27
CA TYR A 101 -27.32 21.19 -33.31
C TYR A 101 -26.69 21.14 -34.71
N GLN A 102 -26.01 20.04 -35.00
CA GLN A 102 -25.06 20.03 -36.12
C GLN A 102 -25.84 20.19 -37.43
N GLU A 103 -26.24 21.44 -37.68
CA GLU A 103 -27.00 21.88 -38.85
C GLU A 103 -27.02 23.41 -38.84
N PRO A 104 -26.95 24.06 -39.99
CA PRO A 104 -26.75 25.52 -40.02
C PRO A 104 -27.89 26.27 -39.36
N ILE A 105 -27.58 27.48 -38.90
CA ILE A 105 -28.58 28.35 -38.26
C ILE A 105 -29.71 28.67 -39.22
N PRO A 106 -30.98 28.50 -38.82
CA PRO A 106 -32.07 29.16 -39.53
C PRO A 106 -32.04 30.65 -39.25
N THR A 107 -32.61 31.42 -40.19
CA THR A 107 -32.52 32.88 -40.09
C THR A 107 -33.21 33.41 -38.83
N ALA A 108 -34.39 32.88 -38.51
CA ALA A 108 -35.23 33.50 -37.49
C ALA A 108 -34.55 33.51 -36.13
N GLN A 109 -33.89 32.41 -35.75
CA GLN A 109 -33.21 32.37 -34.46
C GLN A 109 -32.09 33.40 -34.40
N LEU A 110 -31.34 33.53 -35.49
CA LEU A 110 -30.27 34.54 -35.53
C LEU A 110 -30.85 35.94 -35.40
N VAL A 111 -31.97 36.21 -36.07
CA VAL A 111 -32.60 37.53 -35.97
C VAL A 111 -32.99 37.80 -34.53
N GLN A 112 -33.63 36.82 -33.88
CA GLN A 112 -34.08 37.02 -32.51
C GLN A 112 -32.89 37.26 -31.57
N ARG A 113 -31.83 36.48 -31.73
CA ARG A 113 -30.68 36.64 -30.84
C ARG A 113 -29.99 37.98 -31.04
N VAL A 114 -29.78 38.40 -32.30
CA VAL A 114 -29.14 39.68 -32.54
C VAL A 114 -30.03 40.83 -32.07
N ALA A 115 -31.35 40.68 -32.23
CA ALA A 115 -32.25 41.71 -31.74
C ALA A 115 -32.19 41.83 -30.23
N SER A 116 -32.13 40.70 -29.52
CA SER A 116 -32.02 40.74 -28.06
C SER A 116 -30.71 41.39 -27.63
N VAL A 117 -29.60 41.00 -28.26
CA VAL A 117 -28.31 41.55 -27.85
C VAL A 117 -28.23 43.05 -28.17
N MET A 118 -28.92 43.48 -29.24
CA MET A 118 -28.95 44.91 -29.55
C MET A 118 -29.83 45.67 -28.57
N GLN A 119 -30.98 45.09 -28.20
CA GLN A 119 -31.87 45.74 -27.26
C GLN A 119 -31.26 45.85 -25.87
N GLU A 120 -30.34 44.94 -25.54
CA GLU A 120 -29.81 44.91 -24.18
C GLU A 120 -29.13 46.24 -23.82
N TYR A 121 -28.64 46.98 -24.81
CA TYR A 121 -28.19 48.35 -24.56
C TYR A 121 -29.30 49.38 -24.81
N THR A 122 -30.50 49.11 -24.29
CA THR A 122 -31.55 50.11 -24.25
C THR A 122 -32.07 50.26 -22.83
N GLN A 123 -32.37 49.13 -22.21
CA GLN A 123 -32.99 49.12 -20.89
C GLN A 123 -32.00 49.48 -19.79
N SER A 124 -30.70 49.34 -20.04
CA SER A 124 -29.70 49.65 -19.04
C SER A 124 -29.58 51.16 -18.87
N GLY A 125 -28.65 51.59 -18.02
CA GLY A 125 -28.48 53.00 -17.76
C GLY A 125 -27.03 53.44 -17.78
N GLY A 126 -26.70 54.37 -18.68
CA GLY A 126 -25.37 54.93 -18.77
C GLY A 126 -24.64 54.61 -20.07
N VAL A 127 -25.23 53.86 -20.97
CA VAL A 127 -24.62 53.53 -22.26
C VAL A 127 -25.60 53.85 -23.37
N ARG A 128 -25.09 54.45 -24.46
CA ARG A 128 -25.95 54.85 -25.55
C ARG A 128 -26.42 53.64 -26.35
N PRO A 129 -27.57 53.74 -26.99
CA PRO A 129 -27.99 52.67 -27.91
C PRO A 129 -27.13 52.69 -29.17
N PHE A 130 -27.08 51.54 -29.82
CA PHE A 130 -26.38 51.45 -31.10
C PHE A 130 -27.09 52.30 -32.14
N GLY A 131 -26.33 53.14 -32.83
CA GLY A 131 -26.93 53.83 -33.97
C GLY A 131 -26.66 53.06 -35.23
N VAL A 132 -27.59 52.18 -35.60
CA VAL A 132 -27.47 51.34 -36.78
C VAL A 132 -28.81 50.66 -37.02
N SER A 133 -29.08 50.30 -38.26
CA SER A 133 -30.26 49.50 -38.59
C SER A 133 -29.93 48.68 -39.83
N LEU A 134 -30.00 47.37 -39.71
CA LEU A 134 -29.43 46.48 -40.72
C LEU A 134 -30.45 45.46 -41.19
N LEU A 135 -30.48 45.24 -42.49
CA LEU A 135 -31.24 44.15 -43.09
C LEU A 135 -30.36 42.91 -43.18
N ILE A 136 -30.99 41.74 -43.06
CA ILE A 136 -30.30 40.47 -43.23
C ILE A 136 -31.19 39.55 -44.06
N CYS A 137 -30.56 38.82 -44.98
CA CYS A 137 -31.27 37.95 -45.90
C CYS A 137 -30.81 36.51 -45.69
N GLY A 138 -31.76 35.58 -45.74
CA GLY A 138 -31.46 34.18 -45.55
C GLY A 138 -32.17 33.32 -46.59
N TRP A 139 -31.79 32.04 -46.60
CA TRP A 139 -32.36 31.09 -47.55
C TRP A 139 -32.39 29.73 -46.85
N ASN A 140 -33.55 29.37 -46.29
CA ASN A 140 -33.71 28.14 -45.54
C ASN A 140 -34.98 27.42 -46.00
N GLU A 141 -34.92 26.08 -45.98
CA GLU A 141 -36.07 25.23 -46.28
C GLU A 141 -36.70 25.59 -47.63
N GLY A 142 -35.84 25.88 -48.60
CA GLY A 142 -36.32 26.24 -49.92
C GLY A 142 -37.13 27.52 -49.95
N ARG A 143 -36.91 28.42 -49.00
CA ARG A 143 -37.64 29.67 -48.91
C ARG A 143 -36.68 30.83 -48.68
N PRO A 144 -36.99 32.00 -49.24
CA PRO A 144 -36.17 33.19 -48.95
C PRO A 144 -36.74 33.98 -47.79
N TYR A 145 -35.83 34.53 -46.98
CA TYR A 145 -36.20 35.28 -45.79
C TYR A 145 -35.55 36.66 -45.83
N LEU A 146 -36.31 37.67 -45.45
CA LEU A 146 -35.81 39.04 -45.36
C LEU A 146 -36.31 39.67 -44.07
N PHE A 147 -35.41 40.34 -43.35
CA PHE A 147 -35.75 40.99 -42.10
C PHE A 147 -35.00 42.32 -42.00
N GLN A 148 -35.54 43.22 -41.20
CA GLN A 148 -34.90 44.51 -40.92
C GLN A 148 -34.91 44.73 -39.41
N SER A 149 -33.80 45.24 -38.89
CA SER A 149 -33.63 45.48 -37.47
C SER A 149 -33.65 46.97 -37.18
N ASP A 150 -34.23 47.34 -36.03
CA ASP A 150 -34.35 48.71 -35.58
C ASP A 150 -33.43 48.97 -34.39
N PRO A 151 -33.06 50.23 -34.14
CA PRO A 151 -32.14 50.51 -33.02
C PRO A 151 -32.65 49.99 -31.68
N SER A 152 -33.94 50.10 -31.41
CA SER A 152 -34.48 49.50 -30.20
C SER A 152 -34.52 47.98 -30.31
N GLY A 153 -34.87 47.48 -31.49
CA GLY A 153 -34.90 46.05 -31.75
C GLY A 153 -36.31 45.52 -31.89
N ALA A 154 -36.77 45.39 -33.13
CA ALA A 154 -38.08 44.81 -33.40
C ALA A 154 -38.06 44.34 -34.85
N TYR A 155 -37.85 43.04 -35.04
CA TYR A 155 -37.74 42.50 -36.38
C TYR A 155 -39.09 42.48 -37.09
N PHE A 156 -39.06 42.69 -38.40
CA PHE A 156 -40.24 42.64 -39.24
C PHE A 156 -39.97 41.74 -40.44
N ALA A 157 -41.03 41.08 -40.89
CA ALA A 157 -40.94 40.22 -42.08
C ALA A 157 -41.17 41.04 -43.35
N TRP A 158 -40.28 42.00 -43.56
CA TRP A 158 -40.41 42.94 -44.66
C TRP A 158 -40.21 42.25 -46.00
N LYS A 159 -40.67 42.91 -47.05
CA LYS A 159 -40.58 42.34 -48.39
C LYS A 159 -39.86 43.25 -49.38
N ALA A 160 -40.08 44.56 -49.32
CA ALA A 160 -39.49 45.49 -50.27
C ALA A 160 -39.06 46.78 -49.59
N THR A 161 -38.38 46.67 -48.45
CA THR A 161 -37.98 47.86 -47.70
C THR A 161 -36.87 48.61 -48.41
N ALA A 162 -36.99 49.93 -48.45
CA ALA A 162 -35.99 50.82 -49.01
C ALA A 162 -35.48 51.80 -47.95
N MET A 163 -35.24 51.29 -46.75
CA MET A 163 -34.83 52.11 -45.62
C MET A 163 -33.45 52.72 -45.85
N GLY A 164 -33.24 53.88 -45.25
CA GLY A 164 -32.04 54.66 -45.40
C GLY A 164 -32.38 56.12 -45.61
N LYS A 165 -31.45 56.86 -46.19
CA LYS A 165 -31.70 58.26 -46.51
C LYS A 165 -32.81 58.38 -47.53
N ASN A 166 -33.76 59.28 -47.27
CA ASN A 166 -34.90 59.52 -48.16
C ASN A 166 -35.66 58.23 -48.43
N TYR A 167 -35.96 57.49 -47.35
CA TYR A 167 -36.58 56.18 -47.51
C TYR A 167 -38.07 56.27 -47.83
N VAL A 168 -38.72 57.40 -47.54
CA VAL A 168 -40.14 57.53 -47.86
C VAL A 168 -40.36 57.51 -49.37
N ASN A 169 -39.50 58.20 -50.12
CA ASN A 169 -39.60 58.17 -51.57
C ASN A 169 -39.36 56.77 -52.11
N GLY A 170 -38.38 56.07 -51.54
CA GLY A 170 -38.13 54.69 -51.96
C GLY A 170 -39.31 53.78 -51.70
N LYS A 171 -39.94 53.92 -50.53
CA LYS A 171 -41.11 53.12 -50.23
C LYS A 171 -42.26 53.43 -51.18
N THR A 172 -42.48 54.71 -51.47
CA THR A 172 -43.55 55.07 -52.39
C THR A 172 -43.29 54.52 -53.78
N PHE A 173 -42.03 54.59 -54.24
CA PHE A 173 -41.69 54.05 -55.55
C PHE A 173 -41.85 52.54 -55.60
N LEU A 174 -41.43 51.84 -54.54
CA LEU A 174 -41.52 50.39 -54.54
C LEU A 174 -42.94 49.88 -54.34
N GLU A 175 -43.82 50.68 -53.75
CA GLU A 175 -45.20 50.24 -53.54
C GLU A 175 -46.01 50.17 -54.83
N LYS A 176 -45.40 50.41 -56.00
CA LYS A 176 -46.13 50.32 -57.26
C LYS A 176 -45.38 49.55 -58.34
N ARG A 177 -44.29 48.86 -57.99
CA ARG A 177 -43.51 48.10 -58.96
C ARG A 177 -43.47 46.62 -58.65
N TYR A 178 -43.20 46.25 -57.40
CA TYR A 178 -43.12 44.85 -57.03
C TYR A 178 -44.49 44.17 -57.17
N ASN A 179 -44.49 42.97 -57.75
CA ASN A 179 -45.73 42.23 -57.94
C ASN A 179 -45.58 40.74 -57.68
N GLU A 180 -44.51 40.32 -57.00
CA GLU A 180 -44.23 38.92 -56.70
C GLU A 180 -44.05 38.09 -57.97
N ASP A 181 -43.71 36.81 -57.80
CA ASP A 181 -43.51 35.89 -58.92
C ASP A 181 -42.51 36.45 -59.92
N LEU A 182 -41.30 36.72 -59.42
CA LEU A 182 -40.24 37.30 -60.23
C LEU A 182 -38.93 36.55 -59.98
N GLU A 183 -38.06 36.56 -60.98
CA GLU A 183 -36.72 36.03 -60.84
C GLU A 183 -35.76 37.16 -60.43
N LEU A 184 -34.51 36.79 -60.18
CA LEU A 184 -33.53 37.79 -59.77
C LEU A 184 -33.21 38.77 -60.88
N GLU A 185 -33.39 38.39 -62.14
CA GLU A 185 -33.02 39.25 -63.25
C GLU A 185 -33.79 40.56 -63.22
N ASP A 186 -35.10 40.50 -63.01
CA ASP A 186 -35.91 41.71 -62.92
C ASP A 186 -35.75 42.40 -61.57
N ALA A 187 -35.52 41.63 -60.50
CA ALA A 187 -35.37 42.22 -59.18
C ALA A 187 -34.14 43.10 -59.11
N ILE A 188 -33.04 42.67 -59.72
CA ILE A 188 -31.82 43.49 -59.70
C ILE A 188 -32.05 44.80 -60.43
N HIS A 189 -32.73 44.75 -61.58
CA HIS A 189 -33.03 45.98 -62.32
C HIS A 189 -33.94 46.89 -61.50
N THR A 190 -34.93 46.32 -60.81
CA THR A 190 -35.80 47.13 -59.97
C THR A 190 -35.02 47.82 -58.85
N ALA A 191 -34.11 47.08 -58.21
CA ALA A 191 -33.30 47.68 -57.16
C ALA A 191 -32.41 48.79 -57.71
N ILE A 192 -31.84 48.58 -58.89
CA ILE A 192 -31.00 49.60 -59.51
C ILE A 192 -31.81 50.85 -59.80
N LEU A 193 -33.04 50.68 -60.30
CA LEU A 193 -33.90 51.83 -60.55
C LEU A 193 -34.26 52.56 -59.26
N THR A 194 -34.53 51.81 -58.18
CA THR A 194 -34.84 52.43 -56.90
C THR A 194 -33.67 53.26 -56.40
N LEU A 195 -32.44 52.75 -56.53
CA LEU A 195 -31.28 53.53 -56.15
C LEU A 195 -31.11 54.74 -57.06
N LYS A 196 -31.41 54.58 -58.35
CA LYS A 196 -31.27 55.68 -59.30
C LYS A 196 -32.23 56.81 -58.96
N GLU A 197 -33.41 56.48 -58.44
CA GLU A 197 -34.40 57.51 -58.14
C GLU A 197 -33.85 58.57 -57.19
N SER A 198 -32.94 58.18 -56.29
CA SER A 198 -32.32 59.13 -55.36
C SER A 198 -30.86 58.73 -55.17
N PHE A 199 -29.98 59.34 -55.97
CA PHE A 199 -28.55 59.07 -55.86
C PHE A 199 -27.67 60.31 -55.91
N GLU A 200 -28.17 61.46 -56.39
CA GLU A 200 -27.37 62.67 -56.53
C GLU A 200 -26.15 62.42 -57.40
N GLY A 201 -26.41 62.06 -58.65
CA GLY A 201 -25.39 61.73 -59.63
C GLY A 201 -25.77 60.49 -60.39
N GLN A 202 -24.82 60.01 -61.20
CA GLN A 202 -25.02 58.81 -61.99
C GLN A 202 -24.24 57.64 -61.39
N MET A 203 -24.81 56.45 -61.48
CA MET A 203 -24.13 55.26 -60.99
C MET A 203 -22.89 54.99 -61.82
N THR A 204 -21.81 54.59 -61.14
CA THR A 204 -20.57 54.24 -61.81
C THR A 204 -20.25 52.77 -61.54
N GLU A 205 -19.14 52.32 -62.14
CA GLU A 205 -18.70 50.94 -61.97
C GLU A 205 -18.33 50.64 -60.53
N ASP A 206 -17.96 51.64 -59.74
CA ASP A 206 -17.49 51.42 -58.38
C ASP A 206 -18.40 52.17 -57.38
N ASN A 207 -19.71 52.00 -57.52
CA ASN A 207 -20.64 52.59 -56.58
C ASN A 207 -21.78 51.67 -56.17
N ILE A 208 -21.79 50.41 -56.61
CA ILE A 208 -22.86 49.47 -56.32
C ILE A 208 -22.25 48.20 -55.77
N GLU A 209 -22.83 47.68 -54.69
CA GLU A 209 -22.34 46.49 -53.99
C GLU A 209 -23.45 45.46 -53.85
N VAL A 210 -24.14 45.18 -54.96
CA VAL A 210 -25.23 44.21 -54.94
C VAL A 210 -24.71 42.84 -54.55
N GLY A 211 -25.54 42.11 -53.80
CA GLY A 211 -25.22 40.75 -53.41
C GLY A 211 -26.46 39.87 -53.37
N ILE A 212 -26.42 38.75 -54.07
CA ILE A 212 -27.56 37.85 -54.18
C ILE A 212 -27.42 36.72 -53.16
N CYS A 213 -28.53 36.07 -52.87
CA CYS A 213 -28.57 34.97 -51.91
C CYS A 213 -29.42 33.83 -52.47
N ASN A 214 -29.16 33.43 -53.71
CA ASN A 214 -29.91 32.35 -54.34
C ASN A 214 -29.57 31.02 -53.68
N GLU A 215 -30.11 29.94 -54.21
CA GLU A 215 -29.96 28.63 -53.59
C GLU A 215 -28.61 28.03 -53.90
N ALA A 216 -27.54 28.81 -53.70
CA ALA A 216 -26.18 28.31 -53.78
C ALA A 216 -25.40 28.78 -52.56
N GLY A 217 -25.72 29.98 -52.07
CA GLY A 217 -25.03 30.57 -50.94
C GLY A 217 -25.28 32.05 -50.84
N PHE A 218 -24.22 32.83 -50.67
CA PHE A 218 -24.29 34.29 -50.59
C PHE A 218 -23.24 34.92 -51.49
N ARG A 219 -23.20 34.50 -52.75
CA ARG A 219 -22.26 35.08 -53.69
C ARG A 219 -22.43 36.58 -53.77
N ARG A 220 -21.32 37.30 -53.76
CA ARG A 220 -21.31 38.74 -53.93
C ARG A 220 -20.85 39.07 -55.33
N LEU A 221 -21.63 39.88 -56.04
CA LEU A 221 -21.37 40.13 -57.45
C LEU A 221 -20.04 40.84 -57.65
N THR A 222 -19.27 40.35 -58.62
CA THR A 222 -17.97 40.94 -58.92
C THR A 222 -18.15 42.31 -59.58
N PRO A 223 -17.16 43.20 -59.46
CA PRO A 223 -17.32 44.54 -60.04
C PRO A 223 -17.60 44.54 -61.53
N THR A 224 -16.97 43.64 -62.29
CA THR A 224 -17.25 43.58 -63.72
C THR A 224 -18.66 43.04 -63.99
N GLU A 225 -19.13 42.12 -63.16
CA GLU A 225 -20.50 41.65 -63.30
C GLU A 225 -21.50 42.76 -63.00
N VAL A 226 -21.21 43.57 -61.99
CA VAL A 226 -22.04 44.73 -61.68
C VAL A 226 -22.01 45.71 -62.85
N LYS A 227 -20.86 45.86 -63.49
CA LYS A 227 -20.78 46.70 -64.69
C LYS A 227 -21.67 46.15 -65.79
N ASP A 228 -21.67 44.83 -65.97
CA ASP A 228 -22.51 44.22 -67.00
C ASP A 228 -23.99 44.50 -66.74
N TYR A 229 -24.44 44.28 -65.50
CA TYR A 229 -25.84 44.57 -65.17
C TYR A 229 -26.16 46.06 -65.30
N LEU A 230 -25.24 46.93 -64.87
CA LEU A 230 -25.50 48.37 -64.95
C LEU A 230 -25.64 48.82 -66.40
N ALA A 231 -24.78 48.31 -67.28
CA ALA A 231 -24.92 48.60 -68.69
C ALA A 231 -26.22 48.05 -69.24
N ALA A 232 -26.58 46.83 -68.85
CA ALA A 232 -27.82 46.21 -69.31
C ALA A 232 -29.00 46.71 -68.50
N ARG B 1 -44.44 67.47 -11.44
CA ARG B 1 -43.52 68.28 -10.66
C ARG B 1 -42.07 67.91 -10.95
N ARG B 2 -41.15 68.48 -10.18
CA ARG B 2 -39.73 68.20 -10.37
C ARG B 2 -39.32 66.84 -9.83
N TYR B 3 -40.17 66.18 -9.05
CA TYR B 3 -39.84 64.89 -8.45
C TYR B 3 -40.18 63.73 -9.37
N ASP B 4 -39.66 63.77 -10.60
CA ASP B 4 -39.88 62.66 -11.53
C ASP B 4 -38.66 62.40 -12.42
N SER B 5 -37.48 62.93 -12.05
CA SER B 5 -36.31 62.74 -12.89
C SER B 5 -35.78 61.31 -12.81
N ARG B 6 -35.85 60.70 -11.63
CA ARG B 6 -35.34 59.35 -11.41
C ARG B 6 -36.43 58.49 -10.79
N THR B 7 -36.38 57.20 -11.09
CA THR B 7 -37.40 56.25 -10.64
C THR B 7 -37.09 55.68 -9.26
N THR B 8 -36.75 56.56 -8.32
CA THR B 8 -36.48 56.14 -6.95
C THR B 8 -37.00 57.14 -5.93
N ILE B 9 -37.64 58.23 -6.36
CA ILE B 9 -38.01 59.33 -5.48
C ILE B 9 -39.52 59.41 -5.37
N PHE B 10 -40.01 59.65 -4.16
CA PHE B 10 -41.44 59.80 -3.91
C PHE B 10 -41.85 61.24 -4.21
N SER B 11 -43.07 61.59 -3.82
CA SER B 11 -43.67 62.90 -4.04
C SER B 11 -44.24 63.42 -2.73
N PRO B 12 -44.42 64.73 -2.59
CA PRO B 12 -45.01 65.26 -1.36
C PRO B 12 -46.38 64.68 -1.05
N GLU B 13 -47.21 64.46 -2.07
CA GLU B 13 -48.46 63.77 -1.85
C GLU B 13 -48.25 62.28 -1.65
N GLY B 14 -47.19 61.73 -2.23
CA GLY B 14 -46.86 60.33 -2.10
C GLY B 14 -47.26 59.53 -3.33
N ARG B 15 -46.29 59.31 -4.23
CA ARG B 15 -46.53 58.59 -5.47
C ARG B 15 -45.22 58.39 -6.21
N LEU B 16 -45.10 57.28 -6.94
CA LEU B 16 -43.95 57.07 -7.82
C LEU B 16 -44.34 57.60 -9.20
N TYR B 17 -43.78 58.75 -9.57
CA TYR B 17 -44.20 59.41 -10.79
C TYR B 17 -43.66 58.70 -12.04
N GLN B 18 -42.47 58.12 -11.97
CA GLN B 18 -41.89 57.49 -13.15
C GLN B 18 -42.72 56.29 -13.59
N VAL B 19 -43.12 55.44 -12.66
CA VAL B 19 -43.95 54.29 -13.03
C VAL B 19 -45.33 54.76 -13.48
N GLU B 20 -45.84 55.85 -12.91
CA GLU B 20 -47.10 56.40 -13.37
C GLU B 20 -47.00 56.85 -14.83
N TYR B 21 -45.91 57.50 -15.19
CA TYR B 21 -45.70 57.89 -16.59
C TYR B 21 -45.55 56.66 -17.48
N ALA B 22 -44.82 55.65 -17.02
CA ALA B 22 -44.68 54.43 -17.80
C ALA B 22 -46.01 53.72 -17.98
N MET B 23 -46.95 53.93 -17.05
CA MET B 23 -48.29 53.36 -17.19
C MET B 23 -49.01 53.90 -18.43
N GLU B 24 -48.65 55.09 -18.90
CA GLU B 24 -49.27 55.65 -20.10
C GLU B 24 -48.68 55.10 -21.38
N ALA B 25 -47.54 54.40 -21.30
CA ALA B 25 -46.93 53.85 -22.51
C ALA B 25 -47.82 52.77 -23.14
N ILE B 26 -48.49 51.97 -22.33
CA ILE B 26 -49.32 50.88 -22.84
C ILE B 26 -50.62 51.44 -23.39
N GLY B 27 -50.78 52.76 -23.31
CA GLY B 27 -51.92 53.43 -23.91
C GLY B 27 -51.79 53.69 -25.39
N HIS B 28 -50.66 53.30 -26.00
CA HIS B 28 -50.42 53.47 -27.43
C HIS B 28 -50.18 52.13 -28.10
N ALA B 29 -51.00 51.14 -27.77
CA ALA B 29 -50.95 49.82 -28.38
C ALA B 29 -52.35 49.38 -28.75
N GLY B 30 -52.42 48.32 -29.55
CA GLY B 30 -53.71 47.80 -29.97
C GLY B 30 -54.49 47.22 -28.81
N THR B 31 -55.82 47.25 -28.94
CA THR B 31 -56.68 46.72 -27.90
C THR B 31 -56.55 45.20 -27.81
N CYS B 32 -56.93 44.66 -26.65
CA CYS B 32 -56.83 43.23 -26.40
C CYS B 32 -58.04 42.77 -25.60
N LEU B 33 -58.80 41.85 -26.15
CA LEU B 33 -59.94 41.21 -25.51
C LEU B 33 -59.46 39.96 -24.78
N GLY B 34 -60.36 39.00 -24.52
CA GLY B 34 -60.02 37.88 -23.67
C GLY B 34 -61.03 37.53 -22.60
N ILE B 35 -62.30 37.80 -22.88
CA ILE B 35 -63.40 37.38 -22.01
C ILE B 35 -63.33 35.88 -21.75
N LEU B 36 -63.85 35.44 -20.61
CA LEU B 36 -63.81 34.06 -20.17
C LEU B 36 -65.19 33.42 -20.29
N ALA B 37 -65.23 32.22 -20.85
CA ALA B 37 -66.47 31.47 -21.03
C ALA B 37 -66.47 30.24 -20.13
N ASN B 38 -67.54 29.45 -20.23
CA ASN B 38 -67.67 28.25 -19.40
C ASN B 38 -66.67 27.17 -19.83
N ASP B 39 -66.60 26.90 -21.13
CA ASP B 39 -65.74 25.83 -21.65
C ASP B 39 -64.39 26.35 -22.10
N GLY B 40 -64.37 27.20 -23.14
CA GLY B 40 -63.15 27.76 -23.65
C GLY B 40 -62.86 29.13 -23.07
N VAL B 41 -61.65 29.62 -23.34
CA VAL B 41 -61.20 30.92 -22.86
C VAL B 41 -60.71 31.67 -24.08
N LEU B 42 -61.60 32.43 -24.71
CA LEU B 42 -61.26 33.11 -25.95
C LEU B 42 -60.28 34.25 -25.69
N LEU B 43 -59.48 34.56 -26.70
CA LEU B 43 -58.46 35.61 -26.59
C LEU B 43 -58.33 36.27 -27.96
N ALA B 44 -58.91 37.46 -28.09
CA ALA B 44 -58.76 38.24 -29.32
C ALA B 44 -57.44 39.01 -29.30
N ALA B 45 -57.21 39.81 -30.33
CA ALA B 45 -55.99 40.58 -30.45
C ALA B 45 -56.21 41.72 -31.44
N GLU B 46 -55.12 42.37 -31.83
CA GLU B 46 -55.17 43.45 -32.81
C GLU B 46 -53.79 43.58 -33.44
N ARG B 47 -53.75 43.74 -34.75
CA ARG B 47 -52.50 43.88 -35.50
C ARG B 47 -52.39 45.33 -35.98
N ARG B 48 -51.54 46.11 -35.30
CA ARG B 48 -51.35 47.50 -35.68
C ARG B 48 -50.72 47.62 -37.06
N ASN B 49 -49.72 46.79 -37.36
CA ASN B 49 -49.02 46.83 -38.64
C ASN B 49 -49.94 46.29 -39.72
N ILE B 50 -50.53 47.17 -40.52
CA ILE B 50 -51.44 46.78 -41.57
C ILE B 50 -50.92 47.26 -42.92
N HIS B 51 -49.60 47.35 -43.05
CA HIS B 51 -49.00 47.82 -44.28
C HIS B 51 -49.16 46.76 -45.38
N LYS B 52 -48.98 47.20 -46.63
CA LYS B 52 -49.20 46.37 -47.79
C LYS B 52 -47.96 45.58 -48.23
N LEU B 53 -46.85 45.72 -47.51
CA LEU B 53 -45.59 45.06 -47.87
C LEU B 53 -45.06 44.21 -46.72
N LEU B 54 -45.95 43.56 -45.99
CA LEU B 54 -45.57 42.72 -44.86
C LEU B 54 -45.96 41.27 -45.17
N ASP B 55 -45.01 40.36 -44.96
CA ASP B 55 -45.26 38.94 -45.17
C ASP B 55 -45.76 38.31 -43.88
N GLU B 56 -46.59 37.28 -44.03
CA GLU B 56 -47.15 36.60 -42.87
C GLU B 56 -46.08 35.82 -42.11
N VAL B 57 -46.26 35.71 -40.81
CA VAL B 57 -45.36 34.99 -39.93
C VAL B 57 -46.18 34.04 -39.07
N PHE B 58 -45.55 32.96 -38.62
CA PHE B 58 -46.24 31.94 -37.86
C PHE B 58 -46.70 32.47 -36.50
N PHE B 59 -47.87 31.99 -36.06
CA PHE B 59 -48.45 32.34 -34.76
C PHE B 59 -48.61 33.84 -34.59
N SER B 60 -48.98 34.52 -35.67
CA SER B 60 -49.30 35.96 -35.66
C SER B 60 -48.10 36.72 -35.08
N GLU B 61 -48.36 37.87 -34.46
CA GLU B 61 -47.32 38.66 -33.85
C GLU B 61 -47.56 38.93 -32.37
N LYS B 62 -48.74 38.62 -31.84
CA LYS B 62 -49.07 38.86 -30.44
C LYS B 62 -49.21 37.58 -29.64
N ILE B 63 -50.06 36.66 -30.08
CA ILE B 63 -50.31 35.44 -29.34
C ILE B 63 -49.07 34.55 -29.36
N TYR B 64 -48.67 34.07 -28.19
CA TYR B 64 -47.51 33.21 -28.02
C TYR B 64 -47.96 31.86 -27.48
N LYS B 65 -47.00 31.03 -27.10
CA LYS B 65 -47.28 29.72 -26.52
C LYS B 65 -46.20 29.41 -25.51
N LEU B 66 -46.57 29.29 -24.23
CA LEU B 66 -45.55 29.27 -23.18
C LEU B 66 -44.92 27.90 -23.00
N ASN B 67 -45.68 26.92 -22.49
CA ASN B 67 -45.15 25.58 -22.37
C ASN B 67 -45.96 24.55 -23.14
N GLU B 68 -47.22 24.32 -22.76
CA GLU B 68 -48.11 23.49 -23.55
C GLU B 68 -49.55 23.99 -23.59
N ASP B 69 -49.96 24.87 -22.69
CA ASP B 69 -51.34 25.33 -22.62
C ASP B 69 -51.46 26.84 -22.51
N MET B 70 -50.54 27.51 -21.81
CA MET B 70 -50.67 28.93 -21.53
C MET B 70 -50.14 29.77 -22.67
N ALA B 71 -50.88 30.82 -23.01
CA ALA B 71 -50.47 31.80 -23.99
C ALA B 71 -50.40 33.18 -23.33
N CYS B 72 -49.96 34.17 -24.11
CA CYS B 72 -49.86 35.53 -23.62
C CYS B 72 -50.07 36.50 -24.78
N SER B 73 -50.37 37.74 -24.44
CA SER B 73 -50.46 38.82 -25.40
C SER B 73 -49.77 40.04 -24.82
N VAL B 74 -49.02 40.75 -25.66
CA VAL B 74 -48.21 41.86 -25.22
C VAL B 74 -48.85 43.17 -25.72
N ALA B 75 -48.31 44.28 -25.25
CA ALA B 75 -48.76 45.60 -25.64
C ALA B 75 -47.73 46.62 -25.17
N GLY B 76 -47.60 47.70 -25.93
CA GLY B 76 -46.65 48.74 -25.59
C GLY B 76 -45.39 48.65 -26.41
N ILE B 77 -44.25 48.95 -25.79
CA ILE B 77 -42.97 48.86 -26.49
C ILE B 77 -42.66 47.38 -26.75
N THR B 78 -42.77 46.97 -28.01
CA THR B 78 -42.58 45.58 -28.36
C THR B 78 -41.13 45.13 -28.23
N SER B 79 -40.18 46.07 -28.16
CA SER B 79 -38.78 45.72 -28.05
C SER B 79 -38.42 45.09 -26.71
N ASP B 80 -39.30 45.20 -25.71
CA ASP B 80 -39.03 44.65 -24.39
C ASP B 80 -39.93 43.48 -24.04
N ALA B 81 -40.70 42.96 -25.01
CA ALA B 81 -41.55 41.80 -24.76
C ALA B 81 -40.89 40.49 -25.15
N ASN B 82 -39.98 40.51 -26.13
CA ASN B 82 -39.27 39.30 -26.52
C ASN B 82 -38.38 38.78 -25.40
N VAL B 83 -37.98 39.64 -24.47
CA VAL B 83 -37.20 39.19 -23.32
C VAL B 83 -38.10 38.59 -22.26
N LEU B 84 -39.23 39.25 -21.97
CA LEU B 84 -40.14 38.75 -20.95
C LEU B 84 -40.73 37.41 -21.35
N THR B 85 -41.14 37.25 -22.61
CA THR B 85 -41.72 35.97 -23.02
C THR B 85 -40.69 34.85 -22.93
N ASN B 86 -39.44 35.13 -23.32
CA ASN B 86 -38.39 34.13 -23.24
C ASN B 86 -38.14 33.73 -21.79
N GLU B 87 -37.99 34.71 -20.90
CA GLU B 87 -37.69 34.39 -19.51
C GLU B 87 -38.87 33.68 -18.85
N LEU B 88 -40.09 34.01 -19.27
CA LEU B 88 -41.26 33.35 -18.72
C LEU B 88 -41.35 31.89 -19.17
N ARG B 89 -41.05 31.64 -20.45
CA ARG B 89 -40.91 30.27 -20.92
C ARG B 89 -39.86 29.53 -20.10
N LEU B 90 -38.73 30.19 -19.82
CA LEU B 90 -37.67 29.56 -19.06
C LEU B 90 -38.11 29.20 -17.65
N ILE B 91 -38.84 30.11 -16.99
CA ILE B 91 -39.26 29.83 -15.62
C ILE B 91 -40.28 28.70 -15.59
N ALA B 92 -41.17 28.65 -16.59
CA ALA B 92 -42.13 27.54 -16.66
C ALA B 92 -41.41 26.20 -16.83
N GLN B 93 -40.45 26.15 -17.75
CA GLN B 93 -39.73 24.91 -17.98
C GLN B 93 -38.89 24.52 -16.76
N ARG B 94 -38.34 25.51 -16.06
CA ARG B 94 -37.58 25.22 -14.85
C ARG B 94 -38.45 24.64 -13.76
N TYR B 95 -39.66 25.18 -13.59
CA TYR B 95 -40.59 24.60 -12.62
C TYR B 95 -40.94 23.17 -13.01
N LEU B 96 -41.17 22.93 -14.30
CA LEU B 96 -41.47 21.56 -14.73
C LEU B 96 -40.31 20.62 -14.45
N LEU B 97 -39.08 21.09 -14.62
CA LEU B 97 -37.92 20.27 -14.29
C LEU B 97 -37.90 19.96 -12.79
N GLN B 98 -38.22 20.95 -11.96
CA GLN B 98 -38.26 20.72 -10.51
C GLN B 98 -39.32 19.69 -10.16
N TYR B 99 -40.59 20.00 -10.40
CA TYR B 99 -41.70 19.13 -10.07
C TYR B 99 -42.36 18.67 -11.37
N GLN B 100 -42.64 17.38 -11.48
CA GLN B 100 -43.17 16.82 -12.73
C GLN B 100 -44.69 16.93 -12.78
N GLU B 101 -45.16 18.17 -12.78
CA GLU B 101 -46.56 18.51 -12.97
C GLU B 101 -46.64 19.75 -13.84
N PRO B 102 -47.73 19.92 -14.60
CA PRO B 102 -47.94 21.19 -15.30
C PRO B 102 -48.03 22.33 -14.29
N ILE B 103 -47.49 23.47 -14.68
CA ILE B 103 -47.38 24.60 -13.73
C ILE B 103 -48.77 25.19 -13.48
N PRO B 104 -49.11 25.55 -12.25
CA PRO B 104 -50.34 26.32 -12.02
C PRO B 104 -50.17 27.76 -12.48
N CYS B 105 -51.23 28.56 -12.40
CA CYS B 105 -51.14 29.93 -12.88
C CYS B 105 -50.31 30.81 -11.94
N GLU B 106 -50.51 30.68 -10.63
CA GLU B 106 -49.88 31.60 -9.68
C GLU B 106 -48.37 31.52 -9.77
N GLN B 107 -47.81 30.31 -9.78
CA GLN B 107 -46.36 30.12 -9.81
C GLN B 107 -45.74 30.59 -11.12
N LEU B 108 -46.54 31.14 -12.03
CA LEU B 108 -46.04 31.81 -13.22
C LEU B 108 -46.28 33.31 -13.19
N VAL B 109 -47.51 33.72 -12.91
CA VAL B 109 -47.85 35.14 -12.90
C VAL B 109 -47.06 35.85 -11.80
N THR B 110 -47.07 35.30 -10.59
CA THR B 110 -46.30 35.91 -9.50
C THR B 110 -44.82 35.91 -9.80
N ALA B 111 -44.33 34.82 -10.40
CA ALA B 111 -42.90 34.73 -10.71
C ALA B 111 -42.46 35.83 -11.67
N LEU B 112 -43.27 36.11 -12.70
CA LEU B 112 -42.88 37.16 -13.62
C LEU B 112 -43.11 38.55 -13.03
N CYS B 113 -44.20 38.73 -12.27
CA CYS B 113 -44.45 40.02 -11.64
C CYS B 113 -43.33 40.38 -10.66
N ASP B 114 -42.69 39.37 -10.07
CA ASP B 114 -41.56 39.64 -9.18
C ASP B 114 -40.45 40.40 -9.91
N ILE B 115 -40.03 39.91 -11.06
CA ILE B 115 -38.99 40.59 -11.84
C ILE B 115 -39.49 41.94 -12.33
N LYS B 116 -40.74 41.99 -12.81
CA LYS B 116 -41.28 43.23 -13.34
C LYS B 116 -41.27 44.33 -12.28
N GLN B 117 -41.55 43.97 -11.02
CA GLN B 117 -41.47 44.95 -9.94
C GLN B 117 -40.03 45.21 -9.52
N ALA B 118 -39.18 44.19 -9.53
CA ALA B 118 -37.80 44.36 -9.09
C ALA B 118 -37.07 45.37 -9.96
N TYR B 119 -37.39 45.43 -11.23
CA TYR B 119 -36.84 46.59 -11.96
C TYR B 119 -37.46 47.95 -11.56
N THR B 120 -38.27 48.09 -10.51
CA THR B 120 -38.77 49.41 -10.10
C THR B 120 -38.28 49.79 -8.71
N GLN B 121 -37.16 49.22 -8.27
CA GLN B 121 -36.67 49.47 -6.91
C GLN B 121 -35.16 49.59 -6.83
N PHE B 122 -34.45 49.57 -7.96
CA PHE B 122 -32.99 49.56 -8.00
C PHE B 122 -32.50 50.59 -9.00
N GLY B 123 -33.01 51.81 -8.86
CA GLY B 123 -32.86 52.89 -9.84
C GLY B 123 -31.56 52.94 -10.61
N GLY B 124 -31.68 53.12 -11.92
CA GLY B 124 -30.58 52.98 -12.84
C GLY B 124 -31.03 52.16 -14.03
N LYS B 125 -32.25 51.66 -13.96
CA LYS B 125 -32.85 50.88 -15.03
C LYS B 125 -34.32 51.29 -15.15
N ARG B 126 -34.74 51.61 -16.37
CA ARG B 126 -36.13 51.97 -16.60
C ARG B 126 -37.01 50.73 -16.49
N PRO B 127 -38.23 50.86 -15.96
CA PRO B 127 -39.12 49.70 -15.86
C PRO B 127 -39.63 49.26 -17.22
N PHE B 128 -39.95 47.97 -17.32
CA PHE B 128 -40.51 47.43 -18.55
C PHE B 128 -41.85 48.07 -18.86
N GLY B 129 -42.04 48.49 -20.11
CA GLY B 129 -43.35 48.94 -20.53
C GLY B 129 -44.13 47.83 -21.20
N VAL B 130 -44.96 47.14 -20.44
CA VAL B 130 -45.71 45.98 -20.94
C VAL B 130 -47.05 45.93 -20.20
N SER B 131 -48.00 45.23 -20.80
CA SER B 131 -49.31 45.00 -20.20
C SER B 131 -49.74 43.57 -20.45
N LEU B 132 -48.82 42.62 -20.18
CA LEU B 132 -49.03 41.22 -20.52
C LEU B 132 -50.36 40.71 -20.00
N LEU B 133 -51.09 40.02 -20.87
CA LEU B 133 -52.36 39.38 -20.53
C LEU B 133 -52.18 37.87 -20.62
N TYR B 134 -52.55 37.17 -19.56
CA TYR B 134 -52.26 35.75 -19.42
C TYR B 134 -53.52 34.92 -19.66
N ILE B 135 -53.31 33.62 -19.79
CA ILE B 135 -54.37 32.67 -20.10
C ILE B 135 -53.84 31.26 -19.85
N GLY B 136 -54.72 30.35 -19.44
CA GLY B 136 -54.28 28.98 -19.24
C GLY B 136 -55.31 28.17 -18.48
N TRP B 137 -54.98 26.90 -18.31
CA TRP B 137 -55.80 25.94 -17.59
C TRP B 137 -54.94 25.12 -16.65
N ASP B 138 -55.55 24.62 -15.58
CA ASP B 138 -54.89 23.71 -14.67
C ASP B 138 -55.94 22.76 -14.11
N LYS B 139 -55.55 22.01 -13.07
CA LYS B 139 -56.46 21.07 -12.43
C LYS B 139 -56.83 21.49 -11.00
N HIS B 140 -56.41 22.68 -10.57
CA HIS B 140 -56.71 23.15 -9.23
C HIS B 140 -57.80 24.21 -9.18
N TYR B 141 -57.93 25.02 -10.24
CA TYR B 141 -58.91 26.10 -10.24
C TYR B 141 -59.67 26.22 -11.55
N GLY B 142 -59.68 25.16 -12.37
CA GLY B 142 -60.41 25.23 -13.63
C GLY B 142 -59.76 26.24 -14.58
N PHE B 143 -60.61 26.97 -15.30
CA PHE B 143 -60.16 27.98 -16.25
C PHE B 143 -60.15 29.35 -15.59
N GLN B 144 -59.07 30.10 -15.81
CA GLN B 144 -58.96 31.43 -15.25
C GLN B 144 -58.03 32.27 -16.11
N LEU B 145 -58.14 33.59 -15.95
CA LEU B 145 -57.38 34.55 -16.72
C LEU B 145 -56.81 35.63 -15.80
N TYR B 146 -55.62 36.13 -16.14
CA TYR B 146 -54.95 37.14 -15.36
C TYR B 146 -54.47 38.27 -16.26
N GLN B 147 -54.46 39.48 -15.70
CA GLN B 147 -54.00 40.66 -16.41
C GLN B 147 -52.93 41.35 -15.56
N SER B 148 -51.79 41.64 -16.16
CA SER B 148 -50.65 42.17 -15.44
C SER B 148 -50.61 43.70 -15.54
N ASP B 149 -49.50 44.29 -15.11
CA ASP B 149 -49.33 45.73 -15.05
C ASP B 149 -47.83 46.01 -14.99
N PRO B 150 -47.37 47.13 -15.57
CA PRO B 150 -45.92 47.41 -15.56
C PRO B 150 -45.34 47.48 -14.16
N SER B 151 -46.06 48.05 -13.20
CA SER B 151 -45.59 48.02 -11.81
C SER B 151 -45.79 46.65 -11.20
N GLY B 152 -46.90 46.00 -11.52
CA GLY B 152 -47.24 44.69 -11.00
C GLY B 152 -48.41 44.76 -10.05
N ASN B 153 -49.61 44.55 -10.57
CA ASN B 153 -50.84 44.55 -9.79
C ASN B 153 -51.78 43.47 -10.30
N TYR B 154 -51.25 42.29 -10.54
CA TYR B 154 -52.02 41.23 -11.20
C TYR B 154 -53.28 40.91 -10.42
N GLY B 155 -54.39 40.79 -11.15
CA GLY B 155 -55.66 40.43 -10.55
C GLY B 155 -56.37 39.40 -11.38
N GLY B 156 -57.12 38.54 -10.71
CA GLY B 156 -57.82 37.47 -11.40
C GLY B 156 -59.04 37.95 -12.15
N TRP B 157 -58.82 38.72 -13.21
CA TRP B 157 -59.94 39.27 -13.97
C TRP B 157 -60.65 38.17 -14.74
N LYS B 158 -61.97 38.34 -14.88
CA LYS B 158 -62.79 37.43 -15.66
C LYS B 158 -62.99 37.91 -17.10
N ALA B 159 -62.93 39.22 -17.34
CA ALA B 159 -63.02 39.78 -18.67
C ALA B 159 -62.51 41.21 -18.61
N THR B 160 -61.48 41.52 -19.40
CA THR B 160 -60.83 42.82 -19.33
C THR B 160 -60.42 43.25 -20.72
N CYS B 161 -59.85 44.45 -20.82
CA CYS B 161 -59.41 44.99 -22.11
C CYS B 161 -58.29 45.98 -21.87
N ILE B 162 -57.07 45.61 -22.24
CA ILE B 162 -55.92 46.48 -22.13
C ILE B 162 -55.75 47.28 -23.41
N GLY B 163 -54.96 48.34 -23.34
CA GLY B 163 -54.62 49.12 -24.52
C GLY B 163 -55.46 50.36 -24.68
N ASN B 164 -55.37 50.95 -25.86
CA ASN B 164 -56.08 52.18 -26.16
C ASN B 164 -57.59 51.93 -26.16
N ASN B 165 -58.34 52.99 -25.83
CA ASN B 165 -59.80 52.93 -25.76
C ASN B 165 -60.27 51.87 -24.77
N SER B 166 -59.47 51.62 -23.74
CA SER B 166 -59.81 50.58 -22.77
C SER B 166 -61.04 50.96 -21.95
N ALA B 167 -61.23 52.25 -21.67
CA ALA B 167 -62.33 52.67 -20.80
C ALA B 167 -63.68 52.33 -21.41
N ALA B 168 -63.92 52.75 -22.64
CA ALA B 168 -65.21 52.50 -23.27
C ALA B 168 -65.46 51.02 -23.46
N ALA B 169 -64.44 50.28 -23.91
CA ALA B 169 -64.60 48.84 -24.12
C ALA B 169 -64.92 48.13 -22.81
N VAL B 170 -64.19 48.48 -21.74
CA VAL B 170 -64.44 47.86 -20.44
C VAL B 170 -65.83 48.18 -19.94
N SER B 171 -66.25 49.44 -20.07
CA SER B 171 -67.57 49.83 -19.59
C SER B 171 -68.68 49.10 -20.33
N MET B 172 -68.58 49.06 -21.66
CA MET B 172 -69.63 48.40 -22.45
C MET B 172 -69.60 46.88 -22.27
N LEU B 173 -68.41 46.31 -22.03
CA LEU B 173 -68.33 44.90 -21.66
C LEU B 173 -69.01 44.63 -20.32
N LYS B 174 -68.79 45.52 -19.35
CA LYS B 174 -69.45 45.38 -18.06
C LYS B 174 -70.96 45.48 -18.18
N GLN B 175 -71.44 46.35 -19.07
CA GLN B 175 -72.87 46.52 -19.25
C GLN B 175 -73.49 45.42 -20.11
N ASP B 176 -72.70 44.61 -20.79
CA ASP B 176 -73.23 43.61 -21.73
C ASP B 176 -72.51 42.28 -21.56
N TYR B 177 -72.31 41.86 -20.32
CA TYR B 177 -71.73 40.55 -20.02
C TYR B 177 -72.76 39.69 -19.31
N LYS B 178 -73.01 38.49 -19.87
CA LYS B 178 -73.95 37.55 -19.28
C LYS B 178 -73.18 36.63 -18.33
N GLU B 179 -72.99 37.12 -17.11
CA GLU B 179 -72.24 36.37 -16.11
C GLU B 179 -72.98 35.09 -15.72
N GLY B 180 -72.21 34.02 -15.51
CA GLY B 180 -72.74 32.73 -15.12
C GLY B 180 -73.05 31.79 -16.27
N GLU B 181 -73.90 32.22 -17.20
CA GLU B 181 -74.25 31.44 -18.37
C GLU B 181 -73.53 32.06 -19.57
N MET B 182 -72.57 31.31 -20.13
CA MET B 182 -71.74 31.86 -21.19
C MET B 182 -71.22 30.71 -22.03
N THR B 183 -71.36 30.82 -23.35
CA THR B 183 -70.92 29.78 -24.27
C THR B 183 -69.85 30.33 -25.21
N LEU B 184 -69.13 29.41 -25.84
CA LEU B 184 -68.01 29.80 -26.70
C LEU B 184 -68.47 30.59 -27.91
N LYS B 185 -69.54 30.13 -28.57
CA LYS B 185 -70.04 30.85 -29.74
C LYS B 185 -70.57 32.23 -29.35
N SER B 186 -71.33 32.31 -28.26
CA SER B 186 -71.81 33.59 -27.78
C SER B 186 -70.65 34.49 -27.35
N ALA B 187 -69.63 33.90 -26.73
CA ALA B 187 -68.45 34.69 -26.35
C ALA B 187 -67.76 35.26 -27.57
N LEU B 188 -67.62 34.46 -28.63
CA LEU B 188 -66.99 34.95 -29.85
C LEU B 188 -67.81 36.05 -30.50
N ALA B 189 -69.14 35.89 -30.52
CA ALA B 189 -70.00 36.94 -31.05
C ALA B 189 -69.87 38.22 -30.24
N LEU B 190 -69.84 38.11 -28.91
CA LEU B 190 -69.67 39.30 -28.07
C LEU B 190 -68.31 39.95 -28.31
N ALA B 191 -67.26 39.15 -28.51
CA ALA B 191 -65.95 39.71 -28.80
C ALA B 191 -65.95 40.48 -30.11
N ILE B 192 -66.60 39.92 -31.14
CA ILE B 192 -66.69 40.62 -32.42
C ILE B 192 -67.46 41.93 -32.25
N LYS B 193 -68.57 41.89 -31.50
CA LYS B 193 -69.35 43.09 -31.26
C LYS B 193 -68.52 44.15 -30.54
N VAL B 194 -67.74 43.73 -29.53
CA VAL B 194 -66.90 44.67 -28.79
C VAL B 194 -65.87 45.30 -29.71
N LEU B 195 -65.21 44.48 -30.54
CA LEU B 195 -64.19 45.00 -31.44
C LEU B 195 -64.78 45.98 -32.44
N ASN B 196 -65.98 45.69 -32.95
CA ASN B 196 -66.64 46.63 -33.85
C ASN B 196 -67.02 47.92 -33.12
N LYS B 197 -67.47 47.81 -31.87
CA LYS B 197 -67.83 49.00 -31.12
C LYS B 197 -66.63 49.89 -30.86
N THR B 198 -65.48 49.30 -30.53
CA THR B 198 -64.26 50.07 -30.33
C THR B 198 -63.61 50.35 -31.68
N MET B 199 -62.37 50.85 -31.66
CA MET B 199 -61.58 51.12 -32.85
C MET B 199 -62.22 52.23 -33.68
N ASP B 200 -61.59 52.63 -34.78
CA ASP B 200 -62.07 53.72 -35.62
C ASP B 200 -63.22 53.31 -36.53
N VAL B 201 -63.85 52.16 -36.27
CA VAL B 201 -64.97 51.65 -37.05
C VAL B 201 -64.58 51.55 -38.52
N SER B 202 -63.69 50.62 -38.85
CA SER B 202 -63.31 50.35 -40.22
C SER B 202 -63.96 49.09 -40.76
N LYS B 203 -64.95 48.55 -40.05
CA LYS B 203 -65.70 47.34 -40.36
C LYS B 203 -64.86 46.07 -40.26
N LEU B 204 -63.57 46.18 -39.96
CA LEU B 204 -62.67 45.05 -39.75
C LEU B 204 -62.55 44.16 -40.98
N SER B 205 -61.69 43.16 -40.90
CA SER B 205 -61.47 42.18 -41.97
C SER B 205 -60.59 41.08 -41.41
N ALA B 206 -60.27 40.10 -42.26
CA ALA B 206 -59.38 39.02 -41.85
C ALA B 206 -57.93 39.47 -41.75
N GLU B 207 -57.61 40.68 -42.22
CA GLU B 207 -56.24 41.20 -42.19
C GLU B 207 -56.02 42.21 -41.08
N LYS B 208 -56.89 42.23 -40.07
CA LYS B 208 -56.74 43.17 -38.96
C LYS B 208 -56.98 42.56 -37.59
N VAL B 209 -57.34 41.28 -37.49
CA VAL B 209 -57.66 40.68 -36.21
C VAL B 209 -56.95 39.33 -36.09
N GLU B 210 -56.84 38.85 -34.86
CA GLU B 210 -56.29 37.54 -34.58
C GLU B 210 -57.01 36.97 -33.37
N ILE B 211 -57.42 35.71 -33.45
CA ILE B 211 -58.24 35.07 -32.42
C ILE B 211 -57.58 33.76 -32.01
N ALA B 212 -57.48 33.53 -30.70
CA ALA B 212 -56.95 32.30 -30.15
C ALA B 212 -57.91 31.74 -29.11
N THR B 213 -58.00 30.42 -29.05
CA THR B 213 -58.92 29.74 -28.13
C THR B 213 -58.15 28.71 -27.31
N LEU B 214 -58.83 28.15 -26.31
CA LEU B 214 -58.22 27.18 -25.40
C LEU B 214 -59.20 26.05 -25.09
N THR B 215 -59.82 25.50 -26.12
CA THR B 215 -60.72 24.38 -25.92
C THR B 215 -59.97 23.18 -25.37
N ARG B 216 -60.41 22.67 -24.22
CA ARG B 216 -59.81 21.52 -23.57
C ARG B 216 -60.71 20.31 -23.81
N GLU B 217 -60.17 19.29 -24.46
CA GLU B 217 -60.93 18.08 -24.77
C GLU B 217 -60.00 16.89 -24.81
N ASN B 218 -60.59 15.71 -24.59
CA ASN B 218 -59.88 14.42 -24.68
C ASN B 218 -58.71 14.35 -23.72
N GLY B 219 -58.77 15.09 -22.61
CA GLY B 219 -57.71 15.07 -21.63
C GLY B 219 -56.36 15.54 -22.15
N LYS B 220 -56.37 16.47 -23.11
CA LYS B 220 -55.12 17.00 -23.66
C LYS B 220 -55.42 18.42 -24.14
N THR B 221 -55.04 19.41 -23.34
CA THR B 221 -55.32 20.80 -23.68
C THR B 221 -54.59 21.20 -24.96
N VAL B 222 -55.32 21.84 -25.87
CA VAL B 222 -54.78 22.25 -27.15
C VAL B 222 -55.01 23.75 -27.33
N ILE B 223 -54.15 24.37 -28.12
CA ILE B 223 -54.27 25.78 -28.47
C ILE B 223 -54.36 25.88 -29.98
N ARG B 224 -55.40 26.53 -30.49
CA ARG B 224 -55.61 26.65 -31.92
C ARG B 224 -55.90 28.10 -32.28
N VAL B 225 -55.45 28.49 -33.46
CA VAL B 225 -55.67 29.83 -34.00
C VAL B 225 -56.60 29.70 -35.21
N LEU B 226 -57.69 30.46 -35.20
CA LEU B 226 -58.66 30.37 -36.28
C LEU B 226 -58.04 30.79 -37.60
N LYS B 227 -58.44 30.13 -38.67
CA LYS B 227 -57.89 30.40 -39.99
C LYS B 227 -58.37 31.76 -40.51
N GLN B 228 -57.70 32.24 -41.55
CA GLN B 228 -58.07 33.52 -42.15
C GLN B 228 -59.49 33.48 -42.71
N LYS B 229 -59.86 32.37 -43.34
CA LYS B 229 -61.20 32.20 -43.88
C LYS B 229 -62.20 31.74 -42.82
N GLU B 230 -61.76 31.51 -41.59
CA GLU B 230 -62.63 31.08 -40.52
C GLU B 230 -63.28 32.23 -39.76
N VAL B 231 -62.98 33.48 -40.14
CA VAL B 231 -63.58 34.64 -39.50
C VAL B 231 -64.37 35.51 -40.46
N GLU B 232 -64.19 35.38 -41.77
CA GLU B 232 -64.96 36.20 -42.70
C GLU B 232 -66.45 35.88 -42.62
N GLN B 233 -66.79 34.59 -42.55
CA GLN B 233 -68.20 34.21 -42.39
C GLN B 233 -68.74 34.66 -41.04
N LEU B 234 -67.91 34.65 -40.01
CA LEU B 234 -68.34 35.15 -38.70
C LEU B 234 -68.67 36.64 -38.78
N ILE B 235 -67.81 37.42 -39.44
CA ILE B 235 -68.07 38.84 -39.61
C ILE B 235 -69.34 39.06 -40.43
N LYS B 236 -69.52 38.26 -41.48
CA LYS B 236 -70.73 38.39 -42.29
C LYS B 236 -71.98 38.09 -41.47
N LYS B 237 -71.94 37.05 -40.64
CA LYS B 237 -73.07 36.71 -39.79
C LYS B 237 -73.36 37.83 -38.80
N HIS B 238 -72.31 38.41 -38.20
CA HIS B 238 -72.52 39.51 -37.26
C HIS B 238 -73.12 40.72 -37.98
N GLU B 239 -72.65 41.00 -39.19
CA GLU B 239 -73.20 42.12 -39.96
C GLU B 239 -74.67 41.88 -40.29
N GLU B 240 -75.02 40.65 -40.67
CA GLU B 240 -76.41 40.32 -40.95
C GLU B 240 -77.27 40.49 -39.70
N GLU B 241 -76.78 40.02 -38.56
CA GLU B 241 -77.54 40.17 -37.31
C GLU B 241 -77.73 41.63 -36.96
N GLU B 242 -76.68 42.45 -37.12
CA GLU B 242 -76.79 43.87 -36.83
C GLU B 242 -77.78 44.56 -37.76
N ALA B 243 -77.73 44.22 -39.05
CA ALA B 243 -78.66 44.81 -40.01
C ALA B 243 -80.08 44.34 -39.76
N LYS B 244 -80.27 43.17 -39.14
CA LYS B 244 -81.60 42.68 -38.83
C LYS B 244 -82.10 43.30 -37.53
N ALA B 245 -82.08 44.62 -37.45
CA ALA B 245 -82.55 45.35 -36.27
C ALA B 245 -84.00 45.80 -36.40
N GLU B 246 -84.67 45.48 -37.51
CA GLU B 246 -86.06 45.84 -37.74
C GLU B 246 -86.28 47.34 -37.61
N ARG B 247 -86.78 47.79 -36.47
CA ARG B 247 -87.06 49.21 -36.20
C ARG B 247 -88.07 49.70 -37.25
N GLU B 248 -88.00 50.98 -37.61
CA GLU B 248 -88.90 51.54 -38.60
C GLU B 248 -88.29 52.77 -39.27
N TYR C 1 -34.77 70.39 0.23
CA TYR C 1 -33.71 69.50 0.71
C TYR C 1 -34.17 68.06 0.75
N ASP C 2 -35.08 67.69 -0.15
CA ASP C 2 -35.64 66.34 -0.20
C ASP C 2 -35.47 65.80 -1.61
N ARG C 3 -34.28 65.26 -1.89
CA ARG C 3 -34.03 64.58 -3.16
C ARG C 3 -33.17 63.34 -3.00
N ALA C 4 -32.79 62.98 -1.78
CA ALA C 4 -31.99 61.78 -1.54
C ALA C 4 -32.22 61.33 -0.11
N ILE C 5 -32.14 60.02 0.10
CA ILE C 5 -32.38 59.46 1.44
C ILE C 5 -31.23 59.82 2.38
N THR C 6 -29.99 59.74 1.89
CA THR C 6 -28.83 59.91 2.77
C THR C 6 -28.68 61.33 3.29
N VAL C 7 -29.25 62.32 2.61
CA VAL C 7 -29.06 63.71 3.03
C VAL C 7 -30.07 64.06 4.12
N PHE C 8 -29.72 65.08 4.89
CA PHE C 8 -30.57 65.63 5.93
C PHE C 8 -31.06 67.02 5.52
N SER C 9 -31.76 67.68 6.43
CA SER C 9 -32.23 69.04 6.30
C SER C 9 -31.52 69.93 7.30
N PRO C 10 -31.63 71.26 7.16
CA PRO C 10 -30.99 72.15 8.13
C PRO C 10 -31.48 71.97 9.55
N ASP C 11 -32.67 71.41 9.75
CA ASP C 11 -33.21 71.14 11.08
C ASP C 11 -33.19 69.66 11.45
N GLY C 12 -33.13 68.76 10.48
CA GLY C 12 -33.25 67.35 10.73
C GLY C 12 -34.24 66.74 9.75
N HIS C 13 -35.33 66.18 10.27
CA HIS C 13 -36.53 65.87 9.48
C HIS C 13 -36.18 65.09 8.20
N LEU C 14 -35.67 63.89 8.40
CA LEU C 14 -35.41 63.00 7.26
C LEU C 14 -36.68 62.88 6.43
N PHE C 15 -36.66 63.43 5.22
CA PHE C 15 -37.90 63.71 4.50
C PHE C 15 -38.41 62.54 3.67
N GLN C 16 -37.52 61.66 3.20
CA GLN C 16 -37.99 60.52 2.41
C GLN C 16 -38.86 59.61 3.24
N VAL C 17 -38.54 59.44 4.52
CA VAL C 17 -39.38 58.64 5.41
C VAL C 17 -40.76 59.26 5.54
N GLU C 18 -40.83 60.58 5.71
CA GLU C 18 -42.12 61.24 5.86
C GLU C 18 -42.94 61.12 4.57
N TYR C 19 -42.28 61.24 3.42
CA TYR C 19 -43.00 61.08 2.15
C TYR C 19 -43.50 59.65 1.99
N ALA C 20 -42.71 58.66 2.40
CA ALA C 20 -43.17 57.27 2.37
C ALA C 20 -44.37 57.08 3.28
N GLN C 21 -44.36 57.71 4.46
CA GLN C 21 -45.52 57.64 5.34
C GLN C 21 -46.75 58.25 4.69
N GLU C 22 -46.57 59.39 4.01
CA GLU C 22 -47.69 60.00 3.30
C GLU C 22 -48.23 59.06 2.22
N ALA C 23 -47.33 58.39 1.50
CA ALA C 23 -47.78 57.43 0.50
C ALA C 23 -48.55 56.27 1.12
N VAL C 24 -48.08 55.79 2.28
CA VAL C 24 -48.79 54.72 2.98
C VAL C 24 -50.18 55.18 3.39
N LYS C 25 -50.31 56.45 3.78
CA LYS C 25 -51.61 56.95 4.19
C LYS C 25 -52.48 57.27 2.98
N LYS C 26 -52.60 56.32 2.05
CA LYS C 26 -53.45 56.49 0.88
C LYS C 26 -54.26 55.25 0.51
N GLY C 27 -53.93 54.07 1.03
CA GLY C 27 -54.61 52.86 0.65
C GLY C 27 -55.81 52.56 1.52
N SER C 28 -56.35 51.35 1.34
CA SER C 28 -57.53 50.93 2.10
C SER C 28 -57.17 50.76 3.56
N THR C 29 -58.19 50.91 4.42
CA THR C 29 -57.98 50.89 5.86
C THR C 29 -57.74 49.45 6.34
N ALA C 30 -57.49 49.32 7.64
CA ALA C 30 -57.25 48.03 8.28
C ALA C 30 -57.30 48.23 9.78
N VAL C 31 -57.86 47.25 10.49
CA VAL C 31 -58.02 47.30 11.94
C VAL C 31 -57.62 45.97 12.53
N GLY C 32 -57.75 45.86 13.85
CA GLY C 32 -57.42 44.62 14.55
C GLY C 32 -57.47 44.81 16.06
N VAL C 33 -58.03 43.83 16.77
CA VAL C 33 -58.17 43.92 18.21
C VAL C 33 -58.15 42.51 18.78
N ARG C 34 -57.50 42.35 19.94
CA ARG C 34 -57.41 41.07 20.62
C ARG C 34 -58.37 41.03 21.80
N GLY C 35 -58.81 39.83 22.16
CA GLY C 35 -59.72 39.61 23.26
C GLY C 35 -59.14 38.63 24.26
N ARG C 36 -60.04 37.90 24.92
CA ARG C 36 -59.62 36.88 25.88
C ARG C 36 -58.80 35.82 25.17
N ASP C 37 -59.46 35.06 24.26
CA ASP C 37 -58.75 34.22 23.30
C ASP C 37 -59.44 34.40 21.96
N ILE C 38 -59.07 35.47 21.25
CA ILE C 38 -59.57 35.75 19.91
C ILE C 38 -58.76 36.90 19.32
N VAL C 39 -58.65 36.94 18.00
CA VAL C 39 -58.07 38.07 17.28
C VAL C 39 -58.85 38.26 15.98
N VAL C 40 -59.12 39.52 15.64
CA VAL C 40 -59.78 39.85 14.39
C VAL C 40 -58.87 40.76 13.59
N LEU C 41 -58.99 40.70 12.27
CA LEU C 41 -58.09 41.43 11.38
C LEU C 41 -58.86 41.97 10.18
N GLY C 42 -60.02 42.59 10.44
CA GLY C 42 -60.87 43.03 9.36
C GLY C 42 -60.25 44.13 8.53
N VAL C 43 -60.56 44.11 7.23
CA VAL C 43 -60.16 45.14 6.28
C VAL C 43 -61.37 45.49 5.42
N GLU C 44 -61.18 46.48 4.54
CA GLU C 44 -62.26 46.99 3.71
C GLU C 44 -61.77 47.10 2.27
N LYS C 45 -62.66 46.75 1.34
CA LYS C 45 -62.31 46.70 -0.08
C LYS C 45 -62.78 47.97 -0.78
N LYS C 46 -61.83 48.69 -1.40
CA LYS C 46 -62.13 50.00 -1.95
C LYS C 46 -63.16 49.94 -3.06
N SER C 47 -63.02 49.00 -3.98
CA SER C 47 -63.89 48.91 -5.14
C SER C 47 -64.42 47.49 -5.30
N VAL C 48 -65.63 47.39 -5.85
CA VAL C 48 -66.26 46.07 -6.04
C VAL C 48 -65.68 45.39 -7.27
N ALA C 49 -65.91 45.98 -8.45
CA ALA C 49 -65.40 45.45 -9.72
C ALA C 49 -65.86 44.00 -9.92
N LYS C 50 -67.17 43.87 -10.12
CA LYS C 50 -67.79 42.54 -10.16
C LYS C 50 -67.14 41.63 -11.21
N LEU C 51 -66.62 42.22 -12.29
CA LEU C 51 -65.89 41.41 -13.27
C LEU C 51 -64.64 40.80 -12.65
N GLN C 52 -63.92 41.56 -11.83
CA GLN C 52 -62.76 41.02 -11.14
C GLN C 52 -63.17 39.97 -10.12
N ASP C 53 -62.27 39.04 -9.85
CA ASP C 53 -62.52 37.97 -8.89
C ASP C 53 -61.81 38.29 -7.57
N GLU C 54 -62.56 38.24 -6.47
CA GLU C 54 -62.01 38.55 -5.16
C GLU C 54 -61.03 37.51 -4.67
N ARG C 55 -60.93 36.36 -5.33
CA ARG C 55 -60.03 35.31 -4.88
C ARG C 55 -58.58 35.76 -4.93
N THR C 56 -58.18 36.44 -6.01
CA THR C 56 -56.78 36.79 -6.20
C THR C 56 -56.42 38.06 -5.44
N VAL C 57 -57.25 39.09 -5.53
CA VAL C 57 -56.99 40.33 -4.82
C VAL C 57 -57.47 40.19 -3.38
N ARG C 58 -56.54 40.24 -2.44
CA ARG C 58 -56.86 40.10 -1.03
C ARG C 58 -55.71 40.69 -0.21
N LYS C 59 -56.00 40.99 1.05
CA LYS C 59 -55.02 41.57 1.94
C LYS C 59 -54.62 40.68 3.11
N ILE C 60 -55.52 39.83 3.58
CA ILE C 60 -55.24 39.00 4.75
C ILE C 60 -54.42 37.79 4.34
N CYS C 61 -53.10 37.94 4.35
CA CYS C 61 -52.21 36.84 3.99
C CYS C 61 -51.82 36.05 5.24
N ALA C 62 -51.49 34.79 5.03
CA ALA C 62 -51.09 33.90 6.11
C ALA C 62 -49.57 33.81 6.17
N LEU C 63 -49.02 33.93 7.37
CA LEU C 63 -47.58 33.84 7.58
C LEU C 63 -47.15 32.56 8.28
N ASP C 64 -48.04 31.94 9.05
CA ASP C 64 -47.76 30.69 9.75
C ASP C 64 -49.08 30.19 10.32
N ASP C 65 -49.05 28.99 10.89
CA ASP C 65 -50.24 28.45 11.53
C ASP C 65 -50.62 29.21 12.80
N ASN C 66 -49.72 30.06 13.32
CA ASN C 66 -50.01 30.85 14.50
C ASN C 66 -49.82 32.36 14.27
N VAL C 67 -49.37 32.76 13.09
CA VAL C 67 -49.15 34.17 12.76
C VAL C 67 -49.84 34.48 11.44
N CYS C 68 -50.60 35.57 11.41
CA CYS C 68 -51.25 36.05 10.20
C CYS C 68 -50.77 37.46 9.88
N MET C 69 -51.36 38.07 8.85
CA MET C 69 -50.78 39.27 8.26
C MET C 69 -51.85 40.06 7.55
N ALA C 70 -51.79 41.40 7.69
CA ALA C 70 -52.63 42.30 6.92
C ALA C 70 -51.87 43.59 6.71
N PHE C 71 -51.80 44.04 5.46
CA PHE C 71 -51.01 45.20 5.07
C PHE C 71 -51.92 46.31 4.56
N ALA C 72 -51.30 47.39 4.10
CA ALA C 72 -52.01 48.51 3.50
C ALA C 72 -51.00 49.35 2.73
N GLY C 73 -51.25 49.58 1.45
CA GLY C 73 -50.32 50.35 0.63
C GLY C 73 -50.07 49.74 -0.72
N LEU C 74 -48.87 49.92 -1.27
CA LEU C 74 -48.53 49.31 -2.54
C LEU C 74 -48.48 47.79 -2.40
N THR C 75 -49.08 47.09 -3.37
CA THR C 75 -49.28 45.66 -3.22
C THR C 75 -47.99 44.88 -3.38
N ALA C 76 -47.19 45.22 -4.39
CA ALA C 76 -46.04 44.39 -4.75
C ALA C 76 -45.00 44.35 -3.63
N ASP C 77 -44.71 45.50 -3.03
CA ASP C 77 -43.74 45.54 -1.94
C ASP C 77 -44.22 44.71 -0.76
N ALA C 78 -45.53 44.81 -0.45
CA ALA C 78 -46.08 44.00 0.62
C ALA C 78 -45.94 42.52 0.32
N ARG C 79 -46.18 42.12 -0.93
CA ARG C 79 -46.03 40.72 -1.31
C ARG C 79 -44.60 40.26 -1.12
N ILE C 80 -43.63 41.10 -1.50
CA ILE C 80 -42.22 40.75 -1.33
C ILE C 80 -41.90 40.55 0.14
N VAL C 81 -42.37 41.48 0.98
CA VAL C 81 -42.10 41.39 2.42
C VAL C 81 -42.72 40.12 3.00
N ILE C 82 -43.96 39.79 2.59
CA ILE C 82 -44.61 38.59 3.10
C ILE C 82 -43.85 37.34 2.68
N ASN C 83 -43.37 37.30 1.43
CA ASN C 83 -42.59 36.16 0.98
C ASN C 83 -41.33 35.99 1.84
N ARG C 84 -40.60 37.09 2.06
CA ARG C 84 -39.39 37.01 2.86
C ARG C 84 -39.69 36.58 4.29
N ALA C 85 -40.81 37.07 4.84
CA ALA C 85 -41.18 36.69 6.21
C ALA C 85 -41.51 35.21 6.29
N ARG C 86 -42.22 34.67 5.30
CA ARG C 86 -42.50 33.24 5.27
C ARG C 86 -41.21 32.44 5.26
N VAL C 87 -40.27 32.83 4.39
CA VAL C 87 -39.01 32.11 4.30
C VAL C 87 -38.25 32.16 5.62
N GLU C 88 -38.21 33.34 6.24
CA GLU C 88 -37.49 33.48 7.51
C GLU C 88 -38.15 32.66 8.61
N CYS C 89 -39.49 32.62 8.64
CA CYS C 89 -40.19 31.82 9.64
C CYS C 89 -39.83 30.35 9.49
N GLN C 90 -39.85 29.84 8.25
CA GLN C 90 -39.50 28.44 8.05
C GLN C 90 -38.04 28.17 8.43
N SER C 91 -37.14 29.09 8.09
CA SER C 91 -35.74 28.90 8.43
C SER C 91 -35.53 28.87 9.94
N HIS C 92 -36.19 29.76 10.66
CA HIS C 92 -36.07 29.76 12.12
C HIS C 92 -36.64 28.50 12.72
N ARG C 93 -37.78 28.03 12.21
CA ARG C 93 -38.34 26.77 12.71
C ARG C 93 -37.39 25.60 12.45
N LEU C 94 -36.73 25.61 11.29
CA LEU C 94 -35.76 24.55 11.00
C LEU C 94 -34.58 24.62 11.96
N THR C 95 -34.06 25.82 12.20
CA THR C 95 -32.86 25.93 13.04
C THR C 95 -33.15 25.74 14.52
N VAL C 96 -34.40 25.89 14.94
CA VAL C 96 -34.80 25.63 16.32
C VAL C 96 -36.20 25.06 16.32
N GLU C 97 -36.36 23.85 16.87
CA GLU C 97 -37.67 23.19 16.89
C GLU C 97 -38.54 23.86 17.94
N ASP C 98 -39.11 25.00 17.55
CA ASP C 98 -39.99 25.78 18.40
C ASP C 98 -40.77 26.73 17.51
N PRO C 99 -42.10 26.70 17.55
CA PRO C 99 -42.88 27.64 16.73
C PRO C 99 -42.50 29.09 17.04
N VAL C 100 -42.39 29.89 15.98
CA VAL C 100 -41.82 31.22 16.12
C VAL C 100 -42.80 32.14 16.83
N THR C 101 -42.27 32.94 17.76
CA THR C 101 -43.08 33.94 18.44
C THR C 101 -43.38 35.11 17.51
N VAL C 102 -44.41 35.88 17.87
CA VAL C 102 -44.80 37.02 17.07
C VAL C 102 -43.71 38.08 17.06
N GLU C 103 -43.10 38.32 18.22
CA GLU C 103 -42.13 39.41 18.34
C GLU C 103 -40.93 39.20 17.43
N TYR C 104 -40.43 37.97 17.34
CA TYR C 104 -39.25 37.71 16.53
C TYR C 104 -39.52 38.00 15.04
N ILE C 105 -40.64 37.50 14.53
CA ILE C 105 -40.93 37.68 13.11
C ILE C 105 -41.24 39.15 12.81
N THR C 106 -41.93 39.84 13.72
CA THR C 106 -42.20 41.24 13.46
C THR C 106 -40.92 42.07 13.53
N ARG C 107 -39.98 41.71 14.40
CA ARG C 107 -38.68 42.37 14.42
C ARG C 107 -37.94 42.13 13.12
N TYR C 108 -38.00 40.89 12.60
CA TYR C 108 -37.33 40.61 11.33
C TYR C 108 -37.92 41.45 10.21
N ILE C 109 -39.25 41.57 10.16
CA ILE C 109 -39.88 42.39 9.12
C ILE C 109 -39.47 43.85 9.27
N ALA C 110 -39.44 44.35 10.51
CA ALA C 110 -39.03 45.73 10.73
C ALA C 110 -37.59 45.97 10.27
N SER C 111 -36.69 45.02 10.59
CA SER C 111 -35.30 45.16 10.16
C SER C 111 -35.18 45.13 8.65
N LEU C 112 -35.95 44.25 7.99
CA LEU C 112 -35.91 44.20 6.53
C LEU C 112 -36.39 45.51 5.93
N LYS C 113 -37.44 46.11 6.51
CA LYS C 113 -37.88 47.43 6.05
C LYS C 113 -36.77 48.46 6.24
N GLN C 114 -36.17 48.48 7.43
CA GLN C 114 -35.20 49.52 7.76
C GLN C 114 -33.93 49.40 6.92
N ARG C 115 -33.60 48.20 6.46
CA ARG C 115 -32.38 48.02 5.68
C ARG C 115 -32.41 48.81 4.38
N TYR C 116 -33.60 49.02 3.80
CA TYR C 116 -33.69 49.75 2.54
C TYR C 116 -33.85 51.25 2.77
N THR C 117 -33.02 51.82 3.65
CA THR C 117 -33.03 53.25 3.90
C THR C 117 -31.62 53.77 4.16
N GLN C 118 -30.60 53.15 3.58
CA GLN C 118 -29.22 53.47 3.93
C GLN C 118 -28.37 53.85 2.72
N SER C 119 -28.97 54.04 1.55
CA SER C 119 -28.21 54.47 0.39
C SER C 119 -29.19 55.04 -0.63
N ASN C 120 -28.77 56.13 -1.29
CA ASN C 120 -29.63 56.80 -2.25
C ASN C 120 -29.63 56.06 -3.58
N GLY C 121 -29.89 54.75 -3.55
CA GLY C 121 -30.02 53.96 -4.74
C GLY C 121 -31.09 52.90 -4.60
N ARG C 122 -31.82 52.97 -3.49
CA ARG C 122 -32.89 52.00 -3.21
C ARG C 122 -33.99 52.72 -2.44
N ARG C 123 -35.19 52.72 -3.00
CA ARG C 123 -36.30 53.38 -2.33
C ARG C 123 -36.81 52.53 -1.16
N PRO C 124 -37.35 53.17 -0.13
CA PRO C 124 -37.88 52.41 1.01
C PRO C 124 -39.18 51.69 0.65
N PHE C 125 -39.45 50.64 1.41
CA PHE C 125 -40.70 49.90 1.28
C PHE C 125 -41.82 50.71 1.91
N GLY C 126 -42.73 51.23 1.10
CA GLY C 126 -43.84 51.95 1.67
C GLY C 126 -45.06 51.08 1.88
N ILE C 127 -45.19 50.52 3.08
CA ILE C 127 -46.33 49.70 3.49
C ILE C 127 -46.45 49.80 5.01
N SER C 128 -47.55 49.29 5.54
CA SER C 128 -47.74 49.22 6.98
C SER C 128 -48.42 47.91 7.32
N ALA C 129 -47.88 47.21 8.32
CA ALA C 129 -48.34 45.87 8.68
C ALA C 129 -49.10 45.89 10.00
N LEU C 130 -49.85 44.82 10.23
CA LEU C 130 -50.64 44.62 11.43
C LEU C 130 -50.43 43.22 11.98
N ILE C 131 -49.17 42.83 12.13
CA ILE C 131 -48.82 41.48 12.56
C ILE C 131 -49.55 41.15 13.86
N VAL C 132 -50.24 40.02 13.86
CA VAL C 132 -51.04 39.57 15.00
C VAL C 132 -51.11 38.05 14.97
N GLY C 133 -51.01 37.45 16.15
CA GLY C 133 -51.05 36.00 16.23
C GLY C 133 -50.91 35.54 17.66
N PHE C 134 -50.93 34.21 17.82
CA PHE C 134 -50.84 33.57 19.13
C PHE C 134 -49.44 33.01 19.33
N ASP C 135 -48.86 33.28 20.49
CA ASP C 135 -47.53 32.79 20.82
C ASP C 135 -47.59 31.32 21.19
N PHE C 136 -46.46 30.76 21.62
CA PHE C 136 -46.42 29.39 22.11
C PHE C 136 -46.86 29.26 23.56
N ASP C 137 -46.98 30.36 24.28
CA ASP C 137 -47.42 30.35 25.68
C ASP C 137 -48.90 30.65 25.82
N GLY C 138 -49.60 30.96 24.73
CA GLY C 138 -51.03 31.20 24.76
C GLY C 138 -51.45 32.65 24.91
N THR C 139 -50.50 33.55 25.15
CA THR C 139 -50.84 34.96 25.36
C THR C 139 -51.15 35.61 24.03
N PRO C 140 -52.33 36.19 23.85
CA PRO C 140 -52.62 36.92 22.59
C PRO C 140 -51.66 38.08 22.41
N ARG C 141 -51.24 38.29 21.16
CA ARG C 141 -50.28 39.34 20.84
C ARG C 141 -50.72 40.08 19.59
N LEU C 142 -50.28 41.33 19.48
CA LEU C 142 -50.55 42.15 18.31
C LEU C 142 -49.45 43.20 18.20
N TYR C 143 -49.14 43.58 16.96
CA TYR C 143 -48.08 44.55 16.71
C TYR C 143 -48.48 45.42 15.51
N GLN C 144 -47.59 46.34 15.16
CA GLN C 144 -47.79 47.20 13.99
C GLN C 144 -46.44 47.72 13.55
N THR C 145 -46.07 47.44 12.30
CA THR C 145 -44.80 47.90 11.77
C THR C 145 -44.94 49.36 11.33
N ASP C 146 -43.92 49.85 10.64
CA ASP C 146 -43.85 51.24 10.21
C ASP C 146 -42.78 51.31 9.12
N PRO C 147 -42.97 52.10 8.06
CA PRO C 147 -41.98 52.11 6.97
C PRO C 147 -40.56 52.41 7.41
N SER C 148 -40.35 53.34 8.35
CA SER C 148 -38.97 53.71 8.67
C SER C 148 -38.18 52.57 9.30
N GLY C 149 -38.41 52.31 10.59
CA GLY C 149 -37.85 51.14 11.21
C GLY C 149 -38.58 50.64 12.44
N THR C 150 -39.71 51.26 12.78
CA THR C 150 -40.24 51.15 14.13
C THR C 150 -41.41 50.18 14.20
N TYR C 151 -41.74 49.77 15.43
CA TYR C 151 -42.83 48.87 15.68
C TYR C 151 -43.26 49.02 17.13
N HIS C 152 -44.56 48.92 17.37
CA HIS C 152 -45.13 49.05 18.71
C HIS C 152 -46.11 47.92 18.96
N ALA C 153 -46.18 47.48 20.22
CA ALA C 153 -47.11 46.43 20.61
C ALA C 153 -48.47 47.05 20.96
N TRP C 154 -49.13 47.53 19.91
CA TRP C 154 -50.43 48.19 20.06
C TRP C 154 -51.48 47.18 20.52
N LYS C 155 -52.66 47.70 20.83
CA LYS C 155 -53.77 46.86 21.29
C LYS C 155 -54.91 46.82 20.29
N ALA C 156 -55.44 47.98 19.89
CA ALA C 156 -56.56 48.02 18.95
C ALA C 156 -56.39 49.21 17.99
N ASN C 157 -55.20 49.37 17.44
CA ASN C 157 -54.94 50.50 16.57
C ASN C 157 -55.46 50.23 15.15
N ALA C 158 -55.22 51.18 14.25
CA ALA C 158 -55.64 51.06 12.87
C ALA C 158 -54.69 51.87 11.99
N ILE C 159 -54.69 51.54 10.69
CA ILE C 159 -53.82 52.18 9.72
C ILE C 159 -54.65 52.55 8.49
N GLY C 160 -53.98 53.09 7.48
CA GLY C 160 -54.63 53.47 6.25
C GLY C 160 -55.24 54.86 6.31
N ARG C 161 -55.81 55.27 5.18
CA ARG C 161 -56.45 56.58 5.09
C ARG C 161 -57.67 56.63 6.01
N GLY C 162 -57.91 57.81 6.59
CA GLY C 162 -59.02 57.96 7.50
C GLY C 162 -58.92 57.09 8.73
N ALA C 163 -57.73 56.97 9.30
CA ALA C 163 -57.53 56.12 10.47
C ALA C 163 -57.77 56.84 11.78
N LYS C 164 -57.73 58.17 11.79
CA LYS C 164 -57.96 58.90 13.04
C LYS C 164 -59.37 58.68 13.57
N SER C 165 -60.37 58.70 12.68
CA SER C 165 -61.75 58.54 13.11
C SER C 165 -61.98 57.15 13.69
N VAL C 166 -61.50 56.11 13.00
CA VAL C 166 -61.71 54.75 13.49
C VAL C 166 -60.92 54.52 14.76
N ARG C 167 -59.73 55.10 14.88
CA ARG C 167 -58.96 54.98 16.12
C ARG C 167 -59.69 55.63 17.29
N GLU C 168 -60.26 56.82 17.06
CA GLU C 168 -61.03 57.47 18.13
C GLU C 168 -62.25 56.64 18.50
N PHE C 169 -62.94 56.09 17.50
CA PHE C 169 -64.10 55.26 17.79
C PHE C 169 -63.72 54.02 18.60
N LEU C 170 -62.59 53.40 18.26
CA LEU C 170 -62.15 52.22 18.99
C LEU C 170 -61.75 52.57 20.42
N GLU C 171 -61.01 53.67 20.60
CA GLU C 171 -60.57 54.04 21.94
C GLU C 171 -61.72 54.53 22.81
N LYS C 172 -62.81 55.00 22.20
CA LYS C 172 -63.98 55.45 22.96
C LYS C 172 -64.92 54.30 23.32
N ASN C 173 -64.65 53.08 22.87
CA ASN C 173 -65.51 51.95 23.13
C ASN C 173 -64.80 50.71 23.64
N TYR C 174 -63.47 50.65 23.59
CA TYR C 174 -62.74 49.46 23.99
C TYR C 174 -62.81 49.29 25.50
N THR C 175 -63.40 48.19 25.96
CA THR C 175 -63.48 47.87 27.37
C THR C 175 -63.37 46.36 27.55
N ASP C 176 -63.08 45.95 28.80
CA ASP C 176 -62.89 44.53 29.07
C ASP C 176 -64.16 43.73 28.81
N GLU C 177 -65.33 44.36 28.94
CA GLU C 177 -66.58 43.64 28.71
C GLU C 177 -66.72 43.22 27.25
N ALA C 178 -66.30 44.08 26.32
CA ALA C 178 -66.46 43.80 24.89
C ALA C 178 -65.50 42.73 24.39
N ILE C 179 -64.52 42.32 25.19
CA ILE C 179 -63.54 41.32 24.77
C ILE C 179 -63.69 40.02 25.57
N GLU C 180 -64.87 39.79 26.16
CA GLU C 180 -65.05 38.60 26.98
C GLU C 180 -65.35 37.37 26.13
N THR C 181 -66.44 37.40 25.37
CA THR C 181 -66.83 36.28 24.55
C THR C 181 -66.17 36.38 23.18
N ASP C 182 -66.61 35.56 22.23
CA ASP C 182 -66.02 35.53 20.90
C ASP C 182 -66.74 36.49 19.94
N ASP C 183 -68.05 36.32 19.78
CA ASP C 183 -68.79 37.13 18.82
C ASP C 183 -68.87 38.60 19.22
N LEU C 184 -68.62 38.92 20.49
CA LEU C 184 -68.60 40.33 20.90
C LEU C 184 -67.48 41.09 20.20
N THR C 185 -66.31 40.44 20.04
CA THR C 185 -65.21 41.07 19.32
C THR C 185 -65.58 41.32 17.87
N ILE C 186 -66.27 40.37 17.24
CA ILE C 186 -66.72 40.55 15.86
C ILE C 186 -67.70 41.71 15.77
N LYS C 187 -68.63 41.79 16.72
CA LYS C 187 -69.56 42.92 16.74
C LYS C 187 -68.82 44.25 16.85
N LEU C 188 -67.83 44.30 17.74
CA LEU C 188 -67.08 45.54 17.94
C LEU C 188 -66.32 45.94 16.68
N VAL C 189 -65.63 44.98 16.05
CA VAL C 189 -64.82 45.32 14.88
C VAL C 189 -65.73 45.70 13.70
N ILE C 190 -66.89 45.05 13.58
CA ILE C 190 -67.82 45.41 12.51
C ILE C 190 -68.36 46.81 12.75
N LYS C 191 -68.71 47.15 13.99
CA LYS C 191 -69.17 48.50 14.29
C LYS C 191 -68.09 49.52 14.01
N ALA C 192 -66.83 49.16 14.26
CA ALA C 192 -65.72 50.07 13.98
C ALA C 192 -65.56 50.29 12.48
N LEU C 193 -65.55 49.21 11.70
CA LEU C 193 -65.34 49.34 10.26
C LEU C 193 -66.54 49.95 9.55
N LEU C 194 -67.73 49.88 10.13
CA LEU C 194 -68.92 50.41 9.48
C LEU C 194 -68.86 51.93 9.32
N GLU C 195 -67.97 52.60 10.04
CA GLU C 195 -67.93 54.06 9.99
C GLU C 195 -67.42 54.56 8.65
N VAL C 196 -66.19 54.19 8.28
CA VAL C 196 -65.57 54.74 7.08
C VAL C 196 -66.28 54.23 5.82
N VAL C 197 -66.71 52.96 5.83
CA VAL C 197 -67.33 52.40 4.64
C VAL C 197 -68.72 52.98 4.45
N GLN C 198 -69.17 53.04 3.21
CA GLN C 198 -70.49 53.59 2.91
C GLN C 198 -71.59 52.64 3.37
N SER C 199 -71.63 51.44 2.82
CA SER C 199 -72.63 50.43 3.17
C SER C 199 -71.92 49.14 3.57
N GLY C 200 -72.31 48.58 4.71
CA GLY C 200 -71.67 47.39 5.20
C GLY C 200 -72.07 46.14 4.45
N GLY C 201 -71.28 45.09 4.65
CA GLY C 201 -71.56 43.79 4.05
C GLY C 201 -71.10 43.64 2.62
N LYS C 202 -71.13 44.73 1.86
CA LYS C 202 -70.79 44.65 0.44
C LYS C 202 -69.29 44.41 0.24
N ASN C 203 -68.45 45.15 0.94
CA ASN C 203 -67.01 45.14 0.69
C ASN C 203 -66.22 45.11 1.99
N ILE C 204 -66.63 44.25 2.92
CA ILE C 204 -65.94 44.09 4.20
C ILE C 204 -65.58 42.63 4.37
N GLU C 205 -64.32 42.37 4.73
CA GLU C 205 -63.81 41.02 4.92
C GLU C 205 -63.19 40.90 6.31
N LEU C 206 -63.38 39.74 6.93
CA LEU C 206 -62.87 39.45 8.26
C LEU C 206 -62.02 38.19 8.22
N ALA C 207 -61.26 37.98 9.29
CA ALA C 207 -60.43 36.78 9.41
C ALA C 207 -60.35 36.43 10.91
N VAL C 208 -61.27 35.57 11.34
CA VAL C 208 -61.29 35.14 12.74
C VAL C 208 -60.24 34.08 12.96
N MET C 209 -59.42 34.26 14.00
CA MET C 209 -58.42 33.28 14.38
C MET C 209 -58.63 32.89 15.83
N ARG C 210 -58.64 31.59 16.10
CA ARG C 210 -58.83 31.05 17.43
C ARG C 210 -57.53 30.39 17.91
N ARG C 211 -57.60 29.76 19.08
CA ARG C 211 -56.44 29.14 19.69
C ARG C 211 -56.06 27.89 18.90
N ASP C 212 -55.05 28.01 18.05
CA ASP C 212 -54.47 26.89 17.30
C ASP C 212 -55.48 26.23 16.37
N GLN C 213 -56.48 26.97 15.92
CA GLN C 213 -57.38 26.52 14.86
C GLN C 213 -57.00 27.04 13.49
N SER C 214 -55.85 27.72 13.39
CA SER C 214 -55.34 28.29 12.14
C SER C 214 -56.26 29.38 11.58
N LEU C 215 -55.75 30.14 10.63
CA LEU C 215 -56.54 31.23 10.05
C LEU C 215 -57.75 30.67 9.33
N LYS C 216 -58.88 31.37 9.48
CA LYS C 216 -60.14 30.94 8.87
C LYS C 216 -60.91 32.18 8.42
N ILE C 217 -60.91 32.43 7.11
CA ILE C 217 -61.68 33.54 6.57
C ILE C 217 -63.17 33.28 6.73
N LEU C 218 -63.97 34.34 6.58
CA LEU C 218 -65.40 34.28 6.77
C LEU C 218 -66.12 34.47 5.43
N ASN C 219 -67.08 33.61 5.15
CA ASN C 219 -67.88 33.72 3.94
C ASN C 219 -68.83 34.90 4.04
N PRO C 220 -69.29 35.43 2.90
CA PRO C 220 -70.19 36.60 2.95
C PRO C 220 -71.48 36.36 3.72
N GLU C 221 -71.98 35.13 3.76
CA GLU C 221 -73.22 34.85 4.47
C GLU C 221 -73.07 35.12 5.97
N GLU C 222 -71.96 34.68 6.56
CA GLU C 222 -71.72 34.93 7.98
C GLU C 222 -71.54 36.41 8.25
N ILE C 223 -70.88 37.13 7.34
CA ILE C 223 -70.71 38.57 7.50
C ILE C 223 -72.08 39.25 7.49
N GLU C 224 -72.94 38.86 6.55
CA GLU C 224 -74.28 39.45 6.49
C GLU C 224 -75.07 39.15 7.75
N LYS C 225 -74.96 37.91 8.26
CA LYS C 225 -75.66 37.54 9.49
C LYS C 225 -75.16 38.37 10.67
N TYR C 226 -73.85 38.57 10.77
CA TYR C 226 -73.29 39.36 11.86
C TYR C 226 -73.72 40.82 11.76
N VAL C 227 -73.76 41.37 10.54
CA VAL C 227 -74.23 42.75 10.36
C VAL C 227 -75.68 42.87 10.76
N ALA C 228 -76.51 41.89 10.37
CA ALA C 228 -77.91 41.91 10.76
C ALA C 228 -78.07 41.84 12.27
N GLU C 229 -77.27 40.99 12.93
CA GLU C 229 -77.32 40.91 14.39
C GLU C 229 -76.91 42.23 15.03
N ILE C 230 -75.87 42.87 14.50
CA ILE C 230 -75.42 44.15 15.03
C ILE C 230 -76.33 45.30 14.65
N GLU C 231 -77.28 45.07 13.75
CA GLU C 231 -78.23 46.10 13.34
C GLU C 231 -79.40 46.23 14.31
N LYS C 232 -79.44 45.43 15.36
CA LYS C 232 -80.52 45.47 16.35
C LYS C 232 -80.30 46.55 17.41
N GLU C 233 -79.47 47.55 17.11
CA GLU C 233 -79.22 48.62 18.09
C GLU C 233 -80.50 49.39 18.39
N LYS C 234 -80.64 49.78 19.65
CA LYS C 234 -81.81 50.54 20.08
C LYS C 234 -81.41 51.74 20.93
N MET D 1 -19.82 93.20 -4.36
CA MET D 1 -20.37 93.66 -5.62
C MET D 1 -21.69 92.97 -5.91
N PHE D 2 -21.74 91.66 -5.65
CA PHE D 2 -22.95 90.87 -5.84
C PHE D 2 -23.04 89.82 -4.75
N LEU D 3 -24.26 89.35 -4.50
CA LEU D 3 -24.52 88.28 -3.56
C LEU D 3 -24.97 87.05 -4.33
N THR D 4 -24.32 85.91 -4.07
CA THR D 4 -24.58 84.68 -4.79
C THR D 4 -24.99 83.59 -3.82
N ARG D 5 -25.93 82.75 -4.24
CA ARG D 5 -26.44 81.65 -3.42
C ARG D 5 -25.54 80.45 -3.63
N SER D 6 -24.65 80.19 -2.66
CA SER D 6 -23.77 79.04 -2.68
C SER D 6 -24.12 78.13 -1.52
N GLU D 7 -24.36 76.85 -1.83
CA GLU D 7 -24.76 75.87 -0.84
C GLU D 7 -23.67 74.81 -0.70
N TYR D 8 -23.27 74.53 0.53
CA TYR D 8 -22.28 73.50 0.82
C TYR D 8 -22.82 72.42 1.75
N ASP D 9 -24.07 72.52 2.18
CA ASP D 9 -24.66 71.50 3.04
C ASP D 9 -25.09 70.26 2.28
N ARG D 10 -25.23 70.35 0.96
CA ARG D 10 -25.53 69.17 0.14
C ARG D 10 -24.22 68.44 -0.14
N GLY D 11 -24.17 67.17 0.25
CA GLY D 11 -22.94 66.40 0.11
C GLY D 11 -22.34 66.06 1.47
N VAL D 12 -22.26 64.76 1.76
CA VAL D 12 -21.80 64.33 3.08
C VAL D 12 -20.33 64.66 3.31
N ASN D 13 -19.54 64.85 2.26
CA ASN D 13 -18.12 65.19 2.38
C ASN D 13 -17.86 66.46 1.57
N THR D 14 -18.14 67.62 2.17
CA THR D 14 -17.84 68.91 1.57
C THR D 14 -17.40 69.85 2.68
N PHE D 15 -16.23 70.47 2.52
CA PHE D 15 -15.69 71.37 3.52
C PHE D 15 -16.14 72.80 3.23
N SER D 16 -16.67 73.44 4.26
CA SER D 16 -17.16 74.83 4.09
C SER D 16 -15.98 75.78 4.23
N PRO D 17 -16.03 76.99 3.65
CA PRO D 17 -14.88 77.90 3.62
C PRO D 17 -14.14 77.88 4.95
N GLU D 18 -14.88 77.83 6.07
CA GLU D 18 -14.24 77.77 7.38
C GLU D 18 -14.25 76.49 8.19
N GLY D 19 -14.55 75.37 7.53
CA GLY D 19 -14.62 74.07 8.23
C GLY D 19 -16.03 73.76 8.65
N ARG D 20 -16.18 73.14 9.80
CA ARG D 20 -17.53 72.91 10.34
C ARG D 20 -18.40 72.14 9.35
N LEU D 21 -18.00 70.88 9.15
CA LEU D 21 -18.73 69.98 8.26
C LEU D 21 -20.23 70.05 8.52
N PHE D 22 -20.97 70.53 7.52
CA PHE D 22 -22.36 70.93 7.75
C PHE D 22 -23.26 69.72 7.99
N GLN D 23 -23.00 68.61 7.31
CA GLN D 23 -23.87 67.45 7.44
C GLN D 23 -23.88 66.90 8.87
N VAL D 24 -22.70 66.81 9.49
CA VAL D 24 -22.63 66.33 10.86
C VAL D 24 -23.29 67.32 11.82
N GLU D 25 -23.15 68.61 11.56
CA GLU D 25 -23.81 69.61 12.39
C GLU D 25 -25.33 69.48 12.31
N TYR D 26 -25.85 69.25 11.10
CA TYR D 26 -27.28 69.02 10.95
C TYR D 26 -27.72 67.74 11.65
N ALA D 27 -26.89 66.69 11.57
CA ALA D 27 -27.22 65.45 12.28
C ALA D 27 -27.30 65.69 13.78
N ILE D 28 -26.37 66.47 14.33
CA ILE D 28 -26.43 66.80 15.75
C ILE D 28 -27.68 67.62 16.05
N GLU D 29 -28.01 68.58 15.19
CA GLU D 29 -29.21 69.39 15.39
C GLU D 29 -30.48 68.54 15.37
N ALA D 30 -30.46 67.43 14.63
CA ALA D 30 -31.64 66.58 14.53
C ALA D 30 -31.95 65.82 15.81
N ILE D 31 -31.06 65.85 16.80
CA ILE D 31 -31.30 65.09 18.02
C ILE D 31 -32.47 65.67 18.81
N LYS D 32 -32.61 66.99 18.81
CA LYS D 32 -33.57 67.65 19.70
C LYS D 32 -35.00 67.20 19.44
N LEU D 33 -35.30 66.67 18.26
CA LEU D 33 -36.64 66.14 17.97
C LEU D 33 -36.73 64.72 18.52
N GLY D 34 -36.86 64.64 19.85
CA GLY D 34 -36.93 63.35 20.51
C GLY D 34 -37.50 63.41 21.91
N SER D 35 -36.91 62.64 22.82
CA SER D 35 -37.38 62.55 24.20
C SER D 35 -36.25 62.89 25.15
N THR D 36 -36.58 63.60 26.23
CA THR D 36 -35.58 64.01 27.20
C THR D 36 -35.08 62.80 28.00
N ALA D 37 -33.93 62.99 28.63
CA ALA D 37 -33.33 61.96 29.47
C ALA D 37 -32.38 62.62 30.44
N ILE D 38 -31.99 61.87 31.47
CA ILE D 38 -31.09 62.39 32.49
C ILE D 38 -30.31 61.24 33.10
N GLY D 39 -29.12 61.56 33.60
CA GLY D 39 -28.28 60.58 34.26
C GLY D 39 -27.35 61.23 35.27
N ILE D 40 -27.32 60.71 36.50
CA ILE D 40 -26.52 61.27 37.57
C ILE D 40 -25.52 60.21 38.03
N GLN D 41 -24.25 60.60 38.09
CA GLN D 41 -23.19 59.73 38.59
C GLN D 41 -22.93 60.04 40.06
N THR D 42 -22.99 59.01 40.90
CA THR D 42 -22.85 59.17 42.33
C THR D 42 -21.91 58.08 42.85
N SER D 43 -21.28 58.36 43.99
CA SER D 43 -20.28 57.45 44.53
C SER D 43 -20.84 56.07 44.84
N GLU D 44 -22.15 55.95 45.02
CA GLU D 44 -22.80 54.67 45.32
C GLU D 44 -23.69 54.21 44.18
N GLY D 45 -23.24 54.40 42.94
CA GLY D 45 -23.96 53.97 41.77
C GLY D 45 -24.47 55.15 40.96
N VAL D 46 -25.02 54.82 39.79
CA VAL D 46 -25.54 55.82 38.87
C VAL D 46 -27.03 55.56 38.66
N CYS D 47 -27.73 56.60 38.22
CA CYS D 47 -29.18 56.57 38.05
C CYS D 47 -29.55 57.15 36.69
N LEU D 48 -30.65 56.62 36.12
CA LEU D 48 -31.16 57.09 34.85
C LEU D 48 -32.66 57.30 34.96
N ALA D 49 -33.18 58.20 34.12
CA ALA D 49 -34.61 58.49 34.10
C ALA D 49 -34.95 59.07 32.74
N VAL D 50 -35.74 58.34 31.95
CA VAL D 50 -36.03 58.72 30.58
C VAL D 50 -37.54 58.72 30.37
N GLU D 51 -38.03 59.80 29.77
CA GLU D 51 -39.46 59.95 29.54
C GLU D 51 -39.90 59.08 28.38
N LYS D 52 -41.21 58.97 28.19
CA LYS D 52 -41.76 58.08 27.18
C LYS D 52 -42.62 58.79 26.15
N ARG D 53 -43.49 59.70 26.57
CA ARG D 53 -44.36 60.47 25.67
C ARG D 53 -45.24 59.54 24.83
N ILE D 54 -46.13 58.82 25.51
CA ILE D 54 -47.00 57.87 24.83
C ILE D 54 -47.95 58.63 23.91
N THR D 55 -48.05 58.16 22.66
CA THR D 55 -48.89 58.85 21.68
C THR D 55 -50.37 58.67 21.98
N SER D 56 -50.80 57.45 22.26
CA SER D 56 -52.19 57.14 22.48
C SER D 56 -52.35 56.22 23.68
N PRO D 57 -53.48 56.28 24.39
CA PRO D 57 -53.68 55.38 25.53
C PRO D 57 -53.69 53.91 25.15
N LEU D 58 -54.08 53.59 23.91
CA LEU D 58 -54.17 52.19 23.50
C LEU D 58 -52.80 51.54 23.35
N MET D 59 -51.74 52.34 23.17
CA MET D 59 -50.40 51.77 23.04
C MET D 59 -49.95 51.17 24.37
N GLU D 60 -49.45 49.94 24.31
CA GLU D 60 -49.03 49.26 25.52
C GLU D 60 -47.80 49.94 26.11
N PRO D 61 -47.80 50.26 27.41
CA PRO D 61 -46.69 51.05 27.97
C PRO D 61 -45.33 50.41 27.83
N SER D 62 -45.24 49.09 27.96
CA SER D 62 -43.94 48.42 27.91
C SER D 62 -43.47 48.15 26.49
N SER D 63 -44.27 48.49 25.48
CA SER D 63 -43.86 48.27 24.10
C SER D 63 -42.63 49.09 23.75
N ILE D 64 -42.57 50.34 24.20
CA ILE D 64 -41.44 51.23 23.94
C ILE D 64 -40.58 51.29 25.21
N GLU D 65 -39.29 51.05 25.03
CA GLU D 65 -38.37 50.98 26.18
C GLU D 65 -37.08 51.70 25.78
N LYS D 66 -36.96 52.96 26.18
CA LYS D 66 -35.70 53.68 25.98
C LYS D 66 -34.58 53.03 26.80
N ILE D 67 -34.87 52.67 28.05
CA ILE D 67 -33.93 51.91 28.85
C ILE D 67 -33.80 50.51 28.26
N VAL D 68 -32.56 50.02 28.16
CA VAL D 68 -32.30 48.73 27.53
C VAL D 68 -31.07 48.11 28.18
N GLU D 69 -31.13 46.80 28.41
CA GLU D 69 -30.00 46.08 28.97
C GLU D 69 -28.89 45.95 27.93
N ILE D 70 -27.64 46.02 28.38
CA ILE D 70 -26.50 45.73 27.54
C ILE D 70 -25.77 44.53 28.11
N ASP D 71 -25.82 44.40 29.43
CA ASP D 71 -25.16 43.31 30.15
C ASP D 71 -25.69 43.34 31.58
N ALA D 72 -25.11 42.53 32.45
CA ALA D 72 -25.54 42.49 33.84
C ALA D 72 -25.16 43.73 34.63
N HIS D 73 -24.29 44.59 34.08
CA HIS D 73 -23.85 45.76 34.85
C HIS D 73 -23.74 47.02 33.99
N ILE D 74 -24.37 47.06 32.82
CA ILE D 74 -24.28 48.23 31.95
C ILE D 74 -25.67 48.52 31.38
N GLY D 75 -26.09 49.77 31.48
CA GLY D 75 -27.36 50.19 30.90
C GLY D 75 -27.21 51.52 30.20
N CYS D 76 -28.04 51.74 29.18
CA CYS D 76 -27.95 52.93 28.36
C CYS D 76 -29.35 53.43 28.03
N ALA D 77 -29.42 54.72 27.71
CA ALA D 77 -30.69 55.41 27.45
C ALA D 77 -30.62 56.03 26.06
N MET D 78 -31.28 55.41 25.09
CA MET D 78 -31.25 55.92 23.72
C MET D 78 -32.13 57.16 23.60
N SER D 79 -31.97 57.86 22.48
CA SER D 79 -32.77 59.03 22.17
C SER D 79 -32.73 59.26 20.67
N GLY D 80 -33.69 60.06 20.19
CA GLY D 80 -33.75 60.37 18.78
C GLY D 80 -34.37 59.24 17.96
N LEU D 81 -33.75 58.94 16.82
CA LEU D 81 -34.23 57.84 15.99
C LEU D 81 -34.08 56.51 16.71
N ILE D 82 -34.97 55.58 16.38
CA ILE D 82 -35.11 54.34 17.14
C ILE D 82 -34.37 53.18 16.50
N ALA D 83 -34.58 52.96 15.19
CA ALA D 83 -34.00 51.79 14.53
C ALA D 83 -32.47 51.82 14.57
N ASP D 84 -31.89 52.99 14.35
CA ASP D 84 -30.44 53.11 14.42
C ASP D 84 -29.93 52.80 15.82
N ALA D 85 -30.63 53.27 16.84
CA ALA D 85 -30.27 52.92 18.21
C ALA D 85 -30.37 51.42 18.44
N LYS D 86 -31.38 50.77 17.85
CA LYS D 86 -31.49 49.33 17.97
C LYS D 86 -30.29 48.63 17.36
N THR D 87 -29.87 49.09 16.17
CA THR D 87 -28.71 48.50 15.52
C THR D 87 -27.46 48.68 16.38
N LEU D 88 -27.27 49.88 16.93
CA LEU D 88 -26.11 50.13 17.78
C LEU D 88 -26.13 49.24 19.02
N ILE D 89 -27.31 49.08 19.62
CA ILE D 89 -27.41 48.26 20.83
C ILE D 89 -27.10 46.82 20.52
N ASP D 90 -27.62 46.31 19.39
CA ASP D 90 -27.33 44.94 19.00
C ASP D 90 -25.84 44.73 18.80
N LYS D 91 -25.18 45.67 18.12
CA LYS D 91 -23.75 45.54 17.89
C LYS D 91 -22.99 45.58 19.22
N ALA D 92 -23.39 46.46 20.13
CA ALA D 92 -22.72 46.54 21.43
C ALA D 92 -22.86 45.24 22.21
N ARG D 93 -24.06 44.66 22.21
CA ARG D 93 -24.28 43.39 22.90
C ARG D 93 -23.40 42.29 22.30
N VAL D 94 -23.39 42.20 20.97
CA VAL D 94 -22.56 41.18 20.32
C VAL D 94 -21.10 41.37 20.69
N GLU D 95 -20.63 42.61 20.66
CA GLU D 95 -19.22 42.88 20.94
C GLU D 95 -18.85 42.50 22.37
N THR D 96 -19.67 42.91 23.35
CA THR D 96 -19.32 42.62 24.73
C THR D 96 -19.38 41.13 25.02
N GLN D 97 -20.36 40.42 24.46
CA GLN D 97 -20.40 38.98 24.67
C GLN D 97 -19.22 38.28 24.01
N ASN D 98 -18.83 38.73 22.82
CA ASN D 98 -17.67 38.16 22.16
C ASN D 98 -16.41 38.37 22.98
N HIS D 99 -16.24 39.58 23.53
CA HIS D 99 -15.07 39.85 24.36
C HIS D 99 -15.08 38.98 25.61
N TRP D 100 -16.25 38.80 26.23
CA TRP D 100 -16.32 37.92 27.39
C TRP D 100 -15.91 36.50 27.04
N PHE D 101 -16.37 36.02 25.89
CA PHE D 101 -15.99 34.67 25.47
C PHE D 101 -14.48 34.58 25.23
N THR D 102 -13.89 35.62 24.63
CA THR D 102 -12.48 35.55 24.27
C THR D 102 -11.59 35.65 25.50
N TYR D 103 -11.66 36.77 26.22
CA TYR D 103 -10.71 37.03 27.30
C TYR D 103 -11.19 36.54 28.66
N ASN D 104 -12.43 36.07 28.77
CA ASN D 104 -12.95 35.47 30.00
C ASN D 104 -12.86 36.42 31.19
N GLU D 105 -13.54 37.57 31.06
CA GLU D 105 -13.65 38.53 32.15
C GLU D 105 -14.81 39.46 31.83
N THR D 106 -14.98 40.48 32.66
CA THR D 106 -16.09 41.42 32.49
C THR D 106 -15.65 42.63 31.65
N MET D 107 -16.66 43.38 31.19
CA MET D 107 -16.42 44.56 30.38
C MET D 107 -15.98 45.74 31.25
N THR D 108 -15.32 46.69 30.60
CA THR D 108 -15.07 48.02 31.16
C THR D 108 -15.78 49.02 30.25
N VAL D 109 -16.47 49.99 30.87
CA VAL D 109 -17.40 50.83 30.12
C VAL D 109 -16.67 51.60 29.02
N GLU D 110 -15.44 52.05 29.30
CA GLU D 110 -14.68 52.72 28.25
C GLU D 110 -14.37 51.77 27.10
N SER D 111 -14.10 50.49 27.42
CA SER D 111 -13.74 49.51 26.40
C SER D 111 -14.92 49.16 25.49
N VAL D 112 -16.14 49.51 25.87
CA VAL D 112 -17.29 49.32 24.99
C VAL D 112 -17.74 50.62 24.34
N THR D 113 -17.59 51.76 25.03
CA THR D 113 -17.85 53.04 24.38
C THR D 113 -16.90 53.25 23.22
N GLN D 114 -15.64 52.86 23.38
CA GLN D 114 -14.68 52.96 22.28
C GLN D 114 -15.13 52.13 21.09
N ALA D 115 -15.61 50.91 21.35
CA ALA D 115 -16.04 50.03 20.27
C ALA D 115 -17.26 50.59 19.54
N VAL D 116 -18.26 51.07 20.29
CA VAL D 116 -19.46 51.56 19.64
C VAL D 116 -19.17 52.85 18.87
N SER D 117 -18.31 53.72 19.42
CA SER D 117 -17.94 54.92 18.68
C SER D 117 -17.14 54.59 17.43
N ASN D 118 -16.27 53.58 17.51
CA ASN D 118 -15.54 53.16 16.32
C ASN D 118 -16.47 52.64 15.25
N LEU D 119 -17.50 51.90 15.66
CA LEU D 119 -18.51 51.47 14.68
C LEU D 119 -19.24 52.65 14.08
N ALA D 120 -19.63 53.63 14.91
CA ALA D 120 -20.37 54.77 14.43
C ALA D 120 -19.52 55.72 13.60
N LEU D 121 -18.19 55.59 13.64
CA LEU D 121 -17.31 56.46 12.88
C LEU D 121 -17.29 56.14 11.39
N GLN D 122 -17.88 55.03 10.98
CA GLN D 122 -17.75 54.55 9.60
C GLN D 122 -18.62 55.32 8.61
N PHE D 123 -19.18 56.47 9.00
CA PHE D 123 -19.94 57.26 8.05
C PHE D 123 -19.05 57.76 6.93
N GLY D 124 -19.58 57.78 5.71
CA GLY D 124 -18.80 58.21 4.57
C GLY D 124 -19.12 57.43 3.30
N GLU D 125 -18.09 56.82 2.71
CA GLU D 125 -18.25 56.05 1.49
C GLU D 125 -19.25 54.91 1.66
N PRO D 130 -19.89 45.40 0.66
CA PRO D 130 -19.73 46.33 1.78
C PRO D 130 -21.05 46.96 2.21
N GLY D 131 -21.54 46.56 3.38
CA GLY D 131 -22.78 47.13 3.91
C GLY D 131 -22.54 48.43 4.64
N ALA D 132 -21.58 49.21 4.14
CA ALA D 132 -21.21 50.45 4.79
C ALA D 132 -22.35 51.46 4.74
N MET D 133 -22.41 52.31 5.75
CA MET D 133 -23.48 53.29 5.86
C MET D 133 -23.23 54.44 4.89
N SER D 134 -24.16 55.39 4.90
CA SER D 134 -24.05 56.57 4.04
C SER D 134 -24.44 57.86 4.73
N ARG D 135 -24.93 57.81 5.97
CA ARG D 135 -25.32 59.01 6.71
C ARG D 135 -24.89 58.85 8.16
N PRO D 136 -24.65 59.97 8.85
CA PRO D 136 -24.29 59.88 10.26
C PRO D 136 -25.45 59.34 11.09
N PHE D 137 -25.10 58.64 12.17
CA PHE D 137 -26.11 58.08 13.07
C PHE D 137 -26.75 59.20 13.87
N GLY D 138 -27.99 59.55 13.51
CA GLY D 138 -28.72 60.57 14.24
C GLY D 138 -29.30 60.04 15.54
N VAL D 139 -28.44 59.60 16.45
CA VAL D 139 -28.84 59.05 17.73
C VAL D 139 -27.90 59.59 18.80
N ALA D 140 -28.16 59.20 20.04
CA ALA D 140 -27.33 59.58 21.19
C ALA D 140 -27.59 58.59 22.30
N LEU D 141 -26.55 58.29 23.07
CA LEU D 141 -26.63 57.28 24.12
C LEU D 141 -26.05 57.82 25.42
N LEU D 142 -26.55 57.30 26.54
CA LEU D 142 -26.03 57.58 27.87
C LEU D 142 -25.63 56.27 28.51
N PHE D 143 -24.42 55.81 28.22
CA PHE D 143 -23.94 54.57 28.81
C PHE D 143 -23.73 54.73 30.30
N GLY D 144 -24.18 53.75 31.06
CA GLY D 144 -24.03 53.78 32.51
C GLY D 144 -23.72 52.40 33.04
N GLY D 145 -22.94 52.37 34.11
CA GLY D 145 -22.56 51.11 34.71
C GLY D 145 -21.55 51.33 35.80
N VAL D 146 -21.11 50.21 36.37
CA VAL D 146 -20.12 50.19 37.45
C VAL D 146 -19.03 49.20 37.08
N ASP D 147 -17.78 49.55 37.40
CA ASP D 147 -16.64 48.73 37.05
C ASP D 147 -15.65 48.77 38.22
N GLU D 148 -14.43 48.29 37.96
CA GLU D 148 -13.41 48.25 39.01
C GLU D 148 -13.05 49.65 39.49
N LYS D 149 -12.99 50.62 38.58
CA LYS D 149 -12.69 51.99 38.97
C LYS D 149 -13.84 52.63 39.75
N GLY D 150 -15.03 52.05 39.68
CA GLY D 150 -16.19 52.59 40.37
C GLY D 150 -17.36 52.76 39.44
N PRO D 151 -18.32 53.61 39.83
CA PRO D 151 -19.46 53.89 38.96
C PRO D 151 -19.16 55.01 37.98
N GLN D 152 -19.40 54.78 36.70
CA GLN D 152 -19.11 55.74 35.66
C GLN D 152 -20.32 55.90 34.74
N LEU D 153 -20.40 57.06 34.08
CA LEU D 153 -21.50 57.37 33.18
C LEU D 153 -20.93 58.11 31.98
N PHE D 154 -20.91 57.44 30.82
CA PHE D 154 -20.31 57.98 29.62
C PHE D 154 -21.37 58.54 28.69
N HIS D 155 -21.01 59.62 28.00
CA HIS D 155 -21.86 60.26 27.00
C HIS D 155 -21.23 60.11 25.63
N MET D 156 -22.01 59.65 24.66
CA MET D 156 -21.52 59.43 23.30
C MET D 156 -22.43 60.16 22.34
N ASP D 157 -21.87 61.13 21.63
CA ASP D 157 -22.60 61.95 20.66
C ASP D 157 -22.53 61.33 19.28
N PRO D 158 -23.37 61.77 18.34
CA PRO D 158 -23.38 61.12 17.02
C PRO D 158 -22.06 61.17 16.28
N SER D 159 -21.20 62.16 16.51
CA SER D 159 -20.07 62.33 15.59
C SER D 159 -18.92 61.39 15.92
N GLY D 160 -18.19 61.65 17.01
CA GLY D 160 -17.06 60.79 17.30
C GLY D 160 -16.56 60.60 18.72
N THR D 161 -17.21 61.17 19.72
CA THR D 161 -16.57 61.27 21.03
C THR D 161 -17.38 60.56 22.11
N PHE D 162 -16.71 60.27 23.22
CA PHE D 162 -17.31 59.62 24.38
C PHE D 162 -16.86 60.32 25.66
N VAL D 163 -17.02 61.65 25.69
CA VAL D 163 -16.54 62.43 26.82
C VAL D 163 -17.19 61.96 28.11
N GLN D 164 -16.39 61.82 29.16
CA GLN D 164 -16.92 61.44 30.46
C GLN D 164 -17.73 62.57 31.06
N CYS D 165 -18.80 62.22 31.77
CA CYS D 165 -19.70 63.20 32.35
C CYS D 165 -20.15 62.73 33.72
N ASP D 166 -20.71 63.66 34.49
CA ASP D 166 -21.32 63.37 35.78
C ASP D 166 -22.83 63.52 35.75
N ALA D 167 -23.34 64.53 35.05
CA ALA D 167 -24.79 64.70 34.88
C ALA D 167 -25.01 65.57 33.65
N ARG D 168 -25.49 64.97 32.56
CA ARG D 168 -25.62 65.68 31.29
C ARG D 168 -26.85 65.16 30.56
N ALA D 169 -27.84 66.03 30.37
CA ALA D 169 -29.03 65.65 29.64
C ALA D 169 -28.75 65.58 28.14
N ILE D 170 -29.68 64.97 27.41
CA ILE D 170 -29.54 64.81 25.97
C ILE D 170 -30.75 65.25 25.16
N GLY D 171 -31.96 65.26 25.72
CA GLY D 171 -33.16 65.50 24.95
C GLY D 171 -33.46 66.97 24.76
N SER D 172 -34.69 67.24 24.31
CA SER D 172 -35.11 68.61 24.07
C SER D 172 -35.15 69.41 25.36
N ALA D 173 -35.04 70.73 25.21
CA ALA D 173 -34.91 71.64 26.35
C ALA D 173 -33.72 71.23 27.23
N SER D 174 -32.61 70.87 26.57
CA SER D 174 -31.42 70.46 27.30
C SER D 174 -30.84 71.60 28.13
N GLU D 175 -31.08 72.85 27.72
CA GLU D 175 -30.58 73.99 28.48
C GLU D 175 -31.23 74.06 29.86
N GLY D 176 -32.54 73.84 29.93
CA GLY D 176 -33.22 73.85 31.21
C GLY D 176 -32.79 72.69 32.10
N ALA D 177 -32.53 71.54 31.50
CA ALA D 177 -32.05 70.37 32.23
C ALA D 177 -30.55 70.38 32.48
N GLN D 178 -29.85 71.40 31.99
CA GLN D 178 -28.42 71.54 32.21
C GLN D 178 -28.08 72.63 33.21
N SER D 179 -28.71 73.80 33.09
CA SER D 179 -28.46 74.87 34.05
C SER D 179 -28.89 74.46 35.45
N SER D 180 -30.06 73.84 35.57
CA SER D 180 -30.53 73.40 36.88
C SER D 180 -29.62 72.32 37.46
N LEU D 181 -29.15 71.39 36.62
CA LEU D 181 -28.22 70.36 37.08
C LEU D 181 -26.92 70.98 37.57
N GLN D 182 -26.41 71.98 36.86
CA GLN D 182 -25.22 72.68 37.31
C GLN D 182 -25.48 73.36 38.66
N GLU D 183 -26.66 73.94 38.83
CA GLU D 183 -26.99 74.63 40.07
C GLU D 183 -27.21 73.67 41.24
N VAL D 184 -27.59 72.42 40.98
CA VAL D 184 -27.97 71.51 42.05
C VAL D 184 -26.91 70.46 42.35
N TYR D 185 -26.00 70.17 41.42
CA TYR D 185 -25.04 69.09 41.62
C TYR D 185 -24.13 69.38 42.81
N HIS D 186 -23.81 68.32 43.56
CA HIS D 186 -23.00 68.45 44.77
C HIS D 186 -21.81 67.52 44.83
N LYS D 187 -21.75 66.48 44.00
CA LYS D 187 -20.65 65.53 43.90
C LYS D 187 -20.45 64.70 45.16
N SER D 188 -21.27 64.89 46.19
CA SER D 188 -21.16 64.09 47.40
C SER D 188 -22.52 63.71 47.99
N MET D 189 -23.61 64.06 47.33
CA MET D 189 -24.94 63.75 47.84
C MET D 189 -25.25 62.26 47.70
N THR D 190 -26.18 61.80 48.54
CA THR D 190 -26.51 60.39 48.59
C THR D 190 -27.34 59.97 47.38
N LEU D 191 -27.43 58.64 47.19
CA LEU D 191 -28.20 58.11 46.06
C LEU D 191 -29.68 58.38 46.21
N LYS D 192 -30.20 58.40 47.43
CA LYS D 192 -31.63 58.61 47.63
C LYS D 192 -32.07 59.97 47.10
N GLU D 193 -31.27 61.00 47.34
CA GLU D 193 -31.61 62.33 46.83
C GLU D 193 -31.50 62.43 45.32
N ALA D 194 -30.76 61.52 44.69
CA ALA D 194 -30.61 61.57 43.23
C ALA D 194 -31.94 61.36 42.53
N ILE D 195 -32.74 60.39 43.00
CA ILE D 195 -34.04 60.15 42.40
C ILE D 195 -34.93 61.38 42.52
N LYS D 196 -34.96 61.98 43.71
CA LYS D 196 -35.79 63.16 43.93
C LYS D 196 -35.36 64.31 43.04
N SER D 197 -34.05 64.56 42.95
CA SER D 197 -33.56 65.65 42.13
C SER D 197 -33.86 65.41 40.65
N SER D 198 -33.66 64.19 40.17
CA SER D 198 -33.93 63.88 38.77
C SER D 198 -35.40 64.06 38.45
N LEU D 199 -36.29 63.59 39.33
CA LEU D 199 -37.72 63.76 39.09
C LEU D 199 -38.11 65.23 39.13
N ILE D 200 -37.54 66.00 40.06
CA ILE D 200 -37.84 67.43 40.12
C ILE D 200 -37.41 68.12 38.83
N ILE D 201 -36.24 67.76 38.31
CA ILE D 201 -35.78 68.36 37.05
C ILE D 201 -36.69 67.95 35.90
N LEU D 202 -37.06 66.67 35.82
CA LEU D 202 -37.90 66.20 34.73
C LEU D 202 -39.29 66.84 34.77
N LYS D 203 -39.77 67.21 35.97
CA LYS D 203 -41.07 67.86 36.06
C LYS D 203 -41.09 69.22 35.38
N GLN D 204 -39.94 69.83 35.14
CA GLN D 204 -39.87 71.18 34.57
C GLN D 204 -39.96 71.21 33.06
N VAL D 205 -39.91 70.08 32.38
CA VAL D 205 -39.94 70.05 30.92
C VAL D 205 -41.25 69.48 30.38
N MET D 206 -41.84 68.50 31.06
CA MET D 206 -43.06 67.87 30.57
C MET D 206 -44.22 68.85 30.53
N GLU D 207 -45.01 68.76 29.46
CA GLU D 207 -46.32 69.42 29.44
C GLU D 207 -47.35 68.67 30.27
N GLU D 208 -47.16 67.36 30.48
CA GLU D 208 -48.08 66.54 31.24
C GLU D 208 -47.64 66.54 32.72
N LYS D 209 -48.27 65.69 33.52
CA LYS D 209 -47.92 65.53 34.92
C LYS D 209 -47.08 64.27 35.12
N LEU D 210 -46.60 64.10 36.34
CA LEU D 210 -45.77 62.95 36.70
C LEU D 210 -46.67 61.80 37.10
N ASN D 211 -46.78 60.80 36.24
CA ASN D 211 -47.49 59.57 36.54
C ASN D 211 -46.59 58.38 36.23
N ALA D 212 -46.90 57.25 36.87
CA ALA D 212 -46.05 56.07 36.82
C ALA D 212 -46.08 55.33 35.49
N THR D 213 -46.65 55.92 34.44
CA THR D 213 -46.78 55.25 33.16
C THR D 213 -45.90 55.83 32.07
N ASN D 214 -45.08 56.84 32.37
CA ASN D 214 -44.23 57.42 31.33
C ASN D 214 -42.81 57.72 31.82
N ILE D 215 -42.39 57.15 32.94
CA ILE D 215 -41.04 57.35 33.47
C ILE D 215 -40.45 55.97 33.75
N GLU D 216 -39.16 55.82 33.45
CA GLU D 216 -38.51 54.51 33.44
C GLU D 216 -37.23 54.52 34.28
N LEU D 217 -37.33 54.98 35.52
CA LEU D 217 -36.21 54.91 36.46
C LEU D 217 -35.59 53.53 36.47
N ALA D 218 -34.27 53.48 36.31
CA ALA D 218 -33.55 52.21 36.31
C ALA D 218 -32.11 52.50 36.71
N THR D 219 -31.71 52.04 37.89
CA THR D 219 -30.40 52.33 38.44
C THR D 219 -29.61 51.06 38.66
N VAL D 220 -28.29 51.20 38.70
CA VAL D 220 -27.37 50.09 38.94
C VAL D 220 -26.51 50.45 40.14
N GLN D 221 -26.38 49.52 41.07
CA GLN D 221 -25.63 49.69 42.30
C GLN D 221 -24.30 48.96 42.22
N PRO D 222 -23.31 49.34 43.03
CA PRO D 222 -22.02 48.64 43.01
C PRO D 222 -22.13 47.15 43.32
N GLY D 223 -23.08 46.77 44.19
CA GLY D 223 -23.25 45.37 44.52
C GLY D 223 -24.21 44.65 43.60
N GLN D 224 -25.41 45.20 43.44
CA GLN D 224 -26.44 44.53 42.65
C GLN D 224 -26.20 44.73 41.16
N ASN D 225 -26.86 43.88 40.37
CA ASN D 225 -26.84 43.98 38.92
C ASN D 225 -27.86 45.04 38.48
N PHE D 226 -28.18 45.06 37.19
CA PHE D 226 -29.20 45.97 36.68
C PHE D 226 -30.53 45.74 37.38
N HIS D 227 -31.15 46.83 37.83
CA HIS D 227 -32.42 46.78 38.52
C HIS D 227 -33.35 47.83 37.92
N MET D 228 -34.41 47.38 37.26
CA MET D 228 -35.38 48.27 36.64
C MET D 228 -36.55 48.46 37.58
N PHE D 229 -36.81 49.70 37.99
CA PHE D 229 -37.90 49.98 38.91
C PHE D 229 -39.24 49.63 38.27
N THR D 230 -40.11 49.02 39.05
CA THR D 230 -41.43 48.64 38.61
C THR D 230 -42.46 49.68 39.06
N LYS D 231 -43.70 49.52 38.55
CA LYS D 231 -44.74 50.51 38.83
C LYS D 231 -45.02 50.60 40.33
N GLU D 232 -45.16 49.45 41.00
CA GLU D 232 -45.42 49.47 42.43
C GLU D 232 -44.25 50.07 43.20
N GLU D 233 -43.02 49.70 42.83
CA GLU D 233 -41.86 50.26 43.51
C GLU D 233 -41.74 51.76 43.25
N LEU D 234 -41.95 52.18 42.01
CA LEU D 234 -41.81 53.59 41.67
C LEU D 234 -42.94 54.44 42.25
N GLU D 235 -44.08 53.84 42.56
CA GLU D 235 -45.19 54.60 43.14
C GLU D 235 -44.80 55.18 44.49
N GLU D 236 -44.00 54.46 45.27
CA GLU D 236 -43.60 54.95 46.58
C GLU D 236 -42.78 56.23 46.47
N VAL D 237 -41.87 56.30 45.50
CA VAL D 237 -41.00 57.47 45.37
C VAL D 237 -41.69 58.59 44.57
N ILE D 238 -42.65 58.25 43.72
CA ILE D 238 -43.34 59.27 42.94
C ILE D 238 -44.34 60.07 43.76
N LYS D 239 -44.67 59.60 44.96
CA LYS D 239 -45.62 60.33 45.81
C LYS D 239 -45.10 61.70 46.19
N ASP D 240 -43.81 61.79 46.52
CA ASP D 240 -43.21 63.06 46.90
C ASP D 240 -42.51 63.72 45.71
N MET E 1 -15.97 85.73 -6.08
CA MET E 1 -17.19 84.94 -6.08
C MET E 1 -17.25 83.98 -7.27
N PHE E 2 -16.19 83.98 -8.08
CA PHE E 2 -16.06 83.03 -9.17
C PHE E 2 -15.49 81.71 -8.68
N ARG E 3 -16.11 81.11 -7.66
CA ARG E 3 -15.62 79.87 -7.11
C ARG E 3 -16.72 78.87 -6.74
N ASN E 4 -17.99 79.22 -6.94
CA ASN E 4 -19.07 78.32 -6.53
C ASN E 4 -19.04 77.02 -7.31
N GLN E 5 -18.70 77.08 -8.59
CA GLN E 5 -18.71 75.89 -9.43
C GLN E 5 -17.42 75.07 -9.31
N TYR E 6 -16.38 75.61 -8.69
CA TYR E 6 -15.08 74.96 -8.65
C TYR E 6 -14.67 74.50 -7.26
N ASP E 7 -15.58 74.53 -6.28
CA ASP E 7 -15.25 74.08 -4.93
C ASP E 7 -16.22 73.01 -4.40
N ASN E 8 -17.25 72.65 -5.15
CA ASN E 8 -18.20 71.65 -4.66
C ASN E 8 -17.54 70.28 -4.54
N ASP E 9 -16.46 70.04 -5.29
CA ASP E 9 -15.74 68.77 -5.20
C ASP E 9 -14.26 69.02 -5.01
N VAL E 10 -13.45 67.95 -5.07
CA VAL E 10 -12.02 68.04 -4.80
C VAL E 10 -11.19 67.75 -6.05
N THR E 11 -11.78 67.18 -7.10
CA THR E 11 -11.03 66.77 -8.29
C THR E 11 -11.18 67.76 -9.43
N VAL E 12 -11.22 69.05 -9.13
CA VAL E 12 -11.34 70.10 -10.14
C VAL E 12 -10.31 71.18 -9.85
N TRP E 13 -9.74 71.75 -10.92
CA TRP E 13 -8.73 72.78 -10.80
C TRP E 13 -9.34 74.14 -11.14
N SER E 14 -9.09 75.13 -10.28
CA SER E 14 -9.54 76.48 -10.54
C SER E 14 -8.77 77.08 -11.72
N PRO E 15 -9.31 78.11 -12.37
CA PRO E 15 -8.56 78.74 -13.46
C PRO E 15 -7.21 79.29 -13.04
N GLN E 16 -7.10 79.85 -11.84
CA GLN E 16 -5.79 80.18 -11.30
C GLN E 16 -4.98 78.91 -11.09
N GLY E 17 -5.62 77.88 -10.56
CA GLY E 17 -5.01 76.58 -10.33
C GLY E 17 -4.64 76.39 -8.87
N ARG E 18 -5.55 75.79 -8.12
CA ARG E 18 -5.35 75.41 -6.73
C ARG E 18 -6.57 74.64 -6.28
N ILE E 19 -6.34 73.55 -5.54
CA ILE E 19 -7.46 72.78 -4.99
C ILE E 19 -8.02 73.54 -3.80
N HIS E 20 -9.28 73.95 -3.89
CA HIS E 20 -9.87 74.75 -2.82
C HIS E 20 -10.19 73.91 -1.60
N GLN E 21 -10.47 72.62 -1.78
CA GLN E 21 -10.78 71.77 -0.64
C GLN E 21 -9.59 71.65 0.30
N ILE E 22 -8.37 71.59 -0.25
CA ILE E 22 -7.18 71.51 0.58
C ILE E 22 -7.04 72.77 1.44
N GLU E 23 -7.25 73.94 0.83
CA GLU E 23 -7.18 75.18 1.60
C GLU E 23 -8.26 75.23 2.66
N TYR E 24 -9.47 74.76 2.33
CA TYR E 24 -10.54 74.75 3.31
C TYR E 24 -10.23 73.82 4.48
N ALA E 25 -9.63 72.66 4.20
CA ALA E 25 -9.26 71.75 5.28
C ALA E 25 -8.14 72.33 6.14
N MET E 26 -7.17 72.99 5.51
CA MET E 26 -6.11 73.64 6.29
C MET E 26 -6.66 74.76 7.15
N GLU E 27 -7.71 75.45 6.69
CA GLU E 27 -8.37 76.42 7.54
C GLU E 27 -9.17 75.74 8.66
N ALA E 28 -9.76 74.58 8.36
CA ALA E 28 -10.56 73.87 9.35
C ALA E 28 -9.73 73.34 10.50
N VAL E 29 -8.51 72.89 10.22
CA VAL E 29 -7.67 72.30 11.26
C VAL E 29 -7.37 73.27 12.39
N LYS E 30 -7.62 74.56 12.19
CA LYS E 30 -7.35 75.58 13.21
C LYS E 30 -8.39 75.60 14.32
N GLN E 31 -9.35 74.68 14.33
CA GLN E 31 -10.36 74.60 15.36
C GLN E 31 -9.93 73.56 16.38
N GLY E 32 -9.57 74.02 17.59
CA GLY E 32 -9.10 73.11 18.62
C GLY E 32 -8.38 73.83 19.75
N SER E 33 -7.20 73.35 20.09
CA SER E 33 -6.41 73.92 21.17
C SER E 33 -4.93 73.92 20.79
N ALA E 34 -4.19 74.83 21.39
CA ALA E 34 -2.77 74.95 21.10
C ALA E 34 -2.01 73.72 21.61
N THR E 35 -0.86 73.46 20.98
CA THR E 35 -0.04 72.31 21.36
C THR E 35 1.41 72.63 20.97
N VAL E 36 2.22 72.95 21.97
CA VAL E 36 3.63 73.22 21.72
C VAL E 36 4.38 71.90 21.57
N GLY E 37 5.46 71.93 20.80
CA GLY E 37 6.19 70.71 20.46
C GLY E 37 7.69 70.77 20.65
N LEU E 38 8.14 71.41 21.74
CA LEU E 38 9.57 71.63 21.97
C LEU E 38 10.41 70.35 21.93
N LYS E 39 11.71 70.51 21.75
CA LYS E 39 12.65 69.40 21.73
C LYS E 39 13.98 69.86 22.30
N SER E 40 14.79 68.90 22.71
CA SER E 40 16.10 69.17 23.30
C SER E 40 17.09 68.15 22.77
N LYS E 41 18.28 68.12 23.37
CA LYS E 41 19.30 67.17 22.95
C LYS E 41 19.00 65.75 23.43
N THR E 42 18.34 65.61 24.58
CA THR E 42 18.06 64.30 25.16
C THR E 42 16.58 63.98 25.30
N HIS E 43 15.72 64.99 25.43
CA HIS E 43 14.30 64.76 25.65
C HIS E 43 13.49 65.64 24.70
N ALA E 44 12.27 65.19 24.40
CA ALA E 44 11.35 65.89 23.51
C ALA E 44 10.01 66.03 24.22
N VAL E 45 9.84 67.11 24.98
CA VAL E 45 8.59 67.34 25.69
C VAL E 45 7.50 67.68 24.69
N LEU E 46 6.26 67.34 25.04
CA LEU E 46 5.10 67.59 24.19
C LEU E 46 3.95 68.05 25.09
N VAL E 47 3.82 69.36 25.24
CA VAL E 47 2.82 69.95 26.12
C VAL E 47 1.63 70.38 25.27
N ALA E 48 0.43 70.03 25.72
CA ALA E 48 -0.80 70.35 25.02
C ALA E 48 -1.75 71.12 25.94
N LEU E 49 -2.95 71.38 25.44
CA LEU E 49 -3.99 72.05 26.20
C LEU E 49 -5.30 71.29 26.01
N LYS E 50 -6.20 71.44 26.98
CA LYS E 50 -7.46 70.74 26.97
C LYS E 50 -8.61 71.74 27.16
N ARG E 51 -9.67 71.55 26.40
CA ARG E 51 -10.85 72.39 26.51
C ARG E 51 -11.79 71.80 27.56
N ALA E 52 -13.01 72.32 27.63
CA ALA E 52 -13.99 71.83 28.60
C ALA E 52 -15.38 72.00 27.99
N GLN E 53 -16.10 70.89 27.83
CA GLN E 53 -17.47 70.96 27.35
C GLN E 53 -18.35 71.73 28.32
N SER E 54 -18.18 71.47 29.62
CA SER E 54 -18.91 72.18 30.67
C SER E 54 -18.20 71.93 31.99
N GLU E 55 -18.61 72.70 33.00
CA GLU E 55 -18.03 72.52 34.32
C GLU E 55 -18.33 71.14 34.90
N LEU E 56 -19.50 70.58 34.57
CA LEU E 56 -19.87 69.27 35.08
C LEU E 56 -19.13 68.15 34.37
N ALA E 57 -18.93 68.28 33.05
CA ALA E 57 -18.38 67.20 32.25
C ALA E 57 -16.87 67.11 32.46
N ALA E 58 -16.23 66.22 31.70
CA ALA E 58 -14.78 66.03 31.74
C ALA E 58 -14.18 66.42 30.40
N HIS E 59 -12.87 66.61 30.40
CA HIS E 59 -12.17 67.13 29.23
C HIS E 59 -11.82 66.01 28.25
N GLN E 60 -11.43 66.43 27.04
CA GLN E 60 -11.06 65.52 25.98
C GLN E 60 -9.63 65.02 26.17
N LYS E 61 -9.27 63.99 25.40
CA LYS E 61 -7.93 63.43 25.41
C LYS E 61 -7.15 64.02 24.23
N LYS E 62 -6.01 64.63 24.53
CA LYS E 62 -5.19 65.27 23.50
C LYS E 62 -3.81 64.67 23.33
N ILE E 63 -3.41 63.75 24.20
CA ILE E 63 -2.10 63.11 24.12
C ILE E 63 -2.34 61.60 24.13
N LEU E 64 -2.39 60.99 22.96
CA LEU E 64 -2.64 59.56 22.85
C LEU E 64 -1.35 58.79 23.11
N HIS E 65 -1.38 57.50 22.82
CA HIS E 65 -0.21 56.64 22.97
C HIS E 65 -0.08 55.76 21.75
N VAL E 66 1.15 55.54 21.30
CA VAL E 66 1.43 54.77 20.09
C VAL E 66 2.29 53.55 20.39
N ASP E 67 3.42 53.75 21.06
CA ASP E 67 4.32 52.66 21.40
C ASP E 67 5.25 53.14 22.51
N ASN E 68 6.24 52.30 22.84
CA ASN E 68 7.15 52.60 23.93
C ASN E 68 8.12 53.74 23.62
N HIS E 69 8.23 54.16 22.35
CA HIS E 69 9.22 55.17 21.97
C HIS E 69 8.63 56.25 21.08
N ILE E 70 7.30 56.40 21.06
CA ILE E 70 6.66 57.39 20.20
C ILE E 70 5.29 57.75 20.74
N GLY E 71 4.98 59.04 20.77
CA GLY E 71 3.69 59.51 21.25
C GLY E 71 3.20 60.73 20.50
N ILE E 72 1.98 60.66 19.98
CA ILE E 72 1.45 61.71 19.13
C ILE E 72 0.49 62.59 19.92
N SER E 73 0.35 63.82 19.46
CA SER E 73 -0.68 64.73 19.93
C SER E 73 -1.80 64.77 18.91
N ILE E 74 -2.75 65.69 19.09
CA ILE E 74 -3.88 65.82 18.18
C ILE E 74 -4.39 67.25 18.20
N ALA E 75 -4.95 67.68 17.08
CA ALA E 75 -5.51 69.02 16.96
C ALA E 75 -6.45 69.05 15.76
N GLY E 76 -7.69 69.48 15.98
CA GLY E 76 -8.66 69.54 14.91
C GLY E 76 -9.80 68.56 15.08
N LEU E 77 -10.19 67.90 14.00
CA LEU E 77 -11.25 66.90 14.07
C LEU E 77 -10.84 65.74 14.96
N THR E 78 -11.73 65.35 15.86
CA THR E 78 -11.49 64.18 16.71
C THR E 78 -12.03 62.90 16.08
N ALA E 79 -12.66 62.99 14.92
CA ALA E 79 -13.19 61.80 14.27
C ALA E 79 -12.08 60.98 13.62
N ASP E 80 -11.33 61.59 12.69
CA ASP E 80 -10.27 60.88 11.99
C ASP E 80 -9.04 60.63 12.86
N ALA E 81 -8.96 61.25 14.04
CA ALA E 81 -7.81 61.05 14.90
C ALA E 81 -7.65 59.57 15.26
N ARG E 82 -8.72 58.94 15.74
CA ARG E 82 -8.64 57.52 16.07
C ARG E 82 -8.45 56.66 14.83
N LEU E 83 -9.12 57.01 13.74
CA LEU E 83 -8.98 56.24 12.50
C LEU E 83 -7.55 56.26 11.98
N LEU E 84 -6.80 57.31 12.29
CA LEU E 84 -5.40 57.39 11.85
C LEU E 84 -4.45 56.78 12.88
N CYS E 85 -4.73 56.96 14.17
CA CYS E 85 -3.89 56.33 15.18
C CYS E 85 -3.99 54.82 15.14
N ASN E 86 -5.11 54.27 14.67
CA ASN E 86 -5.19 52.82 14.46
C ASN E 86 -4.13 52.37 13.45
N PHE E 87 -4.01 53.10 12.34
CA PHE E 87 -3.01 52.78 11.33
C PHE E 87 -1.60 52.95 11.90
N MET E 88 -1.37 54.03 12.64
CA MET E 88 -0.14 54.21 13.40
C MET E 88 0.22 52.94 14.17
N ARG E 89 -0.67 52.52 15.06
CA ARG E 89 -0.39 51.41 15.95
C ARG E 89 -0.17 50.12 15.16
N GLN E 90 -0.99 49.89 14.13
CA GLN E 90 -0.85 48.65 13.35
C GLN E 90 0.49 48.59 12.65
N GLU E 91 0.93 49.69 12.04
CA GLU E 91 2.23 49.69 11.38
C GLU E 91 3.36 49.48 12.37
N CYS E 92 3.30 50.14 13.53
CA CYS E 92 4.36 49.96 14.51
C CYS E 92 4.41 48.51 14.99
N LEU E 93 3.25 47.91 15.25
CA LEU E 93 3.20 46.52 15.70
C LEU E 93 3.73 45.57 14.64
N ASP E 94 3.37 45.80 13.38
CA ASP E 94 3.88 44.94 12.32
C ASP E 94 5.39 45.05 12.19
N SER E 95 5.92 46.28 12.29
CA SER E 95 7.36 46.45 12.22
C SER E 95 8.07 45.79 13.39
N ARG E 96 7.44 45.77 14.57
CA ARG E 96 8.05 45.08 15.70
C ARG E 96 7.93 43.57 15.56
N PHE E 97 6.90 43.07 14.89
CA PHE E 97 6.70 41.62 14.80
C PHE E 97 7.58 41.00 13.72
N VAL E 98 7.63 41.61 12.53
CA VAL E 98 8.39 41.03 11.43
C VAL E 98 9.89 41.12 11.72
N PHE E 99 10.40 42.34 11.86
CA PHE E 99 11.77 42.55 12.28
C PHE E 99 11.83 42.50 13.80
N ASP E 100 12.93 42.97 14.39
CA ASP E 100 13.06 43.01 15.83
C ASP E 100 13.70 44.32 16.27
N ARG E 101 13.31 45.42 15.64
CA ARG E 101 13.81 46.73 15.99
C ARG E 101 12.65 47.72 15.99
N PRO E 102 12.71 48.75 16.83
CA PRO E 102 11.66 49.78 16.78
C PRO E 102 11.64 50.47 15.43
N LEU E 103 10.44 50.76 14.95
CA LEU E 103 10.29 51.40 13.65
C LEU E 103 10.73 52.85 13.74
N PRO E 104 11.69 53.28 12.93
CA PRO E 104 12.13 54.67 13.00
C PRO E 104 11.03 55.63 12.56
N VAL E 105 11.08 56.84 13.13
CA VAL E 105 10.07 57.84 12.84
C VAL E 105 10.11 58.26 11.38
N SER E 106 11.31 58.32 10.80
CA SER E 106 11.47 58.84 9.45
C SER E 106 10.75 58.00 8.40
N ARG E 107 10.53 56.71 8.66
CA ARG E 107 9.77 55.89 7.72
C ARG E 107 8.29 55.88 8.06
N LEU E 108 7.97 55.91 9.36
CA LEU E 108 6.58 55.95 9.80
C LEU E 108 5.85 57.19 9.28
N VAL E 109 6.49 58.35 9.39
CA VAL E 109 5.85 59.57 8.95
C VAL E 109 5.67 59.57 7.44
N SER E 110 6.64 59.04 6.70
CA SER E 110 6.49 58.93 5.26
C SER E 110 5.33 58.01 4.90
N LEU E 111 5.18 56.89 5.62
CA LEU E 111 4.06 56.00 5.37
C LEU E 111 2.72 56.69 5.65
N ILE E 112 2.66 57.46 6.75
CA ILE E 112 1.43 58.18 7.07
C ILE E 112 1.09 59.18 5.98
N GLY E 113 2.09 59.92 5.50
CA GLY E 113 1.85 60.84 4.41
C GLY E 113 1.39 60.16 3.15
N SER E 114 2.00 59.01 2.83
CA SER E 114 1.59 58.25 1.65
C SER E 114 0.14 57.80 1.77
N LYS E 115 -0.27 57.35 2.96
CA LYS E 115 -1.65 56.94 3.15
C LYS E 115 -2.60 58.13 3.00
N THR E 116 -2.26 59.27 3.62
CA THR E 116 -3.13 60.44 3.56
C THR E 116 -3.15 61.09 2.18
N GLN E 117 -2.19 60.77 1.31
CA GLN E 117 -2.20 61.32 -0.04
C GLN E 117 -3.29 60.71 -0.93
N ILE E 118 -3.73 59.49 -0.62
CA ILE E 118 -4.71 58.82 -1.48
C ILE E 118 -6.04 59.55 -1.55
N PRO E 119 -6.68 59.93 -0.43
CA PRO E 119 -8.04 60.49 -0.54
C PRO E 119 -8.12 61.82 -1.28
N THR E 120 -7.02 62.54 -1.44
CA THR E 120 -7.09 63.85 -2.08
C THR E 120 -7.18 63.76 -3.60
N GLN E 121 -7.19 62.56 -4.17
CA GLN E 121 -7.23 62.38 -5.62
C GLN E 121 -8.49 61.71 -6.10
N ARG E 122 -8.85 60.56 -5.53
CA ARG E 122 -10.04 59.85 -5.97
C ARG E 122 -11.31 60.63 -5.63
N TYR E 123 -12.35 60.39 -6.42
CA TYR E 123 -13.62 61.05 -6.20
C TYR E 123 -14.33 60.50 -4.98
N GLY E 124 -15.30 61.26 -4.48
CA GLY E 124 -16.15 60.79 -3.41
C GLY E 124 -15.48 60.64 -2.06
N ARG E 125 -14.31 61.24 -1.88
CA ARG E 125 -13.61 61.19 -0.60
C ARG E 125 -13.11 62.57 -0.25
N ARG E 126 -12.85 62.79 1.03
CA ARG E 126 -12.47 64.08 1.55
C ARG E 126 -11.16 63.99 2.31
N PRO E 127 -10.38 65.07 2.33
CA PRO E 127 -9.10 65.04 3.06
C PRO E 127 -9.33 64.97 4.56
N TYR E 128 -8.32 64.44 5.25
CA TYR E 128 -8.40 64.32 6.70
C TYR E 128 -8.23 65.70 7.34
N GLY E 129 -8.62 65.78 8.61
CA GLY E 129 -8.60 67.04 9.32
C GLY E 129 -7.79 67.03 10.61
N VAL E 130 -6.64 66.39 10.61
CA VAL E 130 -5.83 66.26 11.81
C VAL E 130 -4.64 67.21 11.73
N GLY E 131 -4.02 67.45 12.88
CA GLY E 131 -2.88 68.34 12.99
C GLY E 131 -1.73 67.72 13.76
N LEU E 132 -1.47 66.44 13.50
CA LEU E 132 -0.59 65.63 14.33
C LEU E 132 0.76 66.31 14.57
N LEU E 133 1.33 66.03 15.74
CA LEU E 133 2.64 66.52 16.17
C LEU E 133 3.49 65.37 16.67
N ILE E 134 3.59 64.32 15.86
CA ILE E 134 4.32 63.10 16.16
C ILE E 134 5.67 63.40 16.78
N ALA E 135 5.96 62.79 17.93
CA ALA E 135 7.21 62.99 18.64
C ALA E 135 7.72 61.67 19.15
N GLY E 136 9.04 61.56 19.26
CA GLY E 136 9.66 60.33 19.73
C GLY E 136 11.11 60.20 19.35
N TYR E 137 11.90 59.57 20.22
CA TYR E 137 13.33 59.38 20.02
C TYR E 137 13.60 57.90 19.78
N ASP E 138 14.24 57.57 18.66
CA ASP E 138 14.53 56.17 18.35
C ASP E 138 16.02 55.87 18.33
N ASP E 139 16.79 56.50 17.45
CA ASP E 139 18.22 56.14 17.35
C ASP E 139 19.18 57.30 17.11
N MET E 140 18.73 58.47 16.67
CA MET E 140 19.64 59.54 16.27
C MET E 140 19.15 60.87 16.82
N GLY E 141 18.74 60.88 18.08
CA GLY E 141 18.22 62.06 18.69
C GLY E 141 16.73 62.20 18.45
N PRO E 142 16.04 62.86 19.38
CA PRO E 142 14.59 63.01 19.25
C PRO E 142 14.21 63.83 18.03
N HIS E 143 13.03 63.54 17.49
CA HIS E 143 12.52 64.23 16.32
C HIS E 143 11.14 64.80 16.61
N ILE E 144 10.78 65.86 15.88
CA ILE E 144 9.49 66.51 16.00
C ILE E 144 8.98 66.72 14.59
N PHE E 145 8.08 65.85 14.14
CA PHE E 145 7.53 65.92 12.79
C PHE E 145 6.07 66.36 12.85
N GLN E 146 5.72 67.34 12.02
CA GLN E 146 4.37 67.88 11.93
C GLN E 146 3.66 67.29 10.72
N THR E 147 2.34 67.18 10.83
CA THR E 147 1.50 66.71 9.74
C THR E 147 0.37 67.71 9.50
N CYS E 148 0.07 67.96 8.24
CA CYS E 148 -0.94 68.91 7.80
C CYS E 148 -2.14 68.18 7.21
N PRO E 149 -3.28 68.87 7.04
CA PRO E 149 -4.42 68.23 6.36
C PRO E 149 -4.08 67.71 4.98
N SER E 150 -3.27 68.44 4.23
CA SER E 150 -2.70 67.90 3.00
C SER E 150 -1.51 67.02 3.36
N ALA E 151 -1.26 66.01 2.51
CA ALA E 151 -0.18 65.08 2.79
C ALA E 151 1.17 65.73 2.54
N ASN E 152 1.50 66.75 3.33
CA ASN E 152 2.76 67.49 3.19
C ASN E 152 3.31 67.67 4.61
N TYR E 153 4.11 66.71 5.05
CA TYR E 153 4.68 66.75 6.39
C TYR E 153 5.96 67.57 6.41
N PHE E 154 6.20 68.23 7.54
CA PHE E 154 7.40 69.02 7.73
C PHE E 154 8.24 68.42 8.85
N ASP E 155 9.56 68.53 8.71
CA ASP E 155 10.43 68.40 9.85
C ASP E 155 10.39 69.70 10.66
N CYS E 156 10.75 69.60 11.93
CA CYS E 156 10.64 70.78 12.78
C CYS E 156 11.56 70.66 13.98
N ARG E 157 11.78 71.80 14.63
CA ARG E 157 12.45 71.89 15.91
C ARG E 157 11.52 72.28 17.04
N ALA E 158 10.59 73.20 16.80
CA ALA E 158 9.57 73.57 17.77
C ALA E 158 8.46 74.38 17.11
N MET E 159 7.21 73.97 17.25
CA MET E 159 6.09 74.71 16.68
C MET E 159 4.81 74.34 17.42
N SER E 160 3.78 75.13 17.20
CA SER E 160 2.54 75.07 17.98
C SER E 160 1.31 75.12 17.08
N ILE E 161 1.25 74.22 16.10
CA ILE E 161 0.09 74.15 15.23
C ILE E 161 -1.17 73.88 16.05
N GLY E 162 -2.29 74.46 15.61
CA GLY E 162 -3.56 74.27 16.28
C GLY E 162 -4.45 75.51 16.31
N ALA E 163 -4.84 75.91 17.52
CA ALA E 163 -5.71 77.07 17.70
C ALA E 163 -4.91 78.36 17.57
N ARG E 164 -5.47 79.47 18.05
CA ARG E 164 -4.74 80.75 18.00
C ARG E 164 -3.36 80.58 18.60
N SER E 165 -2.32 80.65 17.75
CA SER E 165 -0.98 80.32 18.19
C SER E 165 0.12 81.17 17.57
N GLN E 166 -0.20 82.22 16.81
CA GLN E 166 0.86 83.01 16.19
C GLN E 166 1.74 83.67 17.25
N SER E 167 1.13 84.16 18.33
CA SER E 167 1.92 84.67 19.45
C SER E 167 2.79 83.58 20.06
N ALA E 168 2.27 82.34 20.10
CA ALA E 168 3.08 81.22 20.57
C ALA E 168 4.28 81.00 19.65
N ARG E 169 4.06 81.10 18.34
CA ARG E 169 5.19 80.98 17.41
C ARG E 169 6.21 82.08 17.63
N THR E 170 5.76 83.31 17.84
CA THR E 170 6.70 84.41 18.07
C THR E 170 7.51 84.18 19.33
N TYR E 171 6.86 83.77 20.42
CA TYR E 171 7.59 83.50 21.65
C TYR E 171 8.57 82.34 21.46
N LEU E 172 8.13 81.29 20.78
CA LEU E 172 8.99 80.13 20.56
C LEU E 172 10.18 80.46 19.68
N GLU E 173 10.03 81.41 18.76
CA GLU E 173 11.14 81.84 17.92
C GLU E 173 12.09 82.79 18.64
N ARG E 174 11.56 83.61 19.56
CA ARG E 174 12.41 84.54 20.28
C ARG E 174 13.45 83.81 21.13
N HIS E 175 13.03 82.76 21.82
CA HIS E 175 13.91 82.04 22.75
C HIS E 175 14.43 80.73 22.17
N MET E 176 14.57 80.64 20.85
CA MET E 176 15.00 79.41 20.21
C MET E 176 16.53 79.35 20.15
N SER E 177 17.16 79.49 21.31
CA SER E 177 18.60 79.35 21.42
C SER E 177 19.02 78.41 22.55
N GLU E 178 18.30 78.42 23.67
CA GLU E 178 18.67 77.63 24.83
C GLU E 178 18.16 76.20 24.76
N PHE E 179 17.32 75.86 23.78
CA PHE E 179 16.72 74.53 23.72
C PHE E 179 17.71 73.45 23.32
N MET E 180 19.00 73.73 23.20
CA MET E 180 19.97 72.70 22.83
C MET E 180 20.74 72.13 24.01
N GLU E 181 20.77 72.82 25.15
CA GLU E 181 21.47 72.30 26.33
C GLU E 181 20.71 72.77 27.57
N CYS E 182 19.76 71.95 28.01
CA CYS E 182 19.00 72.18 29.22
C CYS E 182 18.53 70.84 29.78
N ASN E 183 18.24 70.83 31.07
CA ASN E 183 17.67 69.65 31.71
C ASN E 183 16.18 69.54 31.39
N LEU E 184 15.56 68.49 31.90
CA LEU E 184 14.13 68.28 31.64
C LEU E 184 13.29 69.40 32.23
N ASN E 185 13.60 69.81 33.46
CA ASN E 185 12.76 70.79 34.14
C ASN E 185 12.75 72.13 33.41
N GLU E 186 13.92 72.61 32.97
CA GLU E 186 13.97 73.89 32.27
C GLU E 186 13.22 73.83 30.94
N LEU E 187 13.36 72.72 30.22
CA LEU E 187 12.64 72.57 28.95
C LEU E 187 11.13 72.56 29.17
N VAL E 188 10.67 71.87 30.21
CA VAL E 188 9.24 71.85 30.51
C VAL E 188 8.76 73.24 30.92
N LYS E 189 9.57 73.97 31.70
CA LYS E 189 9.20 75.33 32.07
C LYS E 189 9.06 76.21 30.82
N HIS E 190 10.00 76.07 29.88
CA HIS E 190 9.91 76.85 28.64
C HIS E 190 8.66 76.47 27.85
N GLY E 191 8.34 75.18 27.79
CA GLY E 191 7.14 74.77 27.07
C GLY E 191 5.88 75.34 27.67
N LEU E 192 5.75 75.27 29.00
CA LEU E 192 4.57 75.81 29.66
C LEU E 192 4.49 77.33 29.51
N ARG E 193 5.63 78.02 29.59
CA ARG E 193 5.64 79.46 29.39
C ARG E 193 5.20 79.81 27.97
N ALA E 194 5.65 79.04 26.99
CA ALA E 194 5.24 79.28 25.61
C ALA E 194 3.73 79.04 25.44
N LEU E 195 3.21 77.99 26.08
CA LEU E 195 1.78 77.73 25.98
C LEU E 195 0.95 78.82 26.67
N ARG E 196 1.47 79.40 27.74
CA ARG E 196 0.72 80.39 28.49
C ARG E 196 0.36 81.60 27.63
N GLU E 197 1.16 81.90 26.61
CA GLU E 197 0.86 83.04 25.75
C GLU E 197 -0.43 82.82 24.97
N THR E 198 -0.70 81.58 24.57
CA THR E 198 -1.94 81.29 23.85
C THR E 198 -3.17 81.59 24.69
N LEU E 199 -3.12 81.20 25.96
CA LEU E 199 -4.29 81.37 26.83
C LEU E 199 -4.60 82.85 26.99
N PRO E 200 -5.88 83.24 26.92
CA PRO E 200 -6.23 84.66 27.02
C PRO E 200 -5.82 85.26 28.35
N ALA E 201 -5.92 86.60 28.41
CA ALA E 201 -5.47 87.34 29.58
C ALA E 201 -6.36 87.04 30.79
N GLU E 202 -5.78 87.25 31.98
CA GLU E 202 -6.46 86.99 33.25
C GLU E 202 -6.93 85.54 33.35
N GLN E 203 -6.12 84.63 32.82
CA GLN E 203 -6.41 83.20 32.86
C GLN E 203 -5.11 82.46 33.14
N ASP E 204 -5.14 81.58 34.13
CA ASP E 204 -3.97 80.79 34.49
C ASP E 204 -4.17 79.32 34.14
N LEU E 205 -3.07 78.58 34.13
CA LEU E 205 -3.10 77.14 33.82
C LEU E 205 -3.39 76.39 35.10
N THR E 206 -4.57 75.75 35.16
CA THR E 206 -4.93 74.95 36.32
C THR E 206 -4.30 73.57 36.20
N THR E 207 -4.61 72.69 37.14
CA THR E 207 -4.13 71.31 37.10
C THR E 207 -4.89 70.46 36.10
N LYS E 208 -6.09 70.87 35.70
CA LYS E 208 -6.97 70.04 34.88
C LYS E 208 -6.98 70.44 33.41
N ASN E 209 -6.02 71.26 32.96
CA ASN E 209 -6.01 71.66 31.56
C ASN E 209 -4.61 71.61 30.95
N VAL E 210 -3.75 70.73 31.46
CA VAL E 210 -2.43 70.49 30.90
C VAL E 210 -2.19 69.00 30.82
N SER E 211 -1.48 68.58 29.77
CA SER E 211 -1.27 67.16 29.49
C SER E 211 0.19 66.92 29.10
N ILE E 212 1.12 67.38 29.95
CA ILE E 212 2.55 67.23 29.67
C ILE E 212 2.88 65.77 29.43
N GLY E 213 3.56 65.50 28.32
CA GLY E 213 4.04 64.17 27.99
C GLY E 213 5.48 64.18 27.53
N ILE E 214 6.31 63.31 28.10
CA ILE E 214 7.75 63.38 27.93
C ILE E 214 8.27 62.02 27.47
N VAL E 215 9.11 62.03 26.42
CA VAL E 215 9.86 60.87 25.98
C VAL E 215 11.30 61.29 25.74
N GLY E 216 12.24 60.46 26.18
CA GLY E 216 13.66 60.83 26.15
C GLY E 216 14.57 59.64 25.97
N LYS E 217 15.66 59.62 26.72
CA LYS E 217 16.74 58.66 26.50
C LYS E 217 16.39 57.29 27.10
N ASP E 218 16.25 57.23 28.42
CA ASP E 218 16.10 55.95 29.12
C ASP E 218 14.72 55.75 29.72
N LEU E 219 13.74 56.56 29.34
CA LEU E 219 12.38 56.42 29.83
C LEU E 219 11.43 56.32 28.65
N GLU E 220 10.47 55.38 28.75
CA GLU E 220 9.49 55.21 27.70
C GLU E 220 8.46 56.34 27.75
N PHE E 221 7.70 56.47 26.66
CA PHE E 221 6.73 57.56 26.55
C PHE E 221 5.65 57.41 27.61
N THR E 222 5.56 58.40 28.48
CA THR E 222 4.58 58.41 29.57
C THR E 222 3.78 59.70 29.53
N ILE E 223 2.48 59.60 29.77
CA ILE E 223 1.59 60.74 29.80
C ILE E 223 1.29 61.10 31.24
N TYR E 224 1.32 62.40 31.55
CA TYR E 224 1.07 62.89 32.89
C TYR E 224 -0.23 63.67 32.93
N ASP E 225 -1.01 63.47 33.99
CA ASP E 225 -2.32 64.09 34.10
C ASP E 225 -2.68 64.19 35.57
N ASP E 226 -3.69 65.01 35.86
CA ASP E 226 -4.22 65.21 37.20
C ASP E 226 -3.11 65.82 38.07
N ASP E 227 -3.11 65.52 39.37
CA ASP E 227 -2.16 66.14 40.28
C ASP E 227 -0.71 65.77 39.96
N ASP E 228 -0.50 64.73 39.16
CA ASP E 228 0.86 64.31 38.82
C ASP E 228 1.63 65.38 38.06
N VAL E 229 0.93 66.31 37.38
CA VAL E 229 1.59 67.37 36.64
C VAL E 229 1.96 68.56 37.51
N SER E 230 1.60 68.53 38.79
CA SER E 230 1.91 69.66 39.67
C SER E 230 3.40 69.94 39.80
N PRO E 231 4.28 68.94 40.02
CA PRO E 231 5.70 69.28 40.20
C PRO E 231 6.31 70.04 39.03
N PHE E 232 5.90 69.75 37.80
CA PHE E 232 6.39 70.53 36.67
C PHE E 232 5.83 71.95 36.71
N LEU E 233 4.59 72.11 37.13
CA LEU E 233 3.91 73.40 37.13
C LEU E 233 3.99 74.02 38.52
N GLU E 234 5.22 74.36 38.92
CA GLU E 234 5.46 75.04 40.19
C GLU E 234 6.05 76.43 40.01
N GLY E 235 7.20 76.56 39.35
CA GLY E 235 7.84 77.85 39.26
C GLY E 235 7.12 78.83 38.35
N LEU E 236 7.21 78.61 37.03
CA LEU E 236 6.46 79.34 36.01
C LEU E 236 6.42 80.85 36.25
N GLU E 237 7.44 81.40 36.92
CA GLU E 237 7.39 82.77 37.41
C GLU E 237 6.04 83.07 38.07
N GLU E 238 5.48 84.24 37.80
CA GLU E 238 4.23 84.57 38.46
C GLU E 238 3.15 85.05 37.50
N ARG E 239 3.53 85.71 36.40
CA ARG E 239 2.56 86.21 35.42
C ARG E 239 3.31 86.65 34.16
N PRO E 240 2.69 86.56 32.99
CA PRO E 240 3.38 87.03 31.77
C PRO E 240 3.80 88.49 31.85
N GLN E 241 3.02 89.33 32.52
CA GLN E 241 3.38 90.74 32.68
C GLN E 241 3.11 91.20 34.12
N GLY F 1 -13.12 79.11 -22.93
CA GLY F 1 -14.25 78.23 -23.13
C GLY F 1 -14.82 77.68 -21.83
N THR F 2 -15.37 78.57 -21.01
CA THR F 2 -15.95 78.15 -19.74
C THR F 2 -17.22 77.34 -19.97
N GLY F 3 -17.42 76.33 -19.14
CA GLY F 3 -18.60 75.49 -19.24
C GLY F 3 -18.26 74.02 -19.41
N TYR F 4 -17.21 73.75 -20.19
CA TYR F 4 -16.74 72.38 -20.40
C TYR F 4 -15.53 72.03 -19.56
N ASP F 5 -15.09 72.95 -18.70
CA ASP F 5 -13.90 72.72 -17.88
C ASP F 5 -14.32 72.22 -16.49
N LEU F 6 -14.89 71.02 -16.47
CA LEU F 6 -15.32 70.40 -15.22
C LEU F 6 -14.95 68.93 -15.10
N SER F 7 -14.49 68.30 -16.16
CA SER F 7 -14.10 66.90 -16.10
C SER F 7 -13.08 66.63 -17.20
N ALA F 8 -12.20 65.66 -16.94
CA ALA F 8 -11.16 65.33 -17.91
C ALA F 8 -11.76 64.80 -19.21
N SER F 9 -12.79 63.96 -19.11
CA SER F 9 -13.41 63.36 -20.29
C SER F 9 -14.47 64.29 -20.87
N THR F 10 -14.01 65.47 -21.31
CA THR F 10 -14.89 66.45 -21.92
C THR F 10 -14.05 67.39 -22.77
N PHE F 11 -14.28 67.40 -24.08
CA PHE F 11 -13.52 68.24 -24.98
C PHE F 11 -14.10 69.65 -25.01
N SER F 12 -13.59 70.49 -25.90
CA SER F 12 -14.03 71.86 -26.10
C SER F 12 -14.28 72.09 -27.58
N PRO F 13 -15.17 73.02 -27.93
CA PRO F 13 -15.42 73.29 -29.36
C PRO F 13 -14.16 73.63 -30.14
N ASP F 14 -13.22 74.34 -29.53
CA ASP F 14 -11.93 74.57 -30.18
C ASP F 14 -11.16 73.26 -30.34
N GLY F 15 -11.18 72.42 -29.31
CA GLY F 15 -10.54 71.11 -29.39
C GLY F 15 -9.62 70.81 -28.22
N ARG F 16 -9.31 71.82 -27.41
CA ARG F 16 -8.39 71.65 -26.31
C ARG F 16 -9.09 71.03 -25.11
N VAL F 17 -8.28 70.45 -24.22
CA VAL F 17 -8.77 69.89 -22.96
C VAL F 17 -8.41 70.91 -21.88
N PHE F 18 -9.43 71.50 -21.25
CA PHE F 18 -9.19 72.64 -20.38
C PHE F 18 -8.63 72.24 -19.02
N GLN F 19 -9.00 71.07 -18.50
CA GLN F 19 -8.46 70.63 -17.21
C GLN F 19 -6.95 70.45 -17.30
N VAL F 20 -6.47 69.91 -18.42
CA VAL F 20 -5.03 69.73 -18.61
C VAL F 20 -4.32 71.07 -18.61
N GLU F 21 -4.89 72.06 -19.29
CA GLU F 21 -4.26 73.39 -19.33
C GLU F 21 -4.30 74.05 -17.96
N TYR F 22 -5.37 73.84 -17.20
CA TYR F 22 -5.43 74.35 -15.83
C TYR F 22 -4.34 73.72 -14.98
N ALA F 23 -4.13 72.41 -15.13
CA ALA F 23 -3.04 71.75 -14.41
C ALA F 23 -1.68 72.30 -14.86
N MET F 24 -1.54 72.56 -16.16
CA MET F 24 -0.33 73.18 -16.68
C MET F 24 -0.04 74.50 -15.96
N LYS F 25 -1.07 75.35 -15.86
CA LYS F 25 -0.88 76.66 -15.24
C LYS F 25 -0.66 76.54 -13.75
N ALA F 26 -1.24 75.53 -13.11
CA ALA F 26 -1.16 75.40 -11.66
C ALA F 26 0.23 75.07 -11.14
N VAL F 27 1.16 74.68 -12.01
CA VAL F 27 2.53 74.41 -11.56
C VAL F 27 3.37 75.68 -11.56
N GLU F 28 2.91 76.75 -12.18
CA GLU F 28 3.71 77.97 -12.27
C GLU F 28 3.93 78.60 -10.91
N ASN F 29 2.87 78.72 -10.11
CA ASN F 29 2.99 79.41 -8.82
C ASN F 29 3.73 78.55 -7.81
N SER F 30 5.04 78.42 -8.00
CA SER F 30 5.90 77.67 -7.10
C SER F 30 7.28 78.31 -7.14
N SER F 31 8.29 77.59 -6.66
CA SER F 31 9.66 78.08 -6.73
C SER F 31 10.23 77.77 -8.12
N THR F 32 11.54 77.90 -8.28
CA THR F 32 12.19 77.66 -9.55
C THR F 32 13.29 76.61 -9.39
N ALA F 33 13.59 75.93 -10.50
CA ALA F 33 14.62 74.90 -10.50
C ALA F 33 15.20 74.79 -11.90
N ILE F 34 16.51 74.57 -11.99
CA ILE F 34 17.20 74.43 -13.26
C ILE F 34 18.06 73.17 -13.21
N GLY F 35 18.46 72.71 -14.39
CA GLY F 35 19.31 71.54 -14.52
C GLY F 35 20.08 71.54 -15.82
N ILE F 36 21.40 71.36 -15.73
CA ILE F 36 22.29 71.44 -16.89
C ILE F 36 23.12 70.18 -16.95
N ARG F 37 23.43 69.73 -18.17
CA ARG F 37 24.33 68.62 -18.40
C ARG F 37 25.64 69.14 -19.00
N CYS F 38 26.75 68.71 -18.43
CA CYS F 38 28.06 69.05 -18.97
C CYS F 38 28.51 67.97 -19.93
N LYS F 39 29.79 67.98 -20.28
CA LYS F 39 30.33 66.96 -21.19
C LYS F 39 30.23 65.56 -20.57
N ASP F 40 30.47 65.45 -19.26
CA ASP F 40 30.50 64.15 -18.59
C ASP F 40 29.76 64.19 -17.27
N GLY F 41 28.57 64.80 -17.25
CA GLY F 41 27.77 64.81 -16.05
C GLY F 41 26.67 65.84 -16.13
N VAL F 42 25.80 65.80 -15.13
CA VAL F 42 24.70 66.74 -15.01
C VAL F 42 24.79 67.41 -13.63
N VAL F 43 23.92 68.40 -13.43
CA VAL F 43 23.85 69.10 -12.15
C VAL F 43 22.52 69.82 -12.10
N PHE F 44 21.98 69.98 -10.90
CA PHE F 44 20.72 70.71 -10.72
C PHE F 44 20.86 71.80 -9.67
N GLY F 45 19.74 72.41 -9.30
CA GLY F 45 19.73 73.43 -8.28
C GLY F 45 18.34 73.99 -8.08
N VAL F 46 17.92 74.12 -6.82
CA VAL F 46 16.57 74.56 -6.49
C VAL F 46 16.66 75.69 -5.48
N GLU F 47 15.84 76.73 -5.67
CA GLU F 47 15.72 77.80 -4.69
C GLU F 47 14.68 77.36 -3.67
N LYS F 48 15.15 76.80 -2.55
CA LYS F 48 14.25 76.34 -1.49
C LYS F 48 13.80 77.53 -0.68
N LEU F 49 12.52 77.88 -0.79
CA LEU F 49 11.96 79.01 -0.06
C LEU F 49 11.85 78.63 1.41
N VAL F 50 12.79 79.09 2.21
CA VAL F 50 12.83 78.73 3.62
C VAL F 50 11.79 79.54 4.37
N LEU F 51 10.93 78.84 5.13
CA LEU F 51 9.94 79.48 5.97
C LEU F 51 10.59 79.93 7.27
N SER F 52 9.78 80.29 8.27
CA SER F 52 10.29 80.77 9.55
C SER F 52 11.36 79.83 10.10
N LYS F 53 12.27 80.40 10.89
CA LYS F 53 13.49 79.70 11.31
C LYS F 53 13.20 78.54 12.26
N LEU F 54 11.93 78.23 12.50
CA LEU F 54 11.59 77.09 13.33
C LEU F 54 12.07 75.78 12.72
N TYR F 55 12.11 75.70 11.39
CA TYR F 55 12.62 74.51 10.72
C TYR F 55 14.14 74.50 10.73
N GLU F 56 14.73 73.55 10.01
CA GLU F 56 16.17 73.41 9.97
C GLU F 56 16.55 72.71 8.67
N GLU F 57 17.86 72.53 8.48
CA GLU F 57 18.35 71.82 7.30
C GLU F 57 17.86 70.38 7.32
N GLY F 58 17.71 69.81 6.13
CA GLY F 58 17.09 68.51 6.01
C GLY F 58 15.59 68.54 6.13
N SER F 59 14.96 69.68 5.86
CA SER F 59 13.52 69.80 5.88
C SER F 59 12.93 69.20 4.61
N ASN F 60 11.67 69.51 4.30
CA ASN F 60 11.08 69.04 3.05
C ASN F 60 11.96 69.37 1.85
N LYS F 61 12.52 68.34 1.24
CA LYS F 61 13.51 68.49 0.19
C LYS F 61 12.91 68.17 -1.17
N ARG F 62 13.57 68.67 -2.20
CA ARG F 62 13.12 68.50 -3.58
C ARG F 62 14.25 67.95 -4.43
N LEU F 63 15.05 67.07 -3.87
CA LEU F 63 16.15 66.42 -4.57
C LEU F 63 16.19 64.94 -4.25
N PHE F 64 15.03 64.29 -4.40
CA PHE F 64 14.91 62.88 -4.06
C PHE F 64 15.86 62.01 -4.91
N ASN F 65 16.00 60.76 -4.48
CA ASN F 65 16.74 59.76 -5.23
C ASN F 65 15.80 58.63 -5.60
N VAL F 66 16.05 58.01 -6.74
CA VAL F 66 15.17 56.96 -7.23
C VAL F 66 15.95 55.65 -7.35
N ASP F 67 17.25 55.75 -7.51
CA ASP F 67 18.12 54.58 -7.61
C ASP F 67 19.54 55.02 -7.28
N ARG F 68 20.48 54.09 -7.39
CA ARG F 68 21.88 54.40 -7.12
C ARG F 68 22.48 55.36 -8.12
N HIS F 69 21.82 55.59 -9.27
CA HIS F 69 22.42 56.43 -10.30
C HIS F 69 21.41 57.36 -10.98
N VAL F 70 20.23 57.58 -10.38
CA VAL F 70 19.24 58.50 -10.91
C VAL F 70 18.68 59.35 -9.78
N GLY F 71 18.11 60.49 -10.14
CA GLY F 71 17.48 61.36 -9.17
C GLY F 71 16.67 62.42 -9.87
N MET F 72 15.71 62.99 -9.13
CA MET F 72 14.81 63.99 -9.67
C MET F 72 15.00 65.33 -8.96
N ALA F 73 14.39 66.35 -9.56
CA ALA F 73 14.37 67.71 -9.00
C ALA F 73 12.97 68.29 -9.11
N VAL F 74 11.98 67.52 -8.65
CA VAL F 74 10.59 67.88 -8.82
C VAL F 74 10.29 69.25 -8.20
N ALA F 75 9.38 69.99 -8.82
CA ALA F 75 9.01 71.34 -8.36
C ALA F 75 7.52 71.54 -8.63
N GLY F 76 6.70 71.31 -7.59
CA GLY F 76 5.27 71.50 -7.69
C GLY F 76 4.57 71.17 -6.39
N LEU F 77 3.38 70.57 -6.46
CA LEU F 77 2.71 70.09 -5.27
C LEU F 77 3.51 68.93 -4.67
N LEU F 78 3.77 68.99 -3.37
CA LEU F 78 4.72 68.07 -2.76
C LEU F 78 4.14 66.67 -2.57
N ALA F 79 2.85 66.56 -2.27
CA ALA F 79 2.25 65.24 -2.06
C ALA F 79 2.31 64.40 -3.33
N ASP F 80 1.91 65.00 -4.46
CA ASP F 80 2.00 64.31 -5.73
C ASP F 80 3.45 64.02 -6.10
N ALA F 81 4.36 64.92 -5.73
CA ALA F 81 5.78 64.67 -5.97
C ALA F 81 6.25 63.41 -5.24
N ARG F 82 5.85 63.28 -3.97
CA ARG F 82 6.23 62.09 -3.21
C ARG F 82 5.62 60.83 -3.80
N SER F 83 4.35 60.92 -4.23
CA SER F 83 3.71 59.76 -4.85
C SER F 83 4.45 59.34 -6.11
N LEU F 84 4.82 60.31 -6.96
CA LEU F 84 5.54 59.99 -8.19
C LEU F 84 6.92 59.42 -7.89
N ALA F 85 7.60 59.95 -6.87
CA ALA F 85 8.89 59.41 -6.50
C ALA F 85 8.77 57.95 -6.06
N ASP F 86 7.74 57.64 -5.26
CA ASP F 86 7.53 56.26 -4.85
C ASP F 86 7.25 55.36 -6.05
N ILE F 87 6.45 55.85 -7.00
CA ILE F 87 6.13 55.05 -8.18
C ILE F 87 7.39 54.76 -8.99
N ALA F 88 8.23 55.78 -9.19
CA ALA F 88 9.47 55.57 -9.94
C ALA F 88 10.43 54.63 -9.20
N ARG F 89 10.51 54.76 -7.88
CA ARG F 89 11.30 53.82 -7.09
C ARG F 89 10.83 52.40 -7.32
N GLU F 90 9.51 52.18 -7.27
CA GLU F 90 8.96 50.85 -7.46
C GLU F 90 9.28 50.33 -8.86
N GLU F 91 9.20 51.21 -9.86
CA GLU F 91 9.48 50.80 -11.23
C GLU F 91 10.93 50.33 -11.38
N ALA F 92 11.88 51.15 -10.93
CA ALA F 92 13.28 50.77 -11.04
C ALA F 92 13.57 49.51 -10.23
N SER F 93 12.95 49.39 -9.06
CA SER F 93 13.12 48.21 -8.23
C SER F 93 12.67 46.95 -8.96
N ASN F 94 11.48 47.01 -9.58
CA ASN F 94 10.99 45.85 -10.30
C ASN F 94 11.90 45.51 -11.47
N PHE F 95 12.37 46.50 -12.22
CA PHE F 95 13.23 46.21 -13.35
C PHE F 95 14.50 45.50 -12.91
N ARG F 96 15.17 46.04 -11.89
CA ARG F 96 16.38 45.38 -11.40
C ARG F 96 16.08 44.03 -10.76
N SER F 97 14.86 43.81 -10.27
CA SER F 97 14.55 42.58 -9.57
C SER F 97 14.63 41.35 -10.48
N ASN F 98 14.41 41.53 -11.78
CA ASN F 98 14.37 40.37 -12.68
C ASN F 98 15.12 40.52 -13.98
N PHE F 99 15.52 41.74 -14.39
CA PHE F 99 16.19 41.88 -15.67
C PHE F 99 17.69 42.12 -15.54
N GLY F 100 18.23 42.10 -14.33
CA GLY F 100 19.66 42.30 -14.15
C GLY F 100 20.07 43.74 -14.35
N TYR F 101 21.33 44.06 -14.04
CA TYR F 101 21.89 45.40 -14.12
C TYR F 101 20.92 46.46 -13.61
N ASN F 102 20.91 47.63 -14.25
CA ASN F 102 20.07 48.74 -13.82
C ASN F 102 19.34 49.33 -15.01
N ILE F 103 18.19 49.94 -14.72
CA ILE F 103 17.31 50.45 -15.77
C ILE F 103 18.00 51.57 -16.54
N PRO F 104 17.96 51.56 -17.87
CA PRO F 104 18.36 52.74 -18.63
C PRO F 104 17.41 53.89 -18.36
N LEU F 105 17.95 55.11 -18.47
CA LEU F 105 17.17 56.30 -18.12
C LEU F 105 15.95 56.46 -19.01
N LYS F 106 16.10 56.21 -20.31
CA LYS F 106 15.01 56.47 -21.25
C LYS F 106 13.78 55.63 -20.92
N HIS F 107 13.97 54.34 -20.64
CA HIS F 107 12.84 53.47 -20.35
C HIS F 107 12.11 53.92 -19.09
N LEU F 108 12.86 54.26 -18.03
CA LEU F 108 12.23 54.71 -16.79
C LEU F 108 11.48 56.01 -16.99
N ALA F 109 12.07 56.95 -17.74
CA ALA F 109 11.40 58.21 -18.01
C ALA F 109 10.11 57.99 -18.80
N ASP F 110 10.16 57.11 -19.80
CA ASP F 110 8.97 56.83 -20.58
C ASP F 110 7.88 56.19 -19.72
N ARG F 111 8.27 55.25 -18.86
CA ARG F 111 7.28 54.58 -18.01
C ARG F 111 6.62 55.58 -17.06
N VAL F 112 7.42 56.44 -16.43
CA VAL F 112 6.85 57.41 -15.50
C VAL F 112 5.95 58.41 -16.24
N ALA F 113 6.38 58.84 -17.43
CA ALA F 113 5.56 59.77 -18.20
C ALA F 113 4.23 59.14 -18.58
N MET F 114 4.25 57.88 -19.01
CA MET F 114 3.00 57.22 -19.36
C MET F 114 2.11 57.04 -18.14
N TYR F 115 2.70 56.71 -17.00
CA TYR F 115 1.90 56.57 -15.78
C TYR F 115 1.25 57.89 -15.39
N VAL F 116 2.00 58.99 -15.46
CA VAL F 116 1.42 60.29 -15.10
C VAL F 116 0.40 60.73 -16.14
N HIS F 117 0.51 60.24 -17.37
CA HIS F 117 -0.53 60.53 -18.35
C HIS F 117 -1.79 59.70 -18.11
N ALA F 118 -1.64 58.51 -17.52
CA ALA F 118 -2.79 57.62 -17.39
C ALA F 118 -3.95 58.23 -16.61
N TYR F 119 -3.68 59.22 -15.76
CA TYR F 119 -4.75 59.81 -14.96
C TYR F 119 -5.61 60.80 -15.75
N THR F 120 -5.04 61.49 -16.73
CA THR F 120 -5.82 62.50 -17.45
C THR F 120 -6.75 61.90 -18.49
N LEU F 121 -6.98 60.59 -18.45
CA LEU F 121 -7.85 59.92 -19.40
C LEU F 121 -9.18 59.50 -18.80
N TYR F 122 -9.41 59.76 -17.52
CA TYR F 122 -10.58 59.24 -16.85
C TYR F 122 -11.26 60.34 -16.03
N SER F 123 -12.56 60.15 -15.82
CA SER F 123 -13.36 61.09 -15.04
C SER F 123 -13.44 60.71 -13.56
N ALA F 124 -12.44 59.99 -13.05
CA ALA F 124 -12.44 59.56 -11.67
C ALA F 124 -11.33 60.17 -10.83
N VAL F 125 -10.21 60.57 -11.43
CA VAL F 125 -9.09 61.12 -10.71
C VAL F 125 -8.62 62.40 -11.38
N ARG F 126 -8.16 63.36 -10.59
CA ARG F 126 -7.64 64.61 -11.11
C ARG F 126 -6.23 64.41 -11.67
N PRO F 127 -5.81 65.24 -12.63
CA PRO F 127 -4.45 65.14 -13.15
C PRO F 127 -3.44 65.66 -12.13
N PHE F 128 -2.21 65.15 -12.25
CA PHE F 128 -1.13 65.60 -11.40
C PHE F 128 -0.73 67.01 -11.76
N GLY F 129 -0.62 67.88 -10.75
CA GLY F 129 -0.01 69.17 -10.98
C GLY F 129 1.39 69.23 -10.44
N CYS F 130 2.39 69.05 -11.31
CA CYS F 130 3.79 69.12 -10.93
C CYS F 130 4.64 69.01 -12.17
N SER F 131 5.75 69.74 -12.20
CA SER F 131 6.79 69.49 -13.18
C SER F 131 7.66 68.34 -12.67
N PHE F 132 8.64 67.92 -13.48
CA PHE F 132 9.36 66.71 -13.16
C PHE F 132 10.60 66.61 -14.03
N MET F 133 11.77 66.45 -13.40
CA MET F 133 13.04 66.32 -14.08
C MET F 133 13.69 65.00 -13.65
N LEU F 134 14.37 64.33 -14.57
CA LEU F 134 14.93 63.02 -14.27
C LEU F 134 16.34 62.88 -14.84
N GLY F 135 17.20 63.87 -14.58
CA GLY F 135 18.59 63.75 -15.02
C GLY F 135 19.30 62.62 -14.31
N SER F 136 20.23 62.00 -15.04
CA SER F 136 20.99 60.87 -14.52
C SER F 136 22.29 60.75 -15.30
N TYR F 137 22.98 59.62 -15.14
CA TYR F 137 24.26 59.40 -15.78
C TYR F 137 24.42 57.93 -16.09
N SER F 138 25.34 57.64 -17.01
CA SER F 138 25.67 56.27 -17.39
C SER F 138 27.19 56.16 -17.52
N VAL F 139 27.67 54.95 -17.77
CA VAL F 139 29.09 54.69 -17.95
C VAL F 139 29.48 54.72 -19.43
N ASN F 140 28.67 54.10 -20.28
CA ASN F 140 28.93 54.05 -21.71
C ASN F 140 27.99 54.95 -22.52
N ASP F 141 26.72 55.05 -22.12
CA ASP F 141 25.77 55.85 -22.87
C ASP F 141 26.07 57.34 -22.74
N GLY F 142 26.51 57.78 -21.56
CA GLY F 142 26.84 59.17 -21.32
C GLY F 142 25.94 59.80 -20.28
N ALA F 143 25.72 61.10 -20.42
CA ALA F 143 24.88 61.86 -19.51
C ALA F 143 23.61 62.28 -20.24
N GLN F 144 22.46 61.98 -19.63
CA GLN F 144 21.17 62.25 -20.25
C GLN F 144 20.29 63.02 -19.28
N LEU F 145 19.42 63.85 -19.84
CA LEU F 145 18.49 64.67 -19.08
C LEU F 145 17.11 64.57 -19.69
N TYR F 146 16.08 64.54 -18.86
CA TYR F 146 14.71 64.49 -19.32
C TYR F 146 13.84 65.37 -18.44
N MET F 147 12.79 65.93 -19.04
CA MET F 147 11.79 66.70 -18.30
C MET F 147 10.43 66.14 -18.68
N ILE F 148 9.54 66.03 -17.71
CA ILE F 148 8.21 65.47 -17.91
C ILE F 148 7.18 66.51 -17.50
N ASP F 149 6.38 66.98 -18.45
CA ASP F 149 5.28 67.87 -18.15
C ASP F 149 4.16 67.09 -17.47
N PRO F 150 3.24 67.80 -16.78
CA PRO F 150 2.17 67.09 -16.08
C PRO F 150 1.34 66.17 -16.97
N SER F 151 1.05 66.56 -18.20
CA SER F 151 0.12 65.75 -19.00
C SER F 151 0.80 64.58 -19.68
N GLY F 152 1.62 64.84 -20.71
CA GLY F 152 2.24 63.76 -21.42
C GLY F 152 3.64 63.97 -21.95
N VAL F 153 4.17 65.19 -21.85
CA VAL F 153 5.40 65.52 -22.55
C VAL F 153 6.58 64.85 -21.87
N SER F 154 7.44 64.20 -22.67
CA SER F 154 8.61 63.50 -22.15
C SER F 154 9.81 63.78 -23.06
N TYR F 155 9.99 65.04 -23.44
CA TYR F 155 11.09 65.41 -24.32
C TYR F 155 12.42 65.31 -23.60
N GLY F 156 13.50 65.27 -24.39
CA GLY F 156 14.84 65.29 -23.86
C GLY F 156 15.51 66.63 -24.06
N TYR F 157 15.95 67.26 -22.97
CA TYR F 157 16.50 68.60 -23.00
C TYR F 157 17.99 68.60 -22.70
N TRP F 158 18.73 69.46 -23.39
CA TRP F 158 20.11 69.73 -23.00
C TRP F 158 20.15 70.37 -21.61
N GLY F 159 19.37 71.43 -21.42
CA GLY F 159 19.27 72.08 -20.12
C GLY F 159 18.10 73.04 -20.10
N CYS F 160 17.26 72.95 -19.06
CA CYS F 160 16.03 73.73 -19.02
C CYS F 160 15.82 74.25 -17.60
N ALA F 161 14.67 74.86 -17.38
CA ALA F 161 14.29 75.39 -16.08
C ALA F 161 12.78 75.28 -15.92
N ILE F 162 12.34 74.92 -14.72
CA ILE F 162 10.93 74.70 -14.43
C ILE F 162 10.55 75.50 -13.19
N GLY F 163 9.33 76.05 -13.20
CA GLY F 163 8.81 76.76 -12.06
C GLY F 163 8.36 78.15 -12.45
N LYS F 164 8.15 78.99 -11.44
CA LYS F 164 7.67 80.35 -11.67
C LYS F 164 8.66 81.15 -12.51
N ALA F 165 9.86 81.37 -11.96
CA ALA F 165 10.90 82.11 -12.67
C ALA F 165 11.51 81.17 -13.71
N ARG F 166 10.87 81.09 -14.87
CA ARG F 166 11.30 80.18 -15.92
C ARG F 166 11.72 80.88 -17.19
N GLN F 167 11.02 81.94 -17.60
CA GLN F 167 11.36 82.60 -18.86
C GLN F 167 12.72 83.28 -18.78
N ALA F 168 12.97 84.02 -17.70
CA ALA F 168 14.27 84.66 -17.52
C ALA F 168 15.38 83.62 -17.39
N ALA F 169 15.09 82.51 -16.69
CA ALA F 169 16.08 81.45 -16.56
C ALA F 169 16.43 80.84 -17.92
N LYS F 170 15.41 80.59 -18.75
CA LYS F 170 15.68 80.08 -20.09
C LYS F 170 16.50 81.05 -20.91
N THR F 171 16.15 82.34 -20.85
CA THR F 171 16.88 83.33 -21.65
C THR F 171 18.33 83.42 -21.20
N GLU F 172 18.58 83.37 -19.89
CA GLU F 172 19.96 83.46 -19.41
C GLU F 172 20.74 82.19 -19.69
N ILE F 173 20.09 81.02 -19.57
CA ILE F 173 20.74 79.76 -19.87
C ILE F 173 21.09 79.67 -21.35
N GLU F 174 20.30 80.33 -22.21
CA GLU F 174 20.57 80.30 -23.64
C GLU F 174 21.99 80.76 -23.97
N LYS F 175 22.55 81.66 -23.18
CA LYS F 175 23.88 82.21 -23.44
C LYS F 175 24.94 81.48 -22.62
N LEU F 176 25.09 80.19 -22.89
CA LEU F 176 26.15 79.39 -22.28
C LEU F 176 26.79 78.49 -23.33
N GLN F 177 27.88 77.84 -22.93
CA GLN F 177 28.61 76.93 -23.80
C GLN F 177 28.61 75.53 -23.19
N MET F 178 27.43 75.06 -22.80
CA MET F 178 27.30 73.80 -22.07
C MET F 178 27.40 72.57 -22.98
N LYS F 179 28.42 72.55 -23.83
CA LYS F 179 28.74 71.38 -24.63
C LYS F 179 30.19 70.95 -24.52
N GLU F 180 31.06 71.79 -23.96
CA GLU F 180 32.48 71.46 -23.79
C GLU F 180 32.98 71.87 -22.41
N MET F 181 32.09 71.88 -21.42
CA MET F 181 32.44 72.28 -20.07
C MET F 181 32.58 71.05 -19.18
N THR F 182 33.01 71.28 -17.94
CA THR F 182 33.18 70.22 -16.96
C THR F 182 32.25 70.46 -15.79
N CYS F 183 32.38 69.62 -14.75
CA CYS F 183 31.52 69.70 -13.58
C CYS F 183 32.12 70.54 -12.46
N ARG F 184 33.10 71.40 -12.77
CA ARG F 184 33.72 72.27 -11.78
C ARG F 184 33.41 73.74 -12.02
N ASP F 185 32.75 74.09 -13.12
CA ASP F 185 32.32 75.45 -13.38
C ASP F 185 30.84 75.58 -13.68
N ILE F 186 30.19 74.52 -14.15
CA ILE F 186 28.74 74.56 -14.34
C ILE F 186 28.03 74.77 -13.00
N VAL F 187 28.63 74.32 -11.90
CA VAL F 187 28.06 74.57 -10.59
C VAL F 187 28.04 76.06 -10.28
N LYS F 188 29.16 76.74 -10.53
CA LYS F 188 29.22 78.18 -10.33
C LYS F 188 28.25 78.89 -11.26
N GLU F 189 28.15 78.42 -12.50
CA GLU F 189 27.19 79.01 -13.43
C GLU F 189 25.76 78.86 -12.94
N VAL F 190 25.41 77.68 -12.41
CA VAL F 190 24.07 77.45 -11.87
C VAL F 190 23.81 78.39 -10.69
N ALA F 191 24.80 78.54 -9.81
CA ALA F 191 24.62 79.43 -8.66
C ALA F 191 24.40 80.87 -9.11
N LYS F 192 25.20 81.33 -10.08
CA LYS F 192 25.04 82.70 -10.56
C LYS F 192 23.69 82.86 -11.28
N ILE F 193 23.19 81.81 -11.92
CA ILE F 193 21.88 81.89 -12.55
C ILE F 193 20.79 82.02 -11.49
N ILE F 194 20.84 81.16 -10.47
CA ILE F 194 19.79 81.15 -9.46
C ILE F 194 19.82 82.42 -8.64
N TYR F 195 20.96 83.12 -8.59
CA TYR F 195 20.98 84.42 -7.93
C TYR F 195 20.77 85.59 -8.89
N ILE F 196 20.87 85.40 -10.20
CA ILE F 196 20.52 86.47 -11.12
C ILE F 196 19.02 86.49 -11.41
N VAL F 197 18.32 85.38 -11.21
CA VAL F 197 16.86 85.33 -11.33
C VAL F 197 16.31 84.86 -9.99
N HIS F 198 16.03 85.81 -9.10
CA HIS F 198 15.42 85.50 -7.81
C HIS F 198 14.75 86.77 -7.29
N ASP F 199 13.42 86.75 -7.21
CA ASP F 199 12.69 87.89 -6.67
C ASP F 199 12.93 88.02 -5.18
N GLU F 200 12.90 89.26 -4.69
CA GLU F 200 13.13 89.54 -3.28
C GLU F 200 11.98 90.26 -2.59
N VAL F 201 11.04 90.86 -3.34
CA VAL F 201 9.92 91.53 -2.72
C VAL F 201 8.89 90.55 -2.18
N LYS F 202 8.82 89.34 -2.75
CA LYS F 202 7.93 88.30 -2.26
C LYS F 202 8.65 87.10 -1.68
N ASP F 203 9.97 87.02 -1.83
CA ASP F 203 10.78 85.94 -1.27
C ASP F 203 11.82 86.53 -0.34
N LYS F 204 12.02 85.87 0.81
CA LYS F 204 12.88 86.40 1.85
C LYS F 204 14.05 85.50 2.21
N ALA F 205 13.86 84.19 2.25
CA ALA F 205 14.91 83.27 2.68
C ALA F 205 15.21 82.27 1.58
N PHE F 206 16.50 81.96 1.40
CA PHE F 206 16.96 81.08 0.34
C PHE F 206 17.92 80.05 0.90
N GLU F 207 17.93 78.87 0.28
CA GLU F 207 18.85 77.82 0.65
C GLU F 207 19.06 76.93 -0.57
N LEU F 208 20.19 77.11 -1.25
CA LEU F 208 20.44 76.38 -2.49
C LEU F 208 20.76 74.91 -2.18
N GLU F 209 20.09 74.01 -2.89
CA GLU F 209 20.37 72.58 -2.81
C GLU F 209 20.90 72.13 -4.16
N LEU F 210 22.09 71.53 -4.17
CA LEU F 210 22.76 71.16 -5.39
C LEU F 210 23.15 69.69 -5.35
N SER F 211 23.17 69.06 -6.52
CA SER F 211 23.56 67.67 -6.63
C SER F 211 24.01 67.41 -8.06
N TRP F 212 25.08 66.63 -8.22
CA TRP F 212 25.57 66.24 -9.53
C TRP F 212 25.89 64.76 -9.55
N VAL F 213 25.72 64.16 -10.73
CA VAL F 213 26.16 62.79 -10.99
C VAL F 213 26.98 62.81 -12.28
N GLY F 214 28.12 62.13 -12.24
CA GLY F 214 29.02 62.16 -13.39
C GLY F 214 30.29 61.39 -13.09
N GLU F 215 31.28 61.61 -13.96
CA GLU F 215 32.56 60.91 -13.81
C GLU F 215 33.27 61.27 -12.52
N LEU F 216 32.96 62.43 -11.93
CA LEU F 216 33.59 62.80 -10.67
C LEU F 216 33.11 61.91 -9.53
N THR F 217 31.92 61.34 -9.66
CA THR F 217 31.39 60.42 -8.65
C THR F 217 31.18 59.02 -9.21
N ASN F 218 31.71 58.73 -10.40
CA ASN F 218 31.63 57.42 -11.06
C ASN F 218 30.24 56.81 -10.95
N GLY F 219 29.24 57.60 -11.37
CA GLY F 219 27.88 57.10 -11.44
C GLY F 219 27.19 56.90 -10.11
N ARG F 220 26.95 58.01 -9.40
CA ARG F 220 26.21 57.95 -8.14
C ARG F 220 25.60 59.32 -7.89
N HIS F 221 24.39 59.32 -7.33
CA HIS F 221 23.66 60.56 -7.07
C HIS F 221 23.75 60.91 -5.60
N GLU F 222 24.22 62.12 -5.31
CA GLU F 222 24.35 62.57 -3.94
C GLU F 222 24.44 64.10 -3.93
N ILE F 223 24.19 64.68 -2.76
CA ILE F 223 24.28 66.11 -2.58
C ILE F 223 25.74 66.54 -2.57
N VAL F 224 25.99 67.75 -3.07
CA VAL F 224 27.36 68.26 -3.15
C VAL F 224 27.92 68.43 -1.74
N PRO F 225 29.21 68.16 -1.51
CA PRO F 225 29.80 68.45 -0.20
C PRO F 225 29.71 69.93 0.13
N LYS F 226 29.60 70.22 1.44
CA LYS F 226 29.30 71.57 1.89
C LYS F 226 30.37 72.57 1.48
N ASP F 227 31.62 72.13 1.31
CA ASP F 227 32.69 73.05 0.94
C ASP F 227 32.46 73.65 -0.43
N ILE F 228 32.17 72.80 -1.42
CA ILE F 228 31.93 73.29 -2.78
C ILE F 228 30.69 74.17 -2.83
N ARG F 229 29.64 73.76 -2.11
CA ARG F 229 28.42 74.57 -2.06
C ARG F 229 28.70 75.94 -1.46
N GLU F 230 29.48 76.00 -0.38
CA GLU F 230 29.79 77.28 0.24
C GLU F 230 30.64 78.15 -0.69
N GLU F 231 31.61 77.54 -1.38
CA GLU F 231 32.43 78.30 -2.32
C GLU F 231 31.59 78.87 -3.45
N ALA F 232 30.69 78.06 -4.01
CA ALA F 232 29.81 78.55 -5.06
C ALA F 232 28.90 79.65 -4.54
N GLU F 233 28.40 79.49 -3.31
CA GLU F 233 27.57 80.52 -2.69
C GLU F 233 28.31 81.83 -2.58
N LYS F 234 29.55 81.79 -2.09
CA LYS F 234 30.34 83.01 -1.96
C LYS F 234 30.61 83.65 -3.31
N TYR F 235 30.95 82.84 -4.31
CA TYR F 235 31.23 83.38 -5.64
C TYR F 235 29.99 84.03 -6.23
N ALA F 236 28.84 83.37 -6.11
CA ALA F 236 27.60 83.94 -6.65
C ALA F 236 27.21 85.21 -5.92
N LYS F 237 27.36 85.23 -4.59
CA LYS F 237 27.04 86.45 -3.84
C LYS F 237 27.94 87.60 -4.23
N GLU F 238 29.24 87.35 -4.38
CA GLU F 238 30.16 88.41 -4.75
C GLU F 238 30.03 88.81 -6.21
N SER F 239 29.43 87.97 -7.05
CA SER F 239 29.29 88.30 -8.46
C SER F 239 28.26 89.40 -8.70
N LEU F 240 27.32 89.60 -7.77
CA LEU F 240 26.28 90.61 -7.93
C LEU F 240 26.80 91.97 -7.47
N LYS F 241 27.73 92.51 -8.25
CA LYS F 241 28.32 93.82 -8.02
C LYS F 241 28.94 93.94 -6.62
N MET G 1 -18.55 56.33 -10.62
CA MET G 1 -18.05 57.69 -10.64
C MET G 1 -19.06 58.63 -9.99
N SER G 2 -18.63 59.32 -8.94
CA SER G 2 -19.50 60.23 -8.19
C SER G 2 -19.34 61.68 -8.67
N ARG G 3 -19.49 61.89 -9.97
CA ARG G 3 -19.54 63.25 -10.50
C ARG G 3 -20.62 63.45 -11.55
N GLY G 4 -21.21 62.38 -12.09
CA GLY G 4 -22.31 62.50 -13.02
C GLY G 4 -21.87 62.91 -14.41
N SER G 5 -22.84 62.89 -15.32
CA SER G 5 -22.62 63.31 -16.71
C SER G 5 -23.23 64.69 -16.91
N SER G 6 -22.42 65.61 -17.43
CA SER G 6 -22.86 66.99 -17.59
C SER G 6 -24.06 67.07 -18.52
N ALA G 7 -25.09 67.80 -18.09
CA ALA G 7 -26.30 67.94 -18.89
C ALA G 7 -26.05 68.87 -20.07
N GLY G 8 -26.53 68.47 -21.23
CA GLY G 8 -26.36 69.24 -22.44
C GLY G 8 -26.38 68.35 -23.66
N PHE G 9 -26.70 68.96 -24.81
CA PHE G 9 -26.75 68.20 -26.05
C PHE G 9 -25.36 67.88 -26.58
N ASP G 10 -24.38 68.75 -26.35
CA ASP G 10 -22.98 68.42 -26.63
C ASP G 10 -22.16 68.74 -25.38
N ARG G 11 -22.18 67.82 -24.42
CA ARG G 11 -21.29 67.88 -23.29
C ARG G 11 -20.82 66.50 -22.84
N HIS G 12 -21.22 65.44 -23.54
CA HIS G 12 -20.87 64.08 -23.13
C HIS G 12 -21.08 63.18 -24.34
N ILE G 13 -20.48 62.00 -24.29
CA ILE G 13 -20.42 61.14 -25.46
C ILE G 13 -21.70 60.34 -25.68
N THR G 14 -22.40 59.96 -24.61
CA THR G 14 -23.48 58.99 -24.72
C THR G 14 -24.84 59.63 -24.99
N ILE G 15 -24.89 60.93 -25.25
CA ILE G 15 -26.14 61.64 -25.51
C ILE G 15 -26.22 61.98 -27.00
N PHE G 16 -27.29 61.55 -27.65
CA PHE G 16 -27.50 61.86 -29.05
C PHE G 16 -28.02 63.28 -29.23
N SER G 17 -27.71 63.86 -30.38
CA SER G 17 -28.24 65.15 -30.77
C SER G 17 -29.71 65.00 -31.21
N PRO G 18 -30.46 66.10 -31.22
CA PRO G 18 -31.83 66.03 -31.75
C PRO G 18 -31.90 65.53 -33.19
N GLU G 19 -30.92 65.88 -34.03
CA GLU G 19 -30.90 65.36 -35.39
C GLU G 19 -30.12 64.06 -35.51
N GLY G 20 -29.32 63.70 -34.51
CA GLY G 20 -28.65 62.42 -34.51
C GLY G 20 -27.19 62.45 -34.88
N ARG G 21 -26.44 63.41 -34.35
CA ARG G 21 -25.01 63.52 -34.61
C ARG G 21 -24.24 63.51 -33.29
N LEU G 22 -23.14 62.77 -33.27
CA LEU G 22 -22.27 62.73 -32.09
C LEU G 22 -21.34 63.92 -32.15
N TYR G 23 -21.62 64.94 -31.32
CA TYR G 23 -20.82 66.16 -31.36
C TYR G 23 -19.46 65.98 -30.68
N GLN G 24 -19.38 65.10 -29.69
CA GLN G 24 -18.11 64.92 -28.99
C GLN G 24 -17.05 64.34 -29.91
N VAL G 25 -17.40 63.35 -30.73
CA VAL G 25 -16.42 62.79 -31.65
C VAL G 25 -16.07 63.80 -32.75
N GLU G 26 -16.99 64.68 -33.10
CA GLU G 26 -16.66 65.74 -34.05
C GLU G 26 -15.65 66.71 -33.44
N TYR G 27 -15.82 67.03 -32.15
CA TYR G 27 -14.82 67.81 -31.45
C TYR G 27 -13.48 67.09 -31.43
N ALA G 28 -13.52 65.77 -31.27
CA ALA G 28 -12.29 64.98 -31.30
C ALA G 28 -11.61 65.11 -32.66
N PHE G 29 -12.38 65.04 -33.75
CA PHE G 29 -11.82 65.27 -35.08
C PHE G 29 -11.20 66.65 -35.19
N LYS G 30 -11.88 67.67 -34.65
CA LYS G 30 -11.33 69.01 -34.70
C LYS G 30 -10.08 69.15 -33.82
N ALA G 31 -9.88 68.23 -32.87
CA ALA G 31 -8.79 68.37 -31.91
C ALA G 31 -7.43 68.04 -32.50
N ILE G 32 -7.36 67.31 -33.61
CA ILE G 32 -6.05 66.98 -34.19
C ILE G 32 -5.31 68.23 -34.62
N ASN G 33 -6.01 69.17 -35.25
CA ASN G 33 -5.38 70.39 -35.74
C ASN G 33 -4.86 71.28 -34.61
N GLN G 34 -5.24 71.03 -33.36
CA GLN G 34 -4.80 71.87 -32.27
C GLN G 34 -3.28 71.85 -32.12
N GLY G 35 -2.67 70.66 -32.21
CA GLY G 35 -1.22 70.59 -32.12
C GLY G 35 -0.53 71.29 -33.27
N GLY G 36 -0.94 70.96 -34.49
CA GLY G 36 -0.42 71.62 -35.67
C GLY G 36 0.72 70.85 -36.30
N LEU G 37 0.42 70.08 -37.33
CA LEU G 37 1.38 69.23 -38.02
C LEU G 37 0.81 68.89 -39.40
N THR G 38 1.61 68.18 -40.19
CA THR G 38 1.16 67.67 -41.48
C THR G 38 1.93 66.40 -41.79
N SER G 39 1.22 65.38 -42.23
CA SER G 39 1.82 64.10 -42.57
C SER G 39 1.24 63.60 -43.89
N VAL G 40 2.10 63.09 -44.76
CA VAL G 40 1.72 62.60 -46.07
C VAL G 40 2.35 61.23 -46.27
N ALA G 41 1.53 60.25 -46.65
CA ALA G 41 2.00 58.91 -46.95
C ALA G 41 1.51 58.50 -48.33
N VAL G 42 2.43 58.12 -49.20
CA VAL G 42 2.13 57.76 -50.58
C VAL G 42 2.72 56.39 -50.87
N ARG G 43 1.92 55.52 -51.47
CA ARG G 43 2.36 54.20 -51.90
C ARG G 43 2.48 54.17 -53.41
N GLY G 44 3.62 53.70 -53.91
CA GLY G 44 3.81 53.54 -55.34
C GLY G 44 3.41 52.14 -55.79
N LYS G 45 4.36 51.44 -56.41
CA LYS G 45 4.13 50.05 -56.80
C LYS G 45 5.04 49.07 -56.07
N ASP G 46 6.17 49.54 -55.52
CA ASP G 46 7.05 48.67 -54.75
C ASP G 46 7.65 49.37 -53.53
N CYS G 47 7.07 50.50 -53.12
CA CYS G 47 7.59 51.25 -51.98
C CYS G 47 6.43 51.95 -51.28
N ALA G 48 6.67 52.32 -50.02
CA ALA G 48 5.63 52.88 -49.16
C ALA G 48 6.18 54.08 -48.39
N VAL G 49 6.80 55.02 -49.11
CA VAL G 49 7.47 56.14 -48.47
C VAL G 49 6.49 56.96 -47.63
N ILE G 50 6.96 57.41 -46.46
CA ILE G 50 6.20 58.28 -45.57
C ILE G 50 7.02 59.51 -45.26
N VAL G 51 6.42 60.68 -45.42
CA VAL G 51 7.07 61.94 -45.07
C VAL G 51 6.21 62.66 -44.05
N THR G 52 6.85 63.49 -43.24
CA THR G 52 6.17 64.22 -42.18
C THR G 52 6.88 65.55 -41.98
N GLN G 53 6.60 66.21 -40.85
CA GLN G 53 7.17 67.50 -40.54
C GLN G 53 7.71 67.48 -39.12
N LYS G 54 8.81 68.22 -38.90
CA LYS G 54 9.43 68.32 -37.60
C LYS G 54 9.64 69.79 -37.26
N LYS G 55 9.19 70.19 -36.07
CA LYS G 55 9.32 71.57 -35.60
C LYS G 55 10.01 71.57 -34.25
N VAL G 56 11.08 72.34 -34.14
CA VAL G 56 11.82 72.52 -32.89
C VAL G 56 11.37 73.84 -32.26
N PRO G 57 10.73 73.82 -31.09
CA PRO G 57 10.31 75.08 -30.47
C PRO G 57 11.47 76.01 -30.13
N ASP G 58 12.62 75.47 -29.76
CA ASP G 58 13.75 76.30 -29.33
C ASP G 58 15.04 75.59 -29.68
N LYS G 59 16.14 76.03 -29.08
CA LYS G 59 17.47 75.49 -29.35
C LYS G 59 17.93 74.48 -28.30
N LEU G 60 17.56 74.68 -27.03
CA LEU G 60 18.04 73.79 -25.97
C LEU G 60 17.52 72.38 -26.15
N LEU G 61 16.27 72.23 -26.60
CA LEU G 61 15.69 70.91 -26.78
C LEU G 61 16.51 70.09 -27.76
N ASP G 62 16.80 68.84 -27.39
CA ASP G 62 17.56 67.96 -28.25
C ASP G 62 16.74 67.60 -29.49
N SER G 63 17.45 67.36 -30.59
CA SER G 63 16.82 67.08 -31.88
C SER G 63 16.67 65.59 -32.17
N SER G 64 17.01 64.73 -31.21
CA SER G 64 16.97 63.29 -31.43
C SER G 64 15.86 62.58 -30.67
N THR G 65 15.15 63.28 -29.79
CA THR G 65 14.08 62.68 -29.01
C THR G 65 12.73 63.35 -29.24
N VAL G 66 12.54 63.98 -30.39
CA VAL G 66 11.31 64.67 -30.72
C VAL G 66 10.64 64.06 -31.95
N THR G 67 11.06 62.87 -32.37
CA THR G 67 10.55 62.27 -33.58
C THR G 67 9.09 61.89 -33.43
N HIS G 68 8.36 61.97 -34.56
CA HIS G 68 6.97 61.54 -34.65
C HIS G 68 6.83 60.39 -35.64
N LEU G 69 7.78 59.45 -35.60
CA LEU G 69 7.78 58.29 -36.50
C LEU G 69 8.25 57.10 -35.68
N PHE G 70 7.30 56.38 -35.08
CA PHE G 70 7.63 55.26 -34.22
C PHE G 70 7.63 53.96 -35.02
N LYS G 71 7.94 52.86 -34.35
CA LYS G 71 8.00 51.54 -34.97
C LYS G 71 7.12 50.59 -34.19
N ILE G 72 6.26 49.85 -34.91
CA ILE G 72 5.29 48.98 -34.26
C ILE G 72 5.79 47.55 -34.25
N THR G 73 6.04 47.00 -35.43
CA THR G 73 6.63 45.67 -35.56
C THR G 73 7.94 45.78 -36.34
N GLU G 74 8.51 44.64 -36.68
CA GLU G 74 9.78 44.62 -37.39
C GLU G 74 9.68 45.30 -38.74
N ASN G 75 8.49 45.29 -39.36
CA ASN G 75 8.32 45.85 -40.70
C ASN G 75 7.01 46.61 -40.81
N ILE G 76 6.64 47.36 -39.79
CA ILE G 76 5.47 48.24 -39.81
C ILE G 76 5.82 49.53 -39.09
N GLY G 77 5.41 50.66 -39.68
CA GLY G 77 5.67 51.95 -39.07
C GLY G 77 4.42 52.74 -38.74
N CYS G 78 4.59 54.01 -38.39
CA CYS G 78 3.49 54.88 -38.02
C CYS G 78 3.98 56.32 -37.99
N VAL G 79 3.09 57.25 -38.31
CA VAL G 79 3.44 58.66 -38.48
C VAL G 79 2.58 59.51 -37.54
N MET G 80 2.31 58.98 -36.35
CA MET G 80 1.31 59.49 -35.42
C MET G 80 1.26 61.02 -35.38
N THR G 81 0.05 61.56 -35.52
CA THR G 81 -0.18 63.00 -35.57
C THR G 81 -1.23 63.38 -34.54
N GLY G 82 -1.04 64.54 -33.92
CA GLY G 82 -2.00 65.03 -32.94
C GLY G 82 -1.39 65.24 -31.57
N MET G 83 -2.18 65.04 -30.51
CA MET G 83 -1.66 65.14 -29.17
C MET G 83 -0.71 63.99 -28.89
N THR G 84 0.50 64.33 -28.41
CA THR G 84 1.51 63.30 -28.18
C THR G 84 1.11 62.36 -27.05
N ALA G 85 0.45 62.88 -26.03
CA ALA G 85 0.16 62.09 -24.83
C ALA G 85 -0.78 60.93 -25.11
N ASP G 86 -1.48 60.93 -26.25
CA ASP G 86 -2.38 59.84 -26.61
C ASP G 86 -1.81 58.92 -27.66
N SER G 87 -1.05 59.45 -28.62
CA SER G 87 -0.33 58.61 -29.56
C SER G 87 0.70 57.76 -28.83
N ARG G 88 1.33 58.31 -27.79
CA ARG G 88 2.31 57.57 -27.03
C ARG G 88 1.69 56.37 -26.34
N SER G 89 0.38 56.36 -26.15
CA SER G 89 -0.31 55.21 -25.55
C SER G 89 -0.86 54.28 -26.62
N GLN G 90 -1.41 54.82 -27.70
CA GLN G 90 -1.88 53.96 -28.78
C GLN G 90 -0.75 53.14 -29.39
N VAL G 91 0.47 53.70 -29.44
CA VAL G 91 1.59 52.95 -29.98
C VAL G 91 1.89 51.73 -29.12
N GLN G 92 1.91 51.92 -27.80
CA GLN G 92 2.14 50.78 -26.91
C GLN G 92 1.02 49.76 -27.01
N ARG G 93 -0.22 50.22 -27.11
CA ARG G 93 -1.34 49.29 -27.24
C ARG G 93 -1.22 48.47 -28.52
N ALA G 94 -0.86 49.13 -29.63
CA ALA G 94 -0.70 48.41 -30.88
C ALA G 94 0.44 47.41 -30.80
N ARG G 95 1.55 47.79 -30.16
CA ARG G 95 2.66 46.86 -30.01
C ARG G 95 2.24 45.63 -29.22
N TYR G 96 1.51 45.83 -28.12
CA TYR G 96 1.05 44.69 -27.33
C TYR G 96 0.11 43.80 -28.14
N GLU G 97 -0.81 44.40 -28.89
CA GLU G 97 -1.73 43.61 -29.71
C GLU G 97 -0.98 42.81 -30.76
N ALA G 98 0.02 43.42 -31.39
CA ALA G 98 0.80 42.71 -32.40
C ALA G 98 1.55 41.53 -31.79
N ALA G 99 2.17 41.76 -30.63
CA ALA G 99 2.87 40.67 -29.97
C ALA G 99 1.92 39.54 -29.60
N ASN G 100 0.74 39.88 -29.09
CA ASN G 100 -0.24 38.86 -28.74
C ASN G 100 -0.68 38.05 -29.96
N TRP G 101 -0.93 38.74 -31.08
CA TRP G 101 -1.33 38.01 -32.29
C TRP G 101 -0.23 37.09 -32.77
N LYS G 102 1.03 37.56 -32.75
CA LYS G 102 2.13 36.71 -33.19
C LYS G 102 2.27 35.50 -32.28
N TYR G 103 2.00 35.67 -30.98
CA TYR G 103 2.06 34.53 -30.07
C TYR G 103 0.91 33.56 -30.30
N LYS G 104 -0.27 34.07 -30.68
CA LYS G 104 -1.44 33.21 -30.79
C LYS G 104 -1.61 32.55 -32.15
N TYR G 105 -0.99 33.09 -33.21
CA TYR G 105 -1.15 32.52 -34.55
C TYR G 105 0.16 32.30 -35.29
N GLY G 106 1.29 32.79 -34.78
CA GLY G 106 2.59 32.43 -35.33
C GLY G 106 2.93 32.93 -36.72
N TYR G 107 2.62 34.18 -37.03
CA TYR G 107 3.16 34.84 -38.21
C TYR G 107 2.90 36.34 -38.11
N GLU G 108 3.64 37.10 -38.91
CA GLU G 108 3.50 38.55 -38.90
C GLU G 108 2.12 38.97 -39.37
N ILE G 109 1.57 39.99 -38.74
CA ILE G 109 0.19 40.40 -38.95
C ILE G 109 0.05 41.14 -40.28
N PRO G 110 -0.97 40.83 -41.07
CA PRO G 110 -1.35 41.75 -42.15
C PRO G 110 -1.85 43.06 -41.58
N VAL G 111 -1.62 44.15 -42.32
CA VAL G 111 -1.91 45.48 -41.80
C VAL G 111 -3.39 45.63 -41.45
N ASP G 112 -4.27 44.95 -42.18
CA ASP G 112 -5.70 45.12 -41.97
C ASP G 112 -6.13 44.68 -40.58
N MET G 113 -5.57 43.57 -40.08
CA MET G 113 -5.95 43.10 -38.75
C MET G 113 -5.52 44.07 -37.66
N LEU G 114 -4.30 44.60 -37.75
CA LEU G 114 -3.86 45.57 -36.76
C LEU G 114 -4.73 46.82 -36.80
N CYS G 115 -5.05 47.30 -38.01
CA CYS G 115 -5.91 48.46 -38.14
C CYS G 115 -7.29 48.20 -37.54
N LYS G 116 -7.86 47.02 -37.82
CA LYS G 116 -9.18 46.69 -37.30
C LYS G 116 -9.18 46.59 -35.78
N ARG G 117 -8.14 45.96 -35.21
CA ARG G 117 -8.07 45.85 -33.76
C ARG G 117 -7.96 47.22 -33.11
N ILE G 118 -7.12 48.10 -33.68
CA ILE G 118 -7.01 49.45 -33.13
C ILE G 118 -8.34 50.19 -33.24
N ALA G 119 -9.01 50.06 -34.38
CA ALA G 119 -10.28 50.74 -34.58
C ALA G 119 -11.33 50.25 -33.59
N ASP G 120 -11.38 48.95 -33.34
CA ASP G 120 -12.36 48.41 -32.41
C ASP G 120 -12.08 48.88 -30.98
N ILE G 121 -10.82 48.80 -30.55
CA ILE G 121 -10.49 49.20 -29.20
C ILE G 121 -10.56 50.71 -29.02
N SER G 122 -10.59 51.46 -30.13
CA SER G 122 -10.85 52.90 -30.02
C SER G 122 -12.35 53.17 -29.98
N GLN G 123 -13.13 52.38 -30.72
CA GLN G 123 -14.58 52.57 -30.74
C GLN G 123 -15.22 52.20 -29.41
N VAL G 124 -14.67 51.19 -28.74
CA VAL G 124 -15.26 50.77 -27.46
C VAL G 124 -15.19 51.89 -26.43
N TYR G 125 -14.32 52.88 -26.64
CA TYR G 125 -14.23 54.04 -25.76
C TYR G 125 -15.32 55.07 -26.02
N THR G 126 -16.16 54.88 -27.03
CA THR G 126 -17.18 55.86 -27.38
C THR G 126 -18.60 55.37 -27.05
N GLN G 127 -18.71 54.43 -26.12
CA GLN G 127 -20.02 54.01 -25.61
C GLN G 127 -20.15 54.19 -24.11
N ASN G 128 -19.17 53.75 -23.33
CA ASN G 128 -19.24 53.90 -21.88
C ASN G 128 -19.18 55.38 -21.50
N ALA G 129 -19.90 55.75 -20.45
CA ALA G 129 -19.93 57.13 -19.98
C ALA G 129 -18.84 57.38 -18.93
N GLU G 130 -17.63 56.92 -19.22
CA GLU G 130 -16.47 57.16 -18.38
C GLU G 130 -15.22 57.47 -19.19
N MET G 131 -15.29 57.40 -20.51
CA MET G 131 -14.12 57.44 -21.36
C MET G 131 -13.96 58.80 -22.01
N ARG G 132 -12.77 59.02 -22.58
CA ARG G 132 -12.51 60.17 -23.43
C ARG G 132 -11.93 59.65 -24.74
N PRO G 133 -12.51 59.99 -25.88
CA PRO G 133 -11.96 59.48 -27.15
C PRO G 133 -10.64 60.17 -27.45
N LEU G 134 -9.55 59.44 -27.26
CA LEU G 134 -8.22 60.02 -27.41
C LEU G 134 -7.96 60.35 -28.88
N GLY G 135 -7.55 61.59 -29.15
CA GLY G 135 -7.46 62.09 -30.51
C GLY G 135 -6.14 61.82 -31.19
N CYS G 136 -6.16 60.98 -32.21
CA CYS G 136 -4.95 60.64 -32.96
C CYS G 136 -5.34 60.36 -34.41
N CYS G 137 -4.34 59.98 -35.20
CA CYS G 137 -4.53 59.59 -36.59
C CYS G 137 -3.60 58.41 -36.84
N MET G 138 -4.12 57.19 -36.71
CA MET G 138 -3.32 55.99 -36.78
C MET G 138 -3.10 55.63 -38.24
N ILE G 139 -1.99 56.10 -38.81
CA ILE G 139 -1.63 55.82 -40.20
C ILE G 139 -0.61 54.69 -40.22
N LEU G 140 -0.93 53.62 -40.93
CA LEU G 140 -0.07 52.44 -40.96
C LEU G 140 0.82 52.47 -42.19
N ILE G 141 1.78 51.53 -42.23
CA ILE G 141 2.63 51.36 -43.39
C ILE G 141 3.19 49.94 -43.33
N GLY G 142 3.50 49.38 -44.49
CA GLY G 142 4.07 48.05 -44.53
C GLY G 142 3.75 47.36 -45.83
N ILE G 143 4.42 46.22 -46.04
CA ILE G 143 4.26 45.43 -47.25
C ILE G 143 3.64 44.09 -46.88
N ASP G 144 2.96 43.49 -47.85
CA ASP G 144 2.32 42.20 -47.68
C ASP G 144 2.78 41.25 -48.77
N GLU G 145 2.83 39.96 -48.44
CA GLU G 145 3.28 38.94 -49.37
C GLU G 145 2.19 38.48 -50.33
N GLU G 146 0.95 38.93 -50.15
CA GLU G 146 -0.15 38.52 -50.99
C GLU G 146 -0.74 39.66 -51.83
N GLN G 147 -0.62 40.90 -51.38
CA GLN G 147 -1.18 42.04 -52.11
C GLN G 147 -0.20 43.18 -52.32
N GLY G 148 1.03 43.05 -51.84
CA GLY G 148 2.02 44.11 -52.00
C GLY G 148 1.93 45.14 -50.89
N PRO G 149 2.54 46.31 -51.12
CA PRO G 149 2.51 47.36 -50.10
C PRO G 149 1.09 47.87 -49.87
N GLN G 150 0.84 48.33 -48.64
CA GLN G 150 -0.47 48.82 -48.26
C GLN G 150 -0.32 49.98 -47.28
N VAL G 151 -1.24 50.94 -47.37
CA VAL G 151 -1.26 52.10 -46.49
C VAL G 151 -2.68 52.24 -45.92
N TYR G 152 -2.80 52.19 -44.60
CA TYR G 152 -4.08 52.25 -43.92
C TYR G 152 -4.10 53.41 -42.94
N LYS G 153 -5.28 54.00 -42.76
CA LYS G 153 -5.46 55.14 -41.87
C LYS G 153 -6.63 54.86 -40.92
N CYS G 154 -6.47 55.29 -39.66
CA CYS G 154 -7.51 55.15 -38.65
C CYS G 154 -7.77 56.49 -38.00
N ASP G 155 -8.97 56.64 -37.45
CA ASP G 155 -9.44 57.89 -36.86
C ASP G 155 -9.96 57.61 -35.46
N PRO G 156 -10.06 58.64 -34.61
CA PRO G 156 -10.54 58.42 -33.24
C PRO G 156 -11.95 57.84 -33.17
N ALA G 157 -12.80 58.14 -34.14
CA ALA G 157 -14.15 57.55 -34.14
C ALA G 157 -14.08 56.04 -34.30
N GLY G 158 -13.20 55.55 -35.16
CA GLY G 158 -13.06 54.12 -35.34
C GLY G 158 -13.27 53.67 -36.78
N TYR G 159 -13.40 54.62 -37.69
CA TYR G 159 -13.66 54.31 -39.10
C TYR G 159 -12.32 54.23 -39.82
N TYR G 160 -11.91 53.03 -40.19
CA TYR G 160 -10.69 52.82 -40.94
C TYR G 160 -11.00 52.63 -42.42
N CYS G 161 -9.97 52.67 -43.24
CA CYS G 161 -10.13 52.59 -44.68
C CYS G 161 -8.80 52.23 -45.32
N GLY G 162 -8.82 52.00 -46.63
CA GLY G 162 -7.63 51.71 -47.38
C GLY G 162 -7.35 52.76 -48.43
N PHE G 163 -6.22 53.45 -48.31
CA PHE G 163 -5.90 54.57 -49.17
C PHE G 163 -4.66 54.27 -50.00
N LYS G 164 -4.66 54.73 -51.24
CA LYS G 164 -3.47 54.70 -52.08
C LYS G 164 -2.58 55.92 -51.85
N ALA G 165 -3.07 56.91 -51.09
CA ALA G 165 -2.33 58.10 -50.72
C ALA G 165 -3.13 58.82 -49.64
N THR G 166 -2.43 59.40 -48.67
CA THR G 166 -3.10 59.98 -47.52
C THR G 166 -2.35 61.22 -47.06
N ALA G 167 -3.12 62.23 -46.66
CA ALA G 167 -2.58 63.42 -46.00
C ALA G 167 -3.32 63.61 -44.68
N ALA G 168 -2.56 63.81 -43.60
CA ALA G 168 -3.13 64.01 -42.28
C ALA G 168 -2.46 65.19 -41.61
N GLY G 169 -3.27 66.02 -40.96
CA GLY G 169 -2.76 67.20 -40.29
C GLY G 169 -3.68 68.40 -40.40
N VAL G 170 -3.11 69.60 -40.29
CA VAL G 170 -3.91 70.82 -40.33
C VAL G 170 -4.17 71.30 -41.75
N LYS G 171 -3.45 70.76 -42.74
CA LYS G 171 -3.62 71.13 -44.14
C LYS G 171 -4.10 69.95 -44.96
N GLN G 172 -5.09 69.22 -44.44
CA GLN G 172 -5.54 68.00 -45.08
C GLN G 172 -6.23 68.27 -46.42
N THR G 173 -7.03 69.34 -46.49
CA THR G 173 -7.90 69.54 -47.65
C THR G 173 -7.09 69.81 -48.91
N GLU G 174 -6.23 70.84 -48.89
CA GLU G 174 -5.46 71.18 -50.07
C GLU G 174 -4.46 70.10 -50.45
N SER G 175 -3.85 69.44 -49.45
CA SER G 175 -2.95 68.34 -49.76
C SER G 175 -3.68 67.19 -50.44
N THR G 176 -4.87 66.86 -49.95
CA THR G 176 -5.67 65.80 -50.57
C THR G 176 -6.06 66.19 -51.99
N SER G 177 -6.44 67.46 -52.20
CA SER G 177 -6.79 67.90 -53.55
C SER G 177 -5.60 67.81 -54.49
N PHE G 178 -4.41 68.21 -54.01
CA PHE G 178 -3.22 68.14 -54.86
C PHE G 178 -2.87 66.69 -55.20
N LEU G 179 -2.96 65.79 -54.22
CA LEU G 179 -2.69 64.39 -54.48
C LEU G 179 -3.71 63.80 -55.45
N GLU G 180 -4.97 64.20 -55.31
CA GLU G 180 -6.00 63.76 -56.25
C GLU G 180 -5.68 64.22 -57.66
N LYS G 181 -5.25 65.48 -57.80
CA LYS G 181 -4.89 65.98 -59.13
C LYS G 181 -3.69 65.24 -59.71
N LYS G 182 -2.69 64.94 -58.87
CA LYS G 182 -1.46 64.33 -59.37
C LYS G 182 -1.65 62.85 -59.71
N VAL G 183 -2.44 62.13 -58.92
CA VAL G 183 -2.57 60.68 -59.12
C VAL G 183 -3.24 60.38 -60.45
N LYS G 184 -4.25 61.16 -60.83
CA LYS G 184 -5.00 60.90 -62.05
C LYS G 184 -4.17 61.09 -63.31
N LYS G 185 -2.99 61.70 -63.22
CA LYS G 185 -2.18 61.92 -64.41
C LYS G 185 -1.40 60.66 -64.79
N LYS G 186 -0.55 60.19 -63.89
CA LYS G 186 0.28 59.02 -64.14
C LYS G 186 -0.03 57.93 -63.12
N PHE G 187 0.16 56.67 -63.54
CA PHE G 187 -0.17 55.52 -62.71
C PHE G 187 1.05 54.77 -62.20
N ASP G 188 2.09 54.61 -63.02
CA ASP G 188 3.30 53.93 -62.58
C ASP G 188 4.13 54.84 -61.67
N TRP G 189 4.90 54.22 -60.79
CA TRP G 189 5.74 54.95 -59.86
C TRP G 189 7.01 54.15 -59.59
N THR G 190 7.92 54.76 -58.84
CA THR G 190 9.12 54.11 -58.36
C THR G 190 9.55 54.79 -57.07
N PHE G 191 10.57 54.22 -56.42
CA PHE G 191 11.00 54.72 -55.13
C PHE G 191 11.38 56.20 -55.21
N GLU G 192 12.25 56.54 -56.15
CA GLU G 192 12.66 57.94 -56.30
C GLU G 192 11.48 58.82 -56.67
N GLN G 193 10.64 58.35 -57.59
CA GLN G 193 9.47 59.13 -58.00
C GLN G 193 8.52 59.36 -56.84
N THR G 194 8.27 58.33 -56.03
CA THR G 194 7.37 58.49 -54.90
C THR G 194 7.94 59.45 -53.86
N VAL G 195 9.24 59.34 -53.57
CA VAL G 195 9.85 60.25 -52.60
C VAL G 195 9.77 61.69 -53.10
N GLU G 196 10.07 61.90 -54.38
CA GLU G 196 10.01 63.25 -54.94
C GLU G 196 8.59 63.78 -54.92
N THR G 197 7.61 62.92 -55.23
CA THR G 197 6.21 63.35 -55.21
C THR G 197 5.78 63.76 -53.82
N ALA G 198 6.15 62.97 -52.81
CA ALA G 198 5.79 63.31 -51.43
C ALA G 198 6.43 64.63 -51.00
N ILE G 199 7.72 64.80 -51.31
CA ILE G 199 8.42 66.03 -50.93
C ILE G 199 7.79 67.23 -51.65
N THR G 200 7.50 67.08 -52.93
CA THR G 200 6.90 68.18 -53.70
C THR G 200 5.52 68.53 -53.15
N CYS G 201 4.72 67.53 -52.79
CA CYS G 201 3.40 67.80 -52.22
C CYS G 201 3.53 68.56 -50.92
N LEU G 202 4.45 68.12 -50.04
CA LEU G 202 4.62 68.81 -48.77
C LEU G 202 5.08 70.25 -48.98
N SER G 203 6.02 70.46 -49.89
CA SER G 203 6.53 71.80 -50.14
C SER G 203 5.46 72.70 -50.74
N THR G 204 4.67 72.20 -51.69
CA THR G 204 3.66 73.01 -52.32
C THR G 204 2.45 73.25 -51.42
N VAL G 205 2.25 72.41 -50.40
CA VAL G 205 1.18 72.65 -49.45
C VAL G 205 1.63 73.67 -48.40
N LEU G 206 2.81 73.45 -47.81
CA LEU G 206 3.32 74.40 -46.83
C LEU G 206 3.80 75.69 -47.47
N SER G 207 4.13 75.67 -48.76
CA SER G 207 4.58 76.85 -49.49
C SER G 207 5.81 77.48 -48.85
N ILE G 208 6.71 76.63 -48.33
CA ILE G 208 7.94 77.09 -47.71
C ILE G 208 9.09 76.22 -48.20
N ASP G 209 10.29 76.76 -48.09
CA ASP G 209 11.50 76.01 -48.44
C ASP G 209 11.83 75.01 -47.34
N PHE G 210 12.28 73.83 -47.73
CA PHE G 210 12.60 72.77 -46.79
C PHE G 210 14.11 72.73 -46.56
N LYS G 211 14.51 72.93 -45.31
CA LYS G 211 15.91 72.80 -44.94
C LYS G 211 16.35 71.34 -45.09
N PRO G 212 17.62 71.09 -45.40
CA PRO G 212 18.08 69.70 -45.52
C PRO G 212 17.77 68.83 -44.32
N SER G 213 17.84 69.35 -43.11
CA SER G 213 17.45 68.60 -41.91
C SER G 213 16.19 69.26 -41.33
N GLU G 214 15.05 68.93 -41.92
CA GLU G 214 13.76 69.27 -41.35
C GLU G 214 12.73 68.16 -41.44
N ILE G 215 12.88 67.20 -42.35
CA ILE G 215 11.90 66.16 -42.61
C ILE G 215 12.58 64.81 -42.52
N GLU G 216 11.98 63.90 -41.75
CA GLU G 216 12.45 62.52 -41.69
C GLU G 216 11.58 61.65 -42.60
N VAL G 217 12.18 60.58 -43.11
CA VAL G 217 11.53 59.71 -44.08
C VAL G 217 11.73 58.26 -43.64
N GLY G 218 10.63 57.53 -43.50
CA GLY G 218 10.70 56.09 -43.26
C GLY G 218 10.07 55.32 -44.39
N VAL G 219 10.76 54.29 -44.89
CA VAL G 219 10.30 53.57 -46.07
C VAL G 219 10.40 52.06 -45.82
N VAL G 220 9.65 51.31 -46.63
CA VAL G 220 9.78 49.86 -46.72
C VAL G 220 9.73 49.48 -48.19
N THR G 221 10.59 48.57 -48.60
CA THR G 221 10.71 48.17 -49.99
C THR G 221 10.57 46.65 -50.10
N VAL G 222 10.31 46.19 -51.33
CA VAL G 222 10.17 44.77 -51.58
C VAL G 222 11.47 44.04 -51.27
N GLU G 223 12.60 44.60 -51.72
CA GLU G 223 13.89 43.97 -51.49
C GLU G 223 14.28 44.02 -50.02
N ASN G 224 13.90 45.08 -49.30
CA ASN G 224 14.25 45.27 -47.89
C ASN G 224 12.97 45.51 -47.10
N PRO G 225 12.24 44.45 -46.77
CA PRO G 225 10.99 44.63 -46.01
C PRO G 225 11.19 45.25 -44.64
N LYS G 226 12.39 45.14 -44.07
CA LYS G 226 12.64 45.67 -42.73
C LYS G 226 12.41 47.17 -42.70
N PHE G 227 11.70 47.63 -41.67
CA PHE G 227 11.37 49.05 -41.54
C PHE G 227 12.61 49.83 -41.15
N ARG G 228 13.04 50.74 -42.03
CA ARG G 228 14.24 51.53 -41.82
C ARG G 228 13.91 53.01 -41.98
N ILE G 229 14.67 53.85 -41.27
CA ILE G 229 14.50 55.29 -41.30
C ILE G 229 15.66 55.89 -42.09
N LEU G 230 15.33 56.71 -43.08
CA LEU G 230 16.37 57.38 -43.86
C LEU G 230 17.20 58.29 -42.97
N THR G 231 18.51 58.24 -43.16
CA THR G 231 19.41 59.07 -42.38
C THR G 231 19.39 60.51 -42.90
N GLU G 232 20.22 61.36 -42.30
CA GLU G 232 20.31 62.74 -42.75
C GLU G 232 20.90 62.84 -44.15
N ALA G 233 21.89 61.98 -44.46
CA ALA G 233 22.58 62.07 -45.74
C ALA G 233 21.62 61.80 -46.90
N GLU G 234 20.81 60.75 -46.81
CA GLU G 234 19.90 60.41 -47.89
C GLU G 234 18.84 61.49 -48.10
N ILE G 235 18.29 62.01 -46.99
CA ILE G 235 17.28 63.06 -47.10
C ILE G 235 17.88 64.31 -47.73
N ASP G 236 19.09 64.69 -47.30
CA ASP G 236 19.76 65.85 -47.88
C ASP G 236 20.04 65.64 -49.37
N ALA G 237 20.49 64.44 -49.75
CA ALA G 237 20.78 64.18 -51.15
C ALA G 237 19.52 64.27 -52.00
N HIS G 238 18.41 63.69 -51.52
CA HIS G 238 17.17 63.78 -52.28
C HIS G 238 16.67 65.22 -52.36
N LEU G 239 16.80 65.97 -51.27
CA LEU G 239 16.33 67.36 -51.28
C LEU G 239 17.14 68.21 -52.24
N VAL G 240 18.46 68.02 -52.29
CA VAL G 240 19.27 68.81 -53.21
C VAL G 240 19.12 68.32 -54.64
N ALA G 241 18.79 67.04 -54.85
CA ALA G 241 18.53 66.56 -56.19
C ALA G 241 17.19 67.05 -56.72
N LEU G 242 16.23 67.32 -55.81
CA LEU G 242 14.95 67.85 -56.23
C LEU G 242 15.12 69.20 -56.91
N ALA G 243 14.42 69.38 -58.03
CA ALA G 243 14.41 70.63 -58.79
C ALA G 243 15.83 71.02 -59.20
N GLU G 244 16.45 70.15 -60.00
CA GLU G 244 17.80 70.40 -60.49
C GLU G 244 18.07 69.62 -61.77
N SER H 8 -10.10 26.84 10.94
CA SER H 8 -10.19 27.38 9.59
C SER H 8 -10.46 26.27 8.57
N PRO H 15 -14.49 29.60 9.31
CA PRO H 15 -14.65 30.51 10.45
C PRO H 15 -15.87 30.19 11.30
N VAL H 16 -15.80 30.49 12.59
CA VAL H 16 -16.89 30.25 13.52
C VAL H 16 -18.02 31.24 13.25
N THR H 17 -19.18 31.00 13.87
CA THR H 17 -20.36 31.81 13.62
C THR H 17 -20.16 33.28 13.99
N GLU H 18 -19.15 33.58 14.79
CA GLU H 18 -18.81 34.96 15.18
C GLU H 18 -18.81 35.92 13.99
N ASP H 29 -29.43 31.90 8.74
CA ASP H 29 -30.40 31.07 8.02
C ASP H 29 -29.71 29.91 7.32
N LEU H 30 -30.08 28.69 7.71
CA LEU H 30 -29.51 27.49 7.11
C LEU H 30 -30.32 26.94 5.94
N LEU H 31 -31.62 27.24 5.88
CA LEU H 31 -32.43 26.81 4.75
C LEU H 31 -31.98 27.48 3.47
N ARG H 32 -31.62 28.76 3.53
CA ARG H 32 -31.21 29.49 2.34
C ARG H 32 -29.91 28.92 1.77
N LYS H 33 -28.95 28.60 2.63
CA LYS H 33 -27.68 28.00 2.22
C LYS H 33 -27.40 26.84 3.17
N GLY H 34 -27.51 25.62 2.65
CA GLY H 34 -27.30 24.45 3.50
C GLY H 34 -26.88 23.25 2.69
N PHE H 35 -26.61 22.17 3.42
CA PHE H 35 -26.20 20.89 2.84
C PHE H 35 -24.89 21.03 2.05
N SER H 36 -23.85 21.46 2.77
CA SER H 36 -22.51 21.58 2.20
C SER H 36 -21.52 21.38 3.34
N CYS H 37 -20.98 20.17 3.46
CA CYS H 37 -20.07 19.87 4.55
C CYS H 37 -18.73 20.57 4.34
N VAL H 38 -18.10 20.95 5.46
CA VAL H 38 -16.81 21.62 5.43
C VAL H 38 -15.68 20.68 5.05
N LYS H 39 -15.97 19.37 4.98
CA LYS H 39 -14.92 18.37 4.85
C LYS H 39 -14.11 18.56 3.56
N ASN H 40 -14.78 18.72 2.42
CA ASN H 40 -14.12 18.50 1.14
C ASN H 40 -14.03 19.75 0.26
N GLU H 41 -14.42 20.93 0.74
CA GLU H 41 -14.06 22.13 -0.02
C GLU H 41 -12.59 22.49 0.20
N LEU H 42 -12.03 22.14 1.35
CA LEU H 42 -10.58 22.17 1.54
C LEU H 42 -9.97 20.81 1.21
N LEU H 43 -10.36 20.28 0.06
CA LEU H 43 -9.85 19.04 -0.50
C LEU H 43 -10.21 19.02 -1.98
N PRO H 44 -9.30 19.45 -2.86
CA PRO H 44 -9.68 19.62 -4.27
C PRO H 44 -10.06 18.29 -4.93
N SER H 45 -10.99 18.39 -5.87
CA SER H 45 -11.44 17.26 -6.67
C SER H 45 -10.42 16.96 -7.74
N HIS H 46 -10.83 16.21 -8.78
CA HIS H 46 -9.99 15.85 -9.93
C HIS H 46 -9.08 17.01 -10.30
N PRO H 47 -7.76 16.76 -10.41
CA PRO H 47 -6.77 17.86 -10.46
C PRO H 47 -7.09 19.00 -11.41
N LEU H 48 -7.95 18.77 -12.41
CA LEU H 48 -8.40 19.84 -13.30
C LEU H 48 -9.61 20.56 -12.68
N GLU H 49 -9.42 21.02 -11.44
CA GLU H 49 -10.45 21.75 -10.71
C GLU H 49 -10.09 23.22 -10.55
N LEU H 50 -8.91 23.52 -10.02
CA LEU H 50 -8.49 24.90 -9.88
C LEU H 50 -8.07 25.52 -11.21
N SER H 51 -7.85 24.70 -12.24
CA SER H 51 -7.55 25.19 -13.57
C SER H 51 -8.78 25.32 -14.45
N GLU H 52 -9.96 25.04 -13.92
CA GLU H 52 -11.20 25.17 -14.68
C GLU H 52 -12.23 26.02 -13.96
N LYS H 53 -12.31 25.95 -12.64
CA LYS H 53 -13.21 26.84 -11.89
C LYS H 53 -12.77 28.29 -12.01
N ASN H 54 -11.46 28.53 -11.97
CA ASN H 54 -10.87 29.87 -12.08
C ASN H 54 -9.90 29.84 -13.25
N PHE H 55 -10.41 30.14 -14.45
CA PHE H 55 -9.58 30.18 -15.64
C PHE H 55 -9.40 31.60 -16.20
N GLN H 56 -10.49 32.33 -16.38
CA GLN H 56 -10.38 33.70 -16.88
C GLN H 56 -9.59 34.56 -15.91
N LEU H 57 -9.84 34.40 -14.61
CA LEU H 57 -9.09 35.17 -13.62
C LEU H 57 -7.60 34.87 -13.70
N ASN H 58 -7.23 33.59 -13.82
CA ASN H 58 -5.82 33.23 -13.89
C ASN H 58 -5.17 33.74 -15.16
N GLN H 59 -5.85 33.63 -16.30
CA GLN H 59 -5.29 34.14 -17.55
C GLN H 59 -5.10 35.65 -17.49
N ASP H 60 -6.09 36.36 -16.95
CA ASP H 60 -5.97 37.81 -16.81
C ASP H 60 -4.83 38.17 -15.86
N LYS H 61 -4.69 37.42 -14.76
CA LYS H 61 -3.60 37.69 -13.84
C LYS H 61 -2.24 37.48 -14.49
N MET H 62 -2.10 36.41 -15.28
CA MET H 62 -0.84 36.16 -15.96
C MET H 62 -0.52 37.27 -16.95
N ASN H 63 -1.52 37.69 -17.74
CA ASN H 63 -1.29 38.77 -18.69
C ASN H 63 -0.95 40.07 -17.99
N PHE H 64 -1.64 40.36 -16.87
CA PHE H 64 -1.36 41.58 -16.13
C PHE H 64 0.06 41.56 -15.57
N SER H 65 0.48 40.41 -15.03
CA SER H 65 1.84 40.30 -14.51
C SER H 65 2.86 40.50 -15.61
N THR H 66 2.64 39.88 -16.77
CA THR H 66 3.57 40.04 -17.88
C THR H 66 3.67 41.49 -18.31
N LEU H 67 2.53 42.16 -18.50
CA LEU H 67 2.54 43.55 -18.92
C LEU H 67 3.19 44.44 -17.88
N ARG H 68 2.91 44.18 -16.60
CA ARG H 68 3.47 44.99 -15.53
C ARG H 68 4.99 44.81 -15.46
N ASN H 69 5.46 43.61 -15.78
CA ASN H 69 6.90 43.34 -15.75
C ASN H 69 7.62 43.95 -16.95
N ILE H 70 7.03 43.91 -18.13
CA ILE H 70 7.79 44.24 -19.33
C ILE H 70 7.48 45.64 -19.85
N GLN H 71 6.25 46.12 -19.63
CA GLN H 71 5.84 47.38 -20.20
C GLN H 71 5.73 48.52 -19.21
N GLY H 72 5.53 48.22 -17.93
CA GLY H 72 5.42 49.24 -16.91
C GLY H 72 4.20 49.02 -16.03
N LEU H 73 4.07 49.89 -15.04
CA LEU H 73 2.99 49.77 -14.07
C LEU H 73 1.69 50.40 -14.55
N PHE H 74 1.71 51.17 -15.64
CA PHE H 74 0.51 51.85 -16.09
C PHE H 74 -0.48 50.90 -16.74
N ALA H 75 0.03 49.94 -17.53
CA ALA H 75 -0.86 49.14 -18.37
C ALA H 75 -1.80 48.25 -17.56
N PRO H 76 -1.34 47.48 -16.57
CA PRO H 76 -2.31 46.66 -15.82
C PRO H 76 -3.32 47.49 -15.05
N LEU H 77 -2.89 48.59 -14.44
CA LEU H 77 -3.82 49.47 -13.74
C LEU H 77 -4.89 50.00 -14.69
N LYS H 78 -4.45 50.54 -15.83
CA LYS H 78 -5.39 51.09 -16.80
C LYS H 78 -6.34 50.03 -17.32
N LEU H 79 -5.83 48.86 -17.70
CA LEU H 79 -6.67 47.84 -18.29
C LEU H 79 -7.65 47.27 -17.28
N GLN H 80 -7.20 47.02 -16.05
CA GLN H 80 -8.09 46.46 -15.04
C GLN H 80 -9.16 47.47 -14.62
N MET H 81 -8.80 48.76 -14.58
CA MET H 81 -9.81 49.74 -14.22
C MET H 81 -10.78 49.97 -15.37
N GLU H 82 -10.33 49.78 -16.61
CA GLU H 82 -11.26 49.71 -17.74
C GLU H 82 -12.22 48.54 -17.60
N PHE H 83 -11.71 47.38 -17.20
CA PHE H 83 -12.56 46.23 -16.93
C PHE H 83 -13.63 46.58 -15.90
N LYS H 84 -13.21 47.21 -14.80
CA LYS H 84 -14.15 47.59 -13.76
C LYS H 84 -15.19 48.57 -14.29
N ALA H 85 -14.76 49.54 -15.08
CA ALA H 85 -15.69 50.54 -15.62
C ALA H 85 -16.73 49.89 -16.54
N VAL H 86 -16.31 48.95 -17.38
CA VAL H 86 -17.24 48.36 -18.33
C VAL H 86 -18.08 47.27 -17.70
N GLN H 87 -17.67 46.73 -16.55
CA GLN H 87 -18.36 45.58 -15.97
C GLN H 87 -19.73 45.97 -15.41
N GLN H 88 -19.91 47.21 -14.96
CA GLN H 88 -21.08 47.60 -14.17
C GLN H 88 -22.15 48.28 -15.01
N VAL H 89 -22.34 47.85 -16.25
CA VAL H 89 -23.41 48.38 -17.10
C VAL H 89 -24.30 47.26 -17.63
N GLN H 90 -24.08 46.02 -17.20
CA GLN H 90 -24.87 44.89 -17.65
C GLN H 90 -26.25 44.90 -16.99
N ARG H 91 -27.09 43.96 -17.41
CA ARG H 91 -28.40 43.80 -16.80
C ARG H 91 -28.25 43.27 -15.37
N LEU H 92 -29.36 43.24 -14.65
CA LEU H 92 -29.34 42.78 -13.27
C LEU H 92 -28.99 41.29 -13.22
N PRO H 93 -28.38 40.83 -12.12
CA PRO H 93 -27.82 39.47 -12.10
C PRO H 93 -28.84 38.37 -12.36
N PHE H 94 -30.10 38.55 -11.99
CA PHE H 94 -31.08 37.49 -12.18
C PHE H 94 -31.56 37.36 -13.61
N LEU H 95 -30.87 37.98 -14.58
CA LEU H 95 -31.16 37.78 -15.98
C LEU H 95 -29.85 37.57 -16.73
N SER H 96 -29.94 36.91 -17.88
CA SER H 96 -28.76 36.61 -18.68
C SER H 96 -28.11 37.88 -19.19
N SER H 97 -26.78 37.91 -19.17
CA SER H 97 -26.01 39.07 -19.59
C SER H 97 -25.47 38.83 -21.00
N SER H 98 -25.75 39.76 -21.91
CA SER H 98 -25.30 39.62 -23.28
C SER H 98 -23.77 39.65 -23.37
N ASN H 99 -23.15 40.57 -22.63
CA ASN H 99 -21.69 40.72 -22.62
C ASN H 99 -21.15 40.96 -24.03
N LEU H 100 -21.85 41.78 -24.81
CA LEU H 100 -21.35 42.14 -26.13
C LEU H 100 -20.05 42.93 -26.03
N SER H 101 -20.00 43.91 -25.11
CA SER H 101 -18.76 44.63 -24.87
C SER H 101 -17.88 43.84 -23.91
N LEU H 102 -16.71 44.41 -23.61
CA LEU H 102 -15.71 43.83 -22.71
C LEU H 102 -15.06 42.61 -23.36
N ASP H 103 -15.63 42.15 -24.47
CA ASP H 103 -15.13 40.96 -25.14
C ASP H 103 -14.04 41.32 -26.15
N VAL H 104 -14.32 42.29 -27.03
CA VAL H 104 -13.29 42.78 -27.93
C VAL H 104 -12.17 43.42 -27.15
N LEU H 105 -12.47 43.98 -25.97
CA LEU H 105 -11.43 44.56 -25.13
C LEU H 105 -10.63 43.49 -24.42
N ARG H 106 -11.28 42.39 -24.00
CA ARG H 106 -10.57 41.29 -23.39
C ARG H 106 -9.60 40.64 -24.37
N GLY H 107 -10.03 40.48 -25.63
CA GLY H 107 -9.24 39.80 -26.63
C GLY H 107 -9.83 38.48 -27.10
N ASN H 108 -10.94 38.03 -26.51
CA ASN H 108 -11.59 36.77 -26.88
C ASN H 108 -12.74 37.02 -27.86
N ASP H 109 -12.57 37.99 -28.76
CA ASP H 109 -13.67 38.38 -29.65
C ASP H 109 -14.10 37.22 -30.55
N GLU H 110 -13.16 36.48 -31.12
CA GLU H 110 -13.45 35.19 -31.75
C GLU H 110 -12.47 34.16 -31.24
N THR H 111 -12.76 33.59 -30.08
CA THR H 111 -12.00 32.48 -29.51
C THR H 111 -12.96 31.47 -28.89
N ILE H 112 -14.01 31.13 -29.64
CA ILE H 112 -15.02 30.20 -29.14
C ILE H 112 -14.35 28.91 -28.66
N GLY H 113 -14.78 28.44 -27.49
CA GLY H 113 -14.15 27.27 -26.88
C GLY H 113 -15.07 26.55 -25.93
N PHE H 114 -14.50 25.83 -24.97
CA PHE H 114 -15.31 25.06 -24.02
C PHE H 114 -15.80 25.94 -22.89
N GLU H 115 -16.35 27.11 -23.21
CA GLU H 115 -16.91 28.04 -22.25
C GLU H 115 -18.33 28.48 -22.58
N ASP H 116 -18.79 28.30 -23.81
CA ASP H 116 -20.10 28.78 -24.23
C ASP H 116 -20.97 27.71 -24.86
N ILE H 117 -20.39 26.62 -25.39
CA ILE H 117 -21.18 25.55 -25.97
C ILE H 117 -21.60 24.51 -24.95
N LEU H 118 -20.92 24.43 -23.81
CA LEU H 118 -21.22 23.46 -22.77
C LEU H 118 -21.81 24.18 -21.56
N ASN H 119 -23.02 23.79 -21.18
CA ASN H 119 -23.73 24.40 -20.05
C ASN H 119 -23.84 25.92 -20.23
N ASP H 120 -24.50 26.31 -21.31
CA ASP H 120 -24.66 27.72 -21.60
C ASP H 120 -25.49 28.38 -20.50
N PRO H 121 -25.01 29.46 -19.90
CA PRO H 121 -25.73 30.04 -18.75
C PRO H 121 -27.11 30.57 -19.07
N SER H 122 -27.43 30.79 -20.35
CA SER H 122 -28.77 31.27 -20.69
C SER H 122 -29.84 30.27 -20.29
N GLN H 123 -29.60 28.99 -20.53
CA GLN H 123 -30.53 27.93 -20.11
C GLN H 123 -30.07 27.32 -18.80
N SER H 124 -30.09 28.15 -17.76
CA SER H 124 -29.68 27.70 -16.43
C SER H 124 -30.70 26.73 -15.86
N GLU H 125 -30.21 25.59 -15.36
CA GLU H 125 -31.12 24.57 -14.85
C GLU H 125 -31.73 24.97 -13.51
N VAL H 126 -31.04 25.80 -12.74
CA VAL H 126 -31.52 26.24 -11.43
C VAL H 126 -31.36 27.75 -11.37
N MET H 127 -32.30 28.42 -10.70
CA MET H 127 -32.33 29.87 -10.70
C MET H 127 -32.74 30.37 -9.32
N GLY H 128 -32.10 31.45 -8.86
CA GLY H 128 -32.36 31.99 -7.54
C GLY H 128 -33.42 33.09 -7.55
N GLU H 129 -33.71 33.58 -6.36
CA GLU H 129 -34.67 34.68 -6.21
C GLU H 129 -34.05 35.99 -6.69
N PRO H 130 -34.86 36.87 -7.28
CA PRO H 130 -34.29 38.12 -7.82
C PRO H 130 -33.70 39.03 -6.76
N HIS H 131 -34.48 39.35 -5.72
CA HIS H 131 -34.00 40.27 -4.69
C HIS H 131 -32.76 39.73 -3.99
N LEU H 132 -32.77 38.44 -3.66
CA LEU H 132 -31.62 37.85 -3.00
C LEU H 132 -30.37 37.94 -3.86
N MET H 133 -30.49 37.58 -5.14
CA MET H 133 -29.32 37.60 -6.01
C MET H 133 -28.79 39.02 -6.21
N VAL H 134 -29.68 39.99 -6.40
CA VAL H 134 -29.20 41.36 -6.61
C VAL H 134 -28.57 41.91 -5.33
N GLU H 135 -29.15 41.59 -4.17
CA GLU H 135 -28.57 42.09 -2.93
C GLU H 135 -27.26 41.40 -2.60
N TYR H 136 -27.08 40.16 -3.06
CA TYR H 136 -25.79 39.50 -2.91
C TYR H 136 -24.76 40.08 -3.87
N LYS H 137 -25.18 40.41 -5.10
CA LYS H 137 -24.27 41.02 -6.07
C LYS H 137 -23.79 42.38 -5.55
N LEU H 138 -24.70 43.15 -4.95
CA LEU H 138 -24.29 44.40 -4.31
C LEU H 138 -23.34 44.18 -3.14
N GLY H 139 -23.24 42.97 -2.63
CA GLY H 139 -22.38 42.68 -1.51
C GLY H 139 -22.92 43.10 -0.16
N LEU H 140 -24.20 43.46 -0.09
CA LEU H 140 -24.78 43.92 1.17
C LEU H 140 -24.78 42.81 2.22
N LEU H 141 -25.07 41.58 1.81
CA LEU H 141 -25.09 40.45 2.73
C LEU H 141 -23.71 40.17 3.31
N ALA I 2 -25.07 65.09 -5.51
CA ALA I 2 -24.30 64.89 -6.73
C ALA I 2 -24.87 63.73 -7.54
N ALA I 3 -23.99 62.85 -8.02
CA ALA I 3 -24.40 61.69 -8.81
C ALA I 3 -24.95 60.64 -7.86
N THR I 4 -26.27 60.48 -7.84
CA THR I 4 -26.90 59.51 -6.95
C THR I 4 -26.49 58.09 -7.30
N PHE I 5 -26.43 57.77 -8.60
CA PHE I 5 -26.01 56.46 -9.05
C PHE I 5 -25.16 56.62 -10.30
N PHE I 6 -24.58 55.51 -10.76
CA PHE I 6 -23.67 55.53 -11.89
C PHE I 6 -24.38 55.97 -13.16
N GLY I 7 -23.77 56.90 -13.88
CA GLY I 7 -24.26 57.35 -15.17
C GLY I 7 -25.37 58.38 -15.12
N GLU I 8 -25.83 58.77 -13.94
CA GLU I 8 -26.92 59.73 -13.84
C GLU I 8 -26.46 61.11 -14.30
N VAL I 9 -27.32 61.79 -15.06
CA VAL I 9 -27.01 63.13 -15.55
C VAL I 9 -27.29 64.13 -14.42
N VAL I 10 -26.29 64.92 -14.08
CA VAL I 10 -26.38 65.90 -13.00
C VAL I 10 -26.47 67.30 -13.61
N LYS I 11 -27.49 68.05 -13.21
CA LYS I 11 -27.63 69.42 -13.66
C LYS I 11 -26.64 70.32 -12.93
N ALA I 12 -26.07 71.27 -13.65
CA ALA I 12 -25.11 72.19 -13.05
C ALA I 12 -25.80 73.04 -11.99
N PRO I 13 -25.28 73.09 -10.77
CA PRO I 13 -25.91 73.92 -9.74
C PRO I 13 -25.92 75.39 -10.14
N CYS I 14 -27.03 76.06 -9.87
CA CYS I 14 -27.20 77.44 -10.28
C CYS I 14 -26.49 78.38 -9.31
N ARG I 15 -26.28 79.61 -9.77
CA ARG I 15 -25.68 80.67 -8.96
C ARG I 15 -26.60 81.85 -8.75
N ALA I 16 -27.24 82.33 -9.82
CA ALA I 16 -28.17 83.45 -9.69
C ALA I 16 -29.38 83.07 -8.85
N GLY I 17 -29.91 81.87 -9.06
CA GLY I 17 -31.08 81.41 -8.33
C GLY I 17 -32.31 81.23 -9.19
N THR I 18 -32.10 80.87 -10.45
CA THR I 18 -33.18 80.70 -11.40
C THR I 18 -33.73 79.28 -11.45
N GLU I 19 -33.26 78.40 -10.57
CA GLU I 19 -33.75 77.02 -10.54
C GLU I 19 -35.20 76.92 -10.10
N ASP I 20 -35.77 77.97 -9.52
CA ASP I 20 -37.16 77.94 -9.08
C ASP I 20 -38.10 77.84 -10.27
N GLU I 21 -39.13 76.99 -10.13
CA GLU I 21 -40.12 76.81 -11.16
C GLU I 21 -41.27 77.79 -10.94
N GLU I 22 -42.37 77.59 -11.67
CA GLU I 22 -43.53 78.46 -11.55
C GLU I 22 -44.17 78.35 -10.16
N GLU I 30 -53.58 78.11 -8.67
CA GLU I 30 -53.32 76.74 -8.27
C GLU I 30 -54.60 76.11 -7.69
N THR I 31 -54.64 74.79 -7.66
CA THR I 31 -55.82 74.08 -7.17
C THR I 31 -56.02 74.34 -5.68
N PRO I 32 -57.28 74.33 -5.21
CA PRO I 32 -57.54 74.66 -3.79
C PRO I 32 -56.86 73.72 -2.81
N GLU I 33 -56.70 72.44 -3.14
CA GLU I 33 -56.07 71.50 -2.20
C GLU I 33 -54.60 71.81 -1.94
N ASP I 34 -53.91 72.44 -2.89
CA ASP I 34 -52.56 72.95 -2.69
C ASP I 34 -52.57 74.41 -2.23
N ARG I 35 -53.69 75.09 -2.45
CA ARG I 35 -53.81 76.53 -2.19
C ARG I 35 -53.58 76.86 -0.72
N GLU I 36 -53.89 75.92 0.19
CA GLU I 36 -53.82 76.21 1.62
C GLU I 36 -52.48 75.85 2.25
N VAL I 37 -51.74 74.90 1.67
CA VAL I 37 -50.46 74.49 2.26
C VAL I 37 -49.50 75.67 2.35
N ARG I 38 -49.47 76.48 1.29
CA ARG I 38 -48.62 77.67 1.28
C ARG I 38 -48.99 78.61 2.40
N LEU I 39 -50.28 78.84 2.61
CA LEU I 39 -50.73 79.76 3.65
C LEU I 39 -50.43 79.22 5.05
N GLN I 40 -50.57 77.90 5.23
CA GLN I 40 -50.19 77.29 6.51
C GLN I 40 -48.70 77.48 6.79
N LEU I 41 -47.85 77.24 5.79
CA LEU I 41 -46.43 77.45 5.98
C LEU I 41 -46.12 78.92 6.26
N ALA I 42 -46.79 79.83 5.55
CA ALA I 42 -46.54 81.26 5.74
C ALA I 42 -46.97 81.72 7.13
N ARG I 43 -48.13 81.27 7.60
CA ARG I 43 -48.59 81.64 8.93
C ARG I 43 -47.66 81.08 9.99
N LYS I 44 -47.17 79.85 9.80
CA LYS I 44 -46.21 79.32 10.75
C LYS I 44 -44.92 80.13 10.74
N ARG I 45 -44.47 80.55 9.57
CA ARG I 45 -43.23 81.32 9.43
C ARG I 45 -43.43 82.82 9.60
N GLU I 46 -44.67 83.28 9.75
CA GLU I 46 -44.92 84.71 9.92
C GLU I 46 -44.36 85.19 11.25
N VAL I 47 -44.00 86.47 11.30
CA VAL I 47 -43.41 87.09 12.49
C VAL I 47 -44.46 87.93 13.19
N ARG I 48 -44.53 87.79 14.51
CA ARG I 48 -45.45 88.57 15.33
C ARG I 48 -44.70 89.05 16.57
N LEU I 49 -45.16 90.17 17.12
CA LEU I 49 -44.56 90.75 18.31
C LEU I 49 -45.41 90.36 19.52
N LEU I 50 -44.75 89.87 20.56
CA LEU I 50 -45.40 89.31 21.74
C LEU I 50 -44.81 89.90 23.01
N ARG I 51 -44.73 91.24 23.05
CA ARG I 51 -44.21 91.96 24.20
C ARG I 51 -44.78 91.41 25.51
N ARG I 52 -43.90 90.87 26.35
CA ARG I 52 -44.32 90.09 27.51
C ARG I 52 -44.78 91.00 28.63
N GLN I 53 -45.92 91.65 28.39
CA GLN I 53 -46.66 92.34 29.44
C GLN I 53 -47.84 91.50 29.94
N THR I 54 -48.78 91.19 29.04
CA THR I 54 -49.74 90.11 29.26
C THR I 54 -50.16 89.56 27.89
N LYS I 55 -49.43 88.54 27.43
CA LYS I 55 -49.66 87.88 26.14
C LYS I 55 -50.04 88.89 25.05
N THR I 56 -49.30 90.00 25.00
CA THR I 56 -49.68 91.10 24.14
C THR I 56 -49.32 90.81 22.69
N SER I 57 -49.91 91.62 21.80
CA SER I 57 -49.66 91.52 20.36
C SER I 57 -49.17 92.81 19.75
N LEU I 58 -49.62 93.97 20.25
CA LEU I 58 -49.21 95.27 19.74
C LEU I 58 -49.45 95.39 18.23
N VAL I 60 -49.78 99.78 14.50
CA VAL I 60 -49.04 99.75 15.76
C VAL I 60 -47.61 99.26 15.52
N SER I 61 -46.66 99.94 16.12
CA SER I 61 -45.25 99.57 16.00
C SER I 61 -44.52 100.03 17.26
N LEU I 62 -43.30 99.53 17.42
CA LEU I 62 -42.53 99.85 18.62
C LEU I 62 -42.26 101.34 18.74
N LEU I 63 -41.89 101.99 17.63
CA LEU I 63 -41.59 103.42 17.66
C LEU I 63 -42.82 104.30 17.53
N GLU I 64 -43.99 103.71 17.27
CA GLU I 64 -45.21 104.51 17.18
C GLU I 64 -45.70 104.96 18.55
N LYS I 65 -45.58 104.09 19.56
CA LYS I 65 -46.08 104.42 20.89
C LYS I 65 -45.20 105.44 21.61
N TYR I 66 -43.96 105.62 21.17
CA TYR I 66 -43.01 106.51 21.84
C TYR I 66 -41.83 106.84 20.96
N PRO I 67 -41.25 108.04 21.08
CA PRO I 67 -40.05 108.38 20.32
C PRO I 67 -38.79 108.09 21.12
N CYS I 68 -37.66 108.17 20.41
CA CYS I 68 -36.35 107.94 21.02
C CYS I 68 -35.30 108.62 20.16
N SER I 69 -34.10 108.76 20.73
CA SER I 69 -32.97 109.38 20.03
C SER I 69 -31.85 108.42 19.69
N LYS I 70 -31.64 107.39 20.51
CA LYS I 70 -30.59 106.40 20.27
C LYS I 70 -31.20 105.01 20.30
N PHE I 71 -30.92 104.21 19.29
CA PHE I 71 -31.51 102.88 19.11
C PHE I 71 -30.43 101.88 18.76
N ILE I 72 -29.36 101.85 19.56
CA ILE I 72 -28.27 100.91 19.35
C ILE I 72 -28.81 99.48 19.35
N ILE I 73 -28.45 98.70 18.33
CA ILE I 73 -28.89 97.32 18.19
C ILE I 73 -27.65 96.44 18.10
N ALA I 74 -27.62 95.38 18.91
CA ALA I 74 -26.53 94.41 18.90
C ALA I 74 -27.06 93.09 18.35
N ILE I 75 -26.43 92.59 17.29
CA ILE I 75 -26.81 91.36 16.63
C ILE I 75 -25.66 90.38 16.72
N GLY I 76 -25.94 89.18 17.17
CA GLY I 76 -24.91 88.18 17.37
C GLY I 76 -24.62 87.96 18.86
N ASN I 77 -24.19 86.74 19.18
CA ASN I 77 -23.97 86.40 20.58
C ASN I 77 -22.83 87.21 21.19
N ASN I 78 -21.76 87.47 20.43
CA ASN I 78 -20.65 88.26 20.95
C ASN I 78 -21.10 89.69 21.27
N ALA I 79 -21.87 90.30 20.37
CA ALA I 79 -22.34 91.67 20.62
C ALA I 79 -23.28 91.72 21.81
N VAL I 80 -24.18 90.73 21.93
CA VAL I 80 -25.08 90.68 23.07
C VAL I 80 -24.31 90.54 24.37
N ALA I 81 -23.29 89.68 24.37
CA ALA I 81 -22.45 89.54 25.56
C ALA I 81 -21.73 90.85 25.89
N PHE I 82 -21.22 91.53 24.87
CA PHE I 82 -20.52 92.79 25.10
C PHE I 82 -21.44 93.83 25.72
N LEU I 83 -22.66 93.96 25.19
CA LEU I 83 -23.59 94.95 25.72
C LEU I 83 -24.10 94.56 27.11
N SER I 84 -24.31 93.27 27.35
CA SER I 84 -24.78 92.82 28.66
C SER I 84 -23.67 92.86 29.70
N SER I 85 -22.41 92.93 29.29
CA SER I 85 -21.31 93.01 30.23
C SER I 85 -20.89 94.45 30.51
N PHE I 86 -20.71 95.25 29.47
CA PHE I 86 -20.17 96.59 29.68
C PHE I 86 -21.24 97.58 30.15
N VAL I 87 -22.23 97.86 29.30
CA VAL I 87 -23.23 98.86 29.68
C VAL I 87 -24.50 98.20 30.18
N MET I 88 -24.51 97.84 31.47
CA MET I 88 -25.72 97.49 32.20
C MET I 88 -25.79 98.04 33.60
N ASN I 89 -24.66 98.37 34.23
CA ASN I 89 -24.63 98.82 35.62
C ASN I 89 -24.76 100.33 35.76
N SER I 90 -24.79 101.07 34.66
CA SER I 90 -24.95 102.53 34.71
C SER I 90 -26.43 102.92 34.70
N GLY I 91 -27.20 102.34 35.60
CA GLY I 91 -28.62 102.57 35.72
C GLY I 91 -29.37 101.25 35.84
N VAL I 92 -30.69 101.33 35.72
CA VAL I 92 -31.56 100.16 35.78
C VAL I 92 -32.41 100.13 34.52
N TRP I 93 -32.53 98.95 33.92
CA TRP I 93 -33.25 98.76 32.67
C TRP I 93 -34.50 97.92 32.89
N GLU I 94 -35.53 98.21 32.10
CA GLU I 94 -36.78 97.45 32.12
C GLU I 94 -37.10 96.97 30.71
N GLU I 95 -37.77 95.83 30.64
CA GLU I 95 -38.09 95.19 29.37
C GLU I 95 -39.41 95.72 28.81
N VAL I 96 -39.41 96.01 27.52
CA VAL I 96 -40.61 96.45 26.83
C VAL I 96 -41.22 95.36 25.95
N GLY I 97 -40.42 94.44 25.42
CA GLY I 97 -40.96 93.38 24.60
C GLY I 97 -39.87 92.64 23.86
N CYS I 98 -40.30 91.63 23.12
CA CYS I 98 -39.41 90.78 22.33
C CYS I 98 -40.18 90.33 21.10
N ALA I 99 -39.69 89.26 20.45
CA ALA I 99 -40.34 88.74 19.26
C ALA I 99 -40.18 87.23 19.23
N LYS I 100 -41.01 86.59 18.41
CA LYS I 100 -40.98 85.14 18.24
C LYS I 100 -40.77 84.83 16.76
N LEU I 101 -39.83 83.92 16.48
CA LEU I 101 -39.48 83.55 15.11
C LEU I 101 -39.43 82.03 14.98
N TRP I 102 -39.67 81.55 13.77
CA TRP I 102 -39.64 80.12 13.47
C TRP I 102 -38.80 79.86 12.22
N ASN I 103 -37.61 80.45 12.18
CA ASN I 103 -36.65 80.08 11.16
C ASN I 103 -36.13 78.67 11.42
N GLU I 104 -35.88 77.92 10.35
CA GLU I 104 -35.46 76.53 10.51
C GLU I 104 -34.06 76.41 11.11
N TRP I 105 -33.31 77.50 11.19
CA TRP I 105 -31.97 77.46 11.78
C TRP I 105 -31.95 77.79 13.27
N CYS I 106 -33.08 78.12 13.87
CA CYS I 106 -33.07 78.51 15.29
C CYS I 106 -34.46 78.31 15.87
N ARG I 107 -34.49 77.91 17.15
CA ARG I 107 -35.72 77.67 17.88
C ARG I 107 -36.63 76.68 17.17
N ALA I 119 -30.85 82.87 22.66
CA ALA I 119 -31.98 82.69 21.76
C ALA I 119 -33.15 83.58 22.18
N PHE I 120 -32.98 84.90 22.02
CA PHE I 120 -34.02 85.85 22.38
C PHE I 120 -33.81 87.13 21.59
N CYS I 121 -34.86 87.95 21.52
CA CYS I 121 -34.86 89.21 20.81
C CYS I 121 -35.50 90.30 21.66
N VAL I 122 -35.08 90.39 22.91
CA VAL I 122 -35.69 91.30 23.87
C VAL I 122 -35.04 92.67 23.77
N PHE I 123 -35.86 93.71 23.86
CA PHE I 123 -35.39 95.09 23.92
C PHE I 123 -35.23 95.54 25.36
N TYR I 124 -34.51 96.63 25.55
CA TYR I 124 -34.25 97.18 26.88
C TYR I 124 -34.64 98.64 26.93
N HIS I 125 -35.19 99.06 28.07
CA HIS I 125 -35.60 100.44 28.30
C HIS I 125 -34.96 100.94 29.59
N LEU I 126 -34.26 102.06 29.50
CA LEU I 126 -33.62 102.65 30.66
C LEU I 126 -34.62 103.48 31.46
N LYS I 127 -34.61 103.30 32.79
CA LYS I 127 -35.47 104.11 33.65
C LYS I 127 -35.07 105.58 33.65
N SER I 128 -33.83 105.88 33.26
CA SER I 128 -33.38 107.26 33.10
C SER I 128 -33.89 107.83 31.79
N ASN I 129 -33.31 108.95 31.35
CA ASN I 129 -33.64 109.61 30.09
C ASN I 129 -33.82 108.56 28.99
N PRO I 130 -35.03 108.43 28.44
CA PRO I 130 -35.36 107.24 27.64
C PRO I 130 -34.88 107.30 26.20
N SER I 131 -33.91 108.17 25.90
CA SER I 131 -33.42 108.26 24.54
C SER I 131 -32.60 107.04 24.12
N VAL I 132 -32.25 106.15 25.04
CA VAL I 132 -31.44 104.98 24.76
C VAL I 132 -32.32 103.73 24.83
N PHE I 133 -32.25 102.90 23.80
CA PHE I 133 -33.06 101.68 23.70
C PHE I 133 -32.23 100.53 23.18
N LEU I 134 -31.08 100.29 23.80
CA LEU I 134 -30.17 99.21 23.38
C LEU I 134 -30.92 97.88 23.30
N CYS I 135 -30.69 97.15 22.21
CA CYS I 135 -31.40 95.92 21.91
C CYS I 135 -30.43 94.74 21.89
N GLN I 136 -30.96 93.56 22.22
CA GLN I 136 -30.21 92.31 22.16
C GLN I 136 -31.06 91.28 21.42
N CYS I 137 -30.56 90.82 20.27
CA CYS I 137 -31.29 89.85 19.45
C CYS I 137 -30.27 88.96 18.75
N SER I 138 -30.01 87.80 19.34
CA SER I 138 -29.09 86.83 18.77
C SER I 138 -29.76 85.84 17.83
N CYS I 139 -31.09 85.90 17.70
CA CYS I 139 -31.78 84.97 16.82
C CYS I 139 -31.44 85.25 15.37
N TYR I 140 -31.30 84.18 14.58
CA TYR I 140 -30.95 84.29 13.17
C TYR I 140 -32.22 84.49 12.35
N VAL I 141 -32.41 85.72 11.86
CA VAL I 141 -33.56 86.00 11.00
C VAL I 141 -33.33 85.42 9.62
N ALA I 142 -34.38 84.86 9.03
CA ALA I 142 -34.27 84.29 7.69
C ALA I 142 -34.06 85.39 6.66
N GLU I 143 -33.94 84.99 5.39
CA GLU I 143 -33.66 85.93 4.32
C GLU I 143 -34.89 86.70 3.87
N ASP I 144 -36.08 86.38 4.38
CA ASP I 144 -37.29 87.08 4.02
C ASP I 144 -37.97 87.80 5.19
N GLN I 145 -37.81 87.30 6.41
CA GLN I 145 -38.45 87.90 7.58
C GLN I 145 -37.86 89.25 7.95
N GLN I 146 -36.70 89.61 7.40
CA GLN I 146 -36.05 90.87 7.78
C GLN I 146 -36.91 92.08 7.42
N TYR I 147 -37.51 92.05 6.22
CA TYR I 147 -38.34 93.18 5.80
C TYR I 147 -39.57 93.32 6.69
N GLN I 148 -40.19 92.21 7.06
CA GLN I 148 -41.31 92.27 7.99
C GLN I 148 -40.85 92.75 9.36
N TRP I 149 -39.64 92.37 9.77
CA TRP I 149 -39.09 92.86 11.03
C TRP I 149 -38.93 94.38 11.00
N LEU I 150 -38.39 94.91 9.91
CA LEU I 150 -38.26 96.36 9.78
C LEU I 150 -39.62 97.05 9.76
N GLU I 151 -40.59 96.44 9.08
CA GLU I 151 -41.93 97.03 9.02
C GLU I 151 -42.57 97.07 10.40
N LYS I 152 -42.40 96.00 11.19
CA LYS I 152 -43.04 95.93 12.50
C LYS I 152 -42.24 96.61 13.60
N VAL I 153 -41.00 96.98 13.36
CA VAL I 153 -40.17 97.66 14.36
C VAL I 153 -40.19 99.17 14.16
N PHE I 154 -39.92 99.63 12.94
CA PHE I 154 -39.86 101.06 12.66
C PHE I 154 -41.19 101.59 12.15
N GLY I 155 -41.68 101.06 11.04
CA GLY I 155 -42.91 101.53 10.45
C GLY I 155 -42.75 101.95 9.00
N SER I 156 -43.28 103.12 8.65
CA SER I 156 -43.22 103.64 7.29
C SER I 156 -42.43 104.93 7.17
N CYS I 157 -42.57 105.85 8.12
CA CYS I 157 -41.87 107.13 8.07
C CYS I 157 -41.62 107.61 9.49
N PRO I 158 -40.48 107.27 10.07
CA PRO I 158 -40.15 107.73 11.42
C PRO I 158 -39.59 109.15 11.43
N ARG I 159 -39.14 109.61 12.60
CA ARG I 159 -38.56 110.94 12.72
C ARG I 159 -37.19 110.98 12.04
N LYS I 160 -36.59 112.18 12.03
CA LYS I 160 -35.30 112.41 11.40
C LYS I 160 -34.29 112.92 12.42
N ASN I 161 -34.28 112.32 13.62
CA ASN I 161 -33.34 112.71 14.66
C ASN I 161 -32.66 111.52 15.34
N MET I 162 -33.03 110.30 15.00
CA MET I 162 -32.47 109.11 15.66
C MET I 162 -31.06 108.84 15.15
N GLN I 163 -30.26 108.20 16.01
CA GLN I 163 -28.94 107.70 15.65
C GLN I 163 -28.89 106.21 15.96
N ILE I 164 -28.41 105.42 15.00
CA ILE I 164 -28.43 103.98 15.09
C ILE I 164 -26.99 103.47 15.05
N THR I 165 -26.63 102.62 16.01
CA THR I 165 -25.32 102.00 16.08
C THR I 165 -25.49 100.49 16.11
N ILE I 166 -24.78 99.79 15.23
CA ILE I 166 -24.89 98.34 15.10
C ILE I 166 -23.51 97.73 15.32
N LEU I 167 -23.45 96.70 16.16
CA LEU I 167 -22.22 95.97 16.43
C LEU I 167 -22.45 94.50 16.10
N THR I 168 -21.60 93.96 15.23
CA THR I 168 -21.72 92.57 14.78
C THR I 168 -20.33 91.98 14.60
N CYS I 169 -20.28 90.65 14.62
CA CYS I 169 -19.05 89.91 14.42
C CYS I 169 -19.22 88.91 13.28
N ARG I 170 -18.21 88.82 12.42
CA ARG I 170 -18.21 87.90 11.29
C ARG I 170 -16.94 87.06 11.32
N HIS I 171 -17.02 85.90 10.67
CA HIS I 171 -15.86 85.03 10.58
C HIS I 171 -14.74 85.69 9.80
N VAL I 172 -13.50 85.41 10.22
CA VAL I 172 -12.35 86.03 9.57
C VAL I 172 -12.19 85.59 8.13
N THR I 173 -12.75 84.43 7.76
CA THR I 173 -12.61 83.95 6.39
C THR I 173 -13.65 84.60 5.48
N ASP I 174 -13.77 85.92 5.57
CA ASP I 174 -14.61 86.71 4.68
C ASP I 174 -13.83 87.86 4.05
N TYR I 175 -12.92 88.47 4.80
CA TYR I 175 -12.08 89.54 4.25
C TYR I 175 -11.21 89.00 3.14
N LYS I 176 -11.19 89.69 2.01
CA LYS I 176 -10.42 89.27 0.83
C LYS I 176 -9.23 90.20 0.65
N THR I 177 -8.05 89.62 0.47
CA THR I 177 -6.84 90.39 0.28
C THR I 177 -5.82 89.54 -0.45
N SER I 178 -4.80 90.21 -0.99
CA SER I 178 -3.75 89.50 -1.72
C SER I 178 -2.99 88.55 -0.80
N GLU I 179 -2.70 88.98 0.43
CA GLU I 179 -2.01 88.12 1.38
C GLU I 179 -2.95 87.01 1.86
N SER I 180 -2.35 85.99 2.47
CA SER I 180 -3.12 84.86 2.97
C SER I 180 -4.04 85.28 4.11
N THR I 181 -5.24 84.71 4.12
CA THR I 181 -6.20 85.02 5.18
C THR I 181 -5.67 84.59 6.55
N GLY I 182 -5.06 83.40 6.62
CA GLY I 182 -4.47 82.96 7.87
C GLY I 182 -3.33 83.84 8.33
N SER I 183 -2.53 84.33 7.38
CA SER I 183 -1.40 85.19 7.72
C SER I 183 -1.83 86.58 8.18
N LEU I 184 -3.11 86.92 8.06
CA LEU I 184 -3.58 88.23 8.49
C LEU I 184 -3.46 88.35 10.01
N PRO I 185 -3.34 89.59 10.52
CA PRO I 185 -3.14 89.77 11.97
C PRO I 185 -4.36 89.41 12.80
N SER I 186 -4.26 89.67 14.11
CA SER I 186 -5.33 89.37 15.05
C SER I 186 -6.62 90.07 14.64
N PRO I 187 -7.76 89.65 15.20
CA PRO I 187 -9.04 90.29 14.85
C PRO I 187 -9.01 91.79 15.07
N PHE I 188 -9.62 92.51 14.14
CA PHE I 188 -9.60 93.97 14.11
C PHE I 188 -11.02 94.49 13.95
N LEU I 189 -11.14 95.81 13.79
CA LEU I 189 -12.43 96.48 13.69
C LEU I 189 -12.50 97.27 12.40
N ARG I 190 -13.64 97.16 11.70
CA ARG I 190 -13.92 97.93 10.50
C ARG I 190 -15.29 98.58 10.63
N ALA I 191 -15.47 99.71 9.95
CA ALA I 191 -16.69 100.49 10.08
C ALA I 191 -17.22 100.89 8.71
N LEU I 192 -18.53 101.09 8.65
CA LEU I 192 -19.21 101.60 7.46
C LEU I 192 -20.20 102.67 7.90
N LYS I 193 -20.00 103.88 7.41
CA LYS I 193 -20.80 105.04 7.84
C LYS I 193 -21.58 105.60 6.65
N THR I 194 -22.79 106.06 6.93
CA THR I 194 -23.65 106.64 5.91
C THR I 194 -23.23 108.08 5.63
N GLN I 195 -23.87 108.66 4.60
CA GLN I 195 -23.53 110.02 4.20
C GLN I 195 -23.85 111.03 5.30
N ASN I 196 -24.99 110.88 5.96
CA ASN I 196 -25.43 111.83 6.98
C ASN I 196 -24.85 111.46 8.35
N PHE I 197 -23.52 111.48 8.43
CA PHE I 197 -22.80 111.18 9.66
C PHE I 197 -21.67 112.19 9.81
N LYS I 198 -21.91 113.25 10.58
CA LYS I 198 -20.90 114.28 10.77
C LYS I 198 -19.72 113.78 11.59
N ASP I 199 -19.96 112.85 12.52
CA ASP I 199 -18.89 112.33 13.35
C ASP I 199 -17.90 111.52 12.52
N SER I 200 -16.64 111.51 12.97
CA SER I 200 -15.59 110.80 12.29
C SER I 200 -15.62 109.32 12.64
N ALA I 201 -14.66 108.56 12.12
CA ALA I 201 -14.57 107.13 12.33
C ALA I 201 -13.33 106.80 13.16
N CYS I 202 -13.47 105.84 14.06
CA CYS I 202 -12.39 105.44 14.95
C CYS I 202 -11.56 104.28 14.40
N CYS I 203 -11.84 103.83 13.17
CA CYS I 203 -11.12 102.73 12.57
C CYS I 203 -11.24 102.85 11.06
N PRO I 204 -10.31 102.27 10.30
CA PRO I 204 -10.40 102.33 8.84
C PRO I 204 -11.68 101.67 8.33
N LEU I 205 -12.22 102.26 7.26
CA LEU I 205 -13.45 101.75 6.67
C LEU I 205 -13.17 100.48 5.86
N LEU I 206 -14.22 99.68 5.67
CA LEU I 206 -14.09 98.44 4.92
C LEU I 206 -13.73 98.72 3.46
N GLU I 207 -12.93 97.82 2.89
CA GLU I 207 -12.49 98.00 1.52
C GLU I 207 -13.61 97.67 0.53
N GLN I 208 -13.40 98.06 -0.72
CA GLN I 208 -14.42 97.87 -1.76
C GLN I 208 -14.79 96.41 -1.99
N PRO I 209 -13.86 95.45 -2.13
CA PRO I 209 -14.28 94.09 -2.50
C PRO I 209 -15.13 93.39 -1.45
N ASN I 210 -15.15 93.86 -0.21
CA ASN I 210 -15.91 93.21 0.84
C ASN I 210 -17.26 93.87 1.02
N ILE I 211 -18.30 93.03 1.17
CA ILE I 211 -19.66 93.50 1.38
C ILE I 211 -20.27 92.71 2.54
N VAL I 212 -21.32 93.28 3.11
CA VAL I 212 -22.02 92.69 4.25
C VAL I 212 -23.50 92.65 3.94
N HIS I 213 -24.16 91.55 4.33
CA HIS I 213 -25.57 91.36 4.03
C HIS I 213 -26.38 91.07 5.29
N ASP I 214 -27.63 90.65 5.10
CA ASP I 214 -28.52 90.20 6.17
C ASP I 214 -28.98 91.41 7.01
N LEU I 215 -29.28 91.19 8.29
CA LEU I 215 -29.96 92.20 9.10
C LEU I 215 -29.17 93.52 9.23
N PRO I 216 -27.87 93.51 9.53
CA PRO I 216 -27.16 94.81 9.57
C PRO I 216 -27.24 95.56 8.25
N ALA I 217 -27.15 94.85 7.13
CA ALA I 217 -27.27 95.50 5.83
C ALA I 217 -28.67 96.07 5.64
N ALA I 218 -29.70 95.33 6.06
CA ALA I 218 -31.07 95.84 5.94
C ALA I 218 -31.26 97.11 6.76
N VAL I 219 -30.74 97.12 7.99
CA VAL I 219 -30.86 98.29 8.85
C VAL I 219 -30.14 99.48 8.24
N LEU I 220 -28.92 99.26 7.76
CA LEU I 220 -28.16 100.34 7.14
C LEU I 220 -28.85 100.86 5.88
N SER I 221 -29.40 99.97 5.07
CA SER I 221 -30.09 100.38 3.86
C SER I 221 -31.33 101.21 4.18
N TYR I 222 -32.11 100.78 5.19
CA TYR I 222 -33.28 101.55 5.58
C TYR I 222 -32.89 102.93 6.09
N CYS I 223 -31.84 102.98 6.92
CA CYS I 223 -31.39 104.27 7.44
C CYS I 223 -30.90 105.19 6.32
N GLN I 224 -30.17 104.64 5.35
CA GLN I 224 -29.69 105.44 4.24
C GLN I 224 -30.83 105.94 3.37
N VAL I 225 -31.80 105.08 3.07
CA VAL I 225 -32.88 105.48 2.17
C VAL I 225 -33.86 106.43 2.85
N TRP I 226 -33.98 106.40 4.18
CA TRP I 226 -34.88 107.30 4.87
C TRP I 226 -34.17 108.53 5.44
N LYS I 227 -32.91 108.74 5.09
CA LYS I 227 -32.17 109.97 5.39
C LYS I 227 -32.09 110.23 6.90
N ILE I 228 -31.56 109.24 7.61
CA ILE I 228 -31.30 109.38 9.04
C ILE I 228 -29.88 108.91 9.32
N PRO I 229 -29.21 109.45 10.34
CA PRO I 229 -27.83 109.05 10.61
C PRO I 229 -27.74 107.58 11.03
N ALA I 230 -26.60 106.98 10.70
CA ALA I 230 -26.35 105.58 11.04
C ALA I 230 -24.85 105.33 11.06
N ILE I 231 -24.47 104.23 11.69
CA ILE I 231 -23.08 103.80 11.76
C ILE I 231 -23.05 102.29 11.95
N LEU I 232 -22.12 101.63 11.28
CA LEU I 232 -21.98 100.18 11.33
C LEU I 232 -20.59 99.81 11.81
N TYR I 233 -20.52 98.79 12.66
CA TYR I 233 -19.25 98.31 13.20
C TYR I 233 -19.18 96.80 13.04
N LEU I 234 -18.07 96.31 12.49
CA LEU I 234 -17.87 94.90 12.23
C LEU I 234 -16.61 94.42 12.93
N CYS I 235 -16.57 93.13 13.24
CA CYS I 235 -15.41 92.48 13.85
C CYS I 235 -15.12 91.19 13.09
N TYR I 236 -13.91 91.11 12.53
CA TYR I 236 -13.52 89.94 11.74
C TYR I 236 -12.74 88.94 12.59
N THR I 237 -13.43 88.38 13.58
CA THR I 237 -12.81 87.41 14.46
C THR I 237 -12.61 86.07 13.76
N ASP I 238 -11.65 85.30 14.26
CA ASP I 238 -11.37 83.97 13.74
C ASP I 238 -12.08 82.86 14.49
N VAL I 239 -12.75 83.16 15.60
CA VAL I 239 -13.46 82.18 16.40
C VAL I 239 -14.88 82.65 16.62
N MET I 240 -15.85 81.77 16.39
CA MET I 240 -17.25 82.12 16.55
C MET I 240 -17.78 81.86 17.95
N LYS I 241 -17.20 80.90 18.67
CA LYS I 241 -17.60 80.65 20.05
C LYS I 241 -17.24 81.85 20.91
N LEU I 242 -18.12 82.17 21.86
CA LEU I 242 -17.91 83.33 22.72
C LEU I 242 -16.68 83.12 23.59
N ASP I 243 -15.89 84.17 23.75
CA ASP I 243 -14.66 84.13 24.53
C ASP I 243 -14.42 85.51 25.13
N LEU I 244 -13.19 85.78 25.56
CA LEU I 244 -12.82 87.04 26.18
C LEU I 244 -12.02 87.96 25.27
N ILE I 245 -11.15 87.40 24.42
CA ILE I 245 -10.29 88.24 23.59
C ILE I 245 -11.12 89.04 22.59
N THR I 246 -12.04 88.37 21.89
CA THR I 246 -12.82 89.05 20.86
C THR I 246 -13.73 90.12 21.46
N VAL I 247 -14.39 89.82 22.58
CA VAL I 247 -15.26 90.81 23.19
C VAL I 247 -14.45 91.95 23.79
N GLU I 248 -13.22 91.68 24.25
CA GLU I 248 -12.36 92.75 24.74
C GLU I 248 -11.86 93.62 23.59
N ALA I 249 -11.76 93.05 22.39
CA ALA I 249 -11.29 93.82 21.24
C ALA I 249 -12.21 95.00 20.91
N PHE I 250 -13.45 94.99 21.40
CA PHE I 250 -14.39 96.07 21.15
C PHE I 250 -14.14 97.30 22.02
N LYS I 251 -12.99 97.37 22.68
CA LYS I 251 -12.71 98.49 23.58
C LYS I 251 -12.73 99.86 22.90
N PRO I 252 -12.10 100.06 21.74
CA PRO I 252 -12.06 101.43 21.17
C PRO I 252 -13.42 102.00 20.79
N ILE I 253 -14.49 101.21 20.85
CA ILE I 253 -15.81 101.74 20.50
C ILE I 253 -16.26 102.79 21.51
N LEU I 254 -15.90 102.63 22.78
CA LEU I 254 -16.43 103.49 23.83
C LEU I 254 -15.69 104.83 23.89
N SER I 255 -15.61 105.54 22.76
CA SER I 255 -14.98 106.85 22.74
C SER I 255 -15.72 107.84 21.84
N THR I 256 -16.95 107.53 21.41
CA THR I 256 -17.69 108.39 20.50
C THR I 256 -19.00 108.82 21.14
N ARG I 257 -19.62 109.84 20.54
CA ARG I 257 -20.90 110.34 21.03
C ARG I 257 -22.03 109.35 20.85
N SER I 258 -21.83 108.30 20.04
CA SER I 258 -22.85 107.26 19.91
C SER I 258 -23.08 106.54 21.23
N LEU I 259 -22.00 106.26 21.96
CA LEU I 259 -22.11 105.66 23.29
C LEU I 259 -20.95 106.20 24.12
N LYS I 260 -21.19 107.26 24.87
CA LYS I 260 -20.18 107.90 25.70
C LYS I 260 -20.54 107.90 27.17
N GLY I 261 -21.72 108.39 27.52
CA GLY I 261 -22.13 108.51 28.91
C GLY I 261 -22.75 107.29 29.52
N LEU I 262 -22.80 106.17 28.79
CA LEU I 262 -23.40 104.94 29.29
C LEU I 262 -22.41 104.03 29.99
N VAL I 263 -21.12 104.38 30.00
CA VAL I 263 -20.09 103.59 30.67
C VAL I 263 -19.74 104.28 31.98
N LYS I 264 -19.83 103.54 33.09
CA LYS I 264 -19.54 104.09 34.40
C LYS I 264 -18.71 103.19 35.30
N ASN I 265 -18.44 101.94 34.92
CA ASN I 265 -17.68 101.04 35.79
C ASN I 265 -17.02 99.99 34.90
N ILE I 266 -15.74 100.18 34.61
CA ILE I 266 -14.97 99.30 33.74
C ILE I 266 -14.52 98.02 34.45
N PRO I 267 -13.84 98.10 35.62
CA PRO I 267 -13.26 96.86 36.17
C PRO I 267 -14.31 95.87 36.66
N GLN I 268 -15.36 96.34 37.33
CA GLN I 268 -16.40 95.42 37.78
C GLN I 268 -17.12 94.78 36.59
N SER I 269 -17.32 95.56 35.52
CA SER I 269 -17.91 95.00 34.31
C SER I 269 -17.01 93.95 33.70
N THR I 270 -15.69 94.19 33.69
CA THR I 270 -14.77 93.16 33.20
C THR I 270 -14.82 91.91 34.05
N GLU I 271 -14.91 92.08 35.37
CA GLU I 271 -15.00 90.93 36.26
C GLU I 271 -16.29 90.14 36.01
N ILE I 272 -17.41 90.82 35.83
CA ILE I 272 -18.67 90.11 35.60
C ILE I 272 -18.66 89.46 34.21
N LEU I 273 -17.99 90.07 33.23
CA LEU I 273 -17.83 89.43 31.94
C LEU I 273 -17.00 88.16 32.05
N LYS I 274 -15.93 88.20 32.84
CA LYS I 274 -15.15 87.00 33.08
C LYS I 274 -15.99 85.92 33.76
N LYS I 275 -16.80 86.32 34.73
CA LYS I 275 -17.69 85.35 35.39
C LYS I 275 -18.68 84.75 34.41
N LEU I 276 -19.25 85.58 33.53
CA LEU I 276 -20.20 85.06 32.55
C LEU I 276 -19.54 84.10 31.58
N MET I 277 -18.32 84.42 31.14
CA MET I 277 -17.60 83.49 30.27
C MET I 277 -17.21 82.23 31.02
N THR I 278 -17.04 82.32 32.34
CA THR I 278 -16.70 81.16 33.16
C THR I 278 -17.82 80.12 33.17
N THR I 279 -19.04 80.52 32.79
CA THR I 279 -20.15 79.57 32.79
C THR I 279 -19.92 78.41 31.83
N ASN I 280 -18.99 78.55 30.88
CA ASN I 280 -18.59 77.48 29.98
C ASN I 280 -19.77 76.96 29.17
N GLU I 281 -20.27 77.85 28.31
CA GLU I 281 -21.37 77.52 27.41
C GLU I 281 -21.03 76.28 26.58
N ILE I 282 -22.07 75.57 26.17
CA ILE I 282 -21.88 74.30 25.47
C ILE I 282 -21.15 74.53 24.16
N GLN I 283 -19.93 74.03 24.06
CA GLN I 283 -19.12 74.19 22.87
C GLN I 283 -19.44 73.06 21.88
N SER I 284 -18.62 72.93 20.84
CA SER I 284 -18.82 71.92 19.82
C SER I 284 -17.99 70.69 20.15
N ASN I 285 -18.63 69.53 20.15
CA ASN I 285 -17.95 68.26 20.39
C ASN I 285 -17.45 67.59 19.12
N ILE I 286 -17.67 68.22 17.96
CA ILE I 286 -17.13 67.68 16.72
C ILE I 286 -15.62 67.68 16.75
N TYR I 287 -15.02 68.77 17.25
CA TYR I 287 -13.58 68.88 17.38
C TYR I 287 -13.15 68.33 18.73
N THR I 288 -11.88 68.54 19.09
CA THR I 288 -11.37 68.08 20.37
C THR I 288 -11.62 69.10 21.47
N MET J 1 -40.82 102.01 -4.16
CA MET J 1 -40.97 103.05 -5.18
C MET J 1 -39.64 103.72 -5.48
N PHE J 2 -39.69 104.86 -6.17
CA PHE J 2 -38.49 105.62 -6.54
C PHE J 2 -38.32 106.73 -5.51
N VAL J 3 -37.36 106.54 -4.61
CA VAL J 3 -37.04 107.52 -3.57
C VAL J 3 -35.89 108.38 -4.08
N PRO J 4 -36.09 109.67 -4.33
CA PRO J 4 -34.98 110.51 -4.81
C PRO J 4 -33.91 110.69 -3.75
N CYS J 5 -32.66 110.83 -4.21
CA CYS J 5 -31.56 111.11 -3.30
C CYS J 5 -31.71 112.50 -2.67
N GLY J 6 -32.12 113.49 -3.47
CA GLY J 6 -32.32 114.84 -2.98
C GLY J 6 -33.70 115.04 -2.39
N GLU J 7 -33.98 116.29 -2.03
CA GLU J 7 -35.28 116.63 -1.45
C GLU J 7 -36.41 116.39 -2.45
N SER J 8 -36.19 116.76 -3.71
CA SER J 8 -37.18 116.61 -4.76
C SER J 8 -36.77 115.50 -5.72
N ALA J 9 -37.72 115.04 -6.51
CA ALA J 9 -37.50 113.96 -7.47
C ALA J 9 -37.47 114.52 -8.88
N PRO J 10 -36.32 114.48 -9.57
CA PRO J 10 -36.29 114.91 -10.97
C PRO J 10 -37.16 114.02 -11.84
N ASP J 11 -37.78 114.63 -12.84
CA ASP J 11 -38.71 113.93 -13.72
C ASP J 11 -38.00 113.55 -15.02
N LEU J 12 -38.17 112.30 -15.43
CA LEU J 12 -37.61 111.79 -16.68
C LEU J 12 -38.71 111.80 -17.73
N ALA J 13 -38.56 112.64 -18.74
CA ALA J 13 -39.55 112.78 -19.81
C ALA J 13 -39.00 112.08 -21.05
N GLY J 14 -39.48 110.88 -21.30
CA GLY J 14 -39.07 110.11 -22.46
C GLY J 14 -37.60 109.74 -22.45
N PHE J 15 -37.18 108.94 -21.49
CA PHE J 15 -35.79 108.53 -21.34
C PHE J 15 -35.66 107.04 -21.58
N THR J 16 -34.64 106.65 -22.34
CA THR J 16 -34.40 105.24 -22.62
C THR J 16 -33.93 104.53 -21.35
N LEU J 17 -34.51 103.38 -21.07
CA LEU J 17 -34.19 102.63 -19.86
C LEU J 17 -33.10 101.61 -20.13
N LEU J 18 -32.31 101.34 -19.09
CA LEU J 18 -31.21 100.38 -19.12
C LEU J 18 -31.25 99.51 -17.87
N MET J 19 -32.42 98.92 -17.59
CA MET J 19 -32.53 98.03 -16.43
C MET J 19 -32.04 96.63 -16.80
N PRO J 20 -31.32 95.96 -15.90
CA PRO J 20 -30.88 94.58 -16.16
C PRO J 20 -31.89 93.56 -15.67
N ALA J 21 -31.56 92.28 -15.84
CA ALA J 21 -32.39 91.19 -15.35
C ALA J 21 -31.50 90.07 -14.83
N VAL J 22 -31.92 89.46 -13.71
CA VAL J 22 -31.13 88.39 -13.12
C VAL J 22 -31.19 87.15 -14.00
N SER J 23 -30.04 86.53 -14.22
CA SER J 23 -29.94 85.33 -15.04
C SER J 23 -28.62 84.64 -14.71
N VAL J 24 -28.41 83.48 -15.33
CA VAL J 24 -27.21 82.69 -15.05
C VAL J 24 -25.97 83.46 -15.47
N GLY J 25 -24.96 83.45 -14.61
CA GLY J 25 -23.70 84.11 -14.90
C GLY J 25 -23.66 85.58 -14.56
N ASN J 26 -24.79 86.20 -14.26
CA ASN J 26 -24.86 87.65 -13.98
C ASN J 26 -24.25 88.44 -15.14
N VAL J 27 -24.46 87.95 -16.36
CA VAL J 27 -23.87 88.59 -17.53
C VAL J 27 -24.43 89.99 -17.73
N GLY J 28 -25.76 90.14 -17.61
CA GLY J 28 -26.35 91.45 -17.75
C GLY J 28 -25.88 92.42 -16.68
N GLN J 29 -25.78 91.96 -15.44
CA GLN J 29 -25.31 92.82 -14.36
C GLN J 29 -23.87 93.27 -14.60
N LEU J 30 -23.01 92.34 -15.03
CA LEU J 30 -21.62 92.70 -15.30
C LEU J 30 -21.53 93.69 -16.46
N ALA J 31 -22.29 93.45 -17.53
CA ALA J 31 -22.27 94.34 -18.69
C ALA J 31 -22.76 95.73 -18.31
N MET J 32 -23.81 95.81 -17.50
CA MET J 32 -24.35 97.11 -17.15
C MET J 32 -23.48 97.83 -16.14
N ASP J 33 -22.77 97.08 -15.29
CA ASP J 33 -21.74 97.67 -14.46
C ASP J 33 -20.64 98.29 -15.31
N LEU J 34 -20.22 97.57 -16.36
CA LEU J 34 -19.24 98.14 -17.29
C LEU J 34 -19.78 99.40 -17.94
N ILE J 35 -21.06 99.39 -18.33
CA ILE J 35 -21.66 100.56 -18.96
C ILE J 35 -21.65 101.75 -18.02
N ILE J 36 -22.05 101.53 -16.77
CA ILE J 36 -22.07 102.61 -15.79
C ILE J 36 -20.66 103.15 -15.56
N SER J 37 -19.68 102.26 -15.45
CA SER J 37 -18.31 102.70 -15.19
C SER J 37 -17.72 103.46 -16.38
N THR J 38 -18.09 103.09 -17.60
CA THR J 38 -17.50 103.72 -18.78
C THR J 38 -18.22 104.99 -19.21
N LEU J 39 -19.50 105.15 -18.85
CA LEU J 39 -20.23 106.37 -19.20
C LEU J 39 -20.01 107.49 -18.19
N ASN J 40 -19.40 107.20 -17.04
CA ASN J 40 -19.09 108.20 -16.02
C ASN J 40 -20.34 108.97 -15.60
N MET J 41 -21.44 108.25 -15.43
CA MET J 41 -22.69 108.87 -14.99
C MET J 41 -22.68 109.03 -13.47
N SER J 42 -23.76 109.61 -12.94
CA SER J 42 -23.87 109.90 -11.52
C SER J 42 -25.22 109.46 -10.99
N LYS J 43 -25.26 109.19 -9.69
CA LYS J 43 -26.48 108.73 -9.05
C LYS J 43 -27.42 109.90 -8.78
N ILE J 44 -28.71 109.67 -9.01
CA ILE J 44 -29.72 110.70 -8.76
C ILE J 44 -30.75 110.27 -7.73
N GLY J 45 -30.90 108.99 -7.46
CA GLY J 45 -31.91 108.56 -6.50
C GLY J 45 -31.74 107.10 -6.13
N TYR J 46 -32.72 106.60 -5.40
CA TYR J 46 -32.71 105.22 -4.92
C TYR J 46 -34.03 104.54 -5.24
N PHE J 47 -33.98 103.23 -5.42
CA PHE J 47 -35.16 102.40 -5.58
C PHE J 47 -35.28 101.50 -4.37
N TYR J 48 -36.41 101.57 -3.68
CA TYR J 48 -36.62 100.83 -2.43
C TYR J 48 -37.85 99.94 -2.56
N THR J 49 -37.65 98.65 -2.33
CA THR J 49 -38.74 97.68 -2.32
C THR J 49 -38.30 96.48 -1.51
N ASP J 50 -39.28 95.76 -0.95
CA ASP J 50 -39.01 94.59 -0.13
C ASP J 50 -39.01 93.29 -0.95
N CYS J 51 -38.23 93.29 -2.02
CA CYS J 51 -38.09 92.10 -2.85
C CYS J 51 -36.65 91.62 -2.97
N LEU J 52 -35.69 92.52 -3.16
CA LEU J 52 -34.30 92.13 -3.22
C LEU J 52 -33.77 91.83 -1.83
N VAL J 53 -32.85 90.87 -1.74
CA VAL J 53 -32.20 90.56 -0.48
C VAL J 53 -31.35 91.76 -0.08
N PRO J 54 -31.56 92.34 1.09
CA PRO J 54 -30.82 93.56 1.46
C PRO J 54 -29.33 93.30 1.53
N MET J 55 -28.55 94.27 1.05
CA MET J 55 -27.10 94.19 1.06
C MET J 55 -26.55 95.61 0.93
N VAL J 56 -25.51 95.91 1.70
CA VAL J 56 -24.90 97.23 1.69
C VAL J 56 -23.38 97.05 1.55
N GLY J 57 -22.76 98.06 0.96
CA GLY J 57 -21.32 98.03 0.77
C GLY J 57 -20.81 99.42 0.45
N ASN J 58 -19.50 99.49 0.21
CA ASN J 58 -18.85 100.74 -0.11
C ASN J 58 -19.16 101.13 -1.56
N ASN J 59 -18.53 102.20 -2.03
CA ASN J 59 -18.77 102.67 -3.39
C ASN J 59 -18.14 101.72 -4.40
N PRO J 60 -18.91 101.13 -5.32
CA PRO J 60 -18.32 100.26 -6.33
C PRO J 60 -17.60 100.99 -7.45
N TYR J 61 -17.73 102.32 -7.52
CA TYR J 61 -17.11 103.13 -8.55
C TYR J 61 -16.12 104.12 -7.94
N ALA J 62 -15.33 103.65 -6.97
CA ALA J 62 -14.38 104.50 -6.26
C ALA J 62 -13.20 104.81 -7.18
N THR J 63 -13.44 105.73 -8.12
CA THR J 63 -12.38 106.15 -9.02
C THR J 63 -11.26 106.85 -8.26
N THR J 64 -11.62 107.81 -7.40
CA THR J 64 -10.66 108.47 -6.54
C THR J 64 -11.19 108.55 -5.11
N GLU J 65 -10.44 109.17 -4.21
CA GLU J 65 -10.86 109.28 -2.82
C GLU J 65 -12.01 110.25 -2.63
N GLY J 66 -12.36 111.05 -3.64
CA GLY J 66 -13.46 111.97 -3.51
C GLY J 66 -14.79 111.28 -3.33
N ASN J 67 -15.03 110.20 -4.08
CA ASN J 67 -16.26 109.44 -4.00
C ASN J 67 -16.04 108.01 -3.52
N SER J 68 -14.90 107.74 -2.89
CA SER J 68 -14.59 106.41 -2.41
C SER J 68 -15.22 106.09 -1.06
N THR J 69 -15.90 107.04 -0.43
CA THR J 69 -16.50 106.84 0.89
C THR J 69 -17.98 107.16 0.79
N GLU J 70 -18.77 106.18 0.36
CA GLU J 70 -20.22 106.28 0.29
C GLU J 70 -20.81 104.90 0.45
N LEU J 71 -22.09 104.85 0.77
CA LEU J 71 -22.81 103.58 0.85
C LEU J 71 -23.40 103.22 -0.51
N SER J 72 -23.82 101.96 -0.63
CA SER J 72 -24.38 101.46 -1.89
C SER J 72 -25.40 100.38 -1.56
N ILE J 73 -26.68 100.73 -1.64
CA ILE J 73 -27.75 99.77 -1.41
C ILE J 73 -27.85 98.86 -2.62
N ASN J 74 -28.63 97.78 -2.49
CA ASN J 74 -28.70 96.78 -3.57
C ASN J 74 -29.26 97.39 -4.85
N ALA J 75 -30.30 98.20 -4.73
CA ALA J 75 -30.95 98.81 -5.89
C ALA J 75 -30.72 100.31 -5.87
N GLU J 76 -30.16 100.84 -6.96
CA GLU J 76 -29.96 102.27 -7.10
C GLU J 76 -30.03 102.62 -8.58
N VAL J 77 -30.29 103.89 -8.87
CA VAL J 77 -30.49 104.36 -10.22
C VAL J 77 -29.32 105.22 -10.65
N TYR J 78 -29.28 105.55 -11.94
CA TYR J 78 -28.27 106.42 -12.51
C TYR J 78 -28.89 107.15 -13.70
N SER J 79 -28.29 108.29 -14.05
CA SER J 79 -28.84 109.10 -15.12
C SER J 79 -27.74 109.91 -15.78
N LEU J 80 -28.03 110.37 -17.00
CA LEU J 80 -27.12 111.24 -17.75
C LEU J 80 -27.98 112.19 -18.55
N PRO J 81 -28.24 113.40 -18.05
CA PRO J 81 -29.12 114.35 -18.74
C PRO J 81 -28.49 115.01 -19.95
N SER J 82 -27.95 114.20 -20.85
CA SER J 82 -27.34 114.68 -22.08
C SER J 82 -27.90 113.99 -23.31
N ARG J 83 -28.21 112.70 -23.24
CA ARG J 83 -28.78 111.97 -24.35
C ARG J 83 -29.87 111.01 -23.89
N LYS J 84 -30.53 111.32 -22.78
CA LYS J 84 -31.70 110.58 -22.30
C LYS J 84 -31.36 109.11 -22.03
N LEU J 85 -30.47 108.92 -21.06
CA LEU J 85 -30.04 107.59 -20.65
C LEU J 85 -30.17 107.45 -19.14
N VAL J 86 -30.87 106.40 -18.70
CA VAL J 86 -30.98 106.06 -17.28
C VAL J 86 -30.83 104.55 -17.17
N ALA J 87 -30.18 104.09 -16.10
CA ALA J 87 -29.87 102.68 -15.93
C ALA J 87 -30.18 102.23 -14.51
N LEU J 88 -30.46 100.94 -14.38
CA LEU J 88 -30.63 100.29 -13.08
C LEU J 88 -29.42 99.40 -12.81
N GLN J 89 -29.18 99.14 -11.52
CA GLN J 89 -27.99 98.42 -11.11
C GLN J 89 -28.37 97.36 -10.06
N LEU J 90 -29.37 96.55 -10.39
CA LEU J 90 -29.73 95.42 -9.52
C LEU J 90 -28.53 94.51 -9.35
N ARG J 91 -28.18 94.21 -8.09
CA ARG J 91 -26.98 93.45 -7.80
C ARG J 91 -27.21 92.42 -6.70
N SER J 92 -28.44 91.92 -6.56
CA SER J 92 -28.76 90.93 -5.54
C SER J 92 -29.72 89.90 -6.12
N ILE J 93 -29.85 88.78 -5.43
CA ILE J 93 -30.76 87.72 -5.84
C ILE J 93 -32.17 88.08 -5.39
N PHE J 94 -33.16 87.37 -5.91
CA PHE J 94 -34.56 87.63 -5.61
C PHE J 94 -35.04 86.72 -4.50
N ILE J 95 -35.74 87.30 -3.51
CA ILE J 95 -36.38 86.50 -2.49
C ILE J 95 -37.48 85.68 -3.13
N LYS J 96 -37.60 84.41 -2.71
CA LYS J 96 -38.54 83.49 -3.33
C LYS J 96 -39.97 83.99 -3.18
N TYR J 97 -40.78 83.72 -4.20
CA TYR J 97 -42.20 84.07 -4.23
C TYR J 97 -42.40 85.58 -4.09
N LYS J 98 -41.53 86.36 -4.73
CA LYS J 98 -41.66 87.81 -4.74
C LYS J 98 -41.38 88.44 -6.10
N SER J 99 -41.15 87.65 -7.14
CA SER J 99 -40.82 88.22 -8.45
C SER J 99 -41.99 89.02 -9.02
N LYS J 100 -43.21 88.49 -8.90
CA LYS J 100 -44.36 89.15 -9.52
C LYS J 100 -44.63 90.53 -8.95
N PRO J 101 -44.69 90.75 -7.63
CA PRO J 101 -44.92 92.12 -7.14
C PRO J 101 -43.84 93.11 -7.57
N PHE J 102 -42.57 92.68 -7.61
CA PHE J 102 -41.51 93.58 -8.04
C PHE J 102 -41.67 93.96 -9.51
N CYS J 103 -42.00 92.97 -10.35
CA CYS J 103 -42.24 93.27 -11.77
C CYS J 103 -43.42 94.21 -11.94
N GLU J 104 -44.51 93.98 -11.19
CA GLU J 104 -45.67 94.85 -11.28
C GLU J 104 -45.32 96.28 -10.88
N LYS J 105 -44.58 96.44 -9.77
CA LYS J 105 -44.21 97.78 -9.32
C LYS J 105 -43.29 98.47 -10.31
N LEU J 106 -42.33 97.74 -10.87
CA LEU J 106 -41.42 98.35 -11.84
C LEU J 106 -42.15 98.76 -13.11
N LEU J 107 -43.07 97.92 -13.59
CA LEU J 107 -43.85 98.28 -14.78
C LEU J 107 -44.74 99.48 -14.48
N SER J 108 -45.32 99.55 -13.28
CA SER J 108 -46.13 100.70 -12.90
C SER J 108 -45.29 101.98 -12.89
N TRP J 109 -44.07 101.90 -12.35
CA TRP J 109 -43.20 103.07 -12.34
C TRP J 109 -42.79 103.47 -13.76
N VAL J 110 -42.54 102.49 -14.63
CA VAL J 110 -42.22 102.80 -16.02
C VAL J 110 -43.38 103.51 -16.69
N LYS J 111 -44.60 103.03 -16.47
CA LYS J 111 -45.77 103.68 -17.04
C LYS J 111 -45.96 105.09 -16.50
N SER J 112 -45.77 105.26 -15.19
CA SER J 112 -45.98 106.57 -14.58
C SER J 112 -44.94 107.59 -15.06
N SER J 113 -43.68 107.17 -15.15
CA SER J 113 -42.62 108.10 -15.55
C SER J 113 -42.77 108.58 -16.99
N GLY J 114 -43.50 107.84 -17.82
CA GLY J 114 -43.67 108.24 -19.21
C GLY J 114 -42.39 108.22 -20.02
N CYS J 115 -41.58 107.18 -19.84
CA CYS J 115 -40.32 107.09 -20.56
C CYS J 115 -40.55 106.71 -22.02
N ALA J 116 -39.49 106.81 -22.82
CA ALA J 116 -39.57 106.56 -24.25
C ALA J 116 -39.31 105.09 -24.59
N ARG J 117 -38.13 104.57 -24.20
CA ARG J 117 -37.74 103.22 -24.54
C ARG J 117 -37.21 102.51 -23.30
N VAL J 118 -37.28 101.17 -23.34
CA VAL J 118 -36.76 100.32 -22.28
C VAL J 118 -35.93 99.22 -22.94
N ILE J 119 -34.75 98.96 -22.38
CA ILE J 119 -33.85 97.93 -22.90
C ILE J 119 -33.48 96.99 -21.76
N VAL J 120 -33.64 95.69 -22.01
CA VAL J 120 -33.38 94.66 -21.01
C VAL J 120 -32.24 93.79 -21.50
N LEU J 121 -31.21 93.63 -20.67
CA LEU J 121 -30.08 92.77 -20.96
C LEU J 121 -30.11 91.57 -20.03
N SER J 122 -30.06 90.37 -20.60
CA SER J 122 -30.12 89.14 -19.82
C SER J 122 -29.28 88.08 -20.53
N SER J 123 -29.44 86.83 -20.09
CA SER J 123 -28.70 85.71 -20.65
C SER J 123 -29.61 84.49 -20.69
N SER J 124 -29.03 83.35 -21.07
CA SER J 124 -29.80 82.11 -21.15
C SER J 124 -28.84 80.93 -21.01
N HIS J 125 -29.41 79.78 -20.68
CA HIS J 125 -28.63 78.57 -20.57
C HIS J 125 -28.12 78.13 -21.94
N SER J 126 -26.84 77.75 -22.00
CA SER J 126 -26.23 77.38 -23.27
C SER J 126 -26.51 75.93 -23.66
N TYR J 127 -26.58 75.03 -22.69
CA TYR J 127 -26.72 73.62 -23.00
C TYR J 127 -28.10 73.28 -23.57
N GLN J 128 -29.12 74.10 -23.30
CA GLN J 128 -30.45 73.86 -23.84
C GLN J 128 -30.59 74.50 -25.22
N ARG J 129 -29.79 74.01 -26.15
CA ARG J 129 -29.76 74.52 -27.52
C ARG J 129 -29.97 73.36 -28.49
N ASN J 130 -30.96 73.48 -29.36
CA ASN J 130 -31.19 72.47 -30.38
C ASN J 130 -30.11 72.55 -31.45
N ASP J 131 -30.14 71.59 -32.38
CA ASP J 131 -29.10 71.50 -33.40
C ASP J 131 -29.07 72.74 -34.28
N LEU J 132 -30.20 73.41 -34.46
CA LEU J 132 -30.24 74.60 -35.30
C LEU J 132 -29.45 75.76 -34.71
N GLN J 133 -29.20 75.74 -33.40
CA GLN J 133 -28.52 76.83 -32.72
C GLN J 133 -27.00 76.64 -32.62
N LEU J 134 -26.47 75.52 -33.11
CA LEU J 134 -25.04 75.27 -32.96
C LEU J 134 -24.22 76.10 -33.95
N ARG J 135 -24.43 75.89 -35.25
CA ARG J 135 -23.64 76.60 -36.25
C ARG J 135 -24.21 78.00 -36.52
N SER J 136 -24.43 78.76 -35.45
CA SER J 136 -24.92 80.13 -35.56
C SER J 136 -24.39 80.95 -34.39
N THR J 137 -24.43 82.27 -34.56
CA THR J 137 -23.96 83.16 -33.53
C THR J 137 -24.86 83.09 -32.30
N PRO J 138 -24.29 83.23 -31.09
CA PRO J 138 -25.12 83.18 -29.88
C PRO J 138 -25.86 84.48 -29.61
N PHE J 139 -25.32 85.59 -30.10
CA PHE J 139 -25.98 86.88 -29.92
C PHE J 139 -27.32 86.89 -30.64
N ARG J 140 -28.31 87.52 -30.01
CA ARG J 140 -29.66 87.52 -30.54
C ARG J 140 -30.41 88.75 -30.01
N TYR J 141 -31.69 88.83 -30.35
CA TYR J 141 -32.50 89.98 -29.95
C TYR J 141 -33.96 89.58 -29.92
N LEU J 142 -34.76 90.38 -29.21
CA LEU J 142 -36.19 90.15 -29.12
C LEU J 142 -36.86 91.48 -28.76
N LEU J 143 -37.97 91.77 -29.42
CA LEU J 143 -38.67 93.03 -29.22
C LEU J 143 -40.18 92.78 -29.16
N THR J 144 -40.86 93.56 -28.33
CA THR J 144 -42.31 93.46 -28.21
C THR J 144 -42.98 94.04 -29.47
N PRO J 145 -44.18 93.56 -29.81
CA PRO J 145 -44.84 94.05 -31.03
C PRO J 145 -45.37 95.46 -30.90
N SER J 146 -44.52 96.38 -30.45
CA SER J 146 -44.85 97.80 -30.42
C SER J 146 -43.73 98.68 -30.92
N MET J 147 -42.52 98.15 -31.08
CA MET J 147 -41.36 98.92 -31.52
C MET J 147 -41.02 98.66 -32.98
N GLN J 148 -41.78 97.81 -33.67
CA GLN J 148 -41.43 97.40 -35.02
C GLN J 148 -41.38 98.59 -35.98
N LYS J 149 -42.46 99.37 -36.03
CA LYS J 149 -42.55 100.45 -37.00
C LYS J 149 -41.49 101.53 -36.78
N SER J 150 -40.84 101.54 -35.63
CA SER J 150 -39.86 102.58 -35.33
C SER J 150 -38.45 102.17 -35.80
N VAL J 151 -37.96 101.03 -35.33
CA VAL J 151 -36.54 100.70 -35.51
C VAL J 151 -36.38 99.31 -36.10
N GLN J 152 -37.48 98.71 -36.55
CA GLN J 152 -37.40 97.38 -37.16
C GLN J 152 -36.59 97.41 -38.44
N ASN J 153 -36.74 98.47 -39.23
CA ASN J 153 -35.96 98.59 -40.47
C ASN J 153 -34.47 98.70 -40.16
N LYS J 154 -34.11 99.49 -39.14
CA LYS J 154 -32.70 99.60 -38.76
C LYS J 154 -32.17 98.27 -38.25
N ILE J 155 -32.96 97.55 -37.46
CA ILE J 155 -32.53 96.25 -36.95
C ILE J 155 -32.32 95.27 -38.10
N LYS J 156 -33.24 95.25 -39.06
CA LYS J 156 -33.09 94.38 -40.22
C LYS J 156 -31.86 94.76 -41.04
N SER J 157 -31.57 96.06 -41.15
CA SER J 157 -30.36 96.48 -41.83
C SER J 157 -29.13 96.00 -41.09
N LEU J 158 -29.16 96.01 -39.76
CA LEU J 158 -28.08 95.45 -38.97
C LEU J 158 -27.97 93.94 -39.09
N ASN J 159 -29.00 93.28 -39.65
CA ASN J 159 -28.98 91.85 -39.93
C ASN J 159 -28.80 91.03 -38.64
N TRP J 160 -29.76 91.19 -37.74
CA TRP J 160 -29.77 90.42 -36.50
C TRP J 160 -30.60 89.16 -36.67
N GLU J 161 -30.77 88.41 -35.58
CA GLU J 161 -31.42 87.10 -35.63
C GLU J 161 -32.56 87.04 -34.62
N GLU J 162 -33.75 86.69 -35.11
CA GLU J 162 -34.97 86.69 -34.31
C GLU J 162 -35.07 85.42 -33.47
N MET J 163 -35.93 85.48 -32.44
CA MET J 163 -36.23 84.32 -31.62
C MET J 163 -36.91 83.22 -32.44
N GLU J 164 -37.13 82.09 -31.77
CA GLU J 164 -37.79 80.94 -32.36
C GLU J 164 -39.06 80.63 -31.58
N LYS J 165 -40.17 80.53 -32.29
CA LYS J 165 -41.46 80.27 -31.65
C LYS J 165 -41.60 78.78 -31.33
N SER J 166 -42.76 78.41 -30.80
CA SER J 166 -43.03 77.02 -30.45
C SER J 166 -44.30 76.53 -31.13
N PHE J 177 -48.22 77.57 -29.21
CA PHE J 177 -47.10 78.32 -29.79
C PHE J 177 -46.79 79.56 -28.96
N CYS J 178 -45.93 79.39 -27.96
CA CYS J 178 -45.54 80.50 -27.09
C CYS J 178 -44.03 80.46 -26.88
N ILE J 179 -43.47 81.63 -26.59
CA ILE J 179 -42.03 81.75 -26.38
C ILE J 179 -41.68 81.21 -25.00
N ARG J 180 -40.49 80.62 -24.90
CA ARG J 180 -40.01 80.06 -23.64
C ARG J 180 -38.49 80.06 -23.67
N ILE J 181 -37.88 81.04 -23.00
CA ILE J 181 -36.43 81.14 -22.92
C ILE J 181 -36.00 80.70 -21.52
N PRO J 182 -35.27 79.60 -21.38
CA PRO J 182 -34.85 79.17 -20.04
C PRO J 182 -33.83 80.13 -19.44
N GLY J 183 -33.87 80.24 -18.12
CA GLY J 183 -32.94 81.07 -17.39
C GLY J 183 -33.25 82.54 -17.38
N GLY J 184 -34.37 82.96 -17.97
CA GLY J 184 -34.70 84.37 -17.98
C GLY J 184 -34.98 84.93 -16.60
N GLY J 185 -35.68 84.16 -15.76
CA GLY J 185 -35.98 84.59 -14.42
C GLY J 185 -37.15 85.55 -14.32
N ILE J 186 -36.99 86.74 -14.90
CA ILE J 186 -38.03 87.76 -14.84
C ILE J 186 -38.29 88.31 -16.23
N THR J 187 -37.50 87.89 -17.21
CA THR J 187 -37.69 88.37 -18.58
C THR J 187 -39.04 87.94 -19.14
N LYS J 188 -39.44 86.68 -18.90
CA LYS J 188 -40.76 86.24 -19.35
C LYS J 188 -41.86 87.03 -18.66
N THR J 189 -41.70 87.32 -17.37
CA THR J 189 -42.73 88.09 -16.67
C THR J 189 -42.86 89.50 -17.25
N LEU J 190 -41.73 90.17 -17.47
CA LEU J 190 -41.78 91.51 -18.05
C LEU J 190 -42.40 91.47 -19.44
N TYR J 191 -41.99 90.51 -20.27
CA TYR J 191 -42.53 90.45 -21.63
C TYR J 191 -44.02 90.17 -21.62
N ASP J 192 -44.48 89.24 -20.77
CA ASP J 192 -45.88 88.86 -20.79
C ASP J 192 -46.76 89.97 -20.23
N GLU J 193 -46.37 90.56 -19.11
CA GLU J 193 -47.15 91.67 -18.57
C GLU J 193 -46.95 92.97 -19.35
N SER J 194 -46.02 93.02 -20.30
CA SER J 194 -45.94 94.14 -21.21
C SER J 194 -46.70 93.91 -22.50
N CYS J 195 -46.97 92.65 -22.88
CA CYS J 195 -47.72 92.38 -24.09
C CYS J 195 -49.16 92.87 -24.00
N SER J 196 -49.67 93.08 -22.79
CA SER J 196 -51.04 93.54 -22.60
C SER J 196 -51.14 94.99 -22.12
N LYS J 197 -50.03 95.60 -21.71
CA LYS J 197 -50.04 96.97 -21.24
C LYS J 197 -49.53 97.97 -22.27
N GLU J 198 -49.28 97.52 -23.50
CA GLU J 198 -48.84 98.38 -24.60
C GLU J 198 -47.58 99.15 -24.24
N ILE J 199 -46.65 98.48 -23.57
CA ILE J 199 -45.36 99.05 -23.20
C ILE J 199 -44.28 98.38 -24.04
N GLN J 200 -43.47 99.18 -24.72
CA GLN J 200 -42.50 98.68 -25.68
C GLN J 200 -41.12 98.57 -25.05
N MET J 201 -40.46 97.44 -25.26
CA MET J 201 -39.07 97.26 -24.88
C MET J 201 -38.47 96.14 -25.71
N ALA J 202 -37.15 96.13 -25.77
CA ALA J 202 -36.40 95.13 -26.54
C ALA J 202 -35.55 94.30 -25.58
N VAL J 203 -35.47 93.00 -25.85
CA VAL J 203 -34.68 92.07 -25.05
C VAL J 203 -33.49 91.62 -25.88
N LEU J 204 -32.29 91.81 -25.34
CA LEU J 204 -31.05 91.45 -26.01
C LEU J 204 -30.30 90.46 -25.13
N LEU J 205 -30.60 89.18 -25.30
CA LEU J 205 -30.00 88.14 -24.49
C LEU J 205 -28.76 87.57 -25.18
N LYS J 206 -28.09 86.65 -24.49
CA LYS J 206 -26.91 85.99 -25.05
C LYS J 206 -26.73 84.66 -24.33
N PHE J 207 -26.58 83.59 -25.11
CA PHE J 207 -26.37 82.27 -24.53
C PHE J 207 -25.01 82.22 -23.84
N VAL J 208 -24.98 81.62 -22.66
CA VAL J 208 -23.79 81.64 -21.81
C VAL J 208 -23.85 80.45 -20.87
N SER J 209 -22.69 80.04 -20.36
CA SER J 209 -22.59 79.01 -19.34
C SER J 209 -21.96 79.59 -18.09
N GLU J 210 -22.27 78.97 -16.95
CA GLU J 210 -21.82 79.49 -15.67
C GLU J 210 -20.32 79.30 -15.50
N GLY J 211 -19.74 80.14 -14.64
CA GLY J 211 -18.31 80.14 -14.41
C GLY J 211 -17.70 81.52 -14.54
N ASP J 212 -16.82 81.69 -15.53
CA ASP J 212 -16.23 82.98 -15.84
C ASP J 212 -16.93 83.56 -17.07
N ASN J 213 -17.36 84.82 -16.97
CA ASN J 213 -18.19 85.39 -18.03
C ASN J 213 -17.80 86.81 -18.43
N ILE J 214 -16.61 87.29 -18.04
CA ILE J 214 -16.20 88.64 -18.42
C ILE J 214 -16.11 88.82 -19.93
N PRO J 215 -15.48 87.92 -20.70
CA PRO J 215 -15.50 88.10 -22.15
C PRO J 215 -16.90 88.11 -22.74
N ASP J 216 -17.82 87.32 -22.18
CA ASP J 216 -19.19 87.32 -22.66
C ASP J 216 -19.88 88.64 -22.34
N ALA J 217 -19.59 89.21 -21.17
CA ALA J 217 -20.13 90.53 -20.85
C ALA J 217 -19.61 91.58 -21.81
N LEU J 218 -18.32 91.54 -22.13
CA LEU J 218 -17.76 92.48 -23.10
C LEU J 218 -18.39 92.31 -24.47
N GLY J 219 -18.60 91.05 -24.90
CA GLY J 219 -19.24 90.81 -26.18
C GLY J 219 -20.67 91.32 -26.20
N LEU J 220 -21.41 91.14 -25.11
CA LEU J 220 -22.77 91.66 -25.04
C LEU J 220 -22.78 93.19 -25.09
N VAL J 221 -21.84 93.82 -24.40
CA VAL J 221 -21.75 95.29 -24.44
C VAL J 221 -21.48 95.77 -25.86
N GLU J 222 -20.53 95.11 -26.55
CA GLU J 222 -20.23 95.50 -27.93
C GLU J 222 -21.42 95.27 -28.85
N TYR J 223 -22.14 94.15 -28.63
CA TYR J 223 -23.32 93.87 -29.44
C TYR J 223 -24.40 94.93 -29.25
N LEU J 224 -24.60 95.37 -28.01
CA LEU J 224 -25.57 96.44 -27.75
C LEU J 224 -25.10 97.75 -28.37
N ASN J 225 -23.80 98.05 -28.28
CA ASN J 225 -23.27 99.28 -28.88
C ASN J 225 -23.40 99.26 -30.40
N GLU J 226 -23.41 98.07 -30.99
CA GLU J 226 -23.57 97.96 -32.45
C GLU J 226 -24.85 98.64 -32.91
N TRP J 227 -25.90 98.65 -32.09
CA TRP J 227 -27.14 99.33 -32.43
C TRP J 227 -27.27 100.69 -31.74
N LEU J 228 -27.06 100.75 -30.42
CA LEU J 228 -27.25 102.00 -29.71
C LEU J 228 -26.20 103.05 -30.07
N GLN J 229 -25.04 102.63 -30.58
CA GLN J 229 -23.94 103.54 -30.90
C GLN J 229 -23.56 104.39 -29.69
N ILE J 230 -23.51 103.76 -28.52
CA ILE J 230 -23.17 104.48 -27.30
C ILE J 230 -21.73 104.97 -27.35
N LEU J 231 -20.84 104.20 -27.95
CA LEU J 231 -19.43 104.53 -28.04
C LEU J 231 -19.09 104.92 -29.48
N LYS J 232 -17.81 105.14 -29.73
CA LYS J 232 -17.35 105.50 -31.08
C LYS J 232 -17.68 104.35 -32.04
N PRO J 233 -18.26 104.64 -33.20
CA PRO J 233 -18.72 103.55 -34.09
C PRO J 233 -17.58 102.65 -34.54
N LEU J 234 -17.87 101.36 -34.64
CA LEU J 234 -16.90 100.38 -35.06
C LEU J 234 -17.58 99.18 -35.71
N SER J 241 -6.73 98.57 -29.18
CA SER J 241 -7.88 98.18 -29.99
C SER J 241 -8.99 97.58 -29.13
N ALA J 242 -8.62 97.18 -27.91
CA ALA J 242 -9.58 96.60 -26.97
C ALA J 242 -9.81 97.46 -25.73
N SER J 243 -9.02 98.51 -25.53
CA SER J 243 -9.15 99.38 -24.36
C SER J 243 -10.19 100.48 -24.61
N ARG J 244 -11.40 100.03 -24.94
CA ARG J 244 -12.51 100.94 -25.19
C ARG J 244 -13.34 101.16 -23.92
N TRP J 245 -13.88 100.09 -23.35
CA TRP J 245 -14.66 100.18 -22.13
C TRP J 245 -13.73 100.11 -20.93
N LYS J 246 -13.85 101.09 -20.04
CA LYS J 246 -12.98 101.18 -18.87
C LYS J 246 -13.42 100.16 -17.82
N ILE J 247 -12.51 99.28 -17.45
CA ILE J 247 -12.80 98.29 -16.41
C ILE J 247 -12.93 99.01 -15.06
N PRO J 248 -14.00 98.77 -14.30
CA PRO J 248 -14.14 99.45 -13.01
C PRO J 248 -13.07 99.00 -12.02
N SER J 249 -12.80 99.88 -11.05
CA SER J 249 -11.73 99.67 -10.09
C SER J 249 -12.12 98.73 -8.95
N SER J 250 -13.22 98.00 -9.08
CA SER J 250 -13.66 97.07 -8.05
C SER J 250 -13.41 95.61 -8.43
N TRP J 251 -12.92 95.33 -9.62
CA TRP J 251 -12.73 93.97 -10.09
C TRP J 251 -11.27 93.53 -9.90
N ARG J 252 -10.86 93.46 -8.64
CA ARG J 252 -9.53 93.00 -8.30
C ARG J 252 -9.51 91.56 -7.78
N LEU J 253 -10.23 91.29 -6.69
CA LEU J 253 -10.19 89.98 -6.05
C LEU J 253 -11.42 89.19 -6.47
N LEU J 254 -11.39 88.69 -7.71
CA LEU J 254 -12.52 87.92 -8.22
C LEU J 254 -12.56 86.50 -7.68
N PHE J 255 -11.41 85.92 -7.35
CA PHE J 255 -11.32 84.52 -6.97
C PHE J 255 -10.90 84.35 -5.51
N GLY J 256 -11.42 85.21 -4.64
CA GLY J 256 -11.14 85.08 -3.23
C GLY J 256 -9.75 85.58 -2.87
N SER J 257 -9.31 85.19 -1.67
CA SER J 257 -8.06 85.67 -1.12
C SER J 257 -6.87 85.00 -1.81
N GLY J 258 -5.68 85.32 -1.33
CA GLY J 258 -4.45 84.85 -1.94
C GLY J 258 -4.10 83.43 -1.55
N LEU J 259 -2.99 82.96 -2.11
CA LEU J 259 -2.54 81.60 -1.89
C LEU J 259 -1.99 81.43 -0.48
N PRO J 260 -2.42 80.41 0.27
CA PRO J 260 -1.86 80.20 1.59
C PRO J 260 -0.40 79.79 1.51
N PRO J 261 0.40 80.14 2.50
CA PRO J 261 1.83 79.78 2.46
C PRO J 261 2.04 78.29 2.68
N ALA J 262 3.19 77.82 2.20
CA ALA J 262 3.71 76.47 2.36
C ALA J 262 2.89 75.40 1.63
N LEU J 263 1.83 75.79 0.91
CA LEU J 263 1.07 74.80 0.16
C LEU J 263 1.89 74.23 -0.99
N PHE J 264 2.64 75.08 -1.67
CA PHE J 264 3.48 74.65 -2.79
C PHE J 264 4.95 74.64 -2.39
N ALA K 1 -38.80 29.68 -8.61
CA ALA K 1 -37.78 28.75 -9.08
C ALA K 1 -37.16 27.98 -7.92
N ALA K 2 -36.02 28.46 -7.43
CA ALA K 2 -35.32 27.84 -6.33
C ALA K 2 -35.11 28.86 -5.22
N VAL K 3 -34.83 28.35 -4.02
CA VAL K 3 -34.70 29.18 -2.83
C VAL K 3 -33.33 29.04 -2.19
N SER K 4 -32.41 28.33 -2.83
CA SER K 4 -31.09 28.10 -2.28
C SER K 4 -30.01 28.35 -3.32
N VAL K 5 -30.13 29.48 -4.03
CA VAL K 5 -29.17 29.88 -5.04
C VAL K 5 -28.77 31.33 -4.79
N TYR K 6 -27.47 31.61 -4.81
CA TYR K 6 -26.95 32.95 -4.63
C TYR K 6 -26.31 33.50 -5.90
N ALA K 7 -25.32 32.81 -6.46
CA ALA K 7 -24.57 33.32 -7.59
C ALA K 7 -25.11 32.78 -8.90
N PRO K 8 -24.96 33.53 -9.99
CA PRO K 8 -25.42 33.02 -11.29
C PRO K 8 -24.61 31.80 -11.71
N PRO K 9 -25.21 30.86 -12.44
CA PRO K 9 -24.47 29.69 -12.88
C PRO K 9 -23.37 30.05 -13.87
N VAL K 10 -22.32 29.23 -13.88
CA VAL K 10 -21.17 29.43 -14.76
C VAL K 10 -20.99 28.18 -15.60
N GLY K 11 -20.81 28.37 -16.90
CA GLY K 11 -20.64 27.26 -17.82
C GLY K 11 -19.27 26.63 -17.72
N GLY K 12 -19.05 25.64 -18.57
CA GLY K 12 -17.81 24.89 -18.60
C GLY K 12 -18.00 23.47 -18.14
N PHE K 13 -16.89 22.74 -18.13
CA PHE K 13 -16.92 21.34 -17.73
C PHE K 13 -17.36 21.22 -16.27
N SER K 14 -18.50 20.56 -16.06
CA SER K 14 -18.96 20.33 -14.70
C SER K 14 -18.13 19.24 -14.03
N PHE K 15 -18.16 19.23 -12.69
CA PHE K 15 -17.37 18.29 -11.93
C PHE K 15 -18.13 17.71 -10.75
N ASP K 16 -19.46 17.71 -10.78
CA ASP K 16 -20.24 17.26 -9.63
C ASP K 16 -20.58 15.78 -9.72
N ASN K 17 -19.59 14.95 -10.07
CA ASN K 17 -19.77 13.50 -10.06
C ASN K 17 -18.60 12.74 -9.47
N CYS K 18 -17.39 13.30 -9.44
CA CYS K 18 -16.21 12.52 -9.08
C CYS K 18 -16.26 12.05 -7.63
N ARG K 19 -16.86 12.83 -6.74
CA ARG K 19 -16.95 12.42 -5.34
C ARG K 19 -17.74 11.13 -5.20
N ARG K 20 -18.87 11.02 -5.90
CA ARG K 20 -19.63 9.78 -5.89
C ARG K 20 -18.94 8.70 -6.71
N ASN K 21 -18.33 9.09 -7.84
CA ASN K 21 -17.73 8.12 -8.73
C ASN K 21 -16.59 7.36 -8.07
N ALA K 22 -15.76 8.06 -7.28
CA ALA K 22 -14.62 7.41 -6.64
C ALA K 22 -15.08 6.33 -5.66
N VAL K 23 -16.04 6.65 -4.81
CA VAL K 23 -16.50 5.69 -3.82
C VAL K 23 -17.25 4.54 -4.50
N LEU K 24 -18.01 4.83 -5.56
CA LEU K 24 -18.68 3.77 -6.28
C LEU K 24 -17.68 2.82 -6.94
N GLU K 25 -16.62 3.38 -7.53
CA GLU K 25 -15.58 2.55 -8.14
C GLU K 25 -14.86 1.71 -7.11
N ALA K 26 -14.58 2.29 -5.93
CA ALA K 26 -13.96 1.52 -4.86
C ALA K 26 -14.87 0.37 -4.41
N ASP K 27 -16.18 0.64 -4.33
CA ASP K 27 -17.12 -0.41 -3.97
C ASP K 27 -17.15 -1.53 -5.00
N PHE K 28 -17.15 -1.17 -6.28
CA PHE K 28 -17.34 -2.14 -7.34
C PHE K 28 -16.07 -2.80 -7.83
N ALA K 29 -14.89 -2.32 -7.43
CA ALA K 29 -13.66 -2.94 -7.89
C ALA K 29 -13.40 -4.27 -7.20
N LYS K 30 -13.62 -4.34 -5.89
CA LYS K 30 -13.33 -5.55 -5.13
C LYS K 30 -14.43 -6.59 -5.20
N ARG K 31 -15.58 -6.26 -5.78
CA ARG K 31 -16.70 -7.18 -5.89
C ARG K 31 -16.78 -7.88 -7.23
N GLY K 32 -15.84 -7.61 -8.14
CA GLY K 32 -15.81 -8.28 -9.42
C GLY K 32 -17.03 -8.01 -10.29
N TYR K 33 -17.42 -6.75 -10.40
CA TYR K 33 -18.55 -6.34 -11.21
C TYR K 33 -18.07 -5.76 -12.54
N LYS K 34 -19.02 -5.41 -13.39
CA LYS K 34 -18.69 -4.85 -14.70
C LYS K 34 -18.06 -3.47 -14.55
N LEU K 35 -17.23 -3.12 -15.53
CA LEU K 35 -16.47 -1.87 -15.49
C LEU K 35 -16.76 -1.06 -16.75
N PRO K 36 -16.85 0.27 -16.62
CA PRO K 36 -17.09 1.09 -17.81
C PRO K 36 -15.93 1.09 -18.77
N LYS K 37 -16.25 1.26 -20.05
CA LYS K 37 -15.24 1.32 -21.10
C LYS K 37 -15.68 2.34 -22.14
N VAL K 38 -14.71 2.87 -22.87
CA VAL K 38 -14.96 3.83 -23.93
C VAL K 38 -14.40 3.29 -25.24
N ARG K 39 -14.81 3.92 -26.34
CA ARG K 39 -14.43 3.46 -27.68
C ARG K 39 -12.97 3.88 -27.94
N LYS K 40 -12.05 3.11 -27.36
CA LYS K 40 -10.62 3.32 -27.59
C LYS K 40 -10.25 2.75 -28.96
N THR K 41 -10.64 3.50 -30.00
CA THR K 41 -10.49 3.06 -31.38
C THR K 41 -9.03 3.23 -31.81
N GLY K 42 -8.20 2.27 -31.39
CA GLY K 42 -6.83 2.23 -31.85
C GLY K 42 -6.77 1.91 -33.32
N THR K 43 -6.41 2.89 -34.14
CA THR K 43 -6.49 2.77 -35.59
C THR K 43 -5.20 3.29 -36.21
N THR K 44 -4.85 2.74 -37.37
CA THR K 44 -3.68 3.18 -38.11
C THR K 44 -4.01 4.41 -38.94
N ILE K 45 -3.10 5.39 -38.92
CA ILE K 45 -3.23 6.61 -39.72
C ILE K 45 -1.91 6.81 -40.46
N ALA K 46 -1.99 7.08 -41.76
CA ALA K 46 -0.81 7.26 -42.58
C ALA K 46 -0.90 8.56 -43.37
N GLY K 47 0.24 9.18 -43.59
CA GLY K 47 0.32 10.38 -44.40
C GLY K 47 1.68 10.54 -45.05
N VAL K 48 1.70 10.97 -46.31
CA VAL K 48 2.95 11.12 -47.05
C VAL K 48 2.89 12.45 -47.80
N VAL K 49 4.08 12.98 -48.09
CA VAL K 49 4.22 14.27 -48.77
C VAL K 49 4.87 13.98 -50.12
N TYR K 50 4.07 13.94 -51.18
CA TYR K 50 4.61 13.72 -52.51
C TYR K 50 4.90 15.06 -53.18
N LYS K 51 5.18 15.03 -54.49
CA LYS K 51 5.73 16.19 -55.17
C LYS K 51 4.80 17.39 -55.12
N ASP K 52 3.51 17.18 -55.36
CA ASP K 52 2.56 18.27 -55.49
C ASP K 52 1.76 18.51 -54.20
N GLY K 53 1.02 17.51 -53.75
CA GLY K 53 0.16 17.69 -52.60
C GLY K 53 0.42 16.70 -51.49
N ILE K 54 -0.58 16.50 -50.63
CA ILE K 54 -0.47 15.58 -49.51
C ILE K 54 -1.54 14.51 -49.67
N VAL K 55 -1.25 13.32 -49.15
CA VAL K 55 -2.18 12.20 -49.17
C VAL K 55 -2.35 11.70 -47.74
N LEU K 56 -3.59 11.52 -47.31
CA LEU K 56 -3.90 11.01 -45.98
C LEU K 56 -4.68 9.72 -46.12
N GLY K 57 -4.86 9.03 -44.98
CA GLY K 57 -5.61 7.80 -44.97
C GLY K 57 -5.61 7.12 -43.61
N ALA K 58 -6.70 6.42 -43.30
CA ALA K 58 -6.82 5.71 -42.04
C ALA K 58 -7.82 4.59 -42.19
N ASP K 59 -7.77 3.64 -41.27
CA ASP K 59 -8.69 2.51 -41.31
C ASP K 59 -10.01 2.90 -40.65
N THR K 60 -11.02 2.03 -40.82
CA THR K 60 -12.40 2.36 -40.44
C THR K 60 -12.98 1.29 -39.51
N ARG K 61 -12.23 0.89 -38.50
CA ARG K 61 -12.75 0.03 -37.44
C ARG K 61 -12.79 0.80 -36.13
N ALA K 62 -13.87 0.64 -35.38
CA ALA K 62 -14.08 1.35 -34.12
C ALA K 62 -14.48 0.33 -33.06
N THR K 63 -13.50 -0.12 -32.28
CA THR K 63 -13.75 -1.07 -31.21
C THR K 63 -13.98 -0.35 -29.88
N GLU K 64 -14.59 -1.07 -28.94
CA GLU K 64 -14.81 -0.59 -27.58
C GLU K 64 -14.40 -1.65 -26.57
N GLY K 65 -13.21 -2.23 -26.80
CA GLY K 65 -12.73 -3.33 -25.99
C GLY K 65 -12.37 -4.53 -26.84
N MET K 66 -12.95 -5.68 -26.52
CA MET K 66 -12.73 -6.89 -27.30
C MET K 66 -13.87 -7.19 -28.26
N VAL K 67 -14.80 -6.25 -28.44
CA VAL K 67 -15.97 -6.44 -29.28
C VAL K 67 -15.97 -5.36 -30.36
N VAL K 68 -16.23 -5.76 -31.60
CA VAL K 68 -16.23 -4.84 -32.74
C VAL K 68 -17.53 -4.04 -32.68
N ALA K 69 -17.44 -2.79 -32.24
CA ALA K 69 -18.64 -1.97 -32.10
C ALA K 69 -19.17 -1.51 -33.45
N ASP K 70 -18.28 -1.07 -34.34
CA ASP K 70 -18.67 -0.50 -35.61
C ASP K 70 -17.82 -1.08 -36.74
N LYS K 71 -18.40 -1.13 -37.93
CA LYS K 71 -17.69 -1.56 -39.12
C LYS K 71 -17.45 -0.44 -40.12
N ASN K 72 -18.04 0.75 -39.91
CA ASN K 72 -17.83 1.87 -40.80
C ASN K 72 -17.92 3.15 -39.95
N CYS K 73 -16.76 3.73 -39.64
CA CYS K 73 -16.69 4.96 -38.87
C CYS K 73 -15.59 5.83 -39.48
N SER K 74 -15.97 7.00 -39.99
CA SER K 74 -15.01 7.87 -40.64
C SER K 74 -13.96 8.35 -39.64
N LYS K 75 -12.69 8.16 -39.99
CA LYS K 75 -11.57 8.66 -39.20
C LYS K 75 -10.99 9.94 -39.77
N ILE K 76 -11.61 10.50 -40.80
CA ILE K 76 -11.16 11.74 -41.43
C ILE K 76 -12.26 12.78 -41.25
N HIS K 77 -11.87 13.96 -40.76
CA HIS K 77 -12.81 15.03 -40.49
C HIS K 77 -12.58 16.17 -41.46
N PHE K 78 -13.40 17.22 -41.31
CA PHE K 78 -13.29 18.43 -42.11
C PHE K 78 -12.94 19.59 -41.19
N ILE K 79 -11.95 20.38 -41.59
CA ILE K 79 -11.50 21.54 -40.82
C ILE K 79 -11.61 22.82 -41.64
N SER K 80 -11.16 22.79 -42.87
CA SER K 80 -11.18 23.95 -43.75
C SER K 80 -11.26 23.47 -45.19
N PRO K 81 -11.40 24.37 -46.18
CA PRO K 81 -11.40 23.89 -47.56
C PRO K 81 -10.15 23.15 -47.97
N ASN K 82 -9.00 23.41 -47.34
CA ASN K 82 -7.76 22.78 -47.74
C ASN K 82 -6.93 22.33 -46.53
N ILE K 83 -7.60 21.87 -45.49
CA ILE K 83 -6.91 21.29 -44.33
C ILE K 83 -7.74 20.12 -43.81
N TYR K 84 -7.09 18.97 -43.64
CA TYR K 84 -7.72 17.79 -43.06
C TYR K 84 -6.91 17.29 -41.88
N CYS K 85 -7.60 16.61 -40.96
CA CYS K 85 -6.97 16.04 -39.77
C CYS K 85 -7.36 14.58 -39.65
N CYS K 86 -6.78 13.91 -38.66
CA CYS K 86 -7.11 12.52 -38.36
C CYS K 86 -7.13 12.34 -36.85
N GLY K 87 -7.85 11.31 -36.41
CA GLY K 87 -7.95 11.02 -35.00
C GLY K 87 -7.39 9.66 -34.66
N ALA K 88 -7.08 9.44 -33.38
CA ALA K 88 -6.55 8.15 -32.94
C ALA K 88 -6.79 8.02 -31.44
N GLY K 89 -7.66 7.10 -31.05
CA GLY K 89 -7.90 6.83 -29.65
C GLY K 89 -8.89 7.79 -29.03
N THR K 90 -9.86 7.25 -28.30
CA THR K 90 -10.88 8.03 -27.60
C THR K 90 -11.56 9.00 -28.58
N ALA K 91 -12.25 8.39 -29.55
CA ALA K 91 -12.84 9.16 -30.64
C ALA K 91 -13.81 10.22 -30.14
N ALA K 92 -14.42 9.98 -28.98
CA ALA K 92 -15.33 10.97 -28.41
C ALA K 92 -14.63 12.30 -28.18
N ASP K 93 -13.43 12.27 -27.63
CA ASP K 93 -12.70 13.51 -27.38
C ASP K 93 -12.18 14.12 -28.67
N THR K 94 -11.68 13.28 -29.60
CA THR K 94 -11.07 13.82 -30.80
C THR K 94 -12.11 14.50 -31.70
N ASP K 95 -13.35 13.99 -31.73
CA ASP K 95 -14.37 14.61 -32.56
C ASP K 95 -14.60 16.07 -32.14
N MET K 96 -14.84 16.29 -30.85
CA MET K 96 -15.09 17.64 -30.37
C MET K 96 -13.84 18.51 -30.47
N THR K 97 -12.67 17.96 -30.13
CA THR K 97 -11.48 18.80 -30.15
C THR K 97 -11.00 19.11 -31.57
N THR K 98 -11.54 18.43 -32.57
CA THR K 98 -11.29 18.86 -33.94
C THR K 98 -12.38 19.81 -34.44
N GLN K 99 -13.63 19.56 -34.06
CA GLN K 99 -14.72 20.44 -34.51
C GLN K 99 -14.56 21.86 -33.96
N LEU K 100 -14.10 21.98 -32.71
CA LEU K 100 -13.90 23.31 -32.13
C LEU K 100 -12.89 24.11 -32.94
N ILE K 101 -11.73 23.51 -33.24
CA ILE K 101 -10.72 24.20 -34.02
C ILE K 101 -11.21 24.47 -35.43
N SER K 102 -12.01 23.56 -36.00
CA SER K 102 -12.56 23.81 -37.33
C SER K 102 -13.44 25.06 -37.32
N SER K 103 -14.30 25.19 -36.31
CA SER K 103 -15.14 26.38 -36.22
C SER K 103 -14.33 27.64 -36.00
N ASN K 104 -13.30 27.56 -35.13
CA ASN K 104 -12.47 28.73 -34.88
C ASN K 104 -11.76 29.18 -36.16
N LEU K 105 -11.20 28.22 -36.91
CA LEU K 105 -10.55 28.57 -38.17
C LEU K 105 -11.54 29.10 -39.19
N GLU K 106 -12.77 28.59 -39.20
CA GLU K 106 -13.77 29.14 -40.10
C GLU K 106 -14.07 30.59 -39.76
N LEU K 107 -14.19 30.90 -38.47
CA LEU K 107 -14.38 32.30 -38.07
C LEU K 107 -13.21 33.17 -38.51
N HIS K 108 -11.99 32.68 -38.30
CA HIS K 108 -10.80 33.44 -38.71
C HIS K 108 -10.80 33.68 -40.21
N SER K 109 -11.11 32.64 -40.98
CA SER K 109 -11.13 32.77 -42.44
C SER K 109 -12.19 33.75 -42.89
N LEU K 110 -13.37 33.72 -42.26
CA LEU K 110 -14.42 34.67 -42.61
C LEU K 110 -14.00 36.09 -42.28
N SER K 111 -13.28 36.27 -41.17
CA SER K 111 -12.83 37.60 -40.79
C SER K 111 -11.65 38.09 -41.62
N THR K 112 -10.93 37.19 -42.30
CA THR K 112 -9.75 37.60 -43.06
C THR K 112 -9.95 37.65 -44.56
N GLY K 113 -10.88 36.89 -45.12
CA GLY K 113 -11.08 36.87 -46.56
C GLY K 113 -10.05 36.09 -47.33
N ARG K 114 -9.16 35.36 -46.66
CA ARG K 114 -8.16 34.55 -47.32
C ARG K 114 -8.08 33.18 -46.64
N LEU K 115 -7.51 32.22 -47.35
CA LEU K 115 -7.45 30.86 -46.84
C LEU K 115 -6.56 30.79 -45.60
N PRO K 116 -6.92 29.96 -44.61
CA PRO K 116 -6.10 29.85 -43.40
C PRO K 116 -4.79 29.14 -43.67
N ARG K 117 -3.88 29.28 -42.71
CA ARG K 117 -2.57 28.64 -42.78
C ARG K 117 -2.47 27.57 -41.70
N VAL K 118 -1.78 26.48 -42.02
CA VAL K 118 -1.77 25.30 -41.16
C VAL K 118 -1.18 25.63 -39.79
N VAL K 119 -0.19 26.52 -39.75
CA VAL K 119 0.49 26.83 -38.51
C VAL K 119 -0.47 27.38 -37.47
N THR K 120 -1.51 28.10 -37.90
CA THR K 120 -2.51 28.58 -36.96
C THR K 120 -3.25 27.43 -36.30
N ALA K 121 -3.67 26.44 -37.10
CA ALA K 121 -4.33 25.28 -36.54
C ALA K 121 -3.41 24.54 -35.58
N ASN K 122 -2.13 24.39 -35.96
CA ASN K 122 -1.17 23.75 -35.08
C ASN K 122 -1.05 24.49 -33.76
N ARG K 123 -0.95 25.82 -33.82
CA ARG K 123 -0.79 26.62 -32.61
C ARG K 123 -1.99 26.49 -31.70
N MET K 124 -3.20 26.58 -32.26
CA MET K 124 -4.41 26.49 -31.45
C MET K 124 -4.54 25.10 -30.83
N LEU K 125 -4.29 24.05 -31.60
CA LEU K 125 -4.38 22.69 -31.05
C LEU K 125 -3.35 22.49 -29.95
N LYS K 126 -2.12 22.95 -30.17
CA LYS K 126 -1.09 22.83 -29.15
C LYS K 126 -1.48 23.55 -27.88
N GLN K 127 -1.98 24.78 -28.01
CA GLN K 127 -2.37 25.57 -26.84
C GLN K 127 -3.46 24.87 -26.06
N MET K 128 -4.50 24.39 -26.75
CA MET K 128 -5.60 23.74 -26.06
C MET K 128 -5.14 22.46 -25.37
N LEU K 129 -4.41 21.60 -26.08
CA LEU K 129 -3.99 20.32 -25.52
C LEU K 129 -3.07 20.52 -24.33
N PHE K 130 -2.16 21.51 -24.40
CA PHE K 130 -1.30 21.76 -23.25
C PHE K 130 -2.07 22.39 -22.10
N ARG K 131 -3.10 23.18 -22.40
CA ARG K 131 -3.95 23.73 -21.35
C ARG K 131 -4.63 22.61 -20.57
N TYR K 132 -5.15 21.61 -21.28
CA TYR K 132 -5.71 20.43 -20.63
C TYR K 132 -4.60 19.39 -20.48
N GLN K 133 -3.77 19.58 -19.45
CA GLN K 133 -2.62 18.71 -19.24
C GLN K 133 -3.06 17.28 -19.01
N GLY K 134 -2.83 16.43 -19.99
CA GLY K 134 -3.30 15.07 -19.89
C GLY K 134 -4.81 15.00 -19.79
N TYR K 135 -5.29 13.84 -19.34
CA TYR K 135 -6.71 13.60 -19.06
C TYR K 135 -7.57 13.73 -20.30
N ILE K 136 -6.95 14.00 -21.45
CA ILE K 136 -7.64 14.01 -22.73
C ILE K 136 -6.65 13.55 -23.79
N GLY K 137 -6.93 12.42 -24.42
CA GLY K 137 -5.99 11.84 -25.35
C GLY K 137 -6.52 11.71 -26.76
N ALA K 138 -5.92 12.46 -27.68
CA ALA K 138 -6.33 12.41 -29.09
C ALA K 138 -5.10 12.68 -29.94
N ALA K 139 -4.42 11.60 -30.34
CA ALA K 139 -3.29 11.73 -31.25
C ALA K 139 -3.81 12.09 -32.63
N LEU K 140 -3.26 13.16 -33.21
CA LEU K 140 -3.74 13.69 -34.47
C LEU K 140 -2.62 13.69 -35.51
N VAL K 141 -3.02 13.75 -36.77
CA VAL K 141 -2.11 13.87 -37.89
C VAL K 141 -2.65 15.02 -38.75
N LEU K 142 -2.11 16.21 -38.55
CA LEU K 142 -2.62 17.41 -39.19
C LEU K 142 -1.84 17.68 -40.47
N GLY K 143 -2.52 17.70 -41.60
CA GLY K 143 -1.88 17.93 -42.87
C GLY K 143 -2.75 18.79 -43.76
N GLY K 144 -2.09 19.60 -44.58
CA GLY K 144 -2.79 20.49 -45.47
C GLY K 144 -1.87 21.42 -46.24
N VAL K 145 -2.23 21.75 -47.47
CA VAL K 145 -1.45 22.65 -48.29
C VAL K 145 -1.95 24.07 -48.06
N ASP K 146 -1.07 25.05 -48.21
CA ASP K 146 -1.40 26.45 -47.95
C ASP K 146 -0.74 27.31 -49.02
N VAL K 147 -0.69 28.61 -48.76
CA VAL K 147 -0.13 29.54 -49.73
C VAL K 147 1.38 29.35 -49.89
N THR K 148 2.06 28.88 -48.84
CA THR K 148 3.50 28.69 -48.93
C THR K 148 3.85 27.37 -49.61
N GLY K 149 3.42 26.26 -49.05
CA GLY K 149 3.70 24.95 -49.60
C GLY K 149 3.12 23.84 -48.74
N PRO K 150 3.41 22.59 -49.12
CA PRO K 150 2.90 21.46 -48.34
C PRO K 150 3.43 21.47 -46.92
N HIS K 151 2.64 20.92 -46.01
CA HIS K 151 3.00 20.86 -44.60
C HIS K 151 2.42 19.59 -43.99
N LEU K 152 2.93 19.25 -42.81
CA LEU K 152 2.47 18.06 -42.10
C LEU K 152 2.85 18.20 -40.64
N TYR K 153 2.01 17.64 -39.76
CA TYR K 153 2.24 17.76 -38.32
C TYR K 153 1.76 16.49 -37.63
N SER K 154 2.31 16.25 -36.44
CA SER K 154 2.16 14.98 -35.73
C SER K 154 1.83 15.22 -34.26
N ILE K 155 0.80 16.02 -34.00
CA ILE K 155 0.44 16.39 -32.63
C ILE K 155 0.27 15.15 -31.75
N TYR K 156 0.80 15.22 -30.55
CA TYR K 156 0.72 14.19 -29.52
C TYR K 156 -0.30 14.59 -28.47
N PRO K 157 -0.74 13.65 -27.63
CA PRO K 157 -1.73 13.97 -26.58
C PRO K 157 -1.17 14.72 -25.39
N HIS K 158 0.03 15.27 -25.46
CA HIS K 158 0.56 16.13 -24.41
C HIS K 158 0.98 17.51 -24.91
N GLY K 159 0.98 17.75 -26.22
CA GLY K 159 1.34 19.04 -26.77
C GLY K 159 2.58 19.03 -27.64
N SER K 160 3.26 17.90 -27.81
CA SER K 160 4.42 17.87 -28.67
C SER K 160 4.02 17.99 -30.14
N THR K 161 4.95 18.47 -30.96
CA THR K 161 4.70 18.67 -32.37
C THR K 161 5.96 18.39 -33.16
N ASP K 162 5.78 18.03 -34.42
CA ASP K 162 6.89 17.72 -35.32
C ASP K 162 6.50 18.14 -36.73
N LYS K 163 7.45 18.03 -37.66
CA LYS K 163 7.23 18.41 -39.05
C LYS K 163 7.78 17.35 -39.98
N LEU K 164 7.44 16.09 -39.72
CA LEU K 164 7.95 14.99 -40.51
C LEU K 164 7.41 15.03 -41.93
N PRO K 165 8.16 14.50 -42.91
CA PRO K 165 7.59 14.28 -44.24
C PRO K 165 6.68 13.07 -44.32
N TYR K 166 6.70 12.18 -43.33
CA TYR K 166 5.74 11.10 -43.23
C TYR K 166 5.59 10.73 -41.76
N VAL K 167 4.39 10.27 -41.39
CA VAL K 167 4.07 10.01 -40.00
C VAL K 167 3.01 8.92 -39.94
N THR K 168 3.07 8.13 -38.87
CA THR K 168 2.11 7.06 -38.64
C THR K 168 1.83 6.97 -37.15
N MET K 169 0.61 7.29 -36.75
CA MET K 169 0.22 7.33 -35.34
C MET K 169 -1.00 6.47 -35.11
N GLY K 170 -1.09 5.92 -33.91
CA GLY K 170 -2.19 5.03 -33.55
C GLY K 170 -1.71 3.79 -32.84
N SER K 171 -2.63 2.93 -32.42
CA SER K 171 -2.26 1.70 -31.73
C SER K 171 -1.41 0.80 -32.64
N GLY K 172 -1.99 0.35 -33.74
CA GLY K 172 -1.22 -0.40 -34.72
C GLY K 172 -0.69 0.50 -35.80
N SER K 173 0.59 0.89 -35.68
CA SER K 173 1.21 1.79 -36.63
C SER K 173 2.59 1.33 -37.09
N LEU K 174 3.25 0.45 -36.34
CA LEU K 174 4.63 0.10 -36.65
C LEU K 174 4.73 -0.59 -38.00
N ALA K 175 3.79 -1.46 -38.33
CA ALA K 175 3.83 -2.15 -39.62
C ALA K 175 3.77 -1.16 -40.78
N ALA K 176 2.78 -0.26 -40.75
CA ALA K 176 2.63 0.70 -41.83
C ALA K 176 3.83 1.61 -41.93
N MET K 177 4.34 2.09 -40.79
CA MET K 177 5.45 3.03 -40.88
C MET K 177 6.76 2.33 -41.25
N ALA K 178 6.89 1.03 -40.95
CA ALA K 178 8.03 0.27 -41.46
C ALA K 178 7.93 0.07 -42.96
N VAL K 179 6.73 -0.18 -43.47
CA VAL K 179 6.55 -0.23 -44.91
C VAL K 179 6.97 1.10 -45.54
N PHE K 180 6.59 2.21 -44.91
CA PHE K 180 7.06 3.52 -45.36
C PHE K 180 8.58 3.60 -45.33
N GLU K 181 9.19 3.17 -44.23
CA GLU K 181 10.64 3.22 -44.09
C GLU K 181 11.34 2.41 -45.18
N ASP K 182 10.71 1.34 -45.65
CA ASP K 182 11.32 0.52 -46.68
C ASP K 182 11.11 1.05 -48.09
N LYS K 183 9.91 1.55 -48.40
CA LYS K 183 9.57 1.87 -49.78
C LYS K 183 9.66 3.36 -50.13
N PHE K 184 9.58 4.25 -49.15
CA PHE K 184 9.47 5.67 -49.45
C PHE K 184 10.75 6.21 -50.08
N ARG K 185 10.58 7.10 -51.05
CA ARG K 185 11.66 7.87 -51.66
C ARG K 185 11.20 9.30 -51.81
N PRO K 186 12.12 10.26 -51.84
CA PRO K 186 11.71 11.67 -51.97
C PRO K 186 11.18 11.99 -53.36
N ASP K 187 10.23 12.92 -53.40
CA ASP K 187 9.69 13.48 -54.64
C ASP K 187 9.11 12.40 -55.55
N MET K 188 8.07 11.73 -55.03
CA MET K 188 7.33 10.74 -55.80
C MET K 188 6.20 11.43 -56.58
N GLU K 189 5.38 10.63 -57.23
CA GLU K 189 4.25 11.11 -58.01
C GLU K 189 2.95 10.81 -57.28
N GLU K 190 1.83 11.18 -57.89
CA GLU K 190 0.54 11.09 -57.21
C GLU K 190 0.07 9.63 -57.09
N GLU K 191 -0.05 8.94 -58.22
CA GLU K 191 -0.54 7.56 -58.19
C GLU K 191 0.39 6.65 -57.41
N GLU K 192 1.71 6.88 -57.54
CA GLU K 192 2.66 6.08 -56.77
C GLU K 192 2.49 6.32 -55.27
N ALA K 193 2.27 7.56 -54.87
CA ALA K 193 2.03 7.86 -53.46
C ALA K 193 0.76 7.19 -52.96
N LYS K 194 -0.30 7.22 -53.77
CA LYS K 194 -1.54 6.57 -53.38
C LYS K 194 -1.34 5.07 -53.22
N ASN K 195 -0.63 4.44 -54.16
CA ASN K 195 -0.37 3.01 -54.06
C ASN K 195 0.47 2.70 -52.82
N LEU K 196 1.46 3.53 -52.53
CA LEU K 196 2.32 3.29 -51.36
C LEU K 196 1.52 3.39 -50.07
N VAL K 197 0.69 4.42 -49.93
CA VAL K 197 -0.06 4.57 -48.69
C VAL K 197 -1.10 3.47 -48.56
N SER K 198 -1.70 3.05 -49.68
CA SER K 198 -2.63 1.93 -49.64
C SER K 198 -1.94 0.65 -49.19
N GLU K 199 -0.74 0.40 -49.71
CA GLU K 199 0.00 -0.81 -49.32
C GLU K 199 0.36 -0.76 -47.84
N ALA K 200 0.82 0.40 -47.36
CA ALA K 200 1.18 0.50 -45.95
C ALA K 200 -0.02 0.29 -45.05
N ILE K 201 -1.16 0.89 -45.40
CA ILE K 201 -2.34 0.72 -44.56
C ILE K 201 -2.86 -0.71 -44.64
N ALA K 202 -2.68 -1.38 -45.78
CA ALA K 202 -3.06 -2.79 -45.89
C ALA K 202 -2.19 -3.67 -44.99
N ALA K 203 -0.88 -3.42 -44.98
CA ALA K 203 -0.01 -4.17 -44.08
C ALA K 203 -0.42 -3.94 -42.63
N GLY K 204 -0.69 -2.68 -42.27
CA GLY K 204 -1.10 -2.38 -40.92
C GLY K 204 -2.42 -3.04 -40.53
N ILE K 205 -3.38 -3.06 -41.47
CA ILE K 205 -4.68 -3.65 -41.16
C ILE K 205 -4.59 -5.16 -41.02
N PHE K 206 -3.75 -5.81 -41.85
CA PHE K 206 -3.62 -7.26 -41.76
C PHE K 206 -2.87 -7.67 -40.49
N ASN K 207 -1.74 -7.03 -40.21
CA ASN K 207 -0.89 -7.50 -39.11
C ASN K 207 -1.19 -6.79 -37.79
N ASP K 208 -2.45 -6.79 -37.39
CA ASP K 208 -2.85 -6.18 -36.12
C ASP K 208 -4.26 -6.63 -35.78
N LEU K 209 -4.67 -6.34 -34.55
CA LEU K 209 -6.00 -6.71 -34.07
C LEU K 209 -6.95 -5.53 -33.93
N GLY K 210 -6.44 -4.32 -33.79
CA GLY K 210 -7.28 -3.16 -33.57
C GLY K 210 -7.83 -2.50 -34.80
N SER K 211 -7.61 -3.07 -35.98
CA SER K 211 -8.00 -2.44 -37.24
C SER K 211 -8.63 -3.48 -38.14
N GLY K 212 -9.48 -3.02 -39.05
CA GLY K 212 -10.15 -3.91 -39.98
C GLY K 212 -11.13 -3.14 -40.85
N SER K 213 -11.71 -3.87 -41.81
CA SER K 213 -12.68 -3.37 -42.77
C SER K 213 -12.05 -2.47 -43.82
N ASN K 214 -12.80 -1.48 -44.29
CA ASN K 214 -12.42 -0.70 -45.47
C ASN K 214 -11.38 0.37 -45.13
N ILE K 215 -10.79 0.94 -46.18
CA ILE K 215 -9.80 2.00 -46.08
C ILE K 215 -10.21 3.13 -47.02
N ASP K 216 -9.62 4.30 -46.80
CA ASP K 216 -9.97 5.47 -47.59
C ASP K 216 -8.78 6.42 -47.68
N LEU K 217 -8.82 7.29 -48.68
CA LEU K 217 -7.74 8.24 -48.96
C LEU K 217 -8.33 9.63 -49.18
N CYS K 218 -7.49 10.64 -48.92
CA CYS K 218 -7.95 12.04 -48.83
C CYS K 218 -7.01 12.98 -49.58
N VAL K 219 -6.74 12.68 -50.85
CA VAL K 219 -5.84 13.51 -51.64
C VAL K 219 -6.29 14.96 -51.63
N ILE K 220 -5.39 15.86 -51.23
CA ILE K 220 -5.70 17.27 -51.01
C ILE K 220 -4.82 18.17 -51.87
N SER K 221 -4.56 17.75 -53.11
CA SER K 221 -3.62 18.45 -53.98
C SER K 221 -4.00 19.92 -54.15
N LYS K 222 -3.08 20.67 -54.77
CA LYS K 222 -3.11 22.13 -54.74
C LYS K 222 -4.44 22.71 -55.21
N ASN K 223 -4.90 22.29 -56.39
CA ASN K 223 -6.09 22.87 -56.99
C ASN K 223 -7.19 21.83 -57.18
N LYS K 224 -7.19 20.78 -56.36
CA LYS K 224 -8.20 19.74 -56.45
C LYS K 224 -8.26 19.01 -55.12
N LEU K 225 -9.41 19.10 -54.44
CA LEU K 225 -9.62 18.42 -53.17
C LEU K 225 -10.42 17.15 -53.42
N ASP K 226 -9.88 16.01 -53.01
CA ASP K 226 -10.51 14.72 -53.23
C ASP K 226 -10.79 14.05 -51.89
N PHE K 227 -11.87 13.28 -51.84
CA PHE K 227 -12.26 12.54 -50.64
C PHE K 227 -12.90 11.24 -51.10
N LEU K 228 -12.09 10.18 -51.18
CA LEU K 228 -12.53 8.89 -51.67
C LEU K 228 -12.89 8.01 -50.48
N ARG K 229 -14.15 7.57 -50.44
CA ARG K 229 -14.60 6.71 -49.35
C ARG K 229 -15.77 5.85 -49.79
N PRO K 230 -15.63 4.51 -49.79
CA PRO K 230 -14.37 3.83 -49.47
C PRO K 230 -13.47 3.72 -50.70
N TYR K 231 -12.18 3.48 -50.48
CA TYR K 231 -11.24 3.37 -51.60
C TYR K 231 -11.06 1.92 -52.05
N THR K 232 -10.84 1.02 -51.10
CA THR K 232 -10.62 -0.38 -51.41
C THR K 232 -11.24 -1.25 -50.34
N VAL K 233 -11.82 -2.38 -50.75
CA VAL K 233 -12.43 -3.32 -49.83
C VAL K 233 -11.52 -4.55 -49.74
N PRO K 234 -10.74 -4.69 -48.68
CA PRO K 234 -9.83 -5.84 -48.58
C PRO K 234 -10.53 -7.11 -48.14
N ASN K 235 -11.51 -6.99 -47.25
CA ASN K 235 -12.23 -8.13 -46.71
C ASN K 235 -13.71 -8.00 -47.02
N LYS K 236 -14.32 -9.09 -47.46
CA LYS K 236 -15.75 -9.13 -47.74
C LYS K 236 -16.37 -10.27 -46.95
N LYS K 237 -17.47 -9.96 -46.25
CA LYS K 237 -18.18 -10.99 -45.50
C LYS K 237 -18.74 -12.04 -46.43
N GLY K 238 -18.75 -13.29 -45.97
CA GLY K 238 -19.33 -14.37 -46.75
C GLY K 238 -20.84 -14.30 -46.81
N THR K 239 -21.49 -15.44 -47.03
CA THR K 239 -22.93 -15.49 -47.15
C THR K 239 -23.50 -16.51 -46.15
N ARG K 240 -24.71 -16.23 -45.68
CA ARG K 240 -25.40 -17.15 -44.79
C ARG K 240 -25.96 -18.31 -45.59
N LEU K 241 -25.74 -19.53 -45.10
CA LEU K 241 -26.12 -20.72 -45.86
C LEU K 241 -27.60 -21.04 -45.69
N GLY K 242 -28.03 -21.29 -44.46
CA GLY K 242 -29.39 -21.72 -44.18
C GLY K 242 -30.25 -20.57 -43.68
N ARG K 243 -31.48 -20.50 -44.18
CA ARG K 243 -32.42 -19.48 -43.72
C ARG K 243 -32.88 -19.80 -42.31
N TYR K 244 -32.81 -18.80 -41.42
CA TYR K 244 -33.24 -18.97 -40.04
C TYR K 244 -34.34 -17.97 -39.66
N ARG K 245 -35.02 -17.40 -40.65
CA ARG K 245 -36.08 -16.44 -40.37
C ARG K 245 -37.27 -17.12 -39.70
N CYS K 246 -37.91 -16.39 -38.80
CA CYS K 246 -39.08 -16.87 -38.08
C CYS K 246 -40.34 -16.28 -38.71
N GLU K 247 -41.39 -17.11 -38.80
CA GLU K 247 -42.62 -16.72 -39.47
C GLU K 247 -43.59 -16.09 -38.47
N LYS K 248 -44.78 -15.73 -38.97
CA LYS K 248 -45.80 -15.14 -38.13
C LYS K 248 -46.32 -16.14 -37.11
N GLY K 249 -46.57 -15.67 -35.89
CA GLY K 249 -47.05 -16.50 -34.82
C GLY K 249 -45.98 -17.25 -34.06
N THR K 250 -44.71 -17.08 -34.43
CA THR K 250 -43.63 -17.80 -33.74
C THR K 250 -43.54 -17.40 -32.28
N THR K 251 -43.66 -16.10 -31.99
CA THR K 251 -43.50 -15.58 -30.64
C THR K 251 -44.86 -15.37 -29.99
N ALA K 252 -44.92 -15.55 -28.67
CA ALA K 252 -46.14 -15.37 -27.92
C ALA K 252 -46.39 -13.88 -27.66
N VAL K 253 -47.48 -13.58 -26.97
CA VAL K 253 -47.86 -12.21 -26.67
C VAL K 253 -48.77 -12.23 -25.44
N LEU K 254 -48.62 -11.22 -24.59
CA LEU K 254 -49.41 -11.10 -23.38
C LEU K 254 -50.42 -9.96 -23.44
N THR K 255 -49.96 -8.73 -23.71
CA THR K 255 -50.83 -7.58 -23.84
C THR K 255 -50.43 -6.79 -25.09
N GLU K 256 -51.38 -6.00 -25.60
CA GLU K 256 -51.14 -5.25 -26.83
C GLU K 256 -52.00 -3.99 -26.83
N LYS K 257 -51.38 -2.87 -27.21
CA LYS K 257 -52.07 -1.59 -27.34
C LYS K 257 -51.80 -1.01 -28.71
N ILE K 258 -52.83 -0.43 -29.31
CA ILE K 258 -52.75 0.21 -30.62
C ILE K 258 -53.24 1.65 -30.47
N THR K 259 -52.41 2.60 -30.88
CA THR K 259 -52.74 4.02 -30.82
C THR K 259 -52.48 4.64 -32.19
N PRO K 260 -53.49 5.23 -32.83
CA PRO K 260 -53.25 5.83 -34.15
C PRO K 260 -52.79 7.28 -34.07
N LEU K 261 -51.74 7.60 -34.83
CA LEU K 261 -51.26 8.97 -34.95
C LEU K 261 -51.93 9.64 -36.14
N GLU K 262 -51.42 10.80 -36.54
CA GLU K 262 -51.98 11.52 -37.68
C GLU K 262 -50.93 11.72 -38.76
N ILE L 1 -19.46 -0.77 -14.16
CA ILE L 1 -20.33 -0.21 -13.14
C ILE L 1 -21.79 -0.39 -13.59
N MET L 2 -21.98 -0.70 -14.87
CA MET L 2 -23.33 -0.96 -15.36
C MET L 2 -23.74 -2.38 -14.99
N SER L 3 -23.60 -2.72 -13.72
CA SER L 3 -24.10 -3.98 -13.17
C SER L 3 -24.86 -3.78 -11.87
N TYR L 4 -24.81 -2.58 -11.27
CA TYR L 4 -25.62 -2.29 -10.10
C TYR L 4 -27.10 -2.34 -10.43
N ASN L 5 -27.44 -2.23 -11.71
CA ASN L 5 -28.79 -2.42 -12.21
C ASN L 5 -28.69 -3.22 -13.50
N GLY L 6 -29.78 -3.27 -14.27
CA GLY L 6 -29.79 -4.02 -15.50
C GLY L 6 -30.46 -3.25 -16.62
N GLY L 7 -30.33 -3.80 -17.83
CA GLY L 7 -30.94 -3.18 -19.00
C GLY L 7 -30.36 -3.67 -20.31
N ALA L 8 -31.18 -3.65 -21.35
CA ALA L 8 -30.75 -4.06 -22.69
C ALA L 8 -31.73 -3.49 -23.70
N VAL L 9 -31.22 -2.89 -24.76
CA VAL L 9 -32.07 -2.26 -25.77
C VAL L 9 -31.48 -2.50 -27.16
N MET L 10 -32.36 -2.75 -28.13
CA MET L 10 -32.01 -2.92 -29.53
C MET L 10 -32.64 -1.82 -30.38
N ALA L 11 -32.40 -1.94 -31.68
CA ALA L 11 -33.04 -1.11 -32.70
C ALA L 11 -32.76 -1.69 -34.07
N MET L 12 -33.81 -1.97 -34.84
CA MET L 12 -33.68 -2.50 -36.19
C MET L 12 -34.40 -1.61 -37.17
N LYS L 13 -33.77 -1.38 -38.32
CA LYS L 13 -34.36 -0.58 -39.39
C LYS L 13 -34.88 -1.52 -40.46
N GLY L 14 -36.18 -1.47 -40.73
CA GLY L 14 -36.78 -2.34 -41.71
C GLY L 14 -37.11 -1.64 -43.02
N LYS L 15 -38.38 -1.66 -43.39
CA LYS L 15 -38.87 -0.99 -44.61
C LYS L 15 -39.89 0.05 -44.17
N ASN L 16 -39.44 1.29 -44.01
CA ASN L 16 -40.26 2.38 -43.49
C ASN L 16 -40.80 2.05 -42.10
N CYS L 17 -40.04 1.27 -41.33
CA CYS L 17 -40.46 0.87 -39.99
C CYS L 17 -39.22 0.70 -39.12
N VAL L 18 -39.32 1.19 -37.89
CA VAL L 18 -38.26 1.06 -36.90
C VAL L 18 -38.84 0.46 -35.63
N ALA L 19 -38.08 -0.41 -34.99
CA ALA L 19 -38.52 -1.11 -33.79
C ALA L 19 -37.50 -0.91 -32.68
N ILE L 20 -37.97 -0.61 -31.48
CA ILE L 20 -37.12 -0.46 -30.30
C ILE L 20 -37.74 -1.27 -29.17
N ALA L 21 -36.90 -2.00 -28.43
CA ALA L 21 -37.36 -2.87 -27.37
C ALA L 21 -36.42 -2.77 -26.18
N ALA L 22 -36.94 -3.05 -24.99
CA ALA L 22 -36.18 -2.95 -23.76
C ALA L 22 -36.53 -4.11 -22.85
N ASP L 23 -35.96 -4.09 -21.65
CA ASP L 23 -36.22 -5.09 -20.63
C ASP L 23 -36.55 -4.41 -19.32
N ARG L 24 -37.61 -4.87 -18.66
CA ARG L 24 -38.12 -4.23 -17.46
C ARG L 24 -37.62 -4.98 -16.22
N ARG L 25 -36.71 -4.33 -15.48
CA ARG L 25 -36.20 -4.87 -14.22
C ARG L 25 -35.44 -3.77 -13.51
N PHE L 26 -35.62 -3.69 -12.18
CA PHE L 26 -34.89 -2.75 -11.34
C PHE L 26 -34.60 -3.44 -10.02
N GLY L 27 -33.32 -3.67 -9.75
CA GLY L 27 -32.93 -4.38 -8.53
C GLY L 27 -31.54 -3.99 -8.08
N ILE L 28 -31.34 -4.05 -6.76
CA ILE L 28 -30.06 -3.68 -6.16
C ILE L 28 -29.21 -4.94 -6.13
N GLN L 29 -28.40 -5.13 -7.18
CA GLN L 29 -27.48 -6.26 -7.30
C GLN L 29 -28.28 -7.55 -7.31
N ALA L 30 -28.05 -8.50 -6.39
CA ALA L 30 -28.78 -9.76 -6.42
C ALA L 30 -30.26 -9.55 -6.15
N GLN L 31 -30.60 -8.68 -5.21
CA GLN L 31 -31.99 -8.48 -4.83
C GLN L 31 -32.78 -7.84 -5.98
N MET L 32 -34.10 -7.98 -5.90
CA MET L 32 -35.00 -7.37 -6.86
C MET L 32 -36.14 -6.72 -6.09
N VAL L 33 -36.50 -5.49 -6.47
CA VAL L 33 -37.50 -4.73 -5.74
C VAL L 33 -38.75 -4.44 -6.55
N THR L 34 -38.69 -4.49 -7.88
CA THR L 34 -39.87 -4.21 -8.69
C THR L 34 -39.71 -4.86 -10.06
N THR L 35 -40.84 -5.01 -10.75
CA THR L 35 -40.85 -5.57 -12.09
C THR L 35 -41.19 -4.57 -13.18
N ASP L 36 -41.82 -3.45 -12.83
CA ASP L 36 -42.20 -2.42 -13.79
C ASP L 36 -41.35 -1.18 -13.57
N PHE L 37 -40.53 -0.86 -14.56
CA PHE L 37 -39.67 0.34 -14.49
C PHE L 37 -39.37 0.75 -15.93
N GLN L 38 -40.05 1.80 -16.39
CA GLN L 38 -39.96 2.18 -17.80
C GLN L 38 -38.55 2.63 -18.16
N LYS L 39 -38.09 2.21 -19.33
CA LYS L 39 -36.81 2.64 -19.88
C LYS L 39 -36.98 3.19 -21.30
N ILE L 40 -38.20 3.40 -21.75
CA ILE L 40 -38.50 3.96 -23.06
C ILE L 40 -39.28 5.25 -22.84
N PHE L 41 -38.80 6.34 -23.42
CA PHE L 41 -39.39 7.65 -23.21
C PHE L 41 -39.97 8.18 -24.52
N PRO L 42 -41.19 8.71 -24.50
CA PRO L 42 -41.83 9.19 -25.73
C PRO L 42 -41.49 10.64 -26.07
N MET L 43 -40.26 10.86 -26.52
CA MET L 43 -39.84 12.19 -26.94
C MET L 43 -40.32 12.43 -28.36
N GLY L 44 -41.12 13.48 -28.55
CA GLY L 44 -41.79 13.65 -29.82
C GLY L 44 -42.95 12.69 -29.96
N ASP L 45 -43.38 12.48 -31.21
CA ASP L 45 -44.48 11.57 -31.52
C ASP L 45 -44.00 10.32 -32.23
N ARG L 46 -43.30 10.44 -33.35
CA ARG L 46 -42.73 9.30 -34.05
C ARG L 46 -41.25 9.14 -33.75
N LEU L 47 -40.83 9.52 -32.56
CA LEU L 47 -39.44 9.40 -32.13
C LEU L 47 -39.42 8.83 -30.72
N TYR L 48 -38.33 8.15 -30.38
CA TYR L 48 -38.21 7.52 -29.08
C TYR L 48 -36.74 7.46 -28.69
N ILE L 49 -36.49 7.29 -27.39
CA ILE L 49 -35.15 7.14 -26.86
C ILE L 49 -35.13 5.94 -25.95
N GLY L 50 -33.94 5.36 -25.79
CA GLY L 50 -33.83 4.05 -25.17
C GLY L 50 -32.80 3.92 -24.07
N LEU L 51 -32.70 4.93 -23.20
CA LEU L 51 -31.72 4.93 -22.11
C LEU L 51 -31.66 3.58 -21.41
N ALA L 52 -30.45 3.14 -21.11
CA ALA L 52 -30.24 1.83 -20.49
C ALA L 52 -28.88 1.85 -19.79
N GLY L 53 -28.88 1.52 -18.52
CA GLY L 53 -27.68 1.57 -17.70
C GLY L 53 -28.06 1.80 -16.25
N LEU L 54 -27.18 2.50 -15.53
CA LEU L 54 -27.47 2.86 -14.16
C LEU L 54 -28.70 3.77 -14.10
N ALA L 55 -29.70 3.36 -13.32
CA ALA L 55 -31.01 4.02 -13.38
C ALA L 55 -30.96 5.42 -12.78
N THR L 56 -30.23 5.58 -11.68
CA THR L 56 -30.24 6.89 -11.00
C THR L 56 -29.71 8.00 -11.88
N ASP L 57 -28.90 7.69 -12.89
CA ASP L 57 -28.52 8.68 -13.88
C ASP L 57 -29.41 8.67 -15.10
N VAL L 58 -30.08 7.55 -15.37
CA VAL L 58 -31.04 7.49 -16.46
C VAL L 58 -32.16 8.49 -16.22
N GLN L 59 -32.70 8.53 -15.00
CA GLN L 59 -33.78 9.46 -14.70
C GLN L 59 -33.33 10.91 -14.90
N THR L 60 -32.15 11.25 -14.39
CA THR L 60 -31.68 12.62 -14.47
C THR L 60 -31.43 13.04 -15.92
N VAL L 61 -30.78 12.17 -16.70
CA VAL L 61 -30.50 12.53 -18.09
C VAL L 61 -31.79 12.63 -18.89
N ALA L 62 -32.77 11.76 -18.60
CA ALA L 62 -34.05 11.86 -19.29
C ALA L 62 -34.74 13.17 -18.97
N GLN L 63 -34.74 13.58 -17.69
CA GLN L 63 -35.39 14.83 -17.31
C GLN L 63 -34.72 16.02 -17.99
N ARG L 64 -33.38 16.08 -17.95
CA ARG L 64 -32.69 17.21 -18.56
C ARG L 64 -32.92 17.26 -20.06
N LEU L 65 -32.86 16.10 -20.72
CA LEU L 65 -33.09 16.08 -22.16
C LEU L 65 -34.50 16.51 -22.51
N LYS L 66 -35.49 16.07 -21.74
CA LYS L 66 -36.86 16.49 -21.99
C LYS L 66 -37.01 18.00 -21.82
N PHE L 67 -36.39 18.55 -20.78
CA PHE L 67 -36.43 20.00 -20.58
C PHE L 67 -35.86 20.74 -21.79
N ARG L 68 -34.65 20.36 -22.21
CA ARG L 68 -34.03 21.08 -23.31
C ARG L 68 -34.79 20.89 -24.61
N LEU L 69 -35.36 19.71 -24.83
CA LEU L 69 -36.15 19.47 -26.03
C LEU L 69 -37.40 20.34 -26.04
N ASN L 70 -38.08 20.46 -24.90
CA ASN L 70 -39.24 21.36 -24.84
C ASN L 70 -38.83 22.79 -25.13
N LEU L 71 -37.70 23.23 -24.57
CA LEU L 71 -37.24 24.60 -24.82
C LEU L 71 -37.01 24.84 -26.31
N TYR L 72 -36.26 23.94 -26.96
CA TYR L 72 -35.96 24.11 -28.37
C TYR L 72 -37.23 24.04 -29.22
N GLU L 73 -38.12 23.10 -28.92
CA GLU L 73 -39.36 22.97 -29.67
C GLU L 73 -40.20 24.22 -29.57
N LEU L 74 -40.31 24.79 -28.38
CA LEU L 74 -41.13 25.98 -28.21
C LEU L 74 -40.50 27.20 -28.85
N LYS L 75 -39.18 27.33 -28.76
CA LYS L 75 -38.52 28.52 -29.29
C LYS L 75 -38.47 28.51 -30.82
N GLU L 76 -38.13 27.38 -31.41
CA GLU L 76 -37.84 27.34 -32.84
C GLU L 76 -39.09 27.05 -33.68
N GLY L 77 -40.21 26.73 -33.04
CA GLY L 77 -41.47 26.57 -33.74
C GLY L 77 -41.88 25.16 -34.13
N ARG L 78 -41.22 24.53 -35.09
CA ARG L 78 -41.66 23.23 -35.57
C ARG L 78 -40.85 22.11 -34.94
N GLN L 79 -41.21 20.87 -35.28
CA GLN L 79 -40.67 19.68 -34.61
C GLN L 79 -39.17 19.54 -34.82
N ILE L 80 -38.57 18.54 -34.15
CA ILE L 80 -37.13 18.33 -34.17
C ILE L 80 -36.81 17.18 -35.10
N LYS L 81 -35.82 17.39 -35.96
CA LYS L 81 -35.37 16.32 -36.85
C LYS L 81 -34.61 15.27 -36.06
N PRO L 82 -34.68 14.00 -36.46
CA PRO L 82 -34.03 12.95 -35.66
C PRO L 82 -32.53 13.12 -35.52
N TYR L 83 -31.87 13.71 -36.51
CA TYR L 83 -30.43 13.88 -36.42
C TYR L 83 -30.04 14.90 -35.35
N THR L 84 -30.93 15.85 -35.06
CA THR L 84 -30.60 16.89 -34.09
C THR L 84 -30.48 16.35 -32.68
N LEU L 85 -31.35 15.40 -32.31
CA LEU L 85 -31.29 14.84 -30.96
C LEU L 85 -29.99 14.10 -30.73
N MET L 86 -29.39 13.56 -31.80
CA MET L 86 -28.11 12.89 -31.70
C MET L 86 -27.05 13.83 -31.13
N SER L 87 -26.90 15.00 -31.75
CA SER L 87 -25.96 15.99 -31.24
C SER L 87 -26.42 16.57 -29.91
N MET L 88 -27.74 16.66 -29.70
CA MET L 88 -28.28 17.06 -28.40
C MET L 88 -27.70 16.21 -27.28
N VAL L 89 -27.92 14.90 -27.36
CA VAL L 89 -27.45 14.00 -26.32
C VAL L 89 -25.93 13.98 -26.27
N ALA L 90 -25.27 14.11 -27.42
CA ALA L 90 -23.81 14.16 -27.41
C ALA L 90 -23.30 15.32 -26.56
N ASN L 91 -23.87 16.51 -26.79
CA ASN L 91 -23.49 17.68 -26.00
C ASN L 91 -23.84 17.48 -24.53
N LEU L 92 -25.03 16.95 -24.25
CA LEU L 92 -25.46 16.78 -22.87
C LEU L 92 -24.54 15.84 -22.11
N LEU L 93 -24.08 14.77 -22.77
CA LEU L 93 -23.17 13.84 -22.10
C LEU L 93 -21.78 14.44 -21.96
N TYR L 94 -21.29 15.13 -23.00
CA TYR L 94 -19.95 15.69 -22.89
C TYR L 94 -19.90 16.86 -21.91
N GLU L 95 -21.06 17.38 -21.51
CA GLU L 95 -21.11 18.40 -20.46
C GLU L 95 -20.35 17.96 -19.22
N LYS L 96 -20.46 16.69 -18.86
CA LYS L 96 -19.80 16.15 -17.68
C LYS L 96 -18.83 15.04 -18.06
N ARG L 97 -17.99 15.29 -19.08
CA ARG L 97 -17.07 14.26 -19.54
C ARG L 97 -16.14 13.80 -18.44
N PHE L 98 -15.64 14.74 -17.63
CA PHE L 98 -14.70 14.36 -16.58
C PHE L 98 -15.42 13.66 -15.42
N GLY L 99 -16.60 14.15 -15.05
CA GLY L 99 -17.49 13.45 -14.14
C GLY L 99 -18.54 12.65 -14.87
N PRO L 100 -18.14 11.53 -15.47
CA PRO L 100 -19.00 10.90 -16.48
C PRO L 100 -20.30 10.37 -15.90
N TYR L 101 -21.34 10.41 -16.73
CA TYR L 101 -22.61 9.77 -16.41
C TYR L 101 -22.48 8.27 -16.64
N TYR L 102 -23.58 7.53 -16.52
CA TYR L 102 -23.58 6.11 -16.86
C TYR L 102 -24.84 5.81 -17.67
N THR L 103 -24.76 6.06 -18.97
CA THR L 103 -25.87 5.85 -19.90
C THR L 103 -25.29 5.47 -21.25
N GLU L 104 -25.98 4.56 -21.94
CA GLU L 104 -25.65 4.20 -23.33
C GLU L 104 -26.92 4.33 -24.15
N PRO L 105 -27.36 5.55 -24.43
CA PRO L 105 -28.68 5.74 -25.04
C PRO L 105 -28.72 5.21 -26.47
N VAL L 106 -29.93 4.87 -26.89
CA VAL L 106 -30.20 4.51 -28.28
C VAL L 106 -31.38 5.35 -28.77
N ILE L 107 -31.24 5.93 -29.96
CA ILE L 107 -32.25 6.78 -30.55
C ILE L 107 -32.75 6.12 -31.83
N ALA L 108 -34.07 6.05 -31.98
CA ALA L 108 -34.67 5.42 -33.15
C ALA L 108 -35.97 6.13 -33.47
N GLY L 109 -36.14 6.51 -34.72
CA GLY L 109 -37.33 7.24 -35.11
C GLY L 109 -37.39 7.48 -36.60
N LEU L 110 -38.30 8.39 -36.98
CA LEU L 110 -38.55 8.70 -38.37
C LEU L 110 -38.44 10.20 -38.61
N ASP L 111 -38.08 10.58 -39.83
CA ASP L 111 -38.06 11.97 -40.21
C ASP L 111 -39.49 12.46 -40.41
N PRO L 112 -39.91 13.52 -39.73
CA PRO L 112 -41.30 14.00 -39.90
C PRO L 112 -41.64 14.46 -41.30
N LYS L 113 -40.63 14.73 -42.14
CA LYS L 113 -40.86 15.19 -43.50
C LYS L 113 -40.66 14.08 -44.53
N THR L 114 -39.57 13.32 -44.43
CA THR L 114 -39.22 12.33 -45.43
C THR L 114 -39.71 10.93 -45.09
N PHE L 115 -39.97 10.65 -43.81
CA PHE L 115 -40.33 9.31 -43.35
C PHE L 115 -39.27 8.28 -43.73
N LYS L 116 -38.01 8.67 -43.60
CA LYS L 116 -36.90 7.77 -43.84
C LYS L 116 -36.37 7.28 -42.50
N PRO L 117 -36.41 5.98 -42.22
CA PRO L 117 -36.05 5.50 -40.88
C PRO L 117 -34.61 5.85 -40.52
N PHE L 118 -34.40 6.15 -39.24
CA PHE L 118 -33.10 6.55 -38.73
C PHE L 118 -32.83 5.87 -37.39
N ILE L 119 -31.62 5.37 -37.23
CA ILE L 119 -31.18 4.72 -35.99
C ILE L 119 -29.74 5.13 -35.72
N CYS L 120 -29.43 5.44 -34.47
CA CYS L 120 -28.07 5.79 -34.07
C CYS L 120 -27.76 5.15 -32.73
N SER L 121 -26.65 5.55 -32.14
CA SER L 121 -26.23 5.02 -30.85
C SER L 121 -25.27 6.01 -30.21
N LEU L 122 -24.87 5.71 -28.98
CA LEU L 122 -23.93 6.55 -28.24
C LEU L 122 -23.14 5.70 -27.27
N ASP L 123 -21.93 6.16 -26.95
CA ASP L 123 -21.13 5.53 -25.93
C ASP L 123 -21.34 6.26 -24.60
N LEU L 124 -20.46 5.99 -23.64
CA LEU L 124 -20.62 6.53 -22.29
C LEU L 124 -20.51 8.04 -22.26
N ILE L 125 -19.55 8.61 -22.99
CA ILE L 125 -19.25 10.04 -22.89
C ILE L 125 -19.64 10.80 -24.15
N GLY L 126 -20.23 10.14 -25.14
CA GLY L 126 -20.72 10.84 -26.32
C GLY L 126 -19.79 10.74 -27.51
N CYS L 127 -20.09 9.83 -28.42
CA CYS L 127 -19.29 9.64 -29.63
C CYS L 127 -20.25 9.19 -30.73
N PRO L 128 -20.78 10.13 -31.50
CA PRO L 128 -21.86 9.80 -32.44
C PRO L 128 -21.44 8.77 -33.48
N MET L 129 -22.36 7.83 -33.75
CA MET L 129 -22.15 6.84 -34.79
C MET L 129 -23.50 6.32 -35.24
N VAL L 130 -23.61 6.02 -36.53
CA VAL L 130 -24.85 5.56 -37.14
C VAL L 130 -24.58 4.26 -37.89
N THR L 131 -25.38 3.24 -37.61
CA THR L 131 -25.31 1.96 -38.30
C THR L 131 -26.63 1.71 -39.03
N ASP L 132 -26.53 1.26 -40.28
CA ASP L 132 -27.72 1.13 -41.12
C ASP L 132 -28.58 -0.04 -40.70
N ASP L 133 -27.98 -1.20 -40.42
CA ASP L 133 -28.78 -2.41 -40.25
C ASP L 133 -29.42 -2.48 -38.86
N PHE L 134 -28.62 -2.32 -37.82
CA PHE L 134 -29.12 -2.42 -36.45
C PHE L 134 -28.05 -1.89 -35.50
N VAL L 135 -28.43 -1.76 -34.24
CA VAL L 135 -27.49 -1.42 -33.18
C VAL L 135 -28.07 -1.92 -31.87
N VAL L 136 -27.21 -2.15 -30.88
CA VAL L 136 -27.63 -2.68 -29.60
C VAL L 136 -26.62 -2.22 -28.55
N SER L 137 -27.12 -1.94 -27.35
CA SER L 137 -26.27 -1.57 -26.24
C SER L 137 -26.98 -1.88 -24.94
N GLY L 138 -26.19 -2.19 -23.92
CA GLY L 138 -26.74 -2.52 -22.62
C GLY L 138 -25.75 -3.31 -21.81
N THR L 139 -26.23 -3.74 -20.63
CA THR L 139 -25.38 -4.54 -19.74
C THR L 139 -24.98 -5.85 -20.40
N CYS L 140 -25.93 -6.52 -21.03
CA CYS L 140 -25.66 -7.79 -21.70
C CYS L 140 -25.30 -7.57 -23.17
N ALA L 141 -24.35 -6.67 -23.42
CA ALA L 141 -24.01 -6.32 -24.80
C ALA L 141 -23.42 -7.50 -25.56
N GLU L 142 -22.60 -8.31 -24.89
CA GLU L 142 -21.88 -9.36 -25.59
C GLU L 142 -22.83 -10.40 -26.18
N GLN L 143 -23.86 -10.79 -25.43
CA GLN L 143 -24.74 -11.86 -25.89
C GLN L 143 -25.94 -11.32 -26.67
N MET L 144 -25.70 -10.39 -27.59
CA MET L 144 -26.73 -10.01 -28.54
C MET L 144 -26.23 -9.83 -29.97
N TYR L 145 -24.97 -9.50 -30.19
CA TYR L 145 -24.47 -9.35 -31.56
C TYR L 145 -24.54 -10.68 -32.30
N GLY L 146 -24.19 -11.77 -31.64
CA GLY L 146 -24.29 -13.07 -32.26
C GLY L 146 -25.71 -13.44 -32.62
N MET L 147 -26.67 -13.14 -31.74
CA MET L 147 -28.06 -13.43 -32.03
C MET L 147 -28.60 -12.56 -33.15
N CYS L 148 -28.14 -11.32 -33.25
CA CYS L 148 -28.71 -10.39 -34.22
C CYS L 148 -28.08 -10.49 -35.59
N GLU L 149 -26.79 -10.79 -35.68
CA GLU L 149 -26.09 -10.72 -36.96
C GLU L 149 -26.66 -11.73 -37.96
N SER L 150 -26.87 -12.97 -37.51
CA SER L 150 -27.38 -13.99 -38.43
C SER L 150 -28.86 -13.79 -38.73
N LEU L 151 -29.65 -13.46 -37.72
CA LEU L 151 -31.10 -13.39 -37.89
C LEU L 151 -31.55 -12.18 -38.69
N TRP L 152 -30.69 -11.18 -38.86
CA TRP L 152 -31.08 -9.97 -39.55
C TRP L 152 -31.25 -10.23 -41.04
N GLU L 153 -31.96 -9.31 -41.71
CA GLU L 153 -32.20 -9.36 -43.15
C GLU L 153 -32.61 -7.98 -43.60
N PRO L 154 -32.15 -7.52 -44.76
CA PRO L 154 -32.58 -6.20 -45.25
C PRO L 154 -33.97 -6.24 -45.85
N ASN L 155 -34.62 -5.07 -45.84
CA ASN L 155 -35.92 -4.85 -46.47
C ASN L 155 -36.98 -5.79 -45.90
N MET L 156 -37.27 -5.57 -44.62
CA MET L 156 -38.22 -6.40 -43.87
C MET L 156 -39.53 -5.65 -43.66
N ASP L 157 -40.63 -6.35 -43.84
CA ASP L 157 -41.94 -5.82 -43.54
C ASP L 157 -42.18 -5.81 -42.03
N PRO L 158 -43.17 -5.03 -41.56
CA PRO L 158 -43.36 -4.89 -40.10
C PRO L 158 -43.54 -6.21 -39.35
N ASP L 159 -44.25 -7.18 -39.93
CA ASP L 159 -44.50 -8.43 -39.21
C ASP L 159 -43.20 -9.20 -38.98
N HIS L 160 -42.41 -9.37 -40.03
CA HIS L 160 -41.12 -10.04 -39.88
C HIS L 160 -40.19 -9.25 -38.97
N LEU L 161 -40.28 -7.91 -39.02
CA LEU L 161 -39.47 -7.09 -38.13
C LEU L 161 -39.82 -7.35 -36.67
N PHE L 162 -41.12 -7.42 -36.37
CA PHE L 162 -41.54 -7.72 -35.00
C PHE L 162 -41.10 -9.11 -34.59
N GLU L 163 -41.22 -10.09 -35.48
CA GLU L 163 -40.78 -11.45 -35.15
C GLU L 163 -39.29 -11.49 -34.86
N THR L 164 -38.49 -10.78 -35.67
CA THR L 164 -37.04 -10.80 -35.48
C THR L 164 -36.65 -10.08 -34.20
N ILE L 165 -37.25 -8.93 -33.92
CA ILE L 165 -36.90 -8.22 -32.69
C ILE L 165 -37.38 -9.00 -31.47
N SER L 166 -38.42 -9.81 -31.62
CA SER L 166 -38.85 -10.66 -30.51
C SER L 166 -37.89 -11.82 -30.30
N GLN L 167 -37.46 -12.46 -31.39
CA GLN L 167 -36.60 -13.63 -31.28
C GLN L 167 -35.17 -13.27 -30.91
N ALA L 168 -34.71 -12.06 -31.25
CA ALA L 168 -33.36 -11.65 -30.91
C ALA L 168 -33.24 -11.18 -29.46
N MET L 169 -34.35 -11.10 -28.74
CA MET L 169 -34.34 -10.68 -27.34
C MET L 169 -34.86 -11.75 -26.40
N LEU L 170 -35.97 -12.40 -26.73
CA LEU L 170 -36.65 -13.25 -25.76
C LEU L 170 -35.79 -14.41 -25.30
N ASN L 171 -35.10 -15.07 -26.23
CA ASN L 171 -34.23 -16.18 -25.88
C ASN L 171 -32.75 -15.79 -25.85
N ALA L 172 -32.45 -14.50 -26.00
CA ALA L 172 -31.07 -14.02 -25.92
C ALA L 172 -30.78 -13.20 -24.68
N VAL L 173 -31.80 -12.77 -23.95
CA VAL L 173 -31.58 -12.03 -22.72
C VAL L 173 -31.66 -12.91 -21.49
N ASP L 174 -32.32 -14.08 -21.57
CA ASP L 174 -32.38 -14.98 -20.43
C ASP L 174 -31.04 -15.61 -20.11
N ARG L 175 -30.06 -15.52 -21.01
CA ARG L 175 -28.75 -16.08 -20.75
C ARG L 175 -27.90 -15.12 -19.92
N ASP L 176 -28.47 -14.65 -18.81
CA ASP L 176 -27.77 -13.75 -17.90
C ASP L 176 -28.60 -13.60 -16.64
N ALA L 177 -27.91 -13.42 -15.52
CA ALA L 177 -28.59 -13.30 -14.23
C ALA L 177 -29.47 -12.05 -14.19
N VAL L 178 -28.85 -10.88 -14.27
CA VAL L 178 -29.58 -9.62 -14.18
C VAL L 178 -30.21 -9.28 -15.52
N SER L 179 -31.09 -8.28 -15.53
CA SER L 179 -31.72 -7.76 -16.75
C SER L 179 -32.56 -8.85 -17.44
N GLY L 180 -33.62 -9.24 -16.74
CA GLY L 180 -34.59 -10.16 -17.31
C GLY L 180 -36.01 -9.86 -16.87
N MET L 181 -36.87 -10.88 -16.90
CA MET L 181 -38.23 -10.81 -16.35
C MET L 181 -39.04 -9.68 -16.99
N GLY L 182 -39.29 -9.83 -18.28
CA GLY L 182 -40.17 -8.94 -18.99
C GLY L 182 -39.53 -8.21 -20.16
N VAL L 183 -40.27 -8.07 -21.25
CA VAL L 183 -39.77 -7.42 -22.46
C VAL L 183 -40.89 -6.56 -23.05
N ILE L 184 -40.57 -5.31 -23.34
CA ILE L 184 -41.49 -4.37 -23.99
C ILE L 184 -41.01 -4.16 -25.41
N VAL L 185 -41.93 -4.24 -26.37
CA VAL L 185 -41.61 -4.07 -27.78
C VAL L 185 -42.38 -2.86 -28.30
N HIS L 186 -41.65 -1.88 -28.84
CA HIS L 186 -42.24 -0.71 -29.46
C HIS L 186 -41.99 -0.76 -30.96
N ILE L 187 -43.06 -0.88 -31.74
CA ILE L 187 -42.98 -0.87 -33.19
C ILE L 187 -43.56 0.45 -33.68
N ILE L 188 -42.81 1.14 -34.54
CA ILE L 188 -43.16 2.47 -35.02
C ILE L 188 -43.29 2.37 -36.53
N GLU L 189 -44.50 2.14 -37.02
CA GLU L 189 -44.71 2.13 -38.46
C GLU L 189 -45.03 3.55 -38.93
N LYS L 190 -45.43 3.69 -40.19
CA LYS L 190 -45.52 5.01 -40.79
C LYS L 190 -46.61 5.86 -40.13
N ASP L 191 -47.76 5.28 -39.83
CA ASP L 191 -48.91 6.07 -39.41
C ASP L 191 -49.32 5.91 -37.95
N LYS L 192 -49.11 4.76 -37.34
CA LYS L 192 -49.58 4.57 -35.97
C LYS L 192 -48.54 3.84 -35.13
N ILE L 193 -48.39 4.30 -33.89
CA ILE L 193 -47.52 3.65 -32.91
C ILE L 193 -48.25 2.45 -32.32
N THR L 194 -47.49 1.41 -32.00
CA THR L 194 -48.05 0.20 -31.41
C THR L 194 -47.08 -0.36 -30.38
N THR L 195 -47.60 -0.74 -29.23
CA THR L 195 -46.81 -1.27 -28.13
C THR L 195 -47.28 -2.68 -27.80
N ARG L 196 -46.32 -3.57 -27.54
CA ARG L 196 -46.61 -4.95 -27.18
C ARG L 196 -45.74 -5.35 -25.99
N THR L 197 -46.25 -6.30 -25.21
CA THR L 197 -45.53 -6.83 -24.05
C THR L 197 -45.41 -8.35 -24.21
N LEU L 198 -44.18 -8.83 -24.34
CA LEU L 198 -43.94 -10.26 -24.46
C LEU L 198 -43.99 -10.92 -23.09
N LYS L 199 -43.78 -12.24 -23.07
CA LYS L 199 -43.64 -13.00 -21.83
C LYS L 199 -42.39 -13.86 -21.93
N ALA L 200 -41.64 -13.91 -20.83
CA ALA L 200 -40.36 -14.61 -20.82
C ALA L 200 -40.29 -15.43 -19.53
N ARG L 201 -39.14 -16.05 -19.29
CA ARG L 201 -38.96 -16.88 -18.11
C ARG L 201 -38.94 -16.01 -16.86
N MET L 202 -39.71 -16.42 -15.85
CA MET L 202 -39.80 -15.68 -14.59
C MET L 202 -38.77 -16.22 -13.62
N ASP L 203 -37.52 -15.85 -13.86
CA ASP L 203 -36.41 -16.28 -13.01
C ASP L 203 -35.37 -15.19 -12.86
N MET M 1 -29.61 -3.93 11.20
CA MET M 1 -29.64 -2.47 11.29
C MET M 1 -31.02 -1.99 11.74
N GLU M 2 -31.87 -1.68 10.77
CA GLU M 2 -33.24 -1.27 11.07
C GLU M 2 -34.22 -1.95 10.15
N TYR M 3 -35.48 -1.51 10.16
CA TYR M 3 -36.54 -2.21 9.44
C TYR M 3 -37.62 -1.23 9.02
N LEU M 4 -37.98 -1.29 7.74
CA LEU M 4 -39.05 -0.46 7.18
C LEU M 4 -39.79 -1.25 6.12
N ILE M 5 -41.12 -1.37 6.27
CA ILE M 5 -41.95 -1.98 5.25
C ILE M 5 -43.22 -1.16 5.09
N GLY M 6 -43.82 -1.30 3.91
CA GLY M 6 -45.08 -0.65 3.62
C GLY M 6 -45.89 -1.42 2.60
N ILE M 7 -47.13 -1.73 2.93
CA ILE M 7 -48.01 -2.50 2.06
C ILE M 7 -49.10 -1.59 1.50
N GLN M 8 -49.38 -1.74 0.21
CA GLN M 8 -50.39 -0.94 -0.45
C GLN M 8 -51.75 -1.63 -0.27
N GLY M 9 -52.78 -1.12 -0.92
CA GLY M 9 -54.11 -1.65 -0.83
C GLY M 9 -55.05 -0.86 -1.71
N PRO M 10 -56.37 -1.04 -1.51
CA PRO M 10 -57.32 -0.25 -2.30
C PRO M 10 -57.33 1.23 -1.92
N ASP M 11 -57.33 1.55 -0.62
CA ASP M 11 -57.44 2.94 -0.20
C ASP M 11 -56.58 3.25 1.03
N TYR M 12 -55.45 2.54 1.16
CA TYR M 12 -54.56 2.76 2.33
C TYR M 12 -53.10 2.55 1.93
N VAL M 13 -52.18 3.17 2.67
CA VAL M 13 -50.75 3.05 2.39
C VAL M 13 -50.01 2.56 3.63
N LEU M 14 -50.69 1.74 4.43
CA LEU M 14 -50.20 1.22 5.71
C LEU M 14 -48.69 0.96 5.76
N VAL M 15 -48.02 1.51 6.77
CA VAL M 15 -46.58 1.37 6.95
C VAL M 15 -46.27 0.97 8.38
N ALA M 16 -45.26 0.12 8.55
CA ALA M 16 -44.74 -0.24 9.85
C ALA M 16 -43.41 0.46 10.09
N SER M 17 -42.74 0.12 11.17
CA SER M 17 -41.45 0.77 11.49
C SER M 17 -40.71 -0.06 12.52
N ASP M 18 -39.81 0.57 13.29
CA ASP M 18 -39.08 -0.12 14.35
C ASP M 18 -38.56 0.93 15.32
N ARG M 19 -39.28 1.11 16.41
CA ARG M 19 -38.95 2.12 17.43
C ARG M 19 -37.76 1.62 18.23
N VAL M 20 -36.56 2.08 17.89
CA VAL M 20 -35.33 1.57 18.47
C VAL M 20 -34.22 2.56 18.18
N ALA M 21 -33.18 2.53 19.00
CA ALA M 21 -32.01 3.40 18.79
C ALA M 21 -30.78 2.57 18.46
N ALA M 22 -29.62 3.20 18.40
CA ALA M 22 -28.39 2.47 18.09
C ALA M 22 -27.18 3.06 18.79
N SER M 23 -26.16 2.22 19.00
CA SER M 23 -24.89 2.65 19.57
C SER M 23 -23.84 1.58 19.30
N ASN M 24 -22.72 1.63 20.03
CA ASN M 24 -21.70 0.59 19.87
C ASN M 24 -22.26 -0.79 20.18
N ILE M 25 -22.56 -1.05 21.46
CA ILE M 25 -23.03 -2.36 21.89
C ILE M 25 -24.28 -2.16 22.74
N VAL M 26 -24.82 -0.95 22.75
CA VAL M 26 -25.84 -0.56 23.71
C VAL M 26 -27.05 -0.02 22.96
N GLN M 27 -28.23 -0.18 23.56
CA GLN M 27 -29.47 0.41 23.06
C GLN M 27 -29.79 1.62 23.93
N MET M 28 -29.58 2.81 23.38
CA MET M 28 -29.77 4.03 24.17
C MET M 28 -31.23 4.24 24.53
N LYS M 29 -32.13 4.11 23.56
CA LYS M 29 -33.55 4.34 23.80
C LYS M 29 -34.37 3.31 23.04
N ASP M 30 -35.45 2.84 23.66
CA ASP M 30 -36.27 1.77 23.10
C ASP M 30 -37.53 2.27 22.40
N ASP M 31 -37.70 3.58 22.27
CA ASP M 31 -38.85 4.13 21.55
C ASP M 31 -38.42 5.44 20.89
N HIS M 32 -38.02 5.35 19.63
CA HIS M 32 -37.56 6.50 18.84
C HIS M 32 -38.35 6.52 17.54
N ASP M 33 -39.41 7.31 17.50
CA ASP M 33 -40.26 7.42 16.32
C ASP M 33 -39.50 7.91 15.11
N LYS M 34 -39.36 7.06 14.10
CA LYS M 34 -38.69 7.41 12.85
C LYS M 34 -39.62 8.07 11.84
N MET M 35 -40.92 8.13 12.13
CA MET M 35 -41.93 8.55 11.15
C MET M 35 -42.09 10.06 11.19
N PHE M 36 -41.33 10.75 10.36
CA PHE M 36 -41.55 12.17 10.15
C PHE M 36 -42.81 12.40 9.34
N LYS M 37 -43.50 13.50 9.62
CA LYS M 37 -44.76 13.83 8.99
C LYS M 37 -44.57 15.00 8.03
N MET M 38 -45.10 14.87 6.82
CA MET M 38 -44.98 15.92 5.80
C MET M 38 -46.18 16.85 5.84
N SER M 39 -47.38 16.32 5.67
CA SER M 39 -48.62 17.08 5.65
C SER M 39 -49.72 16.23 6.26
N GLU M 40 -50.97 16.63 6.04
CA GLU M 40 -52.10 15.87 6.54
C GLU M 40 -52.31 14.56 5.81
N LYS M 41 -51.60 14.33 4.70
CA LYS M 41 -51.81 13.12 3.90
C LYS M 41 -50.53 12.41 3.50
N ILE M 42 -49.36 12.87 3.96
CA ILE M 42 -48.08 12.35 3.50
C ILE M 42 -47.21 12.00 4.68
N LEU M 43 -46.65 10.79 4.68
CA LEU M 43 -45.61 10.39 5.62
C LEU M 43 -44.27 10.28 4.89
N LEU M 44 -43.21 10.09 5.67
CA LEU M 44 -41.87 9.97 5.12
C LEU M 44 -41.03 9.12 6.07
N LEU M 45 -40.84 7.86 5.71
CA LEU M 45 -39.96 6.98 6.48
C LEU M 45 -38.52 7.16 6.01
N CYS M 46 -37.58 7.05 6.95
CA CYS M 46 -36.18 7.30 6.61
C CYS M 46 -35.29 6.51 7.57
N VAL M 47 -34.50 5.60 7.02
CA VAL M 47 -33.46 4.90 7.77
C VAL M 47 -32.14 5.04 7.03
N GLY M 48 -31.09 5.43 7.74
CA GLY M 48 -29.80 5.56 7.13
C GLY M 48 -28.72 5.78 8.16
N GLU M 49 -27.63 6.40 7.71
CA GLU M 49 -26.53 6.73 8.60
C GLU M 49 -27.00 7.71 9.66
N ALA M 50 -26.45 7.59 10.86
CA ALA M 50 -26.85 8.43 11.98
C ALA M 50 -26.57 9.89 11.68
N GLY M 51 -27.46 10.76 12.17
CA GLY M 51 -27.33 12.20 11.96
C GLY M 51 -27.76 12.72 10.61
N ASP M 52 -27.19 12.19 9.53
CA ASP M 52 -27.58 12.60 8.20
C ASP M 52 -29.05 12.35 7.92
N THR M 53 -29.62 11.26 8.44
CA THR M 53 -31.04 10.98 8.27
C THR M 53 -31.92 12.06 8.91
N VAL M 54 -31.68 12.36 10.18
CA VAL M 54 -32.51 13.34 10.88
C VAL M 54 -32.26 14.74 10.35
N GLN M 55 -31.10 14.99 9.73
CA GLN M 55 -30.87 16.30 9.13
C GLN M 55 -31.59 16.42 7.78
N PHE M 56 -31.45 15.42 6.92
CA PHE M 56 -32.06 15.47 5.60
C PHE M 56 -33.59 15.45 5.71
N ALA M 57 -34.13 14.64 6.60
CA ALA M 57 -35.58 14.61 6.77
C ALA M 57 -36.09 15.95 7.27
N GLU M 58 -35.38 16.57 8.22
CA GLU M 58 -35.80 17.87 8.72
C GLU M 58 -35.76 18.92 7.61
N TYR M 59 -34.70 18.92 6.82
CA TYR M 59 -34.60 19.90 5.74
C TYR M 59 -35.69 19.70 4.70
N ILE M 60 -35.97 18.45 4.31
CA ILE M 60 -36.99 18.18 3.31
C ILE M 60 -38.39 18.34 3.85
N GLN M 61 -38.57 18.34 5.17
CA GLN M 61 -39.87 18.55 5.78
C GLN M 61 -40.18 20.02 6.00
N LYS M 62 -39.19 20.83 6.39
CA LYS M 62 -39.44 22.27 6.40
C LYS M 62 -39.18 22.85 5.02
N ASN M 63 -39.69 22.19 3.99
CA ASN M 63 -39.77 22.74 2.64
C ASN M 63 -41.10 22.47 1.96
N VAL M 64 -41.84 21.43 2.35
CA VAL M 64 -43.16 21.16 1.79
C VAL M 64 -44.24 22.02 2.43
N GLN M 65 -44.11 22.34 3.72
CA GLN M 65 -45.03 23.29 4.34
C GLN M 65 -44.94 24.67 3.71
N LEU M 66 -43.76 25.05 3.23
CA LEU M 66 -43.62 26.34 2.56
C LEU M 66 -44.51 26.41 1.33
N TYR M 67 -44.56 25.33 0.54
CA TYR M 67 -45.37 25.32 -0.67
C TYR M 67 -46.84 25.48 -0.34
N LYS M 68 -47.32 24.75 0.68
CA LYS M 68 -48.71 24.88 1.08
C LYS M 68 -49.02 26.28 1.58
N MET M 69 -48.14 26.83 2.42
CA MET M 69 -48.37 28.12 3.03
C MET M 69 -48.19 29.28 2.04
N ARG M 70 -47.55 29.03 0.90
CA ARG M 70 -47.35 30.04 -0.12
C ARG M 70 -48.32 29.89 -1.30
N ASN M 71 -49.03 28.76 -1.42
CA ASN M 71 -49.94 28.62 -2.54
C ASN M 71 -51.35 28.19 -2.12
N GLY M 72 -51.65 28.12 -0.83
CA GLY M 72 -52.98 27.77 -0.40
C GLY M 72 -53.28 26.28 -0.40
N TYR M 73 -53.07 25.62 -1.54
CA TYR M 73 -53.36 24.21 -1.70
C TYR M 73 -52.18 23.37 -1.22
N GLU M 74 -52.18 22.07 -1.55
CA GLU M 74 -51.19 21.12 -1.08
C GLU M 74 -50.57 20.38 -2.25
N LEU M 75 -49.32 19.95 -2.06
CA LEU M 75 -48.62 19.13 -3.04
C LEU M 75 -49.34 17.80 -3.24
N SER M 76 -48.88 17.05 -4.23
CA SER M 76 -49.28 15.70 -4.54
C SER M 76 -48.14 14.73 -4.27
N PRO M 77 -48.45 13.47 -3.93
CA PRO M 77 -47.38 12.51 -3.65
C PRO M 77 -46.36 12.36 -4.76
N THR M 78 -46.79 12.38 -6.02
CA THR M 78 -45.85 12.25 -7.13
C THR M 78 -44.89 13.44 -7.18
N ALA M 79 -45.39 14.65 -6.99
CA ALA M 79 -44.51 15.82 -6.95
C ALA M 79 -43.56 15.75 -5.76
N ALA M 80 -44.07 15.32 -4.61
CA ALA M 80 -43.21 15.20 -3.44
C ALA M 80 -42.08 14.21 -3.69
N ALA M 81 -42.39 13.09 -4.32
CA ALA M 81 -41.36 12.10 -4.61
C ALA M 81 -40.34 12.63 -5.62
N ASN M 82 -40.82 13.23 -6.71
CA ASN M 82 -39.91 13.74 -7.73
C ASN M 82 -39.13 14.95 -7.26
N PHE M 83 -39.53 15.58 -6.15
CA PHE M 83 -38.76 16.66 -5.57
C PHE M 83 -37.74 16.13 -4.56
N THR M 84 -38.15 15.18 -3.73
CA THR M 84 -37.25 14.59 -2.75
C THR M 84 -36.10 13.87 -3.44
N ARG M 85 -36.38 13.14 -4.52
CA ARG M 85 -35.32 12.45 -5.25
C ARG M 85 -34.31 13.45 -5.80
N ARG M 86 -34.80 14.55 -6.39
CA ARG M 86 -33.90 15.53 -6.97
C ARG M 86 -33.02 16.17 -5.89
N ASN M 87 -33.62 16.55 -4.76
CA ASN M 87 -32.83 17.12 -3.68
C ASN M 87 -31.78 16.14 -3.18
N LEU M 88 -32.19 14.88 -2.97
CA LEU M 88 -31.26 13.88 -2.47
C LEU M 88 -30.10 13.68 -3.44
N ALA M 89 -30.39 13.57 -4.73
CA ALA M 89 -29.32 13.36 -5.71
C ALA M 89 -28.37 14.55 -5.73
N ASP M 90 -28.91 15.77 -5.85
CA ASP M 90 -28.06 16.95 -5.93
C ASP M 90 -27.19 17.10 -4.70
N CYS M 91 -27.76 16.87 -3.51
CA CYS M 91 -27.00 17.06 -2.28
C CYS M 91 -25.97 15.94 -2.08
N LEU M 92 -26.34 14.69 -2.35
CA LEU M 92 -25.42 13.58 -2.16
C LEU M 92 -24.23 13.70 -3.09
N ARG M 93 -24.48 14.02 -4.37
CA ARG M 93 -23.35 14.11 -5.29
C ARG M 93 -22.50 15.35 -5.04
N SER M 94 -23.06 16.37 -4.38
CA SER M 94 -22.36 17.65 -4.26
C SER M 94 -21.08 17.55 -3.46
N ARG M 95 -21.19 17.29 -2.16
CA ARG M 95 -20.00 17.22 -1.32
C ARG M 95 -20.09 16.20 -0.19
N THR M 96 -21.16 15.43 -0.07
CA THR M 96 -21.39 14.61 1.12
C THR M 96 -21.57 13.15 0.73
N PRO M 97 -20.75 12.24 1.25
CA PRO M 97 -21.01 10.80 1.06
C PRO M 97 -22.11 10.29 2.00
N TYR M 98 -23.35 10.63 1.65
CA TYR M 98 -24.50 10.24 2.45
C TYR M 98 -24.74 8.73 2.35
N HIS M 99 -25.57 8.23 3.27
CA HIS M 99 -26.16 6.90 3.16
C HIS M 99 -27.51 6.98 3.87
N VAL M 100 -28.56 7.22 3.09
CA VAL M 100 -29.92 7.32 3.61
C VAL M 100 -30.85 6.54 2.70
N ASN M 101 -31.79 5.83 3.30
CA ASN M 101 -32.87 5.17 2.58
C ASN M 101 -34.18 5.82 2.97
N LEU M 102 -35.10 5.91 2.01
CA LEU M 102 -36.36 6.59 2.22
C LEU M 102 -37.50 5.71 1.74
N LEU M 103 -38.69 5.96 2.27
CA LEU M 103 -39.88 5.24 1.84
C LEU M 103 -41.06 6.20 1.99
N LEU M 104 -41.39 6.87 0.89
CA LEU M 104 -42.49 7.83 0.90
C LEU M 104 -43.83 7.10 1.06
N ALA M 105 -44.87 7.87 1.31
CA ALA M 105 -46.22 7.36 1.42
C ALA M 105 -47.17 8.41 0.86
N GLY M 106 -48.45 8.29 1.17
CA GLY M 106 -49.37 9.34 0.79
C GLY M 106 -50.64 8.85 0.13
N TYR M 107 -51.70 9.64 0.23
CA TYR M 107 -52.98 9.33 -0.41
C TYR M 107 -53.54 10.63 -0.98
N ASP M 108 -53.51 10.75 -2.30
CA ASP M 108 -54.12 11.89 -2.97
C ASP M 108 -55.60 11.62 -3.18
N GLU M 109 -56.27 12.48 -3.94
CA GLU M 109 -57.71 12.39 -4.14
C GLU M 109 -58.11 12.03 -5.56
N HIS M 110 -57.17 11.54 -6.38
CA HIS M 110 -57.52 11.21 -7.75
C HIS M 110 -57.14 9.78 -8.13
N GLU M 111 -55.98 9.29 -7.69
CA GLU M 111 -55.56 7.91 -8.00
C GLU M 111 -55.08 7.21 -6.71
N GLY M 112 -56.04 6.61 -6.00
CA GLY M 112 -55.78 5.72 -4.89
C GLY M 112 -54.67 6.16 -3.95
N PRO M 113 -53.96 5.18 -3.39
CA PRO M 113 -52.76 5.49 -2.60
C PRO M 113 -51.52 5.52 -3.47
N ALA M 114 -50.35 5.71 -2.85
CA ALA M 114 -49.09 5.73 -3.60
C ALA M 114 -47.95 5.48 -2.63
N LEU M 115 -47.15 4.46 -2.90
CA LEU M 115 -45.98 4.13 -2.08
C LEU M 115 -44.75 4.07 -2.96
N TYR M 116 -43.69 4.75 -2.55
CA TYR M 116 -42.49 4.91 -3.37
C TYR M 116 -41.28 4.32 -2.64
N TYR M 117 -40.46 3.59 -3.37
CA TYR M 117 -39.24 3.02 -2.85
C TYR M 117 -38.03 3.76 -3.43
N MET M 118 -37.10 4.13 -2.55
CA MET M 118 -35.91 4.88 -2.98
C MET M 118 -34.69 4.32 -2.27
N ASP M 119 -33.66 3.98 -3.05
CA ASP M 119 -32.40 3.51 -2.50
C ASP M 119 -31.55 4.72 -2.10
N TYR M 120 -30.26 4.48 -1.81
CA TYR M 120 -29.37 5.56 -1.41
C TYR M 120 -28.66 6.21 -2.58
N LEU M 121 -28.92 5.79 -3.83
CA LEU M 121 -28.34 6.54 -4.98
C LEU M 121 -29.42 7.36 -5.67
N ALA M 122 -30.56 7.55 -5.03
CA ALA M 122 -31.64 8.40 -5.55
C ALA M 122 -32.24 7.81 -6.83
N ALA M 123 -32.81 6.62 -6.69
CA ALA M 123 -33.69 6.04 -7.70
C ALA M 123 -35.14 6.22 -7.27
N LEU M 124 -36.06 5.88 -8.16
CA LEU M 124 -37.48 6.08 -7.87
C LEU M 124 -38.28 5.01 -8.58
N ALA M 125 -38.90 4.11 -7.81
CA ALA M 125 -39.81 3.10 -8.31
C ALA M 125 -41.20 3.32 -7.70
N LYS M 126 -42.13 2.46 -8.08
CA LYS M 126 -43.49 2.52 -7.54
C LYS M 126 -43.98 1.12 -7.17
N ALA M 127 -43.17 0.39 -6.42
CA ALA M 127 -43.51 -0.97 -6.05
C ALA M 127 -44.76 -0.99 -5.17
N PRO M 128 -45.59 -2.03 -5.29
CA PRO M 128 -46.78 -2.12 -4.43
C PRO M 128 -46.49 -2.50 -2.99
N PHE M 129 -45.30 -3.02 -2.70
CA PHE M 129 -44.89 -3.26 -1.32
C PHE M 129 -43.37 -3.43 -1.31
N ALA M 130 -42.68 -2.55 -0.59
CA ALA M 130 -41.23 -2.54 -0.55
C ALA M 130 -40.74 -2.78 0.87
N ALA M 131 -39.43 -2.82 1.02
CA ALA M 131 -38.82 -3.02 2.33
C ALA M 131 -37.43 -2.41 2.33
N HIS M 132 -36.91 -2.18 3.55
CA HIS M 132 -35.58 -1.62 3.74
C HIS M 132 -34.84 -2.47 4.76
N GLY M 133 -33.66 -2.01 5.15
CA GLY M 133 -32.89 -2.64 6.20
C GLY M 133 -32.45 -4.05 5.83
N TYR M 134 -32.17 -4.83 6.87
CA TYR M 134 -31.76 -6.22 6.68
C TYR M 134 -32.93 -7.19 6.75
N GLY M 135 -33.97 -6.85 7.52
CA GLY M 135 -35.13 -7.71 7.59
C GLY M 135 -35.86 -7.86 6.28
N ALA M 136 -35.58 -6.99 5.32
CA ALA M 136 -36.16 -7.13 3.98
C ALA M 136 -35.86 -8.50 3.40
N PHE M 137 -34.62 -8.96 3.55
CA PHE M 137 -34.23 -10.26 3.00
C PHE M 137 -35.12 -11.37 3.54
N LEU M 138 -35.32 -11.40 4.86
CA LEU M 138 -36.07 -12.48 5.48
C LEU M 138 -37.58 -12.30 5.43
N THR M 139 -38.07 -11.12 5.06
CA THR M 139 -39.50 -10.87 5.15
C THR M 139 -40.19 -10.56 3.83
N LEU M 140 -39.44 -10.22 2.78
CA LEU M 140 -40.07 -9.85 1.53
C LEU M 140 -40.77 -11.03 0.88
N SER M 141 -40.18 -12.23 0.98
CA SER M 141 -40.84 -13.41 0.46
C SER M 141 -42.14 -13.70 1.20
N ILE M 142 -42.15 -13.53 2.52
CA ILE M 142 -43.37 -13.73 3.29
C ILE M 142 -44.42 -12.72 2.86
N LEU M 143 -44.02 -11.47 2.65
CA LEU M 143 -44.96 -10.47 2.15
C LEU M 143 -45.49 -10.82 0.77
N ASP M 144 -44.66 -11.38 -0.09
CA ASP M 144 -45.09 -11.69 -1.45
C ASP M 144 -45.98 -12.93 -1.51
N ARG M 145 -45.81 -13.86 -0.59
CA ARG M 145 -46.55 -15.13 -0.67
C ARG M 145 -48.05 -14.91 -0.48
N TYR M 146 -48.45 -14.19 0.56
CA TYR M 146 -49.87 -14.04 0.89
C TYR M 146 -50.51 -12.80 0.28
N TYR M 147 -49.76 -11.99 -0.47
CA TYR M 147 -50.27 -10.70 -0.92
C TYR M 147 -51.23 -10.91 -2.08
N THR M 148 -52.52 -11.01 -1.76
CA THR M 148 -53.54 -10.89 -2.77
C THR M 148 -53.54 -9.47 -3.32
N PRO M 149 -53.82 -9.29 -4.61
CA PRO M 149 -53.85 -7.93 -5.17
C PRO M 149 -54.76 -6.97 -4.42
N THR M 150 -55.89 -7.45 -3.91
CA THR M 150 -56.76 -6.66 -3.06
C THR M 150 -56.73 -7.23 -1.64
N ILE M 151 -56.46 -6.37 -0.67
CA ILE M 151 -56.39 -6.82 0.74
C ILE M 151 -57.25 -5.88 1.57
N SER M 152 -58.15 -6.40 2.39
CA SER M 152 -58.95 -5.60 3.29
C SER M 152 -58.09 -5.07 4.43
N ARG M 153 -58.48 -3.91 4.97
CA ARG M 153 -57.75 -3.29 6.05
C ARG M 153 -57.62 -4.22 7.25
N GLU M 154 -58.65 -5.02 7.51
CA GLU M 154 -58.59 -5.97 8.61
C GLU M 154 -57.49 -7.00 8.39
N ARG M 155 -57.39 -7.54 7.18
CA ARG M 155 -56.40 -8.57 6.90
C ARG M 155 -55.00 -8.02 6.76
N ALA M 156 -54.86 -6.73 6.43
CA ALA M 156 -53.52 -6.15 6.31
C ALA M 156 -52.77 -6.20 7.63
N VAL M 157 -53.46 -5.91 8.74
CA VAL M 157 -52.83 -5.95 10.05
C VAL M 157 -52.37 -7.37 10.37
N GLU M 158 -53.19 -8.37 10.06
CA GLU M 158 -52.80 -9.75 10.33
C GLU M 158 -51.59 -10.16 9.50
N LEU M 159 -51.57 -9.78 8.22
CA LEU M 159 -50.41 -10.09 7.39
C LEU M 159 -49.16 -9.43 7.94
N LEU M 160 -49.27 -8.17 8.35
CA LEU M 160 -48.13 -7.49 8.95
C LEU M 160 -47.67 -8.19 10.23
N ARG M 161 -48.62 -8.64 11.05
CA ARG M 161 -48.27 -9.31 12.29
C ARG M 161 -47.49 -10.60 12.03
N LYS M 162 -47.94 -11.39 11.04
CA LYS M 162 -47.20 -12.60 10.70
C LYS M 162 -45.80 -12.26 10.18
N CYS M 163 -45.71 -11.24 9.31
CA CYS M 163 -44.43 -10.86 8.73
C CYS M 163 -43.46 -10.36 9.79
N LEU M 164 -43.97 -9.75 10.86
CA LEU M 164 -43.10 -9.31 11.95
C LEU M 164 -42.78 -10.42 12.92
N GLU M 165 -43.69 -11.37 13.13
CA GLU M 165 -43.39 -12.52 13.97
C GLU M 165 -42.24 -13.33 13.39
N GLU M 166 -42.27 -13.56 12.07
CA GLU M 166 -41.18 -14.33 11.47
C GLU M 166 -39.84 -13.63 11.66
N LEU M 167 -39.81 -12.31 11.46
CA LEU M 167 -38.58 -11.56 11.67
C LEU M 167 -38.12 -11.62 13.12
N GLN M 168 -39.03 -11.45 14.07
CA GLN M 168 -38.67 -11.51 15.48
C GLN M 168 -38.18 -12.90 15.89
N LYS M 169 -38.59 -13.94 15.20
CA LYS M 169 -38.14 -15.28 15.53
C LYS M 169 -36.85 -15.70 14.86
N ARG M 170 -36.56 -15.22 13.64
CA ARG M 170 -35.41 -15.72 12.89
C ARG M 170 -34.32 -14.68 12.65
N PHE M 171 -34.25 -13.62 13.46
CA PHE M 171 -33.29 -12.56 13.22
C PHE M 171 -32.26 -12.49 14.33
N ILE M 172 -31.07 -11.99 13.98
CA ILE M 172 -29.99 -11.88 14.95
C ILE M 172 -30.27 -10.78 15.97
N LEU M 173 -30.78 -9.64 15.51
CA LEU M 173 -30.92 -8.47 16.37
C LEU M 173 -32.17 -8.59 17.23
N ASN M 174 -32.39 -7.57 18.06
CA ASN M 174 -33.40 -7.63 19.11
C ASN M 174 -34.45 -6.53 18.97
N LEU M 175 -34.99 -6.35 17.76
CA LEU M 175 -36.07 -5.39 17.55
C LEU M 175 -37.24 -5.74 18.47
N PRO M 176 -37.47 -4.96 19.53
CA PRO M 176 -38.37 -5.40 20.58
C PRO M 176 -39.84 -5.07 20.35
N THR M 177 -40.11 -3.99 19.63
CA THR M 177 -41.48 -3.55 19.44
C THR M 177 -41.55 -2.62 18.23
N PHE M 178 -42.68 -2.63 17.55
CA PHE M 178 -42.87 -1.91 16.30
C PHE M 178 -44.08 -0.99 16.39
N SER M 179 -44.05 0.01 15.50
CA SER M 179 -45.13 1.00 15.46
C SER M 179 -45.91 0.80 14.16
N VAL M 180 -47.18 1.14 14.15
CA VAL M 180 -48.03 0.95 12.98
C VAL M 180 -48.86 2.21 12.75
N ARG M 181 -48.85 2.71 11.52
CA ARG M 181 -49.70 3.82 11.13
C ARG M 181 -50.31 3.55 9.77
N ILE M 182 -51.60 3.88 9.63
CA ILE M 182 -52.35 3.66 8.40
C ILE M 182 -52.98 4.97 7.97
N ILE M 183 -52.87 5.28 6.68
CA ILE M 183 -53.37 6.53 6.11
C ILE M 183 -54.61 6.24 5.27
N ASP M 184 -55.68 6.98 5.54
CA ASP M 184 -56.91 6.88 4.75
C ASP M 184 -57.35 8.27 4.31
N LYS M 185 -58.54 8.39 3.72
CA LYS M 185 -59.03 9.69 3.31
C LYS M 185 -59.70 10.41 4.47
N ASN M 186 -59.01 10.43 5.62
CA ASN M 186 -59.50 11.16 6.79
C ASN M 186 -58.37 11.82 7.58
N GLY M 187 -57.13 11.74 7.12
CA GLY M 187 -55.98 12.23 7.86
C GLY M 187 -54.96 11.13 8.08
N ILE M 188 -54.29 11.20 9.23
CA ILE M 188 -53.30 10.19 9.58
C ILE M 188 -53.79 9.40 10.78
N HIS M 189 -54.45 8.27 10.53
CA HIS M 189 -54.93 7.43 11.60
C HIS M 189 -53.77 6.71 12.28
N ASP M 190 -54.03 6.23 13.49
CA ASP M 190 -53.02 5.54 14.28
C ASP M 190 -53.60 4.26 14.86
N LEU M 191 -52.72 3.29 15.09
CA LEU M 191 -53.10 2.01 15.66
C LEU M 191 -52.19 1.69 16.84
N ASP M 192 -52.67 0.79 17.70
CA ASP M 192 -51.91 0.41 18.89
C ASP M 192 -50.58 -0.23 18.48
N ASN M 193 -49.55 0.03 19.27
CA ASN M 193 -48.21 -0.47 18.96
C ASN M 193 -48.17 -1.99 19.02
N ILE M 194 -47.26 -2.57 18.23
CA ILE M 194 -47.01 -4.00 18.22
C ILE M 194 -45.81 -4.26 19.12
N SER M 195 -46.04 -4.90 20.26
CA SER M 195 -45.01 -5.18 21.23
C SER M 195 -44.96 -6.68 21.52
N PHE M 196 -43.77 -7.26 21.47
CA PHE M 196 -43.59 -8.67 21.75
C PHE M 196 -43.01 -8.85 23.13
N PRO M 197 -43.73 -9.46 24.08
CA PRO M 197 -43.28 -9.66 25.46
C PRO M 197 -41.95 -10.39 25.56
N PRO N 1 1.17 15.54 16.80
CA PRO N 1 1.88 15.48 18.08
C PRO N 1 1.47 14.27 18.91
N GLY N 2 1.53 14.40 20.23
CA GLY N 2 1.06 13.36 21.10
C GLY N 2 -0.45 13.36 21.24
N ILE N 3 -0.97 12.33 21.91
CA ILE N 3 -2.39 12.25 22.17
C ILE N 3 -2.80 13.42 23.04
N GLU N 4 -3.88 14.10 22.67
CA GLU N 4 -4.24 15.35 23.33
C GLU N 4 -4.56 15.17 24.82
N MET N 5 -5.69 14.54 25.13
CA MET N 5 -6.16 14.26 26.49
C MET N 5 -7.32 13.28 26.39
N LEU N 6 -7.66 12.69 27.53
CA LEU N 6 -8.97 12.08 27.77
C LEU N 6 -9.34 11.06 26.68
N HIS N 7 -8.60 9.95 26.65
CA HIS N 7 -8.95 8.85 25.77
C HIS N 7 -10.30 8.24 26.13
N GLY N 8 -10.76 8.41 27.36
CA GLY N 8 -12.07 7.92 27.75
C GLY N 8 -12.41 8.34 29.17
N THR N 9 -13.69 8.28 29.48
CA THR N 9 -14.19 8.68 30.80
C THR N 9 -15.58 8.07 31.00
N THR N 10 -16.26 8.52 32.04
CA THR N 10 -17.61 8.04 32.36
C THR N 10 -18.44 9.17 32.92
N THR N 11 -19.76 9.00 32.83
CA THR N 11 -20.74 9.92 33.37
C THR N 11 -22.12 9.31 33.19
N LEU N 12 -23.09 9.83 33.95
CA LEU N 12 -24.46 9.34 33.85
C LEU N 12 -25.42 10.44 34.27
N ALA N 13 -26.67 10.28 33.87
CA ALA N 13 -27.72 11.23 34.26
C ALA N 13 -29.07 10.58 34.04
N PHE N 14 -29.89 10.52 35.09
CA PHE N 14 -31.26 10.04 35.01
C PHE N 14 -32.20 11.11 35.56
N LYS N 15 -33.45 11.07 35.11
CA LYS N 15 -34.46 12.04 35.51
C LYS N 15 -35.58 11.34 36.27
N PHE N 16 -36.14 12.03 37.24
CA PHE N 16 -37.27 11.50 38.01
C PHE N 16 -38.15 12.68 38.43
N ARG N 17 -39.01 12.44 39.42
CA ARG N 17 -40.05 13.39 39.79
C ARG N 17 -39.50 14.68 40.36
N HIS N 18 -38.22 14.74 40.74
CA HIS N 18 -37.64 15.92 41.36
C HIS N 18 -36.45 16.45 40.58
N GLY N 19 -36.53 16.38 39.25
CA GLY N 19 -35.52 17.00 38.41
C GLY N 19 -34.57 16.06 37.70
N VAL N 20 -33.32 16.49 37.54
CA VAL N 20 -32.31 15.73 36.82
C VAL N 20 -31.02 15.75 37.62
N ILE N 21 -30.34 14.60 37.70
CA ILE N 21 -29.12 14.45 38.47
C ILE N 21 -27.99 14.12 37.51
N VAL N 22 -26.83 14.74 37.73
CA VAL N 22 -25.66 14.55 36.88
C VAL N 22 -24.49 14.13 37.74
N ALA N 23 -23.78 13.09 37.31
CA ALA N 23 -22.60 12.60 38.01
C ALA N 23 -21.46 12.43 37.01
N ALA N 24 -20.24 12.60 37.50
CA ALA N 24 -19.07 12.49 36.63
C ALA N 24 -17.84 12.16 37.46
N ASP N 25 -16.82 11.64 36.76
CA ASP N 25 -15.53 11.31 37.32
C ASP N 25 -14.55 12.44 37.00
N SER N 26 -13.26 12.22 37.30
CA SER N 26 -12.23 13.19 36.90
C SER N 26 -10.90 12.45 36.74
N ARG N 27 -10.61 12.03 35.51
CA ARG N 27 -9.29 11.49 35.15
C ARG N 27 -9.09 11.74 33.66
N ALA N 28 -8.36 12.80 33.34
CA ALA N 28 -8.07 13.15 31.94
C ALA N 28 -6.77 12.45 31.55
N THR N 29 -6.89 11.24 31.02
CA THR N 29 -5.72 10.47 30.65
C THR N 29 -5.14 10.98 29.33
N ALA N 30 -3.94 10.51 29.01
CA ALA N 30 -3.23 10.88 27.80
C ALA N 30 -2.65 9.64 27.13
N GLY N 31 -3.47 8.60 27.00
CA GLY N 31 -3.03 7.35 26.42
C GLY N 31 -2.58 6.32 27.44
N ALA N 32 -1.43 6.56 28.08
CA ALA N 32 -0.93 5.61 29.07
C ALA N 32 -0.33 6.29 30.29
N TYR N 33 -0.49 7.61 30.42
CA TYR N 33 0.05 8.35 31.55
C TYR N 33 -1.04 9.27 32.09
N ILE N 34 -1.27 9.23 33.39
CA ILE N 34 -2.30 10.05 34.02
C ILE N 34 -1.82 11.49 34.07
N ALA N 35 -2.57 12.39 33.45
CA ALA N 35 -2.17 13.79 33.38
C ALA N 35 -2.69 14.61 34.55
N SER N 36 -3.87 14.30 35.06
CA SER N 36 -4.46 15.09 36.14
C SER N 36 -5.43 14.21 36.92
N GLN N 37 -5.83 14.72 38.09
CA GLN N 37 -6.73 13.98 38.97
C GLN N 37 -8.00 14.73 39.34
N THR N 38 -8.04 16.06 39.18
CA THR N 38 -9.18 16.86 39.61
C THR N 38 -9.57 17.84 38.51
N VAL N 39 -9.76 17.32 37.30
CA VAL N 39 -10.25 18.12 36.18
C VAL N 39 -11.77 18.09 36.19
N LYS N 40 -12.38 19.27 36.30
CA LYS N 40 -13.84 19.36 36.34
C LYS N 40 -14.42 19.09 34.96
N LYS N 41 -15.46 18.27 34.92
CA LYS N 41 -16.11 17.91 33.66
C LYS N 41 -17.54 18.41 33.54
N VAL N 42 -18.25 18.54 34.65
CA VAL N 42 -19.60 19.10 34.62
C VAL N 42 -19.46 20.60 34.36
N ILE N 43 -19.70 21.02 33.13
CA ILE N 43 -19.47 22.39 32.70
C ILE N 43 -20.71 23.21 32.97
N GLU N 44 -20.54 24.35 33.61
CA GLU N 44 -21.61 25.28 33.90
C GLU N 44 -21.63 26.37 32.83
N ILE N 45 -22.82 26.67 32.30
CA ILE N 45 -22.94 27.66 31.24
C ILE N 45 -23.89 28.77 31.68
N ASN N 46 -24.79 28.46 32.60
CA ASN N 46 -25.67 29.42 33.23
C ASN N 46 -26.40 28.72 34.37
N PRO N 47 -26.98 29.46 35.31
CA PRO N 47 -27.66 28.79 36.43
C PRO N 47 -29.03 28.24 36.04
N TYR N 48 -29.10 27.61 34.87
CA TYR N 48 -30.25 26.78 34.50
C TYR N 48 -29.88 25.49 33.78
N LEU N 49 -28.71 25.40 33.15
CA LEU N 49 -28.31 24.21 32.41
C LEU N 49 -27.00 23.67 32.98
N LEU N 50 -26.62 22.47 32.52
CA LEU N 50 -25.43 21.79 33.03
C LEU N 50 -24.82 21.00 31.88
N GLY N 51 -23.84 21.61 31.21
CA GLY N 51 -23.15 20.90 30.15
C GLY N 51 -22.29 19.77 30.68
N THR N 52 -22.15 18.73 29.86
CA THR N 52 -21.37 17.57 30.23
C THR N 52 -20.14 17.45 29.33
N MET N 53 -19.22 16.58 29.73
CA MET N 53 -17.94 16.41 29.06
C MET N 53 -17.68 14.93 28.81
N ALA N 54 -17.08 14.65 27.65
CA ALA N 54 -16.72 13.30 27.25
C ALA N 54 -15.90 13.40 25.97
N GLY N 55 -15.39 12.27 25.52
CA GLY N 55 -14.58 12.26 24.30
C GLY N 55 -13.34 13.11 24.48
N GLY N 56 -13.11 14.01 23.53
CA GLY N 56 -12.02 14.96 23.65
C GLY N 56 -12.29 16.00 24.71
N ALA N 57 -11.24 16.75 25.05
CA ALA N 57 -11.34 17.80 26.07
C ALA N 57 -11.45 19.19 25.46
N ALA N 58 -10.49 19.58 24.63
CA ALA N 58 -10.46 20.93 24.09
C ALA N 58 -11.68 21.20 23.23
N ASP N 59 -12.06 20.24 22.38
CA ASP N 59 -13.23 20.42 21.53
C ASP N 59 -14.48 20.62 22.36
N CYS N 60 -14.67 19.79 23.39
CA CYS N 60 -15.84 19.91 24.24
C CYS N 60 -15.87 21.28 24.92
N SER N 61 -14.74 21.70 25.49
CA SER N 61 -14.71 22.99 26.18
C SER N 61 -15.03 24.13 25.24
N PHE N 62 -14.44 24.12 24.04
CA PHE N 62 -14.66 25.21 23.10
C PHE N 62 -16.11 25.28 22.67
N TRP N 63 -16.71 24.12 22.37
CA TRP N 63 -18.09 24.15 21.88
C TRP N 63 -19.07 24.51 22.99
N GLU N 64 -18.82 24.09 24.23
CA GLU N 64 -19.65 24.59 25.33
C GLU N 64 -19.50 26.10 25.50
N ARG N 65 -18.28 26.63 25.32
CA ARG N 65 -18.12 28.07 25.43
C ARG N 65 -18.94 28.80 24.36
N LEU N 66 -18.89 28.32 23.12
CA LEU N 66 -19.70 28.95 22.07
C LEU N 66 -21.19 28.83 22.36
N LEU N 67 -21.63 27.66 22.85
CA LEU N 67 -23.04 27.50 23.20
C LEU N 67 -23.45 28.46 24.30
N ALA N 68 -22.59 28.66 25.29
CA ALA N 68 -22.89 29.60 26.37
C ALA N 68 -23.00 31.02 25.82
N ARG N 69 -22.10 31.40 24.92
CA ARG N 69 -22.19 32.75 24.34
C ARG N 69 -23.51 32.92 23.58
N GLN N 70 -23.88 31.93 22.77
CA GLN N 70 -25.11 32.04 21.99
C GLN N 70 -26.33 32.10 22.90
N CYS N 71 -26.35 31.29 23.95
CA CYS N 71 -27.46 31.30 24.89
C CYS N 71 -27.57 32.65 25.59
N ARG N 72 -26.43 33.22 26.01
CA ARG N 72 -26.45 34.52 26.67
C ARG N 72 -26.95 35.60 25.72
N ILE N 73 -26.54 35.55 24.45
CA ILE N 73 -27.00 36.53 23.48
C ILE N 73 -28.51 36.42 23.29
N TYR N 74 -29.01 35.19 23.17
CA TYR N 74 -30.46 35.01 23.01
C TYR N 74 -31.21 35.50 24.24
N GLU N 75 -30.69 35.22 25.43
CA GLU N 75 -31.29 35.73 26.66
C GLU N 75 -31.37 37.25 26.65
N LEU N 76 -30.28 37.91 26.29
CA LEU N 76 -30.28 39.37 26.28
C LEU N 76 -31.22 39.93 25.24
N ARG N 77 -31.36 39.25 24.10
CA ARG N 77 -32.21 39.77 23.03
C ARG N 77 -33.69 39.59 23.33
N ASN N 78 -34.13 38.36 23.52
CA ASN N 78 -35.56 38.07 23.56
C ASN N 78 -36.17 38.15 24.95
N LYS N 79 -35.39 38.51 25.97
CA LYS N 79 -35.91 38.76 27.31
C LYS N 79 -36.53 37.51 27.94
N GLU N 80 -36.43 36.37 27.28
CA GLU N 80 -37.03 35.14 27.75
C GLU N 80 -36.00 34.02 27.76
N ARG N 81 -36.09 33.14 28.75
CA ARG N 81 -35.14 32.05 28.86
C ARG N 81 -35.30 31.07 27.70
N ILE N 82 -34.19 30.51 27.27
CA ILE N 82 -34.16 29.59 26.14
C ILE N 82 -34.42 28.18 26.63
N SER N 83 -35.23 27.43 25.89
CA SER N 83 -35.53 26.05 26.23
C SER N 83 -34.32 25.16 25.95
N VAL N 84 -34.30 24.00 26.60
CA VAL N 84 -33.18 23.07 26.45
C VAL N 84 -33.11 22.53 25.03
N ALA N 85 -34.27 22.30 24.40
CA ALA N 85 -34.29 21.72 23.06
C ALA N 85 -33.61 22.64 22.06
N ALA N 86 -33.84 23.95 22.18
CA ALA N 86 -33.21 24.90 21.26
C ALA N 86 -31.70 24.85 21.38
N ALA N 87 -31.18 24.84 22.61
CA ALA N 87 -29.74 24.77 22.79
C ALA N 87 -29.18 23.47 22.27
N SER N 88 -29.88 22.36 22.49
CA SER N 88 -29.43 21.07 21.99
C SER N 88 -29.33 21.06 20.48
N LYS N 89 -30.37 21.58 19.81
CA LYS N 89 -30.34 21.62 18.35
C LYS N 89 -29.27 22.57 17.84
N LEU N 90 -29.05 23.68 18.53
CA LEU N 90 -27.99 24.59 18.13
C LEU N 90 -26.63 23.90 18.17
N LEU N 91 -26.33 23.25 19.29
CA LEU N 91 -25.06 22.55 19.41
C LEU N 91 -24.96 21.43 18.37
N ALA N 92 -26.08 20.76 18.09
CA ALA N 92 -26.07 19.71 17.08
C ALA N 92 -25.68 20.27 15.71
N ASN N 93 -26.26 21.41 15.34
CA ASN N 93 -25.92 22.01 14.06
C ASN N 93 -24.44 22.41 14.02
N MET N 94 -23.95 23.06 15.08
CA MET N 94 -22.56 23.49 15.07
C MET N 94 -21.61 22.30 14.97
N VAL N 95 -21.87 21.23 15.71
CA VAL N 95 -20.96 20.10 15.67
C VAL N 95 -21.07 19.36 14.34
N TYR N 96 -22.28 19.23 13.79
CA TYR N 96 -22.47 18.53 12.54
C TYR N 96 -21.91 19.32 11.36
N GLN N 97 -21.69 20.63 11.53
CA GLN N 97 -21.07 21.42 10.47
C GLN N 97 -19.73 20.80 10.06
N TYR N 98 -18.90 20.44 11.03
CA TYR N 98 -17.64 19.77 10.77
C TYR N 98 -17.80 18.29 11.12
N LYS N 99 -17.66 17.43 10.11
CA LYS N 99 -17.64 15.99 10.35
C LYS N 99 -16.59 15.34 9.47
N GLY N 100 -15.90 14.35 10.03
CA GLY N 100 -14.87 13.62 9.33
C GLY N 100 -13.47 14.15 9.53
N MET N 101 -13.32 15.35 10.11
CA MET N 101 -12.00 15.90 10.36
C MET N 101 -11.42 15.49 11.70
N GLY N 102 -12.11 14.64 12.45
CA GLY N 102 -11.56 14.12 13.69
C GLY N 102 -12.24 14.60 14.93
N LEU N 103 -13.40 15.25 14.77
CA LEU N 103 -14.17 15.68 15.94
C LEU N 103 -14.67 14.48 16.73
N SER N 104 -14.71 14.65 18.04
CA SER N 104 -15.16 13.59 18.94
C SER N 104 -15.63 14.21 20.24
N MET N 105 -16.91 14.11 20.53
CA MET N 105 -17.47 14.72 21.72
C MET N 105 -18.80 14.07 22.06
N GLY N 106 -19.06 13.96 23.36
CA GLY N 106 -20.34 13.51 23.85
C GLY N 106 -20.85 14.41 24.96
N THR N 107 -21.98 15.08 24.73
CA THR N 107 -22.53 16.03 25.68
C THR N 107 -24.00 15.73 25.93
N MET N 108 -24.45 16.04 27.14
CA MET N 108 -25.75 15.65 27.65
C MET N 108 -26.47 16.84 28.27
N ILE N 109 -26.53 17.94 27.51
CA ILE N 109 -27.19 19.17 27.93
C ILE N 109 -28.52 18.87 28.59
N CYS N 110 -28.72 19.39 29.80
CA CYS N 110 -29.92 19.11 30.57
C CYS N 110 -30.23 20.29 31.47
N GLY N 111 -31.47 20.37 31.91
CA GLY N 111 -31.90 21.44 32.78
C GLY N 111 -33.41 21.52 32.85
N TRP N 112 -33.88 22.55 33.55
CA TRP N 112 -35.30 22.79 33.74
C TRP N 112 -35.74 24.01 32.95
N ASP N 113 -36.97 23.97 32.46
CA ASP N 113 -37.54 25.06 31.69
C ASP N 113 -39.06 24.98 31.79
N LYS N 114 -39.75 25.70 30.92
CA LYS N 114 -41.21 25.82 30.99
C LYS N 114 -41.92 24.49 30.75
N ARG N 115 -41.28 23.55 30.06
CA ARG N 115 -41.90 22.26 29.76
C ARG N 115 -41.54 21.19 30.79
N GLY N 116 -40.81 21.54 31.83
CA GLY N 116 -40.40 20.57 32.83
C GLY N 116 -38.92 20.27 32.75
N PRO N 117 -38.56 19.00 32.89
CA PRO N 117 -37.16 18.61 32.70
C PRO N 117 -36.84 18.36 31.24
N GLY N 118 -35.61 17.95 30.95
CA GLY N 118 -35.20 17.59 29.61
C GLY N 118 -33.74 17.21 29.57
N LEU N 119 -33.40 16.11 28.91
CA LEU N 119 -32.05 15.57 28.96
C LEU N 119 -31.62 15.12 27.56
N TYR N 120 -31.74 16.01 26.59
CA TYR N 120 -31.38 15.67 25.22
C TYR N 120 -29.89 15.37 25.10
N TYR N 121 -29.56 14.50 24.17
CA TYR N 121 -28.20 14.05 23.91
C TYR N 121 -27.77 14.35 22.48
N VAL N 122 -26.53 14.83 22.33
CA VAL N 122 -25.94 15.11 21.03
C VAL N 122 -24.48 14.70 21.08
N ASP N 123 -23.94 14.35 19.92
CA ASP N 123 -22.54 13.95 19.81
C ASP N 123 -22.02 14.35 18.44
N SER N 124 -20.78 13.92 18.14
CA SER N 124 -20.18 14.25 16.85
C SER N 124 -20.89 13.61 15.67
N GLU N 125 -21.58 12.49 15.90
CA GLU N 125 -22.25 11.81 14.79
C GLU N 125 -23.37 12.65 14.21
N GLY N 126 -24.13 13.33 15.06
CA GLY N 126 -25.16 14.24 14.62
C GLY N 126 -26.55 13.94 15.13
N ASN N 127 -26.81 12.78 15.71
CA ASN N 127 -28.13 12.46 16.22
C ASN N 127 -28.44 13.26 17.47
N ARG N 128 -29.73 13.53 17.67
CA ARG N 128 -30.18 14.36 18.78
C ARG N 128 -31.20 13.61 19.62
N ILE N 129 -30.87 12.38 19.98
CA ILE N 129 -31.83 11.52 20.67
C ILE N 129 -32.14 12.06 22.06
N SER N 130 -33.39 11.93 22.47
CA SER N 130 -33.82 12.24 23.82
C SER N 130 -33.76 10.97 24.67
N GLY N 131 -34.35 11.02 25.86
CA GLY N 131 -34.41 9.84 26.69
C GLY N 131 -34.69 10.19 28.14
N ALA N 132 -34.63 9.17 28.98
CA ALA N 132 -34.80 9.32 30.42
C ALA N 132 -33.70 8.62 31.20
N THR N 133 -32.66 8.14 30.54
CA THR N 133 -31.58 7.39 31.18
C THR N 133 -30.39 7.37 30.23
N PHE N 134 -29.25 7.88 30.67
CA PHE N 134 -28.14 8.05 29.75
C PHE N 134 -26.82 7.81 30.47
N SER N 135 -25.81 7.44 29.68
CA SER N 135 -24.45 7.25 30.16
C SER N 135 -23.51 7.18 28.95
N VAL N 136 -22.48 8.04 28.93
CA VAL N 136 -21.58 8.11 27.79
C VAL N 136 -20.14 8.07 28.26
N GLY N 137 -19.25 7.70 27.34
CA GLY N 137 -17.84 7.56 27.62
C GLY N 137 -17.42 6.09 27.63
N SER N 138 -16.12 5.89 27.87
CA SER N 138 -15.59 4.54 27.96
C SER N 138 -16.21 3.79 29.13
N GLY N 139 -16.40 4.46 30.26
CA GLY N 139 -16.94 3.83 31.44
C GLY N 139 -18.46 3.93 31.54
N SER N 140 -19.12 4.24 30.43
CA SER N 140 -20.58 4.25 30.42
C SER N 140 -21.13 2.87 30.73
N VAL N 141 -20.56 1.85 30.09
CA VAL N 141 -20.85 0.46 30.43
C VAL N 141 -20.17 0.22 31.78
N TYR N 142 -20.50 -0.89 32.43
CA TYR N 142 -20.08 -1.19 33.81
C TYR N 142 -20.84 -0.30 34.78
N ALA N 143 -21.61 0.65 34.26
CA ALA N 143 -22.45 1.51 35.08
C ALA N 143 -23.88 1.48 34.53
N TYR N 144 -23.99 1.27 33.22
CA TYR N 144 -25.30 1.20 32.58
C TYR N 144 -26.17 0.14 33.24
N GLY N 145 -25.61 -1.06 33.46
CA GLY N 145 -26.39 -2.14 34.01
C GLY N 145 -26.88 -1.85 35.42
N VAL N 146 -25.99 -1.37 36.28
CA VAL N 146 -26.36 -1.10 37.67
C VAL N 146 -27.39 0.01 37.75
N MET N 147 -27.14 1.11 37.03
CA MET N 147 -28.04 2.25 37.09
C MET N 147 -29.36 1.99 36.40
N ASP N 148 -29.40 1.03 35.48
CA ASP N 148 -30.68 0.58 34.94
C ASP N 148 -31.42 -0.34 35.89
N ARG N 149 -30.69 -1.17 36.64
CA ARG N 149 -31.33 -2.06 37.60
C ARG N 149 -31.92 -1.28 38.77
N GLY N 150 -31.27 -0.22 39.19
CA GLY N 150 -31.73 0.51 40.37
C GLY N 150 -32.78 1.57 40.11
N TYR N 151 -32.88 2.04 38.87
CA TYR N 151 -33.77 3.16 38.56
C TYR N 151 -35.23 2.75 38.68
N SER N 152 -36.04 3.61 39.30
CA SER N 152 -37.46 3.32 39.48
C SER N 152 -38.38 4.50 39.24
N TYR N 153 -37.85 5.70 38.97
CA TYR N 153 -38.64 6.88 38.62
C TYR N 153 -39.56 7.35 39.75
N ASP N 154 -39.49 6.69 40.90
CA ASP N 154 -40.26 7.10 42.08
C ASP N 154 -39.38 7.19 43.30
N LEU N 155 -38.08 7.41 43.10
CA LEU N 155 -37.12 7.42 44.18
C LEU N 155 -37.21 8.71 44.98
N GLU N 156 -36.57 8.71 46.15
CA GLU N 156 -36.42 9.90 46.96
C GLU N 156 -35.16 10.63 46.54
N VAL N 157 -34.72 11.61 47.33
CA VAL N 157 -33.52 12.36 47.00
C VAL N 157 -32.27 11.62 47.47
N GLU N 158 -32.25 11.23 48.74
CA GLU N 158 -31.09 10.53 49.29
C GLU N 158 -30.88 9.19 48.60
N GLN N 159 -31.97 8.48 48.29
CA GLN N 159 -31.85 7.22 47.57
C GLN N 159 -31.24 7.43 46.20
N ALA N 160 -31.65 8.48 45.50
CA ALA N 160 -31.07 8.76 44.19
C ALA N 160 -29.59 9.11 44.29
N TYR N 161 -29.23 9.90 45.30
CA TYR N 161 -27.82 10.23 45.51
C TYR N 161 -26.99 8.97 45.75
N ASP N 162 -27.50 8.08 46.61
CA ASP N 162 -26.80 6.83 46.90
C ASP N 162 -26.68 5.97 45.66
N LEU N 163 -27.74 5.92 44.85
CA LEU N 163 -27.71 5.14 43.61
C LEU N 163 -26.63 5.67 42.67
N ALA N 164 -26.56 7.00 42.52
CA ALA N 164 -25.55 7.57 41.64
C ALA N 164 -24.14 7.29 42.14
N ARG N 165 -23.93 7.43 43.45
CA ARG N 165 -22.61 7.15 44.01
C ARG N 165 -22.23 5.69 43.79
N ARG N 166 -23.16 4.77 44.05
CA ARG N 166 -22.87 3.36 43.86
C ARG N 166 -22.55 3.05 42.41
N ALA N 167 -23.32 3.63 41.47
CA ALA N 167 -23.10 3.36 40.06
C ALA N 167 -21.71 3.84 39.63
N ILE N 168 -21.34 5.07 40.01
CA ILE N 168 -20.04 5.58 39.62
C ILE N 168 -18.92 4.75 40.24
N TYR N 169 -19.06 4.39 41.51
CA TYR N 169 -17.99 3.63 42.17
C TYR N 169 -17.83 2.25 41.53
N GLN N 170 -18.94 1.55 41.26
CA GLN N 170 -18.83 0.24 40.65
C GLN N 170 -18.32 0.32 39.22
N ALA N 171 -18.61 1.41 38.52
CA ALA N 171 -18.05 1.58 37.18
C ALA N 171 -16.55 1.81 37.23
N THR N 172 -16.09 2.66 38.16
CA THR N 172 -14.67 2.99 38.20
C THR N 172 -13.83 1.91 38.85
N TYR N 173 -14.43 1.01 39.63
CA TYR N 173 -13.66 -0.08 40.21
C TYR N 173 -13.24 -1.09 39.15
N ARG N 174 -14.08 -1.31 38.14
CA ARG N 174 -13.82 -2.33 37.14
C ARG N 174 -13.12 -1.79 35.90
N ASP N 175 -13.30 -0.52 35.58
CA ASP N 175 -12.67 0.08 34.42
C ASP N 175 -11.20 0.38 34.75
N ALA N 176 -10.51 1.06 33.84
CA ALA N 176 -9.12 1.41 34.05
C ALA N 176 -8.80 2.87 33.75
N TYR N 177 -9.79 3.67 33.36
CA TYR N 177 -9.58 5.08 33.07
C TYR N 177 -10.36 6.02 33.98
N SER N 178 -11.55 5.63 34.41
CA SER N 178 -12.33 6.45 35.33
C SER N 178 -11.73 6.38 36.73
N GLY N 179 -12.15 7.33 37.57
CA GLY N 179 -11.73 7.37 38.95
C GLY N 179 -11.43 8.77 39.39
N GLY N 180 -10.71 8.90 40.49
CA GLY N 180 -10.35 10.20 41.04
C GLY N 180 -11.39 10.71 42.03
N ALA N 181 -12.16 11.69 41.61
CA ALA N 181 -13.23 12.25 42.43
C ALA N 181 -14.58 11.97 41.79
N VAL N 182 -15.64 12.19 42.56
CA VAL N 182 -17.01 12.03 42.11
C VAL N 182 -17.75 13.33 42.38
N ASN N 183 -18.26 13.96 41.32
CA ASN N 183 -19.04 15.18 41.43
C ASN N 183 -20.51 14.85 41.19
N LEU N 184 -21.38 15.38 42.04
CA LEU N 184 -22.80 15.09 41.98
C LEU N 184 -23.56 16.41 41.85
N TYR N 185 -24.44 16.50 40.87
CA TYR N 185 -25.13 17.74 40.54
C TYR N 185 -26.64 17.52 40.53
N HIS N 186 -27.36 18.48 41.10
CA HIS N 186 -28.82 18.43 41.17
C HIS N 186 -29.40 19.62 40.41
N VAL N 187 -30.58 19.42 39.83
CA VAL N 187 -31.28 20.45 39.07
C VAL N 187 -32.69 20.59 39.61
N ARG N 188 -33.15 21.83 39.76
CA ARG N 188 -34.48 22.10 40.29
C ARG N 188 -35.01 23.37 39.63
N GLU N 189 -36.08 23.92 40.20
CA GLU N 189 -36.70 25.11 39.64
C GLU N 189 -35.77 26.32 39.70
N ASP N 190 -35.05 26.49 40.80
CA ASP N 190 -34.19 27.63 41.02
C ASP N 190 -32.78 27.42 40.49
N GLY N 191 -32.61 26.56 39.49
CA GLY N 191 -31.30 26.28 38.94
C GLY N 191 -30.60 25.17 39.68
N TRP N 192 -29.43 24.81 39.16
CA TRP N 192 -28.67 23.71 39.72
C TRP N 192 -28.04 24.13 41.04
N ILE N 193 -27.79 23.14 41.90
CA ILE N 193 -27.01 23.31 43.12
C ILE N 193 -26.01 22.18 43.21
N ARG N 194 -24.77 22.51 43.59
CA ARG N 194 -23.76 21.48 43.76
C ARG N 194 -24.05 20.67 45.02
N VAL N 195 -24.06 19.35 44.89
CA VAL N 195 -24.47 18.48 45.99
C VAL N 195 -23.28 18.20 46.89
N SER N 196 -22.25 17.55 46.36
CA SER N 196 -21.08 17.18 47.13
C SER N 196 -20.01 16.65 46.19
N SER N 197 -18.78 16.59 46.71
CA SER N 197 -17.65 15.95 46.04
C SER N 197 -17.04 14.93 46.99
N ASP N 198 -16.52 13.86 46.41
CA ASP N 198 -16.03 12.75 47.22
C ASP N 198 -14.86 12.07 46.53
N ASN N 199 -14.06 11.36 47.33
CA ASN N 199 -12.89 10.64 46.86
C ASN N 199 -13.18 9.15 46.83
N VAL N 200 -12.62 8.47 45.83
CA VAL N 200 -12.92 7.05 45.61
C VAL N 200 -12.51 6.22 46.80
N ALA N 201 -11.38 6.56 47.43
CA ALA N 201 -10.86 5.75 48.54
C ALA N 201 -11.85 5.69 49.70
N ASP N 202 -12.44 6.84 50.05
CA ASP N 202 -13.39 6.87 51.16
C ASP N 202 -14.64 6.06 50.84
N LEU N 203 -15.14 6.16 49.60
CA LEU N 203 -16.30 5.38 49.20
C LEU N 203 -16.00 3.89 49.23
N HIS N 204 -14.81 3.49 48.79
CA HIS N 204 -14.43 2.08 48.85
C HIS N 204 -14.34 1.61 50.29
N GLU N 205 -13.79 2.44 51.17
CA GLU N 205 -13.69 2.07 52.58
C GLU N 205 -15.08 1.91 53.21
N LYS N 206 -15.99 2.83 52.91
CA LYS N 206 -17.31 2.80 53.53
C LYS N 206 -18.25 1.79 52.86
N TYR N 207 -17.94 1.35 51.65
CA TYR N 207 -18.72 0.34 50.95
C TYR N 207 -18.12 -1.06 51.05
N SER N 208 -17.06 -1.22 51.84
CA SER N 208 -16.41 -2.52 51.99
C SER N 208 -17.13 -3.36 53.04
N PHE O 1 9.02 14.70 3.48
CA PHE O 1 8.86 15.90 4.27
C PHE O 1 7.98 15.67 5.49
N SER O 2 8.33 16.32 6.59
CA SER O 2 7.56 16.21 7.83
C SER O 2 7.70 17.50 8.63
N PRO O 3 6.65 18.31 8.71
CA PRO O 3 6.73 19.61 9.39
C PRO O 3 6.70 19.51 10.91
N TYR O 4 7.47 18.58 11.46
CA TYR O 4 7.56 18.40 12.91
C TYR O 4 8.90 17.78 13.24
N VAL O 5 9.45 18.18 14.38
CA VAL O 5 10.70 17.61 14.88
C VAL O 5 10.78 17.92 16.37
N PHE O 6 11.42 17.04 17.12
CA PHE O 6 11.52 17.19 18.55
C PHE O 6 12.75 18.00 18.93
N ASN O 7 12.66 18.68 20.08
CA ASN O 7 13.78 19.45 20.59
C ASN O 7 13.98 19.32 22.10
N GLY O 8 13.21 18.50 22.79
CA GLY O 8 13.43 18.27 24.20
C GLY O 8 13.05 19.47 25.06
N GLY O 9 13.51 19.41 26.31
CA GLY O 9 13.21 20.41 27.31
C GLY O 9 12.44 19.82 28.47
N THR O 10 12.29 20.65 29.50
CA THR O 10 11.59 20.25 30.71
C THR O 10 11.12 21.49 31.44
N ILE O 11 9.86 21.49 31.87
CA ILE O 11 9.27 22.63 32.57
C ILE O 11 8.73 22.14 33.91
N LEU O 12 9.03 22.88 34.97
CA LEU O 12 8.51 22.60 36.30
C LEU O 12 8.01 23.90 36.91
N ALA O 13 6.89 23.83 37.62
CA ALA O 13 6.27 25.02 38.18
C ALA O 13 5.68 24.68 39.54
N ILE O 14 6.09 25.43 40.56
CA ILE O 14 5.55 25.30 41.91
C ILE O 14 4.78 26.58 42.22
N ALA O 15 3.51 26.43 42.59
CA ALA O 15 2.67 27.56 42.98
C ALA O 15 2.45 27.47 44.48
N GLY O 16 3.21 28.26 45.23
CA GLY O 16 3.13 28.23 46.68
C GLY O 16 2.00 29.07 47.24
N GLU O 17 2.29 29.86 48.26
CA GLU O 17 1.28 30.70 48.88
C GLU O 17 1.27 32.11 48.29
N ASP O 18 2.43 32.76 48.24
CA ASP O 18 2.56 34.08 47.61
C ASP O 18 3.80 34.13 46.74
N PHE O 19 4.02 33.09 45.94
CA PHE O 19 5.19 33.03 45.08
C PHE O 19 4.97 31.96 44.03
N ALA O 20 5.28 32.29 42.78
CA ALA O 20 5.26 31.34 41.69
C ALA O 20 6.69 31.11 41.18
N ILE O 21 7.01 29.87 40.87
CA ILE O 21 8.35 29.51 40.42
C ILE O 21 8.23 28.74 39.11
N VAL O 22 8.97 29.16 38.10
CA VAL O 22 9.07 28.45 36.83
C VAL O 22 10.55 28.24 36.53
N ALA O 23 10.93 27.00 36.27
CA ALA O 23 12.31 26.64 35.98
C ALA O 23 12.35 25.68 34.81
N SER O 24 13.49 25.65 34.12
CA SER O 24 13.61 24.82 32.93
C SER O 24 15.08 24.61 32.60
N ASP O 25 15.40 23.39 32.15
CA ASP O 25 16.72 23.12 31.63
C ASP O 25 16.89 23.80 30.27
N THR O 26 18.14 23.85 29.79
CA THR O 26 18.48 24.64 28.62
C THR O 26 19.39 23.81 27.71
N ARG O 27 18.80 23.15 26.72
CA ARG O 27 19.59 22.36 25.76
C ARG O 27 18.75 22.10 24.53
N LEU O 28 19.17 22.63 23.39
CA LEU O 28 18.51 22.38 22.11
C LEU O 28 19.15 21.17 21.46
N SER O 29 18.45 20.03 21.51
CA SER O 29 18.96 18.79 20.94
C SER O 29 17.92 18.20 20.00
N GLU O 30 18.37 17.85 18.79
CA GLU O 30 17.53 17.19 17.81
C GLU O 30 18.29 16.03 17.20
N GLY O 31 17.56 14.97 16.86
CA GLY O 31 18.21 13.77 16.36
C GLY O 31 19.07 13.13 17.42
N PHE O 32 20.39 13.23 17.26
CA PHE O 32 21.33 12.78 18.27
C PHE O 32 22.40 13.79 18.62
N SER O 33 22.47 14.93 17.95
CA SER O 33 23.47 15.94 18.20
C SER O 33 22.92 17.02 19.13
N ILE O 34 23.80 17.94 19.52
CA ILE O 34 23.46 19.08 20.37
C ILE O 34 23.75 20.35 19.58
N HIS O 35 22.77 21.25 19.55
CA HIS O 35 22.92 22.50 18.82
C HIS O 35 23.57 23.60 19.65
N THR O 36 23.13 23.77 20.90
CA THR O 36 23.68 24.80 21.77
C THR O 36 23.47 24.39 23.22
N ARG O 37 23.95 25.22 24.14
CA ARG O 37 23.85 24.94 25.56
C ARG O 37 23.34 26.12 26.38
N ASP O 38 22.80 27.16 25.74
CA ASP O 38 22.28 28.30 26.48
C ASP O 38 20.78 28.43 26.35
N SER O 39 20.25 28.62 25.13
CA SER O 39 18.88 28.38 24.70
C SER O 39 17.84 28.54 25.81
N PRO O 40 17.70 29.73 26.42
CA PRO O 40 16.78 29.85 27.55
C PRO O 40 15.35 29.56 27.15
N LYS O 41 14.62 28.92 28.06
CA LYS O 41 13.23 28.54 27.84
C LYS O 41 12.34 29.11 28.93
N CYS O 42 12.57 30.36 29.31
CA CYS O 42 11.74 31.03 30.31
C CYS O 42 11.70 32.51 29.96
N TYR O 43 10.65 32.93 29.27
CA TYR O 43 10.50 34.30 28.80
C TYR O 43 9.53 35.06 29.70
N LYS O 44 9.82 36.33 29.93
CA LYS O 44 8.96 37.20 30.72
C LYS O 44 7.92 37.87 29.84
N LEU O 45 6.73 38.07 30.40
CA LEU O 45 5.64 38.72 29.70
C LEU O 45 5.27 40.06 30.35
N THR O 46 4.93 40.05 31.62
CA THR O 46 4.63 41.28 32.35
C THR O 46 5.47 41.34 33.62
N ASP O 47 5.17 42.30 34.49
CA ASP O 47 5.91 42.40 35.74
C ASP O 47 5.52 41.31 36.74
N LYS O 48 4.43 40.59 36.50
CA LYS O 48 3.98 39.58 37.45
C LYS O 48 3.46 38.33 36.75
N THR O 49 4.02 37.97 35.61
CA THR O 49 3.59 36.78 34.89
C THR O 49 4.73 36.27 34.02
N VAL O 50 5.05 34.99 34.14
CA VAL O 50 6.14 34.35 33.40
C VAL O 50 5.58 33.17 32.64
N ILE O 51 6.03 32.97 31.41
CA ILE O 51 5.58 31.89 30.56
C ILE O 51 6.74 30.94 30.30
N GLY O 52 6.50 29.64 30.46
CA GLY O 52 7.44 28.61 30.09
C GLY O 52 6.87 27.77 28.96
N CYS O 53 7.66 27.63 27.89
CA CYS O 53 7.19 26.97 26.66
C CYS O 53 8.20 25.92 26.24
N SER O 54 7.83 24.66 26.41
CA SER O 54 8.67 23.54 25.99
C SER O 54 8.27 23.10 24.58
N GLY O 55 8.74 21.92 24.18
CA GLY O 55 8.32 21.33 22.92
C GLY O 55 9.17 21.77 21.74
N PHE O 56 8.59 21.58 20.56
CA PHE O 56 9.28 21.89 19.31
C PHE O 56 9.68 23.37 19.28
N HIS O 57 10.94 23.62 18.96
CA HIS O 57 11.47 24.99 18.99
C HIS O 57 11.35 25.66 17.63
N GLY O 58 10.16 25.61 17.04
CA GLY O 58 9.85 26.40 15.89
C GLY O 58 8.55 27.15 16.08
N ASP O 59 7.74 26.64 17.02
CA ASP O 59 6.52 27.31 17.46
C ASP O 59 6.66 27.90 18.84
N CYS O 60 7.59 27.39 19.66
CA CYS O 60 7.87 28.00 20.95
C CYS O 60 8.29 29.46 20.78
N LEU O 61 8.88 29.79 19.64
CA LEU O 61 9.24 31.17 19.35
C LEU O 61 8.07 31.97 18.77
N THR O 62 7.27 31.34 17.90
CA THR O 62 6.15 32.06 17.28
C THR O 62 5.09 32.44 18.31
N LEU O 63 4.73 31.50 19.18
CA LEU O 63 3.76 31.82 20.23
C LEU O 63 4.29 32.90 21.17
N THR O 64 5.58 32.82 21.52
CA THR O 64 6.15 33.86 22.37
C THR O 64 6.08 35.22 21.70
N LYS O 65 6.35 35.27 20.39
CA LYS O 65 6.35 36.54 19.68
C LYS O 65 4.93 37.04 19.39
N ILE O 66 3.93 36.16 19.43
CA ILE O 66 2.55 36.57 19.19
C ILE O 66 1.88 37.02 20.47
N ILE O 67 2.16 36.35 21.59
CA ILE O 67 1.51 36.67 22.85
C ILE O 67 1.85 38.09 23.29
N GLU O 68 3.13 38.48 23.15
CA GLU O 68 3.50 39.84 23.55
C GLU O 68 2.81 40.88 22.69
N ALA O 69 2.67 40.62 21.38
CA ALA O 69 1.99 41.57 20.52
C ALA O 69 0.52 41.70 20.88
N ARG O 70 -0.15 40.58 21.14
CA ARG O 70 -1.55 40.65 21.53
C ARG O 70 -1.72 41.32 22.89
N LEU O 71 -0.77 41.11 23.80
CA LEU O 71 -0.79 41.78 25.09
C LEU O 71 -0.66 43.29 24.91
N LYS O 72 0.23 43.72 24.02
CA LYS O 72 0.37 45.14 23.74
C LYS O 72 -0.92 45.70 23.15
N MET O 73 -1.56 44.96 22.25
CA MET O 73 -2.83 45.41 21.69
C MET O 73 -3.89 45.57 22.78
N TYR O 74 -3.99 44.60 23.68
CA TYR O 74 -4.97 44.69 24.76
C TYR O 74 -4.67 45.88 25.66
N LYS O 75 -3.40 46.10 26.01
CA LYS O 75 -3.06 47.21 26.87
C LYS O 75 -3.39 48.54 26.22
N HIS O 76 -3.11 48.67 24.93
CA HIS O 76 -3.44 49.92 24.23
C HIS O 76 -4.95 50.11 24.14
N SER O 77 -5.70 49.03 23.93
CA SER O 77 -7.14 49.16 23.75
C SER O 77 -7.83 49.48 25.07
N ASN O 78 -7.73 48.58 26.05
CA ASN O 78 -8.49 48.72 27.28
C ASN O 78 -7.81 49.56 28.35
N ASN O 79 -6.59 50.06 28.08
CA ASN O 79 -5.86 50.91 29.02
C ASN O 79 -5.67 50.22 30.37
N LYS O 80 -5.12 49.01 30.33
CA LYS O 80 -4.84 48.23 31.53
C LYS O 80 -3.75 47.22 31.18
N ALA O 81 -3.54 46.25 32.06
CA ALA O 81 -2.61 45.15 31.81
C ALA O 81 -3.33 43.84 32.09
N MET O 82 -3.14 42.87 31.20
CA MET O 82 -3.77 41.57 31.37
C MET O 82 -3.29 40.90 32.65
N THR O 83 -4.25 40.41 33.44
CA THR O 83 -3.90 39.59 34.60
C THR O 83 -3.66 38.15 34.15
N THR O 84 -3.09 37.36 35.06
CA THR O 84 -2.80 35.97 34.72
C THR O 84 -4.05 35.13 34.53
N GLY O 85 -5.22 35.63 34.90
CA GLY O 85 -6.45 34.88 34.70
C GLY O 85 -7.03 34.99 33.30
N ALA O 86 -6.56 35.94 32.50
CA ALA O 86 -7.04 36.12 31.14
C ALA O 86 -6.09 35.58 30.09
N ILE O 87 -4.78 35.61 30.38
CA ILE O 87 -3.80 35.10 29.43
C ILE O 87 -4.05 33.63 29.14
N ALA O 88 -4.51 32.88 30.14
CA ALA O 88 -4.80 31.46 29.92
C ALA O 88 -5.86 31.29 28.83
N ALA O 89 -6.99 31.99 28.96
CA ALA O 89 -8.05 31.86 27.97
C ALA O 89 -7.61 32.39 26.61
N MET O 90 -6.87 33.49 26.60
CA MET O 90 -6.43 34.06 25.33
C MET O 90 -5.49 33.10 24.59
N LEU O 91 -4.54 32.51 25.32
CA LEU O 91 -3.64 31.54 24.71
C LEU O 91 -4.37 30.28 24.31
N SER O 92 -5.39 29.86 25.07
CA SER O 92 -6.17 28.70 24.68
C SER O 92 -6.90 28.95 23.37
N THR O 93 -7.47 30.16 23.21
CA THR O 93 -8.13 30.49 21.96
C THR O 93 -7.14 30.47 20.79
N ILE O 94 -5.96 31.07 20.98
CA ILE O 94 -4.97 31.08 19.91
C ILE O 94 -4.56 29.65 19.56
N LEU O 95 -4.33 28.81 20.56
CA LEU O 95 -3.92 27.43 20.31
C LEU O 95 -5.00 26.66 19.56
N TYR O 96 -6.27 26.83 19.97
CA TYR O 96 -7.34 26.12 19.31
C TYR O 96 -7.65 26.67 17.93
N SER O 97 -7.16 27.87 17.60
CA SER O 97 -7.41 28.42 16.27
C SER O 97 -6.86 27.53 15.16
N ARG O 98 -5.92 26.64 15.47
CA ARG O 98 -5.35 25.75 14.47
C ARG O 98 -5.50 24.29 14.89
N ARG O 99 -6.71 23.89 15.28
CA ARG O 99 -6.94 22.52 15.72
C ARG O 99 -6.69 21.50 14.60
N PHE O 100 -6.76 21.92 13.35
CA PHE O 100 -6.48 21.04 12.22
C PHE O 100 -5.03 21.11 11.76
N PHE O 101 -4.21 21.91 12.43
CA PHE O 101 -2.77 21.94 12.19
C PHE O 101 -2.09 22.26 13.52
N PRO O 102 -2.12 21.30 14.45
CA PRO O 102 -1.85 21.65 15.86
C PRO O 102 -0.44 22.16 16.09
N TYR O 103 -0.32 23.07 17.05
CA TYR O 103 0.98 23.51 17.51
C TYR O 103 1.62 22.43 18.39
N TYR O 104 2.90 22.19 18.17
CA TYR O 104 3.62 21.17 18.93
C TYR O 104 4.37 21.87 20.06
N VAL O 105 3.62 22.26 21.09
CA VAL O 105 4.17 22.91 22.26
C VAL O 105 3.50 22.38 23.51
N TYR O 106 4.15 22.61 24.65
CA TYR O 106 3.61 22.24 25.97
C TYR O 106 3.89 23.42 26.89
N ASN O 107 2.93 24.34 26.95
CA ASN O 107 3.13 25.61 27.64
C ASN O 107 2.72 25.52 29.11
N ILE O 108 3.39 26.30 29.94
CA ILE O 108 3.11 26.43 31.36
C ILE O 108 3.09 27.90 31.73
N ILE O 109 2.05 28.33 32.43
CA ILE O 109 1.88 29.72 32.83
C ILE O 109 1.94 29.80 34.34
N GLY O 110 2.75 30.72 34.85
CA GLY O 110 2.82 30.96 36.28
C GLY O 110 2.79 32.45 36.56
N GLY O 111 2.16 32.82 37.66
CA GLY O 111 2.05 34.22 38.01
C GLY O 111 1.20 34.41 39.25
N LEU O 112 0.93 35.67 39.54
CA LEU O 112 0.15 36.06 40.71
C LEU O 112 -1.27 36.42 40.30
N ASP O 113 -2.23 36.08 41.16
CA ASP O 113 -3.63 36.38 40.92
C ASP O 113 -3.89 37.85 41.26
N GLU O 114 -5.16 38.24 41.38
CA GLU O 114 -5.47 39.62 41.77
C GLU O 114 -4.89 39.94 43.14
N GLU O 115 -5.06 39.05 44.10
CA GLU O 115 -4.43 39.17 45.40
C GLU O 115 -3.16 38.31 45.43
N GLY O 116 -2.34 38.52 46.45
CA GLY O 116 -1.14 37.72 46.58
C GLY O 116 -1.47 36.26 46.78
N LYS O 117 -1.32 35.47 45.71
CA LYS O 117 -1.68 34.06 45.72
C LYS O 117 -0.92 33.38 44.59
N GLY O 118 -0.48 32.15 44.84
CA GLY O 118 0.15 31.38 43.77
C GLY O 118 -0.87 30.82 42.81
N ALA O 119 -0.45 30.68 41.55
CA ALA O 119 -1.32 30.15 40.52
C ALA O 119 -0.47 29.69 39.34
N VAL O 120 -0.62 28.43 38.97
CA VAL O 120 0.08 27.86 37.83
C VAL O 120 -0.93 27.12 36.96
N TYR O 121 -1.02 27.51 35.70
CA TYR O 121 -1.92 26.87 34.76
C TYR O 121 -1.18 25.77 33.99
N SER O 122 -1.90 25.06 33.13
CA SER O 122 -1.31 23.98 32.35
C SER O 122 -2.16 23.73 31.13
N PHE O 123 -1.50 23.58 29.98
CA PHE O 123 -2.20 23.39 28.71
C PHE O 123 -1.84 22.03 28.10
N ASP O 124 -2.33 21.81 26.89
CA ASP O 124 -2.07 20.63 26.08
C ASP O 124 -1.89 21.10 24.64
N PRO O 125 -1.28 20.28 23.79
CA PRO O 125 -0.98 20.76 22.43
C PRO O 125 -2.20 21.26 21.67
N VAL O 126 -3.34 20.62 21.81
CA VAL O 126 -4.55 21.12 21.15
C VAL O 126 -5.02 22.41 21.82
N GLY O 127 -4.90 22.51 23.13
CA GLY O 127 -5.23 23.71 23.86
C GLY O 127 -6.45 23.58 24.74
N SER O 128 -6.22 23.36 26.04
CA SER O 128 -7.31 23.28 27.01
C SER O 128 -6.71 23.53 28.39
N TYR O 129 -6.99 24.70 28.96
CA TYR O 129 -6.36 25.06 30.21
C TYR O 129 -7.03 24.35 31.38
N GLN O 130 -6.32 24.32 32.51
CA GLN O 130 -6.83 23.72 33.74
C GLN O 130 -5.97 24.20 34.89
N ARG O 131 -6.60 24.75 35.92
CA ARG O 131 -5.86 25.26 37.07
C ARG O 131 -5.22 24.11 37.83
N ASP O 132 -4.03 24.36 38.37
CA ASP O 132 -3.28 23.34 39.10
C ASP O 132 -2.55 24.02 40.25
N SER O 133 -1.72 23.25 40.95
CA SER O 133 -0.99 23.78 42.10
C SER O 133 0.50 23.51 41.98
N PHE O 134 0.87 22.36 41.40
CA PHE O 134 2.28 21.99 41.28
C PHE O 134 2.57 21.32 39.94
N LYS O 135 1.78 21.61 38.93
CA LYS O 135 1.88 20.88 37.67
C LYS O 135 3.20 21.15 36.97
N ALA O 136 3.83 20.10 36.49
CA ALA O 136 5.01 20.17 35.64
C ALA O 136 4.67 19.49 34.30
N GLY O 137 5.68 19.34 33.46
CA GLY O 137 5.47 18.68 32.19
C GLY O 137 6.48 19.16 31.16
N GLY O 138 6.49 18.45 30.04
CA GLY O 138 7.42 18.73 28.97
C GLY O 138 7.90 17.46 28.30
N SER O 139 9.11 17.48 27.75
CA SER O 139 9.65 16.27 27.13
C SER O 139 9.96 15.20 28.16
N ALA O 140 10.83 15.52 29.11
CA ALA O 140 11.21 14.57 30.16
C ALA O 140 10.27 14.67 31.36
N SER O 141 8.97 14.56 31.10
CA SER O 141 7.99 14.55 32.17
C SER O 141 7.85 13.13 32.72
N ALA O 142 6.81 12.90 33.51
CA ALA O 142 6.50 11.59 34.08
C ALA O 142 7.57 11.13 35.06
N MET O 143 8.64 11.91 35.21
CA MET O 143 9.63 11.68 36.23
C MET O 143 9.69 12.81 37.24
N LEU O 144 9.56 14.04 36.76
CA LEU O 144 9.53 15.19 37.65
C LEU O 144 8.30 15.17 38.54
N GLN O 145 7.14 14.84 37.96
CA GLN O 145 5.88 15.01 38.67
C GLN O 145 5.73 14.11 39.89
N PRO O 146 5.98 12.80 39.83
CA PRO O 146 5.68 11.95 40.99
C PRO O 146 6.40 12.36 42.27
N LEU O 147 7.64 12.81 42.18
CA LEU O 147 8.35 13.23 43.37
C LEU O 147 7.67 14.45 43.99
N LEU O 148 7.27 15.41 43.16
CA LEU O 148 6.54 16.57 43.66
C LEU O 148 5.22 16.16 44.30
N ASP O 149 4.53 15.21 43.67
CA ASP O 149 3.31 14.68 44.25
C ASP O 149 3.57 14.09 45.63
N ASN O 150 4.72 13.43 45.79
CA ASN O 150 5.08 12.88 47.10
C ASN O 150 5.36 14.00 48.10
N GLN O 151 6.03 15.06 47.66
CA GLN O 151 6.53 16.09 48.58
C GLN O 151 5.54 17.22 48.82
N VAL O 152 5.12 17.91 47.76
CA VAL O 152 4.35 19.14 47.92
C VAL O 152 3.01 18.83 48.59
N GLY O 153 2.16 18.05 47.93
CA GLY O 153 0.91 17.65 48.51
C GLY O 153 0.99 16.24 49.05
N PHE O 154 1.11 16.10 50.37
CA PHE O 154 1.37 14.80 50.99
C PHE O 154 0.29 13.79 50.61
N LYS O 155 0.67 12.79 49.83
CA LYS O 155 -0.22 11.74 49.38
C LYS O 155 0.34 10.38 49.78
N ASN O 156 -0.56 9.47 50.16
CA ASN O 156 -0.20 8.14 50.62
C ASN O 156 0.74 8.18 51.83
N MET O 157 0.57 9.21 52.66
CA MET O 157 1.29 9.33 53.93
C MET O 157 0.28 9.52 55.04
N GLN O 158 0.52 8.87 56.17
CA GLN O 158 -0.39 8.93 57.31
C GLN O 158 0.39 9.34 58.56
N ASN O 159 -0.35 9.88 59.53
CA ASN O 159 0.21 10.35 60.78
C ASN O 159 1.27 11.43 60.54
N VAL O 160 1.03 12.27 59.54
CA VAL O 160 1.90 13.40 59.23
C VAL O 160 1.04 14.64 59.06
N GLU O 161 1.47 15.75 59.64
CA GLU O 161 0.71 16.98 59.61
C GLU O 161 0.89 17.69 58.26
N HIS O 162 0.26 18.85 58.12
CA HIS O 162 0.33 19.65 56.91
C HIS O 162 0.99 20.98 57.22
N VAL O 163 2.00 21.35 56.44
CA VAL O 163 2.74 22.59 56.63
C VAL O 163 2.76 23.35 55.31
N PRO O 164 2.50 24.65 55.31
CA PRO O 164 2.60 25.43 54.06
C PRO O 164 4.03 25.49 53.56
N LEU O 165 4.17 25.59 52.25
CA LEU O 165 5.49 25.64 51.64
C LEU O 165 6.15 26.98 51.92
N SER O 166 7.39 26.93 52.42
CA SER O 166 8.18 28.13 52.65
C SER O 166 9.11 28.35 51.47
N LEU O 167 9.49 29.61 51.26
CA LEU O 167 10.27 29.97 50.08
C LEU O 167 11.63 29.29 50.10
N ASP O 168 12.25 29.19 51.29
CA ASP O 168 13.54 28.52 51.39
C ASP O 168 13.47 27.07 50.95
N ARG O 169 12.32 26.42 51.15
CA ARG O 169 12.18 25.01 50.78
C ARG O 169 12.02 24.83 49.28
N ALA O 170 11.43 25.80 48.58
CA ALA O 170 11.05 25.60 47.19
C ALA O 170 12.26 25.42 46.28
N MET O 171 13.23 26.35 46.37
CA MET O 171 14.42 26.23 45.54
C MET O 171 15.23 24.99 45.91
N ARG O 172 15.33 24.70 47.21
CA ARG O 172 16.05 23.50 47.65
C ARG O 172 15.42 22.24 47.09
N LEU O 173 14.09 22.21 46.97
CA LEU O 173 13.42 21.07 46.36
C LEU O 173 13.63 21.02 44.85
N VAL O 174 13.50 22.16 44.18
CA VAL O 174 13.57 22.18 42.72
C VAL O 174 14.96 21.77 42.25
N LYS O 175 16.01 22.32 42.89
CA LYS O 175 17.36 21.95 42.51
C LYS O 175 17.60 20.46 42.72
N ASP O 176 17.14 19.92 43.84
CA ASP O 176 17.34 18.50 44.12
C ASP O 176 16.63 17.63 43.08
N VAL O 177 15.39 18.00 42.73
CA VAL O 177 14.63 17.18 41.79
C VAL O 177 15.27 17.20 40.41
N PHE O 178 15.69 18.38 39.96
CA PHE O 178 16.38 18.46 38.67
C PHE O 178 17.69 17.69 38.67
N ILE O 179 18.46 17.78 39.77
CA ILE O 179 19.71 17.03 39.83
C ILE O 179 19.44 15.53 39.76
N SER O 180 18.43 15.08 40.49
CA SER O 180 18.09 13.65 40.48
C SER O 180 17.61 13.19 39.11
N ALA O 181 16.81 14.01 38.44
CA ALA O 181 16.21 13.59 37.18
C ALA O 181 17.08 13.88 35.95
N ALA O 182 18.18 14.60 36.10
CA ALA O 182 19.04 14.87 34.96
C ALA O 182 19.82 13.64 34.51
N GLU O 183 20.22 12.79 35.45
CA GLU O 183 21.08 11.66 35.10
C GLU O 183 20.35 10.66 34.21
N ARG O 184 19.16 10.24 34.62
CA ARG O 184 18.49 9.13 33.95
C ARG O 184 17.82 9.52 32.64
N ASP O 185 17.76 10.80 32.31
CA ASP O 185 17.19 11.24 31.05
C ASP O 185 18.29 11.72 30.12
N VAL O 186 18.01 11.62 28.81
CA VAL O 186 19.01 11.96 27.80
C VAL O 186 18.93 13.43 27.41
N TYR O 187 17.73 13.98 27.25
CA TYR O 187 17.57 15.32 26.70
C TYR O 187 17.82 16.43 27.70
N THR O 188 17.91 16.12 28.99
CA THR O 188 18.07 17.14 30.01
C THR O 188 19.54 17.30 30.41
N GLY O 189 19.81 18.33 31.19
CA GLY O 189 21.13 18.61 31.70
C GLY O 189 21.61 20.00 31.32
N ASP O 190 22.93 20.16 31.22
CA ASP O 190 23.59 21.40 30.83
C ASP O 190 23.30 22.45 31.89
N ALA O 191 22.69 23.58 31.57
CA ALA O 191 22.46 24.65 32.52
C ALA O 191 21.00 24.70 32.94
N LEU O 192 20.76 25.09 34.19
CA LEU O 192 19.43 25.23 34.73
C LEU O 192 19.16 26.69 35.03
N ARG O 193 18.02 27.19 34.57
CA ARG O 193 17.71 28.61 34.58
C ARG O 193 16.39 28.79 35.35
N ILE O 194 16.44 29.51 36.47
CA ILE O 194 15.31 29.60 37.40
C ILE O 194 14.75 31.02 37.39
N CYS O 195 13.41 31.12 37.37
CA CYS O 195 12.73 32.40 37.27
C CYS O 195 11.73 32.62 38.39
N ILE O 196 12.16 32.46 39.64
CA ILE O 196 11.30 32.73 40.79
C ILE O 196 10.78 34.17 40.70
N VAL O 197 9.47 34.33 40.93
CA VAL O 197 8.82 35.62 40.82
C VAL O 197 8.00 35.88 42.07
N THR O 198 8.12 37.09 42.62
CA THR O 198 7.34 37.50 43.79
C THR O 198 6.68 38.84 43.53
N LYS O 199 6.07 39.42 44.57
CA LYS O 199 5.32 40.66 44.43
C LYS O 199 6.21 41.90 44.42
N GLU O 200 7.52 41.75 44.21
CA GLU O 200 8.41 42.89 44.00
C GLU O 200 9.08 42.88 42.65
N GLY O 201 8.86 41.88 41.82
CA GLY O 201 9.42 41.82 40.50
C GLY O 201 9.87 40.42 40.19
N ILE O 202 10.82 40.32 39.25
CA ILE O 202 11.39 39.05 38.84
C ILE O 202 12.88 39.06 39.16
N ARG O 203 13.29 38.12 40.00
CA ARG O 203 14.70 37.86 40.29
C ARG O 203 15.08 36.52 39.68
N GLU O 204 16.25 36.45 39.08
CA GLU O 204 16.61 35.34 38.22
C GLU O 204 17.68 34.47 38.90
N GLU O 205 17.93 33.28 38.36
CA GLU O 205 18.83 32.34 39.03
C GLU O 205 19.34 31.24 38.09
N THR O 206 20.65 30.96 38.14
CA THR O 206 21.28 29.97 37.27
C THR O 206 22.28 29.13 38.05
N VAL O 207 22.20 27.80 37.93
CA VAL O 207 23.11 26.87 38.58
C VAL O 207 23.55 25.79 37.59
N SER O 208 24.66 25.14 37.92
CA SER O 208 25.18 24.04 37.11
C SER O 208 24.35 22.78 37.32
N LEU O 209 24.39 21.90 36.31
CA LEU O 209 23.57 20.68 36.36
C LEU O 209 24.20 19.63 35.43
N ARG O 210 24.91 18.67 36.01
CA ARG O 210 25.49 17.54 35.27
C ARG O 210 26.24 18.03 34.04
N LYS O 211 27.33 18.76 34.31
CA LYS O 211 28.09 19.48 33.29
C LYS O 211 28.36 18.62 32.07
N ASP O 212 27.88 19.08 30.92
CA ASP O 212 28.09 18.38 29.66
C ASP O 212 28.33 19.39 28.54
N MET P 1 18.34 19.57 -8.36
CA MET P 1 18.51 19.36 -6.92
C MET P 1 19.95 19.57 -6.48
N VAL P 2 20.54 20.68 -6.92
CA VAL P 2 21.92 21.00 -6.54
C VAL P 2 21.99 21.19 -5.03
N THR P 3 23.11 20.78 -4.44
CA THR P 3 23.24 20.73 -2.99
C THR P 3 24.61 21.26 -2.59
N GLY P 4 24.66 21.89 -1.41
CA GLY P 4 25.91 22.34 -0.83
C GLY P 4 26.47 21.34 0.17
N THR P 5 27.54 21.76 0.85
CA THR P 5 28.25 20.88 1.78
C THR P 5 28.20 21.38 3.22
N SER P 6 28.71 22.57 3.50
CA SER P 6 28.87 23.03 4.87
C SER P 6 29.26 24.50 4.86
N VAL P 7 28.65 25.27 5.77
CA VAL P 7 28.81 26.72 5.77
C VAL P 7 29.20 27.14 7.20
N LEU P 8 29.95 26.25 7.88
CA LEU P 8 30.37 26.46 9.26
C LEU P 8 31.00 27.82 9.53
N GLY P 9 31.01 28.24 10.78
CA GLY P 9 31.62 29.49 11.16
C GLY P 9 31.82 29.56 12.65
N VAL P 10 32.76 30.40 13.06
CA VAL P 10 33.10 30.58 14.46
C VAL P 10 33.16 32.07 14.77
N LYS P 11 32.82 32.41 16.01
CA LYS P 11 32.94 33.79 16.45
C LYS P 11 34.42 34.14 16.66
N PHE P 12 34.64 35.35 17.17
CA PHE P 12 35.96 35.98 17.05
C PHE P 12 36.04 37.27 17.84
N GLU P 13 37.26 37.67 18.22
CA GLU P 13 37.47 38.93 18.93
C GLU P 13 37.33 40.07 17.93
N GLY P 14 36.16 40.70 17.90
CA GLY P 14 35.90 41.77 16.95
C GLY P 14 35.88 41.29 15.52
N GLY P 15 34.87 40.50 15.16
CA GLY P 15 34.75 39.98 13.81
C GLY P 15 34.16 38.58 13.77
N VAL P 16 33.87 38.09 12.57
CA VAL P 16 33.38 36.73 12.36
C VAL P 16 34.00 36.21 11.07
N VAL P 17 34.26 34.91 11.01
CA VAL P 17 34.83 34.27 9.83
C VAL P 17 33.90 33.14 9.39
N ILE P 18 33.63 33.11 8.08
CA ILE P 18 32.74 32.12 7.49
C ILE P 18 33.47 31.48 6.30
N ALA P 19 33.35 30.16 6.18
CA ALA P 19 33.98 29.41 5.11
C ALA P 19 32.95 28.50 4.45
N ALA P 20 33.14 28.23 3.16
CA ALA P 20 32.23 27.39 2.42
C ALA P 20 32.95 26.82 1.20
N ASP P 21 32.39 25.74 0.66
CA ASP P 21 32.98 25.03 -0.46
C ASP P 21 32.30 25.44 -1.75
N MET P 22 33.09 25.73 -2.78
CA MET P 22 32.58 26.12 -4.08
C MET P 22 32.27 24.86 -4.90
N LEU P 23 31.18 24.20 -4.52
CA LEU P 23 30.79 22.94 -5.15
C LEU P 23 29.30 22.92 -5.41
N GLY P 24 28.91 22.17 -6.43
CA GLY P 24 27.51 21.88 -6.69
C GLY P 24 27.34 20.44 -7.11
N SER P 25 26.54 19.68 -6.37
CA SER P 25 26.40 18.25 -6.58
C SER P 25 25.02 17.93 -7.13
N TYR P 26 24.99 17.22 -8.24
CA TYR P 26 23.72 16.77 -8.85
C TYR P 26 23.38 15.36 -8.35
N GLY P 27 23.13 15.28 -7.04
CA GLY P 27 22.87 14.00 -6.41
C GLY P 27 24.14 13.30 -5.99
N SER P 28 24.89 12.79 -6.96
CA SER P 28 26.21 12.21 -6.72
C SER P 28 27.27 12.79 -7.63
N LEU P 29 26.93 13.10 -8.87
CA LEU P 29 27.87 13.69 -9.80
C LEU P 29 28.23 15.11 -9.39
N ALA P 30 29.43 15.55 -9.75
CA ALA P 30 29.88 16.91 -9.48
C ALA P 30 29.66 17.75 -10.73
N ARG P 31 28.45 18.32 -10.84
CA ARG P 31 28.07 19.00 -12.07
C ARG P 31 28.79 20.33 -12.24
N PHE P 32 28.87 21.13 -11.19
CA PHE P 32 29.45 22.46 -11.26
C PHE P 32 30.59 22.57 -10.26
N ARG P 33 31.61 23.36 -10.63
CA ARG P 33 32.82 23.41 -9.82
C ARG P 33 33.39 24.82 -9.66
N ASN P 34 32.57 25.86 -9.88
CA ASN P 34 33.05 27.23 -9.67
C ASN P 34 32.02 28.15 -9.03
N ILE P 35 30.84 27.65 -8.63
CA ILE P 35 29.81 28.50 -8.09
C ILE P 35 30.22 29.00 -6.71
N SER P 36 29.74 30.19 -6.34
CA SER P 36 30.06 30.82 -5.07
C SER P 36 28.88 30.71 -4.11
N ARG P 37 29.18 30.83 -2.81
CA ARG P 37 28.17 30.65 -1.80
C ARG P 37 28.26 31.68 -0.67
N ILE P 38 28.90 32.82 -0.89
CA ILE P 38 29.07 33.85 0.13
C ILE P 38 28.54 35.17 -0.44
N MET P 39 27.91 35.96 0.43
CA MET P 39 27.24 37.18 0.02
C MET P 39 27.77 38.37 0.82
N ARG P 40 27.47 39.56 0.32
CA ARG P 40 27.95 40.83 0.85
C ARG P 40 26.80 41.82 0.97
N VAL P 41 25.72 41.40 1.63
CA VAL P 41 24.45 42.11 1.59
C VAL P 41 24.62 43.61 1.89
N ASN P 42 25.47 43.95 2.85
CA ASN P 42 25.72 45.36 3.12
C ASN P 42 27.15 45.53 3.62
N ASN P 43 27.44 46.67 4.24
CA ASN P 43 28.78 47.00 4.66
C ASN P 43 29.15 46.41 6.02
N SER P 44 28.22 45.76 6.71
CA SER P 44 28.54 45.20 8.02
C SER P 44 27.96 43.81 8.26
N THR P 45 27.31 43.20 7.27
CA THR P 45 26.75 41.88 7.43
C THR P 45 27.05 41.04 6.19
N MET P 46 27.40 39.78 6.40
CA MET P 46 27.67 38.84 5.33
C MET P 46 26.72 37.64 5.47
N LEU P 47 26.88 36.64 4.61
CA LEU P 47 25.90 35.59 4.52
C LEU P 47 26.52 34.33 3.94
N GLY P 48 25.95 33.19 4.31
CA GLY P 48 26.33 31.92 3.71
C GLY P 48 25.19 30.94 3.84
N ALA P 49 25.09 30.03 2.87
CA ALA P 49 23.95 29.13 2.81
C ALA P 49 24.36 27.80 2.20
N SER P 50 23.56 26.77 2.50
CA SER P 50 23.81 25.42 2.01
C SER P 50 22.50 24.86 1.47
N GLY P 51 22.47 23.56 1.26
CA GLY P 51 21.26 22.94 0.72
C GLY P 51 21.07 23.29 -0.74
N ASP P 52 19.82 23.54 -1.13
CA ASP P 52 19.50 23.86 -2.50
C ASP P 52 20.14 25.19 -2.91
N TYR P 53 20.34 25.35 -4.21
CA TYR P 53 21.01 26.55 -4.73
C TYR P 53 20.05 27.55 -5.36
N ALA P 54 18.98 27.09 -6.02
CA ALA P 54 18.03 28.01 -6.62
C ALA P 54 17.36 28.88 -5.55
N ASP P 55 16.98 28.26 -4.43
CA ASP P 55 16.38 29.05 -3.35
C ASP P 55 17.39 30.03 -2.79
N PHE P 56 18.66 29.65 -2.74
CA PHE P 56 19.69 30.59 -2.31
C PHE P 56 19.77 31.78 -3.26
N GLN P 57 19.70 31.54 -4.56
CA GLN P 57 19.64 32.64 -5.53
C GLN P 57 18.44 33.54 -5.26
N TYR P 58 17.28 32.93 -5.00
CA TYR P 58 16.06 33.72 -4.85
C TYR P 58 16.14 34.62 -3.62
N LEU P 59 16.57 34.07 -2.48
CA LEU P 59 16.74 34.89 -1.29
C LEU P 59 17.86 35.90 -1.46
N LYS P 60 18.91 35.55 -2.24
CA LYS P 60 19.93 36.54 -2.54
C LYS P 60 19.33 37.76 -3.22
N GLN P 61 18.54 37.52 -4.28
CA GLN P 61 17.91 38.63 -4.98
C GLN P 61 17.01 39.44 -4.06
N VAL P 62 16.17 38.75 -3.29
CA VAL P 62 15.19 39.45 -2.46
C VAL P 62 15.89 40.30 -1.40
N LEU P 63 16.88 39.71 -0.71
CA LEU P 63 17.52 40.43 0.38
C LEU P 63 18.40 41.56 -0.13
N GLY P 64 19.11 41.34 -1.25
CA GLY P 64 19.85 42.43 -1.85
C GLY P 64 18.95 43.58 -2.26
N GLN P 65 17.77 43.25 -2.80
CA GLN P 65 16.81 44.29 -3.17
C GLN P 65 16.35 45.07 -1.95
N MET P 66 16.04 44.37 -0.87
CA MET P 66 15.58 45.05 0.34
C MET P 66 16.65 45.99 0.89
N VAL P 67 17.90 45.50 0.97
CA VAL P 67 18.95 46.31 1.55
C VAL P 67 19.29 47.50 0.65
N ILE P 68 19.26 47.31 -0.67
CA ILE P 68 19.55 48.42 -1.57
C ILE P 68 18.45 49.46 -1.51
N ASP P 69 17.20 49.02 -1.36
CA ASP P 69 16.11 49.98 -1.20
C ASP P 69 16.27 50.78 0.09
N GLU P 70 16.59 50.10 1.19
CA GLU P 70 16.76 50.81 2.46
C GLU P 70 17.90 51.81 2.39
N GLU P 71 19.02 51.42 1.78
CA GLU P 71 20.13 52.35 1.63
C GLU P 71 19.77 53.52 0.73
N LEU P 72 19.01 53.24 -0.34
CA LEU P 72 18.66 54.29 -1.29
C LEU P 72 17.72 55.32 -0.68
N LEU P 73 16.85 54.88 0.24
CA LEU P 73 15.93 55.83 0.89
C LEU P 73 16.70 56.97 1.55
N GLY P 74 17.52 56.65 2.54
CA GLY P 74 18.42 57.62 3.13
C GLY P 74 17.90 58.20 4.42
N ASP P 75 18.33 57.64 5.55
CA ASP P 75 17.96 58.16 6.86
C ASP P 75 19.07 58.08 7.89
N GLY P 76 20.27 57.64 7.52
CA GLY P 76 21.29 57.39 8.51
C GLY P 76 21.09 56.14 9.32
N HIS P 77 20.25 55.22 8.84
CA HIS P 77 20.00 53.96 9.52
C HIS P 77 20.21 52.80 8.55
N SER P 78 20.67 51.67 9.09
CA SER P 78 20.87 50.48 8.29
C SER P 78 20.17 49.29 8.93
N TYR P 79 20.41 48.09 8.40
CA TYR P 79 19.84 46.86 8.95
C TYR P 79 20.90 46.18 9.82
N SER P 80 20.67 46.17 11.13
CA SER P 80 21.51 45.41 12.02
C SER P 80 21.31 43.91 11.76
N PRO P 81 22.35 43.10 11.98
CA PRO P 81 22.23 41.67 11.65
C PRO P 81 21.10 40.96 12.36
N ARG P 82 20.73 41.43 13.56
CA ARG P 82 19.62 40.81 14.28
C ARG P 82 18.32 40.93 13.50
N ALA P 83 18.08 42.10 12.89
CA ALA P 83 16.87 42.28 12.11
C ALA P 83 16.84 41.36 10.90
N ILE P 84 17.98 41.22 10.21
CA ILE P 84 18.03 40.35 9.05
C ILE P 84 17.78 38.90 9.47
N HIS P 85 18.37 38.49 10.59
CA HIS P 85 18.15 37.14 11.10
C HIS P 85 16.67 36.91 11.41
N SER P 86 16.02 37.89 12.06
CA SER P 86 14.61 37.75 12.37
C SER P 86 13.77 37.67 11.09
N TRP P 87 14.11 38.49 10.10
CA TRP P 87 13.36 38.45 8.84
C TRP P 87 13.49 37.10 8.16
N LEU P 88 14.71 36.54 8.11
CA LEU P 88 14.89 35.22 7.52
C LEU P 88 14.12 34.17 8.28
N THR P 89 14.15 34.22 9.62
CA THR P 89 13.41 33.26 10.41
C THR P 89 11.92 33.32 10.10
N ARG P 90 11.36 34.53 10.03
CA ARG P 90 9.94 34.68 9.75
C ARG P 90 9.60 34.17 8.36
N ALA P 91 10.43 34.50 7.36
CA ALA P 91 10.17 34.04 6.01
C ALA P 91 10.18 32.51 5.94
N MET P 92 11.19 31.89 6.56
CA MET P 92 11.28 30.44 6.53
C MET P 92 10.09 29.79 7.23
N TYR P 93 9.69 30.32 8.39
CA TYR P 93 8.56 29.73 9.09
C TYR P 93 7.27 29.88 8.30
N SER P 94 7.04 31.06 7.71
CA SER P 94 5.84 31.27 6.93
C SER P 94 5.80 30.34 5.73
N ARG P 95 6.95 30.14 5.07
CA ARG P 95 6.99 29.20 3.96
C ARG P 95 6.74 27.77 4.41
N ARG P 96 7.26 27.42 5.60
CA ARG P 96 7.02 26.07 6.12
C ARG P 96 5.54 25.83 6.39
N SER P 97 4.86 26.81 6.97
CA SER P 97 3.45 26.63 7.32
C SER P 97 2.54 26.53 6.11
N LYS P 98 3.03 26.85 4.91
CA LYS P 98 2.22 26.85 3.71
C LYS P 98 2.42 25.59 2.87
N MET P 99 3.18 24.62 3.36
CA MET P 99 3.52 23.40 2.61
C MET P 99 4.23 23.74 1.31
N ASN P 100 5.27 24.58 1.41
CA ASN P 100 6.16 24.88 0.28
C ASN P 100 7.51 25.25 0.85
N PRO P 101 8.23 24.29 1.42
CA PRO P 101 9.47 24.61 2.13
C PRO P 101 10.61 24.95 1.20
N LEU P 102 11.52 25.78 1.70
CA LEU P 102 12.75 26.12 1.01
C LEU P 102 13.86 25.26 1.58
N TRP P 103 14.33 24.30 0.81
CA TRP P 103 15.34 23.34 1.27
C TRP P 103 16.67 24.07 1.37
N ASN P 104 16.85 24.77 2.49
CA ASN P 104 18.02 25.61 2.65
C ASN P 104 18.39 25.70 4.12
N THR P 105 19.64 26.08 4.37
CA THR P 105 20.17 26.22 5.72
C THR P 105 21.28 27.24 5.66
N MET P 106 21.14 28.33 6.40
CA MET P 106 21.97 29.52 6.21
C MET P 106 22.67 29.90 7.51
N VAL P 107 23.70 30.73 7.38
CA VAL P 107 24.42 31.30 8.50
C VAL P 107 24.52 32.80 8.29
N ILE P 108 24.17 33.57 9.32
CA ILE P 108 24.22 35.03 9.26
C ILE P 108 25.23 35.51 10.29
N GLY P 109 26.25 36.22 9.84
CA GLY P 109 27.26 36.75 10.73
C GLY P 109 27.51 38.22 10.45
N GLY P 110 27.89 38.93 11.51
CA GLY P 110 28.12 40.37 11.38
C GLY P 110 28.72 40.92 12.64
N TYR P 111 29.09 42.20 12.57
CA TYR P 111 29.74 42.91 13.68
C TYR P 111 29.23 44.35 13.68
N ALA P 112 28.29 44.64 14.58
CA ALA P 112 27.74 45.98 14.71
C ALA P 112 27.72 46.39 16.17
N ASP P 113 27.92 47.69 16.41
CA ASP P 113 27.92 48.26 17.75
C ASP P 113 28.97 47.59 18.64
N GLY P 114 30.13 47.28 18.07
CA GLY P 114 31.22 46.71 18.84
C GLY P 114 30.93 45.35 19.43
N GLU P 115 30.16 44.51 18.74
CA GLU P 115 29.88 43.16 19.20
C GLU P 115 29.58 42.28 18.00
N SER P 116 29.78 40.97 18.18
CA SER P 116 29.62 40.01 17.11
C SER P 116 28.29 39.27 17.22
N PHE P 117 27.76 38.86 16.07
CA PHE P 117 26.51 38.13 16.01
C PHE P 117 26.65 36.98 15.02
N LEU P 118 26.04 35.84 15.36
CA LEU P 118 26.08 34.66 14.50
C LEU P 118 24.86 33.82 14.83
N GLY P 119 24.14 33.36 13.79
CA GLY P 119 22.88 32.70 13.99
C GLY P 119 22.69 31.51 13.05
N TYR P 120 21.62 30.76 13.34
CA TYR P 120 21.26 29.56 12.59
C TYR P 120 19.78 29.67 12.25
N VAL P 121 19.43 29.38 10.99
CA VAL P 121 18.09 29.67 10.50
C VAL P 121 17.43 28.45 9.84
N ASP P 122 17.71 27.25 10.35
CA ASP P 122 17.25 25.99 9.76
C ASP P 122 15.81 26.03 9.28
N MET P 123 15.53 25.34 8.18
CA MET P 123 14.28 25.52 7.43
C MET P 123 13.04 25.21 8.26
N LEU P 124 13.16 24.42 9.31
CA LEU P 124 11.99 24.07 10.13
C LEU P 124 11.63 25.15 11.13
N GLY P 125 12.26 26.32 11.04
CA GLY P 125 11.94 27.42 11.94
C GLY P 125 12.76 27.41 13.21
N VAL P 126 14.03 27.06 13.10
CA VAL P 126 14.94 26.98 14.24
C VAL P 126 15.87 28.18 14.20
N ALA P 127 16.02 28.86 15.34
CA ALA P 127 16.83 30.06 15.39
C ALA P 127 17.47 30.19 16.76
N TYR P 128 18.75 30.57 16.78
CA TYR P 128 19.51 30.76 18.00
C TYR P 128 20.86 31.36 17.63
N GLU P 129 21.66 31.65 18.65
CA GLU P 129 23.03 32.13 18.47
C GLU P 129 23.98 31.26 19.28
N ALA P 130 25.23 31.21 18.84
CA ALA P 130 26.22 30.35 19.49
C ALA P 130 27.60 30.89 19.16
N PRO P 131 28.60 30.61 19.99
CA PRO P 131 29.97 31.01 19.65
C PRO P 131 30.53 30.32 18.42
N SER P 132 29.99 29.16 18.04
CA SER P 132 30.44 28.45 16.86
C SER P 132 29.26 27.78 16.20
N LEU P 133 29.43 27.39 14.93
CA LEU P 133 28.32 26.82 14.20
C LEU P 133 28.85 25.98 13.04
N ALA P 134 28.00 25.04 12.61
CA ALA P 134 28.26 24.23 11.43
C ALA P 134 26.93 23.91 10.78
N THR P 135 26.98 23.56 9.50
CA THR P 135 25.77 23.33 8.71
C THR P 135 25.85 21.99 7.99
N GLY P 136 24.68 21.47 7.66
CA GLY P 136 24.60 20.24 6.88
C GLY P 136 25.26 19.09 7.60
N TYR P 137 26.12 18.38 6.88
CA TYR P 137 26.80 17.21 7.43
C TYR P 137 27.98 17.58 8.32
N GLY P 138 28.36 18.86 8.36
CA GLY P 138 29.42 19.30 9.25
C GLY P 138 29.04 19.40 10.70
N ALA P 139 27.76 19.22 11.03
CA ALA P 139 27.31 19.32 12.41
C ALA P 139 27.86 18.21 13.29
N TYR P 140 28.41 17.15 12.70
CA TYR P 140 28.99 16.05 13.46
C TYR P 140 30.51 16.07 13.46
N LEU P 141 31.13 16.49 12.36
CA LEU P 141 32.59 16.51 12.24
C LEU P 141 33.19 17.87 12.52
N ALA P 142 32.60 18.94 12.00
CA ALA P 142 33.19 20.26 12.13
C ALA P 142 33.02 20.81 13.54
N GLN P 143 31.87 20.57 14.16
CA GLN P 143 31.57 21.16 15.46
C GLN P 143 32.54 20.75 16.57
N PRO P 144 32.85 19.47 16.79
CA PRO P 144 33.55 19.10 18.03
C PRO P 144 34.87 19.81 18.25
N LEU P 145 35.69 19.99 17.21
CA LEU P 145 36.97 20.67 17.39
C LEU P 145 36.76 22.11 17.85
N LEU P 146 35.86 22.82 17.17
CA LEU P 146 35.58 24.20 17.54
C LEU P 146 35.03 24.31 18.94
N ARG P 147 34.12 23.41 19.32
CA ARG P 147 33.56 23.42 20.65
C ARG P 147 34.64 23.18 21.70
N GLU P 148 35.52 22.20 21.45
CA GLU P 148 36.58 21.90 22.41
C GLU P 148 37.52 23.09 22.59
N VAL P 149 37.96 23.68 21.47
CA VAL P 149 38.89 24.82 21.57
C VAL P 149 38.21 26.00 22.23
N LEU P 150 36.93 26.22 21.95
CA LEU P 150 36.23 27.35 22.56
C LEU P 150 36.02 27.13 24.06
N GLU P 151 35.73 25.90 24.47
CA GLU P 151 35.59 25.62 25.89
C GLU P 151 36.92 25.78 26.62
N LYS P 152 38.01 25.35 26.00
CA LYS P 152 39.32 25.56 26.60
C LYS P 152 39.66 27.05 26.66
N GLN P 153 39.39 27.78 25.58
CA GLN P 153 39.66 29.22 25.52
C GLN P 153 38.46 29.95 24.91
N PRO P 154 37.78 30.80 25.67
CA PRO P 154 36.57 31.45 25.14
C PRO P 154 36.83 32.65 24.23
N VAL P 155 38.06 33.16 24.20
CA VAL P 155 38.41 34.32 23.37
C VAL P 155 39.67 33.99 22.58
N LEU P 156 39.71 34.43 21.32
CA LEU P 156 40.82 34.09 20.43
C LEU P 156 41.35 35.32 19.71
N SER P 157 42.27 35.09 18.77
CA SER P 157 42.79 36.12 17.88
C SER P 157 42.66 35.63 16.44
N GLN P 158 43.19 36.43 15.50
CA GLN P 158 42.95 36.14 14.09
C GLN P 158 43.75 34.94 13.60
N THR P 159 45.00 34.82 14.05
CA THR P 159 45.86 33.74 13.55
C THR P 159 45.30 32.38 13.90
N GLU P 160 44.99 32.15 15.18
CA GLU P 160 44.52 30.83 15.58
C GLU P 160 43.13 30.52 15.04
N ALA P 161 42.28 31.54 14.89
CA ALA P 161 40.97 31.31 14.28
C ALA P 161 41.12 30.87 12.83
N ARG P 162 41.98 31.55 12.07
CA ARG P 162 42.21 31.18 10.69
C ARG P 162 42.78 29.77 10.58
N ASP P 163 43.75 29.44 11.44
CA ASP P 163 44.32 28.10 11.42
C ASP P 163 43.31 27.04 11.83
N LEU P 164 42.41 27.37 12.76
CA LEU P 164 41.36 26.43 13.16
C LEU P 164 40.44 26.14 11.99
N VAL P 165 40.03 27.18 11.26
CA VAL P 165 39.18 26.97 10.09
C VAL P 165 39.94 26.15 9.04
N GLU P 166 41.24 26.40 8.88
CA GLU P 166 42.04 25.63 7.94
C GLU P 166 42.06 24.16 8.31
N ARG P 167 42.27 23.86 9.59
CA ARG P 167 42.28 22.48 10.05
C ARG P 167 40.92 21.81 9.83
N CYS P 168 39.85 22.56 10.08
CA CYS P 168 38.52 22.00 9.87
C CYS P 168 38.27 21.68 8.39
N MET P 169 38.71 22.57 7.49
CA MET P 169 38.65 22.25 6.06
C MET P 169 39.46 21.01 5.74
N ARG P 170 40.63 20.88 6.34
CA ARG P 170 41.47 19.70 6.08
C ARG P 170 40.73 18.42 6.44
N VAL P 171 40.18 18.36 7.66
CA VAL P 171 39.51 17.13 8.07
C VAL P 171 38.25 16.88 7.26
N LEU P 172 37.48 17.95 6.98
CA LEU P 172 36.24 17.75 6.23
C LEU P 172 36.52 17.28 4.80
N TYR P 173 37.55 17.82 4.16
CA TYR P 173 37.93 17.33 2.84
C TYR P 173 38.41 15.89 2.94
N TYR P 174 39.09 15.54 4.03
CA TYR P 174 39.53 14.15 4.21
C TYR P 174 38.35 13.20 4.21
N ARG P 175 37.30 13.52 4.97
CA ARG P 175 36.30 12.52 5.31
C ARG P 175 34.87 12.99 5.01
N ASP P 176 34.64 13.51 3.82
CA ASP P 176 33.29 13.80 3.36
C ASP P 176 33.13 13.37 1.92
N ALA P 177 31.90 12.95 1.57
CA ALA P 177 31.64 12.49 0.21
C ALA P 177 31.58 13.65 -0.76
N ARG P 178 30.94 14.76 -0.37
CA ARG P 178 30.80 15.94 -1.22
C ARG P 178 31.73 17.02 -0.69
N SER P 179 32.82 17.27 -1.40
CA SER P 179 33.78 18.29 -1.01
C SER P 179 34.65 18.64 -2.20
N TYR P 180 35.39 19.74 -2.07
CA TYR P 180 36.28 20.19 -3.12
C TYR P 180 37.57 20.68 -2.49
N ASN P 181 38.64 20.67 -3.28
CA ASN P 181 39.95 21.11 -2.78
C ASN P 181 39.92 22.61 -2.44
N ARG P 182 39.25 23.41 -3.24
CA ARG P 182 39.19 24.84 -3.03
C ARG P 182 38.00 25.22 -2.17
N PHE P 183 38.13 26.37 -1.50
CA PHE P 183 37.06 26.87 -0.63
C PHE P 183 37.26 28.36 -0.41
N GLN P 184 36.16 29.03 -0.11
CA GLN P 184 36.15 30.47 0.10
C GLN P 184 36.12 30.82 1.57
N THR P 185 36.49 32.06 1.87
CA THR P 185 36.44 32.58 3.24
C THR P 185 36.25 34.09 3.16
N ALA P 186 35.73 34.66 4.25
CA ALA P 186 35.48 36.10 4.30
C ALA P 186 35.32 36.54 5.74
N THR P 187 36.14 37.50 6.15
CA THR P 187 36.05 38.10 7.48
C THR P 187 35.14 39.33 7.43
N VAL P 188 34.61 39.69 8.60
CA VAL P 188 33.63 40.77 8.67
C VAL P 188 34.07 41.81 9.70
N THR P 189 35.38 41.98 9.86
CA THR P 189 35.92 42.95 10.80
C THR P 189 35.42 44.37 10.45
N GLU P 190 35.64 45.29 11.39
CA GLU P 190 34.99 46.60 11.30
C GLU P 190 35.49 47.42 10.11
N LYS P 191 36.58 47.02 9.47
CA LYS P 191 36.98 47.68 8.22
C LYS P 191 35.93 47.48 7.14
N GLY P 192 35.37 46.27 7.06
CA GLY P 192 34.36 45.97 6.05
C GLY P 192 34.21 44.47 5.89
N VAL P 193 33.74 44.08 4.72
CA VAL P 193 33.59 42.68 4.36
C VAL P 193 34.57 42.37 3.24
N GLU P 194 35.46 41.42 3.48
CA GLU P 194 36.53 41.09 2.54
C GLU P 194 36.41 39.63 2.14
N ILE P 195 35.82 39.39 0.97
CA ILE P 195 35.70 38.03 0.44
C ILE P 195 37.04 37.61 -0.12
N GLU P 196 37.52 36.43 0.30
CA GLU P 196 38.81 35.91 -0.12
C GLU P 196 38.63 34.51 -0.71
N GLY P 197 39.37 34.23 -1.78
CA GLY P 197 39.34 32.95 -2.41
C GLY P 197 39.83 33.00 -3.84
N PRO P 198 40.08 31.83 -4.45
CA PRO P 198 40.00 30.51 -3.81
C PRO P 198 41.22 30.17 -2.98
N LEU P 199 41.10 29.18 -2.10
CA LEU P 199 42.19 28.70 -1.28
C LEU P 199 42.51 27.26 -1.65
N SER P 200 43.44 26.66 -0.92
CA SER P 200 43.88 25.30 -1.18
C SER P 200 44.18 24.61 0.14
N THR P 201 44.20 23.28 0.11
CA THR P 201 44.42 22.46 1.30
C THR P 201 45.44 21.39 0.97
N GLU P 202 46.66 21.54 1.51
CA GLU P 202 47.69 20.53 1.34
C GLU P 202 47.41 19.36 2.27
N THR P 203 47.46 18.15 1.71
CA THR P 203 47.10 16.93 2.43
C THR P 203 48.29 15.99 2.51
N ASN P 204 48.13 14.91 3.28
CA ASN P 204 49.15 13.89 3.43
C ASN P 204 48.46 12.52 3.52
N TRP P 205 48.84 11.62 2.63
CA TRP P 205 48.32 10.26 2.60
C TRP P 205 49.43 9.25 2.90
N ASP P 206 50.32 9.60 3.83
CA ASP P 206 51.48 8.77 4.13
C ASP P 206 51.12 7.47 4.82
N ILE P 207 49.88 7.30 5.28
CA ILE P 207 49.49 6.09 5.98
C ILE P 207 48.85 5.12 4.99
N ALA P 208 49.11 5.33 3.71
CA ALA P 208 48.60 4.45 2.68
C ALA P 208 49.55 3.27 2.47
N THR Q 1 19.80 12.30 -26.81
CA THR Q 1 19.36 13.62 -26.36
C THR Q 1 20.54 14.42 -25.82
N THR Q 2 21.74 14.14 -26.33
CA THR Q 2 22.94 14.80 -25.84
C THR Q 2 23.01 16.22 -26.39
N ILE Q 3 23.22 17.18 -25.49
CA ILE Q 3 23.30 18.60 -25.84
C ILE Q 3 24.57 19.16 -25.22
N MET Q 4 25.33 19.93 -26.00
CA MET Q 4 26.52 20.56 -25.45
C MET Q 4 26.82 21.84 -26.22
N ALA Q 5 27.50 22.76 -25.52
CA ALA Q 5 27.91 24.04 -26.09
C ALA Q 5 29.35 24.32 -25.69
N VAL Q 6 30.07 25.02 -26.56
CA VAL Q 6 31.46 25.40 -26.31
C VAL Q 6 31.65 26.85 -26.76
N GLN Q 7 32.41 27.61 -25.97
CA GLN Q 7 32.67 29.01 -26.25
C GLN Q 7 34.11 29.18 -26.74
N PHE Q 8 34.28 29.96 -27.81
CA PHE Q 8 35.60 30.34 -28.29
C PHE Q 8 35.63 31.85 -28.47
N ASP Q 9 36.75 32.36 -28.99
CA ASP Q 9 36.94 33.80 -29.14
C ASP Q 9 36.17 34.30 -30.35
N GLY Q 10 35.23 35.21 -30.12
CA GLY Q 10 34.46 35.82 -31.19
C GLY Q 10 33.15 35.13 -31.50
N GLY Q 11 32.87 33.99 -30.87
CA GLY Q 11 31.62 33.29 -31.14
C GLY Q 11 31.59 31.98 -30.38
N VAL Q 12 30.47 31.27 -30.54
CA VAL Q 12 30.28 29.97 -29.90
C VAL Q 12 29.75 28.98 -30.93
N VAL Q 13 29.90 27.70 -30.62
CA VAL Q 13 29.34 26.64 -31.42
C VAL Q 13 28.23 25.95 -30.62
N LEU Q 14 27.47 25.10 -31.29
CA LEU Q 14 26.32 24.47 -30.67
C LEU Q 14 25.94 23.24 -31.47
N GLY Q 15 25.82 22.11 -30.78
CA GLY Q 15 25.48 20.86 -31.41
C GLY Q 15 24.32 20.18 -30.71
N ALA Q 16 23.83 19.11 -31.32
CA ALA Q 16 22.68 18.37 -30.80
C ALA Q 16 22.59 17.05 -31.56
N ASP Q 17 21.63 16.23 -31.16
CA ASP Q 17 21.35 14.97 -31.81
C ASP Q 17 19.85 14.81 -31.99
N SER Q 18 19.45 14.25 -33.14
CA SER Q 18 18.04 14.10 -33.49
C SER Q 18 17.64 12.64 -33.34
N ARG Q 19 17.28 12.24 -32.13
CA ARG Q 19 16.72 10.92 -31.89
C ARG Q 19 15.64 10.97 -30.82
N THR Q 20 14.73 11.94 -30.92
CA THR Q 20 13.62 12.00 -29.99
C THR Q 20 12.81 10.70 -30.06
N THR Q 21 12.49 10.14 -28.90
CA THR Q 21 11.91 8.81 -28.82
C THR Q 21 10.76 8.83 -27.82
N THR Q 22 10.21 7.63 -27.56
CA THR Q 22 9.11 7.47 -26.61
C THR Q 22 9.28 6.21 -25.77
N GLY Q 23 10.53 5.83 -25.47
CA GLY Q 23 10.80 4.64 -24.69
C GLY Q 23 11.76 3.70 -25.38
N SER Q 24 11.30 2.47 -25.66
CA SER Q 24 12.08 1.51 -26.40
C SER Q 24 11.87 1.60 -27.90
N TYR Q 25 11.09 2.58 -28.36
CA TYR Q 25 10.72 2.73 -29.75
C TYR Q 25 11.05 4.14 -30.22
N ILE Q 26 11.58 4.24 -31.44
CA ILE Q 26 12.01 5.53 -31.98
C ILE Q 26 10.78 6.29 -32.47
N ALA Q 27 10.61 7.51 -31.98
CA ALA Q 27 9.47 8.32 -32.40
C ALA Q 27 9.76 9.00 -33.74
N ASN Q 28 10.78 9.84 -33.78
CA ASN Q 28 11.17 10.54 -35.00
C ASN Q 28 12.66 10.29 -35.25
N ARG Q 29 12.99 9.94 -36.49
CA ARG Q 29 14.38 9.65 -36.84
C ARG Q 29 15.22 10.91 -36.95
N VAL Q 30 14.68 11.98 -37.55
CA VAL Q 30 15.40 13.24 -37.71
C VAL Q 30 14.50 14.39 -37.28
N THR Q 31 15.02 15.25 -36.41
CA THR Q 31 14.29 16.39 -35.90
C THR Q 31 15.23 17.59 -35.83
N ASP Q 32 14.71 18.72 -35.38
CA ASP Q 32 15.48 19.95 -35.22
C ASP Q 32 15.43 20.34 -33.75
N LYS Q 33 16.34 19.78 -32.96
CA LYS Q 33 16.42 20.11 -31.54
C LYS Q 33 17.27 21.37 -31.36
N LEU Q 34 16.91 22.45 -32.05
CA LEU Q 34 17.70 23.67 -31.99
C LEU Q 34 16.79 24.81 -32.45
N THR Q 35 16.24 25.58 -31.49
CA THR Q 35 15.26 26.61 -31.79
C THR Q 35 15.93 27.97 -31.92
N PRO Q 36 15.70 28.69 -33.02
CA PRO Q 36 16.29 30.02 -33.23
C PRO Q 36 15.46 31.18 -32.66
N ILE Q 37 15.58 31.38 -31.35
CA ILE Q 37 14.89 32.49 -30.69
C ILE Q 37 15.49 33.81 -31.17
N HIS Q 38 14.62 34.75 -31.56
CA HIS Q 38 15.04 36.06 -32.08
C HIS Q 38 15.91 35.81 -33.31
N ASP Q 39 17.14 36.31 -33.36
CA ASP Q 39 18.01 36.08 -34.51
C ASP Q 39 19.43 35.70 -34.15
N ARG Q 40 19.85 35.84 -32.90
CA ARG Q 40 21.19 35.44 -32.46
C ARG Q 40 21.17 34.40 -31.37
N ILE Q 41 20.35 34.60 -30.33
CA ILE Q 41 20.28 33.65 -29.22
C ILE Q 41 19.67 32.34 -29.71
N PHE Q 42 20.28 31.23 -29.33
CA PHE Q 42 19.78 29.91 -29.66
C PHE Q 42 19.53 29.12 -28.38
N CYS Q 43 18.49 28.29 -28.40
CA CYS Q 43 18.04 27.58 -27.22
C CYS Q 43 17.82 26.11 -27.55
N CYS Q 44 18.60 25.24 -26.94
CA CYS Q 44 18.41 23.81 -27.07
C CYS Q 44 17.38 23.32 -26.05
N ARG Q 45 17.12 22.03 -26.04
CA ARG Q 45 16.08 21.48 -25.17
C ARG Q 45 16.51 20.11 -24.66
N SER Q 46 15.84 19.68 -23.59
CA SER Q 46 16.03 18.36 -23.01
C SER Q 46 14.81 18.05 -22.16
N GLY Q 47 14.88 16.97 -21.40
CA GLY Q 47 13.75 16.61 -20.55
C GLY Q 47 12.55 16.16 -21.37
N SER Q 48 11.39 16.74 -21.08
CA SER Q 48 10.15 16.36 -21.74
C SER Q 48 10.08 16.98 -23.13
N ALA Q 49 8.90 16.91 -23.76
CA ALA Q 49 8.73 17.36 -25.12
C ALA Q 49 7.62 18.39 -25.30
N ALA Q 50 6.91 18.76 -24.24
CA ALA Q 50 5.85 19.75 -24.32
C ALA Q 50 6.10 20.96 -23.43
N ASP Q 51 6.57 20.74 -22.20
CA ASP Q 51 6.88 21.84 -21.31
C ASP Q 51 8.00 22.70 -21.90
N THR Q 52 9.00 22.06 -22.51
CA THR Q 52 10.07 22.80 -23.16
C THR Q 52 9.53 23.67 -24.28
N GLN Q 53 8.60 23.13 -25.10
CA GLN Q 53 8.02 23.91 -26.17
C GLN Q 53 7.25 25.12 -25.63
N ALA Q 54 6.46 24.90 -24.58
CA ALA Q 54 5.70 26.01 -24.00
C ALA Q 54 6.62 27.08 -23.45
N VAL Q 55 7.69 26.66 -22.75
CA VAL Q 55 8.64 27.61 -22.20
C VAL Q 55 9.32 28.39 -23.32
N ALA Q 56 9.71 27.70 -24.39
CA ALA Q 56 10.35 28.38 -25.52
C ALA Q 56 9.42 29.39 -26.16
N ASP Q 57 8.14 29.04 -26.32
CA ASP Q 57 7.19 29.99 -26.89
C ASP Q 57 7.03 31.22 -26.01
N ALA Q 58 6.90 31.01 -24.69
CA ALA Q 58 6.76 32.15 -23.78
C ALA Q 58 8.00 33.03 -23.82
N VAL Q 59 9.19 32.41 -23.86
CA VAL Q 59 10.43 33.17 -23.91
C VAL Q 59 10.50 33.97 -25.21
N THR Q 60 10.13 33.36 -26.33
CA THR Q 60 10.12 34.09 -27.60
C THR Q 60 9.20 35.31 -27.51
N TYR Q 61 7.99 35.10 -27.01
CA TYR Q 61 7.04 36.19 -26.83
C TYR Q 61 7.66 37.33 -26.04
N GLN Q 62 8.08 37.05 -24.80
CA GLN Q 62 8.54 38.11 -23.91
C GLN Q 62 9.80 38.77 -24.42
N LEU Q 63 10.75 37.99 -24.96
CA LEU Q 63 12.02 38.57 -25.39
C LEU Q 63 11.82 39.43 -26.64
N GLY Q 64 10.99 38.98 -27.58
CA GLY Q 64 10.70 39.82 -28.74
C GLY Q 64 10.03 41.11 -28.34
N PHE Q 65 9.07 41.03 -27.40
CA PHE Q 65 8.42 42.24 -26.93
C PHE Q 65 9.42 43.20 -26.30
N HIS Q 66 10.31 42.66 -25.46
CA HIS Q 66 11.31 43.50 -24.79
C HIS Q 66 12.25 44.15 -25.79
N SER Q 67 12.74 43.36 -26.76
CA SER Q 67 13.70 43.89 -27.73
C SER Q 67 13.06 44.98 -28.58
N ILE Q 68 11.81 44.78 -29.00
CA ILE Q 68 11.17 45.80 -29.82
C ILE Q 68 10.75 46.99 -28.97
N GLU Q 69 10.61 46.81 -27.65
CA GLU Q 69 10.30 47.94 -26.78
C GLU Q 69 11.52 48.83 -26.57
N LEU Q 70 12.68 48.23 -26.33
CA LEU Q 70 13.88 49.04 -26.10
C LEU Q 70 14.54 49.51 -27.39
N ASN Q 71 14.13 48.99 -28.54
CA ASN Q 71 14.70 49.37 -29.83
C ASN Q 71 16.22 49.14 -29.83
N GLU Q 72 16.64 48.02 -29.25
CA GLU Q 72 18.05 47.63 -29.18
C GLU Q 72 18.14 46.12 -29.28
N PRO Q 73 19.27 45.60 -29.77
CA PRO Q 73 19.44 44.15 -29.77
C PRO Q 73 19.45 43.61 -28.37
N PRO Q 74 18.92 42.41 -28.15
CA PRO Q 74 18.83 41.87 -26.80
C PRO Q 74 20.18 41.42 -26.27
N LEU Q 75 20.25 41.30 -24.95
CA LEU Q 75 21.42 40.78 -24.26
C LEU Q 75 21.10 39.39 -23.71
N VAL Q 76 22.06 38.47 -23.86
CA VAL Q 76 21.83 37.07 -23.51
C VAL Q 76 21.50 36.92 -22.03
N HIS Q 77 22.03 37.80 -21.18
CA HIS Q 77 21.72 37.73 -19.76
C HIS Q 77 20.24 37.93 -19.51
N THR Q 78 19.58 38.76 -20.32
CA THR Q 78 18.13 38.91 -20.20
C THR Q 78 17.42 37.60 -20.48
N ALA Q 79 17.84 36.89 -21.54
CA ALA Q 79 17.23 35.59 -21.84
C ALA Q 79 17.46 34.59 -20.71
N ALA Q 80 18.67 34.57 -20.15
CA ALA Q 80 18.95 33.66 -19.05
C ALA Q 80 18.08 33.98 -17.84
N SER Q 81 17.94 35.26 -17.51
CA SER Q 81 17.11 35.65 -16.38
C SER Q 81 15.65 35.28 -16.63
N LEU Q 82 15.16 35.49 -17.85
CA LEU Q 82 13.77 35.12 -18.16
C LEU Q 82 13.55 33.63 -18.02
N PHE Q 83 14.48 32.82 -18.56
CA PHE Q 83 14.36 31.37 -18.41
C PHE Q 83 14.38 30.96 -16.95
N LYS Q 84 15.29 31.54 -16.17
CA LYS Q 84 15.37 31.21 -14.75
C LYS Q 84 14.07 31.54 -14.03
N GLU Q 85 13.54 32.73 -14.27
CA GLU Q 85 12.34 33.16 -13.56
C GLU Q 85 11.13 32.34 -13.98
N MET Q 86 11.07 31.93 -15.25
CA MET Q 86 9.96 31.10 -15.69
C MET Q 86 10.06 29.70 -15.12
N CYS Q 87 11.27 29.12 -15.11
CA CYS Q 87 11.41 27.73 -14.68
C CYS Q 87 11.26 27.58 -13.17
N TYR Q 88 11.92 28.44 -12.40
CA TYR Q 88 11.95 28.26 -10.95
C TYR Q 88 10.58 28.43 -10.33
N ARG Q 89 9.77 29.36 -10.86
CA ARG Q 89 8.47 29.63 -10.27
C ARG Q 89 7.54 28.43 -10.36
N TYR Q 90 7.74 27.57 -11.35
CA TYR Q 90 6.89 26.41 -11.61
C TYR Q 90 7.63 25.10 -11.35
N ARG Q 91 8.43 25.06 -10.29
CA ARG Q 91 9.28 23.90 -10.04
C ARG Q 91 8.51 22.74 -9.43
N GLU Q 92 7.38 22.38 -10.01
CA GLU Q 92 6.64 21.23 -9.56
C GLU Q 92 6.28 20.26 -10.67
N ASP Q 93 5.97 20.76 -11.87
CA ASP Q 93 5.58 19.91 -12.98
C ASP Q 93 6.15 20.43 -14.30
N LEU Q 94 7.33 21.03 -14.27
CA LEU Q 94 7.94 21.64 -15.44
C LEU Q 94 9.35 21.09 -15.67
N MET Q 95 9.49 19.77 -15.64
CA MET Q 95 10.80 19.14 -15.77
C MET Q 95 11.36 19.37 -17.17
N ALA Q 96 12.17 20.42 -17.32
CA ALA Q 96 12.68 20.80 -18.64
C ALA Q 96 14.09 21.39 -18.45
N GLY Q 97 15.10 20.56 -18.69
CA GLY Q 97 16.47 21.04 -18.69
C GLY Q 97 16.79 21.77 -19.97
N ILE Q 98 17.28 23.01 -19.84
CA ILE Q 98 17.47 23.89 -20.98
C ILE Q 98 18.90 24.42 -20.97
N ILE Q 99 19.44 24.64 -22.17
CA ILE Q 99 20.74 25.29 -22.34
C ILE Q 99 20.60 26.34 -23.43
N ILE Q 100 21.02 27.56 -23.15
CA ILE Q 100 20.93 28.66 -24.10
C ILE Q 100 22.31 29.26 -24.31
N ALA Q 101 22.50 29.82 -25.50
CA ALA Q 101 23.76 30.46 -25.87
C ALA Q 101 23.50 31.40 -27.02
N GLY Q 102 24.42 32.33 -27.22
CA GLY Q 102 24.26 33.29 -28.30
C GLY Q 102 25.37 34.33 -28.26
N TRP Q 103 25.21 35.34 -29.10
CA TRP Q 103 26.17 36.42 -29.25
C TRP Q 103 25.45 37.75 -29.16
N ASP Q 104 26.13 38.74 -28.58
CA ASP Q 104 25.61 40.09 -28.42
C ASP Q 104 26.72 41.07 -28.74
N PRO Q 105 26.37 42.31 -29.11
CA PRO Q 105 27.41 43.29 -29.46
C PRO Q 105 28.38 43.57 -28.33
N GLN Q 106 27.93 43.51 -27.07
CA GLN Q 106 28.77 43.79 -25.93
C GLN Q 106 29.16 42.48 -25.25
N GLU Q 107 30.45 42.29 -25.00
CA GLU Q 107 31.04 41.03 -24.54
C GLU Q 107 30.44 39.84 -25.28
N GLY Q 108 30.71 39.82 -26.59
CA GLY Q 108 30.17 38.77 -27.43
C GLY Q 108 30.68 37.40 -27.04
N GLY Q 109 29.79 36.41 -27.17
CA GLY Q 109 30.12 35.03 -26.86
C GLY Q 109 29.74 34.66 -25.45
N GLN Q 110 28.65 33.91 -25.29
CA GLN Q 110 28.16 33.55 -23.96
C GLN Q 110 27.55 32.17 -24.00
N GLY Q 111 27.89 31.36 -23.00
CA GLY Q 111 27.27 30.06 -22.82
C GLY Q 111 26.67 29.92 -21.45
N TYR Q 112 25.35 29.78 -21.38
CA TYR Q 112 24.64 29.71 -20.11
C TYR Q 112 23.98 28.34 -19.96
N SER Q 113 23.88 27.90 -18.71
CA SER Q 113 23.22 26.65 -18.37
C SER Q 113 22.12 26.93 -17.35
N VAL Q 114 21.06 26.11 -17.41
CA VAL Q 114 19.95 26.24 -16.48
C VAL Q 114 19.30 24.86 -16.31
N PRO Q 115 19.89 24.00 -15.47
CA PRO Q 115 19.37 22.64 -15.32
C PRO Q 115 18.03 22.59 -14.62
N MET Q 116 17.48 21.39 -14.47
CA MET Q 116 16.21 21.23 -13.78
C MET Q 116 16.34 21.71 -12.34
N GLY Q 117 15.34 22.49 -11.91
CA GLY Q 117 15.37 23.13 -10.60
C GLY Q 117 15.47 24.63 -10.64
N GLY Q 118 15.67 25.22 -11.82
CA GLY Q 118 15.67 26.66 -11.98
C GLY Q 118 16.98 27.35 -11.71
N MET Q 119 18.01 26.63 -11.28
CA MET Q 119 19.30 27.26 -11.01
C MET Q 119 19.93 27.73 -12.31
N MET Q 120 20.59 28.89 -12.26
CA MET Q 120 21.22 29.49 -13.42
C MET Q 120 22.67 29.82 -13.11
N VAL Q 121 23.58 29.50 -14.04
CA VAL Q 121 24.99 29.79 -13.87
C VAL Q 121 25.65 29.73 -15.25
N ARG Q 122 26.80 30.38 -15.38
CA ARG Q 122 27.55 30.42 -16.63
C ARG Q 122 28.79 29.56 -16.51
N GLN Q 123 29.16 28.90 -17.61
CA GLN Q 123 30.37 28.10 -17.66
C GLN Q 123 30.91 28.10 -19.08
N SER Q 124 32.20 27.80 -19.21
CA SER Q 124 32.84 27.81 -20.52
C SER Q 124 32.21 26.79 -21.46
N PHE Q 125 31.97 25.57 -20.97
CA PHE Q 125 31.32 24.53 -21.75
C PHE Q 125 30.15 23.99 -20.94
N ALA Q 126 29.00 23.85 -21.58
CA ALA Q 126 27.80 23.33 -20.95
C ALA Q 126 27.42 22.01 -21.62
N ILE Q 127 27.06 21.02 -20.81
CA ILE Q 127 26.63 19.72 -21.30
C ILE Q 127 25.37 19.34 -20.54
N GLY Q 128 24.38 18.82 -21.27
CA GLY Q 128 23.13 18.42 -20.64
C GLY Q 128 22.35 17.42 -21.46
N GLY Q 129 21.77 16.43 -20.79
CA GLY Q 129 20.98 15.42 -21.45
C GLY Q 129 21.10 14.09 -20.74
N SER Q 130 20.14 13.21 -21.01
CA SER Q 130 20.16 11.88 -20.40
C SER Q 130 21.38 11.09 -20.85
N GLY Q 131 21.74 11.19 -22.12
CA GLY Q 131 22.92 10.52 -22.63
C GLY Q 131 24.11 11.45 -22.66
N SER Q 132 24.17 12.40 -21.74
CA SER Q 132 25.23 13.40 -21.67
C SER Q 132 26.04 13.24 -20.39
N SER Q 133 26.33 12.00 -20.01
CA SER Q 133 27.14 11.73 -18.84
C SER Q 133 28.31 10.80 -19.13
N TYR Q 134 28.56 10.46 -20.38
CA TYR Q 134 29.61 9.53 -20.75
C TYR Q 134 30.81 10.22 -21.38
N ILE Q 135 30.81 11.56 -21.44
CA ILE Q 135 31.88 12.28 -22.13
C ILE Q 135 32.49 13.33 -21.23
N TYR Q 136 32.14 13.30 -19.94
CA TYR Q 136 32.70 14.28 -19.00
C TYR Q 136 34.22 14.19 -18.95
N GLY Q 137 34.74 12.97 -18.82
CA GLY Q 137 36.19 12.81 -18.77
C GLY Q 137 36.87 13.27 -20.04
N TYR Q 138 36.31 12.90 -21.19
CA TYR Q 138 36.92 13.27 -22.46
C TYR Q 138 36.92 14.78 -22.65
N VAL Q 139 35.80 15.43 -22.35
CA VAL Q 139 35.73 16.88 -22.55
C VAL Q 139 36.62 17.61 -21.55
N ASP Q 140 36.74 17.09 -20.33
CA ASP Q 140 37.65 17.72 -19.38
C ASP Q 140 39.11 17.56 -19.79
N ALA Q 141 39.47 16.39 -20.30
CA ALA Q 141 40.86 16.14 -20.64
C ALA Q 141 41.28 16.74 -21.97
N THR Q 142 40.34 17.06 -22.85
CA THR Q 142 40.69 17.54 -24.18
C THR Q 142 40.54 19.05 -24.35
N TYR Q 143 39.58 19.66 -23.66
CA TYR Q 143 39.28 21.07 -23.86
C TYR Q 143 40.42 21.93 -23.31
N ARG Q 144 41.23 22.46 -24.20
CA ARG Q 144 42.23 23.46 -23.84
C ARG Q 144 41.62 24.85 -24.02
N GLU Q 145 42.46 25.89 -23.98
CA GLU Q 145 41.98 27.25 -24.16
C GLU Q 145 42.76 27.93 -25.29
N GLY Q 146 42.08 28.78 -26.04
CA GLY Q 146 42.69 29.50 -27.13
C GLY Q 146 42.52 28.82 -28.48
N MET Q 147 41.28 28.48 -28.81
CA MET Q 147 40.97 27.77 -30.03
C MET Q 147 40.02 28.60 -30.90
N THR Q 148 40.19 28.50 -32.21
CA THR Q 148 39.36 29.23 -33.16
C THR Q 148 38.24 28.32 -33.67
N LYS Q 149 37.53 28.80 -34.69
CA LYS Q 149 36.27 28.16 -35.10
C LYS Q 149 36.48 26.74 -35.61
N GLU Q 150 37.52 26.52 -36.43
CA GLU Q 150 37.67 25.22 -37.09
C GLU Q 150 37.92 24.10 -36.10
N GLU Q 151 38.93 24.26 -35.23
CA GLU Q 151 39.22 23.20 -34.28
C GLU Q 151 38.12 23.05 -33.23
N CYS Q 152 37.42 24.15 -32.92
CA CYS Q 152 36.27 24.04 -32.03
C CYS Q 152 35.17 23.19 -32.65
N LEU Q 153 34.90 23.39 -33.94
CA LEU Q 153 33.92 22.58 -34.63
C LEU Q 153 34.33 21.12 -34.64
N GLN Q 154 35.60 20.85 -34.95
CA GLN Q 154 36.08 19.47 -34.95
C GLN Q 154 35.96 18.84 -33.57
N PHE Q 155 36.32 19.59 -32.53
CA PHE Q 155 36.24 19.06 -31.17
C PHE Q 155 34.80 18.76 -30.78
N THR Q 156 33.87 19.65 -31.12
CA THR Q 156 32.47 19.39 -30.82
C THR Q 156 31.97 18.16 -31.57
N ALA Q 157 32.35 18.04 -32.84
CA ALA Q 157 31.94 16.88 -33.62
C ALA Q 157 32.43 15.59 -32.98
N ASN Q 158 33.72 15.54 -32.62
CA ASN Q 158 34.28 14.33 -32.02
C ASN Q 158 33.61 14.03 -30.68
N ALA Q 159 33.47 15.03 -29.82
CA ALA Q 159 32.94 14.81 -28.48
C ALA Q 159 31.50 14.35 -28.54
N LEU Q 160 30.70 14.91 -29.44
CA LEU Q 160 29.31 14.48 -29.54
C LEU Q 160 29.21 13.11 -30.20
N ALA Q 161 30.06 12.84 -31.20
CA ALA Q 161 30.03 11.55 -31.86
C ALA Q 161 30.43 10.42 -30.93
N LEU Q 162 31.26 10.71 -29.92
CA LEU Q 162 31.65 9.67 -28.97
C LEU Q 162 30.43 9.15 -28.20
N ALA Q 163 29.65 10.05 -27.61
CA ALA Q 163 28.42 9.64 -26.94
C ALA Q 163 27.34 9.23 -27.93
N MET Q 164 27.50 9.58 -29.20
CA MET Q 164 26.49 9.25 -30.20
C MET Q 164 26.36 7.74 -30.39
N GLU Q 165 27.36 6.96 -29.98
CA GLU Q 165 27.38 5.52 -30.20
C GLU Q 165 27.27 4.69 -28.92
N ARG Q 166 27.63 5.25 -27.77
CA ARG Q 166 27.63 4.51 -26.51
C ARG Q 166 26.36 4.77 -25.70
N ASP Q 167 25.23 4.94 -26.37
CA ASP Q 167 23.97 5.19 -25.69
C ASP Q 167 22.83 4.69 -26.56
N GLY Q 168 21.67 4.51 -25.92
CA GLY Q 168 20.48 4.08 -26.64
C GLY Q 168 19.62 5.24 -27.06
N SER Q 169 19.59 6.30 -26.24
CA SER Q 169 18.77 7.45 -26.57
C SER Q 169 19.32 8.23 -27.76
N SER Q 170 20.64 8.30 -27.90
CA SER Q 170 21.26 9.03 -28.99
C SER Q 170 21.44 8.14 -30.22
N GLY Q 171 21.63 8.78 -31.37
CA GLY Q 171 21.82 8.07 -32.62
C GLY Q 171 21.19 8.79 -33.80
N GLY Q 172 21.94 8.90 -34.89
CA GLY Q 172 21.44 9.60 -36.06
C GLY Q 172 22.37 10.70 -36.54
N VAL Q 173 21.80 11.74 -37.13
CA VAL Q 173 22.59 12.83 -37.70
C VAL Q 173 23.00 13.80 -36.61
N ILE Q 174 23.91 14.72 -36.94
CA ILE Q 174 24.43 15.70 -36.01
C ILE Q 174 24.16 17.10 -36.57
N ARG Q 175 23.92 18.05 -35.69
CA ARG Q 175 23.34 19.35 -36.04
C ARG Q 175 24.21 20.50 -35.54
N LEU Q 176 25.51 20.46 -35.85
CA LEU Q 176 26.39 21.56 -35.49
C LEU Q 176 25.89 22.89 -36.06
N ALA Q 177 25.98 23.93 -35.25
CA ALA Q 177 25.63 25.29 -35.68
C ALA Q 177 26.45 26.28 -34.86
N ALA Q 178 27.09 27.22 -35.54
CA ALA Q 178 27.99 28.17 -34.90
C ALA Q 178 27.45 29.59 -35.08
N ILE Q 179 27.32 30.30 -33.96
CA ILE Q 179 26.87 31.69 -33.95
C ILE Q 179 28.09 32.57 -33.74
N ALA Q 180 28.29 33.54 -34.63
CA ALA Q 180 29.48 34.37 -34.59
C ALA Q 180 29.13 35.85 -34.56
N GLU Q 181 30.15 36.70 -34.73
CA GLU Q 181 29.94 38.15 -34.70
C GLU Q 181 29.02 38.59 -35.83
N SER Q 182 29.22 38.05 -37.02
CA SER Q 182 28.46 38.52 -38.19
C SER Q 182 27.08 37.89 -38.24
N GLY Q 183 27.01 36.57 -38.37
CA GLY Q 183 25.73 35.90 -38.52
C GLY Q 183 25.71 34.47 -38.02
N VAL Q 184 24.73 33.70 -38.49
CA VAL Q 184 24.55 32.31 -38.07
C VAL Q 184 24.67 31.42 -39.30
N GLU Q 185 25.48 30.38 -39.19
CA GLU Q 185 25.62 29.38 -40.25
C GLU Q 185 25.41 28.00 -39.67
N ARG Q 186 24.75 27.13 -40.43
CA ARG Q 186 24.39 25.80 -39.96
C ARG Q 186 24.86 24.76 -40.96
N GLN Q 187 25.15 23.56 -40.45
CA GLN Q 187 25.51 22.43 -41.28
C GLN Q 187 25.17 21.15 -40.54
N VAL Q 188 25.03 20.08 -41.31
CA VAL Q 188 24.66 18.77 -40.76
C VAL Q 188 25.70 17.75 -41.18
N LEU Q 189 26.12 16.93 -40.21
CA LEU Q 189 27.07 15.85 -40.46
C LEU Q 189 26.30 14.53 -40.53
N LEU Q 190 26.38 13.86 -41.68
CA LEU Q 190 25.64 12.62 -41.89
C LEU Q 190 26.55 11.59 -42.55
N GLY Q 191 26.25 10.32 -42.31
CA GLY Q 191 27.01 9.25 -42.93
C GLY Q 191 28.43 9.18 -42.40
N ASP Q 192 29.37 8.86 -43.30
CA ASP Q 192 30.77 8.74 -42.92
C ASP Q 192 31.40 10.06 -42.51
N GLN Q 193 30.73 11.19 -42.78
CA GLN Q 193 31.26 12.49 -42.33
C GLN Q 193 31.41 12.53 -40.81
N ILE Q 194 30.57 11.79 -40.09
CA ILE Q 194 30.71 11.66 -38.64
C ILE Q 194 32.01 10.93 -38.35
N PRO Q 195 32.91 11.48 -37.55
CA PRO Q 195 34.14 10.77 -37.20
C PRO Q 195 33.82 9.47 -36.47
N LYS Q 196 34.63 8.44 -36.74
CA LYS Q 196 34.39 7.13 -36.13
C LYS Q 196 34.50 7.20 -34.61
N PHE Q 197 35.69 7.50 -34.12
CA PHE Q 197 35.91 7.63 -32.68
C PHE Q 197 37.24 8.31 -32.39
N ARG R 4 34.34 -70.94 23.80
CA ARG R 4 33.04 -70.64 24.38
C ARG R 4 32.18 -69.85 23.39
N GLY R 5 31.03 -70.42 23.04
CA GLY R 5 30.14 -69.76 22.10
C GLY R 5 29.57 -68.46 22.63
N TYR R 6 29.32 -68.39 23.94
CA TYR R 6 28.75 -67.20 24.55
C TYR R 6 29.70 -66.01 24.52
N SER R 7 30.99 -66.23 24.27
CA SER R 7 31.94 -65.16 24.05
C SER R 7 31.84 -64.66 22.62
N PHE R 8 32.83 -63.89 22.17
CA PHE R 8 32.97 -63.36 20.82
C PHE R 8 31.99 -62.23 20.51
N SER R 9 31.06 -61.92 21.41
CA SER R 9 30.10 -60.86 21.17
C SER R 9 29.73 -60.23 22.50
N LEU R 10 29.80 -58.89 22.55
CA LEU R 10 29.60 -58.16 23.79
C LEU R 10 28.14 -57.95 24.14
N THR R 11 27.21 -58.34 23.26
CA THR R 11 25.80 -58.12 23.49
C THR R 11 25.10 -59.32 24.12
N THR R 12 25.82 -60.38 24.45
CA THR R 12 25.23 -61.60 24.98
C THR R 12 25.81 -61.91 26.36
N PHE R 13 24.94 -62.30 27.27
CA PHE R 13 25.35 -62.68 28.62
C PHE R 13 25.75 -64.15 28.63
N SER R 14 26.89 -64.44 29.25
CA SER R 14 27.27 -65.83 29.49
C SER R 14 26.33 -66.44 30.54
N PRO R 15 26.10 -67.76 30.47
CA PRO R 15 25.12 -68.35 31.40
C PRO R 15 25.64 -68.50 32.81
N SER R 16 26.32 -67.47 33.30
CA SER R 16 26.63 -67.31 34.72
C SER R 16 26.43 -65.88 35.20
N GLY R 17 26.42 -64.90 34.31
CA GLY R 17 26.29 -63.50 34.65
C GLY R 17 27.64 -62.81 34.58
N LYS R 18 27.93 -62.19 33.44
CA LYS R 18 29.19 -61.52 33.18
C LYS R 18 29.13 -60.95 31.77
N LEU R 19 30.16 -60.19 31.41
CA LEU R 19 30.39 -59.75 30.04
C LEU R 19 31.84 -60.05 29.70
N VAL R 20 32.07 -61.00 28.80
CA VAL R 20 33.43 -61.45 28.51
C VAL R 20 34.24 -60.31 27.89
N GLN R 21 33.64 -59.56 26.97
CA GLN R 21 34.37 -58.50 26.29
C GLN R 21 34.81 -57.42 27.26
N ILE R 22 33.94 -57.07 28.22
CA ILE R 22 34.29 -56.02 29.18
C ILE R 22 35.48 -56.46 30.04
N GLU R 23 35.45 -57.70 30.52
CA GLU R 23 36.56 -58.20 31.32
C GLU R 23 37.84 -58.28 30.50
N TYR R 24 37.73 -58.66 29.23
CA TYR R 24 38.91 -58.70 28.37
C TYR R 24 39.49 -57.31 28.19
N ALA R 25 38.65 -56.30 27.98
CA ALA R 25 39.14 -54.94 27.85
C ALA R 25 39.78 -54.45 29.15
N LEU R 26 39.20 -54.84 30.29
CA LEU R 26 39.80 -54.48 31.57
C LEU R 26 41.19 -55.11 31.72
N ALA R 27 41.33 -56.37 31.33
CA ALA R 27 42.64 -57.00 31.36
C ALA R 27 43.61 -56.31 30.40
N ALA R 28 43.10 -55.87 29.25
CA ALA R 28 43.94 -55.17 28.28
C ALA R 28 44.48 -53.87 28.87
N VAL R 29 43.60 -53.07 29.47
CA VAL R 29 44.04 -51.80 30.02
C VAL R 29 44.93 -52.04 31.25
N ALA R 30 44.73 -53.16 31.95
CA ALA R 30 45.67 -53.53 33.00
C ALA R 30 47.05 -53.81 32.41
N GLY R 31 47.10 -54.45 31.25
CA GLY R 31 48.35 -54.69 30.57
C GLY R 31 48.83 -53.49 29.77
N GLY R 32 49.19 -52.43 30.47
CA GLY R 32 49.64 -51.21 29.82
C GLY R 32 50.86 -50.58 30.47
N ALA R 33 50.76 -49.30 30.80
CA ALA R 33 51.87 -48.57 31.40
C ALA R 33 51.49 -48.14 32.82
N PRO R 34 52.34 -48.37 33.81
CA PRO R 34 52.00 -48.00 35.19
C PRO R 34 51.76 -46.51 35.35
N SER R 35 50.82 -46.19 36.24
CA SER R 35 50.52 -44.81 36.59
C SER R 35 50.11 -44.76 38.05
N VAL R 36 50.38 -43.62 38.69
CA VAL R 36 50.14 -43.46 40.12
C VAL R 36 49.55 -42.09 40.38
N GLY R 37 48.52 -42.05 41.22
CA GLY R 37 47.93 -40.79 41.64
C GLY R 37 47.78 -40.70 43.14
N ILE R 38 48.23 -39.60 43.75
CA ILE R 38 48.22 -39.41 45.18
C ILE R 38 47.42 -38.17 45.51
N LYS R 39 46.52 -38.28 46.47
CA LYS R 39 45.71 -37.16 46.94
C LYS R 39 46.22 -36.72 48.31
N ALA R 40 46.50 -35.43 48.44
CA ALA R 40 47.02 -34.87 49.69
C ALA R 40 46.14 -33.70 50.13
N ALA R 41 46.30 -33.31 51.38
CA ALA R 41 45.47 -32.26 51.96
C ALA R 41 45.65 -30.92 51.25
N ASN R 42 46.78 -30.73 50.58
CA ASN R 42 47.04 -29.47 49.87
C ASN R 42 46.82 -29.59 48.37
N GLY R 43 47.01 -30.76 47.79
CA GLY R 43 46.86 -30.92 46.36
C GLY R 43 47.01 -32.37 45.96
N VAL R 44 47.16 -32.58 44.65
CA VAL R 44 47.28 -33.92 44.08
C VAL R 44 48.46 -33.95 43.13
N VAL R 45 48.98 -35.16 42.92
CA VAL R 45 50.10 -35.38 42.01
C VAL R 45 49.81 -36.61 41.16
N LEU R 46 50.07 -36.49 39.86
CA LEU R 46 49.89 -37.59 38.91
C LEU R 46 51.24 -37.89 38.27
N ALA R 47 51.68 -39.14 38.38
CA ALA R 47 52.98 -39.55 37.89
C ALA R 47 52.85 -40.73 36.94
N THR R 48 53.62 -40.70 35.86
CA THR R 48 53.59 -41.76 34.86
C THR R 48 54.89 -41.71 34.06
N GLU R 49 55.14 -42.79 33.31
CA GLU R 49 56.32 -42.90 32.48
C GLU R 49 55.93 -43.33 31.08
N LYS R 50 56.79 -43.01 30.12
CA LYS R 50 56.52 -43.22 28.71
C LYS R 50 57.44 -44.30 28.15
N LYS R 51 57.00 -44.92 27.05
CA LYS R 51 57.76 -45.95 26.37
C LYS R 51 58.79 -45.39 25.40
N GLN R 52 58.85 -44.06 25.24
CA GLN R 52 59.81 -43.45 24.34
C GLN R 52 61.20 -43.43 24.94
N LYS R 53 61.78 -44.61 25.20
CA LYS R 53 63.08 -44.68 25.85
C LYS R 53 64.20 -44.29 24.88
N SER R 54 64.13 -44.73 23.63
CA SER R 54 65.19 -44.46 22.67
C SER R 54 65.30 -42.96 22.39
N ILE R 55 66.54 -42.51 22.16
CA ILE R 55 66.79 -41.09 21.89
C ILE R 55 66.24 -40.65 20.54
N LEU R 56 65.80 -41.59 19.70
CA LEU R 56 65.22 -41.22 18.41
C LEU R 56 63.94 -40.42 18.58
N TYR R 57 63.23 -40.60 19.69
CA TYR R 57 61.98 -39.91 19.93
C TYR R 57 62.26 -38.46 20.31
N ASP R 58 61.22 -37.72 20.66
CA ASP R 58 61.35 -36.32 21.04
C ASP R 58 60.56 -36.06 22.32
N GLU R 59 61.03 -35.08 23.09
CA GLU R 59 60.35 -34.73 24.33
C GLU R 59 59.07 -33.94 24.06
N ARG R 60 59.09 -33.09 23.05
CA ARG R 60 57.93 -32.27 22.71
C ARG R 60 56.93 -33.10 21.90
N SER R 61 55.99 -32.41 21.26
CA SER R 61 55.00 -33.03 20.37
C SER R 61 54.06 -33.94 21.15
N VAL R 62 54.20 -35.26 20.95
CA VAL R 62 53.33 -36.20 21.66
C VAL R 62 53.56 -36.06 23.16
N HIS R 63 52.46 -36.11 23.92
CA HIS R 63 52.53 -35.90 25.34
C HIS R 63 51.34 -36.59 25.99
N LYS R 64 51.51 -36.99 27.25
CA LYS R 64 50.53 -37.84 27.91
C LYS R 64 49.50 -37.06 28.73
N VAL R 65 49.96 -36.32 29.73
CA VAL R 65 49.03 -35.68 30.67
C VAL R 65 48.54 -34.34 30.11
N GLU R 66 47.49 -34.41 29.29
CA GLU R 66 46.95 -33.23 28.64
C GLU R 66 45.99 -32.51 29.58
N PRO R 67 46.20 -31.23 29.86
CA PRO R 67 45.29 -30.51 30.76
C PRO R 67 43.95 -30.23 30.09
N ILE R 68 42.93 -30.06 30.93
CA ILE R 68 41.61 -29.63 30.50
C ILE R 68 41.26 -28.34 31.22
N THR R 69 40.93 -27.30 30.46
CA THR R 69 40.54 -26.00 30.98
C THR R 69 41.66 -25.47 31.88
N LYS R 70 41.41 -25.40 33.19
CA LYS R 70 42.44 -24.95 34.12
C LYS R 70 42.51 -25.75 35.41
N HIS R 71 41.52 -26.58 35.72
CA HIS R 71 41.49 -27.29 36.99
C HIS R 71 41.43 -28.80 36.85
N ILE R 72 41.31 -29.33 35.64
CA ILE R 72 41.14 -30.76 35.41
C ILE R 72 42.31 -31.26 34.58
N GLY R 73 43.00 -32.27 35.08
CA GLY R 73 44.07 -32.90 34.35
C GLY R 73 43.98 -34.40 34.42
N LEU R 74 44.29 -35.09 33.33
CA LEU R 74 44.12 -36.52 33.24
C LEU R 74 45.42 -37.21 32.86
N VAL R 75 45.37 -38.54 32.90
CA VAL R 75 46.47 -39.40 32.48
C VAL R 75 45.91 -40.77 32.11
N TYR R 76 46.37 -41.31 30.99
CA TYR R 76 45.89 -42.59 30.49
C TYR R 76 46.83 -43.71 30.93
N SER R 77 46.30 -44.92 30.93
CA SER R 77 47.10 -46.13 31.18
C SER R 77 46.63 -47.26 30.27
N GLY R 78 46.29 -46.93 29.03
CA GLY R 78 45.77 -47.92 28.12
C GLY R 78 46.33 -47.82 26.72
N MET R 79 45.45 -47.77 25.72
CA MET R 79 45.85 -47.71 24.33
C MET R 79 46.05 -46.27 23.90
N GLY R 80 47.23 -45.98 23.35
CA GLY R 80 47.60 -44.64 22.96
C GLY R 80 46.62 -43.95 22.02
N PRO R 81 46.41 -44.51 20.83
CA PRO R 81 45.55 -43.82 19.85
C PRO R 81 44.08 -43.88 20.19
N ASP R 82 43.74 -44.35 21.39
CA ASP R 82 42.34 -44.58 21.74
C ASP R 82 41.87 -43.72 22.91
N TYR R 83 42.57 -42.64 23.24
CA TYR R 83 42.04 -41.71 24.23
C TYR R 83 42.08 -40.25 23.79
N ARG R 84 42.72 -39.94 22.66
CA ARG R 84 42.75 -38.55 22.20
C ARG R 84 41.34 -38.07 21.86
N VAL R 85 40.55 -38.92 21.22
CA VAL R 85 39.16 -38.56 20.93
C VAL R 85 38.39 -38.32 22.22
N LEU R 86 38.61 -39.18 23.22
CA LEU R 86 37.93 -39.01 24.50
C LEU R 86 38.34 -37.70 25.17
N VAL R 87 39.62 -37.36 25.11
CA VAL R 87 40.10 -36.11 25.68
C VAL R 87 39.47 -34.91 24.97
N HIS R 88 39.39 -34.97 23.64
CA HIS R 88 38.76 -33.89 22.91
C HIS R 88 37.29 -33.75 23.27
N ARG R 89 36.60 -34.88 23.44
CA ARG R 89 35.21 -34.84 23.87
C ARG R 89 35.09 -34.22 25.26
N ALA R 90 36.01 -34.56 26.15
CA ALA R 90 35.98 -33.99 27.50
C ALA R 90 36.16 -32.47 27.47
N ARG R 91 37.10 -31.98 26.65
CA ARG R 91 37.29 -30.55 26.54
C ARG R 91 36.06 -29.87 25.94
N LYS R 92 35.46 -30.49 24.92
CA LYS R 92 34.26 -29.93 24.33
C LYS R 92 33.13 -29.86 25.34
N LEU R 93 32.99 -30.90 26.17
CA LEU R 93 31.95 -30.91 27.21
C LEU R 93 32.22 -29.82 28.25
N ALA R 94 33.48 -29.63 28.62
CA ALA R 94 33.81 -28.58 29.58
C ALA R 94 33.44 -27.22 29.03
N GLN R 95 33.78 -26.95 27.77
CA GLN R 95 33.42 -25.67 27.18
C GLN R 95 31.91 -25.52 27.04
N GLN R 96 31.22 -26.60 26.68
CA GLN R 96 29.77 -26.54 26.57
C GLN R 96 29.13 -26.19 27.90
N TYR R 97 29.64 -26.75 28.99
CA TYR R 97 29.17 -26.37 30.30
C TYR R 97 29.57 -24.94 30.64
N TYR R 98 30.69 -24.45 30.12
CA TYR R 98 31.17 -23.13 30.51
C TYR R 98 30.39 -22.01 29.85
N LEU R 99 29.94 -22.18 28.60
CA LEU R 99 29.13 -21.13 27.97
C LEU R 99 27.87 -20.85 28.78
N VAL R 100 27.14 -21.90 29.15
CA VAL R 100 26.02 -21.76 30.08
C VAL R 100 26.67 -21.71 31.46
N TYR R 101 25.91 -21.36 32.50
CA TYR R 101 26.37 -21.47 33.89
C TYR R 101 27.75 -20.83 34.06
N GLN R 102 27.80 -19.51 33.92
CA GLN R 102 29.08 -18.84 33.67
C GLN R 102 29.96 -18.97 34.92
N GLU R 103 30.53 -20.17 35.07
CA GLU R 103 31.40 -20.58 36.16
C GLU R 103 32.00 -21.93 35.80
N PRO R 104 33.25 -22.19 36.15
CA PRO R 104 33.95 -23.38 35.62
C PRO R 104 33.28 -24.67 36.07
N ILE R 105 33.50 -25.72 35.29
CA ILE R 105 32.95 -27.05 35.59
C ILE R 105 33.47 -27.55 36.93
N PRO R 106 32.60 -28.02 37.83
CA PRO R 106 33.06 -28.87 38.92
C PRO R 106 33.44 -30.24 38.39
N THR R 107 34.33 -30.92 39.13
CA THR R 107 34.87 -32.18 38.66
C THR R 107 33.78 -33.23 38.48
N ALA R 108 32.87 -33.33 39.44
CA ALA R 108 31.95 -34.48 39.49
C ALA R 108 31.07 -34.55 38.25
N GLN R 109 30.55 -33.41 37.79
CA GLN R 109 29.70 -33.41 36.60
C GLN R 109 30.49 -33.88 35.38
N LEU R 110 31.73 -33.42 35.25
CA LEU R 110 32.57 -33.86 34.13
C LEU R 110 32.81 -35.36 34.20
N VAL R 111 33.08 -35.88 35.40
CA VAL R 111 33.29 -37.32 35.54
C VAL R 111 32.04 -38.08 35.11
N GLN R 112 30.88 -37.63 35.55
CA GLN R 112 29.64 -38.33 35.20
C GLN R 112 29.40 -38.29 33.70
N ARG R 113 29.60 -37.14 33.07
CA ARG R 113 29.35 -37.03 31.65
C ARG R 113 30.32 -37.89 30.84
N VAL R 114 31.62 -37.85 31.18
CA VAL R 114 32.58 -38.66 30.44
C VAL R 114 32.33 -40.14 30.67
N ALA R 115 31.91 -40.51 31.88
CA ALA R 115 31.58 -41.91 32.14
C ALA R 115 30.39 -42.37 31.32
N SER R 116 29.37 -41.52 31.21
CA SER R 116 28.21 -41.87 30.38
C SER R 116 28.59 -42.02 28.92
N VAL R 117 29.37 -41.07 28.40
CA VAL R 117 29.74 -41.14 26.99
C VAL R 117 30.63 -42.33 26.71
N MET R 118 31.45 -42.73 27.70
CA MET R 118 32.28 -43.92 27.52
C MET R 118 31.45 -45.18 27.58
N GLN R 119 30.48 -45.24 28.51
CA GLN R 119 29.62 -46.41 28.63
C GLN R 119 28.74 -46.60 27.41
N GLU R 120 28.42 -45.51 26.71
CA GLU R 120 27.48 -45.60 25.61
C GLU R 120 27.97 -46.58 24.53
N TYR R 121 29.28 -46.79 24.42
CA TYR R 121 29.79 -47.87 23.58
C TYR R 121 30.01 -49.16 24.38
N THR R 122 29.03 -49.55 25.19
CA THR R 122 29.01 -50.87 25.80
C THR R 122 27.70 -51.56 25.50
N GLN R 123 26.60 -50.85 25.73
CA GLN R 123 25.26 -51.42 25.60
C GLN R 123 24.86 -51.60 24.15
N SER R 124 25.49 -50.88 23.23
CA SER R 124 25.15 -51.00 21.81
C SER R 124 25.67 -52.32 21.26
N GLY R 125 25.48 -52.53 19.96
CA GLY R 125 25.89 -53.76 19.33
C GLY R 125 26.63 -53.56 18.03
N GLY R 126 27.88 -54.02 17.96
CA GLY R 126 28.68 -53.93 16.76
C GLY R 126 29.90 -53.05 16.86
N VAL R 127 30.13 -52.40 17.99
CA VAL R 127 31.30 -51.55 18.18
C VAL R 127 32.00 -51.96 19.47
N ARG R 128 33.33 -52.01 19.42
CA ARG R 128 34.10 -52.45 20.58
C ARG R 128 34.10 -51.37 21.66
N PRO R 129 34.25 -51.76 22.93
CA PRO R 129 34.43 -50.77 23.98
C PRO R 129 35.79 -50.12 23.88
N PHE R 130 35.90 -48.91 24.44
CA PHE R 130 37.18 -48.23 24.50
C PHE R 130 38.13 -49.01 25.39
N GLY R 131 39.34 -49.28 24.89
CA GLY R 131 40.33 -49.84 25.78
C GLY R 131 41.19 -48.74 26.36
N VAL R 132 40.80 -48.26 27.54
CA VAL R 132 41.48 -47.17 28.22
C VAL R 132 40.91 -47.06 29.63
N SER R 133 41.71 -46.54 30.56
CA SER R 133 41.23 -46.24 31.90
C SER R 133 42.05 -45.09 32.43
N LEU R 134 41.39 -43.99 32.77
CA LEU R 134 42.08 -42.74 33.00
C LEU R 134 41.67 -42.13 34.34
N LEU R 135 42.67 -41.61 35.06
CA LEU R 135 42.45 -40.81 36.25
C LEU R 135 42.34 -39.35 35.87
N ILE R 136 41.53 -38.61 36.63
CA ILE R 136 41.42 -37.17 36.45
C ILE R 136 41.40 -36.51 37.82
N CYS R 137 42.09 -35.38 37.94
CA CYS R 137 42.25 -34.67 39.20
C CYS R 137 41.67 -33.27 39.07
N GLY R 138 40.97 -32.83 40.12
CA GLY R 138 40.34 -31.52 40.12
C GLY R 138 40.59 -30.81 41.43
N TRP R 139 40.24 -29.52 41.43
CA TRP R 139 40.43 -28.68 42.61
C TRP R 139 39.28 -27.67 42.65
N ASN R 140 38.25 -27.98 43.42
CA ASN R 140 37.06 -27.13 43.51
C ASN R 140 36.68 -26.91 44.96
N GLU R 141 36.14 -25.72 45.23
CA GLU R 141 35.62 -25.36 46.55
C GLU R 141 36.66 -25.60 47.65
N GLY R 142 37.91 -25.27 47.34
CA GLY R 142 38.99 -25.45 48.30
C GLY R 142 39.23 -26.90 48.68
N ARG R 143 38.88 -27.83 47.80
CA ARG R 143 39.05 -29.25 48.06
C ARG R 143 39.68 -29.94 46.85
N PRO R 144 40.51 -30.95 47.09
CA PRO R 144 41.05 -31.73 45.97
C PRO R 144 40.21 -32.95 45.67
N TYR R 145 40.08 -33.26 44.39
CA TYR R 145 39.26 -34.38 43.92
C TYR R 145 40.10 -35.30 43.06
N LEU R 146 39.90 -36.61 43.26
CA LEU R 146 40.56 -37.62 42.46
C LEU R 146 39.56 -38.70 42.09
N PHE R 147 39.57 -39.11 40.82
CA PHE R 147 38.67 -40.13 40.33
C PHE R 147 39.40 -41.01 39.32
N GLN R 148 38.89 -42.22 39.14
CA GLN R 148 39.41 -43.16 38.15
C GLN R 148 38.24 -43.73 37.36
N SER R 149 38.42 -43.86 36.05
CA SER R 149 37.39 -44.36 35.16
C SER R 149 37.75 -45.75 34.66
N ASP R 150 36.73 -46.59 34.49
CA ASP R 150 36.88 -47.96 34.04
C ASP R 150 36.32 -48.11 32.63
N PRO R 151 36.77 -49.13 31.88
CA PRO R 151 36.28 -49.28 30.49
C PRO R 151 34.76 -49.36 30.39
N SER R 152 34.10 -50.05 31.31
CA SER R 152 32.65 -50.05 31.32
C SER R 152 32.11 -48.71 31.78
N GLY R 153 32.76 -48.11 32.77
CA GLY R 153 32.39 -46.80 33.28
C GLY R 153 31.77 -46.87 34.66
N ALA R 154 32.58 -46.63 35.69
CA ALA R 154 32.09 -46.59 37.06
C ALA R 154 33.11 -45.81 37.87
N TYR R 155 32.82 -44.54 38.11
CA TYR R 155 33.76 -43.68 38.81
C TYR R 155 33.84 -44.04 40.29
N PHE R 156 35.04 -43.88 40.85
CA PHE R 156 35.29 -44.11 42.26
C PHE R 156 36.01 -42.92 42.85
N ALA R 157 35.74 -42.65 44.12
CA ALA R 157 36.41 -41.56 44.85
C ALA R 157 37.73 -42.06 45.45
N TRP R 158 38.62 -42.49 44.57
CA TRP R 158 39.87 -43.10 44.99
C TRP R 158 40.78 -42.09 45.65
N LYS R 159 41.76 -42.58 46.38
CA LYS R 159 42.68 -41.72 47.11
C LYS R 159 44.15 -41.98 46.77
N ALA R 160 44.54 -43.23 46.58
CA ALA R 160 45.94 -43.57 46.33
C ALA R 160 46.05 -44.70 45.31
N THR R 161 45.31 -44.61 44.22
CA THR R 161 45.30 -45.68 43.23
C THR R 161 46.62 -45.72 42.46
N ALA R 162 47.13 -46.93 42.26
CA ALA R 162 48.33 -47.17 41.47
C ALA R 162 48.04 -48.06 40.28
N MET R 163 46.92 -47.82 39.63
CA MET R 163 46.47 -48.65 38.52
C MET R 163 47.41 -48.57 37.33
N GLY R 164 47.47 -49.65 36.57
CA GLY R 164 48.37 -49.80 35.45
C GLY R 164 49.00 -51.18 35.49
N LYS R 165 50.13 -51.31 34.79
CA LYS R 165 50.87 -52.56 34.81
C LYS R 165 51.37 -52.87 36.22
N ASN R 166 51.15 -54.11 36.65
CA ASN R 166 51.58 -54.56 37.98
C ASN R 166 51.00 -53.67 39.07
N TYR R 167 49.69 -53.41 38.97
CA TYR R 167 49.06 -52.48 39.90
C TYR R 167 48.81 -53.08 41.28
N VAL R 168 48.78 -54.41 41.40
CA VAL R 168 48.58 -55.02 42.71
C VAL R 168 49.76 -54.71 43.63
N ASN R 169 50.98 -54.79 43.11
CA ASN R 169 52.14 -54.45 43.91
C ASN R 169 52.11 -52.98 44.32
N GLY R 170 51.72 -52.10 43.40
CA GLY R 170 51.60 -50.69 43.74
C GLY R 170 50.58 -50.43 44.82
N LYS R 171 49.42 -51.10 44.74
CA LYS R 171 48.41 -50.95 45.77
C LYS R 171 48.91 -51.45 47.12
N THR R 172 49.58 -52.60 47.13
CA THR R 172 50.11 -53.12 48.39
C THR R 172 51.15 -52.18 48.98
N PHE R 173 52.02 -51.62 48.14
CA PHE R 173 53.03 -50.68 48.64
C PHE R 173 52.39 -49.41 49.16
N LEU R 174 51.38 -48.89 48.47
CA LEU R 174 50.74 -47.64 48.89
C LEU R 174 49.86 -47.83 50.12
N GLU R 175 49.36 -49.03 50.36
CA GLU R 175 48.49 -49.26 51.53
C GLU R 175 49.25 -49.21 52.85
N LYS R 176 50.55 -48.88 52.86
CA LYS R 176 51.29 -48.78 54.11
C LYS R 176 52.16 -47.54 54.20
N ARG R 177 51.99 -46.58 53.29
CA ARG R 177 52.78 -45.35 53.30
C ARG R 177 51.93 -44.11 53.48
N TYR R 178 50.83 -43.99 52.74
CA TYR R 178 49.99 -42.80 52.85
C TYR R 178 49.32 -42.74 54.22
N ASN R 179 49.32 -41.54 54.80
CA ASN R 179 48.71 -41.35 56.12
C ASN R 179 47.95 -40.04 56.23
N GLU R 180 47.60 -39.41 55.11
CA GLU R 180 46.89 -38.13 55.08
C GLU R 180 47.68 -37.01 55.76
N ASP R 181 47.15 -35.79 55.70
CA ASP R 181 47.77 -34.62 56.31
C ASP R 181 49.21 -34.46 55.83
N LEU R 182 49.35 -34.33 54.51
CA LEU R 182 50.65 -34.20 53.87
C LEU R 182 50.61 -33.08 52.85
N GLU R 183 51.78 -32.49 52.60
CA GLU R 183 51.94 -31.51 51.55
C GLU R 183 52.41 -32.20 50.28
N LEU R 184 52.51 -31.44 49.19
CA LEU R 184 52.93 -32.01 47.92
C LEU R 184 54.39 -32.47 47.95
N GLU R 185 55.22 -31.90 48.82
CA GLU R 185 56.63 -32.23 48.84
C GLU R 185 56.86 -33.71 49.15
N ASP R 186 56.17 -34.23 50.16
CA ASP R 186 56.29 -35.65 50.48
C ASP R 186 55.50 -36.52 49.51
N ALA R 187 54.38 -36.02 48.99
CA ALA R 187 53.57 -36.81 48.07
C ALA R 187 54.33 -37.10 46.79
N ILE R 188 55.06 -36.13 46.27
CA ILE R 188 55.83 -36.35 45.05
C ILE R 188 56.89 -37.42 45.27
N HIS R 189 57.58 -37.36 46.41
CA HIS R 189 58.58 -38.38 46.72
C HIS R 189 57.94 -39.76 46.85
N THR R 190 56.77 -39.83 47.48
CA THR R 190 56.08 -41.11 47.60
C THR R 190 55.71 -41.67 46.23
N ALA R 191 55.21 -40.81 45.34
CA ALA R 191 54.87 -41.27 43.99
C ALA R 191 56.11 -41.74 43.25
N ILE R 192 57.22 -41.03 43.40
CA ILE R 192 58.47 -41.44 42.75
C ILE R 192 58.92 -42.80 43.26
N LEU R 193 58.82 -43.02 44.57
CA LEU R 193 59.17 -44.32 45.13
C LEU R 193 58.25 -45.42 44.62
N THR R 194 56.95 -45.14 44.49
CA THR R 194 56.03 -46.14 43.98
C THR R 194 56.37 -46.52 42.55
N LEU R 195 56.72 -45.53 41.71
CA LEU R 195 57.16 -45.84 40.36
C LEU R 195 58.47 -46.61 40.37
N LYS R 196 59.37 -46.26 41.29
CA LYS R 196 60.66 -46.94 41.37
C LYS R 196 60.49 -48.41 41.71
N GLU R 197 59.48 -48.73 42.53
CA GLU R 197 59.29 -50.11 42.96
C GLU R 197 59.12 -51.06 41.77
N SER R 198 58.55 -50.57 40.66
CA SER R 198 58.39 -51.38 39.45
C SER R 198 58.61 -50.49 38.24
N PHE R 199 59.85 -50.46 37.74
CA PHE R 199 60.17 -49.67 36.56
C PHE R 199 61.05 -50.39 35.55
N GLU R 200 61.73 -51.48 35.91
CA GLU R 200 62.63 -52.19 35.01
C GLU R 200 63.71 -51.25 34.48
N GLY R 201 64.52 -50.73 35.40
CA GLY R 201 65.57 -49.79 35.11
C GLY R 201 65.57 -48.66 36.11
N GLN R 202 66.39 -47.65 35.83
CA GLN R 202 66.49 -46.48 36.68
C GLN R 202 65.80 -45.29 36.02
N MET R 203 65.19 -44.45 36.85
CA MET R 203 64.54 -43.25 36.32
C MET R 203 65.58 -42.30 35.76
N THR R 204 65.25 -41.68 34.64
CA THR R 204 66.12 -40.70 34.01
C THR R 204 65.42 -39.34 33.97
N GLU R 205 66.15 -38.35 33.45
CA GLU R 205 65.61 -37.00 33.34
C GLU R 205 64.41 -36.94 32.40
N ASP R 206 64.30 -37.87 31.46
CA ASP R 206 63.25 -37.82 30.46
C ASP R 206 62.38 -39.08 30.54
N ASN R 207 61.94 -39.45 31.75
CA ASN R 207 61.05 -40.58 31.92
C ASN R 207 59.92 -40.33 32.89
N ILE R 208 59.78 -39.12 33.43
CA ILE R 208 58.75 -38.80 34.42
C ILE R 208 58.00 -37.57 33.96
N GLU R 209 56.67 -37.62 34.04
CA GLU R 209 55.79 -36.55 33.59
C GLU R 209 54.84 -36.13 34.70
N VAL R 210 55.40 -35.88 35.89
CA VAL R 210 54.59 -35.49 37.03
C VAL R 210 53.89 -34.16 36.75
N GLY R 211 52.66 -34.05 37.25
CA GLY R 211 51.90 -32.82 37.13
C GLY R 211 51.05 -32.56 38.36
N ILE R 212 51.19 -31.38 38.96
CA ILE R 212 50.50 -31.03 40.18
C ILE R 212 49.24 -30.24 39.84
N CYS R 213 48.32 -30.19 40.79
CA CYS R 213 47.06 -29.47 40.63
C CYS R 213 46.75 -28.68 41.90
N ASN R 214 47.72 -27.91 42.38
CA ASN R 214 47.54 -27.11 43.58
C ASN R 214 46.56 -25.96 43.29
N GLU R 215 46.37 -25.10 44.31
CA GLU R 215 45.37 -24.05 44.19
C GLU R 215 45.88 -22.89 43.36
N ALA R 216 46.42 -23.20 42.17
CA ALA R 216 46.79 -22.19 41.19
C ALA R 216 46.25 -22.58 39.84
N GLY R 217 46.22 -23.89 39.56
CA GLY R 217 45.77 -24.41 38.29
C GLY R 217 46.19 -25.84 38.07
N PHE R 218 46.76 -26.13 36.92
CA PHE R 218 47.25 -27.47 36.58
C PHE R 218 48.65 -27.37 35.98
N ARG R 219 49.54 -26.66 36.66
CA ARG R 219 50.91 -26.55 36.19
C ARG R 219 51.54 -27.93 36.01
N ARG R 220 52.23 -28.12 34.90
CA ARG R 220 52.96 -29.34 34.61
C ARG R 220 54.44 -29.09 34.83
N LEU R 221 55.07 -29.95 35.63
CA LEU R 221 56.45 -29.70 36.05
C LEU R 221 57.39 -29.74 34.86
N THR R 222 58.29 -28.75 34.80
CA THR R 222 59.26 -28.67 33.72
C THR R 222 60.30 -29.78 33.86
N PRO R 223 60.93 -30.19 32.75
CA PRO R 223 61.90 -31.29 32.83
C PRO R 223 63.04 -31.03 33.80
N THR R 224 63.54 -29.80 33.87
CA THR R 224 64.61 -29.50 34.82
C THR R 224 64.09 -29.53 36.26
N GLU R 225 62.85 -29.12 36.48
CA GLU R 225 62.27 -29.23 37.81
C GLU R 225 62.11 -30.69 38.22
N VAL R 226 61.70 -31.54 37.28
CA VAL R 226 61.61 -32.97 37.54
C VAL R 226 62.99 -33.53 37.84
N LYS R 227 64.01 -33.03 37.15
CA LYS R 227 65.39 -33.44 37.47
C LYS R 227 65.75 -33.04 38.89
N ASP R 228 65.36 -31.85 39.31
CA ASP R 228 65.67 -31.39 40.67
C ASP R 228 65.01 -32.30 41.70
N TYR R 229 63.72 -32.60 41.53
CA TYR R 229 63.06 -33.51 42.46
C TYR R 229 63.65 -34.91 42.42
N LEU R 230 63.98 -35.42 41.23
CA LEU R 230 64.54 -36.76 41.12
C LEU R 230 65.88 -36.86 41.84
N ALA R 231 66.72 -35.84 41.68
CA ALA R 231 67.98 -35.81 42.42
C ALA R 231 67.73 -35.71 43.91
N ALA R 232 66.77 -34.88 44.32
CA ALA R 232 66.44 -34.72 45.74
C ALA R 232 65.54 -35.85 46.20
N ARG S 1 20.61 -74.56 25.98
CA ARG S 1 20.63 -75.09 24.62
C ARG S 1 21.25 -74.09 23.65
N ARG S 2 21.19 -74.42 22.36
CA ARG S 2 21.76 -73.54 21.34
C ARG S 2 20.90 -72.31 21.07
N TYR S 3 19.67 -72.28 21.56
CA TYR S 3 18.76 -71.16 21.32
C TYR S 3 18.93 -70.04 22.34
N ASP S 4 20.17 -69.56 22.50
CA ASP S 4 20.42 -68.45 23.40
C ASP S 4 21.50 -67.51 22.89
N SER S 5 21.84 -67.58 21.59
CA SER S 5 22.90 -66.72 21.07
C SER S 5 22.44 -65.28 20.94
N ARG S 6 21.19 -65.06 20.58
CA ARG S 6 20.64 -63.72 20.38
C ARG S 6 19.37 -63.56 21.20
N THR S 7 19.12 -62.33 21.62
CA THR S 7 17.98 -62.03 22.50
C THR S 7 16.70 -61.74 21.70
N THR S 8 16.40 -62.61 20.74
CA THR S 8 15.19 -62.47 19.95
C THR S 8 14.55 -63.81 19.63
N ILE S 9 15.12 -64.93 20.10
CA ILE S 9 14.70 -66.26 19.71
C ILE S 9 14.07 -66.97 20.90
N PHE S 10 12.99 -67.69 20.65
CA PHE S 10 12.31 -68.46 21.69
C PHE S 10 13.00 -69.83 21.82
N SER S 11 12.36 -70.72 22.56
CA SER S 11 12.86 -72.06 22.84
C SER S 11 11.76 -73.07 22.56
N PRO S 12 12.11 -74.34 22.30
CA PRO S 12 11.08 -75.35 22.06
C PRO S 12 10.09 -75.48 23.19
N GLU S 13 10.54 -75.36 24.45
CA GLU S 13 9.61 -75.32 25.56
C GLU S 13 8.92 -73.97 25.66
N GLY S 14 9.56 -72.92 25.19
CA GLY S 14 9.00 -71.58 25.20
C GLY S 14 9.56 -70.74 26.33
N ARG S 15 10.58 -69.93 26.02
CA ARG S 15 11.23 -69.08 27.01
C ARG S 15 12.26 -68.19 26.32
N LEU S 16 12.46 -66.98 26.85
CA LEU S 16 13.54 -66.10 26.39
C LEU S 16 14.76 -66.39 27.25
N TYR S 17 15.74 -67.08 26.67
CA TYR S 17 16.89 -67.53 27.47
C TYR S 17 17.84 -66.39 27.81
N GLN S 18 17.98 -65.40 26.91
CA GLN S 18 18.92 -64.32 27.16
C GLN S 18 18.50 -63.50 28.38
N VAL S 19 17.21 -63.14 28.47
CA VAL S 19 16.76 -62.38 29.62
C VAL S 19 16.82 -63.24 30.88
N GLU S 20 16.60 -64.55 30.76
CA GLU S 20 16.74 -65.42 31.90
C GLU S 20 18.18 -65.42 32.42
N TYR S 21 19.15 -65.45 31.52
CA TYR S 21 20.55 -65.37 31.94
C TYR S 21 20.86 -64.01 32.56
N ALA S 22 20.33 -62.93 31.97
CA ALA S 22 20.53 -61.61 32.53
C ALA S 22 19.91 -61.49 33.92
N MET S 23 18.87 -62.28 34.19
CA MET S 23 18.25 -62.29 35.52
C MET S 23 19.24 -62.75 36.59
N GLU S 24 20.25 -63.53 36.22
CA GLU S 24 21.25 -63.99 37.19
C GLU S 24 22.32 -62.93 37.47
N ALA S 25 22.39 -61.87 36.66
CA ALA S 25 23.40 -60.84 36.87
C ALA S 25 23.16 -60.10 38.19
N ILE S 26 21.91 -59.87 38.55
CA ILE S 26 21.58 -59.12 39.76
C ILE S 26 21.79 -60.01 40.98
N GLY S 27 22.20 -61.26 40.75
CA GLY S 27 22.56 -62.15 41.83
C GLY S 27 23.95 -61.96 42.38
N HIS S 28 24.71 -61.01 41.84
CA HIS S 28 26.06 -60.71 42.29
C HIS S 28 26.17 -59.27 42.76
N ALA S 29 25.19 -58.81 43.53
CA ALA S 29 25.18 -57.48 44.10
C ALA S 29 24.80 -57.56 45.57
N GLY S 30 25.00 -56.47 46.28
CA GLY S 30 24.67 -56.44 47.69
C GLY S 30 23.17 -56.53 47.92
N THR S 31 22.81 -57.07 49.09
CA THR S 31 21.40 -57.21 49.43
C THR S 31 20.76 -55.84 49.66
N CYS S 32 19.43 -55.81 49.54
CA CYS S 32 18.67 -54.57 49.69
C CYS S 32 17.37 -54.86 50.42
N LEU S 33 17.18 -54.22 51.55
CA LEU S 33 15.96 -54.29 52.35
C LEU S 33 15.02 -53.17 51.90
N GLY S 34 14.08 -52.76 52.77
CA GLY S 34 13.05 -51.84 52.34
C GLY S 34 11.63 -52.22 52.75
N ILE S 35 11.50 -52.89 53.88
CA ILE S 35 10.20 -53.20 54.47
C ILE S 35 9.40 -51.91 54.66
N LEU S 36 8.07 -52.03 54.65
CA LEU S 36 7.16 -50.89 54.74
C LEU S 36 6.50 -50.87 56.11
N ALA S 37 6.45 -49.69 56.72
CA ALA S 37 5.84 -49.49 58.02
C ALA S 37 4.59 -48.63 57.89
N ASN S 38 3.96 -48.35 59.03
CA ASN S 38 2.73 -47.55 59.03
C ASN S 38 3.01 -46.10 58.67
N ASP S 39 4.02 -45.50 59.31
CA ASP S 39 4.34 -44.09 59.13
C ASP S 39 5.43 -43.88 58.08
N GLY S 40 6.63 -44.36 58.36
CA GLY S 40 7.74 -44.22 57.45
C GLY S 40 7.92 -45.46 56.59
N VAL S 41 8.80 -45.33 55.60
CA VAL S 41 9.09 -46.41 54.66
C VAL S 41 10.60 -46.57 54.66
N LEU S 42 11.12 -47.43 55.54
CA LEU S 42 12.55 -47.59 55.69
C LEU S 42 13.15 -48.26 54.46
N LEU S 43 14.43 -47.94 54.20
CA LEU S 43 15.13 -48.48 53.04
C LEU S 43 16.59 -48.68 53.43
N ALA S 44 16.97 -49.93 53.68
CA ALA S 44 18.37 -50.25 53.97
C ALA S 44 19.15 -50.40 52.66
N ALA S 45 20.42 -50.74 52.77
CA ALA S 45 21.29 -50.89 51.62
C ALA S 45 22.49 -51.73 52.00
N GLU S 46 23.49 -51.77 51.13
CA GLU S 46 24.73 -52.48 51.39
C GLU S 46 25.82 -51.90 50.50
N ARG S 47 27.00 -51.70 51.08
CA ARG S 47 28.15 -51.12 50.38
C ARG S 47 29.17 -52.23 50.15
N ARG S 48 29.24 -52.74 48.91
CA ARG S 48 30.19 -53.79 48.60
C ARG S 48 31.63 -53.30 48.72
N ASN S 49 31.90 -52.08 48.24
CA ASN S 49 33.25 -51.52 48.26
C ASN S 49 33.59 -51.15 49.70
N ILE S 50 34.40 -51.96 50.36
CA ILE S 50 34.78 -51.73 51.74
C ILE S 50 36.29 -51.61 51.84
N HIS S 51 36.93 -51.12 50.78
CA HIS S 51 38.37 -50.97 50.77
C HIS S 51 38.80 -49.84 51.70
N LYS S 52 40.09 -49.85 52.06
CA LYS S 52 40.64 -48.91 53.01
C LYS S 52 41.14 -47.61 52.39
N LEU S 53 41.01 -47.46 51.07
CA LEU S 53 41.51 -46.27 50.37
C LEU S 53 40.39 -45.59 49.57
N LEU S 54 39.19 -45.57 50.12
CA LEU S 54 38.05 -44.95 49.46
C LEU S 54 37.57 -43.77 50.29
N ASP S 55 37.38 -42.63 49.62
CA ASP S 55 36.89 -41.43 50.28
C ASP S 55 35.36 -41.40 50.22
N GLU S 56 34.76 -40.80 51.25
CA GLU S 56 33.30 -40.71 51.32
C GLU S 56 32.76 -39.78 50.24
N VAL S 57 31.55 -40.09 49.78
CA VAL S 57 30.86 -39.30 48.78
C VAL S 57 29.45 -39.02 49.28
N PHE S 58 28.87 -37.92 48.80
CA PHE S 58 27.55 -37.49 49.25
C PHE S 58 26.47 -38.48 48.84
N PHE S 59 25.48 -38.65 49.72
CA PHE S 59 24.32 -39.51 49.48
C PHE S 59 24.73 -40.94 49.16
N SER S 60 25.77 -41.42 49.83
CA SER S 60 26.23 -42.80 49.74
C SER S 60 26.50 -43.14 48.26
N GLU S 61 26.35 -44.41 47.89
CA GLU S 61 26.55 -44.84 46.52
C GLU S 61 25.33 -45.53 45.93
N LYS S 62 24.33 -45.87 46.74
CA LYS S 62 23.14 -46.57 46.27
C LYS S 62 21.89 -45.71 46.31
N ILE S 63 21.58 -45.13 47.46
CA ILE S 63 20.36 -44.35 47.61
C ILE S 63 20.48 -43.05 46.81
N TYR S 64 19.45 -42.76 46.02
CA TYR S 64 19.39 -41.57 45.18
C TYR S 64 18.22 -40.70 45.63
N LYS S 65 17.92 -39.68 44.84
CA LYS S 65 16.80 -38.78 45.12
C LYS S 65 16.23 -38.32 43.79
N LEU S 66 14.98 -38.68 43.51
CA LEU S 66 14.47 -38.52 42.14
C LEU S 66 13.99 -37.08 41.87
N ASN S 67 12.88 -36.67 42.50
CA ASN S 67 12.43 -35.30 42.33
C ASN S 67 12.35 -34.54 43.64
N GLU S 68 11.49 -34.95 44.56
CA GLU S 68 11.48 -34.38 45.91
C GLU S 68 11.18 -35.40 47.01
N ASP S 69 10.64 -36.55 46.69
CA ASP S 69 10.25 -37.54 47.68
C ASP S 69 10.74 -38.95 47.36
N MET S 70 10.76 -39.32 46.09
CA MET S 70 11.06 -40.70 45.71
C MET S 70 12.55 -40.94 45.60
N ALA S 71 12.99 -42.08 46.14
CA ALA S 71 14.36 -42.54 46.03
C ALA S 71 14.39 -43.88 45.31
N CYS S 72 15.61 -44.38 45.07
CA CYS S 72 15.79 -45.66 44.41
C CYS S 72 17.07 -46.30 44.92
N SER S 73 17.18 -47.61 44.70
CA SER S 73 18.39 -48.35 44.97
C SER S 73 18.67 -49.30 43.81
N VAL S 74 19.93 -49.40 43.42
CA VAL S 74 20.31 -50.16 42.25
C VAL S 74 21.03 -51.43 42.70
N ALA S 75 21.28 -52.31 41.74
CA ALA S 75 21.98 -53.56 41.98
C ALA S 75 22.38 -54.16 40.64
N GLY S 76 23.51 -54.87 40.63
CA GLY S 76 24.00 -55.48 39.42
C GLY S 76 25.11 -54.67 38.78
N ILE S 77 25.14 -54.64 37.45
CA ILE S 77 26.16 -53.86 36.75
C ILE S 77 25.89 -52.37 36.99
N THR S 78 26.73 -51.74 37.79
CA THR S 78 26.52 -50.35 38.15
C THR S 78 26.76 -49.40 36.99
N SER S 79 27.44 -49.86 35.93
CA SER S 79 27.73 -49.00 34.80
C SER S 79 26.49 -48.65 33.99
N ASP S 80 25.37 -49.33 34.22
CA ASP S 80 24.13 -49.08 33.48
C ASP S 80 23.03 -48.51 34.36
N ALA S 81 23.35 -48.11 35.59
CA ALA S 81 22.37 -47.50 36.47
C ALA S 81 22.40 -45.98 36.44
N ASN S 82 23.56 -45.39 36.15
CA ASN S 82 23.66 -43.94 36.04
C ASN S 82 22.84 -43.40 34.88
N VAL S 83 22.56 -44.23 33.88
CA VAL S 83 21.71 -43.80 32.78
C VAL S 83 20.23 -43.90 33.16
N LEU S 84 19.85 -45.01 33.80
CA LEU S 84 18.46 -45.20 34.18
C LEU S 84 18.03 -44.15 35.20
N THR S 85 18.86 -43.87 36.21
CA THR S 85 18.47 -42.88 37.20
C THR S 85 18.32 -41.50 36.58
N ASN S 86 19.22 -41.15 35.66
CA ASN S 86 19.13 -39.85 34.99
C ASN S 86 17.85 -39.76 34.17
N GLU S 87 17.57 -40.78 33.36
CA GLU S 87 16.38 -40.73 32.51
C GLU S 87 15.11 -40.75 33.35
N LEU S 88 15.14 -41.42 34.50
CA LEU S 88 13.98 -41.46 35.37
C LEU S 88 13.73 -40.10 36.02
N ARG S 89 14.80 -39.44 36.46
CA ARG S 89 14.70 -38.06 36.92
C ARG S 89 14.09 -37.19 35.82
N LEU S 90 14.55 -37.38 34.58
CA LEU S 90 14.05 -36.57 33.47
C LEU S 90 12.56 -36.80 33.24
N ILE S 91 12.11 -38.05 33.30
CA ILE S 91 10.70 -38.32 33.05
C ILE S 91 9.84 -37.75 34.17
N ALA S 92 10.32 -37.82 35.41
CA ALA S 92 9.58 -37.21 36.52
C ALA S 92 9.44 -35.71 36.34
N GLN S 93 10.55 -35.04 36.00
CA GLN S 93 10.49 -33.60 35.81
C GLN S 93 9.62 -33.22 34.62
N ARG S 94 9.65 -34.04 33.57
CA ARG S 94 8.80 -33.78 32.41
C ARG S 94 7.33 -33.89 32.75
N TYR S 95 6.96 -34.90 33.55
CA TYR S 95 5.57 -35.01 33.98
C TYR S 95 5.18 -33.80 34.83
N LEU S 96 6.08 -33.35 35.71
CA LEU S 96 5.78 -32.17 36.52
C LEU S 96 5.58 -30.94 35.64
N LEU S 97 6.38 -30.81 34.58
CA LEU S 97 6.18 -29.70 33.65
C LEU S 97 4.82 -29.79 32.97
N GLN S 98 4.41 -31.00 32.59
CA GLN S 98 3.09 -31.17 31.97
C GLN S 98 1.98 -30.78 32.94
N TYR S 99 1.85 -31.52 34.04
CA TYR S 99 0.81 -31.29 35.02
C TYR S 99 1.47 -30.83 36.32
N GLN S 100 0.93 -29.78 36.93
CA GLN S 100 1.55 -29.20 38.13
C GLN S 100 1.07 -29.89 39.39
N GLU S 101 1.40 -31.18 39.48
CA GLU S 101 1.19 -31.99 40.67
C GLU S 101 2.39 -32.90 40.85
N PRO S 102 2.68 -33.30 42.08
CA PRO S 102 3.71 -34.34 42.29
C PRO S 102 3.30 -35.62 41.59
N ILE S 103 4.28 -36.32 41.04
CA ILE S 103 3.99 -37.49 40.22
C ILE S 103 3.51 -38.63 41.11
N PRO S 104 2.50 -39.41 40.70
CA PRO S 104 2.18 -40.64 41.42
C PRO S 104 3.21 -41.71 41.15
N CYS S 105 3.06 -42.88 41.78
CA CYS S 105 4.06 -43.93 41.61
C CYS S 105 3.95 -44.59 40.24
N GLU S 106 2.72 -44.89 39.79
CA GLU S 106 2.54 -45.67 38.58
C GLU S 106 3.14 -44.96 37.37
N GLN S 107 2.85 -43.67 37.21
CA GLN S 107 3.34 -42.92 36.06
C GLN S 107 4.85 -42.75 36.07
N LEU S 108 5.55 -43.33 37.04
CA LEU S 108 7.00 -43.41 37.04
C LEU S 108 7.49 -44.84 36.86
N VAL S 109 6.97 -45.77 37.65
CA VAL S 109 7.42 -47.16 37.57
C VAL S 109 7.09 -47.74 36.20
N THR S 110 5.85 -47.56 35.75
CA THR S 110 5.46 -48.05 34.42
C THR S 110 6.26 -47.37 33.33
N ALA S 111 6.50 -46.06 33.49
CA ALA S 111 7.24 -45.33 32.47
C ALA S 111 8.66 -45.88 32.30
N LEU S 112 9.33 -46.20 33.41
CA LEU S 112 10.68 -46.75 33.27
C LEU S 112 10.66 -48.20 32.83
N CYS S 113 9.70 -48.98 33.32
CA CYS S 113 9.59 -50.38 32.89
C CYS S 113 9.35 -50.49 31.40
N ASP S 114 8.68 -49.48 30.82
CA ASP S 114 8.46 -49.48 29.38
C ASP S 114 9.79 -49.52 28.62
N ILE S 115 10.71 -48.62 28.96
CA ILE S 115 12.02 -48.60 28.30
C ILE S 115 12.80 -49.87 28.62
N LYS S 116 12.76 -50.30 29.89
CA LYS S 116 13.50 -51.49 30.29
C LYS S 116 13.06 -52.71 29.48
N GLN S 117 11.77 -52.82 29.20
CA GLN S 117 11.29 -53.92 28.36
C GLN S 117 11.57 -53.67 26.89
N ALA S 118 11.48 -52.42 26.43
CA ALA S 118 11.70 -52.12 25.02
C ALA S 118 13.10 -52.50 24.58
N TYR S 119 14.07 -52.37 25.46
CA TYR S 119 15.36 -52.98 25.07
C TYR S 119 15.34 -54.52 25.06
N THR S 120 14.22 -55.24 25.18
CA THR S 120 14.24 -56.70 25.07
C THR S 120 13.41 -57.18 23.88
N GLN S 121 13.23 -56.33 22.87
CA GLN S 121 12.37 -56.69 21.74
C GLN S 121 12.92 -56.20 20.40
N PHE S 122 14.11 -55.61 20.37
CA PHE S 122 14.67 -55.01 19.18
C PHE S 122 16.12 -55.46 19.00
N GLY S 123 16.31 -56.78 19.05
CA GLY S 123 17.62 -57.43 19.13
C GLY S 123 18.76 -56.75 18.42
N GLY S 124 19.88 -56.62 19.12
CA GLY S 124 21.00 -55.83 18.69
C GLY S 124 21.50 -55.00 19.84
N LYS S 125 20.78 -55.07 20.96
CA LYS S 125 21.14 -54.36 22.18
C LYS S 125 20.86 -55.28 23.36
N ARG S 126 21.86 -55.44 24.23
CA ARG S 126 21.68 -56.26 25.41
C ARG S 126 20.76 -55.56 26.41
N PRO S 127 19.92 -56.30 27.13
CA PRO S 127 19.04 -55.67 28.11
C PRO S 127 19.81 -55.16 29.31
N PHE S 128 19.25 -54.13 29.96
CA PHE S 128 19.86 -53.57 31.16
C PHE S 128 19.87 -54.61 32.27
N GLY S 129 21.02 -54.73 32.94
CA GLY S 129 21.07 -55.56 34.13
C GLY S 129 20.89 -54.73 35.38
N VAL S 130 19.66 -54.66 35.88
CA VAL S 130 19.34 -53.83 37.04
C VAL S 130 18.20 -54.50 37.80
N SER S 131 18.07 -54.12 39.07
CA SER S 131 17.00 -54.61 39.93
C SER S 131 16.46 -53.46 40.76
N LEU S 132 16.19 -52.32 40.10
CA LEU S 132 15.82 -51.09 40.78
C LEU S 132 14.69 -51.31 41.77
N LEU S 133 14.87 -50.79 42.98
CA LEU S 133 13.86 -50.82 44.02
C LEU S 133 13.38 -49.41 44.30
N TYR S 134 12.07 -49.20 44.26
CA TYR S 134 11.48 -47.87 44.30
C TYR S 134 10.87 -47.60 45.67
N ILE S 135 10.53 -46.33 45.89
CA ILE S 135 10.02 -45.85 47.17
C ILE S 135 9.43 -44.46 46.95
N GLY S 136 8.39 -44.11 47.70
CA GLY S 136 7.83 -42.79 47.58
C GLY S 136 6.48 -42.68 48.26
N TRP S 137 5.95 -41.46 48.23
CA TRP S 137 4.66 -41.15 48.81
C TRP S 137 3.86 -40.30 47.83
N ASP S 138 2.54 -40.38 47.95
CA ASP S 138 1.65 -39.54 47.16
C ASP S 138 0.40 -39.27 48.00
N LYS S 139 -0.62 -38.71 47.36
CA LYS S 139 -1.88 -38.42 48.03
C LYS S 139 -3.04 -39.29 47.54
N HIS S 140 -2.76 -40.27 46.68
CA HIS S 140 -3.80 -41.14 46.16
C HIS S 140 -3.81 -42.53 46.78
N TYR S 141 -2.65 -43.02 47.21
CA TYR S 141 -2.57 -44.37 47.75
C TYR S 141 -1.70 -44.46 49.01
N GLY S 142 -1.45 -43.33 49.68
CA GLY S 142 -0.63 -43.38 50.88
C GLY S 142 0.80 -43.76 50.56
N PHE S 143 1.38 -44.58 51.44
CA PHE S 143 2.76 -45.04 51.28
C PHE S 143 2.76 -46.41 50.61
N GLN S 144 3.65 -46.58 49.63
CA GLN S 144 3.77 -47.84 48.93
C GLN S 144 5.17 -47.98 48.36
N LEU S 145 5.53 -49.22 48.05
CA LEU S 145 6.86 -49.57 47.55
C LEU S 145 6.73 -50.51 46.36
N TYR S 146 7.65 -50.39 45.41
CA TYR S 146 7.66 -51.20 44.22
C TYR S 146 9.05 -51.77 43.98
N GLN S 147 9.08 -52.97 43.39
CA GLN S 147 10.33 -53.65 43.06
C GLN S 147 10.28 -54.02 41.57
N SER S 148 11.33 -53.67 40.85
CA SER S 148 11.37 -53.85 39.41
C SER S 148 12.09 -55.15 39.05
N ASP S 149 12.38 -55.32 37.76
CA ASP S 149 12.97 -56.53 37.23
C ASP S 149 13.60 -56.19 35.89
N PRO S 150 14.71 -56.84 35.51
CA PRO S 150 15.34 -56.50 34.22
C PRO S 150 14.41 -56.67 33.03
N SER S 151 13.58 -57.71 33.02
CA SER S 151 12.58 -57.83 31.95
C SER S 151 11.43 -56.86 32.15
N GLY S 152 11.03 -56.66 33.41
CA GLY S 152 9.94 -55.77 33.76
C GLY S 152 8.74 -56.55 34.25
N ASN S 153 8.65 -56.72 35.56
CA ASN S 153 7.55 -57.42 36.21
C ASN S 153 7.18 -56.73 37.51
N TYR S 154 7.10 -55.41 37.49
CA TYR S 154 6.94 -54.63 38.71
C TYR S 154 5.69 -55.06 39.46
N GLY S 155 5.84 -55.22 40.77
CA GLY S 155 4.72 -55.57 41.63
C GLY S 155 4.74 -54.75 42.89
N GLY S 156 3.55 -54.45 43.40
CA GLY S 156 3.43 -53.64 44.59
C GLY S 156 3.80 -54.37 45.85
N TRP S 157 5.08 -54.69 46.00
CA TRP S 157 5.53 -55.45 47.17
C TRP S 157 5.47 -54.58 48.42
N LYS S 158 5.16 -55.24 49.55
CA LYS S 158 5.15 -54.58 50.85
C LYS S 158 6.46 -54.71 51.59
N ALA S 159 7.21 -55.78 51.34
CA ALA S 159 8.54 -55.97 51.92
C ALA S 159 9.25 -57.04 51.11
N THR S 160 10.40 -56.70 50.55
CA THR S 160 11.12 -57.60 49.66
C THR S 160 12.61 -57.46 49.90
N CYS S 161 13.39 -58.25 49.16
CA CYS S 161 14.85 -58.23 49.30
C CYS S 161 15.47 -58.71 48.00
N ILE S 162 16.08 -57.79 47.26
CA ILE S 162 16.76 -58.12 46.02
C ILE S 162 18.22 -58.43 46.32
N GLY S 163 18.89 -59.06 45.35
CA GLY S 163 20.31 -59.31 45.45
C GLY S 163 20.63 -60.71 45.92
N ASN S 164 21.90 -60.89 46.28
CA ASN S 164 22.39 -62.20 46.72
C ASN S 164 21.73 -62.59 48.04
N ASN S 165 21.62 -63.91 48.24
CA ASN S 165 20.99 -64.47 49.44
C ASN S 165 19.56 -63.98 49.61
N SER S 166 18.89 -63.68 48.50
CA SER S 166 17.53 -63.15 48.57
C SER S 166 16.55 -64.19 49.10
N ALA S 167 16.77 -65.47 48.80
CA ALA S 167 15.81 -66.50 49.18
C ALA S 167 15.67 -66.60 50.70
N ALA S 168 16.79 -66.75 51.40
CA ALA S 168 16.74 -66.91 52.85
C ALA S 168 16.20 -65.66 53.52
N ALA S 169 16.65 -64.49 53.07
CA ALA S 169 16.18 -63.23 53.67
C ALA S 169 14.68 -63.07 53.46
N VAL S 170 14.21 -63.35 52.26
CA VAL S 170 12.77 -63.22 51.97
C VAL S 170 11.97 -64.19 52.81
N SER S 171 12.43 -65.44 52.91
CA SER S 171 11.71 -66.44 53.68
C SER S 171 11.62 -66.06 55.15
N MET S 172 12.75 -65.65 55.73
CA MET S 172 12.75 -65.31 57.16
C MET S 172 11.99 -64.01 57.42
N LEU S 173 12.00 -63.08 56.45
CA LEU S 173 11.15 -61.90 56.55
C LEU S 173 9.67 -62.27 56.54
N LYS S 174 9.30 -63.20 55.65
CA LYS S 174 7.93 -63.67 55.60
C LYS S 174 7.51 -64.34 56.90
N GLN S 175 8.43 -65.09 57.52
CA GLN S 175 8.12 -65.77 58.77
C GLN S 175 8.16 -64.85 59.98
N ASP S 176 8.69 -63.64 59.85
CA ASP S 176 8.87 -62.74 61.00
C ASP S 176 8.45 -61.32 60.65
N TYR S 177 7.31 -61.18 59.98
CA TYR S 177 6.75 -59.87 59.67
C TYR S 177 5.43 -59.70 60.40
N LYS S 178 5.32 -58.62 61.18
CA LYS S 178 4.09 -58.32 61.91
C LYS S 178 3.21 -57.43 61.03
N GLU S 179 2.46 -58.09 60.15
CA GLU S 179 1.60 -57.37 59.22
C GLU S 179 0.48 -56.64 59.96
N GLY S 180 0.15 -55.44 59.49
CA GLY S 180 -0.89 -54.62 60.06
C GLY S 180 -0.43 -53.63 61.11
N GLU S 181 0.21 -54.13 62.17
CA GLU S 181 0.74 -53.29 63.23
C GLU S 181 2.26 -53.24 63.07
N MET S 182 2.77 -52.06 62.73
CA MET S 182 4.19 -51.94 62.41
C MET S 182 4.62 -50.51 62.68
N THR S 183 5.71 -50.34 63.41
CA THR S 183 6.22 -49.02 63.75
C THR S 183 7.62 -48.83 63.19
N LEU S 184 8.05 -47.56 63.12
CA LEU S 184 9.33 -47.24 62.50
C LEU S 184 10.49 -47.82 63.29
N LYS S 185 10.46 -47.69 64.62
CA LYS S 185 11.55 -48.24 65.43
C LYS S 185 11.59 -49.77 65.34
N SER S 186 10.43 -50.41 65.42
CA SER S 186 10.37 -51.86 65.27
C SER S 186 10.80 -52.29 63.87
N ALA S 187 10.43 -51.50 62.86
CA ALA S 187 10.87 -51.81 61.49
C ALA S 187 12.38 -51.72 61.38
N LEU S 188 12.99 -50.70 61.98
CA LEU S 188 14.43 -50.56 61.93
C LEU S 188 15.12 -51.71 62.66
N ALA S 189 14.58 -52.11 63.81
CA ALA S 189 15.13 -53.25 64.53
C ALA S 189 15.03 -54.53 63.71
N LEU S 190 13.89 -54.74 63.05
CA LEU S 190 13.73 -55.92 62.21
C LEU S 190 14.70 -55.89 61.03
N ALA S 191 14.92 -54.71 60.45
CA ALA S 191 15.88 -54.59 59.36
C ALA S 191 17.28 -54.94 59.81
N ILE S 192 17.68 -54.46 60.99
CA ILE S 192 19.00 -54.80 61.52
C ILE S 192 19.11 -56.30 61.76
N LYS S 193 18.05 -56.91 62.33
CA LYS S 193 18.05 -58.34 62.56
C LYS S 193 18.19 -59.11 61.25
N VAL S 194 17.47 -58.68 60.21
CA VAL S 194 17.54 -59.34 58.92
C VAL S 194 18.94 -59.25 58.34
N LEU S 195 19.54 -58.06 58.41
CA LEU S 195 20.89 -57.87 57.87
C LEU S 195 21.90 -58.72 58.61
N ASN S 196 21.77 -58.84 59.93
CA ASN S 196 22.66 -59.70 60.69
C ASN S 196 22.44 -61.17 60.33
N LYS S 197 21.18 -61.57 60.12
CA LYS S 197 20.90 -62.95 59.75
C LYS S 197 21.50 -63.31 58.40
N THR S 198 21.41 -62.40 57.43
CA THR S 198 22.00 -62.64 56.12
C THR S 198 23.48 -62.28 56.17
N MET S 199 24.12 -62.22 55.00
CA MET S 199 25.52 -61.84 54.86
C MET S 199 26.43 -62.87 55.52
N ASP S 200 27.75 -62.69 55.43
CA ASP S 200 28.71 -63.63 55.98
C ASP S 200 28.88 -63.52 57.48
N VAL S 201 27.97 -62.83 58.17
CA VAL S 201 28.00 -62.64 59.61
C VAL S 201 29.33 -62.03 60.03
N SER S 202 29.55 -60.77 59.68
CA SER S 202 30.72 -60.03 60.10
C SER S 202 30.42 -59.06 61.23
N LYS S 203 29.24 -59.16 61.84
CA LYS S 203 28.73 -58.32 62.92
C LYS S 203 28.44 -56.90 62.48
N LEU S 204 28.72 -56.55 61.23
CA LEU S 204 28.42 -55.24 60.66
C LEU S 204 29.12 -54.10 61.38
N SER S 205 28.97 -52.89 60.87
CA SER S 205 29.54 -51.67 61.46
C SER S 205 28.95 -50.49 60.72
N ALA S 206 29.38 -49.28 61.11
CA ALA S 206 28.93 -48.07 60.44
C ALA S 206 29.57 -47.91 59.06
N GLU S 207 30.57 -48.73 58.72
CA GLU S 207 31.26 -48.62 57.44
C GLU S 207 30.82 -49.70 56.46
N LYS S 208 29.67 -50.32 56.68
CA LYS S 208 29.18 -51.36 55.78
C LYS S 208 27.70 -51.27 55.46
N VAL S 209 26.96 -50.32 56.02
CA VAL S 209 25.52 -50.23 55.82
C VAL S 209 25.15 -48.79 55.50
N GLU S 210 23.96 -48.63 54.92
CA GLU S 210 23.39 -47.32 54.65
C GLU S 210 21.88 -47.41 54.80
N ILE S 211 21.28 -46.45 55.50
CA ILE S 211 19.86 -46.48 55.83
C ILE S 211 19.23 -45.16 55.41
N ALA S 212 18.08 -45.24 54.75
CA ALA S 212 17.32 -44.07 54.33
C ALA S 212 15.88 -44.24 54.77
N THR S 213 15.24 -43.13 55.14
CA THR S 213 13.87 -43.13 55.63
C THR S 213 13.04 -42.12 54.84
N LEU S 214 11.73 -42.17 55.05
CA LEU S 214 10.79 -41.29 54.34
C LEU S 214 9.72 -40.77 55.28
N THR S 215 10.13 -40.28 56.45
CA THR S 215 9.17 -39.71 57.39
C THR S 215 8.50 -38.48 56.78
N ARG S 216 7.17 -38.51 56.72
CA ARG S 216 6.38 -37.40 56.19
C ARG S 216 5.76 -36.65 57.36
N GLU S 217 6.06 -35.35 57.47
CA GLU S 217 5.54 -34.54 58.55
C GLU S 217 5.44 -33.09 58.10
N ASN S 218 4.56 -32.35 58.78
CA ASN S 218 4.38 -30.92 58.54
C ASN S 218 3.98 -30.61 57.10
N GLY S 219 3.33 -31.56 56.43
CA GLY S 219 2.89 -31.35 55.07
C GLY S 219 4.02 -31.09 54.09
N LYS S 220 5.20 -31.67 54.32
CA LYS S 220 6.34 -31.50 53.42
C LYS S 220 7.20 -32.75 53.56
N THR S 221 7.09 -33.67 52.61
CA THR S 221 7.83 -34.92 52.66
C THR S 221 9.32 -34.65 52.59
N VAL S 222 10.07 -35.28 53.47
CA VAL S 222 11.52 -35.11 53.55
C VAL S 222 12.19 -36.48 53.46
N ILE S 223 13.43 -36.48 52.97
CA ILE S 223 14.24 -37.68 52.90
C ILE S 223 15.52 -37.42 53.68
N ARG S 224 15.82 -38.29 54.64
CA ARG S 224 16.98 -38.13 55.49
C ARG S 224 17.77 -39.43 55.54
N VAL S 225 19.08 -39.30 55.66
CA VAL S 225 20.00 -40.43 55.77
C VAL S 225 20.60 -40.39 57.17
N LEU S 226 20.51 -41.51 57.89
CA LEU S 226 21.02 -41.56 59.25
C LEU S 226 22.53 -41.35 59.27
N LYS S 227 23.00 -40.67 60.30
CA LYS S 227 24.41 -40.35 60.42
C LYS S 227 25.22 -41.61 60.74
N GLN S 228 26.54 -41.50 60.57
CA GLN S 228 27.42 -42.63 60.85
C GLN S 228 27.35 -43.03 62.32
N LYS S 229 27.29 -42.05 63.21
CA LYS S 229 27.18 -42.31 64.64
C LYS S 229 25.73 -42.58 65.07
N GLU S 230 24.78 -42.51 64.16
CA GLU S 230 23.38 -42.74 64.47
C GLU S 230 22.98 -44.21 64.35
N VAL S 231 23.91 -45.09 63.98
CA VAL S 231 23.63 -46.51 63.87
C VAL S 231 24.49 -47.37 64.78
N GLU S 232 25.60 -46.86 65.32
CA GLU S 232 26.43 -47.65 66.21
C GLU S 232 25.68 -48.00 67.50
N GLN S 233 24.97 -47.02 68.07
CA GLN S 233 24.17 -47.30 69.26
C GLN S 233 23.02 -48.25 68.94
N LEU S 234 22.46 -48.16 67.75
CA LEU S 234 21.41 -49.10 67.34
C LEU S 234 21.96 -50.52 67.28
N ILE S 235 23.15 -50.69 66.69
CA ILE S 235 23.77 -52.01 66.64
C ILE S 235 24.08 -52.51 68.05
N LYS S 236 24.56 -51.62 68.92
CA LYS S 236 24.84 -52.03 70.29
C LYS S 236 23.58 -52.48 71.01
N LYS S 237 22.47 -51.75 70.82
CA LYS S 237 21.22 -52.13 71.44
C LYS S 237 20.73 -53.48 70.91
N HIS S 238 20.85 -53.71 69.60
CA HIS S 238 20.44 -54.99 69.04
C HIS S 238 21.31 -56.12 69.59
N GLU S 239 22.61 -55.88 69.73
CA GLU S 239 23.51 -56.89 70.28
C GLU S 239 23.14 -57.20 71.74
N GLU S 240 22.83 -56.16 72.52
CA GLU S 240 22.42 -56.38 73.90
C GLU S 240 21.13 -57.18 73.97
N GLU S 241 20.16 -56.85 73.11
CA GLU S 241 18.90 -57.60 73.10
C GLU S 241 19.13 -59.05 72.72
N GLU S 242 19.99 -59.30 71.72
CA GLU S 242 20.28 -60.67 71.32
C GLU S 242 20.97 -61.44 72.43
N ALA S 243 21.93 -60.80 73.11
CA ALA S 243 22.63 -61.46 74.20
C ALA S 243 21.70 -61.70 75.39
N LYS S 244 20.64 -60.89 75.53
CA LYS S 244 19.69 -61.08 76.60
C LYS S 244 18.67 -62.16 76.23
N ALA S 245 19.15 -63.33 75.85
CA ALA S 245 18.29 -64.45 75.48
C ALA S 245 18.04 -65.41 76.65
N GLU S 246 18.59 -65.12 77.83
CA GLU S 246 18.42 -65.95 79.02
C GLU S 246 18.85 -67.39 78.76
N ARG S 247 17.89 -68.27 78.51
CA ARG S 247 18.14 -69.69 78.26
C ARG S 247 18.85 -70.28 79.50
N GLU S 248 19.69 -71.29 79.29
CA GLU S 248 20.41 -71.90 80.39
C GLU S 248 21.69 -72.57 79.91
N TYR T 1 15.62 -76.08 11.45
CA TYR T 1 15.25 -74.99 10.56
C TYR T 1 14.46 -73.91 11.28
N ASP T 2 14.73 -73.74 12.57
CA ASP T 2 14.01 -72.77 13.39
C ASP T 2 15.03 -71.88 14.09
N ARG T 3 15.49 -70.84 13.37
CA ARG T 3 16.36 -69.83 13.94
C ARG T 3 16.04 -68.43 13.45
N ALA T 4 15.01 -68.25 12.63
CA ALA T 4 14.62 -66.94 12.14
C ALA T 4 13.16 -67.00 11.74
N ILE T 5 12.48 -65.86 11.89
CA ILE T 5 11.05 -65.80 11.58
C ILE T 5 10.83 -65.89 10.07
N THR T 6 11.66 -65.19 9.29
CA THR T 6 11.44 -65.07 7.86
C THR T 6 11.62 -66.40 7.12
N VAL T 7 12.39 -67.33 7.68
CA VAL T 7 12.67 -68.58 6.97
C VAL T 7 11.53 -69.57 7.19
N PHE T 8 11.43 -70.51 6.27
CA PHE T 8 10.47 -71.61 6.34
C PHE T 8 11.20 -72.92 6.60
N SER T 9 10.44 -74.01 6.58
CA SER T 9 10.93 -75.37 6.69
C SER T 9 10.72 -76.12 5.39
N PRO T 10 11.34 -77.29 5.22
CA PRO T 10 11.13 -78.05 3.98
C PRO T 10 9.69 -78.45 3.75
N ASP T 11 8.85 -78.49 4.79
CA ASP T 11 7.44 -78.80 4.65
C ASP T 11 6.53 -77.59 4.81
N GLY T 12 7.00 -76.53 5.47
CA GLY T 12 6.17 -75.39 5.79
C GLY T 12 6.38 -75.03 7.26
N HIS T 13 5.31 -75.10 8.05
CA HIS T 13 5.40 -75.12 9.51
C HIS T 13 6.28 -73.98 10.04
N LEU T 14 5.82 -72.76 9.82
CA LEU T 14 6.50 -71.59 10.38
C LEU T 14 6.68 -71.80 11.88
N PHE T 15 7.92 -71.97 12.32
CA PHE T 15 8.18 -72.55 13.63
C PHE T 15 8.21 -71.52 14.76
N GLN T 16 8.58 -70.26 14.47
CA GLN T 16 8.60 -69.26 15.53
C GLN T 16 7.21 -69.02 16.08
N VAL T 17 6.18 -69.05 15.22
CA VAL T 17 4.81 -68.91 15.68
C VAL T 17 4.45 -70.05 16.62
N GLU T 18 4.82 -71.29 16.27
CA GLU T 18 4.49 -72.43 17.11
C GLU T 18 5.21 -72.34 18.45
N TYR T 19 6.46 -71.89 18.44
CA TYR T 19 7.18 -71.72 19.70
C TYR T 19 6.55 -70.63 20.56
N ALA T 20 6.10 -69.54 19.93
CA ALA T 20 5.39 -68.50 20.68
C ALA T 20 4.11 -69.05 21.29
N GLN T 21 3.39 -69.89 20.54
CA GLN T 21 2.19 -70.52 21.10
C GLN T 21 2.54 -71.40 22.30
N GLU T 22 3.63 -72.16 22.20
CA GLU T 22 4.06 -72.97 23.33
C GLU T 22 4.38 -72.10 24.54
N ALA T 23 5.04 -70.96 24.31
CA ALA T 23 5.32 -70.05 25.42
C ALA T 23 4.05 -69.50 26.04
N VAL T 24 3.05 -69.17 25.20
CA VAL T 24 1.77 -68.70 25.71
C VAL T 24 1.10 -69.78 26.56
N LYS T 25 1.25 -71.03 26.16
CA LYS T 25 0.62 -72.11 26.92
C LYS T 25 1.44 -72.45 28.15
N LYS T 26 1.79 -71.44 28.95
CA LYS T 26 2.53 -71.64 30.19
C LYS T 26 2.03 -70.79 31.35
N GLY T 27 1.24 -69.74 31.13
CA GLY T 27 0.82 -68.85 32.18
C GLY T 27 -0.47 -69.28 32.84
N SER T 28 -1.02 -68.39 33.67
CA SER T 28 -2.26 -68.66 34.37
C SER T 28 -3.42 -68.75 33.39
N THR T 29 -4.45 -69.51 33.78
CA THR T 29 -5.58 -69.76 32.91
C THR T 29 -6.48 -68.53 32.83
N ALA T 30 -7.52 -68.64 32.01
CA ALA T 30 -8.50 -67.57 31.84
C ALA T 30 -9.70 -68.15 31.09
N VAL T 31 -10.89 -67.69 31.47
CA VAL T 31 -12.14 -68.17 30.88
C VAL T 31 -13.03 -66.97 30.59
N GLY T 32 -14.22 -67.25 30.07
CA GLY T 32 -15.20 -66.21 29.77
C GLY T 32 -16.40 -66.77 29.02
N VAL T 33 -17.59 -66.31 29.38
CA VAL T 33 -18.82 -66.80 28.77
C VAL T 33 -19.86 -65.68 28.82
N ARG T 34 -20.65 -65.58 27.75
CA ARG T 34 -21.71 -64.59 27.65
C ARG T 34 -23.06 -65.24 27.89
N GLY T 35 -24.02 -64.45 28.38
CA GLY T 35 -25.36 -64.89 28.66
C GLY T 35 -26.38 -64.05 27.93
N ARG T 36 -27.56 -63.95 28.54
CA ARG T 36 -28.62 -63.11 27.97
C ARG T 36 -28.15 -61.67 27.90
N ASP T 37 -27.96 -61.04 29.07
CA ASP T 37 -27.25 -59.77 29.17
C ASP T 37 -26.29 -59.89 30.36
N ILE T 38 -25.14 -60.49 30.13
CA ILE T 38 -24.08 -60.62 31.12
C ILE T 38 -22.82 -61.15 30.45
N VAL T 39 -21.66 -60.80 31.00
CA VAL T 39 -20.39 -61.39 30.58
C VAL T 39 -19.52 -61.55 31.82
N VAL T 40 -18.82 -62.68 31.91
CA VAL T 40 -17.88 -62.93 32.99
C VAL T 40 -16.51 -63.16 32.39
N LEU T 41 -15.47 -62.81 33.15
CA LEU T 41 -14.10 -62.87 32.66
C LEU T 41 -13.17 -63.38 33.76
N GLY T 42 -13.58 -64.44 34.43
CA GLY T 42 -12.82 -64.93 35.57
C GLY T 42 -11.44 -65.46 35.18
N VAL T 43 -10.50 -65.24 36.08
CA VAL T 43 -9.14 -65.77 35.96
C VAL T 43 -8.73 -66.33 37.32
N GLU T 44 -7.52 -66.91 37.37
CA GLU T 44 -7.00 -67.48 38.60
C GLU T 44 -5.58 -67.00 38.83
N LYS T 45 -5.21 -66.89 40.11
CA LYS T 45 -3.90 -66.40 40.51
C LYS T 45 -3.00 -67.57 40.89
N LYS T 46 -1.83 -67.65 40.27
CA LYS T 46 -0.95 -68.79 40.46
C LYS T 46 -0.44 -68.88 41.89
N SER T 47 0.00 -67.77 42.47
CA SER T 47 0.60 -67.77 43.79
C SER T 47 -0.02 -66.68 44.65
N VAL T 48 -0.07 -66.92 45.95
CA VAL T 48 -0.67 -65.97 46.88
C VAL T 48 0.29 -64.83 47.18
N ALA T 49 1.44 -65.14 47.79
CA ALA T 49 2.47 -64.16 48.12
C ALA T 49 1.89 -63.02 48.96
N LYS T 50 1.50 -63.38 50.20
CA LYS T 50 0.78 -62.45 51.06
C LYS T 50 1.53 -61.14 51.25
N LEU T 51 2.86 -61.17 51.20
CA LEU T 51 3.62 -59.92 51.27
C LEU T 51 3.31 -59.03 50.08
N GLN T 52 3.20 -59.61 48.88
CA GLN T 52 2.84 -58.83 47.71
C GLN T 52 1.40 -58.34 47.81
N ASP T 53 1.13 -57.21 47.16
CA ASP T 53 -0.20 -56.61 47.16
C ASP T 53 -0.91 -56.93 45.85
N GLU T 54 -2.12 -57.47 45.95
CA GLU T 54 -2.89 -57.85 44.77
C GLU T 54 -3.36 -56.65 43.96
N ARG T 55 -3.24 -55.44 44.49
CA ARG T 55 -3.71 -54.26 43.77
C ARG T 55 -2.95 -54.05 42.47
N THR T 56 -1.62 -54.22 42.51
CA THR T 56 -0.81 -53.90 41.34
C THR T 56 -0.79 -55.07 40.35
N VAL T 57 -0.60 -56.29 40.83
CA VAL T 57 -0.60 -57.46 39.96
C VAL T 57 -2.03 -57.88 39.69
N ARG T 58 -2.46 -57.78 38.44
CA ARG T 58 -3.81 -58.14 38.05
C ARG T 58 -3.83 -58.39 36.54
N LYS T 59 -4.87 -59.08 36.09
CA LYS T 59 -5.02 -59.42 34.69
C LYS T 59 -6.20 -58.76 34.02
N ILE T 60 -7.28 -58.49 34.74
CA ILE T 60 -8.49 -57.94 34.14
C ILE T 60 -8.33 -56.44 33.96
N CYS T 61 -7.79 -56.04 32.81
CA CYS T 61 -7.61 -54.62 32.51
C CYS T 61 -8.83 -54.09 31.77
N ALA T 62 -9.05 -52.78 31.91
CA ALA T 62 -10.17 -52.11 31.27
C ALA T 62 -9.69 -51.43 29.99
N LEU T 63 -10.45 -51.61 28.92
CA LEU T 63 -10.13 -50.99 27.64
C LEU T 63 -11.07 -49.87 27.25
N ASP T 64 -12.29 -49.88 27.77
CA ASP T 64 -13.28 -48.84 27.51
C ASP T 64 -14.45 -49.08 28.45
N ASP T 65 -15.41 -48.15 28.44
CA ASP T 65 -16.60 -48.32 29.26
C ASP T 65 -17.48 -49.46 28.76
N ASN T 66 -17.25 -49.96 27.54
CA ASN T 66 -18.01 -51.08 27.02
C ASN T 66 -17.14 -52.26 26.60
N VAL T 67 -15.82 -52.15 26.71
CA VAL T 67 -14.90 -53.21 26.33
C VAL T 67 -13.92 -53.43 27.47
N CYS T 68 -13.74 -54.70 27.85
CA CYS T 68 -12.77 -55.08 28.87
C CYS T 68 -11.75 -56.05 28.27
N MET T 69 -10.86 -56.56 29.12
CA MET T 69 -9.67 -57.24 28.63
C MET T 69 -9.14 -58.19 29.68
N ALA T 70 -8.69 -59.38 29.22
CA ALA T 70 -7.99 -60.32 30.07
C ALA T 70 -7.01 -61.09 29.22
N PHE T 71 -5.76 -61.15 29.66
CA PHE T 71 -4.67 -61.75 28.91
C PHE T 71 -4.13 -62.97 29.64
N ALA T 72 -3.08 -63.56 29.08
CA ALA T 72 -2.38 -64.68 29.70
C ALA T 72 -1.03 -64.82 29.01
N GLY T 73 0.05 -64.80 29.80
CA GLY T 73 1.39 -64.90 29.23
C GLY T 73 2.37 -63.92 29.85
N LEU T 74 3.33 -63.46 29.06
CA LEU T 74 4.28 -62.47 29.54
C LEU T 74 3.57 -61.14 29.81
N THR T 75 3.86 -60.54 30.96
CA THR T 75 3.08 -59.39 31.41
C THR T 75 3.37 -58.14 30.60
N ALA T 76 4.66 -57.86 30.35
CA ALA T 76 5.04 -56.58 29.77
C ALA T 76 4.47 -56.39 28.36
N ASP T 77 4.55 -57.44 27.54
CA ASP T 77 4.01 -57.35 26.19
C ASP T 77 2.50 -57.12 26.22
N ALA T 78 1.80 -57.80 27.12
CA ALA T 78 0.37 -57.59 27.27
C ALA T 78 0.07 -56.15 27.67
N ARG T 79 0.87 -55.59 28.58
CA ARG T 79 0.67 -54.20 28.99
C ARG T 79 0.86 -53.25 27.81
N ILE T 80 1.88 -53.51 26.98
CA ILE T 80 2.11 -52.67 25.81
C ILE T 80 0.91 -52.74 24.87
N VAL T 81 0.41 -53.95 24.62
CA VAL T 81 -0.72 -54.12 23.71
C VAL T 81 -1.95 -53.40 24.26
N ILE T 82 -2.20 -53.51 25.57
CA ILE T 82 -3.35 -52.84 26.16
C ILE T 82 -3.23 -51.34 26.05
N ASN T 83 -2.03 -50.80 26.27
CA ASN T 83 -1.83 -49.36 26.12
C ASN T 83 -2.14 -48.92 24.69
N ARG T 84 -1.61 -49.64 23.71
CA ARG T 84 -1.86 -49.27 22.32
C ARG T 84 -3.35 -49.38 21.98
N ALA T 85 -4.02 -50.40 22.51
CA ALA T 85 -5.45 -50.55 22.25
C ALA T 85 -6.25 -49.40 22.85
N ARG T 86 -5.90 -48.98 24.07
CA ARG T 86 -6.56 -47.82 24.67
C ARG T 86 -6.41 -46.59 23.79
N VAL T 87 -5.18 -46.35 23.33
CA VAL T 87 -4.93 -45.17 22.51
C VAL T 87 -5.74 -45.23 21.21
N GLU T 88 -5.76 -46.41 20.58
CA GLU T 88 -6.49 -46.56 19.32
C GLU T 88 -7.99 -46.37 19.54
N CYS T 89 -8.52 -46.89 20.65
CA CYS T 89 -9.94 -46.72 20.95
C CYS T 89 -10.28 -45.25 21.08
N GLN T 90 -9.46 -44.49 21.84
CA GLN T 90 -9.74 -43.07 21.99
C GLN T 90 -9.62 -42.34 20.67
N SER T 91 -8.63 -42.69 19.84
CA SER T 91 -8.48 -42.03 18.55
C SER T 91 -9.68 -42.30 17.64
N HIS T 92 -10.17 -43.54 17.63
CA HIS T 92 -11.34 -43.85 16.81
C HIS T 92 -12.57 -43.11 17.31
N ARG T 93 -12.74 -43.03 18.63
CA ARG T 93 -13.87 -42.27 19.16
C ARG T 93 -13.79 -40.81 18.79
N LEU T 94 -12.58 -40.23 18.80
CA LEU T 94 -12.41 -38.85 18.39
C LEU T 94 -12.75 -38.66 16.92
N THR T 95 -12.27 -39.57 16.06
CA THR T 95 -12.47 -39.40 14.63
C THR T 95 -13.89 -39.71 14.20
N VAL T 96 -14.64 -40.47 15.00
CA VAL T 96 -16.04 -40.75 14.70
C VAL T 96 -16.80 -40.82 16.02
N GLU T 97 -17.81 -39.96 16.20
CA GLU T 97 -18.57 -39.90 17.44
C GLU T 97 -19.50 -41.12 17.50
N ASP T 98 -18.93 -42.24 17.87
CA ASP T 98 -19.63 -43.51 17.99
C ASP T 98 -18.79 -44.44 18.86
N PRO T 99 -19.33 -44.97 19.95
CA PRO T 99 -18.55 -45.91 20.77
C PRO T 99 -18.08 -47.10 19.93
N VAL T 100 -16.84 -47.49 20.16
CA VAL T 100 -16.20 -48.47 19.29
C VAL T 100 -16.78 -49.85 19.53
N THR T 101 -17.03 -50.56 18.43
CA THR T 101 -17.50 -51.94 18.52
C THR T 101 -16.35 -52.86 18.93
N VAL T 102 -16.73 -54.05 19.43
CA VAL T 102 -15.73 -55.02 19.87
C VAL T 102 -14.89 -55.50 18.70
N GLU T 103 -15.53 -55.75 17.56
CA GLU T 103 -14.83 -56.35 16.43
C GLU T 103 -13.72 -55.45 15.91
N TYR T 104 -13.96 -54.13 15.86
CA TYR T 104 -12.94 -53.22 15.34
C TYR T 104 -11.69 -53.23 16.21
N ILE T 105 -11.88 -53.11 17.53
CA ILE T 105 -10.73 -53.03 18.42
C ILE T 105 -9.99 -54.37 18.46
N THR T 106 -10.73 -55.48 18.41
CA THR T 106 -10.04 -56.77 18.42
C THR T 106 -9.29 -57.00 17.10
N ARG T 107 -9.82 -56.50 15.99
CA ARG T 107 -9.07 -56.57 14.74
C ARG T 107 -7.82 -55.73 14.81
N TYR T 108 -7.91 -54.54 15.41
CA TYR T 108 -6.72 -53.71 15.55
C TYR T 108 -5.65 -54.41 16.38
N ILE T 109 -6.05 -55.04 17.49
CA ILE T 109 -5.09 -55.76 18.31
C ILE T 109 -4.47 -56.91 17.54
N ALA T 110 -5.29 -57.65 16.78
CA ALA T 110 -4.76 -58.75 15.99
C ALA T 110 -3.75 -58.25 14.95
N SER T 111 -4.07 -57.14 14.29
CA SER T 111 -3.14 -56.59 13.30
C SER T 111 -1.84 -56.13 13.94
N LEU T 112 -1.93 -55.51 15.13
CA LEU T 112 -0.72 -55.10 15.83
C LEU T 112 0.14 -56.29 16.20
N LYS T 113 -0.49 -57.38 16.64
CA LYS T 113 0.26 -58.61 16.90
C LYS T 113 0.93 -59.12 15.63
N GLN T 114 0.18 -59.18 14.54
CA GLN T 114 0.68 -59.78 13.31
C GLN T 114 1.80 -58.95 12.69
N ARG T 115 1.82 -57.64 12.95
CA ARG T 115 2.84 -56.80 12.34
C ARG T 115 4.25 -57.18 12.81
N TYR T 116 4.37 -57.70 14.04
CA TYR T 116 5.69 -58.07 14.55
C TYR T 116 6.05 -59.51 14.20
N THR T 117 5.85 -59.90 12.93
CA THR T 117 6.22 -61.22 12.46
C THR T 117 6.73 -61.17 11.02
N GLN T 118 7.35 -60.06 10.61
CA GLN T 118 7.69 -59.87 9.21
C GLN T 118 9.17 -59.55 8.99
N SER T 119 10.00 -59.68 10.02
CA SER T 119 11.43 -59.46 9.85
C SER T 119 12.16 -60.11 11.02
N ASN T 120 13.30 -60.73 10.73
CA ASN T 120 14.06 -61.43 11.75
C ASN T 120 14.87 -60.45 12.59
N GLY T 121 14.21 -59.41 13.11
CA GLY T 121 14.84 -58.47 14.00
C GLY T 121 13.90 -58.01 15.10
N ARG T 122 12.73 -58.64 15.15
CA ARG T 122 11.71 -58.29 16.14
C ARG T 122 10.95 -59.56 16.50
N ARG T 123 10.97 -59.92 17.78
CA ARG T 123 10.27 -61.12 18.21
C ARG T 123 8.77 -60.87 18.27
N PRO T 124 7.96 -61.91 18.06
CA PRO T 124 6.50 -61.74 18.13
C PRO T 124 6.03 -61.54 19.57
N PHE T 125 4.87 -60.92 19.70
CA PHE T 125 4.21 -60.74 20.99
C PHE T 125 3.61 -62.07 21.41
N GLY T 126 4.16 -62.70 22.44
CA GLY T 126 3.57 -63.92 22.91
C GLY T 126 2.59 -63.71 24.04
N ILE T 127 1.31 -63.56 23.70
CA ILE T 127 0.21 -63.41 24.65
C ILE T 127 -1.06 -63.93 23.99
N SER T 128 -2.12 -64.06 24.77
CA SER T 128 -3.43 -64.43 24.24
C SER T 128 -4.50 -63.64 24.97
N ALA T 129 -5.42 -63.05 24.20
CA ALA T 129 -6.42 -62.15 24.74
C ALA T 129 -7.80 -62.81 24.73
N LEU T 130 -8.71 -62.22 25.51
CA LEU T 130 -10.09 -62.67 25.63
C LEU T 130 -11.04 -61.50 25.53
N ILE T 131 -10.85 -60.67 24.50
CA ILE T 131 -11.64 -59.46 24.33
C ILE T 131 -13.11 -59.79 24.39
N VAL T 132 -13.83 -59.06 25.25
CA VAL T 132 -15.26 -59.28 25.45
C VAL T 132 -15.89 -57.96 25.90
N GLY T 133 -17.09 -57.68 25.40
CA GLY T 133 -17.76 -56.45 25.76
C GLY T 133 -19.09 -56.34 25.05
N PHE T 134 -19.76 -55.23 25.32
CA PHE T 134 -21.09 -54.95 24.77
C PHE T 134 -20.97 -53.93 23.64
N ASP T 135 -21.63 -54.22 22.52
CA ASP T 135 -21.59 -53.34 21.36
C ASP T 135 -22.53 -52.16 21.59
N PHE T 136 -22.70 -51.32 20.58
CA PHE T 136 -23.65 -50.22 20.64
C PHE T 136 -25.07 -50.64 20.34
N ASP T 137 -25.28 -51.84 19.80
CA ASP T 137 -26.60 -52.35 19.49
C ASP T 137 -27.15 -53.26 20.59
N GLY T 138 -26.37 -53.55 21.63
CA GLY T 138 -26.83 -54.34 22.75
C GLY T 138 -26.50 -55.82 22.66
N THR T 139 -26.00 -56.29 21.53
CA THR T 139 -25.73 -57.72 21.36
C THR T 139 -24.46 -58.09 22.11
N PRO T 140 -24.51 -59.04 23.04
CA PRO T 140 -23.27 -59.48 23.72
C PRO T 140 -22.30 -60.06 22.72
N ARG T 141 -21.01 -59.77 22.93
CA ARG T 141 -19.97 -60.23 22.02
C ARG T 141 -18.78 -60.74 22.82
N LEU T 142 -18.02 -61.63 22.19
CA LEU T 142 -16.80 -62.18 22.78
C LEU T 142 -15.88 -62.62 21.67
N TYR T 143 -14.57 -62.52 21.92
CA TYR T 143 -13.58 -62.88 20.92
C TYR T 143 -12.37 -63.51 21.62
N GLN T 144 -11.37 -63.86 20.82
CA GLN T 144 -10.12 -64.42 21.35
C GLN T 144 -9.04 -64.22 20.31
N THR T 145 -7.97 -63.50 20.68
CA THR T 145 -6.88 -63.27 19.76
C THR T 145 -5.96 -64.49 19.74
N ASP T 146 -4.81 -64.34 19.10
CA ASP T 146 -3.86 -65.43 18.91
C ASP T 146 -2.53 -64.78 18.53
N PRO T 147 -1.39 -65.29 19.02
CA PRO T 147 -0.11 -64.63 18.72
C PRO T 147 0.17 -64.41 17.24
N SER T 148 -0.16 -65.38 16.38
CA SER T 148 0.23 -65.22 14.97
C SER T 148 -0.47 -64.06 14.29
N GLY T 149 -1.73 -64.25 13.91
CA GLY T 149 -2.53 -63.14 13.43
C GLY T 149 -4.03 -63.30 13.56
N THR T 150 -4.48 -64.39 14.18
CA THR T 150 -5.85 -64.85 13.99
C THR T 150 -6.73 -64.49 15.18
N TYR T 151 -8.04 -64.57 14.95
CA TYR T 151 -9.03 -64.28 15.96
C TYR T 151 -10.34 -64.96 15.57
N HIS T 152 -11.06 -65.46 16.57
CA HIS T 152 -12.33 -66.13 16.35
C HIS T 152 -13.36 -65.60 17.33
N ALA T 153 -14.62 -65.55 16.88
CA ALA T 153 -15.72 -65.11 17.73
C ALA T 153 -16.25 -66.29 18.54
N TRP T 154 -15.43 -66.72 19.48
CA TRP T 154 -15.77 -67.87 20.33
C TRP T 154 -16.95 -67.52 21.23
N LYS T 155 -17.43 -68.53 21.95
CA LYS T 155 -18.56 -68.37 22.85
C LYS T 155 -18.17 -68.54 24.30
N ALA T 156 -17.55 -69.67 24.66
CA ALA T 156 -17.17 -69.94 26.04
C ALA T 156 -15.82 -70.67 26.08
N ASN T 157 -14.85 -70.19 25.31
CA ASN T 157 -13.56 -70.87 25.25
C ASN T 157 -12.68 -70.49 26.44
N ALA T 158 -11.46 -71.01 26.44
CA ALA T 158 -10.50 -70.73 27.50
C ALA T 158 -9.10 -70.83 26.94
N ILE T 159 -8.15 -70.22 27.65
CA ILE T 159 -6.75 -70.18 27.24
C ILE T 159 -5.88 -70.54 28.45
N GLY T 160 -4.57 -70.49 28.25
CA GLY T 160 -3.62 -70.79 29.30
C GLY T 160 -3.34 -72.27 29.43
N ARG T 161 -2.43 -72.59 30.36
CA ARG T 161 -2.07 -73.97 30.61
C ARG T 161 -3.25 -74.75 31.17
N GLY T 162 -3.34 -76.01 30.79
CA GLY T 162 -4.46 -76.85 31.24
C GLY T 162 -5.80 -76.33 30.77
N ALA T 163 -5.89 -75.88 29.52
CA ALA T 163 -7.13 -75.34 28.99
C ALA T 163 -8.04 -76.40 28.38
N LYS T 164 -7.49 -77.56 28.00
CA LYS T 164 -8.32 -78.60 27.41
C LYS T 164 -9.37 -79.11 28.38
N SER T 165 -8.98 -79.32 29.64
CA SER T 165 -9.92 -79.85 30.63
C SER T 165 -11.06 -78.86 30.88
N VAL T 166 -10.73 -77.58 31.08
CA VAL T 166 -11.76 -76.59 31.35
C VAL T 166 -12.64 -76.38 30.11
N ARG T 167 -12.06 -76.44 28.92
CA ARG T 167 -12.86 -76.32 27.71
C ARG T 167 -13.84 -77.48 27.58
N GLU T 168 -13.38 -78.71 27.87
CA GLU T 168 -14.28 -79.86 27.83
C GLU T 168 -15.39 -79.72 28.88
N PHE T 169 -15.03 -79.27 30.08
CA PHE T 169 -16.04 -79.08 31.12
C PHE T 169 -17.08 -78.04 30.71
N LEU T 170 -16.63 -76.95 30.08
CA LEU T 170 -17.56 -75.92 29.65
C LEU T 170 -18.46 -76.41 28.53
N GLU T 171 -17.89 -77.12 27.55
CA GLU T 171 -18.69 -77.60 26.43
C GLU T 171 -19.65 -78.72 26.84
N LYS T 172 -19.35 -79.43 27.94
CA LYS T 172 -20.23 -80.48 28.43
C LYS T 172 -21.34 -79.95 29.33
N ASN T 173 -21.37 -78.65 29.62
CA ASN T 173 -22.37 -78.07 30.50
C ASN T 173 -23.04 -76.82 29.95
N TYR T 174 -22.52 -76.22 28.89
CA TYR T 174 -23.08 -74.96 28.38
C TYR T 174 -24.43 -75.23 27.74
N THR T 175 -25.48 -74.61 28.28
CA THR T 175 -26.82 -74.72 27.73
C THR T 175 -27.54 -73.39 27.93
N ASP T 176 -28.64 -73.21 27.19
CA ASP T 176 -29.38 -71.96 27.24
C ASP T 176 -29.96 -71.71 28.63
N GLU T 177 -30.25 -72.77 29.38
CA GLU T 177 -30.80 -72.59 30.73
C GLU T 177 -29.80 -71.92 31.65
N ALA T 178 -28.52 -72.27 31.54
CA ALA T 178 -27.50 -71.73 32.45
C ALA T 178 -27.17 -70.27 32.16
N ILE T 179 -27.64 -69.71 31.05
CA ILE T 179 -27.34 -68.34 30.69
C ILE T 179 -28.58 -67.45 30.74
N GLU T 180 -29.61 -67.87 31.49
CA GLU T 180 -30.84 -67.10 31.54
C GLU T 180 -30.74 -65.94 32.52
N THR T 181 -30.50 -66.22 33.78
CA THR T 181 -30.42 -65.18 34.80
C THR T 181 -28.98 -64.66 34.89
N ASP T 182 -28.69 -63.89 35.93
CA ASP T 182 -27.37 -63.29 36.10
C ASP T 182 -26.44 -64.19 36.92
N ASP T 183 -26.86 -64.54 38.15
CA ASP T 183 -26.01 -65.31 39.03
C ASP T 183 -25.77 -66.73 38.53
N LEU T 184 -26.61 -67.23 37.62
CA LEU T 184 -26.37 -68.56 37.05
C LEU T 184 -25.06 -68.58 36.28
N THR T 185 -24.77 -67.51 35.54
CA THR T 185 -23.50 -67.44 34.81
C THR T 185 -22.32 -67.45 35.77
N ILE T 186 -22.44 -66.74 36.90
CA ILE T 186 -21.38 -66.74 37.90
C ILE T 186 -21.19 -68.14 38.48
N LYS T 187 -22.30 -68.82 38.77
CA LYS T 187 -22.19 -70.20 39.26
C LYS T 187 -21.48 -71.09 38.25
N LEU T 188 -21.83 -70.96 36.97
CA LEU T 188 -21.22 -71.78 35.94
C LEU T 188 -19.72 -71.52 35.83
N VAL T 189 -19.33 -70.24 35.80
CA VAL T 189 -17.92 -69.92 35.61
C VAL T 189 -17.11 -70.32 36.85
N ILE T 190 -17.70 -70.19 38.04
CA ILE T 190 -17.01 -70.62 39.25
C ILE T 190 -16.83 -72.13 39.24
N LYS T 191 -17.87 -72.88 38.84
CA LYS T 191 -17.74 -74.33 38.75
C LYS T 191 -16.68 -74.72 37.72
N ALA T 192 -16.58 -73.95 36.64
CA ALA T 192 -15.56 -74.23 35.62
C ALA T 192 -14.16 -73.99 36.17
N LEU T 193 -13.95 -72.84 36.81
CA LEU T 193 -12.61 -72.51 37.31
C LEU T 193 -12.21 -73.36 38.51
N LEU T 194 -13.17 -73.93 39.24
CA LEU T 194 -12.84 -74.72 40.42
C LEU T 194 -12.07 -75.98 40.07
N GLU T 195 -12.07 -76.39 38.81
CA GLU T 195 -11.42 -77.65 38.43
C GLU T 195 -9.91 -77.55 38.54
N VAL T 196 -9.30 -76.63 37.78
CA VAL T 196 -7.85 -76.56 37.72
C VAL T 196 -7.26 -76.09 39.05
N VAL T 197 -7.94 -75.16 39.72
CA VAL T 197 -7.40 -74.61 40.97
C VAL T 197 -7.53 -75.65 42.08
N GLN T 198 -6.62 -75.57 43.04
CA GLN T 198 -6.64 -76.52 44.16
C GLN T 198 -7.82 -76.25 45.09
N SER T 199 -7.87 -75.07 45.69
CA SER T 199 -8.94 -74.68 46.60
C SER T 199 -9.53 -73.35 46.14
N GLY T 200 -10.86 -73.30 46.05
CA GLY T 200 -11.51 -72.12 45.56
C GLY T 200 -11.54 -70.99 46.58
N GLY T 201 -11.84 -69.79 46.07
CA GLY T 201 -11.98 -68.62 46.92
C GLY T 201 -10.67 -67.94 47.28
N LYS T 202 -9.60 -68.73 47.41
CA LYS T 202 -8.32 -68.17 47.83
C LYS T 202 -7.70 -67.30 46.75
N ASN T 203 -7.67 -67.79 45.51
CA ASN T 203 -6.94 -67.13 44.44
C ASN T 203 -7.75 -67.10 43.15
N ILE T 204 -9.03 -66.74 43.25
CA ILE T 204 -9.91 -66.64 42.08
C ILE T 204 -10.51 -65.25 42.06
N GLU T 205 -10.45 -64.60 40.90
CA GLU T 205 -10.97 -63.26 40.71
C GLU T 205 -11.96 -63.24 39.56
N LEU T 206 -13.02 -62.45 39.69
CA LEU T 206 -14.05 -62.33 38.67
C LEU T 206 -14.22 -60.85 38.30
N ALA T 207 -14.91 -60.63 37.20
CA ALA T 207 -15.21 -59.26 36.75
C ALA T 207 -16.56 -59.30 36.03
N VAL T 208 -17.62 -59.02 36.79
CA VAL T 208 -18.97 -59.01 36.23
C VAL T 208 -19.19 -57.69 35.52
N MET T 209 -19.69 -57.78 34.28
CA MET T 209 -20.03 -56.60 33.50
C MET T 209 -21.48 -56.71 33.05
N ARG T 210 -22.24 -55.63 33.26
CA ARG T 210 -23.64 -55.57 32.90
C ARG T 210 -23.83 -54.58 31.74
N ARG T 211 -25.09 -54.35 31.38
CA ARG T 211 -25.43 -53.48 30.26
C ARG T 211 -25.14 -52.03 30.65
N ASP T 212 -24.00 -51.51 30.19
CA ASP T 212 -23.62 -50.10 30.35
C ASP T 212 -23.49 -49.70 31.82
N GLN T 213 -23.17 -50.65 32.69
CA GLN T 213 -22.81 -50.36 34.07
C GLN T 213 -21.31 -50.32 34.29
N SER T 214 -20.52 -50.42 33.21
CA SER T 214 -19.06 -50.41 33.26
C SER T 214 -18.49 -51.59 34.03
N LEU T 215 -17.19 -51.83 33.88
CA LEU T 215 -16.56 -52.96 34.55
C LEU T 215 -16.63 -52.78 36.06
N LYS T 216 -16.89 -53.89 36.76
CA LYS T 216 -17.02 -53.87 38.22
C LYS T 216 -16.42 -55.16 38.77
N ILE T 217 -15.23 -55.06 39.36
CA ILE T 217 -14.61 -56.22 39.98
C ILE T 217 -15.40 -56.64 41.22
N LEU T 218 -15.13 -57.85 41.69
CA LEU T 218 -15.85 -58.43 42.81
C LEU T 218 -14.92 -58.56 44.02
N ASN T 219 -15.39 -58.13 45.18
CA ASN T 219 -14.63 -58.24 46.41
C ASN T 219 -14.58 -59.70 46.86
N PRO T 220 -13.58 -60.07 47.67
CA PRO T 220 -13.48 -61.47 48.10
C PRO T 220 -14.70 -61.98 48.87
N GLU T 221 -15.41 -61.11 49.57
CA GLU T 221 -16.58 -61.55 50.33
C GLU T 221 -17.67 -62.09 49.40
N GLU T 222 -17.93 -61.40 48.29
CA GLU T 222 -18.93 -61.87 47.34
C GLU T 222 -18.48 -63.17 46.68
N ILE T 223 -17.19 -63.31 46.40
CA ILE T 223 -16.68 -64.55 45.83
C ILE T 223 -16.88 -65.70 46.80
N GLU T 224 -16.58 -65.48 48.08
CA GLU T 224 -16.79 -66.52 49.08
C GLU T 224 -18.26 -66.88 49.20
N LYS T 225 -19.14 -65.88 49.17
CA LYS T 225 -20.58 -66.15 49.24
C LYS T 225 -21.05 -66.97 48.04
N TYR T 226 -20.56 -66.63 46.84
CA TYR T 226 -20.94 -67.37 45.64
C TYR T 226 -20.42 -68.81 45.69
N VAL T 227 -19.19 -69.00 46.19
CA VAL T 227 -18.66 -70.36 46.32
C VAL T 227 -19.48 -71.16 47.31
N ALA T 228 -19.86 -70.53 48.44
CA ALA T 228 -20.70 -71.22 49.42
C ALA T 228 -22.04 -71.60 48.82
N GLU T 229 -22.64 -70.69 48.04
CA GLU T 229 -23.92 -71.00 47.39
C GLU T 229 -23.77 -72.16 46.40
N ILE T 230 -22.67 -72.16 45.63
CA ILE T 230 -22.44 -73.23 44.67
C ILE T 230 -21.98 -74.52 45.34
N GLU T 231 -21.67 -74.49 46.64
CA GLU T 231 -21.26 -75.67 47.37
C GLU T 231 -22.45 -76.51 47.85
N LYS T 232 -23.67 -76.08 47.56
CA LYS T 232 -24.88 -76.80 47.97
C LYS T 232 -25.24 -77.92 47.00
N GLU T 233 -24.28 -78.40 46.20
CA GLU T 233 -24.57 -79.46 45.25
C GLU T 233 -24.98 -80.74 45.98
N LYS T 234 -25.92 -81.46 45.38
CA LYS T 234 -26.41 -82.71 45.96
C LYS T 234 -26.48 -83.81 44.91
N MET U 1 34.26 -88.91 -4.46
CA MET U 1 35.30 -89.22 -3.49
C MET U 1 34.77 -89.08 -2.07
N PHE U 2 34.00 -88.01 -1.83
CA PHE U 2 33.39 -87.77 -0.53
C PHE U 2 32.02 -87.15 -0.73
N LEU U 3 31.17 -87.30 0.28
CA LEU U 3 29.85 -86.70 0.30
C LEU U 3 29.83 -85.60 1.36
N THR U 4 29.38 -84.41 0.98
CA THR U 4 29.39 -83.25 1.85
C THR U 4 27.98 -82.70 1.99
N ARG U 5 27.65 -82.24 3.19
CA ARG U 5 26.33 -81.69 3.49
C ARG U 5 26.35 -80.21 3.13
N SER U 6 25.76 -79.86 1.98
CA SER U 6 25.64 -78.49 1.54
C SER U 6 24.17 -78.11 1.49
N GLU U 7 23.81 -77.01 2.16
CA GLU U 7 22.44 -76.56 2.25
C GLU U 7 22.30 -75.22 1.54
N TYR U 8 21.30 -75.12 0.67
CA TYR U 8 21.00 -73.88 -0.04
C TYR U 8 19.59 -73.38 0.22
N ASP U 9 18.81 -74.09 1.03
CA ASP U 9 17.46 -73.64 1.35
C ASP U 9 17.43 -72.54 2.40
N ARG U 10 18.51 -72.34 3.14
CA ARG U 10 18.61 -71.23 4.07
C ARG U 10 19.03 -69.98 3.31
N GLY U 11 18.21 -68.94 3.39
CA GLY U 11 18.46 -67.73 2.62
C GLY U 11 17.41 -67.53 1.54
N VAL U 12 16.66 -66.42 1.65
CA VAL U 12 15.56 -66.18 0.72
C VAL U 12 16.04 -65.93 -0.70
N ASN U 13 17.29 -65.52 -0.88
CA ASN U 13 17.85 -65.28 -2.23
C ASN U 13 19.15 -66.08 -2.35
N THR U 14 19.02 -67.36 -2.70
CA THR U 14 20.15 -68.22 -2.98
C THR U 14 19.77 -69.14 -4.12
N PHE U 15 20.59 -69.18 -5.17
CA PHE U 15 20.31 -69.99 -6.34
C PHE U 15 20.98 -71.36 -6.19
N SER U 16 20.18 -72.40 -6.40
CA SER U 16 20.70 -73.78 -6.25
C SER U 16 21.41 -74.17 -7.53
N PRO U 17 22.37 -75.11 -7.51
CA PRO U 17 23.19 -75.43 -8.69
C PRO U 17 22.35 -75.46 -9.96
N GLU U 18 21.12 -75.96 -9.87
CA GLU U 18 20.24 -76.00 -11.04
C GLU U 18 19.03 -75.07 -11.11
N GLY U 19 19.01 -74.05 -10.26
CA GLY U 19 17.88 -73.11 -10.22
C GLY U 19 16.88 -73.51 -9.17
N ARG U 20 15.61 -73.32 -9.44
CA ARG U 20 14.56 -73.79 -8.54
C ARG U 20 14.76 -73.22 -7.13
N LEU U 21 14.56 -71.91 -7.04
CA LEU U 21 14.67 -71.18 -5.78
C LEU U 21 13.92 -71.92 -4.68
N PHE U 22 14.68 -72.39 -3.68
CA PHE U 22 14.13 -73.37 -2.74
C PHE U 22 13.12 -72.74 -1.80
N GLN U 23 13.32 -71.48 -1.41
CA GLN U 23 12.41 -70.86 -0.45
C GLN U 23 11.00 -70.73 -1.01
N VAL U 24 10.88 -70.33 -2.28
CA VAL U 24 9.57 -70.21 -2.89
C VAL U 24 8.93 -71.58 -3.05
N GLU U 25 9.73 -72.60 -3.37
CA GLU U 25 9.19 -73.95 -3.47
C GLU U 25 8.64 -74.44 -2.13
N TYR U 26 9.37 -74.14 -1.04
CA TYR U 26 8.87 -74.49 0.29
C TYR U 26 7.60 -73.72 0.63
N ALA U 27 7.54 -72.44 0.24
CA ALA U 27 6.33 -71.66 0.47
C ALA U 27 5.15 -72.28 -0.25
N ILE U 28 5.34 -72.72 -1.50
CA ILE U 28 4.27 -73.39 -2.23
C ILE U 28 3.89 -74.69 -1.53
N GLU U 29 4.88 -75.46 -1.07
CA GLU U 29 4.60 -76.71 -0.37
C GLU U 29 3.80 -76.47 0.90
N ALA U 30 3.98 -75.31 1.54
CA ALA U 30 3.28 -75.01 2.78
C ALA U 30 1.79 -74.79 2.60
N ILE U 31 1.29 -74.70 1.36
CA ILE U 31 -0.12 -74.43 1.15
C ILE U 31 -0.98 -75.60 1.60
N LYS U 32 -0.49 -76.83 1.38
CA LYS U 32 -1.31 -78.02 1.59
C LYS U 32 -1.81 -78.15 3.03
N LEU U 33 -1.16 -77.50 3.98
CA LEU U 33 -1.62 -77.51 5.38
C LEU U 33 -2.69 -76.44 5.53
N GLY U 34 -3.88 -76.75 5.02
CA GLY U 34 -4.98 -75.81 5.07
C GLY U 34 -6.34 -76.45 4.84
N SER U 35 -7.20 -75.75 4.10
CA SER U 35 -8.56 -76.20 3.84
C SER U 35 -8.80 -76.28 2.34
N THR U 36 -9.53 -77.31 1.92
CA THR U 36 -9.81 -77.50 0.50
C THR U 36 -10.79 -76.44 -0.01
N ALA U 37 -10.81 -76.29 -1.33
CA ALA U 37 -11.71 -75.35 -1.98
C ALA U 37 -11.90 -75.78 -3.42
N ILE U 38 -12.92 -75.22 -4.06
CA ILE U 38 -13.23 -75.57 -5.45
C ILE U 38 -13.92 -74.38 -6.11
N GLY U 39 -13.77 -74.30 -7.42
CA GLY U 39 -14.41 -73.27 -8.21
C GLY U 39 -14.64 -73.71 -9.64
N ILE U 40 -15.87 -73.54 -10.14
CA ILE U 40 -16.24 -73.98 -11.48
C ILE U 40 -16.69 -72.76 -12.27
N GLN U 41 -16.11 -72.60 -13.46
CA GLN U 41 -16.49 -71.53 -14.38
C GLN U 41 -17.49 -72.06 -15.39
N THR U 42 -18.63 -71.39 -15.48
CA THR U 42 -19.72 -71.83 -16.35
C THR U 42 -20.25 -70.62 -17.12
N SER U 43 -20.85 -70.88 -18.28
CA SER U 43 -21.31 -69.81 -19.15
C SER U 43 -22.34 -68.90 -18.50
N GLU U 44 -23.02 -69.38 -17.45
CA GLU U 44 -24.02 -68.59 -16.75
C GLU U 44 -23.59 -68.27 -15.33
N GLY U 45 -22.32 -67.93 -15.14
CA GLY U 45 -21.77 -67.57 -13.85
C GLY U 45 -20.81 -68.61 -13.33
N VAL U 46 -20.17 -68.25 -12.21
CA VAL U 46 -19.19 -69.11 -11.57
C VAL U 46 -19.67 -69.44 -10.16
N CYS U 47 -19.13 -70.53 -9.62
CA CYS U 47 -19.54 -71.05 -8.32
C CYS U 47 -18.30 -71.37 -7.48
N LEU U 48 -18.45 -71.22 -6.16
CA LEU U 48 -17.39 -71.52 -5.22
C LEU U 48 -17.94 -72.35 -4.07
N ALA U 49 -17.07 -73.14 -3.45
CA ALA U 49 -17.47 -73.97 -2.32
C ALA U 49 -16.22 -74.28 -1.52
N VAL U 50 -16.15 -73.76 -0.29
CA VAL U 50 -14.95 -73.87 0.53
C VAL U 50 -15.33 -74.44 1.89
N GLU U 51 -14.57 -75.44 2.33
CA GLU U 51 -14.85 -76.09 3.60
C GLU U 51 -14.39 -75.22 4.76
N LYS U 52 -14.77 -75.61 5.97
CA LYS U 52 -14.49 -74.80 7.15
C LYS U 52 -13.66 -75.52 8.20
N ARG U 53 -13.96 -76.78 8.49
CA ARG U 53 -13.21 -77.58 9.46
C ARG U 53 -13.21 -76.91 10.84
N ILE U 54 -14.40 -76.81 11.43
CA ILE U 54 -14.54 -76.17 12.73
C ILE U 54 -13.82 -76.99 13.79
N THR U 55 -13.00 -76.31 14.60
CA THR U 55 -12.21 -77.01 15.61
C THR U 55 -13.08 -77.53 16.74
N SER U 56 -13.97 -76.70 17.26
CA SER U 56 -14.79 -77.06 18.41
C SER U 56 -16.23 -76.61 18.17
N PRO U 57 -17.21 -77.30 18.76
CA PRO U 57 -18.61 -76.86 18.58
C PRO U 57 -18.89 -75.49 19.14
N LEU U 58 -18.13 -75.05 20.15
CA LEU U 58 -18.39 -73.76 20.78
C LEU U 58 -18.02 -72.60 19.87
N MET U 59 -17.16 -72.82 18.88
CA MET U 59 -16.78 -71.74 17.96
C MET U 59 -17.97 -71.37 17.09
N GLU U 60 -18.24 -70.06 16.99
CA GLU U 60 -19.38 -69.59 16.22
C GLU U 60 -19.14 -69.84 14.73
N PRO U 61 -20.09 -70.45 14.02
CA PRO U 61 -19.83 -70.83 12.62
C PRO U 61 -19.47 -69.67 11.71
N SER U 62 -20.08 -68.51 11.90
CA SER U 62 -19.83 -67.38 11.01
C SER U 62 -18.58 -66.59 11.38
N SER U 63 -17.90 -66.97 12.46
CA SER U 63 -16.68 -66.27 12.85
C SER U 63 -15.60 -66.40 11.79
N ILE U 64 -15.44 -67.58 11.21
CA ILE U 64 -14.45 -67.85 10.17
C ILE U 64 -15.17 -67.86 8.82
N GLU U 65 -14.64 -67.08 7.88
CA GLU U 65 -15.28 -66.93 6.56
C GLU U 65 -14.19 -66.93 5.50
N LYS U 66 -13.96 -68.10 4.89
CA LYS U 66 -13.04 -68.17 3.76
C LYS U 66 -13.57 -67.35 2.59
N ILE U 67 -14.87 -67.46 2.30
CA ILE U 67 -15.49 -66.60 1.31
C ILE U 67 -15.53 -65.17 1.84
N VAL U 68 -15.18 -64.22 0.98
CA VAL U 68 -15.09 -62.83 1.39
C VAL U 68 -15.43 -61.94 0.20
N GLU U 69 -16.17 -60.87 0.46
CA GLU U 69 -16.50 -59.91 -0.58
C GLU U 69 -15.28 -59.09 -0.98
N ILE U 70 -15.18 -58.76 -2.26
CA ILE U 70 -14.17 -57.83 -2.74
C ILE U 70 -14.87 -56.61 -3.31
N ASP U 71 -16.06 -56.84 -3.87
CA ASP U 71 -16.86 -55.79 -4.50
C ASP U 71 -18.24 -56.40 -4.77
N ALA U 72 -19.08 -55.66 -5.49
CA ALA U 72 -20.42 -56.14 -5.80
C ALA U 72 -20.42 -57.27 -6.81
N HIS U 73 -19.30 -57.55 -7.48
CA HIS U 73 -19.29 -58.57 -8.52
C HIS U 73 -18.03 -59.43 -8.51
N ILE U 74 -17.27 -59.44 -7.42
CA ILE U 74 -16.03 -60.21 -7.35
C ILE U 74 -15.96 -60.89 -6.00
N GLY U 75 -15.68 -62.19 -6.00
CA GLY U 75 -15.49 -62.94 -4.77
C GLY U 75 -14.33 -63.88 -4.88
N CYS U 76 -13.69 -64.15 -3.74
CA CYS U 76 -12.49 -64.96 -3.71
C CYS U 76 -12.52 -65.88 -2.50
N ALA U 77 -11.76 -66.97 -2.59
CA ALA U 77 -11.71 -68.01 -1.58
C ALA U 77 -10.27 -68.19 -1.11
N MET U 78 -9.96 -67.66 0.07
CA MET U 78 -8.60 -67.76 0.59
C MET U 78 -8.31 -69.17 1.09
N SER U 79 -7.04 -69.44 1.33
CA SER U 79 -6.60 -70.73 1.85
C SER U 79 -5.23 -70.55 2.49
N GLY U 80 -4.87 -71.52 3.34
CA GLY U 80 -3.58 -71.47 4.00
C GLY U 80 -3.57 -70.52 5.19
N LEU U 81 -2.52 -69.72 5.32
CA LEU U 81 -2.45 -68.75 6.41
C LEU U 81 -3.54 -67.70 6.26
N ILE U 82 -3.97 -67.16 7.39
CA ILE U 82 -5.15 -66.31 7.44
C ILE U 82 -4.81 -64.83 7.44
N ALA U 83 -3.88 -64.40 8.30
CA ALA U 83 -3.59 -62.98 8.43
C ALA U 83 -3.05 -62.38 7.14
N ASP U 84 -2.18 -63.12 6.46
CA ASP U 84 -1.64 -62.66 5.19
C ASP U 84 -2.75 -62.52 4.16
N ALA U 85 -3.68 -63.48 4.13
CA ALA U 85 -4.82 -63.36 3.24
C ALA U 85 -5.66 -62.14 3.57
N LYS U 86 -5.83 -61.84 4.87
CA LYS U 86 -6.57 -60.65 5.27
C LYS U 86 -5.90 -59.39 4.74
N THR U 87 -4.57 -59.33 4.85
CA THR U 87 -3.83 -58.18 4.32
C THR U 87 -4.03 -58.05 2.82
N LEU U 88 -3.95 -59.17 2.10
CA LEU U 88 -4.14 -59.14 0.65
C LEU U 88 -5.54 -58.66 0.29
N ILE U 89 -6.56 -59.14 1.01
CA ILE U 89 -7.93 -58.74 0.72
C ILE U 89 -8.11 -57.25 0.98
N ASP U 90 -7.55 -56.75 2.09
CA ASP U 90 -7.66 -55.32 2.39
C ASP U 90 -7.03 -54.48 1.28
N LYS U 91 -5.83 -54.88 0.83
CA LYS U 91 -5.18 -54.14 -0.24
C LYS U 91 -5.99 -54.19 -1.52
N ALA U 92 -6.54 -55.35 -1.85
CA ALA U 92 -7.34 -55.48 -3.07
C ALA U 92 -8.58 -54.58 -3.02
N ARG U 93 -9.26 -54.56 -1.87
CA ARG U 93 -10.43 -53.70 -1.72
C ARG U 93 -10.06 -52.24 -1.88
N VAL U 94 -8.98 -51.82 -1.22
CA VAL U 94 -8.54 -50.43 -1.33
C VAL U 94 -8.24 -50.09 -2.79
N GLU U 95 -7.54 -50.99 -3.48
CA GLU U 95 -7.14 -50.71 -4.85
C GLU U 95 -8.35 -50.59 -5.77
N THR U 96 -9.30 -51.52 -5.66
CA THR U 96 -10.45 -51.47 -6.57
C THR U 96 -11.32 -50.25 -6.28
N GLN U 97 -11.50 -49.89 -5.02
CA GLN U 97 -12.28 -48.69 -4.73
C GLN U 97 -11.58 -47.44 -5.22
N ASN U 98 -10.25 -47.38 -5.07
CA ASN U 98 -9.50 -46.23 -5.57
C ASN U 98 -9.64 -46.12 -7.08
N HIS U 99 -9.54 -47.24 -7.79
CA HIS U 99 -9.70 -47.21 -9.24
C HIS U 99 -11.10 -46.76 -9.63
N TRP U 100 -12.13 -47.23 -8.91
CA TRP U 100 -13.48 -46.78 -9.20
C TRP U 100 -13.61 -45.28 -9.02
N PHE U 101 -13.02 -44.74 -7.95
CA PHE U 101 -13.07 -43.31 -7.73
C PHE U 101 -12.36 -42.56 -8.85
N THR U 102 -11.21 -43.08 -9.31
CA THR U 102 -10.42 -42.36 -10.29
C THR U 102 -11.08 -42.38 -11.67
N TYR U 103 -11.25 -43.58 -12.24
CA TYR U 103 -11.69 -43.69 -13.63
C TYR U 103 -13.20 -43.79 -13.78
N ASN U 104 -13.94 -43.91 -12.67
CA ASN U 104 -15.41 -43.90 -12.69
C ASN U 104 -15.98 -45.00 -13.58
N GLU U 105 -15.66 -46.25 -13.24
CA GLU U 105 -16.22 -47.41 -13.92
C GLU U 105 -16.00 -48.62 -13.03
N THR U 106 -16.34 -49.80 -13.53
CA THR U 106 -16.23 -51.03 -12.77
C THR U 106 -14.88 -51.70 -13.02
N MET U 107 -14.55 -52.65 -12.14
CA MET U 107 -13.31 -53.40 -12.24
C MET U 107 -13.39 -54.47 -13.32
N THR U 108 -12.21 -54.88 -13.79
CA THR U 108 -12.05 -56.08 -14.61
C THR U 108 -11.15 -57.03 -13.82
N VAL U 109 -11.53 -58.31 -13.79
CA VAL U 109 -10.90 -59.24 -12.85
C VAL U 109 -9.40 -59.36 -13.12
N GLU U 110 -8.99 -59.31 -14.39
CA GLU U 110 -7.57 -59.33 -14.68
C GLU U 110 -6.88 -58.08 -14.14
N SER U 111 -7.56 -56.93 -14.21
CA SER U 111 -6.98 -55.67 -13.76
C SER U 111 -6.80 -55.61 -12.25
N VAL U 112 -7.42 -56.51 -11.49
CA VAL U 112 -7.19 -56.59 -10.05
C VAL U 112 -6.29 -57.76 -9.68
N THR U 113 -6.34 -58.87 -10.43
CA THR U 113 -5.37 -59.94 -10.22
C THR U 113 -3.97 -59.45 -10.48
N GLN U 114 -3.79 -58.64 -11.53
CA GLN U 114 -2.48 -58.06 -11.80
C GLN U 114 -1.99 -57.22 -10.64
N ALA U 115 -2.89 -56.41 -10.06
CA ALA U 115 -2.49 -55.54 -8.96
C ALA U 115 -2.11 -56.35 -7.72
N VAL U 116 -2.91 -57.36 -7.38
CA VAL U 116 -2.61 -58.12 -6.17
C VAL U 116 -1.34 -58.94 -6.36
N SER U 117 -1.12 -59.49 -7.56
CA SER U 117 0.12 -60.22 -7.81
C SER U 117 1.32 -59.29 -7.78
N ASN U 118 1.17 -58.07 -8.30
CA ASN U 118 2.26 -57.11 -8.22
C ASN U 118 2.60 -56.77 -6.79
N LEU U 119 1.58 -56.63 -5.94
CA LEU U 119 1.84 -56.42 -4.52
C LEU U 119 2.56 -57.61 -3.90
N ALA U 120 2.12 -58.83 -4.23
CA ALA U 120 2.71 -60.02 -3.66
C ALA U 120 4.11 -60.30 -4.20
N LEU U 121 4.51 -59.66 -5.29
CA LEU U 121 5.82 -59.87 -5.88
C LEU U 121 6.95 -59.22 -5.08
N GLN U 122 6.63 -58.37 -4.11
CA GLN U 122 7.63 -57.56 -3.42
C GLN U 122 8.45 -58.34 -2.40
N PHE U 123 8.39 -59.68 -2.41
CA PHE U 123 9.22 -60.45 -1.51
C PHE U 123 10.69 -60.24 -1.83
N GLY U 124 11.52 -60.17 -0.80
CA GLY U 124 12.93 -59.94 -1.00
C GLY U 124 13.56 -59.08 0.09
N GLU U 125 14.18 -57.98 -0.33
CA GLU U 125 14.82 -57.06 0.60
C GLU U 125 13.85 -56.51 1.63
N PRO U 130 10.59 -48.16 5.02
CA PRO U 130 10.08 -49.19 4.11
C PRO U 130 9.49 -50.38 4.84
N GLY U 131 8.17 -50.54 4.78
CA GLY U 131 7.50 -51.66 5.42
C GLY U 131 7.51 -52.89 4.53
N ALA U 132 8.60 -53.06 3.78
CA ALA U 132 8.71 -54.17 2.84
C ALA U 132 8.73 -55.51 3.57
N MET U 133 8.21 -56.53 2.91
CA MET U 133 8.13 -57.85 3.50
C MET U 133 9.50 -58.53 3.49
N SER U 134 9.54 -59.75 4.04
CA SER U 134 10.77 -60.51 4.06
C SER U 134 10.58 -61.99 3.73
N ARG U 135 9.34 -62.44 3.55
CA ARG U 135 9.07 -63.83 3.22
C ARG U 135 7.96 -63.89 2.18
N PRO U 136 7.92 -64.94 1.36
CA PRO U 136 6.83 -65.07 0.39
C PRO U 136 5.49 -65.27 1.09
N PHE U 137 4.43 -64.80 0.45
CA PHE U 137 3.08 -64.93 0.99
C PHE U 137 2.62 -66.37 0.86
N GLY U 138 2.62 -67.09 1.97
CA GLY U 138 2.15 -68.47 1.97
C GLY U 138 0.63 -68.57 1.96
N VAL U 139 0.01 -68.05 0.90
CA VAL U 139 -1.43 -68.05 0.74
C VAL U 139 -1.76 -68.41 -0.70
N ALA U 140 -3.05 -68.48 -1.00
CA ALA U 140 -3.54 -68.76 -2.34
C ALA U 140 -4.98 -68.27 -2.44
N LEU U 141 -5.36 -67.77 -3.60
CA LEU U 141 -6.68 -67.18 -3.80
C LEU U 141 -7.32 -67.74 -5.05
N LEU U 142 -8.66 -67.76 -5.05
CA LEU U 142 -9.46 -68.14 -6.21
C LEU U 142 -10.38 -66.97 -6.54
N PHE U 143 -9.87 -66.00 -7.29
CA PHE U 143 -10.70 -64.86 -7.67
C PHE U 143 -11.80 -65.29 -8.62
N GLY U 144 -13.01 -64.80 -8.37
CA GLY U 144 -14.14 -65.13 -9.22
C GLY U 144 -15.03 -63.93 -9.39
N GLY U 145 -15.66 -63.84 -10.55
CA GLY U 145 -16.53 -62.73 -10.85
C GLY U 145 -16.98 -62.78 -12.29
N VAL U 146 -17.75 -61.76 -12.66
CA VAL U 146 -18.29 -61.61 -14.01
C VAL U 146 -17.99 -60.20 -14.49
N ASP U 147 -17.65 -60.09 -15.78
CA ASP U 147 -17.27 -58.81 -16.36
C ASP U 147 -17.86 -58.73 -17.77
N GLU U 148 -17.39 -57.75 -18.55
CA GLU U 148 -17.90 -57.56 -19.90
C GLU U 148 -17.61 -58.76 -20.78
N LYS U 149 -16.43 -59.36 -20.62
CA LYS U 149 -16.09 -60.54 -21.41
C LYS U 149 -16.90 -61.77 -20.99
N GLY U 150 -17.51 -61.73 -19.81
CA GLY U 150 -18.30 -62.84 -19.32
C GLY U 150 -17.89 -63.24 -17.93
N PRO U 151 -18.22 -64.47 -17.53
CA PRO U 151 -17.80 -64.96 -16.22
C PRO U 151 -16.42 -65.59 -16.27
N GLN U 152 -15.53 -65.16 -15.38
CA GLN U 152 -14.16 -65.64 -15.35
C GLN U 152 -13.78 -66.03 -13.93
N LEU U 153 -12.78 -66.91 -13.83
CA LEU U 153 -12.31 -67.42 -12.55
C LEU U 153 -10.79 -67.54 -12.62
N PHE U 154 -10.10 -66.66 -11.90
CA PHE U 154 -8.65 -66.59 -11.95
C PHE U 154 -8.02 -67.28 -10.74
N HIS U 155 -6.88 -67.92 -10.97
CA HIS U 155 -6.11 -68.57 -9.93
C HIS U 155 -4.79 -67.84 -9.76
N MET U 156 -4.45 -67.51 -8.51
CA MET U 156 -3.22 -66.78 -8.20
C MET U 156 -2.46 -67.56 -7.15
N ASP U 157 -1.26 -68.01 -7.51
CA ASP U 157 -0.40 -68.78 -6.63
C ASP U 157 0.53 -67.86 -5.86
N PRO U 158 1.19 -68.37 -4.81
CA PRO U 158 2.02 -67.47 -3.99
C PRO U 158 3.16 -66.79 -4.73
N SER U 159 3.68 -67.37 -5.81
CA SER U 159 4.93 -66.83 -6.35
C SER U 159 4.70 -65.61 -7.24
N GLY U 160 4.16 -65.81 -8.44
CA GLY U 160 3.99 -64.66 -9.32
C GLY U 160 2.91 -64.66 -10.39
N THR U 161 2.06 -65.67 -10.48
CA THR U 161 1.25 -65.81 -11.68
C THR U 161 -0.24 -65.80 -11.35
N PHE U 162 -1.04 -65.55 -12.39
CA PHE U 162 -2.49 -65.51 -12.29
C PHE U 162 -3.11 -66.26 -13.47
N VAL U 163 -2.66 -67.49 -13.69
CA VAL U 163 -3.11 -68.27 -14.84
C VAL U 163 -4.62 -68.44 -14.80
N GLN U 164 -5.25 -68.26 -15.95
CA GLN U 164 -6.70 -68.46 -16.06
C GLN U 164 -7.03 -69.93 -15.95
N CYS U 165 -8.16 -70.23 -15.32
CA CYS U 165 -8.58 -71.61 -15.09
C CYS U 165 -10.08 -71.71 -15.26
N ASP U 166 -10.55 -72.95 -15.42
CA ASP U 166 -11.97 -73.26 -15.46
C ASP U 166 -12.45 -74.01 -14.22
N ALA U 167 -11.64 -74.93 -13.70
CA ALA U 167 -11.96 -75.62 -12.45
C ALA U 167 -10.66 -76.17 -11.88
N ARG U 168 -10.17 -75.57 -10.80
CA ARG U 168 -8.87 -75.93 -10.25
C ARG U 168 -8.93 -75.79 -8.73
N ALA U 169 -8.78 -76.91 -8.03
CA ALA U 169 -8.76 -76.89 -6.57
C ALA U 169 -7.44 -76.34 -6.06
N ILE U 170 -7.42 -76.00 -4.77
CA ILE U 170 -6.22 -75.44 -4.15
C ILE U 170 -5.82 -76.12 -2.84
N GLY U 171 -6.73 -76.76 -2.11
CA GLY U 171 -6.42 -77.27 -0.79
C GLY U 171 -5.79 -78.64 -0.81
N SER U 172 -5.75 -79.27 0.36
CA SER U 172 -5.15 -80.58 0.50
C SER U 172 -5.92 -81.61 -0.31
N ALA U 173 -5.22 -82.70 -0.65
CA ALA U 173 -5.75 -83.73 -1.54
C ALA U 173 -6.21 -83.10 -2.86
N SER U 174 -5.40 -82.17 -3.38
CA SER U 174 -5.73 -81.50 -4.63
C SER U 174 -5.75 -82.48 -5.80
N GLU U 175 -4.98 -83.57 -5.71
CA GLU U 175 -4.97 -84.55 -6.78
C GLU U 175 -6.34 -85.22 -6.94
N GLY U 176 -6.96 -85.59 -5.82
CA GLY U 176 -8.29 -86.19 -5.89
C GLY U 176 -9.34 -85.21 -6.39
N ALA U 177 -9.21 -83.94 -6.03
CA ALA U 177 -10.13 -82.91 -6.49
C ALA U 177 -9.77 -82.37 -7.87
N GLN U 178 -8.69 -82.86 -8.47
CA GLN U 178 -8.29 -82.45 -9.81
C GLN U 178 -8.56 -83.52 -10.86
N SER U 179 -8.21 -84.78 -10.56
CA SER U 179 -8.48 -85.85 -11.51
C SER U 179 -9.98 -86.02 -11.73
N SER U 180 -10.77 -85.98 -10.66
CA SER U 180 -12.22 -86.09 -10.80
C SER U 180 -12.80 -84.92 -11.58
N LEU U 181 -12.29 -83.71 -11.32
CA LEU U 181 -12.76 -82.55 -12.07
C LEU U 181 -12.43 -82.68 -13.55
N GLN U 182 -11.24 -83.17 -13.88
CA GLN U 182 -10.90 -83.43 -15.26
C GLN U 182 -11.85 -84.46 -15.87
N GLU U 183 -12.18 -85.50 -15.11
CA GLU U 183 -13.07 -86.53 -15.62
C GLU U 183 -14.51 -86.07 -15.78
N VAL U 184 -14.95 -85.07 -15.02
CA VAL U 184 -16.36 -84.69 -15.00
C VAL U 184 -16.65 -83.40 -15.77
N TYR U 185 -15.65 -82.55 -16.00
CA TYR U 185 -15.90 -81.26 -16.63
C TYR U 185 -16.44 -81.44 -18.05
N HIS U 186 -17.38 -80.57 -18.43
CA HIS U 186 -18.04 -80.65 -19.73
C HIS U 186 -18.02 -79.36 -20.52
N LYS U 187 -17.74 -78.21 -19.91
CA LYS U 187 -17.63 -76.90 -20.54
C LYS U 187 -18.95 -76.40 -21.11
N SER U 188 -20.04 -77.17 -20.99
CA SER U 188 -21.33 -76.72 -21.47
C SER U 188 -22.48 -77.09 -20.53
N MET U 189 -22.19 -77.67 -19.38
CA MET U 189 -23.23 -78.07 -18.44
C MET U 189 -23.83 -76.85 -17.75
N THR U 190 -25.07 -77.02 -17.26
CA THR U 190 -25.81 -75.93 -16.66
C THR U 190 -25.27 -75.60 -15.27
N LEU U 191 -25.68 -74.43 -14.78
CA LEU U 191 -25.24 -73.98 -13.46
C LEU U 191 -25.80 -74.86 -12.34
N LYS U 192 -27.01 -75.39 -12.52
CA LYS U 192 -27.62 -76.21 -11.47
C LYS U 192 -26.78 -77.45 -11.18
N GLU U 193 -26.26 -78.10 -12.22
CA GLU U 193 -25.43 -79.27 -12.02
C GLU U 193 -24.08 -78.94 -11.39
N ALA U 194 -23.65 -77.68 -11.48
CA ALA U 194 -22.36 -77.31 -10.90
C ALA U 194 -22.35 -77.49 -9.39
N ILE U 195 -23.43 -77.08 -8.72
CA ILE U 195 -23.51 -77.25 -7.27
C ILE U 195 -23.44 -78.72 -6.90
N LYS U 196 -24.20 -79.55 -7.61
CA LYS U 196 -24.21 -80.98 -7.30
C LYS U 196 -22.84 -81.59 -7.52
N SER U 197 -22.19 -81.26 -8.64
CA SER U 197 -20.87 -81.83 -8.92
C SER U 197 -19.85 -81.39 -7.88
N SER U 198 -19.87 -80.11 -7.51
CA SER U 198 -18.93 -79.61 -6.51
C SER U 198 -19.14 -80.29 -5.17
N LEU U 199 -20.39 -80.47 -4.76
CA LEU U 199 -20.65 -81.14 -3.50
C LEU U 199 -20.22 -82.60 -3.54
N ILE U 200 -20.47 -83.29 -4.65
CA ILE U 200 -20.03 -84.68 -4.77
C ILE U 200 -18.51 -84.76 -4.67
N ILE U 201 -17.80 -83.82 -5.31
CA ILE U 201 -16.34 -83.83 -5.24
C ILE U 201 -15.87 -83.55 -3.83
N LEU U 202 -16.48 -82.57 -3.15
CA LEU U 202 -16.06 -82.24 -1.79
C LEU U 202 -16.35 -83.38 -0.82
N LYS U 203 -17.36 -84.21 -1.10
CA LYS U 203 -17.67 -85.33 -0.22
C LYS U 203 -16.55 -86.37 -0.20
N GLN U 204 -15.67 -86.37 -1.19
CA GLN U 204 -14.64 -87.38 -1.31
C GLN U 204 -13.37 -87.07 -0.50
N VAL U 205 -13.26 -85.88 0.07
CA VAL U 205 -12.07 -85.51 0.82
C VAL U 205 -12.33 -85.41 2.32
N MET U 206 -13.51 -84.96 2.72
CA MET U 206 -13.81 -84.78 4.14
C MET U 206 -13.81 -86.10 4.88
N GLU U 207 -13.24 -86.08 6.09
CA GLU U 207 -13.44 -87.18 7.02
C GLU U 207 -14.83 -87.15 7.66
N GLU U 208 -15.45 -85.98 7.74
CA GLU U 208 -16.77 -85.82 8.33
C GLU U 208 -17.84 -86.00 7.24
N LYS U 209 -19.09 -85.72 7.59
CA LYS U 209 -20.20 -85.78 6.65
C LYS U 209 -20.57 -84.38 6.16
N LEU U 210 -21.48 -84.34 5.20
CA LEU U 210 -21.93 -83.08 4.62
C LEU U 210 -23.08 -82.53 5.46
N ASN U 211 -22.80 -81.48 6.23
CA ASN U 211 -23.82 -80.76 6.97
C ASN U 211 -23.71 -79.27 6.67
N ALA U 212 -24.82 -78.57 6.90
CA ALA U 212 -24.95 -77.17 6.49
C ALA U 212 -24.15 -76.20 7.36
N THR U 213 -23.23 -76.69 8.21
CA THR U 213 -22.49 -75.84 9.11
C THR U 213 -21.01 -75.73 8.77
N ASN U 214 -20.55 -76.35 7.68
CA ASN U 214 -19.13 -76.25 7.34
C ASN U 214 -18.90 -76.07 5.84
N ILE U 215 -19.91 -75.67 5.08
CA ILE U 215 -19.78 -75.43 3.65
C ILE U 215 -20.35 -74.05 3.35
N GLU U 216 -19.69 -73.31 2.46
CA GLU U 216 -19.98 -71.90 2.23
C GLU U 216 -20.19 -71.60 0.76
N LEU U 217 -21.08 -72.36 0.12
CA LEU U 217 -21.48 -72.07 -1.26
C LEU U 217 -21.82 -70.60 -1.44
N ALA U 218 -21.22 -69.98 -2.45
CA ALA U 218 -21.47 -68.57 -2.74
C ALA U 218 -21.16 -68.34 -4.21
N THR U 219 -22.19 -68.07 -5.00
CA THR U 219 -22.04 -67.93 -6.45
C THR U 219 -22.45 -66.53 -6.89
N VAL U 220 -21.94 -66.13 -8.05
CA VAL U 220 -22.25 -64.85 -8.66
C VAL U 220 -22.79 -65.10 -10.05
N GLN U 221 -23.90 -64.46 -10.39
CA GLN U 221 -24.58 -64.61 -11.66
C GLN U 221 -24.32 -63.41 -12.55
N PRO U 222 -24.48 -63.55 -13.87
CA PRO U 222 -24.26 -62.40 -14.76
C PRO U 222 -25.17 -61.22 -14.44
N GLY U 223 -26.40 -61.48 -14.00
CA GLY U 223 -27.32 -60.41 -13.66
C GLY U 223 -27.19 -59.93 -12.23
N GLN U 224 -27.28 -60.86 -11.29
CA GLN U 224 -27.27 -60.50 -9.87
C GLN U 224 -25.86 -60.20 -9.39
N ASN U 225 -25.79 -59.53 -8.24
CA ASN U 225 -24.52 -59.25 -7.57
C ASN U 225 -24.10 -60.49 -6.77
N PHE U 226 -23.13 -60.31 -5.87
CA PHE U 226 -22.71 -61.40 -5.00
C PHE U 226 -23.88 -61.91 -4.18
N HIS U 227 -24.04 -63.23 -4.15
CA HIS U 227 -25.12 -63.89 -3.41
C HIS U 227 -24.52 -65.03 -2.60
N MET U 228 -24.55 -64.91 -1.28
CA MET U 228 -24.03 -65.93 -0.39
C MET U 228 -25.17 -66.80 0.09
N PHE U 229 -25.10 -68.10 -0.21
CA PHE U 229 -26.16 -69.02 0.18
C PHE U 229 -26.26 -69.10 1.70
N THR U 230 -27.49 -69.11 2.20
CA THR U 230 -27.76 -69.21 3.62
C THR U 230 -28.09 -70.65 3.99
N LYS U 231 -28.19 -70.89 5.31
CA LYS U 231 -28.40 -72.25 5.80
C LYS U 231 -29.72 -72.81 5.29
N GLU U 232 -30.80 -72.03 5.36
CA GLU U 232 -32.09 -72.51 4.87
C GLU U 232 -32.05 -72.75 3.37
N GLU U 233 -31.44 -71.84 2.61
CA GLU U 233 -31.35 -72.02 1.17
C GLU U 233 -30.48 -73.22 0.82
N LEU U 234 -29.34 -73.37 1.50
CA LEU U 234 -28.44 -74.47 1.20
C LEU U 234 -29.00 -75.82 1.64
N GLU U 235 -29.92 -75.84 2.60
CA GLU U 235 -30.50 -77.10 3.05
C GLU U 235 -31.25 -77.79 1.92
N GLU U 236 -31.90 -77.02 1.05
CA GLU U 236 -32.65 -77.62 -0.05
C GLU U 236 -31.74 -78.38 -1.00
N VAL U 237 -30.56 -77.83 -1.30
CA VAL U 237 -29.65 -78.47 -2.24
C VAL U 237 -28.79 -79.53 -1.58
N ILE U 238 -28.57 -79.42 -0.26
CA ILE U 238 -27.75 -80.41 0.44
C ILE U 238 -28.48 -81.72 0.68
N LYS U 239 -29.80 -81.74 0.48
CA LYS U 239 -30.56 -82.97 0.69
C LYS U 239 -30.12 -84.07 -0.29
N ASP U 240 -29.89 -83.70 -1.54
CA ASP U 240 -29.47 -84.66 -2.55
C ASP U 240 -27.95 -84.67 -2.72
N MET V 1 34.07 -80.35 -4.97
CA MET V 1 33.31 -80.15 -3.75
C MET V 1 33.88 -79.04 -2.88
N PHE V 2 34.95 -78.40 -3.37
CA PHE V 2 35.52 -77.24 -2.71
C PHE V 2 34.78 -75.97 -3.10
N ARG V 3 33.46 -75.95 -2.94
CA ARG V 3 32.68 -74.79 -3.30
C ARG V 3 31.56 -74.46 -2.32
N ASN V 4 31.39 -75.23 -1.24
CA ASN V 4 30.29 -74.99 -0.32
C ASN V 4 30.42 -73.63 0.36
N GLN V 5 31.64 -73.23 0.70
CA GLN V 5 31.86 -71.98 1.40
C GLN V 5 31.90 -70.77 0.48
N TYR V 6 31.99 -70.97 -0.83
CA TYR V 6 32.17 -69.88 -1.78
C TYR V 6 30.97 -69.66 -2.69
N ASP V 7 29.83 -70.29 -2.41
CA ASP V 7 28.64 -70.10 -3.23
C ASP V 7 27.40 -69.70 -2.43
N ASN V 8 27.51 -69.60 -1.11
CA ASN V 8 26.34 -69.23 -0.31
C ASN V 8 25.93 -67.79 -0.58
N ASP V 9 26.85 -66.96 -1.05
CA ASP V 9 26.53 -65.57 -1.38
C ASP V 9 27.01 -65.23 -2.77
N VAL V 10 26.92 -63.95 -3.15
CA VAL V 10 27.26 -63.51 -4.50
C VAL V 10 28.50 -62.61 -4.52
N THR V 11 28.92 -62.08 -3.36
CA THR V 11 30.03 -61.13 -3.30
C THR V 11 31.33 -61.77 -2.87
N VAL V 12 31.59 -63.00 -3.30
CA VAL V 12 32.82 -63.71 -2.97
C VAL V 12 33.40 -64.32 -4.23
N TRP V 13 34.73 -64.32 -4.33
CA TRP V 13 35.43 -64.85 -5.48
C TRP V 13 36.03 -66.21 -5.15
N SER V 14 35.82 -67.19 -6.02
CA SER V 14 36.41 -68.49 -5.86
C SER V 14 37.92 -68.41 -6.08
N PRO V 15 38.69 -69.38 -5.56
CA PRO V 15 40.14 -69.36 -5.80
C PRO V 15 40.51 -69.39 -7.27
N GLN V 16 39.77 -70.14 -8.09
CA GLN V 16 39.95 -70.03 -9.53
C GLN V 16 39.54 -68.63 -10.01
N GLY V 17 38.45 -68.12 -9.48
CA GLY V 17 37.94 -66.79 -9.77
C GLY V 17 36.79 -66.83 -10.75
N ARG V 18 35.58 -66.86 -10.20
CA ARG V 18 34.34 -66.80 -10.96
C ARG V 18 33.20 -66.73 -9.97
N ILE V 19 32.23 -65.87 -10.25
CA ILE V 19 31.04 -65.77 -9.40
C ILE V 19 30.14 -66.96 -9.70
N HIS V 20 29.92 -67.81 -8.70
CA HIS V 20 29.14 -69.03 -8.93
C HIS V 20 27.65 -68.73 -9.06
N GLN V 21 27.18 -67.66 -8.42
CA GLN V 21 25.77 -67.32 -8.51
C GLN V 21 25.37 -66.96 -9.94
N ILE V 22 26.26 -66.28 -10.67
CA ILE V 22 25.97 -65.93 -12.05
C ILE V 22 25.82 -67.18 -12.90
N GLU V 23 26.72 -68.15 -12.72
CA GLU V 23 26.61 -69.41 -13.45
C GLU V 23 25.34 -70.15 -13.08
N TYR V 24 24.99 -70.15 -11.80
CA TYR V 24 23.76 -70.82 -11.38
C TYR V 24 22.53 -70.17 -11.98
N ALA V 25 22.50 -68.83 -12.06
CA ALA V 25 21.37 -68.15 -12.67
C ALA V 25 21.30 -68.42 -14.17
N MET V 26 22.46 -68.45 -14.84
CA MET V 26 22.46 -68.78 -16.26
C MET V 26 22.00 -70.20 -16.51
N GLU V 27 22.27 -71.12 -15.58
CA GLU V 27 21.71 -72.46 -15.68
C GLU V 27 20.21 -72.46 -15.39
N ALA V 28 19.77 -71.60 -14.47
CA ALA V 28 18.36 -71.55 -14.10
C ALA V 28 17.49 -71.03 -15.23
N VAL V 29 17.99 -70.08 -16.01
CA VAL V 29 17.19 -69.47 -17.06
C VAL V 29 16.75 -70.49 -18.11
N LYS V 30 17.35 -71.67 -18.13
CA LYS V 30 17.01 -72.70 -19.10
C LYS V 30 15.71 -73.43 -18.78
N GLN V 31 14.97 -73.01 -17.76
CA GLN V 31 13.70 -73.61 -17.40
C GLN V 31 12.58 -72.77 -18.00
N GLY V 32 11.91 -73.33 -19.02
CA GLY V 32 10.84 -72.60 -19.68
C GLY V 32 10.45 -73.21 -21.01
N SER V 33 10.41 -72.39 -22.05
CA SER V 33 10.03 -72.85 -23.38
C SER V 33 10.89 -72.15 -24.43
N ALA V 34 11.04 -72.79 -25.57
CA ALA V 34 11.85 -72.25 -26.65
C ALA V 34 11.21 -71.00 -27.23
N THR V 35 12.05 -70.13 -27.81
CA THR V 35 11.57 -68.88 -28.39
C THR V 35 12.56 -68.48 -29.49
N VAL V 36 12.16 -68.68 -30.74
CA VAL V 36 13.00 -68.28 -31.87
C VAL V 36 12.86 -66.77 -32.09
N GLY V 37 13.91 -66.17 -32.62
CA GLY V 37 13.97 -64.72 -32.76
C GLY V 37 14.39 -64.21 -34.12
N LEU V 38 13.91 -64.85 -35.20
CA LEU V 38 14.33 -64.53 -36.56
C LEU V 38 14.15 -63.05 -36.92
N LYS V 39 14.85 -62.62 -37.96
CA LYS V 39 14.76 -61.25 -38.45
C LYS V 39 14.96 -61.26 -39.96
N SER V 40 14.53 -60.18 -40.60
CA SER V 40 14.63 -60.04 -42.05
C SER V 40 15.03 -58.60 -42.37
N LYS V 41 14.94 -58.24 -43.65
CA LYS V 41 15.28 -56.88 -44.06
C LYS V 41 14.20 -55.89 -43.69
N THR V 42 12.93 -56.31 -43.67
CA THR V 42 11.82 -55.42 -43.39
C THR V 42 11.02 -55.78 -42.15
N HIS V 43 11.00 -57.04 -41.74
CA HIS V 43 10.21 -57.48 -40.60
C HIS V 43 11.05 -58.35 -39.68
N ALA V 44 10.67 -58.37 -38.40
CA ALA V 44 11.37 -59.14 -37.37
C ALA V 44 10.33 -59.98 -36.64
N VAL V 45 10.08 -61.19 -37.14
CA VAL V 45 9.11 -62.08 -36.50
C VAL V 45 9.69 -62.57 -35.18
N LEU V 46 8.80 -62.86 -34.23
CA LEU V 46 9.18 -63.35 -32.90
C LEU V 46 8.19 -64.44 -32.50
N VAL V 47 8.55 -65.68 -32.79
CA VAL V 47 7.69 -66.83 -32.53
C VAL V 47 8.13 -67.48 -31.23
N ALA V 48 7.16 -67.77 -30.36
CA ALA V 48 7.44 -68.39 -29.06
C ALA V 48 6.62 -69.67 -28.93
N LEU V 49 6.71 -70.27 -27.73
CA LEU V 49 5.96 -71.47 -27.40
C LEU V 49 5.33 -71.28 -26.03
N LYS V 50 4.24 -72.02 -25.79
CA LYS V 50 3.51 -71.92 -24.55
C LYS V 50 3.33 -73.30 -23.94
N ARG V 51 3.50 -73.39 -22.63
CA ARG V 51 3.31 -74.63 -21.91
C ARG V 51 1.84 -74.75 -21.49
N ALA V 52 1.54 -75.73 -20.64
CA ALA V 52 0.18 -75.94 -20.17
C ALA V 52 0.24 -76.50 -18.75
N GLN V 53 -0.35 -75.78 -17.79
CA GLN V 53 -0.42 -76.28 -16.43
C GLN V 53 -1.24 -77.55 -16.37
N SER V 54 -2.37 -77.58 -17.07
CA SER V 54 -3.23 -78.76 -17.15
C SER V 54 -4.17 -78.58 -18.33
N GLU V 55 -4.86 -79.67 -18.68
CA GLU V 55 -5.82 -79.60 -19.78
C GLU V 55 -6.97 -78.66 -19.46
N LEU V 56 -7.36 -78.56 -18.18
CA LEU V 56 -8.46 -77.69 -17.79
C LEU V 56 -8.04 -76.23 -17.79
N ALA V 57 -6.82 -75.93 -17.34
CA ALA V 57 -6.38 -74.56 -17.14
C ALA V 57 -6.03 -73.92 -18.48
N ALA V 58 -5.53 -72.69 -18.42
CA ALA V 58 -5.11 -71.94 -19.61
C ALA V 58 -3.61 -71.70 -19.55
N HIS V 59 -3.04 -71.34 -20.69
CA HIS V 59 -1.60 -71.22 -20.83
C HIS V 59 -1.10 -69.86 -20.36
N GLN V 60 0.22 -69.77 -20.21
CA GLN V 60 0.88 -68.54 -19.76
C GLN V 60 1.04 -67.57 -20.93
N LYS V 61 1.40 -66.34 -20.60
CA LYS V 61 1.66 -65.29 -21.58
C LYS V 61 3.17 -65.20 -21.80
N LYS V 62 3.59 -65.35 -23.06
CA LYS V 62 5.01 -65.34 -23.40
C LYS V 62 5.42 -64.19 -24.31
N ILE V 63 4.47 -63.44 -24.86
CA ILE V 63 4.76 -62.31 -25.74
C ILE V 63 4.05 -61.09 -25.17
N LEU V 64 4.76 -60.29 -24.40
CA LEU V 64 4.18 -59.10 -23.78
C LEU V 64 4.13 -57.97 -24.80
N HIS V 65 3.82 -56.77 -24.32
CA HIS V 65 3.78 -55.58 -25.16
C HIS V 65 4.50 -54.45 -24.44
N VAL V 66 5.23 -53.64 -25.20
CA VAL V 66 6.03 -52.55 -24.64
C VAL V 66 5.60 -51.20 -25.21
N ASP V 67 5.54 -51.08 -26.53
CA ASP V 67 5.15 -49.85 -27.18
C ASP V 67 4.76 -50.16 -28.61
N ASN V 68 4.51 -49.10 -29.40
CA ASN V 68 4.05 -49.27 -30.76
C ASN V 68 5.14 -49.80 -31.70
N HIS V 69 6.40 -49.82 -31.29
CA HIS V 69 7.50 -50.20 -32.17
C HIS V 69 8.47 -51.17 -31.51
N ILE V 70 8.05 -51.84 -30.43
CA ILE V 70 8.94 -52.76 -29.73
C ILE V 70 8.13 -53.76 -28.93
N GLY V 71 8.51 -55.03 -29.00
CA GLY V 71 7.83 -56.08 -28.28
C GLY V 71 8.76 -57.16 -27.80
N ILE V 72 8.73 -57.48 -26.51
CA ILE V 72 9.67 -58.41 -25.91
C ILE V 72 9.01 -59.76 -25.72
N SER V 73 9.85 -60.80 -25.68
CA SER V 73 9.43 -62.13 -25.28
C SER V 73 9.90 -62.37 -23.85
N ILE V 74 9.77 -63.61 -23.37
CA ILE V 74 10.17 -63.94 -22.01
C ILE V 74 10.54 -65.42 -21.96
N ALA V 75 11.45 -65.75 -21.05
CA ALA V 75 11.88 -67.12 -20.85
C ALA V 75 12.55 -67.23 -19.49
N GLY V 76 12.09 -68.17 -18.67
CA GLY V 76 12.65 -68.36 -17.35
C GLY V 76 11.69 -68.00 -16.23
N LEU V 77 12.18 -67.31 -15.21
CA LEU V 77 11.32 -66.88 -14.12
C LEU V 77 10.26 -65.92 -14.61
N THR V 78 9.01 -66.15 -14.21
CA THR V 78 7.92 -65.25 -14.53
C THR V 78 7.72 -64.19 -13.46
N ALA V 79 8.49 -64.23 -12.38
CA ALA V 79 8.36 -63.24 -11.32
C ALA V 79 8.98 -61.90 -11.73
N ASP V 80 10.28 -61.90 -12.05
CA ASP V 80 10.97 -60.67 -12.41
C ASP V 80 10.60 -60.17 -13.81
N ALA V 81 9.89 -60.97 -14.61
CA ALA V 81 9.51 -60.53 -15.94
C ALA V 81 8.67 -59.27 -15.89
N ARG V 82 7.62 -59.26 -15.07
CA ARG V 82 6.79 -58.07 -14.94
C ARG V 82 7.55 -56.93 -14.29
N LEU V 83 8.36 -57.23 -13.27
CA LEU V 83 9.13 -56.20 -12.59
C LEU V 83 10.10 -55.50 -13.54
N LEU V 84 10.55 -56.20 -14.58
CA LEU V 84 11.46 -55.59 -15.55
C LEU V 84 10.71 -54.92 -16.69
N CYS V 85 9.60 -55.52 -17.14
CA CYS V 85 8.81 -54.87 -18.18
C CYS V 85 8.19 -53.57 -17.71
N ASN V 86 7.94 -53.43 -16.40
CA ASN V 86 7.50 -52.13 -15.88
C ASN V 86 8.55 -51.05 -16.14
N PHE V 87 9.82 -51.37 -15.88
CA PHE V 87 10.90 -50.43 -16.15
C PHE V 87 11.02 -50.15 -17.64
N MET V 88 10.92 -51.20 -18.47
CA MET V 88 10.81 -51.04 -19.91
C MET V 88 9.79 -49.96 -20.28
N ARG V 89 8.55 -50.18 -19.86
CA ARG V 89 7.46 -49.31 -20.26
C ARG V 89 7.67 -47.89 -19.73
N GLN V 90 8.14 -47.77 -18.49
CA GLN V 90 8.33 -46.43 -17.92
C GLN V 90 9.39 -45.65 -18.68
N GLU V 91 10.51 -46.29 -19.02
CA GLU V 91 11.54 -45.60 -19.78
C GLU V 91 11.04 -45.20 -21.16
N CYS V 92 10.32 -46.10 -21.84
CA CYS V 92 9.82 -45.74 -23.17
C CYS V 92 8.84 -44.57 -23.08
N LEU V 93 7.96 -44.58 -22.08
CA LEU V 93 6.99 -43.49 -21.93
C LEU V 93 7.69 -42.18 -21.61
N ASP V 94 8.71 -42.21 -20.75
CA ASP V 94 9.43 -40.98 -20.44
C ASP V 94 10.14 -40.43 -21.67
N SER V 95 10.75 -41.32 -22.46
CA SER V 95 11.42 -40.87 -23.68
C SER V 95 10.43 -40.29 -24.68
N ARG V 96 9.21 -40.82 -24.72
CA ARG V 96 8.21 -40.25 -25.61
C ARG V 96 7.66 -38.92 -25.08
N PHE V 97 7.63 -38.75 -23.76
CA PHE V 97 7.05 -37.54 -23.19
C PHE V 97 8.02 -36.37 -23.24
N VAL V 98 9.28 -36.60 -22.85
CA VAL V 98 10.24 -35.50 -22.80
C VAL V 98 10.59 -35.04 -24.21
N PHE V 99 11.17 -35.93 -25.01
CA PHE V 99 11.41 -35.66 -26.42
C PHE V 99 10.13 -35.96 -27.20
N ASP V 100 10.24 -36.07 -28.52
CA ASP V 100 9.10 -36.43 -29.35
C ASP V 100 9.50 -37.42 -30.43
N ARG V 101 10.34 -38.38 -30.07
CA ARG V 101 10.76 -39.43 -30.98
C ARG V 101 10.73 -40.76 -30.26
N PRO V 102 10.47 -41.85 -30.97
CA PRO V 102 10.54 -43.17 -30.33
C PRO V 102 11.95 -43.46 -29.82
N LEU V 103 12.02 -44.09 -28.65
CA LEU V 103 13.31 -44.39 -28.05
C LEU V 103 13.99 -45.50 -28.82
N PRO V 104 15.20 -45.29 -29.34
CA PRO V 104 15.87 -46.36 -30.09
C PRO V 104 16.23 -47.53 -29.20
N VAL V 105 16.26 -48.71 -29.81
CA VAL V 105 16.53 -49.94 -29.07
C VAL V 105 17.94 -49.92 -28.50
N SER V 106 18.89 -49.35 -29.23
CA SER V 106 20.29 -49.40 -28.83
C SER V 106 20.56 -48.70 -27.50
N ARG V 107 19.74 -47.72 -27.13
CA ARG V 107 19.90 -47.07 -25.83
C ARG V 107 19.07 -47.75 -24.75
N LEU V 108 17.88 -48.23 -25.13
CA LEU V 108 17.00 -48.94 -24.19
C LEU V 108 17.68 -50.19 -23.64
N VAL V 109 18.29 -50.98 -24.52
CA VAL V 109 18.92 -52.21 -24.07
C VAL V 109 20.12 -51.91 -23.17
N SER V 110 20.88 -50.86 -23.50
CA SER V 110 21.99 -50.46 -22.64
C SER V 110 21.49 -50.04 -21.27
N LEU V 111 20.37 -49.30 -21.22
CA LEU V 111 19.81 -48.91 -19.93
C LEU V 111 19.35 -50.12 -19.13
N ILE V 112 18.73 -51.10 -19.80
CA ILE V 112 18.30 -52.32 -19.11
C ILE V 112 19.49 -53.06 -18.54
N GLY V 113 20.56 -53.18 -19.32
CA GLY V 113 21.76 -53.82 -18.82
C GLY V 113 22.37 -53.09 -17.64
N SER V 114 22.39 -51.76 -17.71
CA SER V 114 22.92 -50.96 -16.60
C SER V 114 22.10 -51.19 -15.34
N LYS V 115 20.77 -51.26 -15.47
CA LYS V 115 19.94 -51.51 -14.31
C LYS V 115 20.19 -52.91 -13.74
N THR V 116 20.26 -53.92 -14.61
CA THR V 116 20.47 -55.28 -14.14
C THR V 116 21.88 -55.52 -13.61
N GLN V 117 22.83 -54.63 -13.90
CA GLN V 117 24.18 -54.79 -13.37
C GLN V 117 24.26 -54.47 -11.89
N ILE V 118 23.36 -53.66 -11.35
CA ILE V 118 23.44 -53.25 -9.95
C ILE V 118 23.30 -54.42 -8.98
N PRO V 119 22.29 -55.29 -9.09
CA PRO V 119 22.10 -56.31 -8.05
C PRO V 119 23.23 -57.32 -7.94
N THR V 120 24.06 -57.48 -8.97
CA THR V 120 25.11 -58.49 -8.91
C THR V 120 26.30 -58.07 -8.08
N GLN V 121 26.29 -56.88 -7.49
CA GLN V 121 27.42 -56.38 -6.70
C GLN V 121 27.08 -56.18 -5.24
N ARG V 122 26.00 -55.46 -4.94
CA ARG V 122 25.64 -55.21 -3.55
C ARG V 122 25.21 -56.49 -2.85
N TYR V 123 25.39 -56.51 -1.53
CA TYR V 123 25.00 -57.67 -0.75
C TYR V 123 23.49 -57.77 -0.62
N GLY V 124 23.03 -58.96 -0.24
CA GLY V 124 21.62 -59.16 0.06
C GLY V 124 20.69 -59.09 -1.12
N ARG V 125 21.21 -59.19 -2.33
CA ARG V 125 20.38 -59.17 -3.53
C ARG V 125 20.83 -60.27 -4.47
N ARG V 126 19.94 -60.68 -5.36
CA ARG V 126 20.18 -61.79 -6.26
C ARG V 126 20.00 -61.37 -7.70
N PRO V 127 20.70 -62.00 -8.63
CA PRO V 127 20.56 -61.64 -10.05
C PRO V 127 19.19 -62.04 -10.58
N TYR V 128 18.77 -61.33 -11.62
CA TYR V 128 17.48 -61.62 -12.24
C TYR V 128 17.57 -62.92 -13.04
N GLY V 129 16.39 -63.46 -13.37
CA GLY V 129 16.32 -64.75 -14.04
C GLY V 129 15.54 -64.73 -15.34
N VAL V 130 15.71 -63.69 -16.14
CA VAL V 130 14.95 -63.54 -17.37
C VAL V 130 15.84 -63.88 -18.56
N GLY V 131 15.20 -64.12 -19.71
CA GLY V 131 15.90 -64.47 -20.93
C GLY V 131 15.43 -63.64 -22.12
N LEU V 132 15.22 -62.35 -21.89
CA LEU V 132 14.52 -61.49 -22.83
C LEU V 132 15.09 -61.59 -24.24
N LEU V 133 14.21 -61.41 -25.22
CA LEU V 133 14.54 -61.42 -26.65
C LEU V 133 13.98 -60.18 -27.33
N ILE V 134 14.26 -59.02 -26.73
CA ILE V 134 13.77 -57.72 -27.20
C ILE V 134 13.88 -57.59 -28.71
N ALA V 135 12.78 -57.22 -29.36
CA ALA V 135 12.73 -57.07 -30.80
C ALA V 135 11.95 -55.83 -31.16
N GLY V 136 12.30 -55.22 -32.28
CA GLY V 136 11.64 -54.00 -32.73
C GLY V 136 12.44 -53.20 -33.72
N TYR V 137 11.75 -52.55 -34.64
CA TYR V 137 12.36 -51.74 -35.70
C TYR V 137 12.05 -50.27 -35.44
N ASP V 138 13.09 -49.44 -35.35
CA ASP V 138 12.89 -48.02 -35.09
C ASP V 138 13.34 -47.15 -36.25
N ASP V 139 14.61 -47.16 -36.62
CA ASP V 139 15.08 -46.24 -37.67
C ASP V 139 16.10 -46.81 -38.64
N MET V 140 16.78 -47.91 -38.34
CA MET V 140 17.89 -48.38 -39.17
C MET V 140 17.80 -49.89 -39.36
N GLY V 141 16.59 -50.37 -39.63
CA GLY V 141 16.37 -51.78 -39.80
C GLY V 141 16.08 -52.45 -38.48
N PRO V 142 15.31 -53.54 -38.52
CA PRO V 142 14.95 -54.23 -37.27
C PRO V 142 16.16 -54.81 -36.56
N HIS V 143 16.06 -54.90 -35.24
CA HIS V 143 17.13 -55.42 -34.42
C HIS V 143 16.61 -56.55 -33.55
N ILE V 144 17.51 -57.44 -33.15
CA ILE V 144 17.20 -58.57 -32.29
C ILE V 144 18.28 -58.62 -31.22
N PHE V 145 17.97 -58.11 -30.03
CA PHE V 145 18.92 -58.06 -28.93
C PHE V 145 18.52 -59.06 -27.85
N GLN V 146 19.48 -59.85 -27.40
CA GLN V 146 19.27 -60.85 -26.36
C GLN V 146 19.77 -60.32 -25.02
N THR V 147 19.16 -60.79 -23.94
CA THR V 147 19.57 -60.45 -22.59
C THR V 147 19.75 -61.73 -21.78
N CYS V 148 20.80 -61.75 -20.97
CA CYS V 148 21.18 -62.89 -20.15
C CYS V 148 20.94 -62.59 -18.68
N PRO V 149 20.94 -63.62 -17.81
CA PRO V 149 20.82 -63.36 -16.37
C PRO V 149 21.89 -62.41 -15.85
N SER V 150 23.12 -62.54 -16.33
CA SER V 150 24.13 -61.53 -16.08
C SER V 150 23.91 -60.36 -17.03
N ALA V 151 24.31 -59.16 -16.58
CA ALA V 151 24.09 -57.97 -17.38
C ALA V 151 25.06 -57.93 -18.55
N ASN V 152 24.94 -58.89 -19.47
CA ASN V 152 25.82 -58.99 -20.63
C ASN V 152 24.92 -59.28 -21.83
N TYR V 153 24.45 -58.23 -22.48
CA TYR V 153 23.55 -58.36 -23.62
C TYR V 153 24.34 -58.57 -24.90
N PHE V 154 23.76 -59.33 -25.82
CA PHE V 154 24.37 -59.59 -27.12
C PHE V 154 23.50 -58.99 -28.22
N ASP V 155 24.15 -58.51 -29.28
CA ASP V 155 23.46 -58.33 -30.54
C ASP V 155 23.30 -59.68 -31.22
N CYS V 156 22.33 -59.77 -32.12
CA CYS V 156 22.06 -61.06 -32.73
C CYS V 156 21.35 -60.88 -34.06
N ARG V 157 21.35 -61.96 -34.84
CA ARG V 157 20.56 -62.08 -36.06
C ARG V 157 19.43 -63.08 -35.93
N ALA V 158 19.66 -64.21 -35.26
CA ALA V 158 18.63 -65.19 -34.98
C ALA V 158 19.10 -66.19 -33.93
N MET V 159 18.35 -66.37 -32.85
CA MET V 159 18.72 -67.33 -31.82
C MET V 159 17.47 -67.71 -31.02
N SER V 160 17.60 -68.78 -30.25
CA SER V 160 16.47 -69.42 -29.59
C SER V 160 16.78 -69.74 -28.12
N ILE V 161 17.22 -68.73 -27.37
CA ILE V 161 17.49 -68.92 -25.95
C ILE V 161 16.23 -69.41 -25.24
N GLY V 162 16.42 -70.26 -24.23
CA GLY V 162 15.31 -70.78 -23.45
C GLY V 162 15.47 -72.23 -23.03
N ALA V 163 14.48 -73.05 -23.39
CA ALA V 163 14.47 -74.47 -23.05
C ALA V 163 15.40 -75.24 -23.97
N ARG V 164 15.25 -76.56 -24.02
CA ARG V 164 16.08 -77.38 -24.91
C ARG V 164 16.02 -76.82 -26.32
N SER V 165 17.13 -76.25 -26.79
CA SER V 165 17.13 -75.52 -28.04
C SER V 165 18.40 -75.67 -28.87
N GLN V 166 19.34 -76.53 -28.49
CA GLN V 166 20.57 -76.64 -29.27
C GLN V 166 20.28 -77.12 -30.69
N SER V 167 19.35 -78.07 -30.83
CA SER V 167 18.92 -78.47 -32.16
C SER V 167 18.29 -77.31 -32.92
N ALA V 168 17.55 -76.45 -32.20
CA ALA V 168 17.01 -75.26 -32.84
C ALA V 168 18.13 -74.34 -33.32
N ARG V 169 19.19 -74.18 -32.52
CA ARG V 169 20.33 -73.40 -32.98
C ARG V 169 20.96 -74.00 -34.21
N THR V 170 21.12 -75.32 -34.25
CA THR V 170 21.73 -75.96 -35.42
C THR V 170 20.88 -75.74 -36.66
N TYR V 171 19.57 -75.91 -36.54
CA TYR V 171 18.70 -75.68 -37.69
C TYR V 171 18.75 -74.22 -38.13
N LEU V 172 18.72 -73.31 -37.17
CA LEU V 172 18.75 -71.88 -37.49
C LEU V 172 20.07 -71.47 -38.14
N GLU V 173 21.16 -72.14 -37.80
CA GLU V 173 22.45 -71.85 -38.42
C GLU V 173 22.58 -72.49 -39.80
N ARG V 174 21.95 -73.65 -40.01
CA ARG V 174 22.04 -74.30 -41.31
C ARG V 174 21.42 -73.46 -42.41
N HIS V 175 20.26 -72.86 -42.14
CA HIS V 175 19.52 -72.10 -43.15
C HIS V 175 19.66 -70.60 -42.97
N MET V 176 20.78 -70.14 -42.42
CA MET V 176 20.97 -68.72 -42.16
C MET V 176 21.55 -68.02 -43.39
N SER V 177 20.88 -68.18 -44.52
CA SER V 177 21.26 -67.50 -45.75
C SER V 177 20.10 -66.79 -46.42
N GLU V 178 18.90 -67.36 -46.37
CA GLU V 178 17.74 -66.80 -47.04
C GLU V 178 17.02 -65.74 -46.23
N PHE V 179 17.40 -65.54 -44.97
CA PHE V 179 16.69 -64.59 -44.10
C PHE V 179 16.94 -63.15 -44.47
N MET V 180 17.63 -62.84 -45.56
CA MET V 180 17.89 -61.45 -45.93
C MET V 180 16.95 -60.93 -47.01
N GLU V 181 16.29 -61.80 -47.77
CA GLU V 181 15.35 -61.35 -48.80
C GLU V 181 14.22 -62.39 -48.89
N CYS V 182 13.17 -62.15 -48.10
CA CYS V 182 11.97 -62.97 -48.13
C CYS V 182 10.79 -62.14 -47.67
N ASN V 183 9.60 -62.56 -48.06
CA ASN V 183 8.38 -61.91 -47.60
C ASN V 183 8.05 -62.34 -46.18
N LEU V 184 6.97 -61.80 -45.64
CA LEU V 184 6.56 -62.12 -44.28
C LEU V 184 6.22 -63.60 -44.13
N ASN V 185 5.48 -64.14 -45.10
CA ASN V 185 5.00 -65.52 -44.98
C ASN V 185 6.15 -66.51 -44.94
N GLU V 186 7.15 -66.35 -45.82
CA GLU V 186 8.27 -67.27 -45.84
C GLU V 186 9.07 -67.20 -44.55
N LEU V 187 9.28 -65.99 -44.03
CA LEU V 187 10.01 -65.84 -42.78
C LEU V 187 9.27 -66.50 -41.62
N VAL V 188 7.94 -66.33 -41.57
CA VAL V 188 7.16 -66.98 -40.51
C VAL V 188 7.21 -68.50 -40.67
N LYS V 189 7.16 -69.00 -41.90
CA LYS V 189 7.26 -70.44 -42.12
C LYS V 189 8.61 -70.96 -41.60
N HIS V 190 9.69 -70.22 -41.90
CA HIS V 190 11.00 -70.63 -41.41
C HIS V 190 11.05 -70.62 -39.88
N GLY V 191 10.46 -69.59 -39.26
CA GLY V 191 10.45 -69.54 -37.81
C GLY V 191 9.71 -70.71 -37.19
N LEU V 192 8.53 -71.02 -37.71
CA LEU V 192 7.76 -72.15 -37.18
C LEU V 192 8.48 -73.47 -37.42
N ARG V 193 9.11 -73.64 -38.59
CA ARG V 193 9.87 -74.85 -38.85
C ARG V 193 11.03 -74.99 -37.88
N ALA V 194 11.71 -73.88 -37.58
CA ALA V 194 12.80 -73.92 -36.62
C ALA V 194 12.29 -74.28 -35.22
N LEU V 195 11.14 -73.73 -34.84
CA LEU V 195 10.58 -74.06 -33.52
C LEU V 195 10.15 -75.52 -33.44
N ARG V 196 9.68 -76.09 -34.55
CA ARG V 196 9.18 -77.46 -34.54
C ARG V 196 10.26 -78.45 -34.11
N GLU V 197 11.53 -78.13 -34.36
CA GLU V 197 12.60 -79.04 -33.97
C GLU V 197 12.69 -79.18 -32.45
N THR V 198 12.42 -78.09 -31.72
CA THR V 198 12.44 -78.17 -30.26
C THR V 198 11.41 -79.14 -29.72
N LEU V 199 10.20 -79.10 -30.28
CA LEU V 199 9.12 -79.93 -29.78
C LEU V 199 9.47 -81.40 -29.96
N PRO V 200 9.22 -82.25 -28.96
CA PRO V 200 9.59 -83.66 -29.07
C PRO V 200 8.86 -84.36 -30.21
N ALA V 201 9.32 -85.58 -30.49
CA ALA V 201 8.81 -86.34 -31.62
C ALA V 201 7.35 -86.74 -31.40
N GLU V 202 6.66 -86.99 -32.51
CA GLU V 202 5.24 -87.36 -32.50
C GLU V 202 4.40 -86.30 -31.80
N GLN V 203 4.77 -85.04 -31.99
CA GLN V 203 4.04 -83.91 -31.42
C GLN V 203 3.98 -82.80 -32.45
N ASP V 204 2.79 -82.28 -32.70
CA ASP V 204 2.59 -81.19 -33.66
C ASP V 204 2.22 -79.90 -32.94
N LEU V 205 2.33 -78.80 -33.67
CA LEU V 205 2.00 -77.47 -33.14
C LEU V 205 0.51 -77.24 -33.34
N THR V 206 -0.23 -77.19 -32.24
CA THR V 206 -1.66 -76.91 -32.30
C THR V 206 -1.89 -75.41 -32.42
N THR V 207 -3.15 -74.99 -32.40
CA THR V 207 -3.49 -73.58 -32.44
C THR V 207 -3.29 -72.89 -31.11
N LYS V 208 -3.23 -73.64 -30.01
CA LYS V 208 -3.21 -73.07 -28.67
C LYS V 208 -1.82 -73.06 -28.04
N ASN V 209 -0.76 -73.28 -28.82
CA ASN V 209 0.58 -73.28 -28.25
C ASN V 209 1.58 -72.51 -29.11
N VAL V 210 1.12 -71.51 -29.86
CA VAL V 210 1.98 -70.63 -30.62
C VAL V 210 1.53 -69.19 -30.41
N SER V 211 2.49 -68.27 -30.38
CA SER V 211 2.22 -66.87 -30.08
C SER V 211 2.99 -65.97 -31.04
N ILE V 212 2.82 -66.21 -32.35
CA ILE V 212 3.51 -65.43 -33.37
C ILE V 212 3.24 -63.95 -33.16
N GLY V 213 4.32 -63.16 -33.12
CA GLY V 213 4.22 -61.72 -33.03
C GLY V 213 5.14 -61.03 -34.02
N ILE V 214 4.62 -60.06 -34.76
CA ILE V 214 5.31 -59.48 -35.91
C ILE V 214 5.34 -57.96 -35.78
N VAL V 215 6.53 -57.39 -35.97
CA VAL V 215 6.70 -55.93 -36.09
C VAL V 215 7.61 -55.67 -37.28
N GLY V 216 7.25 -54.67 -38.08
CA GLY V 216 7.95 -54.40 -39.34
C GLY V 216 7.96 -52.95 -39.71
N LYS V 217 7.72 -52.68 -41.00
CA LYS V 217 7.91 -51.34 -41.55
C LYS V 217 6.72 -50.42 -41.21
N ASP V 218 5.54 -50.75 -41.72
CA ASP V 218 4.38 -49.87 -41.62
C ASP V 218 3.29 -50.40 -40.72
N LEU V 219 3.58 -51.41 -39.91
CA LEU V 219 2.61 -51.96 -38.98
C LEU V 219 3.20 -51.97 -37.57
N GLU V 220 2.39 -51.56 -36.60
CA GLU V 220 2.83 -51.55 -35.22
C GLU V 220 2.87 -52.97 -34.66
N PHE V 221 3.55 -53.12 -33.52
CA PHE V 221 3.73 -54.45 -32.93
C PHE V 221 2.38 -55.02 -32.51
N THR V 222 2.02 -56.15 -33.11
CA THR V 222 0.75 -56.83 -32.82
C THR V 222 1.02 -58.28 -32.46
N ILE V 223 0.30 -58.77 -31.47
CA ILE V 223 0.41 -60.15 -31.02
C ILE V 223 -0.76 -60.94 -31.56
N TYR V 224 -0.47 -62.15 -32.06
CA TYR V 224 -1.49 -63.01 -32.64
C TYR V 224 -1.69 -64.24 -31.76
N ASP V 225 -2.94 -64.63 -31.57
CA ASP V 225 -3.26 -65.75 -30.69
C ASP V 225 -4.59 -66.35 -31.14
N ASP V 226 -4.86 -67.55 -30.63
CA ASP V 226 -6.10 -68.28 -30.90
C ASP V 226 -6.17 -68.58 -32.41
N ASP V 227 -7.38 -68.63 -32.97
CA ASP V 227 -7.54 -69.02 -34.37
C ASP V 227 -6.88 -68.02 -35.32
N ASP V 228 -6.55 -66.82 -34.85
CA ASP V 228 -5.94 -65.82 -35.72
C ASP V 228 -4.59 -66.26 -36.25
N VAL V 229 -3.90 -67.19 -35.57
CA VAL V 229 -2.60 -67.67 -36.02
C VAL V 229 -2.72 -68.78 -37.05
N SER V 230 -3.93 -69.22 -37.37
CA SER V 230 -4.09 -70.31 -38.34
C SER V 230 -3.54 -69.98 -39.72
N PRO V 231 -3.80 -68.80 -40.31
CA PRO V 231 -3.29 -68.56 -41.67
C PRO V 231 -1.78 -68.70 -41.80
N PHE V 232 -1.02 -68.30 -40.78
CA PHE V 232 0.43 -68.50 -40.83
C PHE V 232 0.77 -69.99 -40.73
N LEU V 233 0.01 -70.74 -39.94
CA LEU V 233 0.29 -72.15 -39.69
C LEU V 233 -0.59 -73.00 -40.60
N GLU V 234 -0.32 -72.91 -41.91
CA GLU V 234 -1.02 -73.72 -42.89
C GLU V 234 -0.09 -74.66 -43.65
N GLY V 235 0.94 -74.14 -44.32
CA GLY V 235 1.77 -74.99 -45.13
C GLY V 235 2.66 -75.92 -44.32
N LEU V 236 3.71 -75.37 -43.70
CA LEU V 236 4.59 -76.06 -42.75
C LEU V 236 4.99 -77.46 -43.21
N GLU V 237 5.02 -77.69 -44.53
CA GLU V 237 5.16 -79.04 -45.07
C GLU V 237 4.23 -80.02 -44.34
N GLU V 238 4.72 -81.21 -44.03
CA GLU V 238 3.85 -82.18 -43.38
C GLU V 238 4.45 -82.79 -42.13
N ARG V 239 5.77 -82.95 -42.08
CA ARG V 239 6.44 -83.53 -40.91
C ARG V 239 7.94 -83.30 -41.03
N PRO V 240 8.66 -83.19 -39.92
CA PRO V 240 10.12 -83.02 -40.01
C PRO V 240 10.81 -84.15 -40.76
N GLN V 241 10.30 -85.37 -40.65
CA GLN V 241 10.87 -86.51 -41.38
C GLN V 241 9.76 -87.37 -41.97
N GLY W 1 46.51 -69.19 2.55
CA GLY W 1 45.91 -68.83 3.81
C GLY W 1 44.39 -68.89 3.79
N THR W 2 43.86 -70.09 3.62
CA THR W 2 42.41 -70.28 3.59
C THR W 2 41.81 -70.03 4.96
N GLY W 3 40.62 -69.43 4.98
CA GLY W 3 39.93 -69.15 6.22
C GLY W 3 39.60 -67.68 6.38
N TYR W 4 40.52 -66.81 5.96
CA TYR W 4 40.33 -65.37 6.01
C TYR W 4 39.92 -64.78 4.67
N ASP W 5 39.74 -65.61 3.65
CA ASP W 5 39.40 -65.14 2.31
C ASP W 5 37.88 -65.22 2.11
N LEU W 6 37.17 -64.40 2.87
CA LEU W 6 35.72 -64.34 2.77
C LEU W 6 35.15 -62.93 2.77
N SER W 7 35.95 -61.91 3.07
CA SER W 7 35.47 -60.54 3.05
C SER W 7 36.66 -59.62 2.81
N ALA W 8 36.37 -58.47 2.19
CA ALA W 8 37.43 -57.51 1.87
C ALA W 8 38.08 -56.98 3.14
N SER W 9 37.28 -56.68 4.17
CA SER W 9 37.79 -56.11 5.41
C SER W 9 38.26 -57.22 6.35
N THR W 10 39.28 -57.96 5.89
CA THR W 10 39.86 -59.03 6.68
C THR W 10 41.27 -59.30 6.16
N PHE W 11 42.28 -59.07 6.99
CA PHE W 11 43.66 -59.28 6.59
C PHE W 11 44.04 -60.76 6.74
N SER W 12 45.31 -61.06 6.54
CA SER W 12 45.87 -62.39 6.67
C SER W 12 47.11 -62.33 7.55
N PRO W 13 47.45 -63.42 8.22
CA PRO W 13 48.66 -63.41 9.07
C PRO W 13 49.92 -63.00 8.31
N ASP W 14 50.05 -63.39 7.05
CA ASP W 14 51.16 -62.91 6.24
C ASP W 14 51.04 -61.41 6.00
N GLY W 15 49.84 -60.93 5.72
CA GLY W 15 49.61 -59.50 5.55
C GLY W 15 48.84 -59.15 4.29
N ARG W 16 48.70 -60.11 3.38
CA ARG W 16 48.05 -59.86 2.11
C ARG W 16 46.53 -59.90 2.26
N VAL W 17 45.85 -59.28 1.29
CA VAL W 17 44.39 -59.30 1.22
C VAL W 17 44.03 -60.32 0.13
N PHE W 18 43.37 -61.41 0.53
CA PHE W 18 43.20 -62.53 -0.38
C PHE W 18 42.11 -62.29 -1.41
N GLN W 19 41.06 -61.54 -1.06
CA GLN W 19 40.00 -61.26 -2.04
C GLN W 19 40.56 -60.46 -3.21
N VAL W 20 41.45 -59.51 -2.93
CA VAL W 20 42.07 -58.72 -3.99
C VAL W 20 42.88 -59.61 -4.92
N GLU W 21 43.65 -60.54 -4.36
CA GLU W 21 44.44 -61.44 -5.20
C GLU W 21 43.55 -62.38 -6.00
N TYR W 22 42.44 -62.82 -5.42
CA TYR W 22 41.48 -63.63 -6.17
C TYR W 22 40.92 -62.85 -7.34
N ALA W 23 40.58 -61.57 -7.12
CA ALA W 23 40.12 -60.73 -8.22
C ALA W 23 41.22 -60.55 -9.27
N MET W 24 42.47 -60.40 -8.81
CA MET W 24 43.60 -60.32 -9.73
C MET W 24 43.64 -61.54 -10.65
N LYS W 25 43.53 -62.73 -10.05
CA LYS W 25 43.61 -63.96 -10.82
C LYS W 25 42.39 -64.13 -11.73
N ALA W 26 41.23 -63.64 -11.30
CA ALA W 26 40.00 -63.86 -12.04
C ALA W 26 39.95 -63.12 -13.38
N VAL W 27 40.86 -62.19 -13.63
CA VAL W 27 40.88 -61.51 -14.92
C VAL W 27 41.70 -62.28 -15.95
N GLU W 28 42.49 -63.27 -15.52
CA GLU W 28 43.35 -63.98 -16.45
C GLU W 28 42.55 -64.79 -17.46
N ASN W 29 41.54 -65.52 -17.00
CA ASN W 29 40.80 -66.39 -17.89
C ASN W 29 39.87 -65.59 -18.80
N SER W 30 40.46 -64.89 -19.77
CA SER W 30 39.72 -64.11 -20.74
C SER W 30 40.52 -64.10 -22.04
N SER W 31 40.20 -63.17 -22.94
CA SER W 31 40.97 -63.03 -24.17
C SER W 31 42.21 -62.18 -23.88
N THR W 32 42.89 -61.72 -24.93
CA THR W 32 44.09 -60.93 -24.79
C THR W 32 43.93 -59.60 -25.53
N ALA W 33 44.69 -58.60 -25.07
CA ALA W 33 44.66 -57.28 -25.67
C ALA W 33 46.00 -56.60 -25.44
N ILE W 34 46.46 -55.85 -26.44
CA ILE W 34 47.72 -55.13 -26.36
C ILE W 34 47.48 -53.69 -26.79
N GLY W 35 48.43 -52.82 -26.43
CA GLY W 35 48.37 -51.42 -26.78
C GLY W 35 49.75 -50.78 -26.79
N ILE W 36 50.09 -50.11 -27.89
CA ILE W 36 51.42 -49.54 -28.09
C ILE W 36 51.26 -48.07 -28.44
N ARG W 37 52.21 -47.24 -27.99
CA ARG W 37 52.28 -45.84 -28.35
C ARG W 37 53.48 -45.62 -29.28
N CYS W 38 53.24 -44.93 -30.38
CA CYS W 38 54.31 -44.57 -31.30
C CYS W 38 54.84 -43.19 -30.94
N LYS W 39 55.60 -42.59 -31.84
CA LYS W 39 56.15 -41.25 -31.59
C LYS W 39 55.03 -40.22 -31.46
N ASP W 40 53.98 -40.35 -32.27
CA ASP W 40 52.90 -39.36 -32.30
C ASP W 40 51.54 -40.03 -32.34
N GLY W 41 51.34 -41.04 -31.51
CA GLY W 41 50.04 -41.68 -31.43
C GLY W 41 50.12 -43.01 -30.73
N VAL W 42 48.94 -43.59 -30.49
CA VAL W 42 48.82 -44.89 -29.85
C VAL W 42 47.98 -45.78 -30.76
N VAL W 43 47.89 -47.06 -30.39
CA VAL W 43 47.08 -48.01 -31.13
C VAL W 43 46.84 -49.21 -30.22
N PHE W 44 45.70 -49.87 -30.41
CA PHE W 44 45.38 -51.05 -29.62
C PHE W 44 45.00 -52.22 -30.52
N GLY W 45 44.53 -53.31 -29.92
CA GLY W 45 44.09 -54.46 -30.67
C GLY W 45 43.63 -55.57 -29.73
N VAL W 46 42.48 -56.17 -30.04
CA VAL W 46 41.89 -57.19 -29.18
C VAL W 46 41.54 -58.39 -30.03
N GLU W 47 41.81 -59.59 -29.51
CA GLU W 47 41.38 -60.82 -30.16
C GLU W 47 39.96 -61.11 -29.68
N LYS W 48 38.98 -60.71 -30.48
CA LYS W 48 37.58 -60.93 -30.14
C LYS W 48 37.22 -62.37 -30.46
N LEU W 49 36.98 -63.17 -29.41
CA LEU W 49 36.62 -64.57 -29.59
C LEU W 49 35.20 -64.65 -30.12
N VAL W 50 35.06 -64.87 -31.42
CA VAL W 50 33.75 -64.88 -32.05
C VAL W 50 33.07 -66.20 -31.75
N LEU W 51 31.84 -66.13 -31.23
CA LEU W 51 31.03 -67.30 -30.98
C LEU W 51 30.37 -67.76 -32.27
N SER W 52 29.37 -68.65 -32.17
CA SER W 52 28.70 -69.19 -33.34
C SER W 52 28.24 -68.06 -34.27
N LYS W 53 28.16 -68.38 -35.56
CA LYS W 53 27.97 -67.38 -36.61
C LYS W 53 26.60 -66.71 -36.54
N LEU W 54 25.81 -67.02 -35.51
CA LEU W 54 24.52 -66.36 -35.36
C LEU W 54 24.67 -64.87 -35.14
N TYR W 55 25.76 -64.44 -34.51
CA TYR W 55 26.02 -63.02 -34.30
C TYR W 55 26.58 -62.41 -35.58
N GLU W 56 27.01 -61.15 -35.48
CA GLU W 56 27.52 -60.42 -36.63
C GLU W 56 28.45 -59.33 -36.14
N GLU W 57 29.03 -58.59 -37.10
CA GLU W 57 29.91 -57.48 -36.74
C GLU W 57 29.12 -56.42 -35.99
N GLY W 58 29.83 -55.68 -35.14
CA GLY W 58 29.17 -54.76 -34.25
C GLY W 58 28.53 -55.42 -33.05
N SER W 59 28.99 -56.61 -32.68
CA SER W 59 28.48 -57.32 -31.51
C SER W 59 29.08 -56.71 -30.25
N ASN W 60 29.01 -57.42 -29.12
CA ASN W 60 29.64 -56.94 -27.90
C ASN W 60 31.09 -56.57 -28.14
N LYS W 61 31.40 -55.28 -28.04
CA LYS W 61 32.71 -54.75 -28.39
C LYS W 61 33.49 -54.38 -27.15
N ARG W 62 34.80 -54.29 -27.31
CA ARG W 62 35.71 -53.98 -26.22
C ARG W 62 36.62 -52.83 -26.61
N LEU W 63 36.08 -51.87 -27.34
CA LEU W 63 36.81 -50.68 -27.76
C LEU W 63 35.96 -49.43 -27.56
N PHE W 64 35.39 -49.30 -26.37
CA PHE W 64 34.48 -48.19 -26.08
C PHE W 64 35.20 -46.84 -26.24
N ASN W 65 34.38 -45.79 -26.27
CA ASN W 65 34.87 -44.42 -26.27
C ASN W 65 34.37 -43.72 -25.02
N VAL W 66 35.17 -42.78 -24.51
CA VAL W 66 34.82 -42.10 -23.27
C VAL W 66 34.68 -40.61 -23.54
N ASP W 67 35.34 -40.12 -24.58
CA ASP W 67 35.26 -38.72 -24.97
C ASP W 67 35.69 -38.60 -26.43
N ARG W 68 35.75 -37.37 -26.93
CA ARG W 68 36.17 -37.15 -28.31
C ARG W 68 37.62 -37.50 -28.55
N HIS W 69 38.43 -37.68 -27.49
CA HIS W 69 39.85 -37.92 -27.70
C HIS W 69 40.42 -38.98 -26.75
N VAL W 70 39.57 -39.81 -26.12
CA VAL W 70 40.03 -40.88 -25.26
C VAL W 70 39.22 -42.14 -25.55
N GLY W 71 39.78 -43.28 -25.18
CA GLY W 71 39.09 -44.55 -25.35
C GLY W 71 39.81 -45.64 -24.59
N MET W 72 39.06 -46.70 -24.29
CA MET W 72 39.59 -47.82 -23.52
C MET W 72 39.61 -49.10 -24.36
N ALA W 73 40.30 -50.09 -23.82
CA ALA W 73 40.38 -51.43 -24.41
C ALA W 73 40.19 -52.48 -23.33
N VAL W 74 39.13 -52.33 -22.54
CA VAL W 74 38.91 -53.18 -21.37
C VAL W 74 38.83 -54.65 -21.78
N ALA W 75 39.32 -55.52 -20.90
CA ALA W 75 39.34 -56.96 -21.15
C ALA W 75 39.10 -57.68 -19.82
N GLY W 76 37.84 -58.07 -19.59
CA GLY W 76 37.47 -58.79 -18.39
C GLY W 76 35.99 -59.12 -18.36
N LEU W 77 35.37 -59.05 -17.19
CA LEU W 77 33.93 -59.20 -17.09
C LEU W 77 33.25 -58.00 -17.76
N LEU W 78 32.29 -58.28 -18.64
CA LEU W 78 31.75 -57.23 -19.50
C LEU W 78 30.81 -56.28 -18.75
N ALA W 79 30.03 -56.78 -17.80
CA ALA W 79 29.10 -55.92 -17.07
C ALA W 79 29.85 -54.85 -16.28
N ASP W 80 30.89 -55.26 -15.56
CA ASP W 80 31.70 -54.29 -14.84
C ASP W 80 32.43 -53.36 -15.79
N ALA W 81 32.82 -53.86 -16.96
CA ALA W 81 33.44 -53.01 -17.96
C ALA W 81 32.49 -51.90 -18.40
N ARG W 82 31.23 -52.25 -18.66
CA ARG W 82 30.25 -51.24 -19.06
C ARG W 82 30.01 -50.25 -17.94
N SER W 83 29.93 -50.73 -16.70
CA SER W 83 29.74 -49.81 -15.57
C SER W 83 30.90 -48.83 -15.46
N LEU W 84 32.14 -49.33 -15.59
CA LEU W 84 33.30 -48.44 -15.52
C LEU W 84 33.33 -47.45 -16.67
N ALA W 85 32.94 -47.90 -17.87
CA ALA W 85 32.89 -46.98 -19.00
C ALA W 85 31.89 -45.87 -18.75
N ASP W 86 30.72 -46.21 -18.20
CA ASP W 86 29.73 -45.18 -17.89
C ASP W 86 30.26 -44.21 -16.84
N ILE W 87 30.96 -44.73 -15.83
CA ILE W 87 31.50 -43.87 -14.79
C ILE W 87 32.52 -42.89 -15.37
N ALA W 88 33.42 -43.39 -16.23
CA ALA W 88 34.42 -42.52 -16.84
C ALA W 88 33.77 -41.49 -17.77
N ARG W 89 32.75 -41.90 -18.52
CA ARG W 89 32.00 -40.95 -19.33
C ARG W 89 31.43 -39.84 -18.47
N GLU W 90 30.82 -40.20 -17.35
CA GLU W 90 30.24 -39.19 -16.46
C GLU W 90 31.31 -38.27 -15.91
N GLU W 91 32.48 -38.82 -15.57
CA GLU W 91 33.56 -38.00 -15.03
C GLU W 91 34.03 -36.96 -16.05
N ALA W 92 34.34 -37.41 -17.28
CA ALA W 92 34.79 -36.48 -18.30
C ALA W 92 33.70 -35.45 -18.62
N SER W 93 32.44 -35.90 -18.64
CA SER W 93 31.34 -34.99 -18.90
C SER W 93 31.27 -33.89 -17.85
N ASN W 94 31.38 -34.27 -16.57
CA ASN W 94 31.33 -33.28 -15.52
C ASN W 94 32.50 -32.31 -15.62
N PHE W 95 33.70 -32.81 -15.90
CA PHE W 95 34.85 -31.92 -15.98
C PHE W 95 34.66 -30.89 -17.09
N ARG W 96 34.27 -31.34 -18.29
CA ARG W 96 34.04 -30.40 -19.37
C ARG W 96 32.85 -29.49 -19.10
N SER W 97 31.90 -29.91 -18.27
CA SER W 97 30.70 -29.12 -18.05
C SER W 97 30.99 -27.80 -17.35
N ASN W 98 32.07 -27.71 -16.58
CA ASN W 98 32.33 -26.49 -15.82
C ASN W 98 33.76 -25.99 -15.85
N PHE W 99 34.74 -26.80 -16.28
CA PHE W 99 36.12 -26.33 -16.25
C PHE W 99 36.65 -25.97 -17.62
N GLY W 100 35.83 -26.03 -18.66
CA GLY W 100 36.29 -25.67 -20.00
C GLY W 100 37.20 -26.72 -20.60
N TYR W 101 37.53 -26.55 -21.88
CA TYR W 101 38.36 -27.49 -22.65
C TYR W 101 38.00 -28.94 -22.35
N ASN W 102 39.01 -29.82 -22.32
CA ASN W 102 38.79 -31.24 -22.10
C ASN W 102 39.75 -31.77 -21.06
N ILE W 103 39.34 -32.84 -20.39
CA ILE W 103 40.10 -33.39 -19.26
C ILE W 103 41.46 -33.90 -19.74
N PRO W 104 42.54 -33.57 -19.04
CA PRO W 104 43.81 -34.26 -19.31
C PRO W 104 43.70 -35.73 -18.93
N LEU W 105 44.49 -36.55 -19.62
CA LEU W 105 44.39 -37.99 -19.44
C LEU W 105 44.75 -38.42 -18.03
N LYS W 106 45.78 -37.81 -17.45
CA LYS W 106 46.27 -38.25 -16.15
C LYS W 106 45.21 -38.08 -15.07
N HIS W 107 44.52 -36.95 -15.06
CA HIS W 107 43.50 -36.72 -14.04
C HIS W 107 42.36 -37.73 -14.16
N LEU W 108 41.89 -37.99 -15.38
CA LEU W 108 40.81 -38.94 -15.57
C LEU W 108 41.23 -40.35 -15.16
N ALA W 109 42.45 -40.74 -15.53
CA ALA W 109 42.94 -42.06 -15.16
C ALA W 109 43.04 -42.19 -13.64
N ASP W 110 43.54 -41.16 -12.96
CA ASP W 110 43.64 -41.19 -11.52
C ASP W 110 42.25 -41.29 -10.88
N ARG W 111 41.29 -40.51 -11.39
CA ARG W 111 39.95 -40.54 -10.81
C ARG W 111 39.32 -41.93 -10.98
N VAL W 112 39.44 -42.51 -12.17
CA VAL W 112 38.84 -43.83 -12.38
C VAL W 112 39.54 -44.88 -11.53
N ALA W 113 40.86 -44.80 -11.40
CA ALA W 113 41.59 -45.76 -10.57
C ALA W 113 41.16 -45.64 -9.11
N MET W 114 41.01 -44.43 -8.61
CA MET W 114 40.57 -44.27 -7.22
C MET W 114 39.15 -44.78 -7.04
N TYR W 115 38.27 -44.52 -8.01
CA TYR W 115 36.91 -45.04 -7.90
C TYR W 115 36.89 -46.56 -7.89
N VAL W 116 37.67 -47.20 -8.74
CA VAL W 116 37.68 -48.66 -8.76
C VAL W 116 38.35 -49.21 -7.52
N HIS W 117 39.22 -48.43 -6.87
CA HIS W 117 39.77 -48.86 -5.59
C HIS W 117 38.77 -48.71 -4.46
N ALA W 118 37.85 -47.75 -4.57
CA ALA W 118 36.95 -47.46 -3.46
C ALA W 118 36.12 -48.67 -3.02
N TYR W 119 35.92 -49.64 -3.91
CA TYR W 119 35.09 -50.80 -3.55
C TYR W 119 35.82 -51.81 -2.70
N THR W 120 37.14 -51.94 -2.86
CA THR W 120 37.87 -52.97 -2.11
C THR W 120 38.15 -52.56 -0.67
N LEU W 121 37.51 -51.52 -0.18
CA LEU W 121 37.70 -51.04 1.19
C LEU W 121 36.53 -51.36 2.11
N TYR W 122 35.49 -52.00 1.60
CA TYR W 122 34.28 -52.19 2.39
C TYR W 122 33.79 -53.64 2.28
N SER W 123 33.06 -54.06 3.31
CA SER W 123 32.49 -55.40 3.36
C SER W 123 31.08 -55.47 2.80
N ALA W 124 30.73 -54.56 1.89
CA ALA W 124 29.40 -54.52 1.32
C ALA W 124 29.35 -54.82 -0.17
N VAL W 125 30.43 -54.56 -0.91
CA VAL W 125 30.46 -54.77 -2.35
C VAL W 125 31.73 -55.53 -2.72
N ARG W 126 31.62 -56.38 -3.73
CA ARG W 126 32.76 -57.14 -4.21
C ARG W 126 33.67 -56.25 -5.06
N PRO W 127 34.96 -56.58 -5.15
CA PRO W 127 35.85 -55.81 -6.02
C PRO W 127 35.60 -56.09 -7.48
N PHE W 128 35.93 -55.12 -8.32
CA PHE W 128 35.79 -55.28 -9.76
C PHE W 128 36.83 -56.27 -10.28
N GLY W 129 36.38 -57.23 -11.07
CA GLY W 129 37.31 -58.07 -11.78
C GLY W 129 37.41 -57.70 -13.24
N CYS W 130 38.42 -56.91 -13.60
CA CYS W 130 38.66 -56.50 -14.97
C CYS W 130 39.97 -55.74 -15.04
N SER W 131 40.70 -55.94 -16.14
CA SER W 131 41.80 -55.04 -16.47
C SER W 131 41.23 -53.81 -17.16
N PHE W 132 42.10 -52.84 -17.48
CA PHE W 132 41.60 -51.56 -17.94
C PHE W 132 42.75 -50.75 -18.52
N MET W 133 42.59 -50.29 -19.77
CA MET W 133 43.57 -49.49 -20.47
C MET W 133 42.92 -48.18 -20.90
N LEU W 134 43.66 -47.08 -20.85
CA LEU W 134 43.08 -45.77 -21.13
C LEU W 134 44.03 -44.94 -21.99
N GLY W 135 44.53 -45.52 -23.08
CA GLY W 135 45.35 -44.75 -24.00
C GLY W 135 44.57 -43.63 -24.67
N SER W 136 45.27 -42.53 -24.93
CA SER W 136 44.65 -41.35 -25.54
C SER W 136 45.73 -40.53 -26.22
N TYR W 137 45.40 -39.30 -26.59
CA TYR W 137 46.31 -38.43 -27.29
C TYR W 137 46.03 -36.98 -26.91
N SER W 138 47.02 -36.12 -27.15
CA SER W 138 46.90 -34.69 -26.90
C SER W 138 47.53 -33.95 -28.08
N VAL W 139 47.43 -32.63 -28.05
CA VAL W 139 48.00 -31.78 -29.09
C VAL W 139 49.38 -31.27 -28.71
N ASN W 140 49.54 -30.85 -27.46
CA ASN W 140 50.82 -30.35 -26.95
C ASN W 140 51.51 -31.32 -25.99
N ASP W 141 50.75 -32.02 -25.16
CA ASP W 141 51.35 -32.93 -24.20
C ASP W 141 51.96 -34.15 -24.88
N GLY W 142 51.32 -34.65 -25.93
CA GLY W 142 51.81 -35.79 -26.67
C GLY W 142 50.86 -36.97 -26.58
N ALA W 143 51.42 -38.16 -26.66
CA ALA W 143 50.66 -39.41 -26.59
C ALA W 143 50.97 -40.11 -25.28
N GLN W 144 49.92 -40.46 -24.54
CA GLN W 144 50.07 -41.07 -23.22
C GLN W 144 49.25 -42.35 -23.15
N LEU W 145 49.74 -43.30 -22.35
CA LEU W 145 49.09 -44.58 -22.17
C LEU W 145 49.05 -44.91 -20.68
N TYR W 146 47.96 -45.50 -20.22
CA TYR W 146 47.82 -45.91 -18.84
C TYR W 146 47.12 -47.25 -18.76
N MET W 147 47.46 -48.02 -17.73
CA MET W 147 46.79 -49.28 -17.44
C MET W 147 46.38 -49.25 -15.98
N ILE W 148 45.19 -49.76 -15.69
CA ILE W 148 44.64 -49.76 -14.34
C ILE W 148 44.34 -51.20 -13.94
N ASP W 149 45.03 -51.69 -12.93
CA ASP W 149 44.73 -53.01 -12.37
C ASP W 149 43.43 -52.94 -11.58
N PRO W 150 42.81 -54.11 -11.32
CA PRO W 150 41.54 -54.10 -10.59
C PRO W 150 41.60 -53.41 -9.24
N SER W 151 42.68 -53.56 -8.49
CA SER W 151 42.68 -53.03 -7.12
C SER W 151 43.02 -51.55 -7.06
N GLY W 152 44.29 -51.21 -7.31
CA GLY W 152 44.67 -49.81 -7.21
C GLY W 152 45.72 -49.29 -8.17
N VAL W 153 46.33 -50.17 -8.96
CA VAL W 153 47.50 -49.80 -9.73
C VAL W 153 47.10 -48.89 -10.88
N SER W 154 47.81 -47.77 -11.05
CA SER W 154 47.53 -46.81 -12.11
C SER W 154 48.85 -46.35 -12.74
N TYR W 155 49.74 -47.28 -13.01
CA TYR W 155 51.03 -46.94 -13.59
C TYR W 155 50.89 -46.49 -15.03
N GLY W 156 51.93 -45.82 -15.54
CA GLY W 156 51.98 -45.43 -16.92
C GLY W 156 52.94 -46.28 -17.72
N TYR W 157 52.46 -46.93 -18.77
CA TYR W 157 53.23 -47.87 -19.55
C TYR W 157 53.52 -47.34 -20.94
N TRP W 158 54.72 -47.62 -21.44
CA TRP W 158 55.02 -47.41 -22.85
C TRP W 158 54.13 -48.29 -23.72
N GLY W 159 54.11 -49.59 -23.44
CA GLY W 159 53.26 -50.52 -24.14
C GLY W 159 53.20 -51.85 -23.42
N CYS W 160 51.99 -52.36 -23.20
CA CYS W 160 51.81 -53.56 -22.39
C CYS W 160 50.77 -54.45 -23.03
N ALA W 161 50.40 -55.51 -22.33
CA ALA W 161 49.39 -56.46 -22.78
C ALA W 161 48.66 -57.02 -21.57
N ILE W 162 47.35 -57.18 -21.70
CA ILE W 162 46.49 -57.63 -20.61
C ILE W 162 45.65 -58.80 -21.10
N GLY W 163 45.42 -59.77 -20.22
CA GLY W 163 44.57 -60.89 -20.52
C GLY W 163 45.29 -62.20 -20.29
N LYS W 164 44.72 -63.27 -20.82
CA LYS W 164 45.28 -64.61 -20.64
C LYS W 164 46.67 -64.70 -21.26
N ALA W 165 46.75 -64.55 -22.59
CA ALA W 165 48.03 -64.59 -23.29
C ALA W 165 48.74 -63.26 -23.06
N ARG W 166 49.43 -63.16 -21.93
CA ARG W 166 50.11 -61.92 -21.56
C ARG W 166 51.61 -62.06 -21.45
N GLN W 167 52.13 -63.17 -20.93
CA GLN W 167 53.57 -63.30 -20.77
C GLN W 167 54.28 -63.36 -22.11
N ALA W 168 53.77 -64.18 -23.03
CA ALA W 168 54.35 -64.26 -24.37
C ALA W 168 54.24 -62.93 -25.09
N ALA W 169 53.10 -62.24 -24.92
CA ALA W 169 52.93 -60.94 -25.54
C ALA W 169 53.93 -59.93 -25.02
N LYS W 170 54.15 -59.91 -23.71
CA LYS W 170 55.16 -59.02 -23.14
C LYS W 170 56.55 -59.34 -23.67
N THR W 171 56.90 -60.63 -23.71
CA THR W 171 58.23 -61.00 -24.19
C THR W 171 58.43 -60.60 -25.64
N GLU W 172 57.41 -60.78 -26.48
CA GLU W 172 57.55 -60.42 -27.89
C GLU W 172 57.55 -58.92 -28.09
N ILE W 173 56.74 -58.19 -27.32
CA ILE W 173 56.72 -56.73 -27.40
C ILE W 173 58.05 -56.14 -26.95
N GLU W 174 58.75 -56.83 -26.03
CA GLU W 174 60.03 -56.34 -25.55
C GLU W 174 61.01 -56.09 -26.68
N LYS W 175 60.93 -56.85 -27.77
CA LYS W 175 61.86 -56.72 -28.88
C LYS W 175 61.27 -55.86 -29.99
N LEU W 176 61.02 -54.59 -29.66
CA LEU W 176 60.58 -53.61 -30.65
C LEU W 176 61.33 -52.30 -30.44
N GLN W 177 61.13 -51.38 -31.39
CA GLN W 177 61.76 -50.07 -31.35
C GLN W 177 60.69 -49.00 -31.29
N MET W 178 59.72 -49.15 -30.39
CA MET W 178 58.55 -48.28 -30.32
C MET W 178 58.85 -46.94 -29.65
N LYS W 179 59.93 -46.29 -30.08
CA LYS W 179 60.24 -44.93 -29.67
C LYS W 179 60.52 -43.99 -30.83
N GLU W 180 60.70 -44.51 -32.04
CA GLU W 180 60.95 -43.69 -33.22
C GLU W 180 60.15 -44.19 -34.42
N MET W 181 59.00 -44.81 -34.17
CA MET W 181 58.16 -45.35 -35.22
C MET W 181 56.97 -44.43 -35.47
N THR W 182 56.18 -44.76 -36.49
CA THR W 182 55.00 -44.00 -36.85
C THR W 182 53.77 -44.89 -36.70
N CYS W 183 52.61 -44.36 -37.12
CA CYS W 183 51.35 -45.06 -37.00
C CYS W 183 50.98 -45.84 -38.25
N ARG W 184 51.95 -46.12 -39.13
CA ARG W 184 51.70 -46.88 -40.34
C ARG W 184 52.39 -48.24 -40.34
N ASP W 185 53.20 -48.54 -39.33
CA ASP W 185 53.82 -49.85 -39.19
C ASP W 185 53.59 -50.49 -37.83
N ILE W 186 53.30 -49.71 -36.80
CA ILE W 186 52.94 -50.28 -35.51
C ILE W 186 51.64 -51.09 -35.62
N VAL W 187 50.76 -50.72 -36.55
CA VAL W 187 49.55 -51.50 -36.78
C VAL W 187 49.90 -52.89 -37.28
N LYS W 188 50.79 -52.97 -38.27
CA LYS W 188 51.24 -54.26 -38.77
C LYS W 188 51.94 -55.06 -37.68
N GLU W 189 52.75 -54.37 -36.87
CA GLU W 189 53.42 -55.05 -35.76
C GLU W 189 52.41 -55.63 -34.77
N VAL W 190 51.37 -54.86 -34.45
CA VAL W 190 50.33 -55.34 -33.53
C VAL W 190 49.62 -56.56 -34.13
N ALA W 191 49.32 -56.51 -35.42
CA ALA W 191 48.65 -57.65 -36.05
C ALA W 191 49.53 -58.89 -36.01
N LYS W 192 50.83 -58.73 -36.32
CA LYS W 192 51.73 -59.87 -36.28
C LYS W 192 51.90 -60.39 -34.85
N ILE W 193 51.82 -59.51 -33.86
CA ILE W 193 51.89 -59.96 -32.47
C ILE W 193 50.65 -60.78 -32.11
N ILE W 194 49.47 -60.26 -32.44
CA ILE W 194 48.24 -60.92 -32.05
C ILE W 194 48.08 -62.24 -32.80
N TYR W 195 48.74 -62.40 -33.94
CA TYR W 195 48.73 -63.70 -34.61
C TYR W 195 49.93 -64.58 -34.25
N ILE W 196 50.98 -64.04 -33.65
CA ILE W 196 52.06 -64.89 -33.18
C ILE W 196 51.75 -65.45 -31.78
N VAL W 197 50.88 -64.80 -31.01
CA VAL W 197 50.42 -65.33 -29.73
C VAL W 197 48.90 -65.48 -29.81
N HIS W 198 48.44 -66.65 -30.24
CA HIS W 198 47.01 -66.94 -30.29
C HIS W 198 46.84 -68.46 -30.30
N ASP W 199 46.28 -69.00 -29.23
CA ASP W 199 46.02 -70.44 -29.16
C ASP W 199 44.92 -70.82 -30.13
N GLU W 200 45.01 -72.05 -30.65
CA GLU W 200 44.03 -72.55 -31.60
C GLU W 200 43.32 -73.82 -31.15
N VAL W 201 43.85 -74.54 -30.15
CA VAL W 201 43.18 -75.75 -29.69
C VAL W 201 41.96 -75.43 -28.85
N LYS W 202 41.91 -74.26 -28.21
CA LYS W 202 40.76 -73.83 -27.44
C LYS W 202 40.05 -72.62 -28.03
N ASP W 203 40.63 -71.98 -29.05
CA ASP W 203 40.02 -70.84 -29.73
C ASP W 203 39.86 -71.17 -31.20
N LYS W 204 38.71 -70.79 -31.77
CA LYS W 204 38.37 -71.17 -33.12
C LYS W 204 38.14 -69.99 -34.06
N ALA W 205 37.50 -68.92 -33.60
CA ALA W 205 37.15 -67.80 -34.45
C ALA W 205 37.78 -66.52 -33.91
N PHE W 206 38.28 -65.68 -34.82
CA PHE W 206 38.98 -64.46 -34.47
C PHE W 206 38.44 -63.29 -35.29
N GLU W 207 38.49 -62.10 -34.70
CA GLU W 207 38.09 -60.89 -35.40
C GLU W 207 38.82 -59.72 -34.75
N LEU W 208 39.88 -59.25 -35.40
CA LEU W 208 40.71 -58.20 -34.83
C LEU W 208 39.97 -56.86 -34.88
N GLU W 209 39.96 -56.16 -33.75
CA GLU W 209 39.40 -54.81 -33.67
C GLU W 209 40.55 -53.86 -33.33
N LEU W 210 40.75 -52.85 -34.18
CA LEU W 210 41.88 -51.95 -34.04
C LEU W 210 41.37 -50.51 -34.03
N SER W 211 42.11 -49.66 -33.32
CA SER W 211 41.78 -48.24 -33.24
C SER W 211 43.04 -47.48 -32.85
N TRP W 212 43.24 -46.32 -33.48
CA TRP W 212 44.36 -45.45 -33.15
C TRP W 212 43.89 -44.01 -33.03
N VAL W 213 44.57 -43.26 -32.17
CA VAL W 213 44.39 -41.82 -32.07
C VAL W 213 45.78 -41.18 -32.13
N GLY W 214 45.90 -40.13 -32.93
CA GLY W 214 47.20 -39.51 -33.12
C GLY W 214 47.11 -38.39 -34.14
N GLU W 215 48.28 -37.96 -34.59
CA GLU W 215 48.35 -36.87 -35.56
C GLU W 215 47.68 -37.21 -36.88
N LEU W 216 47.55 -38.50 -37.20
CA LEU W 216 46.87 -38.88 -38.43
C LEU W 216 45.39 -38.58 -38.37
N THR W 217 44.81 -38.53 -37.17
CA THR W 217 43.41 -38.18 -36.99
C THR W 217 43.22 -36.90 -36.19
N ASN W 218 44.29 -36.14 -35.98
CA ASN W 218 44.29 -34.85 -35.27
C ASN W 218 43.43 -34.91 -34.00
N GLY W 219 43.73 -35.90 -33.17
CA GLY W 219 43.09 -36.00 -31.87
C GLY W 219 41.64 -36.44 -31.90
N ARG W 220 41.41 -37.69 -32.32
CA ARG W 220 40.06 -38.25 -32.30
C ARG W 220 40.18 -39.77 -32.25
N HIS W 221 39.27 -40.40 -31.52
CA HIS W 221 39.29 -41.85 -31.34
C HIS W 221 38.24 -42.49 -32.23
N GLU W 222 38.66 -43.42 -33.07
CA GLU W 222 37.74 -44.12 -33.95
C GLU W 222 38.39 -45.42 -34.41
N ILE W 223 37.56 -46.31 -34.92
CA ILE W 223 38.02 -47.59 -35.44
C ILE W 223 38.73 -47.38 -36.77
N VAL W 224 39.73 -48.21 -37.04
CA VAL W 224 40.52 -48.09 -38.27
C VAL W 224 39.61 -48.35 -39.47
N PRO W 225 39.78 -47.65 -40.59
CA PRO W 225 39.03 -47.99 -41.80
C PRO W 225 39.31 -49.41 -42.25
N LYS W 226 38.31 -50.03 -42.87
CA LYS W 226 38.37 -51.45 -43.18
C LYS W 226 39.51 -51.80 -44.13
N ASP W 227 39.93 -50.86 -44.97
CA ASP W 227 41.01 -51.15 -45.92
C ASP W 227 42.32 -51.42 -45.20
N ILE W 228 42.69 -50.55 -44.26
CA ILE W 228 43.94 -50.73 -43.52
C ILE W 228 43.88 -52.00 -42.67
N ARG W 229 42.72 -52.25 -42.05
CA ARG W 229 42.57 -53.47 -41.26
C ARG W 229 42.72 -54.71 -42.12
N GLU W 230 42.13 -54.72 -43.32
CA GLU W 230 42.25 -55.87 -44.20
C GLU W 230 43.69 -56.05 -44.67
N GLU W 231 44.38 -54.95 -44.99
CA GLU W 231 45.78 -55.06 -45.41
C GLU W 231 46.65 -55.62 -44.29
N ALA W 232 46.45 -55.13 -43.07
CA ALA W 232 47.20 -55.66 -41.93
C ALA W 232 46.87 -57.12 -41.70
N GLU W 233 45.60 -57.49 -41.85
CA GLU W 233 45.19 -58.89 -41.71
C GLU W 233 45.91 -59.77 -42.71
N LYS W 234 45.94 -59.35 -43.98
CA LYS W 234 46.62 -60.14 -45.01
C LYS W 234 48.11 -60.25 -44.73
N TYR W 235 48.74 -59.15 -44.32
CA TYR W 235 50.17 -59.18 -44.04
C TYR W 235 50.48 -60.11 -42.88
N ALA W 236 49.68 -60.03 -41.80
CA ALA W 236 49.90 -60.90 -40.65
C ALA W 236 49.67 -62.36 -41.00
N LYS W 237 48.63 -62.65 -41.78
CA LYS W 237 48.37 -64.03 -42.18
C LYS W 237 49.50 -64.58 -43.03
N GLU W 238 50.01 -63.79 -43.98
CA GLU W 238 51.09 -64.26 -44.83
C GLU W 238 52.42 -64.30 -44.11
N SER W 239 52.56 -63.60 -42.98
CA SER W 239 53.82 -63.60 -42.25
C SER W 239 54.09 -64.92 -41.55
N LEU W 240 53.05 -65.71 -41.27
CA LEU W 240 53.20 -66.99 -40.58
C LEU W 240 53.57 -68.08 -41.58
N LYS W 241 54.78 -67.97 -42.10
CA LYS W 241 55.34 -68.95 -43.04
C LYS W 241 54.45 -69.15 -44.26
N MET X 1 24.95 -54.42 6.72
CA MET X 1 25.71 -55.41 5.97
C MET X 1 25.17 -56.82 6.26
N SER X 2 24.73 -57.51 5.21
CA SER X 2 24.16 -58.84 5.35
C SER X 2 25.20 -59.94 5.09
N ARG X 3 26.33 -59.86 5.80
CA ARG X 3 27.30 -60.94 5.77
C ARG X 3 27.87 -61.29 7.13
N GLY X 4 27.66 -60.46 8.15
CA GLY X 4 28.08 -60.79 9.50
C GLY X 4 29.57 -60.62 9.71
N SER X 5 29.97 -60.78 10.96
CA SER X 5 31.37 -60.71 11.36
C SER X 5 31.88 -62.12 11.63
N SER X 6 32.99 -62.47 10.98
CA SER X 6 33.52 -63.82 11.08
C SER X 6 33.89 -64.15 12.52
N ALA X 7 33.45 -65.32 13.00
CA ALA X 7 33.73 -65.74 14.36
C ALA X 7 35.18 -66.15 14.49
N GLY X 8 35.81 -65.70 15.57
CA GLY X 8 37.20 -66.02 15.83
C GLY X 8 37.85 -64.94 16.67
N PHE X 9 38.94 -65.32 17.34
CA PHE X 9 39.64 -64.37 18.18
C PHE X 9 40.47 -63.38 17.36
N ASP X 10 40.99 -63.81 16.21
CA ASP X 10 41.61 -62.88 15.26
C ASP X 10 41.00 -63.14 13.88
N ARG X 11 39.83 -62.58 13.67
CA ARG X 11 39.22 -62.54 12.33
C ARG X 11 38.46 -61.25 12.08
N HIS X 12 38.46 -60.31 13.01
CA HIS X 12 37.70 -59.08 12.86
C HIS X 12 38.27 -58.07 13.85
N ILE X 13 37.97 -56.80 13.62
CA ILE X 13 38.62 -55.72 14.35
C ILE X 13 38.00 -55.48 15.74
N THR X 14 36.70 -55.71 15.89
CA THR X 14 35.98 -55.28 17.09
C THR X 14 35.98 -56.32 18.19
N ILE X 15 36.71 -57.42 18.04
CA ILE X 15 36.75 -58.48 19.04
C ILE X 15 38.10 -58.44 19.75
N PHE X 16 38.08 -58.34 21.07
CA PHE X 16 39.30 -58.35 21.85
C PHE X 16 39.83 -59.77 22.02
N SER X 17 41.14 -59.86 22.18
CA SER X 17 41.80 -61.12 22.50
C SER X 17 41.57 -61.48 23.97
N PRO X 18 41.74 -62.74 24.34
CA PRO X 18 41.65 -63.11 25.75
C PRO X 18 42.63 -62.35 26.65
N GLU X 19 43.83 -62.04 26.15
CA GLU X 19 44.77 -61.23 26.93
C GLU X 19 44.62 -59.75 26.66
N GLY X 20 43.93 -59.36 25.59
CA GLY X 20 43.66 -57.95 25.35
C GLY X 20 44.53 -57.30 24.30
N ARG X 21 44.75 -57.97 23.18
CA ARG X 21 45.53 -57.42 22.08
C ARG X 21 44.71 -57.42 20.80
N LEU X 22 44.80 -56.34 20.05
CA LEU X 22 44.13 -56.23 18.75
C LEU X 22 45.00 -56.89 17.71
N TYR X 23 44.62 -58.10 17.29
CA TYR X 23 45.44 -58.84 16.33
C TYR X 23 45.31 -58.30 14.91
N GLN X 24 44.15 -57.74 14.57
CA GLN X 24 43.95 -57.23 13.21
C GLN X 24 44.88 -56.07 12.92
N VAL X 25 45.04 -55.14 13.87
CA VAL X 25 45.94 -54.02 13.64
C VAL X 25 47.39 -54.49 13.63
N GLU X 26 47.71 -55.55 14.36
CA GLU X 26 49.06 -56.11 14.28
C GLU X 26 49.32 -56.71 12.90
N TYR X 27 48.30 -57.37 12.33
CA TYR X 27 48.41 -57.83 10.95
C TYR X 27 48.59 -56.65 10.00
N ALA X 28 47.90 -55.54 10.28
CA ALA X 28 48.06 -54.34 9.47
C ALA X 28 49.50 -53.84 9.53
N PHE X 29 50.10 -53.83 10.73
CA PHE X 29 51.52 -53.47 10.86
C PHE X 29 52.39 -54.40 10.05
N LYS X 30 52.11 -55.71 10.10
CA LYS X 30 52.90 -56.66 9.33
C LYS X 30 52.68 -56.49 7.82
N ALA X 31 51.58 -55.84 7.42
CA ALA X 31 51.24 -55.75 6.00
C ALA X 31 52.10 -54.76 5.23
N ILE X 32 52.77 -53.82 5.90
CA ILE X 32 53.59 -52.85 5.18
C ILE X 32 54.74 -53.55 4.45
N ASN X 33 55.39 -54.50 5.11
CA ASN X 33 56.53 -55.19 4.53
C ASN X 33 56.14 -56.04 3.32
N GLN X 34 54.85 -56.27 3.09
CA GLN X 34 54.44 -57.11 1.97
C GLN X 34 54.87 -56.51 0.64
N GLY X 35 54.68 -55.20 0.47
CA GLY X 35 55.11 -54.57 -0.77
C GLY X 35 56.61 -54.62 -0.96
N GLY X 36 57.35 -54.19 0.06
CA GLY X 36 58.80 -54.27 0.04
C GLY X 36 59.43 -52.97 -0.40
N LEU X 37 59.87 -52.16 0.55
CA LEU X 37 60.46 -50.84 0.29
C LEU X 37 61.26 -50.44 1.52
N THR X 38 61.92 -49.29 1.42
CA THR X 38 62.63 -48.71 2.55
C THR X 38 62.65 -47.20 2.37
N SER X 39 62.34 -46.48 3.45
CA SER X 39 62.33 -45.03 3.42
C SER X 39 63.01 -44.50 4.68
N VAL X 40 63.85 -43.49 4.51
CA VAL X 40 64.60 -42.89 5.59
C VAL X 40 64.45 -41.37 5.51
N ALA X 41 64.07 -40.75 6.62
CA ALA X 41 63.94 -39.31 6.71
C ALA X 41 64.75 -38.81 7.90
N VAL X 42 65.66 -37.88 7.65
CA VAL X 42 66.55 -37.34 8.66
C VAL X 42 66.45 -35.83 8.66
N ARG X 43 66.31 -35.24 9.84
CA ARG X 43 66.30 -33.79 10.00
C ARG X 43 67.59 -33.34 10.66
N GLY X 44 68.24 -32.35 10.07
CA GLY X 44 69.43 -31.77 10.65
C GLY X 44 69.10 -30.59 11.54
N LYS X 45 69.68 -29.43 11.23
CA LYS X 45 69.35 -28.20 11.96
C LYS X 45 68.68 -27.15 11.08
N ASP X 46 68.84 -27.25 9.75
CA ASP X 46 68.16 -26.31 8.85
C ASP X 46 67.65 -27.00 7.59
N CYS X 47 67.55 -28.32 7.59
CA CYS X 47 67.09 -29.05 6.41
C CYS X 47 66.36 -30.31 6.85
N ALA X 48 65.55 -30.85 5.96
CA ALA X 48 64.68 -31.98 6.25
C ALA X 48 64.72 -33.00 5.12
N VAL X 49 65.93 -33.40 4.73
CA VAL X 49 66.10 -34.27 3.57
C VAL X 49 65.38 -35.59 3.78
N ILE X 50 64.76 -36.09 2.70
CA ILE X 50 64.07 -37.39 2.69
C ILE X 50 64.63 -38.21 1.54
N VAL X 51 65.02 -39.45 1.83
CA VAL X 51 65.48 -40.38 0.80
C VAL X 51 64.60 -41.61 0.84
N THR X 52 64.50 -42.28 -0.30
CA THR X 52 63.65 -43.46 -0.43
C THR X 52 64.29 -44.39 -1.45
N GLN X 53 63.52 -45.37 -1.93
CA GLN X 53 64.00 -46.35 -2.89
C GLN X 53 63.00 -46.47 -4.03
N LYS X 54 63.52 -46.72 -5.24
CA LYS X 54 62.70 -46.88 -6.42
C LYS X 54 63.09 -48.18 -7.13
N LYS X 55 62.10 -49.00 -7.43
CA LYS X 55 62.32 -50.27 -8.11
C LYS X 55 61.44 -50.33 -9.35
N VAL X 56 62.06 -50.60 -10.49
CA VAL X 56 61.36 -50.77 -11.76
C VAL X 56 61.21 -52.26 -12.03
N PRO X 57 59.98 -52.80 -12.06
CA PRO X 57 59.82 -54.24 -12.33
C PRO X 57 60.35 -54.66 -13.69
N ASP X 58 60.24 -53.82 -14.70
CA ASP X 58 60.63 -54.19 -16.06
C ASP X 58 61.11 -52.95 -16.79
N LYS X 59 61.20 -53.04 -18.12
CA LYS X 59 61.69 -51.95 -18.96
C LYS X 59 60.58 -51.14 -19.60
N LEU X 60 59.46 -51.79 -19.98
CA LEU X 60 58.39 -51.08 -20.68
C LEU X 60 57.77 -50.00 -19.80
N LEU X 61 57.63 -50.26 -18.50
CA LEU X 61 57.02 -49.30 -17.60
C LEU X 61 57.82 -48.00 -17.60
N ASP X 62 57.10 -46.88 -17.71
CA ASP X 62 57.75 -45.58 -17.70
C ASP X 62 58.34 -45.29 -16.32
N SER X 63 59.42 -44.52 -16.31
CA SER X 63 60.14 -44.20 -15.09
C SER X 63 59.73 -42.88 -14.45
N SER X 64 58.70 -42.23 -14.99
CA SER X 64 58.29 -40.92 -14.50
C SER X 64 56.96 -40.94 -13.75
N THR X 65 56.24 -42.06 -13.77
CA THR X 65 54.94 -42.16 -13.11
C THR X 65 54.91 -43.24 -12.05
N VAL X 66 56.06 -43.60 -11.48
CA VAL X 66 56.16 -44.61 -10.45
C VAL X 66 56.70 -44.05 -9.14
N THR X 67 56.72 -42.73 -9.00
CA THR X 67 57.30 -42.10 -7.82
C THR X 67 56.48 -42.40 -6.58
N HIS X 68 57.18 -42.49 -5.45
CA HIS X 68 56.57 -42.65 -4.13
C HIS X 68 56.88 -41.46 -3.24
N LEU X 69 56.81 -40.25 -3.81
CA LEU X 69 57.09 -39.01 -3.09
C LEU X 69 56.09 -37.98 -3.59
N PHE X 70 54.95 -37.88 -2.91
CA PHE X 70 53.89 -36.97 -3.33
C PHE X 70 54.05 -35.63 -2.61
N LYS X 71 53.15 -34.70 -2.93
CA LYS X 71 53.16 -33.36 -2.35
C LYS X 71 51.79 -33.08 -1.76
N ILE X 72 51.77 -32.60 -0.51
CA ILE X 72 50.51 -32.39 0.21
C ILE X 72 50.11 -30.93 0.14
N THR X 73 50.96 -30.05 0.65
CA THR X 73 50.74 -28.62 0.55
C THR X 73 51.92 -27.99 -0.20
N GLU X 74 51.95 -26.66 -0.22
CA GLU X 74 53.02 -25.96 -0.93
C GLU X 74 54.38 -26.26 -0.35
N ASN X 75 54.45 -26.57 0.95
CA ASN X 75 55.74 -26.81 1.61
C ASN X 75 55.66 -27.98 2.57
N ILE X 76 54.96 -29.04 2.18
CA ILE X 76 54.91 -30.29 2.96
C ILE X 76 54.97 -31.45 1.99
N GLY X 77 55.77 -32.47 2.34
CA GLY X 77 55.88 -33.65 1.51
C GLY X 77 55.47 -34.94 2.19
N CYS X 78 55.76 -36.07 1.56
CA CYS X 78 55.39 -37.38 2.09
C CYS X 78 56.13 -38.45 1.30
N VAL X 79 56.45 -39.55 1.98
CA VAL X 79 57.29 -40.61 1.42
C VAL X 79 56.54 -41.94 1.46
N MET X 80 55.23 -41.88 1.24
CA MET X 80 54.29 -42.97 1.49
C MET X 80 54.86 -44.34 1.14
N THR X 81 54.75 -45.27 2.08
CA THR X 81 55.30 -46.62 1.93
C THR X 81 54.20 -47.63 2.21
N GLY X 82 54.23 -48.74 1.46
CA GLY X 82 53.25 -49.80 1.66
C GLY X 82 52.42 -50.07 0.43
N MET X 83 51.16 -50.48 0.63
CA MET X 83 50.27 -50.69 -0.50
C MET X 83 49.92 -49.36 -1.14
N THR X 84 50.10 -49.28 -2.47
CA THR X 84 49.87 -48.03 -3.18
C THR X 84 48.40 -47.64 -3.16
N ALA X 85 47.51 -48.63 -3.24
CA ALA X 85 46.08 -48.35 -3.38
C ALA X 85 45.49 -47.64 -2.17
N ASP X 86 46.19 -47.64 -1.03
CA ASP X 86 45.71 -46.96 0.17
C ASP X 86 46.42 -45.66 0.44
N SER X 87 47.72 -45.58 0.14
CA SER X 87 48.43 -44.31 0.21
C SER X 87 47.85 -43.33 -0.80
N ARG X 88 47.44 -43.82 -1.97
CA ARG X 88 46.87 -42.95 -2.98
C ARG X 88 45.57 -42.32 -2.50
N SER X 89 44.93 -42.89 -1.50
CA SER X 89 43.71 -42.31 -0.93
C SER X 89 44.01 -41.45 0.28
N GLN X 90 44.93 -41.88 1.14
CA GLN X 90 45.32 -41.05 2.28
C GLN X 90 45.91 -39.72 1.83
N VAL X 91 46.63 -39.70 0.70
CA VAL X 91 47.19 -38.45 0.21
C VAL X 91 46.08 -37.47 -0.15
N GLN X 92 45.06 -37.95 -0.87
CA GLN X 92 43.94 -37.09 -1.22
C GLN X 92 43.20 -36.61 0.02
N ARG X 93 43.01 -37.50 1.00
CA ARG X 93 42.33 -37.11 2.23
C ARG X 93 43.10 -36.02 2.96
N ALA X 94 44.43 -36.17 3.04
CA ALA X 94 45.25 -35.17 3.70
C ALA X 94 45.19 -33.84 2.95
N ARG X 95 45.23 -33.89 1.61
CA ARG X 95 45.13 -32.65 0.85
C ARG X 95 43.81 -31.94 1.12
N TYR X 96 42.71 -32.69 1.14
CA TYR X 96 41.41 -32.07 1.42
C TYR X 96 41.38 -31.47 2.82
N GLU X 97 41.91 -32.19 3.81
CA GLU X 97 41.94 -31.67 5.17
C GLU X 97 42.76 -30.39 5.26
N ALA X 98 43.91 -30.36 4.58
CA ALA X 98 44.75 -29.17 4.60
C ALA X 98 44.04 -27.98 3.97
N ALA X 99 43.39 -28.21 2.83
CA ALA X 99 42.64 -27.13 2.18
C ALA X 99 41.53 -26.62 3.08
N ASN X 100 40.81 -27.53 3.74
CA ASN X 100 39.74 -27.12 4.64
C ASN X 100 40.26 -26.28 5.80
N TRP X 101 41.39 -26.71 6.39
CA TRP X 101 41.97 -25.94 7.49
C TRP X 101 42.39 -24.56 7.04
N LYS X 102 43.04 -24.46 5.86
CA LYS X 102 43.45 -23.15 5.37
C LYS X 102 42.26 -22.27 5.10
N TYR X 103 41.14 -22.84 4.66
CA TYR X 103 39.94 -22.05 4.44
C TYR X 103 39.32 -21.61 5.76
N LYS X 104 39.40 -22.43 6.80
CA LYS X 104 38.71 -22.13 8.05
C LYS X 104 39.52 -21.28 9.02
N TYR X 105 40.85 -21.24 8.89
CA TYR X 105 41.67 -20.47 9.81
C TYR X 105 42.69 -19.56 9.14
N GLY X 106 42.88 -19.66 7.83
CA GLY X 106 43.67 -18.68 7.09
C GLY X 106 45.16 -18.63 7.37
N TYR X 107 45.82 -19.78 7.48
CA TYR X 107 47.27 -19.84 7.43
C TYR X 107 47.70 -21.29 7.23
N GLU X 108 48.95 -21.46 6.82
CA GLU X 108 49.48 -22.80 6.56
C GLU X 108 49.54 -23.61 7.85
N ILE X 109 49.23 -24.89 7.74
CA ILE X 109 49.06 -25.76 8.90
C ILE X 109 50.42 -26.14 9.48
N PRO X 110 50.58 -26.09 10.80
CA PRO X 110 51.72 -26.78 11.41
C PRO X 110 51.58 -28.28 11.23
N VAL X 111 52.73 -28.96 11.13
CA VAL X 111 52.73 -30.38 10.79
C VAL X 111 51.95 -31.20 11.81
N ASP X 112 51.96 -30.77 13.08
CA ASP X 112 51.33 -31.56 14.13
C ASP X 112 49.82 -31.68 13.90
N MET X 113 49.17 -30.61 13.48
CA MET X 113 47.72 -30.69 13.26
C MET X 113 47.37 -31.63 12.12
N LEU X 114 48.10 -31.58 11.02
CA LEU X 114 47.83 -32.50 9.93
C LEU X 114 48.05 -33.94 10.36
N CYS X 115 49.14 -34.19 11.10
CA CYS X 115 49.41 -35.53 11.59
C CYS X 115 48.29 -36.01 12.52
N LYS X 116 47.83 -35.14 13.42
CA LYS X 116 46.78 -35.52 14.35
C LYS X 116 45.47 -35.80 13.63
N ARG X 117 45.12 -34.97 12.64
CA ARG X 117 43.89 -35.20 11.90
C ARG X 117 43.95 -36.52 11.15
N ILE X 118 45.08 -36.82 10.51
CA ILE X 118 45.22 -38.10 9.81
C ILE X 118 45.12 -39.26 10.79
N ALA X 119 45.78 -39.13 11.95
CA ALA X 119 45.74 -40.20 12.94
C ALA X 119 44.34 -40.45 13.44
N ASP X 120 43.58 -39.38 13.69
CA ASP X 120 42.22 -39.54 14.19
C ASP X 120 41.32 -40.18 13.14
N ILE X 121 41.40 -39.71 11.89
CA ILE X 121 40.55 -40.27 10.86
C ILE X 121 40.99 -41.66 10.45
N SER X 122 42.21 -42.06 10.83
CA SER X 122 42.60 -43.46 10.64
C SER X 122 42.13 -44.31 11.81
N GLN X 123 42.14 -43.76 13.02
CA GLN X 123 41.70 -44.51 14.19
C GLN X 123 40.21 -44.77 14.16
N VAL X 124 39.43 -43.83 13.63
CA VAL X 124 37.97 -44.02 13.59
C VAL X 124 37.60 -45.23 12.76
N TYR X 125 38.49 -45.69 11.89
CA TYR X 125 38.26 -46.90 11.10
C TYR X 125 38.50 -48.18 11.88
N THR X 126 38.96 -48.10 13.12
CA THR X 126 39.27 -49.29 13.90
C THR X 126 38.27 -49.52 15.04
N GLN X 127 37.07 -48.97 14.92
CA GLN X 127 36.00 -49.26 15.86
C GLN X 127 34.76 -49.86 15.19
N ASN X 128 34.29 -49.26 14.10
CA ASN X 128 33.12 -49.78 13.41
C ASN X 128 33.43 -51.14 12.81
N ALA X 129 32.43 -52.02 12.81
CA ALA X 129 32.59 -53.36 12.25
C ALA X 129 32.21 -53.40 10.77
N GLU X 130 32.72 -52.42 10.02
CA GLU X 130 32.54 -52.39 8.57
C GLU X 130 33.80 -51.94 7.85
N MET X 131 34.85 -51.59 8.57
CA MET X 131 36.01 -50.93 8.00
C MET X 131 37.17 -51.90 7.84
N ARG X 132 38.17 -51.47 7.08
CA ARG X 132 39.45 -52.16 6.99
C ARG X 132 40.54 -51.15 7.28
N PRO X 133 41.42 -51.39 8.24
CA PRO X 133 42.48 -50.42 8.53
C PRO X 133 43.50 -50.40 7.40
N LEU X 134 43.44 -49.36 6.58
CA LEU X 134 44.30 -49.30 5.40
C LEU X 134 45.75 -49.11 5.82
N GLY X 135 46.63 -49.97 5.30
CA GLY X 135 48.00 -50.04 5.77
C GLY X 135 48.95 -49.10 5.06
N CYS X 136 49.46 -48.11 5.79
CA CYS X 136 50.39 -47.13 5.23
C CYS X 136 51.34 -46.68 6.34
N CYS X 137 52.22 -45.75 5.98
CA CYS X 137 53.15 -45.12 6.92
C CYS X 137 53.22 -43.65 6.56
N MET X 138 52.43 -42.84 7.23
CA MET X 138 52.30 -41.43 6.89
C MET X 138 53.45 -40.66 7.52
N ILE X 139 54.53 -40.48 6.75
CA ILE X 139 55.70 -39.74 7.20
C ILE X 139 55.63 -38.33 6.64
N LEU X 140 55.67 -37.35 7.52
CA LEU X 140 55.54 -35.95 7.11
C LEU X 140 56.91 -35.30 6.97
N ILE X 141 56.91 -34.09 6.42
CA ILE X 141 58.12 -33.29 6.31
C ILE X 141 57.70 -31.84 6.16
N GLY X 142 58.56 -30.93 6.62
CA GLY X 142 58.27 -29.52 6.49
C GLY X 142 58.95 -28.72 7.57
N ILE X 143 58.91 -27.40 7.40
CA ILE X 143 59.54 -26.46 8.31
C ILE X 143 58.47 -25.63 8.98
N ASP X 144 58.77 -25.14 10.18
CA ASP X 144 57.87 -24.31 10.96
C ASP X 144 58.57 -23.02 11.35
N GLU X 145 57.78 -21.95 11.44
CA GLU X 145 58.32 -20.64 11.78
C GLU X 145 58.51 -20.44 13.27
N GLU X 146 58.09 -21.38 14.10
CA GLU X 146 58.23 -21.26 15.55
C GLU X 146 59.16 -22.29 16.16
N GLN X 147 59.35 -23.45 15.54
CA GLN X 147 60.21 -24.49 16.09
C GLN X 147 61.21 -25.04 15.09
N GLY X 148 61.22 -24.56 13.85
CA GLY X 148 62.15 -25.04 12.85
C GLY X 148 61.60 -26.25 12.11
N PRO X 149 62.49 -26.98 11.43
CA PRO X 149 62.06 -28.16 10.70
C PRO X 149 61.56 -29.25 11.64
N GLN X 150 60.62 -30.06 11.14
CA GLN X 150 60.01 -31.12 11.92
C GLN X 150 59.72 -32.32 11.03
N VAL X 151 59.85 -33.51 11.60
CA VAL X 151 59.58 -34.76 10.90
C VAL X 151 58.64 -35.60 11.77
N TYR X 152 57.47 -35.93 11.24
CA TYR X 152 56.46 -36.68 11.96
C TYR X 152 56.10 -37.95 11.21
N LYS X 153 55.75 -39.00 11.96
CA LYS X 153 55.41 -40.29 11.39
C LYS X 153 54.07 -40.76 11.97
N CYS X 154 53.25 -41.39 11.12
CA CYS X 154 51.97 -41.93 11.52
C CYS X 154 51.87 -43.38 11.08
N ASP X 155 51.03 -44.14 11.78
CA ASP X 155 50.87 -45.57 11.57
C ASP X 155 49.39 -45.89 11.39
N PRO X 156 49.08 -47.05 10.80
CA PRO X 156 47.66 -47.38 10.59
C PRO X 156 46.84 -47.46 11.87
N ALA X 157 47.47 -47.84 13.00
CA ALA X 157 46.73 -47.87 14.26
C ALA X 157 46.27 -46.47 14.66
N GLY X 158 47.11 -45.47 14.47
CA GLY X 158 46.73 -44.11 14.79
C GLY X 158 47.67 -43.44 15.78
N TYR X 159 48.78 -44.10 16.10
CA TYR X 159 49.73 -43.58 17.09
C TYR X 159 50.79 -42.80 16.34
N TYR X 160 50.76 -41.48 16.48
CA TYR X 160 51.76 -40.61 15.88
C TYR X 160 52.79 -40.20 16.92
N CYS X 161 53.88 -39.62 16.44
CA CYS X 161 54.99 -39.25 17.31
C CYS X 161 55.88 -38.24 16.59
N GLY X 162 56.85 -37.72 17.32
CA GLY X 162 57.82 -36.79 16.75
C GLY X 162 59.22 -37.35 16.78
N PHE X 163 59.82 -37.51 15.60
CA PHE X 163 61.12 -38.16 15.47
C PHE X 163 62.14 -37.18 14.92
N LYS X 164 63.37 -37.27 15.42
CA LYS X 164 64.49 -36.56 14.83
C LYS X 164 65.13 -37.33 13.68
N ALA X 165 64.71 -38.58 13.47
CA ALA X 165 65.16 -39.42 12.37
C ALA X 165 64.26 -40.65 12.34
N THR X 166 63.94 -41.12 11.13
CA THR X 166 62.97 -42.18 10.98
C THR X 166 63.37 -43.09 9.83
N ALA X 167 63.16 -44.39 10.02
CA ALA X 167 63.29 -45.37 8.95
C ALA X 167 61.99 -46.16 8.87
N ALA X 168 61.45 -46.30 7.66
CA ALA X 168 60.22 -47.04 7.44
C ALA X 168 60.39 -47.97 6.26
N GLY X 169 59.88 -49.20 6.41
CA GLY X 169 59.99 -50.18 5.36
C GLY X 169 60.24 -51.58 5.89
N VAL X 170 60.84 -52.44 5.05
CA VAL X 170 61.08 -53.83 5.44
C VAL X 170 62.37 -54.00 6.24
N LYS X 171 63.24 -52.99 6.26
CA LYS X 171 64.49 -53.03 6.99
C LYS X 171 64.52 -51.99 8.09
N GLN X 172 63.42 -51.88 8.84
CA GLN X 172 63.30 -50.83 9.84
C GLN X 172 64.28 -51.02 11.00
N THR X 173 64.46 -52.26 11.43
CA THR X 173 65.20 -52.50 12.68
C THR X 173 66.66 -52.10 12.56
N GLU X 174 67.38 -52.66 11.57
CA GLU X 174 68.79 -52.36 11.43
C GLU X 174 69.03 -50.91 11.04
N SER X 175 68.16 -50.32 10.21
CA SER X 175 68.30 -48.91 9.88
C SER X 175 68.13 -48.03 11.10
N THR X 176 67.14 -48.35 11.95
CA THR X 176 66.94 -47.59 13.18
C THR X 176 68.14 -47.73 14.10
N SER X 177 68.69 -48.95 14.21
CA SER X 177 69.87 -49.15 15.05
C SER X 177 71.06 -48.36 14.54
N PHE X 178 71.26 -48.34 13.22
CA PHE X 178 72.37 -47.58 12.65
C PHE X 178 72.20 -46.08 12.88
N LEU X 179 70.98 -45.57 12.70
CA LEU X 179 70.73 -44.16 12.95
C LEU X 179 70.93 -43.82 14.43
N GLU X 180 70.51 -44.72 15.32
CA GLU X 180 70.73 -44.52 16.75
C GLU X 180 72.22 -44.44 17.06
N LYS X 181 73.01 -45.34 16.45
CA LYS X 181 74.45 -45.30 16.67
C LYS X 181 75.08 -44.02 16.14
N LYS X 182 74.62 -43.56 14.97
CA LYS X 182 75.25 -42.40 14.35
C LYS X 182 74.86 -41.09 15.04
N VAL X 183 73.61 -40.97 15.49
CA VAL X 183 73.15 -39.71 16.05
C VAL X 183 73.89 -39.38 17.34
N LYS X 184 74.15 -40.40 18.17
CA LYS X 184 74.78 -40.16 19.46
C LYS X 184 76.22 -39.67 19.35
N LYS X 185 76.83 -39.75 18.16
CA LYS X 185 78.21 -39.32 18.01
C LYS X 185 78.31 -37.80 17.86
N LYS X 186 77.67 -37.26 16.82
CA LYS X 186 77.71 -35.84 16.54
C LYS X 186 76.30 -35.26 16.58
N PHE X 187 76.21 -33.97 16.94
CA PHE X 187 74.93 -33.29 17.09
C PHE X 187 74.65 -32.28 16.00
N ASP X 188 75.65 -31.50 15.58
CA ASP X 188 75.45 -30.52 14.52
C ASP X 188 75.37 -31.21 13.16
N TRP X 189 74.66 -30.57 12.24
CA TRP X 189 74.50 -31.10 10.89
C TRP X 189 74.42 -29.94 9.90
N THR X 190 74.37 -30.30 8.62
CA THR X 190 74.15 -29.35 7.55
C THR X 190 73.51 -30.10 6.39
N PHE X 191 73.12 -29.34 5.37
CA PHE X 191 72.38 -29.93 4.23
C PHE X 191 73.20 -31.06 3.60
N GLU X 192 74.45 -30.78 3.24
CA GLU X 192 75.29 -31.79 2.62
C GLU X 192 75.53 -32.96 3.58
N GLN X 193 75.79 -32.66 4.85
CA GLN X 193 76.03 -33.72 5.83
C GLN X 193 74.80 -34.59 6.00
N THR X 194 73.61 -33.99 6.07
CA THR X 194 72.39 -34.78 6.22
C THR X 194 72.13 -35.64 5.00
N VAL X 195 72.32 -35.10 3.80
CA VAL X 195 72.11 -35.88 2.59
C VAL X 195 73.08 -37.06 2.54
N GLU X 196 74.35 -36.81 2.86
CA GLU X 196 75.34 -37.88 2.86
C GLU X 196 75.01 -38.93 3.90
N THR X 197 74.57 -38.50 5.08
CA THR X 197 74.21 -39.44 6.13
C THR X 197 73.05 -40.33 5.71
N ALA X 198 72.02 -39.74 5.10
CA ALA X 198 70.87 -40.52 4.64
C ALA X 198 71.29 -41.53 3.57
N ILE X 199 72.09 -41.08 2.61
CA ILE X 199 72.54 -41.97 1.53
C ILE X 199 73.39 -43.10 2.10
N THR X 200 74.30 -42.77 3.02
CA THR X 200 75.16 -43.78 3.62
C THR X 200 74.34 -44.79 4.42
N CYS X 201 73.34 -44.33 5.16
CA CYS X 201 72.48 -45.24 5.91
C CYS X 201 71.75 -46.18 4.98
N LEU X 202 71.18 -45.64 3.89
CA LEU X 202 70.46 -46.49 2.96
C LEU X 202 71.39 -47.52 2.32
N SER X 203 72.58 -47.09 1.93
CA SER X 203 73.52 -48.00 1.28
C SER X 203 74.00 -49.08 2.25
N THR X 204 74.29 -48.72 3.50
CA THR X 204 74.78 -49.70 4.46
C THR X 204 73.68 -50.62 4.96
N VAL X 205 72.41 -50.20 4.85
CA VAL X 205 71.32 -51.10 5.21
C VAL X 205 71.03 -52.07 4.06
N LEU X 206 70.88 -51.55 2.84
CA LEU X 206 70.63 -52.41 1.70
C LEU X 206 71.87 -53.20 1.29
N SER X 207 73.06 -52.72 1.65
CA SER X 207 74.32 -53.40 1.34
C SER X 207 74.50 -53.61 -0.15
N ILE X 208 74.04 -52.63 -0.95
CA ILE X 208 74.17 -52.68 -2.40
C ILE X 208 74.65 -51.33 -2.90
N ASP X 209 75.22 -51.33 -4.09
CA ASP X 209 75.66 -50.11 -4.75
C ASP X 209 74.45 -49.37 -5.32
N PHE X 210 74.46 -48.05 -5.21
CA PHE X 210 73.36 -47.21 -5.67
C PHE X 210 73.71 -46.62 -7.04
N LYS X 211 72.89 -46.95 -8.03
CA LYS X 211 73.05 -46.35 -9.35
C LYS X 211 72.74 -44.85 -9.28
N PRO X 212 73.37 -44.04 -10.13
CA PRO X 212 73.08 -42.60 -10.11
C PRO X 212 71.60 -42.26 -10.22
N SER X 213 70.83 -43.00 -11.00
CA SER X 213 69.38 -42.79 -11.07
C SER X 213 68.70 -44.02 -10.47
N GLU X 214 68.63 -44.06 -9.15
CA GLU X 214 67.82 -45.02 -8.43
C GLU X 214 67.07 -44.44 -7.25
N ILE X 215 67.49 -43.31 -6.69
CA ILE X 215 66.92 -42.73 -5.49
C ILE X 215 66.55 -41.29 -5.77
N GLU X 216 65.31 -40.92 -5.42
CA GLU X 216 64.88 -39.54 -5.49
C GLU X 216 64.95 -38.90 -4.11
N VAL X 217 65.17 -37.59 -4.09
CA VAL X 217 65.38 -36.84 -2.86
C VAL X 217 64.51 -35.60 -2.88
N GLY X 218 63.68 -35.44 -1.85
CA GLY X 218 62.92 -34.22 -1.68
C GLY X 218 63.32 -33.51 -0.39
N VAL X 219 63.57 -32.19 -0.47
CA VAL X 219 64.10 -31.45 0.67
C VAL X 219 63.31 -30.15 0.83
N VAL X 220 63.41 -29.60 2.04
CA VAL X 220 62.94 -28.25 2.34
C VAL X 220 63.99 -27.58 3.20
N THR X 221 64.28 -26.31 2.91
CA THR X 221 65.33 -25.56 3.59
C THR X 221 64.75 -24.27 4.13
N VAL X 222 65.49 -23.66 5.07
CA VAL X 222 65.07 -22.40 5.66
C VAL X 222 64.99 -21.31 4.60
N GLU X 223 66.02 -21.23 3.74
CA GLU X 223 66.04 -20.21 2.71
C GLU X 223 64.98 -20.46 1.65
N ASN X 224 64.67 -21.72 1.35
CA ASN X 224 63.70 -22.09 0.32
C ASN X 224 62.67 -23.03 0.94
N PRO X 225 61.68 -22.48 1.66
CA PRO X 225 60.66 -23.33 2.28
C PRO X 225 59.84 -24.13 1.29
N LYS X 226 59.77 -23.69 0.03
CA LYS X 226 58.96 -24.39 -0.96
C LYS X 226 59.45 -25.81 -1.16
N PHE X 227 58.52 -26.76 -1.18
CA PHE X 227 58.87 -28.17 -1.33
C PHE X 227 59.32 -28.45 -2.74
N ARG X 228 60.58 -28.86 -2.90
CA ARG X 228 61.17 -29.12 -4.20
C ARG X 228 61.78 -30.52 -4.22
N ILE X 229 61.81 -31.11 -5.41
CA ILE X 229 62.36 -32.44 -5.61
C ILE X 229 63.69 -32.30 -6.33
N LEU X 230 64.74 -32.91 -5.78
CA LEU X 230 66.04 -32.88 -6.43
C LEU X 230 65.97 -33.57 -7.79
N THR X 231 66.59 -32.94 -8.78
CA THR X 231 66.62 -33.49 -10.12
C THR X 231 67.63 -34.64 -10.20
N GLU X 232 67.78 -35.20 -11.40
CA GLU X 232 68.75 -36.27 -11.60
C GLU X 232 70.18 -35.76 -11.43
N ALA X 233 70.45 -34.54 -11.89
CA ALA X 233 71.81 -34.02 -11.86
C ALA X 233 72.32 -33.88 -10.43
N GLU X 234 71.51 -33.31 -9.53
CA GLU X 234 71.95 -33.11 -8.16
C GLU X 234 72.17 -34.44 -7.44
N ILE X 235 71.25 -35.39 -7.65
CA ILE X 235 71.40 -36.70 -7.02
C ILE X 235 72.65 -37.40 -7.52
N ASP X 236 72.90 -37.33 -8.83
CA ASP X 236 74.10 -37.95 -9.39
C ASP X 236 75.36 -37.29 -8.85
N ALA X 237 75.35 -35.95 -8.75
CA ALA X 237 76.52 -35.25 -8.23
C ALA X 237 76.81 -35.63 -6.78
N HIS X 238 75.76 -35.69 -5.95
CA HIS X 238 75.98 -36.09 -4.56
C HIS X 238 76.44 -37.54 -4.46
N LEU X 239 75.89 -38.42 -5.29
CA LEU X 239 76.28 -39.82 -5.25
C LEU X 239 77.74 -40.01 -5.66
N VAL X 240 78.19 -39.28 -6.69
CA VAL X 240 79.57 -39.43 -7.11
C VAL X 240 80.52 -38.70 -6.16
N ALA X 241 80.05 -37.66 -5.46
CA ALA X 241 80.88 -37.01 -4.47
C ALA X 241 81.02 -37.85 -3.22
N LEU X 242 80.02 -38.70 -2.93
CA LEU X 242 80.11 -39.59 -1.79
C LEU X 242 81.29 -40.54 -1.93
N ALA X 243 82.04 -40.70 -0.84
CA ALA X 243 83.18 -41.62 -0.77
C ALA X 243 84.22 -41.28 -1.85
N GLU X 244 84.75 -40.07 -1.77
CA GLU X 244 85.76 -39.62 -2.71
C GLU X 244 86.61 -38.50 -2.11
N SER Y 8 -1.95 -30.42 -3.59
CA SER Y 8 -0.63 -30.59 -2.98
C SER Y 8 -0.33 -29.48 -1.98
N PRO Y 15 -1.08 -34.23 0.19
CA PRO Y 15 -1.72 -35.37 -0.46
C PRO Y 15 -3.01 -35.80 0.23
N VAL Y 16 -3.94 -36.36 -0.54
CA VAL Y 16 -5.22 -36.83 -0.03
C VAL Y 16 -5.01 -38.08 0.81
N THR Y 17 -6.06 -38.50 1.52
CA THR Y 17 -5.95 -39.63 2.44
C THR Y 17 -5.59 -40.93 1.72
N GLU Y 18 -5.76 -41.00 0.40
CA GLU Y 18 -5.39 -42.16 -0.39
C GLU Y 18 -4.01 -42.70 -0.06
N ASP Y 29 -5.18 -42.19 12.39
CA ASP Y 29 -5.28 -41.67 13.75
C ASP Y 29 -4.91 -40.20 13.80
N LEU Y 30 -5.87 -39.36 14.23
CA LEU Y 30 -5.64 -37.94 14.34
C LEU Y 30 -5.19 -37.49 15.73
N LEU Y 31 -5.50 -38.27 16.77
CA LEU Y 31 -5.03 -37.94 18.11
C LEU Y 31 -3.52 -38.03 18.19
N ARG Y 32 -2.92 -39.03 17.54
CA ARG Y 32 -1.47 -39.20 17.61
C ARG Y 32 -0.75 -38.03 16.94
N LYS Y 33 -1.25 -37.59 15.79
CA LYS Y 33 -0.68 -36.43 15.09
C LYS Y 33 -1.84 -35.53 14.68
N GLY Y 34 -1.95 -34.37 15.32
CA GLY Y 34 -3.05 -33.48 15.02
C GLY Y 34 -2.70 -32.05 15.37
N PHE Y 35 -3.65 -31.16 15.05
CA PHE Y 35 -3.54 -29.73 15.31
C PHE Y 35 -2.34 -29.13 14.57
N SER Y 36 -2.38 -29.25 13.24
CA SER Y 36 -1.36 -28.67 12.37
C SER Y 36 -2.03 -28.38 11.03
N CYS Y 37 -2.43 -27.13 10.82
CA CYS Y 37 -3.12 -26.76 9.60
C CYS Y 37 -2.17 -26.79 8.41
N VAL Y 38 -2.72 -27.14 7.24
CA VAL Y 38 -1.94 -27.20 6.02
C VAL Y 38 -1.59 -25.81 5.50
N LYS Y 39 -2.17 -24.77 6.09
CA LYS Y 39 -2.08 -23.42 5.52
C LYS Y 39 -0.63 -22.94 5.44
N ASN Y 40 0.13 -23.07 6.52
CA ASN Y 40 1.37 -22.30 6.65
C ASN Y 40 2.64 -23.13 6.69
N GLU Y 41 2.57 -24.45 6.49
CA GLU Y 41 3.83 -25.16 6.26
C GLU Y 41 4.34 -24.94 4.84
N LEU Y 42 3.44 -24.69 3.89
CA LEU Y 42 3.83 -24.18 2.58
C LEU Y 42 3.78 -22.65 2.56
N LEU Y 43 4.38 -22.06 3.59
CA LEU Y 43 4.54 -20.62 3.75
C LEU Y 43 5.63 -20.39 4.78
N PRO Y 44 6.87 -20.17 4.35
CA PRO Y 44 7.98 -20.13 5.31
C PRO Y 44 7.85 -18.96 6.27
N SER Y 45 8.34 -19.18 7.49
CA SER Y 45 8.38 -18.17 8.54
C SER Y 45 9.53 -17.21 8.29
N HIS Y 46 9.93 -16.47 9.33
CA HIS Y 46 11.05 -15.53 9.28
C HIS Y 46 12.17 -16.09 8.41
N PRO Y 47 12.66 -15.31 7.43
CA PRO Y 47 13.51 -15.86 6.35
C PRO Y 47 14.65 -16.75 6.80
N LEU Y 48 15.07 -16.65 8.06
CA LEU Y 48 16.08 -17.55 8.61
C LEU Y 48 15.42 -18.83 9.14
N GLU Y 49 14.64 -19.47 8.26
CA GLU Y 49 13.94 -20.71 8.58
C GLU Y 49 14.54 -21.90 7.84
N LEU Y 50 14.65 -21.81 6.52
CA LEU Y 50 15.26 -22.89 5.75
C LEU Y 50 16.77 -22.93 5.90
N SER Y 51 17.38 -21.87 6.43
CA SER Y 51 18.80 -21.84 6.70
C SER Y 51 19.14 -22.24 8.13
N GLU Y 52 18.15 -22.60 8.92
CA GLU Y 52 18.37 -23.04 10.30
C GLU Y 52 17.74 -24.39 10.60
N LYS Y 53 16.58 -24.68 10.03
CA LYS Y 53 15.99 -26.01 10.20
C LYS Y 53 16.84 -27.08 9.53
N ASN Y 54 17.38 -26.76 8.36
CA ASN Y 54 18.24 -27.67 7.59
C ASN Y 54 19.57 -26.97 7.36
N PHE Y 55 20.50 -27.14 8.29
CA PHE Y 55 21.82 -26.55 8.17
C PHE Y 55 22.92 -27.58 7.95
N GLN Y 56 22.97 -28.61 8.77
CA GLN Y 56 23.99 -29.66 8.58
C GLN Y 56 23.83 -30.34 7.23
N LEU Y 57 22.58 -30.61 6.84
CA LEU Y 57 22.34 -31.23 5.53
C LEU Y 57 22.84 -30.34 4.40
N ASN Y 58 22.55 -29.03 4.48
CA ASN Y 58 22.98 -28.13 3.42
C ASN Y 58 24.49 -28.00 3.37
N GLN Y 59 25.15 -27.90 4.52
CA GLN Y 59 26.60 -27.80 4.54
C GLN Y 59 27.24 -29.07 3.98
N ASP Y 60 26.71 -30.23 4.37
CA ASP Y 60 27.23 -31.49 3.84
C ASP Y 60 27.01 -31.58 2.34
N LYS Y 61 25.83 -31.13 1.86
CA LYS Y 61 25.57 -31.16 0.43
C LYS Y 61 26.53 -30.26 -0.34
N MET Y 62 26.81 -29.07 0.20
CA MET Y 62 27.74 -28.16 -0.46
C MET Y 62 29.15 -28.77 -0.51
N ASN Y 63 29.60 -29.34 0.60
CA ASN Y 63 30.92 -29.96 0.61
C ASN Y 63 30.99 -31.15 -0.33
N PHE Y 64 29.92 -31.95 -0.38
CA PHE Y 64 29.89 -33.10 -1.28
C PHE Y 64 29.94 -32.64 -2.74
N SER Y 65 29.18 -31.59 -3.08
CA SER Y 65 29.20 -31.08 -4.44
C SER Y 65 30.58 -30.55 -4.80
N THR Y 66 31.21 -29.81 -3.90
CA THR Y 66 32.55 -29.30 -4.16
C THR Y 66 33.54 -30.42 -4.40
N LEU Y 67 33.55 -31.43 -3.52
CA LEU Y 67 34.47 -32.54 -3.67
C LEU Y 67 34.20 -33.32 -4.95
N ARG Y 68 32.92 -33.54 -5.27
CA ARG Y 68 32.57 -34.28 -6.46
C ARG Y 68 32.99 -33.52 -7.72
N ASN Y 69 32.96 -32.19 -7.66
CA ASN Y 69 33.35 -31.38 -8.81
C ASN Y 69 34.85 -31.32 -8.98
N ILE Y 70 35.62 -31.24 -7.89
CA ILE Y 70 37.03 -30.91 -8.02
C ILE Y 70 37.92 -32.14 -7.86
N GLN Y 71 37.48 -33.11 -7.06
CA GLN Y 71 38.33 -34.26 -6.74
C GLN Y 71 37.91 -35.55 -7.42
N GLY Y 72 36.65 -35.68 -7.81
CA GLY Y 72 36.17 -36.88 -8.47
C GLY Y 72 34.90 -37.40 -7.83
N LEU Y 73 34.37 -38.46 -8.42
CA LEU Y 73 33.12 -39.04 -7.96
C LEU Y 73 33.29 -40.00 -6.80
N PHE Y 74 34.53 -40.39 -6.47
CA PHE Y 74 34.73 -41.37 -5.42
C PHE Y 74 34.53 -40.77 -4.04
N ALA Y 75 34.98 -39.53 -3.84
CA ALA Y 75 35.03 -38.98 -2.48
C ALA Y 75 33.64 -38.78 -1.87
N PRO Y 76 32.67 -38.17 -2.55
CA PRO Y 76 31.35 -38.03 -1.91
C PRO Y 76 30.68 -39.36 -1.64
N LEU Y 77 30.77 -40.30 -2.57
CA LEU Y 77 30.20 -41.63 -2.36
C LEU Y 77 30.82 -42.29 -1.13
N LYS Y 78 32.15 -42.31 -1.07
CA LYS Y 78 32.84 -42.93 0.05
C LYS Y 78 32.49 -42.26 1.36
N LEU Y 79 32.52 -40.94 1.41
CA LEU Y 79 32.29 -40.22 2.66
C LEU Y 79 30.85 -40.38 3.12
N GLN Y 80 29.89 -40.26 2.21
CA GLN Y 80 28.49 -40.40 2.59
C GLN Y 80 28.15 -41.82 3.02
N MET Y 81 28.78 -42.83 2.39
CA MET Y 81 28.50 -44.18 2.81
C MET Y 81 29.20 -44.50 4.13
N GLU Y 82 30.32 -43.83 4.41
CA GLU Y 82 30.90 -43.88 5.75
C GLU Y 82 29.95 -43.28 6.78
N PHE Y 83 29.33 -42.13 6.45
CA PHE Y 83 28.33 -41.54 7.31
C PHE Y 83 27.21 -42.54 7.61
N LYS Y 84 26.71 -43.19 6.57
CA LYS Y 84 25.64 -44.17 6.75
C LYS Y 84 26.10 -45.33 7.63
N ALA Y 85 27.32 -45.81 7.43
CA ALA Y 85 27.82 -46.93 8.22
C ALA Y 85 27.95 -46.56 9.69
N VAL Y 86 28.42 -45.35 9.99
CA VAL Y 86 28.64 -44.97 11.38
C VAL Y 86 27.35 -44.51 12.04
N GLN Y 87 26.32 -44.16 11.27
CA GLN Y 87 25.11 -43.58 11.85
C GLN Y 87 24.30 -44.61 12.62
N GLN Y 88 24.35 -45.88 12.23
CA GLN Y 88 23.43 -46.90 12.73
C GLN Y 88 24.01 -47.72 13.87
N VAL Y 89 24.81 -47.12 14.75
CA VAL Y 89 25.33 -47.80 15.93
C VAL Y 89 25.00 -47.06 17.21
N GLN Y 90 24.21 -45.98 17.11
CA GLN Y 90 23.84 -45.20 18.28
C GLN Y 90 22.78 -45.93 19.11
N ARG Y 91 22.44 -45.34 20.25
CA ARG Y 91 21.37 -45.88 21.07
C ARG Y 91 20.02 -45.71 20.38
N LEU Y 92 19.00 -46.32 20.97
CA LEU Y 92 17.67 -46.24 20.39
C LEU Y 92 17.15 -44.81 20.44
N PRO Y 93 16.27 -44.43 19.51
CA PRO Y 93 15.90 -43.01 19.37
C PRO Y 93 15.30 -42.39 20.62
N PHE Y 94 14.59 -43.16 21.45
CA PHE Y 94 13.96 -42.59 22.62
C PHE Y 94 14.93 -42.30 23.76
N LEU Y 95 16.23 -42.33 23.51
CA LEU Y 95 17.23 -41.92 24.48
C LEU Y 95 18.25 -41.02 23.81
N SER Y 96 18.90 -40.18 24.61
CA SER Y 96 19.87 -39.24 24.09
C SER Y 96 21.07 -39.98 23.49
N SER Y 97 21.55 -39.46 22.36
CA SER Y 97 22.67 -40.06 21.64
C SER Y 97 23.95 -39.28 21.93
N SER Y 98 24.98 -39.99 22.39
CA SER Y 98 26.25 -39.34 22.70
C SER Y 98 26.88 -38.72 21.47
N ASN Y 99 26.87 -39.46 20.35
CA ASN Y 99 27.46 -39.00 19.09
C ASN Y 99 28.93 -38.64 19.26
N LEU Y 100 29.66 -39.46 20.04
CA LEU Y 100 31.10 -39.25 20.18
C LEU Y 100 31.82 -39.44 18.85
N SER Y 101 31.47 -40.50 18.11
CA SER Y 101 32.02 -40.69 16.78
C SER Y 101 31.22 -39.88 15.77
N LEU Y 102 31.63 -39.96 14.50
CA LEU Y 102 31.02 -39.28 13.37
C LEU Y 102 31.31 -37.78 13.45
N ASP Y 103 31.83 -37.34 14.59
CA ASP Y 103 32.09 -35.91 14.79
C ASP Y 103 33.48 -35.54 14.29
N VAL Y 104 34.51 -36.28 14.71
CA VAL Y 104 35.84 -36.08 14.17
C VAL Y 104 35.86 -36.37 12.68
N LEU Y 105 35.00 -37.28 12.22
CA LEU Y 105 34.92 -37.57 10.80
C LEU Y 105 34.17 -36.49 10.05
N ARG Y 106 33.15 -35.90 10.66
CA ARG Y 106 32.44 -34.78 10.04
C ARG Y 106 33.37 -33.58 9.88
N GLY Y 107 34.19 -33.30 10.88
CA GLY Y 107 35.05 -32.13 10.89
C GLY Y 107 34.67 -31.09 11.93
N ASN Y 108 33.58 -31.29 12.68
CA ASN Y 108 33.15 -30.36 13.73
C ASN Y 108 33.64 -30.80 15.11
N ASP Y 109 34.85 -31.37 15.16
CA ASP Y 109 35.35 -31.93 16.41
C ASP Y 109 35.46 -30.87 17.50
N GLU Y 110 35.99 -29.69 17.18
CA GLU Y 110 35.89 -28.52 18.06
C GLU Y 110 35.40 -27.34 17.24
N THR Y 111 34.09 -27.25 17.06
CA THR Y 111 33.44 -26.11 16.42
C THR Y 111 32.16 -25.76 17.18
N ILE Y 112 32.26 -25.70 18.50
CA ILE Y 112 31.09 -25.41 19.33
C ILE Y 112 30.41 -24.13 18.86
N GLY Y 113 29.09 -24.18 18.76
CA GLY Y 113 28.33 -23.06 18.23
C GLY Y 113 26.91 -23.03 18.71
N PHE Y 114 26.02 -22.40 17.94
CA PHE Y 114 24.62 -22.29 18.34
C PHE Y 114 23.84 -23.56 17.97
N GLU Y 115 24.40 -24.72 18.31
CA GLU Y 115 23.76 -26.00 18.07
C GLU Y 115 23.69 -26.89 19.31
N ASP Y 116 24.48 -26.61 20.33
CA ASP Y 116 24.54 -27.46 21.52
C ASP Y 116 24.31 -26.71 22.82
N ILE Y 117 24.53 -25.39 22.87
CA ILE Y 117 24.28 -24.64 24.09
C ILE Y 117 22.84 -24.14 24.19
N LEU Y 118 22.11 -24.08 23.08
CA LEU Y 118 20.74 -23.60 23.06
C LEU Y 118 19.81 -24.78 22.78
N ASN Y 119 18.88 -25.02 23.70
CA ASN Y 119 17.92 -26.12 23.60
C ASN Y 119 18.64 -27.47 23.40
N ASP Y 120 19.47 -27.81 24.38
CA ASP Y 120 20.23 -29.04 24.31
C ASP Y 120 19.27 -30.23 24.30
N PRO Y 121 19.39 -31.14 23.33
CA PRO Y 121 18.39 -32.22 23.22
C PRO Y 121 18.37 -33.17 24.41
N SER Y 122 19.41 -33.18 25.24
CA SER Y 122 19.40 -34.06 26.41
C SER Y 122 18.25 -33.71 27.36
N GLN Y 123 18.03 -32.43 27.59
CA GLN Y 123 16.91 -31.98 28.42
C GLN Y 123 15.72 -31.59 27.55
N SER Y 124 15.18 -32.58 26.85
CA SER Y 124 14.05 -32.35 25.97
C SER Y 124 12.80 -32.05 26.79
N GLU Y 125 12.09 -30.97 26.42
CA GLU Y 125 10.92 -30.58 27.18
C GLU Y 125 9.74 -31.50 26.93
N VAL Y 126 9.69 -32.15 25.77
CA VAL Y 126 8.60 -33.05 25.42
C VAL Y 126 9.21 -34.33 24.88
N MET Y 127 8.58 -35.47 25.17
CA MET Y 127 9.16 -36.76 24.83
C MET Y 127 8.06 -37.71 24.37
N GLY Y 128 8.35 -38.51 23.35
CA GLY Y 128 7.38 -39.42 22.79
C GLY Y 128 7.44 -40.81 23.41
N GLU Y 129 6.54 -41.66 22.94
CA GLU Y 129 6.50 -43.05 23.40
C GLU Y 129 7.67 -43.83 22.79
N PRO Y 130 8.22 -44.79 23.54
CA PRO Y 130 9.39 -45.52 23.02
C PRO Y 130 9.09 -46.35 21.77
N HIS Y 131 8.07 -47.20 21.84
CA HIS Y 131 7.76 -48.07 20.71
C HIS Y 131 7.41 -47.27 19.46
N LEU Y 132 6.61 -46.22 19.62
CA LEU Y 132 6.23 -45.39 18.49
C LEU Y 132 7.45 -44.75 17.84
N MET Y 133 8.33 -44.17 18.66
CA MET Y 133 9.50 -43.49 18.10
C MET Y 133 10.44 -44.47 17.41
N VAL Y 134 10.67 -45.65 18.00
CA VAL Y 134 11.58 -46.60 17.37
C VAL Y 134 10.97 -47.15 16.08
N GLU Y 135 9.65 -47.39 16.07
CA GLU Y 135 9.03 -47.90 14.85
C GLU Y 135 8.96 -46.84 13.77
N TYR Y 136 8.91 -45.56 14.15
CA TYR Y 136 8.99 -44.50 13.16
C TYR Y 136 10.41 -44.34 12.63
N LYS Y 137 11.41 -44.50 13.51
CA LYS Y 137 12.81 -44.43 13.07
C LYS Y 137 13.10 -45.56 12.08
N LEU Y 138 12.58 -46.75 12.34
CA LEU Y 138 12.71 -47.85 11.38
C LEU Y 138 11.99 -47.56 10.07
N GLY Y 139 11.11 -46.57 10.03
CA GLY Y 139 10.37 -46.26 8.83
C GLY Y 139 9.22 -47.18 8.52
N LEU Y 140 8.83 -48.04 9.46
CA LEU Y 140 7.75 -48.98 9.22
C LEU Y 140 6.42 -48.27 8.98
N LEU Y 141 6.16 -47.21 9.73
CA LEU Y 141 4.92 -46.45 9.58
C LEU Y 141 4.83 -45.78 8.21
N ALA Z 2 21.84 -66.05 7.48
CA ALA Z 2 23.06 -65.26 7.49
C ALA Z 2 23.05 -64.27 8.65
N ALA Z 3 23.43 -63.02 8.36
CA ALA Z 3 23.46 -61.98 9.38
C ALA Z 3 22.04 -61.51 9.63
N THR Z 4 21.47 -61.91 10.77
CA THR Z 4 20.10 -61.53 11.10
C THR Z 4 19.97 -60.03 11.28
N PHE Z 5 20.94 -59.41 11.95
CA PHE Z 5 20.94 -57.96 12.14
C PHE Z 5 22.36 -57.45 12.01
N PHE Z 6 22.51 -56.12 12.02
CA PHE Z 6 23.80 -55.49 11.81
C PHE Z 6 24.78 -55.85 12.92
N GLY Z 7 25.99 -56.25 12.53
CA GLY Z 7 27.06 -56.52 13.46
C GLY Z 7 27.03 -57.89 14.11
N GLU Z 8 26.03 -58.72 13.82
CA GLU Z 8 25.94 -60.02 14.44
C GLU Z 8 27.05 -60.93 13.94
N VAL Z 9 27.65 -61.69 14.86
CA VAL Z 9 28.71 -62.63 14.51
C VAL Z 9 28.08 -63.89 13.94
N VAL Z 10 28.49 -64.27 12.74
CA VAL Z 10 27.95 -65.44 12.05
C VAL Z 10 28.99 -66.55 12.07
N LYS Z 11 28.58 -67.72 12.54
CA LYS Z 11 29.47 -68.88 12.54
C LYS Z 11 29.59 -69.44 11.13
N ALA Z 12 30.79 -69.87 10.77
CA ALA Z 12 31.01 -70.43 9.44
C ALA Z 12 30.22 -71.72 9.30
N PRO Z 13 29.41 -71.87 8.24
CA PRO Z 13 28.66 -73.11 8.06
C PRO Z 13 29.59 -74.29 7.90
N CYS Z 14 29.22 -75.41 8.53
CA CYS Z 14 30.06 -76.59 8.53
C CYS Z 14 29.90 -77.37 7.23
N ARG Z 15 30.86 -78.25 6.97
CA ARG Z 15 30.85 -79.13 5.80
C ARG Z 15 30.80 -80.60 6.19
N ALA Z 16 31.66 -81.01 7.13
CA ALA Z 16 31.66 -82.41 7.56
C ALA Z 16 30.35 -82.77 8.25
N GLY Z 17 29.85 -81.89 9.10
CA GLY Z 17 28.62 -82.15 9.83
C GLY Z 17 28.81 -82.27 11.32
N THR Z 18 29.80 -81.55 11.86
CA THR Z 18 30.12 -81.61 13.27
C THR Z 18 29.38 -80.57 14.11
N GLU Z 19 28.46 -79.83 13.50
CA GLU Z 19 27.69 -78.82 14.23
C GLU Z 19 26.75 -79.43 15.26
N ASP Z 20 26.49 -80.73 15.19
CA ASP Z 20 25.59 -81.38 16.14
C ASP Z 20 26.20 -81.37 17.54
N GLU Z 21 25.36 -81.08 18.53
CA GLU Z 21 25.78 -81.07 19.92
C GLU Z 21 25.57 -82.46 20.53
N GLU Z 22 25.69 -82.55 21.86
CA GLU Z 22 25.50 -83.82 22.55
C GLU Z 22 24.08 -84.32 22.42
N GLU Z 30 19.26 -88.31 29.62
CA GLU Z 30 18.46 -87.10 29.54
C GLU Z 30 17.25 -87.22 30.48
N THR Z 31 16.67 -86.08 30.83
CA THR Z 31 15.54 -86.06 31.75
C THR Z 31 14.32 -86.74 31.13
N PRO Z 32 13.46 -87.36 31.95
CA PRO Z 32 12.31 -88.10 31.39
C PRO Z 32 11.36 -87.24 30.58
N GLU Z 33 11.17 -85.97 30.92
CA GLU Z 33 10.24 -85.13 30.17
C GLU Z 33 10.70 -84.86 28.73
N ASP Z 34 12.00 -84.90 28.47
CA ASP Z 34 12.54 -84.85 27.12
C ASP Z 34 12.74 -86.25 26.53
N ARG Z 35 12.79 -87.25 27.41
CA ARG Z 35 13.12 -88.63 27.02
C ARG Z 35 12.11 -89.19 26.03
N GLU Z 36 10.85 -88.71 26.08
CA GLU Z 36 9.79 -89.30 25.25
C GLU Z 36 9.62 -88.59 23.90
N VAL Z 37 9.99 -87.31 23.81
CA VAL Z 37 9.80 -86.58 22.55
C VAL Z 37 10.57 -87.25 21.42
N ARG Z 38 11.79 -87.68 21.70
CA ARG Z 38 12.60 -88.38 20.71
C ARG Z 38 11.90 -89.64 20.22
N LEU Z 39 11.35 -90.42 21.15
CA LEU Z 39 10.68 -91.66 20.79
C LEU Z 39 9.41 -91.41 19.99
N GLN Z 40 8.67 -90.35 20.34
CA GLN Z 40 7.49 -89.98 19.55
C GLN Z 40 7.88 -89.62 18.12
N LEU Z 41 8.93 -88.81 17.96
CA LEU Z 41 9.39 -88.46 16.62
C LEU Z 41 9.86 -89.70 15.86
N ALA Z 42 10.58 -90.60 16.55
CA ALA Z 42 11.10 -91.79 15.89
C ALA Z 42 9.96 -92.72 15.45
N ARG Z 43 8.96 -92.91 16.31
CA ARG Z 43 7.83 -93.76 15.94
C ARG Z 43 7.06 -93.15 14.79
N LYS Z 44 6.90 -91.83 14.78
CA LYS Z 44 6.24 -91.20 13.64
C LYS Z 44 7.06 -91.38 12.36
N ARG Z 45 8.37 -91.28 12.45
CA ARG Z 45 9.26 -91.42 11.30
C ARG Z 45 9.65 -92.86 11.01
N GLU Z 46 9.26 -93.81 11.86
CA GLU Z 46 9.60 -95.20 11.63
C GLU Z 46 8.89 -95.74 10.38
N VAL Z 47 9.51 -96.72 9.74
CA VAL Z 47 8.99 -97.32 8.52
C VAL Z 47 8.36 -98.66 8.85
N ARG Z 48 7.17 -98.90 8.29
CA ARG Z 48 6.46 -100.16 8.46
C ARG Z 48 5.90 -100.58 7.11
N LEU Z 49 5.73 -101.89 6.95
CA LEU Z 49 5.19 -102.46 5.71
C LEU Z 49 3.71 -102.76 5.93
N LEU Z 50 2.88 -102.32 4.99
CA LEU Z 50 1.43 -102.38 5.09
C LEU Z 50 0.82 -102.98 3.83
N ARG Z 51 1.36 -104.13 3.42
CA ARG Z 51 0.89 -104.84 2.24
C ARG Z 51 -0.64 -104.91 2.21
N ARG Z 52 -1.24 -104.28 1.20
CA ARG Z 52 -2.68 -104.06 1.17
C ARG Z 52 -3.42 -105.33 0.78
N GLN Z 53 -3.37 -106.31 1.69
CA GLN Z 53 -4.24 -107.47 1.62
C GLN Z 53 -5.43 -107.32 2.58
N THR Z 54 -5.15 -107.21 3.88
CA THR Z 54 -6.14 -106.72 4.84
C THR Z 54 -5.37 -106.07 6.00
N LYS Z 55 -5.13 -104.76 5.87
CA LYS Z 55 -4.40 -103.95 6.85
C LYS Z 55 -3.22 -104.73 7.46
N THR Z 56 -2.46 -105.38 6.59
CA THR Z 56 -1.43 -106.30 7.05
C THR Z 56 -0.20 -105.54 7.54
N SER Z 57 0.65 -106.25 8.27
CA SER Z 57 1.90 -105.72 8.78
C SER Z 57 3.12 -106.50 8.35
N LEU Z 58 3.01 -107.82 8.20
CA LEU Z 58 4.12 -108.68 7.78
C LEU Z 58 5.34 -108.51 8.69
N VAL Z 60 10.12 -111.57 9.70
CA VAL Z 60 9.32 -111.55 8.48
C VAL Z 60 9.86 -110.49 7.53
N SER Z 61 9.98 -110.84 6.25
CA SER Z 61 10.45 -109.91 5.23
C SER Z 61 9.86 -110.34 3.90
N LEU Z 62 9.97 -109.44 2.92
CA LEU Z 62 9.38 -109.70 1.61
C LEU Z 62 10.00 -110.94 0.96
N LEU Z 63 11.31 -111.08 1.03
CA LEU Z 63 11.98 -112.22 0.40
C LEU Z 63 11.99 -113.47 1.28
N GLU Z 64 11.54 -113.36 2.53
CA GLU Z 64 11.49 -114.53 3.40
C GLU Z 64 10.35 -115.47 3.02
N LYS Z 65 9.19 -114.91 2.64
CA LYS Z 65 8.04 -115.73 2.33
C LYS Z 65 8.18 -116.45 0.98
N TYR Z 66 9.07 -115.99 0.11
CA TYR Z 66 9.22 -116.56 -1.22
C TYR Z 66 10.53 -116.14 -1.86
N PRO Z 67 11.13 -116.99 -2.70
CA PRO Z 67 12.35 -116.62 -3.42
C PRO Z 67 12.03 -116.04 -4.79
N CYS Z 68 13.07 -115.48 -5.41
CA CYS Z 68 12.95 -114.90 -6.74
C CYS Z 68 14.33 -114.84 -7.36
N SER Z 69 14.36 -114.63 -8.69
CA SER Z 69 15.61 -114.53 -9.43
C SER Z 69 15.92 -113.15 -9.96
N LYS Z 70 14.89 -112.36 -10.28
CA LYS Z 70 15.08 -111.01 -10.81
C LYS Z 70 14.26 -110.05 -9.96
N PHE Z 71 14.89 -108.98 -9.50
CA PHE Z 71 14.28 -108.00 -8.59
C PHE Z 71 14.55 -106.59 -9.08
N ILE Z 72 14.26 -106.33 -10.36
CA ILE Z 72 14.47 -105.00 -10.92
C ILE Z 72 13.68 -103.97 -10.12
N ILE Z 73 14.35 -102.90 -9.73
CA ILE Z 73 13.75 -101.83 -8.95
C ILE Z 73 13.92 -100.51 -9.71
N ALA Z 74 12.83 -99.78 -9.88
CA ALA Z 74 12.84 -98.48 -10.54
C ALA Z 74 12.56 -97.40 -9.51
N ILE Z 75 13.49 -96.45 -9.40
CA ILE Z 75 13.38 -95.35 -8.44
C ILE Z 75 13.34 -94.04 -9.21
N GLY Z 76 12.37 -93.21 -8.89
CA GLY Z 76 12.18 -91.96 -9.60
C GLY Z 76 10.96 -92.03 -10.51
N ASN Z 77 10.34 -90.86 -10.73
CA ASN Z 77 9.12 -90.81 -11.52
C ASN Z 77 9.36 -91.22 -12.97
N ASN Z 78 10.49 -90.82 -13.55
CA ASN Z 78 10.79 -91.19 -14.93
C ASN Z 78 10.94 -92.70 -15.08
N ALA Z 79 11.66 -93.34 -14.14
CA ALA Z 79 11.83 -94.78 -14.21
C ALA Z 79 10.51 -95.52 -14.02
N VAL Z 80 9.68 -95.04 -13.08
CA VAL Z 80 8.37 -95.65 -12.87
C VAL Z 80 7.51 -95.53 -14.12
N ALA Z 81 7.54 -94.36 -14.76
CA ALA Z 81 6.80 -94.19 -16.01
C ALA Z 81 7.32 -95.13 -17.09
N PHE Z 82 8.64 -95.27 -17.19
CA PHE Z 82 9.22 -96.15 -18.20
C PHE Z 82 8.78 -97.59 -17.99
N LEU Z 83 8.83 -98.08 -16.74
CA LEU Z 83 8.44 -99.45 -16.48
C LEU Z 83 6.94 -99.66 -16.63
N SER Z 84 6.14 -98.67 -16.26
CA SER Z 84 4.69 -98.79 -16.40
C SER Z 84 4.24 -98.65 -17.85
N SER Z 85 5.08 -98.08 -18.71
CA SER Z 85 4.73 -97.94 -20.11
C SER Z 85 5.23 -99.10 -20.96
N PHE Z 86 6.50 -99.48 -20.79
CA PHE Z 86 7.07 -100.49 -21.68
C PHE Z 86 6.68 -101.90 -21.26
N VAL Z 87 7.14 -102.35 -20.09
CA VAL Z 87 6.86 -103.73 -19.69
C VAL Z 87 5.70 -103.79 -18.71
N MET Z 88 4.48 -103.79 -19.25
CA MET Z 88 3.28 -104.16 -18.50
C MET Z 88 2.31 -105.02 -19.27
N ASN Z 89 2.34 -105.01 -20.61
CA ASN Z 89 1.37 -105.74 -21.42
C ASN Z 89 1.81 -107.15 -21.76
N SER Z 90 3.03 -107.54 -21.38
CA SER Z 90 3.52 -108.90 -21.63
C SER Z 90 3.14 -109.85 -20.49
N GLY Z 91 1.86 -109.87 -20.14
CA GLY Z 91 1.33 -110.67 -19.07
C GLY Z 91 0.42 -109.85 -18.18
N VAL Z 92 0.07 -110.43 -17.03
CA VAL Z 92 -0.78 -109.77 -16.05
C VAL Z 92 -0.05 -109.79 -14.71
N TRP Z 93 -0.08 -108.64 -14.02
CA TRP Z 93 0.62 -108.46 -12.76
C TRP Z 93 -0.37 -108.28 -11.61
N GLU Z 94 0.03 -108.76 -10.44
CA GLU Z 94 -0.75 -108.60 -9.22
C GLU Z 94 0.11 -107.96 -8.14
N GLU Z 95 -0.54 -107.21 -7.26
CA GLU Z 95 0.14 -106.47 -6.22
C GLU Z 95 0.34 -107.33 -4.97
N VAL Z 96 1.54 -107.27 -4.40
CA VAL Z 96 1.84 -107.97 -3.17
C VAL Z 96 1.92 -107.04 -1.96
N GLY Z 97 2.28 -105.78 -2.15
CA GLY Z 97 2.33 -104.86 -1.03
C GLY Z 97 3.05 -103.58 -1.39
N CYS Z 98 3.10 -102.69 -0.42
CA CYS Z 98 3.74 -101.39 -0.56
C CYS Z 98 4.30 -100.99 0.80
N ALA Z 99 4.59 -99.70 0.97
CA ALA Z 99 5.13 -99.21 2.23
C ALA Z 99 4.60 -97.81 2.48
N LYS Z 100 4.71 -97.37 3.73
CA LYS Z 100 4.29 -96.04 4.16
C LYS Z 100 5.47 -95.32 4.78
N LEU Z 101 5.68 -94.07 4.36
CA LEU Z 101 6.80 -93.26 4.83
C LEU Z 101 6.31 -91.87 5.22
N TRP Z 102 7.04 -91.25 6.15
CA TRP Z 102 6.72 -89.90 6.62
C TRP Z 102 7.97 -89.03 6.60
N ASN Z 103 8.68 -89.05 5.47
CA ASN Z 103 9.74 -88.08 5.26
C ASN Z 103 9.14 -86.70 5.05
N GLU Z 104 9.82 -85.67 5.55
CA GLU Z 104 9.28 -84.33 5.46
C GLU Z 104 9.24 -83.79 4.03
N TRP Z 105 9.89 -84.46 3.09
CA TRP Z 105 9.88 -84.03 1.70
C TRP Z 105 8.78 -84.67 0.87
N CYS Z 106 7.99 -85.58 1.43
CA CYS Z 106 6.97 -86.26 0.64
C CYS Z 106 5.89 -86.80 1.57
N ARG Z 107 4.65 -86.78 1.06
CA ARG Z 107 3.49 -87.25 1.79
C ARG Z 107 3.34 -86.57 3.14
N ALA Z 119 3.41 -91.03 -5.92
CA ALA Z 119 3.67 -91.11 -4.48
C ALA Z 119 3.25 -92.47 -3.93
N PHE Z 120 3.98 -93.52 -4.32
CA PHE Z 120 3.69 -94.87 -3.87
C PHE Z 120 4.95 -95.71 -3.97
N CYS Z 121 4.94 -96.84 -3.27
CA CYS Z 121 6.05 -97.78 -3.23
C CYS Z 121 5.55 -99.21 -3.38
N VAL Z 122 4.69 -99.42 -4.37
CA VAL Z 122 4.04 -100.71 -4.55
C VAL Z 122 4.92 -101.63 -5.39
N PHE Z 123 4.97 -102.90 -5.01
CA PHE Z 123 5.65 -103.93 -5.77
C PHE Z 123 4.69 -104.62 -6.72
N TYR Z 124 5.24 -105.33 -7.69
CA TYR Z 124 4.45 -106.04 -8.69
C TYR Z 124 4.86 -107.49 -8.76
N HIS Z 125 3.88 -108.36 -8.96
CA HIS Z 125 4.09 -109.81 -9.08
C HIS Z 125 3.46 -110.30 -10.36
N LEU Z 126 4.24 -110.99 -11.18
CA LEU Z 126 3.75 -111.53 -12.44
C LEU Z 126 3.05 -112.86 -12.20
N LYS Z 127 1.87 -113.03 -12.81
CA LYS Z 127 1.17 -114.31 -12.71
C LYS Z 127 1.91 -115.43 -13.41
N SER Z 128 2.82 -115.10 -14.33
CA SER Z 128 3.67 -116.09 -14.98
C SER Z 128 4.81 -116.47 -14.05
N ASN Z 129 5.86 -117.11 -14.59
CA ASN Z 129 7.05 -117.51 -13.86
C ASN Z 129 7.48 -116.39 -12.91
N PRO Z 130 7.43 -116.63 -11.60
CA PRO Z 130 7.50 -115.52 -10.64
C PRO Z 130 8.90 -115.02 -10.34
N SER Z 131 9.87 -115.32 -11.23
CA SER Z 131 11.23 -114.86 -10.99
C SER Z 131 11.38 -113.35 -11.17
N VAL Z 132 10.37 -112.66 -11.69
CA VAL Z 132 10.44 -111.22 -11.94
C VAL Z 132 9.54 -110.51 -10.93
N PHE Z 133 10.09 -109.49 -10.28
CA PHE Z 133 9.38 -108.72 -9.25
C PHE Z 133 9.65 -107.24 -9.40
N LEU Z 134 9.45 -106.72 -10.61
CA LEU Z 134 9.70 -105.30 -10.89
C LEU Z 134 8.96 -104.41 -9.90
N CYS Z 135 9.65 -103.41 -9.38
CA CYS Z 135 9.14 -102.54 -8.33
C CYS Z 135 9.04 -101.10 -8.83
N GLN Z 136 8.09 -100.36 -8.26
CA GLN Z 136 7.90 -98.94 -8.55
C GLN Z 136 7.79 -98.20 -7.23
N CYS Z 137 8.75 -97.31 -6.96
CA CYS Z 137 8.77 -96.55 -5.71
C CYS Z 137 9.37 -95.17 -6.00
N SER Z 138 8.50 -94.20 -6.22
CA SER Z 138 8.92 -92.82 -6.46
C SER Z 138 9.06 -92.00 -5.19
N CYS Z 139 8.70 -92.56 -4.04
CA CYS Z 139 8.80 -91.80 -2.80
C CYS Z 139 10.25 -91.55 -2.44
N TYR Z 140 10.52 -90.36 -1.90
CA TYR Z 140 11.87 -89.96 -1.53
C TYR Z 140 12.17 -90.45 -0.13
N VAL Z 141 13.02 -91.48 -0.02
CA VAL Z 141 13.42 -91.99 1.28
C VAL Z 141 14.43 -91.04 1.91
N ALA Z 142 14.31 -90.83 3.22
CA ALA Z 142 15.23 -89.96 3.93
C ALA Z 142 16.61 -90.57 3.98
N GLU Z 143 17.56 -89.86 4.61
CA GLU Z 143 18.94 -90.31 4.67
C GLU Z 143 19.17 -91.37 5.73
N ASP Z 144 18.17 -91.70 6.54
CA ASP Z 144 18.31 -92.72 7.56
C ASP Z 144 17.38 -93.92 7.37
N GLN Z 145 16.21 -93.72 6.76
CA GLN Z 145 15.25 -94.79 6.58
C GLN Z 145 15.71 -95.84 5.57
N GLN Z 146 16.74 -95.54 4.78
CA GLN Z 146 17.17 -96.48 3.74
C GLN Z 146 17.65 -97.80 4.34
N TYR Z 147 18.42 -97.72 5.43
CA TYR Z 147 18.93 -98.95 6.05
C TYR Z 147 17.79 -99.80 6.60
N GLN Z 148 16.80 -99.16 7.23
CA GLN Z 148 15.63 -99.90 7.68
C GLN Z 148 14.86 -100.49 6.51
N TRP Z 149 14.81 -99.76 5.40
CA TRP Z 149 14.15 -100.27 4.19
C TRP Z 149 14.85 -101.53 3.69
N LEU Z 150 16.18 -101.51 3.64
CA LEU Z 150 16.92 -102.70 3.24
C LEU Z 150 16.71 -103.85 4.21
N GLU Z 151 16.68 -103.54 5.51
CA GLU Z 151 16.47 -104.59 6.51
C GLU Z 151 15.10 -105.24 6.36
N LYS Z 152 14.07 -104.43 6.10
CA LYS Z 152 12.71 -104.94 6.01
C LYS Z 152 12.36 -105.49 4.63
N VAL Z 153 13.18 -105.25 3.62
CA VAL Z 153 12.92 -105.75 2.28
C VAL Z 153 13.70 -107.05 2.01
N PHE Z 154 15.00 -107.04 2.27
CA PHE Z 154 15.84 -108.20 2.00
C PHE Z 154 15.99 -109.09 3.23
N GLY Z 155 16.53 -108.54 4.31
CA GLY Z 155 16.75 -109.31 5.52
C GLY Z 155 18.20 -109.25 5.99
N SER Z 156 18.76 -110.41 6.31
CA SER Z 156 20.13 -110.50 6.80
C SER Z 156 21.05 -111.29 5.87
N CYS Z 157 20.58 -112.39 5.30
CA CYS Z 157 21.40 -113.22 4.42
C CYS Z 157 20.51 -113.89 3.40
N PRO Z 158 20.30 -113.26 2.24
CA PRO Z 158 19.48 -113.88 1.19
C PRO Z 158 20.26 -114.90 0.37
N ARG Z 159 19.63 -115.41 -0.69
CA ARG Z 159 20.29 -116.37 -1.57
C ARG Z 159 21.38 -115.69 -2.40
N LYS Z 160 22.10 -116.49 -3.18
CA LYS Z 160 23.19 -116.01 -4.01
C LYS Z 160 22.92 -116.30 -5.48
N ASN Z 161 21.69 -116.07 -5.92
CA ASN Z 161 21.31 -116.28 -7.32
C ASN Z 161 20.52 -115.13 -7.92
N MET Z 162 20.16 -114.12 -7.15
CA MET Z 162 19.34 -113.02 -7.65
C MET Z 162 20.17 -112.07 -8.51
N GLN Z 163 19.49 -111.40 -9.44
CA GLN Z 163 20.07 -110.34 -10.24
C GLN Z 163 19.22 -109.08 -10.07
N ILE Z 164 19.89 -107.96 -9.80
CA ILE Z 164 19.21 -106.72 -9.47
C ILE Z 164 19.58 -105.67 -10.52
N THR Z 165 18.56 -105.03 -11.09
CA THR Z 165 18.73 -103.95 -12.06
C THR Z 165 18.03 -102.71 -11.55
N ILE Z 166 18.74 -101.59 -11.55
CA ILE Z 166 18.22 -100.32 -11.03
C ILE Z 166 18.30 -99.28 -12.14
N LEU Z 167 17.20 -98.56 -12.34
CA LEU Z 167 17.12 -97.48 -13.32
C LEU Z 167 16.72 -96.20 -12.61
N THR Z 168 17.54 -95.16 -12.76
CA THR Z 168 17.30 -93.89 -12.09
C THR Z 168 17.73 -92.75 -13.01
N CYS Z 169 17.19 -91.57 -12.73
CA CYS Z 169 17.51 -90.36 -13.48
C CYS Z 169 18.00 -89.27 -12.53
N ARG Z 170 19.05 -88.56 -12.93
CA ARG Z 170 19.62 -87.48 -12.15
C ARG Z 170 19.72 -86.24 -13.01
N HIS Z 171 19.76 -85.09 -12.35
CA HIS Z 171 19.91 -83.82 -13.05
C HIS Z 171 21.24 -83.76 -13.77
N VAL Z 172 21.24 -83.11 -14.94
CA VAL Z 172 22.46 -83.03 -15.74
C VAL Z 172 23.54 -82.22 -15.06
N THR Z 173 23.17 -81.34 -14.12
CA THR Z 173 24.18 -80.52 -13.44
C THR Z 173 24.82 -81.28 -12.30
N ASP Z 174 25.23 -82.51 -12.56
CA ASP Z 174 25.99 -83.33 -11.63
C ASP Z 174 27.27 -83.87 -12.25
N TYR Z 175 27.23 -84.22 -13.53
CA TYR Z 175 28.43 -84.68 -14.22
C TYR Z 175 29.45 -83.57 -14.29
N LYS Z 176 30.70 -83.89 -13.91
CA LYS Z 176 31.79 -82.92 -13.87
C LYS Z 176 32.76 -83.21 -15.01
N THR Z 177 33.11 -82.17 -15.76
CA THR Z 177 34.03 -82.32 -16.87
C THR Z 177 34.67 -80.96 -17.16
N SER Z 178 35.77 -81.00 -17.91
CA SER Z 178 36.48 -79.77 -18.26
C SER Z 178 35.61 -78.86 -19.10
N GLU Z 179 34.86 -79.42 -20.05
CA GLU Z 179 33.97 -78.62 -20.88
C GLU Z 179 32.77 -78.14 -20.05
N SER Z 180 32.07 -77.16 -20.61
CA SER Z 180 30.90 -76.60 -19.93
C SER Z 180 29.78 -77.63 -19.82
N THR Z 181 29.10 -77.62 -18.68
CA THR Z 181 27.99 -78.55 -18.48
C THR Z 181 26.86 -78.29 -19.48
N GLY Z 182 26.55 -77.02 -19.73
CA GLY Z 182 25.54 -76.70 -20.73
C GLY Z 182 25.94 -77.12 -22.12
N SER Z 183 27.22 -76.99 -22.45
CA SER Z 183 27.71 -77.37 -23.77
C SER Z 183 27.73 -78.88 -23.98
N LEU Z 184 27.50 -79.67 -22.94
CA LEU Z 184 27.49 -81.12 -23.08
C LEU Z 184 26.32 -81.56 -23.96
N PRO Z 185 26.44 -82.72 -24.62
CA PRO Z 185 25.38 -83.16 -25.54
C PRO Z 185 24.08 -83.55 -24.84
N SER Z 186 23.14 -84.06 -25.63
CA SER Z 186 21.83 -84.47 -25.11
C SER Z 186 21.98 -85.50 -24.01
N PRO Z 187 20.92 -85.74 -23.23
CA PRO Z 187 21.00 -86.73 -22.15
C PRO Z 187 21.44 -88.10 -22.66
N PHE Z 188 22.28 -88.75 -21.87
CA PHE Z 188 22.91 -90.01 -22.23
C PHE Z 188 22.73 -91.00 -21.10
N LEU Z 189 23.36 -92.18 -21.25
CA LEU Z 189 23.24 -93.26 -20.28
C LEU Z 189 24.62 -93.67 -19.79
N ARG Z 190 24.73 -93.86 -18.47
CA ARG Z 190 25.95 -94.35 -17.84
C ARG Z 190 25.60 -95.51 -16.92
N ALA Z 191 26.56 -96.41 -16.72
CA ALA Z 191 26.33 -97.62 -15.96
C ALA Z 191 27.43 -97.86 -14.94
N LEU Z 192 27.08 -98.55 -13.87
CA LEU Z 192 28.03 -98.97 -12.84
C LEU Z 192 27.73 -100.43 -12.50
N LYS Z 193 28.70 -101.30 -12.72
CA LYS Z 193 28.52 -102.74 -12.55
C LYS Z 193 29.45 -103.26 -11.46
N THR Z 194 28.96 -104.22 -10.69
CA THR Z 194 29.73 -104.83 -9.63
C THR Z 194 30.71 -105.86 -10.19
N GLN Z 195 31.57 -106.37 -9.30
CA GLN Z 195 32.58 -107.33 -9.73
C GLN Z 195 31.95 -108.62 -10.25
N ASN Z 196 30.92 -109.12 -9.58
CA ASN Z 196 30.29 -110.38 -9.95
C ASN Z 196 29.22 -110.16 -11.02
N PHE Z 197 29.65 -109.66 -12.16
CA PHE Z 197 28.76 -109.41 -13.30
C PHE Z 197 29.46 -109.87 -14.57
N LYS Z 198 29.16 -111.09 -15.01
CA LYS Z 198 29.80 -111.64 -16.20
C LYS Z 198 29.35 -110.92 -17.46
N ASP Z 199 28.10 -110.43 -17.48
CA ASP Z 199 27.59 -109.74 -18.67
C ASP Z 199 28.32 -108.43 -18.88
N SER Z 200 28.40 -108.02 -20.15
CA SER Z 200 29.07 -106.79 -20.52
C SER Z 200 28.16 -105.59 -20.30
N ALA Z 201 28.65 -104.41 -20.65
CA ALA Z 201 27.92 -103.16 -20.48
C ALA Z 201 27.56 -102.57 -21.84
N CYS Z 202 26.35 -102.00 -21.93
CA CYS Z 202 25.85 -101.44 -23.16
C CYS Z 202 26.14 -99.95 -23.30
N CYS Z 203 26.88 -99.36 -22.35
CA CYS Z 203 27.20 -97.94 -22.38
C CYS Z 203 28.47 -97.73 -21.57
N PRO Z 204 29.21 -96.65 -21.84
CA PRO Z 204 30.43 -96.38 -21.06
C PRO Z 204 30.11 -96.20 -19.58
N LEU Z 205 31.04 -96.66 -18.75
CA LEU Z 205 30.87 -96.57 -17.30
C LEU Z 205 31.14 -95.14 -16.83
N LEU Z 206 30.58 -94.82 -15.66
CA LEU Z 206 30.75 -93.49 -15.09
C LEU Z 206 32.21 -93.23 -14.75
N GLU Z 207 32.63 -91.97 -14.91
CA GLU Z 207 34.01 -91.60 -14.64
C GLU Z 207 34.28 -91.52 -13.15
N GLN Z 208 35.56 -91.47 -12.80
CA GLN Z 208 35.98 -91.46 -11.40
C GLN Z 208 35.44 -90.27 -10.61
N PRO Z 209 35.51 -89.01 -11.08
CA PRO Z 209 35.11 -87.90 -10.22
C PRO Z 209 33.64 -87.88 -9.83
N ASN Z 210 32.79 -88.62 -10.55
CA ASN Z 210 31.36 -88.61 -10.27
C ASN Z 210 30.98 -89.79 -9.39
N ILE Z 211 30.13 -89.52 -8.39
CA ILE Z 211 29.64 -90.54 -7.47
C ILE Z 211 28.13 -90.38 -7.33
N VAL Z 212 27.50 -91.45 -6.87
CA VAL Z 212 26.04 -91.50 -6.70
C VAL Z 212 25.74 -91.98 -5.30
N HIS Z 213 24.72 -91.39 -4.67
CA HIS Z 213 24.38 -91.71 -3.30
C HIS Z 213 22.91 -92.11 -3.17
N ASP Z 214 22.43 -92.20 -1.93
CA ASP Z 214 21.03 -92.43 -1.60
C ASP Z 214 20.65 -93.88 -1.93
N LEU Z 215 19.38 -94.13 -2.25
CA LEU Z 215 18.87 -95.50 -2.33
C LEU Z 215 19.58 -96.37 -3.38
N PRO Z 216 19.81 -95.91 -4.61
CA PRO Z 216 20.57 -96.77 -5.55
C PRO Z 216 21.94 -97.14 -5.02
N ALA Z 217 22.63 -96.20 -4.37
CA ALA Z 217 23.93 -96.50 -3.79
C ALA Z 217 23.80 -97.51 -2.67
N ALA Z 218 22.77 -97.39 -1.83
CA ALA Z 218 22.58 -98.36 -0.76
C ALA Z 218 22.34 -99.76 -1.32
N VAL Z 219 21.50 -99.86 -2.36
CA VAL Z 219 21.22 -101.16 -2.96
C VAL Z 219 22.48 -101.76 -3.56
N LEU Z 220 23.24 -100.94 -4.29
CA LEU Z 220 24.47 -101.44 -4.89
C LEU Z 220 25.49 -101.86 -3.83
N SER Z 221 25.60 -101.10 -2.75
CA SER Z 221 26.52 -101.44 -1.68
C SER Z 221 26.13 -102.76 -1.01
N TYR Z 222 24.83 -102.95 -0.75
CA TYR Z 222 24.38 -104.20 -0.15
C TYR Z 222 24.66 -105.37 -1.07
N CYS Z 223 24.38 -105.20 -2.37
CA CYS Z 223 24.63 -106.27 -3.32
C CYS Z 223 26.12 -106.61 -3.40
N GLN Z 224 26.98 -105.58 -3.40
CA GLN Z 224 28.41 -105.82 -3.46
C GLN Z 224 28.92 -106.51 -2.21
N VAL Z 225 28.46 -106.08 -1.03
CA VAL Z 225 28.98 -106.64 0.21
C VAL Z 225 28.44 -108.05 0.46
N TRP Z 226 27.27 -108.39 -0.09
CA TRP Z 226 26.72 -109.73 0.10
C TRP Z 226 27.01 -110.66 -1.07
N LYS Z 227 27.86 -110.24 -2.01
CA LYS Z 227 28.38 -111.10 -3.07
C LYS Z 227 27.25 -111.66 -3.95
N ILE Z 228 26.45 -110.76 -4.49
CA ILE Z 228 25.41 -111.13 -5.44
C ILE Z 228 25.51 -110.21 -6.66
N PRO Z 229 25.12 -110.67 -7.85
CA PRO Z 229 25.25 -109.82 -9.03
C PRO Z 229 24.33 -108.60 -8.95
N ALA Z 230 24.78 -107.52 -9.59
CA ALA Z 230 24.02 -106.27 -9.61
C ALA Z 230 24.46 -105.45 -10.81
N ILE Z 231 23.61 -104.48 -11.17
CA ILE Z 231 23.90 -103.55 -12.26
C ILE Z 231 23.14 -102.27 -12.00
N LEU Z 232 23.77 -101.13 -12.29
CA LEU Z 232 23.19 -99.82 -12.07
C LEU Z 232 23.15 -99.05 -13.38
N TYR Z 233 22.05 -98.34 -13.60
CA TYR Z 233 21.88 -97.53 -14.81
C TYR Z 233 21.43 -96.13 -14.41
N LEU Z 234 22.09 -95.12 -14.94
CA LEU Z 234 21.81 -93.73 -14.64
C LEU Z 234 21.49 -92.97 -15.91
N CYS Z 235 20.73 -91.88 -15.77
CA CYS Z 235 20.38 -91.01 -16.88
C CYS Z 235 20.61 -89.56 -16.44
N TYR Z 236 21.47 -88.85 -17.14
CA TYR Z 236 21.81 -87.47 -16.80
C TYR Z 236 20.98 -86.49 -17.62
N THR Z 237 19.67 -86.53 -17.38
CA THR Z 237 18.77 -85.64 -18.09
C THR Z 237 18.88 -84.21 -17.59
N ASP Z 238 18.50 -83.27 -18.45
CA ASP Z 238 18.50 -81.85 -18.10
C ASP Z 238 17.16 -81.35 -17.59
N VAL Z 239 16.11 -82.17 -17.64
CA VAL Z 239 14.78 -81.78 -17.20
C VAL Z 239 14.25 -82.84 -16.24
N MET Z 240 13.73 -82.40 -15.10
CA MET Z 240 13.23 -83.32 -14.09
C MET Z 240 11.75 -83.65 -14.28
N LYS Z 241 10.98 -82.75 -14.87
CA LYS Z 241 9.58 -83.04 -15.15
C LYS Z 241 9.48 -84.16 -16.18
N LEU Z 242 8.49 -85.03 -15.98
CA LEU Z 242 8.32 -86.18 -16.87
C LEU Z 242 7.96 -85.71 -18.27
N ASP Z 243 8.54 -86.36 -19.27
CA ASP Z 243 8.33 -86.01 -20.67
C ASP Z 243 8.48 -87.28 -21.51
N LEU Z 244 8.69 -87.12 -22.81
CA LEU Z 244 8.82 -88.23 -23.73
C LEU Z 244 10.25 -88.48 -24.19
N ILE Z 245 11.05 -87.43 -24.36
CA ILE Z 245 12.41 -87.61 -24.88
C ILE Z 245 13.26 -88.41 -23.89
N THR Z 246 13.23 -88.02 -22.62
CA THR Z 246 14.08 -88.68 -21.63
C THR Z 246 13.68 -90.14 -21.43
N VAL Z 247 12.38 -90.42 -21.35
CA VAL Z 247 11.95 -91.80 -21.17
C VAL Z 247 12.21 -92.62 -22.43
N GLU Z 248 12.17 -91.99 -23.61
CA GLU Z 248 12.51 -92.70 -24.84
C GLU Z 248 14.01 -92.98 -24.91
N ALA Z 249 14.82 -92.14 -24.26
CA ALA Z 249 16.27 -92.34 -24.28
C ALA Z 249 16.69 -93.66 -23.65
N PHE Z 250 15.81 -94.29 -22.85
CA PHE Z 250 16.11 -95.55 -22.20
C PHE Z 250 15.98 -96.75 -23.14
N LYS Z 251 15.88 -96.51 -24.45
CA LYS Z 251 15.69 -97.61 -25.40
C LYS Z 251 16.80 -98.65 -25.39
N PRO Z 252 18.09 -98.28 -25.39
CA PRO Z 252 19.14 -99.32 -25.50
C PRO Z 252 19.19 -100.28 -24.31
N ILE Z 253 18.43 -100.04 -23.25
CA ILE Z 253 18.44 -100.95 -22.10
C ILE Z 253 17.86 -102.31 -22.49
N LEU Z 254 16.86 -102.34 -23.37
CA LEU Z 254 16.14 -103.58 -23.66
C LEU Z 254 16.91 -104.46 -24.64
N SER Z 255 18.17 -104.77 -24.33
CA SER Z 255 18.95 -105.67 -25.17
C SER Z 255 19.84 -106.61 -24.35
N THR Z 256 19.63 -106.75 -23.05
CA THR Z 256 20.46 -107.57 -22.18
C THR Z 256 19.61 -108.64 -21.52
N ARG Z 257 20.30 -109.64 -20.96
CA ARG Z 257 19.63 -110.72 -20.25
C ARG Z 257 18.95 -110.26 -18.97
N SER Z 258 19.27 -109.06 -18.48
CA SER Z 258 18.58 -108.53 -17.30
C SER Z 258 17.10 -108.32 -17.59
N LEU Z 259 16.77 -107.81 -18.77
CA LEU Z 259 15.38 -107.66 -19.18
C LEU Z 259 15.33 -107.87 -20.70
N LYS Z 260 15.06 -109.09 -21.11
CA LYS Z 260 15.00 -109.44 -22.54
C LYS Z 260 13.64 -109.96 -22.96
N GLY Z 261 13.10 -110.96 -22.26
CA GLY Z 261 11.84 -111.57 -22.63
C GLY Z 261 10.60 -110.90 -22.11
N LEU Z 262 10.74 -109.76 -21.43
CA LEU Z 262 9.60 -109.05 -20.86
C LEU Z 262 9.01 -108.02 -21.82
N VAL Z 263 9.62 -107.80 -22.98
CA VAL Z 263 9.12 -106.85 -23.98
C VAL Z 263 8.43 -107.64 -25.09
N LYS Z 264 7.18 -107.30 -25.35
CA LYS Z 264 6.41 -108.00 -26.38
C LYS Z 264 5.60 -107.09 -27.30
N ASN Z 265 5.50 -105.79 -27.03
CA ASN Z 265 4.69 -104.90 -27.87
C ASN Z 265 5.25 -103.49 -27.72
N ILE Z 266 6.04 -103.06 -28.69
CA ILE Z 266 6.70 -101.76 -28.69
C ILE Z 266 5.75 -100.63 -29.10
N PRO Z 267 5.06 -100.71 -30.26
CA PRO Z 267 4.31 -99.52 -30.71
C PRO Z 267 3.10 -99.20 -29.83
N GLN Z 268 2.35 -100.21 -29.39
CA GLN Z 268 1.21 -99.94 -28.51
C GLN Z 268 1.68 -99.37 -27.17
N SER Z 269 2.82 -99.87 -26.68
CA SER Z 269 3.38 -99.32 -25.45
C SER Z 269 3.80 -97.87 -25.64
N THR Z 270 4.39 -97.55 -26.79
CA THR Z 270 4.73 -96.15 -27.06
C THR Z 270 3.49 -95.28 -27.13
N GLU Z 271 2.42 -95.79 -27.74
CA GLU Z 271 1.17 -95.03 -27.82
C GLU Z 271 0.59 -94.80 -26.42
N ILE Z 272 0.60 -95.82 -25.57
CA ILE Z 272 0.04 -95.64 -24.23
C ILE Z 272 0.94 -94.73 -23.40
N LEU Z 273 2.25 -94.75 -23.63
CA LEU Z 273 3.13 -93.80 -22.97
C LEU Z 273 2.82 -92.37 -23.40
N LYS Z 274 2.58 -92.17 -24.69
CA LYS Z 274 2.17 -90.85 -25.17
C LYS Z 274 0.86 -90.42 -24.53
N LYS Z 275 -0.09 -91.34 -24.42
CA LYS Z 275 -1.36 -91.01 -23.77
C LYS Z 275 -1.16 -90.64 -22.31
N LEU Z 276 -0.29 -91.39 -21.61
CA LEU Z 276 -0.03 -91.08 -20.20
C LEU Z 276 0.63 -89.72 -20.04
N MET Z 277 1.58 -89.39 -20.92
CA MET Z 277 2.19 -88.07 -20.87
C MET Z 277 1.20 -86.99 -21.24
N THR Z 278 0.20 -87.33 -22.06
CA THR Z 278 -0.84 -86.38 -22.45
C THR Z 278 -1.69 -85.92 -21.27
N THR Z 279 -1.66 -86.67 -20.16
CA THR Z 279 -2.45 -86.29 -19.00
C THR Z 279 -2.04 -84.94 -18.43
N ASN Z 280 -0.85 -84.45 -18.78
CA ASN Z 280 -0.38 -83.11 -18.41
C ASN Z 280 -0.35 -82.94 -16.89
N GLU Z 281 0.56 -83.71 -16.28
CA GLU Z 281 0.76 -83.65 -14.83
C GLU Z 281 1.07 -82.21 -14.40
N ILE Z 282 0.74 -81.91 -13.15
CA ILE Z 282 0.87 -80.53 -12.66
C ILE Z 282 2.34 -80.12 -12.68
N GLN Z 283 2.67 -79.16 -13.53
CA GLN Z 283 4.03 -78.67 -13.66
C GLN Z 283 4.28 -77.58 -12.63
N SER Z 284 5.40 -76.86 -12.77
CA SER Z 284 5.76 -75.80 -11.85
C SER Z 284 5.30 -74.46 -12.40
N ASN Z 285 4.58 -73.70 -11.58
CA ASN Z 285 4.12 -72.37 -11.95
C ASN Z 285 5.09 -71.27 -11.58
N ILE Z 286 6.24 -71.62 -10.98
CA ILE Z 286 7.25 -70.62 -10.69
C ILE Z 286 7.79 -70.01 -11.97
N TYR Z 287 8.04 -70.84 -12.98
CA TYR Z 287 8.50 -70.39 -14.28
C TYR Z 287 7.31 -70.07 -15.17
N THR Z 288 7.56 -69.83 -16.45
CA THR Z 288 6.49 -69.53 -17.39
C THR Z 288 5.90 -70.80 -17.97
N MET AA 1 29.93 -105.25 10.81
CA MET AA 1 31.14 -105.97 11.18
C MET AA 1 32.16 -105.94 10.05
N PHE AA 2 33.18 -106.79 10.14
CA PHE AA 2 34.24 -106.88 9.13
C PHE AA 2 33.90 -108.04 8.21
N VAL AA 3 33.42 -107.71 7.02
CA VAL AA 3 33.07 -108.70 6.00
C VAL AA 3 34.27 -108.86 5.07
N PRO AA 4 34.93 -110.01 5.04
CA PRO AA 4 36.08 -110.18 4.13
C PRO AA 4 35.66 -110.17 2.68
N CYS AA 5 36.57 -109.67 1.83
CA CYS AA 5 36.33 -109.71 0.39
C CYS AA 5 36.31 -111.13 -0.14
N GLY AA 6 37.23 -111.97 0.35
CA GLY AA 6 37.30 -113.36 -0.06
C GLY AA 6 36.38 -114.25 0.75
N GLU AA 7 36.48 -115.55 0.50
CA GLU AA 7 35.66 -116.51 1.22
C GLU AA 7 35.98 -116.52 2.71
N SER AA 8 37.26 -116.44 3.06
CA SER AA 8 37.71 -116.45 4.44
C SER AA 8 38.21 -115.07 4.84
N ALA AA 9 38.33 -114.86 6.14
CA ALA AA 9 38.78 -113.58 6.69
C ALA AA 9 40.20 -113.71 7.21
N PRO AA 10 41.18 -113.04 6.60
CA PRO AA 10 42.54 -113.05 7.15
C PRO AA 10 42.57 -112.41 8.53
N ASP AA 11 43.44 -112.95 9.39
CA ASP AA 11 43.54 -112.50 10.77
C ASP AA 11 44.73 -111.55 10.91
N LEU AA 12 44.51 -110.42 11.56
CA LEU AA 12 45.55 -109.43 11.83
C LEU AA 12 46.03 -109.63 13.27
N ALA AA 13 47.27 -110.07 13.42
CA ALA AA 13 47.85 -110.31 14.74
C ALA AA 13 48.81 -109.17 15.06
N GLY AA 14 48.35 -108.24 15.89
CA GLY AA 14 49.16 -107.11 16.30
C GLY AA 14 49.54 -106.20 15.15
N PHE AA 15 48.57 -105.55 14.54
CA PHE AA 15 48.78 -104.67 13.41
C PHE AA 15 48.43 -103.24 13.79
N THR AA 16 49.29 -102.30 13.41
CA THR AA 16 49.03 -100.89 13.69
C THR AA 16 47.86 -100.39 12.85
N LEU AA 17 46.94 -99.68 13.49
CA LEU AA 17 45.74 -99.19 12.81
C LEU AA 17 45.95 -97.79 12.28
N LEU AA 18 45.27 -97.49 11.19
CA LEU AA 18 45.30 -96.19 10.52
C LEU AA 18 43.89 -95.75 10.15
N MET AA 19 42.99 -95.78 11.14
CA MET AA 19 41.62 -95.33 10.89
C MET AA 19 41.54 -93.80 11.01
N PRO AA 20 40.78 -93.14 10.12
CA PRO AA 20 40.60 -91.69 10.23
C PRO AA 20 39.39 -91.32 11.08
N ALA AA 21 39.13 -90.01 11.21
CA ALA AA 21 37.98 -89.52 11.94
C ALA AA 21 37.42 -88.31 11.22
N VAL AA 22 36.09 -88.22 11.17
CA VAL AA 22 35.45 -87.10 10.49
C VAL AA 22 35.65 -85.82 11.27
N SER AA 23 36.01 -84.76 10.58
CA SER AA 23 36.24 -83.46 11.19
C SER AA 23 36.18 -82.40 10.10
N VAL AA 24 36.29 -81.13 10.52
CA VAL AA 24 36.18 -80.03 9.57
C VAL AA 24 37.31 -80.09 8.56
N GLY AA 25 36.96 -79.89 7.29
CA GLY AA 25 37.93 -79.88 6.22
C GLY AA 25 38.27 -81.24 5.65
N ASN AA 26 37.85 -82.32 6.29
CA ASN AA 26 38.18 -83.69 5.85
C ASN AA 26 39.69 -83.86 5.71
N VAL AA 27 40.44 -83.21 6.62
CA VAL AA 27 41.89 -83.23 6.53
C VAL AA 27 42.42 -84.65 6.75
N GLY AA 28 41.89 -85.34 7.76
CA GLY AA 28 42.32 -86.70 8.00
C GLY AA 28 42.00 -87.63 6.85
N GLN AA 29 40.81 -87.49 6.27
CA GLN AA 29 40.44 -88.33 5.13
C GLN AA 29 41.34 -88.07 3.94
N LEU AA 30 41.64 -86.80 3.65
CA LEU AA 30 42.54 -86.49 2.54
C LEU AA 30 43.94 -87.03 2.79
N ALA AA 31 44.45 -86.86 4.01
CA ALA AA 31 45.79 -87.35 4.34
C ALA AA 31 45.86 -88.86 4.21
N MET AA 32 44.83 -89.57 4.68
CA MET AA 32 44.86 -91.02 4.64
C MET AA 32 44.63 -91.54 3.23
N ASP AA 33 43.88 -90.80 2.40
CA ASP AA 33 43.80 -91.11 0.98
C ASP AA 33 45.18 -90.99 0.33
N LEU AA 34 45.91 -89.93 0.67
CA LEU AA 34 47.29 -89.80 0.18
C LEU AA 34 48.14 -90.97 0.63
N ILE AA 35 47.99 -91.38 1.89
CA ILE AA 35 48.78 -92.50 2.41
C ILE AA 35 48.48 -93.78 1.65
N ILE AA 36 47.20 -94.06 1.42
CA ILE AA 36 46.81 -95.26 0.69
C ILE AA 36 47.36 -95.22 -0.72
N SER AA 37 47.26 -94.06 -1.38
CA SER AA 37 47.73 -93.95 -2.76
C SER AA 37 49.25 -94.09 -2.86
N THR AA 38 49.98 -93.61 -1.86
CA THR AA 38 51.44 -93.63 -1.93
C THR AA 38 52.05 -94.93 -1.44
N LEU AA 39 51.34 -95.68 -0.58
CA LEU AA 39 51.87 -96.97 -0.11
C LEU AA 39 51.56 -98.11 -1.06
N ASN AA 40 50.71 -97.89 -2.06
CA ASN AA 40 50.38 -98.90 -3.08
C ASN AA 40 49.88 -100.19 -2.42
N MET AA 41 49.03 -100.05 -1.41
CA MET AA 41 48.45 -101.21 -0.74
C MET AA 41 47.25 -101.72 -1.53
N SER AA 42 46.65 -102.81 -1.03
CA SER AA 42 45.54 -103.46 -1.71
C SER AA 42 44.42 -103.75 -0.73
N LYS AA 43 43.21 -103.85 -1.26
CA LYS AA 43 42.04 -104.11 -0.44
C LYS AA 43 41.95 -105.58 -0.08
N ILE AA 44 41.57 -105.85 1.17
CA ILE AA 44 41.40 -107.22 1.64
C ILE AA 44 39.99 -107.53 2.09
N GLY AA 45 39.18 -106.53 2.41
CA GLY AA 45 37.83 -106.79 2.89
C GLY AA 45 37.00 -105.54 2.92
N TYR AA 46 35.81 -105.68 3.51
CA TYR AA 46 34.86 -104.58 3.60
C TYR AA 46 34.36 -104.45 5.04
N PHE AA 47 33.99 -103.22 5.41
CA PHE AA 47 33.36 -102.93 6.68
C PHE AA 47 31.93 -102.49 6.41
N TYR AA 48 30.97 -103.18 7.00
CA TYR AA 48 29.55 -102.94 6.75
C TYR AA 48 28.84 -102.62 8.05
N THR AA 49 28.20 -101.46 8.10
CA THR AA 49 27.39 -101.06 9.24
C THR AA 49 26.39 -100.01 8.78
N ASP AA 50 25.27 -99.93 9.51
CA ASP AA 50 24.20 -98.99 9.17
C ASP AA 50 24.36 -97.66 9.88
N CYS AA 51 25.54 -97.06 9.76
CA CYS AA 51 25.81 -95.75 10.35
C CYS AA 51 26.24 -94.71 9.32
N LEU AA 52 27.12 -95.07 8.39
CA LEU AA 52 27.53 -94.14 7.35
C LEU AA 52 26.43 -94.01 6.29
N VAL AA 53 26.31 -92.81 5.73
CA VAL AA 53 25.37 -92.59 4.65
C VAL AA 53 25.84 -93.39 3.45
N PRO AA 54 25.02 -94.29 2.90
CA PRO AA 54 25.48 -95.14 1.80
C PRO AA 54 25.87 -94.33 0.58
N MET AA 55 26.95 -94.75 -0.08
CA MET AA 55 27.45 -94.09 -1.27
C MET AA 55 28.34 -95.08 -2.02
N VAL AA 56 28.19 -95.11 -3.34
CA VAL AA 56 28.97 -96.01 -4.17
C VAL AA 56 29.57 -95.21 -5.33
N GLY AA 57 30.70 -95.71 -5.81
CA GLY AA 57 31.38 -95.04 -6.91
C GLY AA 57 32.41 -95.97 -7.53
N ASN AA 58 33.12 -95.44 -8.52
CA ASN AA 58 34.14 -96.20 -9.22
C ASN AA 58 35.39 -96.31 -8.35
N ASN AA 59 36.45 -96.87 -8.90
CA ASN AA 59 37.69 -97.05 -8.15
C ASN AA 59 38.38 -95.70 -7.95
N PRO AA 60 38.62 -95.27 -6.71
CA PRO AA 60 39.33 -94.01 -6.49
C PRO AA 60 40.83 -94.09 -6.73
N TYR AA 61 41.38 -95.29 -6.91
CA TYR AA 61 42.80 -95.49 -7.13
C TYR AA 61 43.06 -96.11 -8.50
N ALA AA 62 42.35 -95.62 -9.52
CA ALA AA 62 42.45 -96.16 -10.87
C ALA AA 62 43.78 -95.72 -11.48
N THR AA 63 44.85 -96.39 -11.05
CA THR AA 63 46.17 -96.11 -11.60
C THR AA 63 46.23 -96.46 -13.08
N THR AA 64 45.77 -97.65 -13.44
CA THR AA 64 45.67 -98.06 -14.83
C THR AA 64 44.32 -98.70 -15.11
N GLU AA 65 44.10 -99.17 -16.33
CA GLU AA 65 42.83 -99.78 -16.69
C GLU AA 65 42.64 -101.15 -16.06
N GLY AA 66 43.68 -101.73 -15.47
CA GLY AA 66 43.53 -103.03 -14.84
C GLY AA 66 42.61 -103.01 -13.65
N ASN AA 67 42.71 -101.97 -12.81
CA ASN AA 67 41.88 -101.83 -11.63
C ASN AA 67 40.98 -100.60 -11.70
N SER AA 68 40.76 -100.06 -12.90
CA SER AA 68 39.94 -98.87 -13.06
C SER AA 68 38.45 -99.18 -13.12
N THR AA 69 38.06 -100.46 -13.09
CA THR AA 69 36.65 -100.85 -13.19
C THR AA 69 36.32 -101.71 -11.98
N GLU AA 70 35.98 -101.06 -10.87
CA GLU AA 70 35.55 -101.73 -9.64
C GLU AA 70 34.64 -100.78 -8.88
N LEU AA 71 33.87 -101.34 -7.96
CA LEU AA 71 33.02 -100.55 -7.08
C LEU AA 71 33.80 -100.13 -5.84
N SER AA 72 33.23 -99.17 -5.11
CA SER AA 72 33.88 -98.64 -3.90
C SER AA 72 32.78 -98.19 -2.95
N ILE AA 73 32.52 -98.99 -1.93
CA ILE AA 73 31.54 -98.64 -0.90
C ILE AA 73 32.14 -97.58 0.01
N ASN AA 74 31.31 -96.98 0.86
CA ASN AA 74 31.78 -95.87 1.69
C ASN AA 74 32.89 -96.31 2.64
N ALA AA 75 32.74 -97.48 3.25
CA ALA AA 75 33.71 -97.99 4.20
C ALA AA 75 34.39 -99.22 3.63
N GLU AA 76 35.72 -99.19 3.57
CA GLU AA 76 36.50 -100.33 3.11
C GLU AA 76 37.85 -100.29 3.81
N VAL AA 77 38.51 -101.44 3.85
CA VAL AA 77 39.76 -101.60 4.57
C VAL AA 77 40.90 -101.78 3.59
N TYR AA 78 42.12 -101.73 4.10
CA TYR AA 78 43.33 -101.95 3.32
C TYR AA 78 44.39 -102.54 4.24
N SER AA 79 45.37 -103.21 3.63
CA SER AA 79 46.39 -103.88 4.41
C SER AA 79 47.68 -103.98 3.61
N LEU AA 80 48.78 -104.20 4.34
CA LEU AA 80 50.09 -104.41 3.73
C LEU AA 80 50.83 -105.40 4.61
N PRO AA 81 50.81 -106.69 4.28
CA PRO AA 81 51.45 -107.72 5.12
C PRO AA 81 52.96 -107.74 5.02
N SER AA 82 53.58 -106.58 5.20
CA SER AA 82 55.03 -106.45 5.19
C SER AA 82 55.57 -105.77 6.43
N ARG AA 83 54.87 -104.77 6.97
CA ARG AA 83 55.29 -104.09 8.18
C ARG AA 83 54.11 -103.79 9.10
N LYS AA 84 53.07 -104.62 9.03
CA LYS AA 84 51.93 -104.57 9.95
C LYS AA 84 51.24 -103.21 9.90
N LEU AA 85 50.67 -102.92 8.73
CA LEU AA 85 49.95 -101.67 8.50
C LEU AA 85 48.59 -101.98 7.90
N VAL AA 86 47.53 -101.45 8.53
CA VAL AA 86 46.17 -101.54 8.01
C VAL AA 86 45.51 -100.18 8.21
N ALA AA 87 44.68 -99.78 7.25
CA ALA AA 87 44.07 -98.46 7.27
C ALA AA 87 42.59 -98.54 6.94
N LEU AA 88 41.85 -97.55 7.43
CA LEU AA 88 40.44 -97.37 7.09
C LEU AA 88 40.30 -96.17 6.18
N GLN AA 89 39.21 -96.16 5.41
CA GLN AA 89 39.01 -95.14 4.39
C GLN AA 89 37.56 -94.63 4.46
N LEU AA 90 37.13 -94.24 5.65
CA LEU AA 90 35.82 -93.61 5.80
C LEU AA 90 35.74 -92.36 4.94
N ARG AA 91 34.70 -92.28 4.11
CA ARG AA 91 34.59 -91.18 3.15
C ARG AA 91 33.17 -90.65 3.06
N SER AA 92 32.40 -90.75 4.15
CA SER AA 92 31.02 -90.26 4.16
C SER AA 92 30.73 -89.60 5.51
N ILE AA 93 29.65 -88.84 5.55
CA ILE AA 93 29.22 -88.18 6.78
C ILE AA 93 28.47 -89.17 7.64
N PHE AA 94 28.26 -88.83 8.90
CA PHE AA 94 27.60 -89.70 9.86
C PHE AA 94 26.12 -89.37 9.94
N ILE AA 95 25.28 -90.41 9.90
CA ILE AA 95 23.85 -90.22 10.13
C ILE AA 95 23.65 -89.79 11.58
N LYS AA 96 22.74 -88.83 11.78
CA LYS AA 96 22.54 -88.25 13.10
C LYS AA 96 22.08 -89.31 14.09
N TYR AA 97 22.53 -89.14 15.34
CA TYR AA 97 22.18 -90.02 16.45
C TYR AA 97 22.59 -91.47 16.18
N LYS AA 98 23.77 -91.64 15.57
CA LYS AA 98 24.32 -92.96 15.32
C LYS AA 98 25.81 -93.07 15.60
N SER AA 99 26.45 -92.02 16.11
CA SER AA 99 27.90 -92.06 16.34
C SER AA 99 28.27 -93.09 17.40
N LYS AA 100 27.50 -93.16 18.49
CA LYS AA 100 27.86 -94.05 19.58
C LYS AA 100 27.85 -95.52 19.19
N PRO AA 101 26.81 -96.06 18.54
CA PRO AA 101 26.88 -97.48 18.15
C PRO AA 101 28.04 -97.80 17.22
N PHE AA 102 28.36 -96.91 16.28
CA PHE AA 102 29.48 -97.16 15.38
C PHE AA 102 30.80 -97.18 16.15
N CYS AA 103 30.98 -96.25 17.08
CA CYS AA 103 32.20 -96.25 17.89
C CYS AA 103 32.29 -97.52 18.74
N GLU AA 104 31.17 -97.94 19.33
CA GLU AA 104 31.17 -99.16 20.13
C GLU AA 104 31.55 -100.37 19.28
N LYS AA 105 30.96 -100.49 18.08
CA LYS AA 105 31.26 -101.63 17.22
C LYS AA 105 32.71 -101.61 16.76
N LEU AA 106 33.24 -100.44 16.42
CA LEU AA 106 34.63 -100.36 15.99
C LEU AA 106 35.58 -100.71 17.11
N LEU AA 107 35.31 -100.22 18.33
CA LEU AA 107 36.16 -100.57 19.47
C LEU AA 107 36.07 -102.06 19.78
N SER AA 108 34.88 -102.66 19.65
CA SER AA 108 34.74 -104.09 19.85
C SER AA 108 35.56 -104.87 18.83
N TRP AA 109 35.53 -104.44 17.56
CA TRP AA 109 36.31 -105.12 16.54
C TRP AA 109 37.81 -104.96 16.80
N VAL AA 110 38.23 -103.77 17.25
CA VAL AA 110 39.63 -103.56 17.59
C VAL AA 110 40.06 -104.50 18.72
N LYS AA 111 39.22 -104.63 19.75
CA LYS AA 111 39.54 -105.53 20.85
C LYS AA 111 39.59 -106.98 20.39
N SER AA 112 38.64 -107.38 19.54
CA SER AA 112 38.58 -108.77 19.09
C SER AA 112 39.78 -109.12 18.21
N SER AA 113 40.15 -108.22 17.30
CA SER AA 113 41.25 -108.51 16.39
C SER AA 113 42.59 -108.63 17.10
N GLY AA 114 42.72 -108.07 18.29
CA GLY AA 114 43.98 -108.15 19.02
C GLY AA 114 45.12 -107.41 18.35
N CYS AA 115 44.85 -106.21 17.84
CA CYS AA 115 45.88 -105.43 17.16
C CYS AA 115 46.85 -104.83 18.17
N ALA AA 116 47.96 -104.29 17.65
CA ALA AA 116 49.02 -103.75 18.48
C ALA AA 116 48.80 -102.27 18.79
N ARG AA 117 48.71 -101.43 17.75
CA ARG AA 117 48.58 -99.99 17.92
C ARG AA 117 47.45 -99.46 17.05
N VAL AA 118 46.91 -98.31 17.46
CA VAL AA 118 45.88 -97.61 16.72
C VAL AA 118 46.29 -96.15 16.61
N ILE AA 119 46.15 -95.57 15.42
CA ILE AA 119 46.49 -94.17 15.18
C ILE AA 119 45.30 -93.48 14.55
N VAL AA 120 44.91 -92.34 15.13
CA VAL AA 120 43.75 -91.58 14.67
C VAL AA 120 44.24 -90.23 14.18
N LEU AA 121 43.85 -89.87 12.95
CA LEU AA 121 44.16 -88.58 12.37
C LEU AA 121 42.89 -87.77 12.23
N SER AA 122 42.90 -86.56 12.76
CA SER AA 122 41.72 -85.69 12.74
C SER AA 122 42.19 -84.25 12.65
N SER AA 123 41.26 -83.32 12.88
CA SER AA 123 41.54 -81.89 12.81
C SER AA 123 40.74 -81.18 13.89
N SER AA 124 40.80 -79.85 13.89
CA SER AA 124 40.09 -79.05 14.87
C SER AA 124 39.85 -77.66 14.29
N HIS AA 125 38.89 -76.97 14.89
CA HIS AA 125 38.59 -75.60 14.49
C HIS AA 125 39.75 -74.68 14.84
N SER AA 126 40.11 -73.80 13.89
CA SER AA 126 41.25 -72.91 14.10
C SER AA 126 40.89 -71.66 14.88
N TYR AA 127 39.68 -71.13 14.69
CA TYR AA 127 39.32 -69.87 15.32
C TYR AA 127 39.15 -70.00 16.83
N GLN AA 128 38.88 -71.20 17.34
CA GLN AA 128 38.74 -71.40 18.78
C GLN AA 128 40.10 -71.69 19.41
N ARG AA 129 40.98 -70.68 19.33
CA ARG AA 129 42.34 -70.78 19.85
C ARG AA 129 42.60 -69.61 20.79
N ASN AA 130 43.01 -69.90 22.01
CA ASN AA 130 43.37 -68.85 22.95
C ASN AA 130 44.69 -68.22 22.55
N ASP AA 131 45.06 -67.16 23.27
CA ASP AA 131 46.26 -66.40 22.92
C ASP AA 131 47.52 -67.25 23.02
N LEU AA 132 47.52 -68.26 23.89
CA LEU AA 132 48.69 -69.12 24.04
C LEU AA 132 48.96 -69.96 22.80
N GLN AA 133 47.95 -70.17 21.95
CA GLN AA 133 48.08 -71.02 20.78
C GLN AA 133 48.48 -70.26 19.52
N LEU AA 134 48.63 -68.93 19.58
CA LEU AA 134 48.93 -68.16 18.38
C LEU AA 134 50.40 -68.32 17.98
N ARG AA 135 51.32 -67.90 18.84
CA ARG AA 135 52.74 -67.96 18.50
C ARG AA 135 53.32 -69.35 18.75
N SER AA 136 52.66 -70.37 18.22
CA SER AA 136 53.12 -71.75 18.35
C SER AA 136 52.67 -72.54 17.13
N THR AA 137 53.34 -73.67 16.92
CA THR AA 137 53.02 -74.53 15.79
C THR AA 137 51.62 -75.13 15.97
N PRO AA 138 50.88 -75.32 14.87
CA PRO AA 138 49.54 -75.92 14.97
C PRO AA 138 49.58 -77.43 15.14
N PHE AA 139 50.64 -78.07 14.65
CA PHE AA 139 50.77 -79.51 14.79
C PHE AA 139 50.88 -79.89 16.26
N ARG AA 140 50.24 -81.00 16.63
CA ARG AA 140 50.18 -81.42 18.02
C ARG AA 140 49.97 -82.93 18.08
N TYR AA 141 49.81 -83.45 19.29
CA TYR AA 141 49.65 -84.88 19.49
C TYR AA 141 48.92 -85.13 20.80
N LEU AA 142 48.36 -86.33 20.91
CA LEU AA 142 47.66 -86.74 22.12
C LEU AA 142 47.65 -88.27 22.17
N LEU AA 143 47.92 -88.81 23.35
CA LEU AA 143 48.00 -90.25 23.53
C LEU AA 143 47.29 -90.66 24.82
N THR AA 144 46.66 -91.83 24.78
CA THR AA 144 46.00 -92.37 25.96
C THR AA 144 47.03 -92.83 26.99
N PRO AA 145 46.68 -92.82 28.28
CA PRO AA 145 47.65 -93.21 29.32
C PRO AA 145 47.92 -94.71 29.35
N SER AA 146 48.23 -95.28 28.19
CA SER AA 146 48.66 -96.67 28.09
C SER AA 146 49.85 -96.87 27.18
N MET AA 147 50.22 -95.87 26.39
CA MET AA 147 51.33 -95.96 25.44
C MET AA 147 52.57 -95.23 25.93
N GLN AA 148 52.52 -94.62 27.12
CA GLN AA 148 53.61 -93.78 27.59
C GLN AA 148 54.91 -94.56 27.72
N LYS AA 149 54.87 -95.68 28.45
CA LYS AA 149 56.09 -96.43 28.75
C LYS AA 149 56.74 -96.99 27.49
N SER AA 150 56.01 -97.03 26.37
CA SER AA 150 56.56 -97.61 25.14
C SER AA 150 57.30 -96.57 24.30
N VAL AA 151 56.63 -95.48 23.94
CA VAL AA 151 57.16 -94.58 22.92
C VAL AA 151 57.15 -93.13 23.43
N GLN AA 152 56.88 -92.94 24.72
CA GLN AA 152 56.87 -91.59 25.27
C GLN AA 152 58.26 -90.97 25.22
N ASN AA 153 59.29 -91.77 25.47
CA ASN AA 153 60.66 -91.24 25.39
C ASN AA 153 61.00 -90.81 23.97
N LYS AA 154 60.60 -91.61 22.98
CA LYS AA 154 60.85 -91.23 21.58
C LYS AA 154 60.08 -89.98 21.22
N ILE AA 155 58.84 -89.86 21.67
CA ILE AA 155 58.04 -88.67 21.38
C ILE AA 155 58.68 -87.43 22.01
N LYS AA 156 59.13 -87.55 23.26
CA LYS AA 156 59.80 -86.44 23.92
C LYS AA 156 61.10 -86.06 23.20
N SER AA 157 61.82 -87.07 22.69
CA SER AA 157 63.01 -86.78 21.90
C SER AA 157 62.65 -86.03 20.63
N LEU AA 158 61.53 -86.39 20.01
CA LEU AA 158 61.04 -85.65 18.85
C LEU AA 158 60.57 -84.24 19.20
N ASN AA 159 60.39 -83.95 20.49
CA ASN AA 159 60.04 -82.62 20.97
C ASN AA 159 58.70 -82.14 20.40
N TRP AA 160 57.66 -82.89 20.71
CA TRP AA 160 56.31 -82.53 20.30
C TRP AA 160 55.62 -81.72 21.40
N GLU AA 161 54.35 -81.40 21.19
CA GLU AA 161 53.62 -80.50 22.08
C GLU AA 161 52.33 -81.17 22.55
N GLU AA 162 52.16 -81.22 23.87
CA GLU AA 162 51.04 -81.91 24.51
C GLU AA 162 49.78 -81.05 24.49
N MET AA 163 48.63 -81.70 24.69
CA MET AA 163 47.37 -81.01 24.83
C MET AA 163 47.35 -80.12 26.06
N GLU AA 164 46.25 -79.38 26.21
CA GLU AA 164 46.03 -78.49 27.33
C GLU AA 164 44.79 -78.93 28.09
N LYS AA 165 44.92 -79.12 29.39
CA LYS AA 165 43.81 -79.57 30.22
C LYS AA 165 42.89 -78.40 30.55
N SER AA 166 41.86 -78.68 31.34
CA SER AA 166 40.91 -77.65 31.75
C SER AA 166 40.81 -77.57 33.26
N PHE AA 177 38.18 -80.56 35.34
CA PHE AA 177 39.38 -80.61 34.51
C PHE AA 177 39.31 -81.78 33.53
N CYS AA 178 38.72 -81.54 32.36
CA CYS AA 178 38.59 -82.56 31.33
C CYS AA 178 38.95 -81.97 29.98
N ILE AA 179 39.39 -82.84 29.07
CA ILE AA 179 39.79 -82.40 27.74
C ILE AA 179 38.55 -82.13 26.91
N ARG AA 180 38.66 -81.16 26.00
CA ARG AA 180 37.56 -80.78 25.13
C ARG AA 180 38.15 -80.16 23.87
N ILE AA 181 38.21 -80.93 22.80
CA ILE AA 181 38.73 -80.46 21.52
C ILE AA 181 37.54 -80.25 20.58
N PRO AA 182 37.24 -79.01 20.18
CA PRO AA 182 36.10 -78.80 19.27
C PRO AA 182 36.37 -79.38 17.90
N GLY AA 183 35.29 -79.82 17.25
CA GLY AA 183 35.37 -80.35 15.91
C GLY AA 183 35.84 -81.77 15.80
N GLY AA 184 36.09 -82.45 16.92
CA GLY AA 184 36.56 -83.82 16.85
C GLY AA 184 35.52 -84.76 16.27
N GLY AA 185 34.25 -84.59 16.63
CA GLY AA 185 33.19 -85.41 16.12
C GLY AA 185 33.07 -86.76 16.81
N ILE AA 186 34.09 -87.60 16.66
CA ILE AA 186 34.08 -88.93 17.25
C ILE AA 186 35.36 -89.18 18.02
N THR AA 187 36.31 -88.24 17.94
CA THR AA 187 37.57 -88.40 18.65
C THR AA 187 37.37 -88.44 20.16
N LYS AA 188 36.51 -87.55 20.68
CA LYS AA 188 36.22 -87.59 22.12
C LYS AA 188 35.56 -88.90 22.51
N THR AA 189 34.65 -89.41 21.67
CA THR AA 189 34.01 -90.68 21.99
C THR AA 189 35.02 -91.82 22.04
N LEU AA 190 35.89 -91.91 21.03
CA LEU AA 190 36.90 -92.96 21.03
C LEU AA 190 37.82 -92.84 22.23
N TYR AA 191 38.28 -91.62 22.54
CA TYR AA 191 39.19 -91.44 23.66
C TYR AA 191 38.51 -91.81 24.98
N ASP AA 192 37.27 -91.38 25.17
CA ASP AA 192 36.60 -91.62 26.45
C ASP AA 192 36.26 -93.09 26.64
N GLU AA 193 35.71 -93.73 25.61
CA GLU AA 193 35.42 -95.16 25.72
C GLU AA 193 36.66 -96.03 25.62
N SER AA 194 37.83 -95.45 25.30
CA SER AA 194 39.08 -96.18 25.40
C SER AA 194 39.79 -95.97 26.73
N CYS AA 195 39.48 -94.88 27.44
CA CYS AA 195 40.11 -94.64 28.73
C CYS AA 195 39.71 -95.68 29.77
N SER AA 196 38.59 -96.38 29.55
CA SER AA 196 38.11 -97.38 30.49
C SER AA 196 38.27 -98.81 29.98
N LYS AA 197 38.59 -99.01 28.71
CA LYS AA 197 38.74 -100.33 28.13
C LYS AA 197 40.19 -100.74 27.96
N GLU AA 198 41.13 -99.94 28.47
CA GLU AA 198 42.56 -100.25 28.42
C GLU AA 198 43.04 -100.50 27.00
N ILE AA 199 42.56 -99.69 26.07
CA ILE AA 199 42.96 -99.77 24.66
C ILE AA 199 43.78 -98.53 24.34
N GLN AA 200 44.97 -98.73 23.80
CA GLN AA 200 45.93 -97.66 23.59
C GLN AA 200 45.87 -97.16 22.15
N MET AA 201 45.83 -95.85 21.99
CA MET AA 201 45.95 -95.21 20.68
C MET AA 201 46.41 -93.77 20.87
N ALA AA 202 46.94 -93.22 19.80
CA ALA AA 202 47.45 -91.84 19.79
C ALA AA 202 46.63 -91.01 18.81
N VAL AA 203 46.36 -89.77 19.21
CA VAL AA 203 45.60 -88.83 18.39
C VAL AA 203 46.55 -87.74 17.91
N LEU AA 204 46.62 -87.55 16.59
CA LEU AA 204 47.50 -86.56 15.98
C LEU AA 204 46.63 -85.61 15.16
N LEU AA 205 46.14 -84.56 15.82
CA LEU AA 205 45.26 -83.60 15.18
C LEU AA 205 46.06 -82.43 14.62
N LYS AA 206 45.36 -81.51 13.95
CA LYS AA 206 45.99 -80.32 13.40
C LYS AA 206 44.92 -79.25 13.23
N PHE AA 207 45.18 -78.06 13.76
CA PHE AA 207 44.24 -76.96 13.62
C PHE AA 207 44.15 -76.52 12.16
N VAL AA 208 42.93 -76.29 11.70
CA VAL AA 208 42.67 -76.02 10.29
C VAL AA 208 41.38 -75.25 10.17
N SER AA 209 41.21 -74.54 9.06
CA SER AA 209 39.98 -73.84 8.73
C SER AA 209 39.40 -74.41 7.44
N GLU AA 210 38.08 -74.27 7.30
CA GLU AA 210 37.39 -74.86 6.17
C GLU AA 210 37.72 -74.13 4.87
N GLY AA 211 37.56 -74.85 3.76
CA GLY AA 211 37.90 -74.32 2.46
C GLY AA 211 38.79 -75.25 1.67
N ASP AA 212 40.01 -74.80 1.37
CA ASP AA 212 41.02 -75.61 0.72
C ASP AA 212 42.02 -76.11 1.76
N ASN AA 213 42.29 -77.41 1.75
CA ASN AA 213 43.10 -77.99 2.83
C ASN AA 213 44.16 -78.97 2.34
N ILE AA 214 44.46 -79.01 1.04
CA ILE AA 214 45.49 -79.94 0.54
C ILE AA 214 46.86 -79.68 1.17
N PRO AA 215 47.36 -78.45 1.24
CA PRO AA 215 48.65 -78.25 1.93
C PRO AA 215 48.62 -78.68 3.38
N ASP AA 216 47.49 -78.50 4.07
CA ASP AA 216 47.39 -78.94 5.45
C ASP AA 216 47.40 -80.46 5.55
N ALA AA 217 46.76 -81.13 4.58
CA ALA AA 217 46.83 -82.59 4.55
C ALA AA 217 48.26 -83.07 4.33
N LEU AA 218 48.98 -82.42 3.42
CA LEU AA 218 50.38 -82.79 3.19
C LEU AA 218 51.22 -82.55 4.43
N GLY AA 219 51.00 -81.42 5.13
CA GLY AA 219 51.73 -81.15 6.35
C GLY AA 219 51.43 -82.18 7.43
N LEU AA 220 50.17 -82.59 7.56
CA LEU AA 220 49.82 -83.62 8.53
C LEU AA 220 50.48 -84.95 8.18
N VAL AA 221 50.51 -85.30 6.90
CA VAL AA 221 51.17 -86.54 6.48
C VAL AA 221 52.65 -86.50 6.83
N GLU AA 222 53.31 -85.37 6.55
CA GLU AA 222 54.73 -85.24 6.87
C GLU AA 222 54.97 -85.30 8.38
N TYR AA 223 54.08 -84.67 9.15
CA TYR AA 223 54.20 -84.69 10.60
C TYR AA 223 54.06 -86.11 11.14
N LEU AA 224 53.13 -86.89 10.60
CA LEU AA 224 53.00 -88.28 11.01
C LEU AA 224 54.22 -89.10 10.60
N ASN AA 225 54.75 -88.86 9.40
CA ASN AA 225 55.94 -89.57 8.94
C ASN AA 225 57.16 -89.22 9.80
N GLU AA 226 57.16 -88.03 10.39
CA GLU AA 226 58.27 -87.64 11.27
C GLU AA 226 58.47 -88.65 12.39
N TRP AA 227 57.40 -89.29 12.86
CA TRP AA 227 57.50 -90.30 13.89
C TRP AA 227 57.43 -91.72 13.33
N LEU AA 228 56.43 -92.01 12.50
CA LEU AA 228 56.28 -93.38 12.00
C LEU AA 228 57.39 -93.78 11.04
N GLN AA 229 58.07 -92.81 10.42
CA GLN AA 229 59.12 -93.09 9.43
C GLN AA 229 58.60 -93.98 8.31
N ILE AA 230 57.38 -93.69 7.85
CA ILE AA 230 56.78 -94.49 6.79
C ILE AA 230 57.55 -94.32 5.48
N LEU AA 231 58.07 -93.13 5.23
CA LEU AA 231 58.79 -92.82 4.01
C LEU AA 231 60.29 -92.67 4.34
N LYS AA 232 61.06 -92.29 3.34
CA LYS AA 232 62.50 -92.08 3.53
C LYS AA 232 62.71 -90.97 4.56
N PRO AA 233 63.58 -91.16 5.54
CA PRO AA 233 63.71 -90.18 6.63
C PRO AA 233 64.15 -88.81 6.13
N LEU AA 234 63.59 -87.77 6.73
CA LEU AA 234 63.91 -86.39 6.37
C LEU AA 234 63.71 -85.47 7.56
N SER AA 241 62.02 -82.14 -4.56
CA SER AA 241 62.11 -82.06 -3.10
C SER AA 241 60.73 -82.20 -2.45
N ALA AA 242 59.69 -82.00 -3.26
CA ALA AA 242 58.31 -82.12 -2.77
C ALA AA 242 57.54 -83.27 -3.40
N SER AA 243 58.10 -83.92 -4.42
CA SER AA 243 57.42 -85.04 -5.10
C SER AA 243 57.70 -86.36 -4.38
N ARG AA 244 57.34 -86.38 -3.09
CA ARG AA 244 57.51 -87.57 -2.27
C ARG AA 244 56.23 -88.41 -2.25
N TRP AA 245 55.13 -87.84 -1.81
CA TRP AA 245 53.85 -88.53 -1.78
C TRP AA 245 53.16 -88.39 -3.13
N LYS AA 246 52.77 -89.52 -3.71
CA LYS AA 246 52.15 -89.53 -5.03
C LYS AA 246 50.70 -89.08 -4.93
N ILE AA 247 50.37 -88.02 -5.65
CA ILE AA 247 48.99 -87.54 -5.68
C ILE AA 247 48.11 -88.55 -6.41
N PRO AA 248 46.97 -88.96 -5.83
CA PRO AA 248 46.12 -89.94 -6.51
C PRO AA 248 45.51 -89.36 -7.78
N SER AA 249 45.17 -90.26 -8.69
CA SER AA 249 44.66 -89.88 -10.01
C SER AA 249 43.19 -89.50 -10.01
N SER AA 250 42.59 -89.27 -8.84
CA SER AA 250 41.19 -88.88 -8.75
C SER AA 250 41.00 -87.41 -8.41
N TRP AA 251 42.07 -86.67 -8.17
CA TRP AA 251 41.98 -85.27 -7.76
C TRP AA 251 42.18 -84.34 -8.96
N ARG AA 252 41.25 -84.43 -9.90
CA ARG AA 252 41.27 -83.56 -11.07
C ARG AA 252 40.26 -82.42 -10.98
N LEU AA 253 38.97 -82.75 -10.85
CA LEU AA 253 37.91 -81.74 -10.87
C LEU AA 253 37.49 -81.45 -9.44
N LEU AA 254 38.32 -80.68 -8.74
CA LEU AA 254 38.03 -80.34 -7.35
C LEU AA 254 36.99 -79.25 -7.23
N PHE AA 255 36.90 -78.34 -8.20
CA PHE AA 255 36.04 -77.18 -8.12
C PHE AA 255 34.91 -77.22 -9.14
N GLY AA 256 34.34 -78.40 -9.35
CA GLY AA 256 33.21 -78.52 -10.24
C GLY AA 256 33.63 -78.48 -11.70
N SER AA 257 32.63 -78.26 -12.56
CA SER AA 257 32.83 -78.30 -14.00
C SER AA 257 33.58 -77.06 -14.49
N GLY AA 258 33.74 -76.98 -15.80
CA GLY AA 258 34.51 -75.92 -16.41
C GLY AA 258 33.74 -74.62 -16.53
N LEU AA 259 34.43 -73.62 -17.08
CA LEU AA 259 33.85 -72.29 -17.21
C LEU AA 259 32.81 -72.28 -18.33
N PRO AA 260 31.61 -71.73 -18.08
CA PRO AA 260 30.62 -71.65 -19.14
C PRO AA 260 31.06 -70.67 -20.23
N PRO AA 261 30.67 -70.90 -21.47
CA PRO AA 261 31.08 -70.00 -22.55
C PRO AA 261 30.38 -68.66 -22.46
N ALA AA 262 31.01 -67.65 -23.07
CA ALA AA 262 30.51 -66.29 -23.25
C ALA AA 262 30.39 -65.52 -21.94
N LEU AA 263 30.76 -66.11 -20.80
CA LEU AA 263 30.70 -65.35 -19.55
C LEU AA 263 31.73 -64.24 -19.53
N PHE AA 264 32.93 -64.51 -20.04
CA PHE AA 264 34.00 -63.51 -20.09
C PHE AA 264 34.20 -63.00 -21.51
N ALA BA 1 4.96 -39.74 29.26
CA ALA BA 1 5.34 -38.39 28.88
C ALA BA 1 4.29 -37.75 27.98
N ALA BA 2 4.50 -37.83 26.67
CA ALA BA 2 3.58 -37.28 25.69
C ALA BA 2 3.14 -38.37 24.73
N VAL BA 3 2.03 -38.11 24.03
CA VAL BA 3 1.42 -39.08 23.13
C VAL BA 3 1.34 -38.55 21.71
N SER BA 4 1.93 -37.39 21.43
CA SER BA 4 1.86 -36.78 20.10
C SER BA 4 3.24 -36.31 19.67
N VAL BA 5 4.24 -37.18 19.82
CA VAL BA 5 5.61 -36.89 19.42
C VAL BA 5 6.13 -38.06 18.60
N TYR BA 6 6.75 -37.77 17.46
CA TYR BA 6 7.34 -38.78 16.60
C TYR BA 6 8.85 -38.69 16.56
N ALA BA 7 9.40 -37.54 16.17
CA ALA BA 7 10.83 -37.41 15.97
C ALA BA 7 11.51 -36.82 17.20
N PRO BA 8 12.79 -37.14 17.44
CA PRO BA 8 13.49 -36.57 18.57
C PRO BA 8 13.65 -35.06 18.40
N PRO BA 9 13.66 -34.30 19.49
CA PRO BA 9 13.82 -32.85 19.38
C PRO BA 9 15.19 -32.48 18.86
N VAL BA 10 15.26 -31.34 18.19
CA VAL BA 10 16.48 -30.82 17.60
C VAL BA 10 16.75 -29.44 18.18
N GLY BA 11 17.97 -29.20 18.64
CA GLY BA 11 18.34 -27.94 19.22
C GLY BA 11 18.52 -26.85 18.18
N GLY BA 12 18.91 -25.68 18.67
CA GLY BA 12 19.10 -24.51 17.83
C GLY BA 12 18.06 -23.44 18.11
N PHE BA 13 18.17 -22.35 17.36
CA PHE BA 13 17.25 -21.24 17.52
C PHE BA 13 15.82 -21.68 17.21
N SER BA 14 14.96 -21.62 18.21
CA SER BA 14 13.56 -21.94 18.01
C SER BA 14 12.86 -20.81 17.26
N PHE BA 15 11.73 -21.16 16.62
CA PHE BA 15 11.00 -20.17 15.83
C PHE BA 15 9.49 -20.27 16.02
N ASP BA 16 9.03 -20.81 17.14
CA ASP BA 16 7.59 -21.02 17.34
C ASP BA 16 6.95 -19.84 18.04
N ASN BA 17 7.26 -18.62 17.59
CA ASN BA 17 6.60 -17.42 18.09
C ASN BA 17 6.23 -16.41 17.02
N CYS BA 18 6.88 -16.42 15.85
CA CYS BA 18 6.70 -15.35 14.88
C CYS BA 18 5.27 -15.31 14.34
N ARG BA 19 4.63 -16.47 14.20
CA ARG BA 19 3.26 -16.49 13.69
C ARG BA 19 2.32 -15.72 14.60
N ARG BA 20 2.46 -15.90 15.92
CA ARG BA 20 1.66 -15.12 16.86
C ARG BA 20 2.16 -13.68 16.96
N ASN BA 21 3.48 -13.50 16.90
CA ASN BA 21 4.06 -12.17 17.08
C ASN BA 21 3.62 -11.22 15.99
N ALA BA 22 3.55 -11.69 14.74
CA ALA BA 22 3.17 -10.81 13.63
C ALA BA 22 1.74 -10.30 13.80
N VAL BA 23 0.80 -11.19 14.11
CA VAL BA 23 -0.59 -10.77 14.25
C VAL BA 23 -0.76 -9.89 15.49
N LEU BA 24 -0.03 -10.19 16.57
CA LEU BA 24 -0.12 -9.35 17.75
C LEU BA 24 0.42 -7.96 17.47
N GLU BA 25 1.53 -7.87 16.73
CA GLU BA 25 2.09 -6.56 16.37
C GLU BA 25 1.15 -5.79 15.48
N ALA BA 26 0.50 -6.48 14.52
CA ALA BA 26 -0.47 -5.81 13.67
C ALA BA 26 -1.65 -5.28 14.49
N ASP BA 27 -2.09 -6.07 15.48
CA ASP BA 27 -3.17 -5.62 16.35
C ASP BA 27 -2.77 -4.40 17.16
N PHE BA 28 -1.55 -4.39 17.69
CA PHE BA 28 -1.14 -3.35 18.62
C PHE BA 28 -0.53 -2.13 17.96
N ALA BA 29 -0.24 -2.18 16.66
CA ALA BA 29 0.35 -1.02 16.01
C ALA BA 29 -0.67 0.09 15.79
N LYS BA 30 -1.87 -0.27 15.34
CA LYS BA 30 -2.89 0.73 15.03
C LYS BA 30 -3.66 1.21 16.24
N ARG BA 31 -3.47 0.60 17.41
CA ARG BA 31 -4.17 0.98 18.62
C ARG BA 31 -3.36 1.89 19.52
N GLY BA 32 -2.15 2.27 19.11
CA GLY BA 32 -1.33 3.18 19.89
C GLY BA 32 -0.94 2.67 21.26
N TYR BA 33 -0.49 1.42 21.33
CA TYR BA 33 -0.06 0.81 22.57
C TYR BA 33 1.46 0.83 22.68
N LYS BA 34 1.96 0.33 23.80
CA LYS BA 34 3.40 0.31 24.03
C LYS BA 34 4.07 -0.68 23.08
N LEU BA 35 5.34 -0.41 22.78
CA LEU BA 35 6.10 -1.21 21.82
C LEU BA 35 7.38 -1.73 22.47
N PRO BA 36 7.78 -2.97 22.15
CA PRO BA 36 9.01 -3.50 22.73
C PRO BA 36 10.25 -2.78 22.23
N LYS BA 37 11.27 -2.74 23.09
CA LYS BA 37 12.54 -2.13 22.75
C LYS BA 37 13.66 -2.93 23.38
N VAL BA 38 14.85 -2.83 22.79
CA VAL BA 38 16.03 -3.51 23.27
C VAL BA 38 17.11 -2.49 23.58
N ARG BA 39 18.13 -2.93 24.31
CA ARG BA 39 19.21 -2.04 24.75
C ARG BA 39 20.14 -1.75 23.57
N LYS BA 40 19.68 -0.84 22.71
CA LYS BA 40 20.48 -0.38 21.57
C LYS BA 40 21.53 0.60 22.07
N THR BA 41 22.55 0.05 22.72
CA THR BA 41 23.59 0.85 23.39
C THR BA 41 24.55 1.39 22.34
N GLY BA 42 24.12 2.47 21.68
CA GLY BA 42 25.00 3.18 20.77
C GLY BA 42 26.13 3.85 21.52
N THR BA 43 27.34 3.32 21.38
CA THR BA 43 28.47 3.75 22.18
C THR BA 43 29.68 3.98 21.28
N THR BA 44 30.55 4.90 21.69
CA THR BA 44 31.78 5.17 20.96
C THR BA 44 32.85 4.16 21.34
N ILE BA 45 33.57 3.67 20.33
CA ILE BA 45 34.69 2.74 20.52
C ILE BA 45 35.87 3.28 19.73
N ALA BA 46 37.04 3.34 20.37
CA ALA BA 46 38.24 3.86 19.74
C ALA BA 46 39.39 2.89 19.89
N GLY BA 47 40.25 2.86 18.88
CA GLY BA 47 41.44 2.03 18.92
C GLY BA 47 42.55 2.61 18.05
N VAL BA 48 43.79 2.55 18.55
CA VAL BA 48 44.92 3.11 17.83
C VAL BA 48 46.07 2.11 17.92
N VAL BA 49 46.97 2.19 16.94
CA VAL BA 49 48.12 1.29 16.83
C VAL BA 49 49.37 2.13 17.02
N TYR BA 50 49.94 2.11 18.22
CA TYR BA 50 51.15 2.86 18.48
C TYR BA 50 52.37 1.96 18.23
N LYS BA 51 53.55 2.43 18.65
CA LYS BA 51 54.80 1.80 18.23
C LYS BA 51 54.90 0.36 18.68
N ASP BA 52 54.54 0.08 19.94
CA ASP BA 52 54.74 -1.24 20.52
C ASP BA 52 53.47 -2.10 20.50
N GLY BA 53 52.42 -1.63 21.15
CA GLY BA 53 51.21 -2.43 21.26
C GLY BA 53 49.97 -1.73 20.74
N ILE BA 54 48.80 -2.17 21.21
CA ILE BA 54 47.54 -1.59 20.79
C ILE BA 54 46.84 -1.04 22.03
N VAL BA 55 46.03 -0.01 21.83
CA VAL BA 55 45.24 0.60 22.89
C VAL BA 55 43.78 0.62 22.45
N LEU BA 56 42.89 0.16 23.32
CA LEU BA 56 41.46 0.16 23.06
C LEU BA 56 40.76 1.01 24.10
N GLY BA 57 39.46 1.25 23.86
CA GLY BA 57 38.67 2.03 24.79
C GLY BA 57 37.27 2.29 24.30
N ALA BA 58 36.32 2.38 25.23
CA ALA BA 58 34.93 2.65 24.88
C ALA BA 58 34.23 3.26 26.07
N ASP BA 59 33.09 3.89 25.82
CA ASP BA 59 32.33 4.52 26.88
C ASP BA 59 31.44 3.47 27.57
N THR BA 60 30.87 3.86 28.70
CA THR BA 60 30.17 2.93 29.59
C THR BA 60 28.75 3.40 29.88
N ARG BA 61 28.01 3.80 28.86
CA ARG BA 61 26.60 4.09 28.99
C ARG BA 61 25.80 3.07 28.19
N ALA BA 62 24.71 2.58 28.77
CA ALA BA 62 23.86 1.56 28.15
C ALA BA 62 22.42 2.03 28.21
N THR BA 63 21.94 2.63 27.13
CA THR BA 63 20.57 3.10 27.05
C THR BA 63 19.67 2.04 26.41
N GLU BA 64 18.37 2.20 26.63
CA GLU BA 64 17.34 1.34 26.04
C GLU BA 64 16.22 2.20 25.46
N GLY BA 65 16.61 3.24 24.73
CA GLY BA 65 15.66 4.19 24.20
C GLY BA 65 16.01 5.61 24.62
N MET BA 66 15.07 6.31 25.22
CA MET BA 66 15.30 7.67 25.72
C MET BA 66 15.57 7.70 27.22
N VAL BA 67 15.76 6.54 27.86
CA VAL BA 67 15.95 6.43 29.29
C VAL BA 67 17.29 5.75 29.55
N VAL BA 68 18.07 6.30 30.48
CA VAL BA 68 19.39 5.78 30.81
C VAL BA 68 19.18 4.54 31.66
N ALA BA 69 19.36 3.36 31.07
CA ALA BA 69 19.13 2.12 31.79
C ALA BA 69 20.26 1.83 32.78
N ASP BA 70 21.50 2.03 32.37
CA ASP BA 70 22.66 1.68 33.18
C ASP BA 70 23.68 2.82 33.16
N LYS BA 71 24.44 2.92 34.24
CA LYS BA 71 25.52 3.89 34.34
C LYS BA 71 26.90 3.25 34.36
N ASN BA 72 26.99 1.92 34.45
CA ASN BA 72 28.27 1.23 34.42
C ASN BA 72 28.05 -0.14 33.77
N CYS BA 73 28.45 -0.26 32.51
CA CYS BA 73 28.34 -1.50 31.77
C CYS BA 73 29.61 -1.66 30.93
N SER BA 74 30.36 -2.72 31.20
CA SER BA 74 31.62 -2.94 30.50
C SER BA 74 31.37 -3.17 29.02
N LYS BA 75 32.05 -2.40 28.17
CA LYS BA 75 32.00 -2.58 26.73
C LYS BA 75 33.21 -3.34 26.20
N ILE BA 76 34.08 -3.83 27.09
CA ILE BA 76 35.27 -4.57 26.72
C ILE BA 76 35.14 -5.98 27.28
N HIS BA 77 35.35 -6.97 26.43
CA HIS BA 77 35.22 -8.37 26.82
C HIS BA 77 36.58 -9.04 26.82
N PHE BA 78 36.58 -10.33 27.16
CA PHE BA 78 37.77 -11.15 27.16
C PHE BA 78 37.61 -12.26 26.13
N ILE BA 79 38.63 -12.45 25.31
CA ILE BA 79 38.62 -13.47 24.27
C ILE BA 79 39.79 -14.45 24.44
N SER BA 80 40.98 -13.93 24.68
CA SER BA 80 42.17 -14.74 24.83
C SER BA 80 43.15 -14.00 25.73
N PRO BA 81 44.29 -14.59 26.10
CA PRO BA 81 45.26 -13.83 26.90
C PRO BA 81 45.76 -12.56 26.24
N ASN BA 82 45.76 -12.49 24.91
CA ASN BA 82 46.30 -11.32 24.23
C ASN BA 82 45.41 -10.90 23.06
N ILE BA 83 44.10 -11.01 23.21
CA ILE BA 83 43.15 -10.52 22.22
C ILE BA 83 41.94 -9.96 22.94
N TYR BA 84 41.56 -8.72 22.60
CA TYR BA 84 40.38 -8.09 23.15
C TYR BA 84 39.48 -7.62 22.01
N CYS BA 85 38.18 -7.52 22.30
CA CYS BA 85 37.19 -7.07 21.34
C CYS BA 85 36.36 -5.96 21.96
N CYS BA 86 35.46 -5.39 21.16
CA CYS BA 86 34.52 -4.38 21.62
C CYS BA 86 33.19 -4.61 20.96
N GLY BA 87 32.13 -4.08 21.58
CA GLY BA 87 30.80 -4.22 21.04
C GLY BA 87 30.15 -2.88 20.75
N ALA BA 88 29.11 -2.88 19.92
CA ALA BA 88 28.41 -1.64 19.59
C ALA BA 88 27.02 -2.00 19.09
N GLY BA 89 25.99 -1.64 19.85
CA GLY BA 89 24.63 -1.85 19.43
C GLY BA 89 24.13 -3.26 19.72
N THR BA 90 22.95 -3.36 20.31
CA THR BA 90 22.31 -4.63 20.62
C THR BA 90 23.27 -5.52 21.43
N ALA BA 91 23.58 -5.02 22.63
CA ALA BA 91 24.59 -5.66 23.47
C ALA BA 91 24.25 -7.12 23.77
N ALA BA 92 22.96 -7.44 23.77
CA ALA BA 92 22.54 -8.82 24.01
C ALA BA 92 23.15 -9.77 22.98
N ASP BA 93 23.12 -9.39 21.71
CA ASP BA 93 23.69 -10.24 20.67
C ASP BA 93 25.21 -10.25 20.73
N THR BA 94 25.82 -9.08 20.96
CA THR BA 94 27.27 -9.01 20.92
C THR BA 94 27.91 -9.81 22.05
N ASP BA 95 27.28 -9.85 23.23
CA ASP BA 95 27.84 -10.61 24.34
C ASP BA 95 28.00 -12.08 23.96
N MET BA 96 26.92 -12.70 23.47
CA MET BA 96 26.98 -14.10 23.11
C MET BA 96 27.89 -14.34 21.90
N THR BA 97 27.81 -13.46 20.89
CA THR BA 97 28.61 -13.72 19.70
C THR BA 97 30.09 -13.43 19.91
N THR BA 98 30.45 -12.81 21.03
CA THR BA 98 31.87 -12.75 21.39
C THR BA 98 32.27 -13.90 22.30
N GLN BA 99 31.39 -14.29 23.23
CA GLN BA 99 31.72 -15.38 24.14
C GLN BA 99 31.90 -16.70 23.38
N LEU BA 100 31.07 -16.93 22.35
CA LEU BA 100 31.20 -18.16 21.57
C LEU BA 100 32.58 -18.25 20.93
N ILE BA 101 33.00 -17.18 20.26
CA ILE BA 101 34.32 -17.18 19.62
C ILE BA 101 35.42 -17.27 20.66
N SER BA 102 35.24 -16.65 21.83
CA SER BA 102 36.23 -16.77 22.89
C SER BA 102 36.42 -18.23 23.29
N SER BA 103 35.31 -18.94 23.48
CA SER BA 103 35.42 -20.36 23.86
C SER BA 103 36.04 -21.19 22.75
N ASN BA 104 35.66 -20.91 21.49
CA ASN BA 104 36.23 -21.67 20.38
C ASN BA 104 37.75 -21.45 20.30
N LEU BA 105 38.19 -20.20 20.44
CA LEU BA 105 39.62 -19.92 20.43
C LEU BA 105 40.33 -20.54 21.62
N GLU BA 106 39.67 -20.59 22.78
CA GLU BA 106 40.28 -21.26 23.92
C GLU BA 106 40.48 -22.75 23.65
N LEU BA 107 39.49 -23.38 23.03
CA LEU BA 107 39.65 -24.79 22.65
C LEU BA 107 40.80 -24.97 21.67
N HIS BA 108 40.88 -24.09 20.67
CA HIS BA 108 41.96 -24.17 19.69
C HIS BA 108 43.32 -24.02 20.37
N SER BA 109 43.43 -23.03 21.26
CA SER BA 109 44.69 -22.79 21.96
C SER BA 109 45.07 -23.98 22.83
N LEU BA 110 44.10 -24.59 23.51
CA LEU BA 110 44.39 -25.76 24.32
C LEU BA 110 44.85 -26.93 23.45
N SER BA 111 44.26 -27.06 22.27
CA SER BA 111 44.65 -28.14 21.37
C SER BA 111 45.98 -27.88 20.66
N THR BA 112 46.44 -26.63 20.63
CA THR BA 112 47.68 -26.32 19.91
C THR BA 112 48.88 -26.08 20.80
N GLY BA 113 48.69 -25.65 22.05
CA GLY BA 113 49.82 -25.36 22.92
C GLY BA 113 50.53 -24.06 22.64
N ARG BA 114 50.00 -23.22 21.74
CA ARG BA 114 50.58 -21.93 21.42
C ARG BA 114 49.49 -20.87 21.37
N LEU BA 115 49.90 -19.62 21.48
CA LEU BA 115 48.94 -18.52 21.52
C LEU BA 115 48.21 -18.41 20.18
N PRO BA 116 46.91 -18.07 20.21
CA PRO BA 116 46.16 -17.94 18.96
C PRO BA 116 46.58 -16.72 18.16
N ARG BA 117 46.17 -16.71 16.90
CA ARG BA 117 46.45 -15.60 16.00
C ARG BA 117 45.15 -14.89 15.65
N VAL BA 118 45.23 -13.56 15.50
CA VAL BA 118 44.03 -12.74 15.37
C VAL BA 118 43.24 -13.13 14.12
N VAL BA 119 43.94 -13.51 13.05
CA VAL BA 119 43.28 -13.82 11.80
C VAL BA 119 42.27 -14.95 11.96
N THR BA 120 42.55 -15.90 12.86
CA THR BA 120 41.58 -16.97 13.12
C THR BA 120 40.30 -16.41 13.69
N ALA BA 121 40.41 -15.52 14.68
CA ALA BA 121 39.22 -14.91 15.25
C ALA BA 121 38.46 -14.12 14.19
N ASN BA 122 39.18 -13.38 13.35
CA ASN BA 122 38.54 -12.63 12.28
C ASN BA 122 37.79 -13.57 11.34
N ARG BA 123 38.42 -14.69 10.96
CA ARG BA 123 37.79 -15.62 10.03
C ARG BA 123 36.53 -16.22 10.62
N MET BA 124 36.59 -16.65 11.89
CA MET BA 124 35.43 -17.27 12.52
C MET BA 124 34.30 -16.26 12.67
N LEU BA 125 34.60 -15.03 13.10
CA LEU BA 125 33.57 -14.02 13.24
C LEU BA 125 32.94 -13.69 11.90
N LYS BA 126 33.76 -13.55 10.86
CA LYS BA 126 33.24 -13.27 9.52
C LYS BA 126 32.33 -14.38 9.05
N GLN BA 127 32.76 -15.64 9.23
CA GLN BA 127 31.96 -16.77 8.79
C GLN BA 127 30.62 -16.79 9.49
N MET BA 128 30.61 -16.62 10.81
CA MET BA 128 29.37 -16.67 11.56
C MET BA 128 28.44 -15.53 11.15
N LEU BA 129 28.96 -14.30 11.10
CA LEU BA 129 28.12 -13.15 10.80
C LEU BA 129 27.54 -13.25 9.39
N PHE BA 130 28.34 -13.73 8.42
CA PHE BA 130 27.80 -13.88 7.08
C PHE BA 130 26.81 -15.04 7.00
N ARG BA 131 27.02 -16.08 7.82
CA ARG BA 131 26.04 -17.16 7.87
C ARG BA 131 24.68 -16.65 8.33
N TYR BA 132 24.67 -15.80 9.36
CA TYR BA 132 23.44 -15.16 9.81
C TYR BA 132 23.30 -13.83 9.07
N GLN BA 133 22.83 -13.92 7.82
CA GLN BA 133 22.72 -12.75 6.97
C GLN BA 133 21.79 -11.72 7.58
N GLY BA 134 22.34 -10.63 8.09
CA GLY BA 134 21.53 -9.64 8.76
C GLY BA 134 20.86 -10.23 9.99
N TYR BA 135 19.84 -9.51 10.46
CA TYR BA 135 18.98 -9.95 11.57
C TYR BA 135 19.75 -10.11 12.87
N ILE BA 136 21.05 -9.81 12.84
CA ILE BA 136 21.87 -9.78 14.05
C ILE BA 136 22.94 -8.71 13.85
N GLY BA 137 22.90 -7.68 14.68
CA GLY BA 137 23.79 -6.55 14.49
C GLY BA 137 24.72 -6.30 15.65
N ALA BA 138 26.01 -6.49 15.42
CA ALA BA 138 27.02 -6.26 16.47
C ALA BA 138 28.30 -5.77 15.79
N ALA BA 139 28.44 -4.46 15.69
CA ALA BA 139 29.67 -3.88 15.16
C ALA BA 139 30.79 -4.08 16.18
N LEU BA 140 31.90 -4.64 15.73
CA LEU BA 140 32.99 -4.99 16.62
C LEU BA 140 34.27 -4.28 16.19
N VAL BA 141 35.20 -4.18 17.13
CA VAL BA 141 36.53 -3.64 16.89
C VAL BA 141 37.50 -4.66 17.48
N LEU BA 142 38.03 -5.53 16.63
CA LEU BA 142 38.86 -6.64 17.08
C LEU BA 142 40.33 -6.24 16.98
N GLY BA 143 41.03 -6.25 18.10
CA GLY BA 143 42.42 -5.88 18.13
C GLY BA 143 43.19 -6.77 19.08
N GLY BA 144 44.45 -7.01 18.73
CA GLY BA 144 45.30 -7.86 19.53
C GLY BA 144 46.66 -8.11 18.90
N VAL BA 145 47.69 -8.24 19.73
CA VAL BA 145 49.04 -8.51 19.25
C VAL BA 145 49.24 -10.02 19.22
N ASP BA 146 50.08 -10.48 18.30
CA ASP BA 146 50.31 -11.91 18.10
C ASP BA 146 51.80 -12.13 17.86
N VAL BA 147 52.13 -13.32 17.37
CA VAL BA 147 53.53 -13.67 17.14
C VAL BA 147 54.14 -12.84 16.01
N THR BA 148 53.32 -12.41 15.04
CA THR BA 148 53.85 -11.63 13.93
C THR BA 148 54.02 -10.17 14.30
N GLY BA 149 52.93 -9.51 14.66
CA GLY BA 149 52.96 -8.11 15.02
C GLY BA 149 51.58 -7.58 15.36
N PRO BA 150 51.49 -6.27 15.61
CA PRO BA 150 50.20 -5.68 15.94
C PRO BA 150 49.20 -5.82 14.79
N HIS BA 151 47.93 -5.89 15.15
CA HIS BA 151 46.86 -6.04 14.18
C HIS BA 151 45.62 -5.31 14.67
N LEU BA 152 44.68 -5.09 13.75
CA LEU BA 152 43.44 -4.42 14.09
C LEU BA 152 42.41 -4.75 13.02
N TYR BA 153 41.15 -4.81 13.43
CA TYR BA 153 40.07 -5.18 12.50
C TYR BA 153 38.80 -4.44 12.88
N SER BA 154 37.91 -4.29 11.90
CA SER BA 154 36.75 -3.41 11.99
C SER BA 154 35.50 -4.12 11.48
N ILE BA 155 35.22 -5.31 12.02
CA ILE BA 155 34.10 -6.12 11.56
C ILE BA 155 32.79 -5.32 11.58
N TYR BA 156 32.01 -5.47 10.52
CA TYR BA 156 30.71 -4.85 10.35
C TYR BA 156 29.61 -5.87 10.58
N PRO BA 157 28.36 -5.44 10.77
CA PRO BA 157 27.26 -6.38 11.00
C PRO BA 157 26.77 -7.11 9.77
N HIS BA 158 27.50 -7.08 8.66
CA HIS BA 158 27.17 -7.89 7.49
C HIS BA 158 28.30 -8.80 7.04
N GLY BA 159 29.49 -8.69 7.63
CA GLY BA 159 30.61 -9.54 7.27
C GLY BA 159 31.79 -8.81 6.66
N SER BA 160 31.73 -7.50 6.47
CA SER BA 160 32.86 -6.78 5.92
C SER BA 160 33.99 -6.70 6.94
N THR BA 161 35.21 -6.53 6.45
CA THR BA 161 36.38 -6.46 7.30
C THR BA 161 37.39 -5.50 6.70
N ASP BA 162 38.23 -4.94 7.56
CA ASP BA 162 39.26 -4.00 7.15
C ASP BA 162 40.47 -4.18 8.07
N LYS BA 163 41.55 -3.47 7.76
CA LYS BA 163 42.78 -3.54 8.53
C LYS BA 163 43.34 -2.15 8.79
N LEU BA 164 42.48 -1.25 9.25
CA LEU BA 164 42.88 0.12 9.49
C LEU BA 164 43.89 0.22 10.63
N PRO BA 165 44.76 1.23 10.61
CA PRO BA 165 45.58 1.52 11.79
C PRO BA 165 44.81 2.23 12.90
N TYR BA 166 43.63 2.78 12.61
CA TYR BA 166 42.76 3.32 13.63
C TYR BA 166 41.32 3.22 13.14
N VAL BA 167 40.39 3.04 14.07
CA VAL BA 167 38.99 2.80 13.71
C VAL BA 167 38.11 3.30 14.84
N THR BA 168 36.91 3.76 14.47
CA THR BA 168 35.94 4.25 15.43
C THR BA 168 34.55 3.84 14.95
N MET BA 169 33.90 2.97 15.70
CA MET BA 169 32.59 2.42 15.32
C MET BA 169 31.60 2.63 16.45
N GLY BA 170 30.33 2.77 16.06
CA GLY BA 170 29.27 3.02 17.02
C GLY BA 170 28.35 4.13 16.58
N SER BA 171 27.31 4.40 17.37
CA SER BA 171 26.37 5.47 17.02
C SER BA 171 27.08 6.83 16.98
N GLY BA 172 27.60 7.26 18.11
CA GLY BA 172 28.39 8.47 18.14
C GLY BA 172 29.86 8.17 17.99
N SER BA 173 30.39 8.32 16.77
CA SER BA 173 31.78 8.02 16.49
C SER BA 173 32.49 9.09 15.68
N LEU BA 174 31.75 9.95 14.98
CA LEU BA 174 32.37 10.90 14.07
C LEU BA 174 33.26 11.88 14.82
N ALA BA 175 32.83 12.34 15.99
CA ALA BA 175 33.64 13.28 16.75
C ALA BA 175 34.99 12.68 17.13
N ALA BA 176 34.97 11.48 17.72
CA ALA BA 176 36.21 10.84 18.14
C ALA BA 176 37.10 10.56 16.95
N MET BA 177 36.54 10.06 15.85
CA MET BA 177 37.40 9.71 14.73
C MET BA 177 37.91 10.94 13.99
N ALA BA 178 37.18 12.07 14.06
CA ALA BA 178 37.71 13.32 13.54
C ALA BA 178 38.85 13.84 14.41
N VAL BA 179 38.73 13.69 15.73
CA VAL BA 179 39.86 14.02 16.60
C VAL BA 179 41.06 13.19 16.22
N PHE BA 180 40.85 11.90 15.95
CA PHE BA 180 41.94 11.05 15.46
C PHE BA 180 42.51 11.59 14.16
N GLU BA 181 41.64 11.94 13.21
CA GLU BA 181 42.08 12.46 11.92
C GLU BA 181 42.92 13.71 12.07
N ASP BA 182 42.64 14.51 13.09
CA ASP BA 182 43.39 15.74 13.29
C ASP BA 182 44.71 15.54 14.03
N LYS BA 183 44.73 14.69 15.05
CA LYS BA 183 45.89 14.61 15.94
C LYS BA 183 46.82 13.43 15.67
N PHE BA 184 46.33 12.37 15.03
CA PHE BA 184 47.12 11.15 14.91
C PHE BA 184 48.34 11.36 14.02
N ARG BA 185 49.45 10.74 14.41
CA ARG BA 185 50.67 10.66 13.62
C ARG BA 185 51.21 9.25 13.73
N PRO BA 186 51.97 8.79 12.73
CA PRO BA 186 52.49 7.42 12.79
C PRO BA 186 53.59 7.27 13.83
N ASP BA 187 53.65 6.07 14.42
CA ASP BA 187 54.72 5.66 15.34
C ASP BA 187 54.82 6.60 16.54
N MET BA 188 53.74 6.64 17.32
CA MET BA 188 53.70 7.40 18.56
C MET BA 188 54.21 6.53 19.71
N GLU BA 189 54.13 7.06 20.92
CA GLU BA 189 54.56 6.37 22.12
C GLU BA 189 53.34 5.93 22.92
N GLU BA 190 53.59 5.30 24.07
CA GLU BA 190 52.51 4.68 24.84
C GLU BA 190 51.64 5.74 25.53
N GLU BA 191 52.26 6.58 26.36
CA GLU BA 191 51.49 7.58 27.09
C GLU BA 191 50.82 8.57 26.16
N GLU BA 192 51.51 8.94 25.07
CA GLU BA 192 50.89 9.84 24.09
C GLU BA 192 49.67 9.18 23.44
N ALA BA 193 49.76 7.89 23.12
CA ALA BA 193 48.61 7.20 22.54
C ALA BA 193 47.46 7.15 23.54
N LYS BA 194 47.76 6.89 24.81
CA LYS BA 194 46.70 6.85 25.82
C LYS BA 194 46.04 8.23 25.95
N ASN BA 195 46.83 9.29 25.97
CA ASN BA 195 46.25 10.63 26.05
C ASN BA 195 45.39 10.93 24.83
N LEU BA 196 45.86 10.53 23.65
CA LEU BA 196 45.11 10.81 22.42
C LEU BA 196 43.77 10.08 22.43
N VAL BA 197 43.77 8.80 22.79
CA VAL BA 197 42.52 8.05 22.78
C VAL BA 197 41.58 8.56 23.86
N SER BA 198 42.13 8.96 25.01
CA SER BA 198 41.29 9.56 26.05
C SER BA 198 40.65 10.85 25.57
N GLU BA 199 41.43 11.70 24.88
CA GLU BA 199 40.88 12.96 24.37
C GLU BA 199 39.80 12.70 23.34
N ALA BA 200 40.03 11.75 22.43
CA ALA BA 200 39.03 11.45 21.40
C ALA BA 200 37.75 10.92 22.03
N ILE BA 201 37.86 10.02 23.00
CA ILE BA 201 36.66 9.48 23.62
C ILE BA 201 35.95 10.55 24.45
N ALA BA 202 36.70 11.50 25.02
CA ALA BA 202 36.07 12.60 25.74
C ALA BA 202 35.29 13.51 24.80
N ALA BA 203 35.87 13.82 23.64
CA ALA BA 203 35.13 14.61 22.65
C ALA BA 203 33.86 13.88 22.22
N GLY BA 204 33.97 12.57 21.96
CA GLY BA 204 32.81 11.81 21.57
C GLY BA 204 31.74 11.76 22.64
N ILE BA 205 32.15 11.62 23.90
CA ILE BA 205 31.17 11.52 24.99
C ILE BA 205 30.48 12.85 25.22
N PHE BA 206 31.22 13.97 25.09
CA PHE BA 206 30.60 15.27 25.29
C PHE BA 206 29.65 15.63 24.16
N ASN BA 207 30.09 15.45 22.91
CA ASN BA 207 29.30 15.94 21.77
C ASN BA 207 28.38 14.87 21.20
N ASP BA 208 27.57 14.25 22.06
CA ASP BA 208 26.61 13.25 21.62
C ASP BA 208 25.63 12.98 22.75
N LEU BA 209 24.56 12.25 22.41
CA LEU BA 209 23.52 11.92 23.38
C LEU BA 209 23.53 10.46 23.81
N GLY BA 210 24.10 9.56 23.01
CA GLY BA 210 24.07 8.15 23.32
C GLY BA 210 25.17 7.65 24.22
N SER BA 211 26.01 8.54 24.75
CA SER BA 211 27.16 8.14 25.54
C SER BA 211 27.27 9.02 26.77
N GLY BA 212 27.90 8.49 27.81
CA GLY BA 212 28.07 9.23 29.05
C GLY BA 212 28.75 8.38 30.10
N SER BA 213 29.03 9.02 31.24
CA SER BA 213 29.68 8.42 32.40
C SER BA 213 31.16 8.15 32.16
N ASN BA 214 31.68 7.09 32.77
CA ASN BA 214 33.12 6.86 32.84
C ASN BA 214 33.65 6.25 31.54
N ILE BA 215 34.98 6.25 31.42
CA ILE BA 215 35.70 5.70 30.28
C ILE BA 215 36.79 4.78 30.80
N ASP BA 216 37.30 3.93 29.91
CA ASP BA 216 38.31 2.95 30.29
C ASP BA 216 39.21 2.63 29.11
N LEU BA 217 40.39 2.09 29.42
CA LEU BA 217 41.40 1.76 28.42
C LEU BA 217 41.93 0.36 28.67
N CYS BA 218 42.44 -0.25 27.60
CA CYS BA 218 42.76 -1.68 27.59
C CYS BA 218 44.12 -1.95 26.94
N VAL BA 219 45.16 -1.26 27.41
CA VAL BA 219 46.49 -1.42 26.83
C VAL BA 219 46.89 -2.89 26.85
N ILE BA 220 47.27 -3.41 25.68
CA ILE BA 220 47.55 -4.83 25.47
C ILE BA 220 48.96 -5.05 24.94
N SER BA 221 49.92 -4.27 25.43
CA SER BA 221 51.28 -4.28 24.90
C SER BA 221 51.88 -5.69 24.94
N LYS BA 222 53.04 -5.82 24.29
CA LYS BA 222 53.59 -7.12 23.93
C LYS BA 222 53.73 -8.05 25.13
N ASN BA 223 54.38 -7.59 26.19
CA ASN BA 223 54.67 -8.43 27.35
C ASN BA 223 54.01 -7.91 28.62
N LYS BA 224 52.89 -7.19 28.47
CA LYS BA 224 52.17 -6.67 29.62
C LYS BA 224 50.74 -6.39 29.20
N LEU BA 225 49.78 -7.09 29.80
CA LEU BA 225 48.37 -6.90 29.52
C LEU BA 225 47.77 -6.05 30.63
N ASP BA 226 47.16 -4.93 30.26
CA ASP BA 226 46.58 -4.00 31.22
C ASP BA 226 45.08 -3.86 30.96
N PHE BA 227 44.33 -3.63 32.03
CA PHE BA 227 42.89 -3.44 31.95
C PHE BA 227 42.50 -2.44 33.03
N LEU BA 228 42.45 -1.16 32.66
CA LEU BA 228 42.17 -0.07 33.58
C LEU BA 228 40.69 0.25 33.53
N ARG BA 229 40.01 0.11 34.66
CA ARG BA 229 38.58 0.42 34.72
C ARG BA 229 38.17 0.81 36.13
N PRO BA 230 37.67 2.03 36.33
CA PRO BA 230 37.60 3.07 35.30
C PRO BA 230 38.90 3.84 35.18
N TYR BA 231 39.10 4.52 34.05
CA TYR BA 231 40.34 5.28 33.85
C TYR BA 231 40.19 6.73 34.28
N THR BA 232 39.11 7.38 33.85
CA THR BA 232 38.88 8.78 34.16
C THR BA 232 37.40 9.02 34.38
N VAL BA 233 37.07 9.88 35.34
CA VAL BA 233 35.69 10.24 35.62
C VAL BA 233 35.45 11.66 35.13
N PRO BA 234 34.80 11.84 34.00
CA PRO BA 234 34.59 13.20 33.48
C PRO BA 234 33.44 13.93 34.16
N ASN BA 235 32.39 13.20 34.51
CA ASN BA 235 31.21 13.77 35.13
C ASN BA 235 30.97 13.13 36.49
N LYS BA 236 30.67 13.95 37.48
CA LYS BA 236 30.36 13.48 38.82
C LYS BA 236 29.00 14.02 39.24
N LYS BA 237 28.15 13.13 39.74
CA LYS BA 237 26.83 13.56 40.22
C LYS BA 237 26.98 14.49 41.41
N GLY BA 238 26.08 15.47 41.50
CA GLY BA 238 26.08 16.37 42.63
C GLY BA 238 25.60 15.72 43.90
N THR BA 239 25.08 16.50 44.84
CA THR BA 239 24.62 15.99 46.12
C THR BA 239 23.17 16.40 46.36
N ARG BA 240 22.44 15.55 47.06
CA ARG BA 240 21.07 15.86 47.43
C ARG BA 240 21.06 16.85 48.58
N LEU BA 241 20.23 17.89 48.47
CA LEU BA 241 20.24 18.97 49.44
C LEU BA 241 19.42 18.61 50.68
N GLY BA 242 18.13 18.35 50.49
CA GLY BA 242 17.23 18.10 51.60
C GLY BA 242 16.96 16.62 51.79
N ARG BA 243 16.95 16.18 53.04
CA ARG BA 243 16.63 14.79 53.35
C ARG BA 243 15.15 14.53 53.12
N TYR BA 244 14.84 13.46 52.38
CA TYR BA 244 13.46 13.09 52.10
C TYR BA 244 13.14 11.67 52.60
N ARG BA 245 13.95 11.14 53.50
CA ARG BA 245 13.72 9.79 54.01
C ARG BA 245 12.44 9.74 54.84
N CYS BA 246 11.75 8.61 54.76
CA CYS BA 246 10.52 8.38 55.51
C CYS BA 246 10.82 7.51 56.72
N GLU BA 247 10.18 7.83 57.85
CA GLU BA 247 10.45 7.15 59.10
C GLU BA 247 9.50 5.95 59.27
N LYS BA 248 9.63 5.28 60.42
CA LYS BA 248 8.79 4.13 60.71
C LYS BA 248 7.34 4.55 60.90
N GLY BA 249 6.42 3.73 60.39
CA GLY BA 249 5.00 4.00 60.48
C GLY BA 249 4.46 4.91 59.40
N THR BA 250 5.31 5.37 58.47
CA THR BA 250 4.84 6.26 57.41
C THR BA 250 3.81 5.58 56.52
N THR BA 251 4.06 4.33 56.16
CA THR BA 251 3.20 3.60 55.23
C THR BA 251 2.25 2.70 56.00
N ALA BA 252 1.05 2.51 55.44
CA ALA BA 252 0.04 1.66 56.06
C ALA BA 252 0.34 0.19 55.77
N VAL BA 253 -0.52 -0.69 56.27
CA VAL BA 253 -0.36 -2.13 56.09
C VAL BA 253 -1.71 -2.78 56.25
N LEU BA 254 -1.97 -3.83 55.46
CA LEU BA 254 -3.22 -4.55 55.50
C LEU BA 254 -3.08 -5.96 56.08
N THR BA 255 -2.19 -6.77 55.53
CA THR BA 255 -1.93 -8.11 56.04
C THR BA 255 -0.42 -8.33 56.12
N GLU BA 256 -0.03 -9.28 56.96
CA GLU BA 256 1.39 -9.54 57.17
C GLU BA 256 1.59 -10.99 57.59
N LYS BA 257 2.60 -11.63 56.98
CA LYS BA 257 2.96 -13.00 57.29
C LYS BA 257 4.46 -13.07 57.61
N ILE BA 258 4.81 -13.84 58.62
CA ILE BA 258 6.20 -14.06 59.02
C ILE BA 258 6.48 -15.54 59.01
N THR BA 259 7.52 -15.95 58.28
CA THR BA 259 7.92 -17.35 58.17
C THR BA 259 9.40 -17.44 58.47
N PRO BA 260 9.82 -18.22 59.48
CA PRO BA 260 11.24 -18.32 59.78
C PRO BA 260 11.95 -19.42 59.00
N LEU BA 261 13.10 -19.09 58.41
CA LEU BA 261 13.93 -20.07 57.73
C LEU BA 261 14.95 -20.63 58.71
N GLU BA 262 15.95 -21.35 58.19
CA GLU BA 262 16.98 -21.92 59.03
C GLU BA 262 18.36 -21.41 58.64
N ILE CA 1 4.33 -3.73 23.39
CA ILE CA 1 3.39 -4.83 23.48
C ILE CA 1 3.16 -5.15 24.96
N MET CA 2 4.03 -4.64 25.83
CA MET CA 2 3.83 -4.82 27.27
C MET CA 2 2.79 -3.84 27.78
N SER CA 3 1.64 -3.80 27.12
CA SER CA 3 0.49 -3.04 27.58
C SER CA 3 -0.80 -3.85 27.53
N TYR CA 4 -0.79 -5.03 26.89
CA TYR CA 4 -1.95 -5.91 26.92
C TYR CA 4 -2.24 -6.39 28.34
N ASN CA 5 -1.25 -6.30 29.22
CA ASN CA 5 -1.41 -6.56 30.64
C ASN CA 5 -0.62 -5.49 31.38
N GLY CA 6 -0.40 -5.70 32.69
CA GLY CA 6 0.32 -4.73 33.49
C GLY CA 6 1.32 -5.42 34.40
N GLY CA 7 2.16 -4.58 35.03
CA GLY CA 7 3.16 -5.07 35.95
C GLY CA 7 4.27 -4.09 36.23
N ALA CA 8 4.85 -4.17 37.42
CA ALA CA 8 5.96 -3.31 37.82
C ALA CA 8 6.66 -3.96 39.00
N VAL CA 9 7.99 -4.02 38.94
CA VAL CA 9 8.78 -4.66 39.99
C VAL CA 9 10.05 -3.87 40.24
N MET CA 10 10.44 -3.77 41.51
CA MET CA 10 11.67 -3.13 41.94
C MET CA 10 12.60 -4.13 42.61
N ALA CA 11 13.72 -3.62 43.08
CA ALA CA 11 14.67 -4.35 43.91
C ALA CA 11 15.69 -3.39 44.50
N MET CA 12 15.83 -3.37 45.82
CA MET CA 12 16.78 -2.51 46.50
C MET CA 12 17.71 -3.35 47.36
N LYS CA 13 18.99 -3.02 47.34
CA LYS CA 13 20.00 -3.69 48.16
C LYS CA 13 20.31 -2.80 49.35
N GLY CA 14 20.07 -3.32 50.56
CA GLY CA 14 20.31 -2.55 51.76
C GLY CA 14 21.57 -2.97 52.49
N LYS CA 15 21.41 -3.39 53.75
CA LYS CA 15 22.52 -3.87 54.57
C LYS CA 15 22.20 -5.31 54.96
N ASN CA 16 22.74 -6.27 54.20
CA ASN CA 16 22.44 -7.68 54.36
C ASN CA 16 20.94 -7.95 54.22
N CYS CA 17 20.27 -7.15 53.40
CA CYS CA 17 18.83 -7.30 53.19
C CYS CA 17 18.49 -6.86 51.77
N VAL CA 18 17.62 -7.64 51.12
CA VAL CA 18 17.14 -7.34 49.78
C VAL CA 18 15.62 -7.36 49.80
N ALA CA 19 15.01 -6.44 49.06
CA ALA CA 19 13.56 -6.31 49.02
C ALA CA 19 13.09 -6.34 47.56
N ILE CA 20 12.04 -7.10 47.30
CA ILE CA 20 11.42 -7.17 45.98
C ILE CA 20 9.92 -7.00 46.14
N ALA CA 21 9.32 -6.21 45.26
CA ALA CA 21 7.91 -5.89 45.34
C ALA CA 21 7.30 -5.88 43.95
N ALA CA 22 6.00 -6.15 43.87
CA ALA CA 22 5.30 -6.23 42.61
C ALA CA 22 3.93 -5.58 42.74
N ASP CA 23 3.15 -5.66 41.67
CA ASP CA 23 1.80 -5.14 41.63
C ASP CA 23 0.86 -6.21 41.10
N ARG CA 24 -0.27 -6.39 41.77
CA ARG CA 24 -1.22 -7.46 41.47
C ARG CA 24 -2.36 -6.91 40.61
N ARG CA 25 -2.38 -7.27 39.33
CA ARG CA 25 -3.46 -6.92 38.43
C ARG CA 25 -3.33 -7.76 37.17
N PHE CA 26 -4.47 -8.23 36.65
CA PHE CA 26 -4.52 -8.97 35.39
C PHE CA 26 -5.80 -8.56 34.68
N GLY CA 27 -5.65 -7.91 33.53
CA GLY CA 27 -6.81 -7.43 32.79
C GLY CA 27 -6.52 -7.32 31.31
N ILE CA 28 -7.56 -7.51 30.51
CA ILE CA 28 -7.45 -7.47 29.05
C ILE CA 28 -7.68 -6.01 28.63
N GLN CA 29 -6.58 -5.27 28.52
CA GLN CA 29 -6.59 -3.86 28.08
C GLN CA 29 -7.40 -3.06 29.09
N ALA CA 30 -8.47 -2.36 28.68
CA ALA CA 30 -9.24 -1.54 29.61
C ALA CA 30 -9.92 -2.38 30.67
N GLN CA 31 -10.48 -3.53 30.27
CA GLN CA 31 -11.22 -4.37 31.20
C GLN CA 31 -10.29 -4.96 32.27
N MET CA 32 -10.91 -5.40 33.37
CA MET CA 32 -10.19 -6.06 34.44
C MET CA 32 -10.99 -7.29 34.85
N VAL CA 33 -10.30 -8.42 35.03
CA VAL CA 33 -10.97 -9.68 35.32
C VAL CA 33 -10.63 -10.24 36.69
N THR CA 34 -9.53 -9.85 37.31
CA THR CA 34 -9.17 -10.37 38.62
C THR CA 34 -8.23 -9.39 39.31
N THR CA 35 -8.13 -9.55 40.63
CA THR CA 35 -7.25 -8.73 41.44
C THR CA 35 -6.06 -9.47 42.01
N ASP CA 36 -6.12 -10.80 42.08
CA ASP CA 36 -5.04 -11.62 42.62
C ASP CA 36 -4.40 -12.42 41.50
N PHE CA 37 -3.14 -12.13 41.21
CA PHE CA 37 -2.41 -12.85 40.17
C PHE CA 37 -0.92 -12.73 40.52
N GLN CA 38 -0.36 -13.81 41.05
CA GLN CA 38 1.01 -13.76 41.57
C GLN CA 38 2.01 -13.49 40.46
N LYS CA 39 2.98 -12.64 40.76
CA LYS CA 39 4.10 -12.36 39.85
C LYS CA 39 5.44 -12.55 40.53
N ILE CA 40 5.46 -13.14 41.74
CA ILE CA 40 6.66 -13.42 42.48
C ILE CA 40 6.72 -14.93 42.71
N PHE CA 41 7.82 -15.55 42.32
CA PHE CA 41 7.96 -16.99 42.38
C PHE CA 41 9.06 -17.37 43.38
N PRO CA 42 8.82 -18.34 44.25
CA PRO CA 42 9.81 -18.72 45.28
C PRO CA 42 10.79 -19.77 44.80
N MET CA 43 11.72 -19.35 43.94
CA MET CA 43 12.77 -20.23 43.46
C MET CA 43 13.88 -20.29 44.50
N GLY CA 44 14.16 -21.49 45.00
CA GLY CA 44 15.05 -21.60 46.14
C GLY CA 44 14.34 -21.20 47.42
N ASP CA 45 15.15 -20.87 48.43
CA ASP CA 45 14.62 -20.45 49.73
C ASP CA 45 14.87 -18.98 50.00
N ARG CA 46 16.12 -18.52 49.94
CA ARG CA 46 16.46 -17.11 50.08
C ARG CA 46 16.69 -16.43 48.74
N LEU CA 47 16.00 -16.90 47.70
CA LEU CA 47 16.11 -16.34 46.36
C LEU CA 47 14.71 -16.17 45.79
N TYR CA 48 14.56 -15.21 44.88
CA TYR CA 48 13.25 -14.94 44.31
C TYR CA 48 13.44 -14.39 42.90
N ILE CA 49 12.38 -14.46 42.11
CA ILE CA 49 12.38 -13.92 40.75
C ILE CA 49 11.13 -13.08 40.59
N GLY CA 50 11.20 -12.12 39.66
CA GLY CA 50 10.19 -11.07 39.59
C GLY CA 50 9.60 -10.82 38.23
N LEU CA 51 9.32 -11.88 37.47
CA LEU CA 51 8.77 -11.75 36.11
C LEU CA 51 7.66 -10.71 36.06
N ALA CA 52 7.68 -9.91 35.01
CA ALA CA 52 6.70 -8.83 34.85
C ALA CA 52 6.62 -8.46 33.37
N GLY CA 53 5.43 -8.49 32.83
CA GLY CA 53 5.21 -8.25 31.41
C GLY CA 53 3.95 -8.97 30.97
N LEU CA 54 3.97 -9.40 29.70
CA LEU CA 54 2.85 -10.18 29.18
C LEU CA 54 2.72 -11.49 29.96
N ALA CA 55 1.53 -11.73 30.51
CA ALA CA 55 1.37 -12.83 31.47
C ALA CA 55 1.46 -14.19 30.79
N THR CA 56 0.87 -14.30 29.60
CA THR CA 56 0.82 -15.63 28.93
C THR CA 56 2.23 -16.17 28.65
N ASP CA 57 3.23 -15.32 28.55
CA ASP CA 57 4.61 -15.79 28.47
C ASP CA 57 5.29 -15.84 29.82
N VAL CA 58 4.81 -15.06 30.79
CA VAL CA 58 5.34 -15.13 32.14
C VAL CA 58 5.14 -16.52 32.71
N GLN CA 59 3.94 -17.08 32.55
CA GLN CA 59 3.67 -18.41 33.08
C GLN CA 59 4.59 -19.45 32.44
N THR CA 60 4.73 -19.40 31.12
CA THR CA 60 5.53 -20.39 30.42
C THR CA 60 7.00 -20.30 30.82
N VAL CA 61 7.55 -19.08 30.88
CA VAL CA 61 8.96 -18.94 31.24
C VAL CA 61 9.19 -19.35 32.68
N ALA CA 62 8.23 -19.06 33.58
CA ALA CA 62 8.37 -19.49 34.96
C ALA CA 62 8.39 -21.01 35.06
N GLN CA 63 7.48 -21.68 34.32
CA GLN CA 63 7.44 -23.14 34.37
C GLN CA 63 8.74 -23.75 33.84
N ARG CA 64 9.22 -23.26 32.70
CA ARG CA 64 10.45 -23.82 32.13
C ARG CA 64 11.63 -23.59 33.05
N LEU CA 65 11.74 -22.39 33.62
CA LEU CA 65 12.85 -22.10 34.52
C LEU CA 65 12.79 -22.96 35.76
N LYS CA 66 11.60 -23.17 36.32
CA LYS CA 66 11.48 -24.04 37.48
C LYS CA 66 11.89 -25.47 37.15
N PHE CA 67 11.48 -25.96 35.98
CA PHE CA 67 11.89 -27.30 35.55
C PHE CA 67 13.40 -27.42 35.48
N ARG CA 68 14.05 -26.49 34.78
CA ARG CA 68 15.50 -26.59 34.62
C ARG CA 68 16.23 -26.41 35.94
N LEU CA 69 15.72 -25.55 36.82
CA LEU CA 69 16.33 -25.37 38.13
C LEU CA 69 16.23 -26.63 38.96
N ASN CA 70 15.08 -27.30 38.94
CA ASN CA 70 14.96 -28.58 39.66
C ASN CA 70 15.94 -29.60 39.10
N LEU CA 71 16.07 -29.66 37.77
CA LEU CA 71 17.00 -30.61 37.18
C LEU CA 71 18.42 -30.36 37.65
N TYR CA 72 18.88 -29.10 37.56
CA TYR CA 72 20.24 -28.79 37.97
C TYR CA 72 20.45 -29.04 39.45
N GLU CA 73 19.49 -28.64 40.29
CA GLU CA 73 19.61 -28.84 41.72
C GLU CA 73 19.73 -30.31 42.07
N LEU CA 74 18.93 -31.15 41.43
CA LEU CA 74 18.96 -32.57 41.74
C LEU CA 74 20.23 -33.23 41.23
N LYS CA 75 20.69 -32.83 40.04
CA LYS CA 75 21.86 -33.48 39.46
C LYS CA 75 23.15 -33.07 40.16
N GLU CA 76 23.32 -31.79 40.45
CA GLU CA 76 24.60 -31.28 40.92
C GLU CA 76 24.72 -31.32 42.44
N GLY CA 77 23.64 -31.66 43.15
CA GLY CA 77 23.70 -31.85 44.58
C GLY CA 77 23.30 -30.69 45.47
N ARG CA 78 24.09 -29.62 45.54
CA ARG CA 78 23.79 -28.55 46.47
C ARG CA 78 23.11 -27.38 45.76
N GLN CA 79 22.76 -26.35 46.54
CA GLN CA 79 21.92 -25.26 46.06
C GLN CA 79 22.58 -24.47 44.93
N ILE CA 80 21.84 -23.52 44.36
CA ILE CA 80 22.30 -22.74 43.21
C ILE CA 80 22.73 -21.37 43.70
N LYS CA 81 23.90 -20.93 43.23
CA LYS CA 81 24.37 -19.59 43.56
C LYS CA 81 23.57 -18.56 42.79
N PRO CA 82 23.36 -17.37 43.37
CA PRO CA 82 22.50 -16.38 42.70
C PRO CA 82 23.00 -15.95 41.33
N TYR CA 83 24.32 -15.95 41.12
CA TYR CA 83 24.85 -15.54 39.82
C TYR CA 83 24.51 -16.53 38.73
N THR CA 84 24.32 -17.81 39.09
CA THR CA 84 24.06 -18.84 38.08
C THR CA 84 22.70 -18.66 37.42
N LEU CA 85 21.69 -18.28 38.20
CA LEU CA 85 20.36 -18.09 37.63
C LEU CA 85 20.34 -16.96 36.62
N MET CA 86 21.24 -15.99 36.77
CA MET CA 86 21.35 -14.90 35.82
C MET CA 86 21.65 -15.43 34.42
N SER CA 87 22.71 -16.25 34.31
CA SER CA 87 23.04 -16.87 33.04
C SER CA 87 21.98 -17.89 32.62
N MET CA 88 21.35 -18.56 33.59
CA MET CA 88 20.23 -19.45 33.31
C MET CA 88 19.16 -18.75 32.49
N VAL CA 89 18.62 -17.66 33.04
CA VAL CA 89 17.55 -16.95 32.35
C VAL CA 89 18.07 -16.32 31.07
N ALA CA 90 19.33 -15.88 31.05
CA ALA CA 90 19.87 -15.33 29.81
C ALA CA 90 19.83 -16.35 28.68
N ASN CA 91 20.29 -17.58 28.97
CA ASN CA 91 20.25 -18.65 27.98
C ASN CA 91 18.81 -18.98 27.60
N LEU CA 92 17.92 -19.06 28.59
CA LEU CA 92 16.54 -19.43 28.31
C LEU CA 92 15.86 -18.42 27.40
N LEU CA 93 16.15 -17.13 27.61
CA LEU CA 93 15.54 -16.11 26.76
C LEU CA 93 16.18 -16.10 25.37
N TYR CA 94 17.51 -16.25 25.30
CA TYR CA 94 18.15 -16.23 24.00
C TYR CA 94 17.82 -17.48 23.18
N GLU CA 95 17.27 -18.51 23.82
CA GLU CA 95 16.79 -19.69 23.10
C GLU CA 95 15.86 -19.29 21.96
N LYS CA 96 15.00 -18.31 22.19
CA LYS CA 96 14.04 -17.86 21.20
C LYS CA 96 14.27 -16.41 20.85
N ARG CA 97 15.52 -16.03 20.58
CA ARG CA 97 15.83 -14.63 20.30
C ARG CA 97 15.06 -14.12 19.09
N PHE CA 98 14.96 -14.94 18.05
CA PHE CA 98 14.27 -14.49 16.84
C PHE CA 98 12.75 -14.45 17.05
N GLY CA 99 12.21 -15.45 17.73
CA GLY CA 99 10.83 -15.44 18.19
C GLY CA 99 10.73 -14.98 19.63
N PRO CA 100 10.92 -13.67 19.87
CA PRO CA 100 11.19 -13.22 21.25
C PRO CA 100 10.01 -13.43 22.18
N TYR CA 101 10.34 -13.68 23.45
CA TYR CA 101 9.34 -13.72 24.51
C TYR CA 101 8.97 -12.29 24.88
N TYR CA 102 8.16 -12.12 25.93
CA TYR CA 102 7.87 -10.77 26.45
C TYR CA 102 7.96 -10.83 27.97
N THR CA 103 9.18 -10.70 28.48
CA THR CA 103 9.45 -10.73 29.91
C THR CA 103 10.65 -9.83 30.19
N GLU CA 104 10.60 -9.13 31.33
CA GLU CA 104 11.73 -8.34 31.82
C GLU CA 104 12.00 -8.77 33.26
N PRO CA 105 12.57 -9.95 33.46
CA PRO CA 105 12.67 -10.50 34.81
C PRO CA 105 13.63 -9.70 35.68
N VAL CA 106 13.40 -9.78 36.98
CA VAL CA 106 14.32 -9.23 37.98
C VAL CA 106 14.63 -10.32 38.99
N ILE CA 107 15.91 -10.48 39.31
CA ILE CA 107 16.39 -11.50 40.24
C ILE CA 107 16.99 -10.80 41.44
N ALA CA 108 16.61 -11.24 42.64
CA ALA CA 108 17.11 -10.64 43.87
C ALA CA 108 17.18 -11.71 44.94
N GLY CA 109 18.32 -11.81 45.60
CA GLY CA 109 18.50 -12.84 46.60
C GLY CA 109 19.82 -12.71 47.33
N LEU CA 110 20.17 -13.77 48.04
CA LEU CA 110 21.38 -13.81 48.85
C LEU CA 110 22.22 -15.02 48.50
N ASP CA 111 23.52 -14.91 48.71
CA ASP CA 111 24.42 -16.03 48.54
C ASP CA 111 24.25 -16.99 49.71
N PRO CA 112 23.96 -18.27 49.46
CA PRO CA 112 23.79 -19.21 50.58
C PRO CA 112 25.02 -19.40 51.44
N LYS CA 113 26.20 -19.02 50.94
CA LYS CA 113 27.45 -19.18 51.70
C LYS CA 113 27.93 -17.86 52.30
N THR CA 114 27.94 -16.78 51.53
CA THR CA 114 28.50 -15.52 51.97
C THR CA 114 27.46 -14.57 52.56
N PHE CA 115 26.19 -14.74 52.23
CA PHE CA 115 25.12 -13.83 52.63
C PHE CA 115 25.41 -12.40 52.19
N LYS CA 116 25.93 -12.26 50.97
CA LYS CA 116 26.17 -10.96 50.39
C LYS CA 116 25.05 -10.64 49.40
N PRO CA 117 24.27 -9.59 49.63
CA PRO CA 117 23.09 -9.36 48.78
C PRO CA 117 23.46 -9.16 47.32
N PHE CA 118 22.59 -9.66 46.45
CA PHE CA 118 22.81 -9.61 45.01
C PHE CA 118 21.51 -9.23 44.30
N ILE CA 119 21.62 -8.34 43.33
CA ILE CA 119 20.49 -7.90 42.52
C ILE CA 119 20.96 -7.74 41.09
N CYS CA 120 20.15 -8.20 40.13
CA CYS CA 120 20.46 -8.05 38.72
C CYS CA 120 19.19 -7.70 37.96
N SER CA 121 19.27 -7.75 36.64
CA SER CA 121 18.13 -7.42 35.79
C SER CA 121 18.36 -8.06 34.42
N LEU CA 122 17.35 -7.94 33.56
CA LEU CA 122 17.43 -8.49 32.22
C LEU CA 122 16.57 -7.65 31.28
N ASP CA 123 16.93 -7.65 30.00
CA ASP CA 123 16.11 -7.02 28.99
C ASP CA 123 15.22 -8.08 28.33
N LEU CA 124 14.63 -7.72 27.19
CA LEU CA 124 13.67 -8.60 26.53
C LEU CA 124 14.30 -9.90 26.05
N ILE CA 125 15.49 -9.82 25.46
CA ILE CA 125 16.11 -10.98 24.81
C ILE CA 125 17.32 -11.49 25.56
N GLY CA 126 17.66 -10.91 26.70
CA GLY CA 126 18.75 -11.43 27.52
C GLY CA 126 20.05 -10.67 27.34
N CYS CA 127 20.32 -9.76 28.27
CA CYS CA 127 21.56 -8.96 28.25
C CYS CA 127 21.94 -8.69 29.70
N PRO CA 128 22.77 -9.54 30.29
CA PRO CA 128 23.02 -9.46 31.73
C PRO CA 128 23.63 -8.13 32.15
N MET CA 129 23.13 -7.60 33.28
CA MET CA 129 23.67 -6.38 33.86
C MET CA 129 23.34 -6.36 35.34
N VAL CA 130 24.26 -5.83 36.14
CA VAL CA 130 24.12 -5.77 37.59
C VAL CA 130 24.32 -4.34 38.05
N THR CA 131 23.38 -3.83 38.84
CA THR CA 131 23.46 -2.51 39.43
C THR CA 131 23.48 -2.65 40.95
N ASP CA 132 24.38 -1.91 41.60
CA ASP CA 132 24.59 -2.06 43.03
C ASP CA 132 23.44 -1.50 43.84
N ASP CA 133 22.95 -0.31 43.48
CA ASP CA 133 22.02 0.40 44.37
C ASP CA 133 20.60 -0.14 44.25
N PHE CA 134 20.08 -0.21 43.03
CA PHE CA 134 18.72 -0.67 42.80
C PHE CA 134 18.54 -0.94 41.31
N VAL CA 135 17.39 -1.52 40.97
CA VAL CA 135 17.00 -1.70 39.58
C VAL CA 135 15.48 -1.82 39.55
N VAL CA 136 14.88 -1.51 38.40
CA VAL CA 136 13.44 -1.54 38.25
C VAL CA 136 13.12 -1.79 36.79
N SER CA 137 12.05 -2.55 36.55
CA SER CA 137 11.59 -2.80 35.19
C SER CA 137 10.11 -3.13 35.23
N GLY CA 138 9.42 -2.79 34.15
CA GLY CA 138 8.01 -3.05 34.05
C GLY CA 138 7.36 -2.15 33.02
N THR CA 139 6.04 -2.26 32.95
CA THR CA 139 5.28 -1.44 32.01
C THR CA 139 5.44 0.04 32.32
N CYS CA 140 5.35 0.40 33.59
CA CYS CA 140 5.49 1.79 34.01
C CYS CA 140 6.93 2.11 34.38
N ALA CA 141 7.86 1.77 33.48
CA ALA CA 141 9.28 1.93 33.78
C ALA CA 141 9.65 3.40 33.96
N GLU CA 142 9.08 4.29 33.14
CA GLU CA 142 9.50 5.68 33.15
C GLU CA 142 9.22 6.35 34.49
N GLN CA 143 8.05 6.09 35.08
CA GLN CA 143 7.68 6.79 36.30
C GLN CA 143 8.10 6.02 37.55
N MET CA 144 9.33 5.52 37.57
CA MET CA 144 9.90 5.01 38.81
C MET CA 144 11.35 5.41 39.06
N TYR CA 145 12.14 5.68 38.02
CA TYR CA 145 13.53 6.10 38.23
C TYR CA 145 13.58 7.42 38.99
N GLY CA 146 12.70 8.35 38.65
CA GLY CA 146 12.67 9.62 39.35
C GLY CA 146 12.29 9.45 40.81
N MET CA 147 11.33 8.58 41.10
CA MET CA 147 10.93 8.34 42.48
C MET CA 147 12.02 7.63 43.27
N CYS CA 148 12.79 6.75 42.62
CA CYS CA 148 13.76 5.94 43.33
C CYS CA 148 15.10 6.63 43.51
N GLU CA 149 15.53 7.44 42.55
CA GLU CA 149 16.89 7.99 42.58
C GLU CA 149 17.10 8.88 43.79
N SER CA 150 16.15 9.78 44.06
CA SER CA 150 16.31 10.70 45.18
C SER CA 150 16.10 9.99 46.52
N LEU CA 151 15.09 9.13 46.61
CA LEU CA 151 14.73 8.53 47.88
C LEU CA 151 15.73 7.48 48.35
N TRP CA 152 16.59 6.99 47.47
CA TRP CA 152 17.51 5.93 47.83
C TRP CA 152 18.59 6.46 48.77
N GLU CA 153 19.26 5.53 49.45
CA GLU CA 153 20.34 5.84 50.38
C GLU CA 153 21.14 4.57 50.60
N PRO CA 154 22.47 4.64 50.67
CA PRO CA 154 23.26 3.43 50.94
C PRO CA 154 23.23 3.05 52.41
N ASN CA 155 23.46 1.75 52.65
CA ASN CA 155 23.59 1.19 53.99
C ASN CA 155 22.34 1.44 54.83
N MET CA 156 21.25 0.82 54.38
CA MET CA 156 19.95 0.97 55.02
C MET CA 156 19.58 -0.29 55.82
N ASP CA 157 19.04 -0.06 57.02
CA ASP CA 157 18.53 -1.14 57.83
C ASP CA 157 17.18 -1.62 57.29
N PRO CA 158 16.74 -2.83 57.68
CA PRO CA 158 15.51 -3.39 57.10
C PRO CA 158 14.27 -2.49 57.21
N ASP CA 159 14.09 -1.79 58.33
CA ASP CA 159 12.90 -0.96 58.49
C ASP CA 159 12.87 0.18 57.49
N HIS CA 160 13.98 0.92 57.38
CA HIS CA 160 14.05 2.00 56.40
C HIS CA 160 13.97 1.44 54.98
N LEU CA 161 14.52 0.25 54.75
CA LEU CA 161 14.40 -0.36 53.43
C LEU CA 161 12.95 -0.64 53.07
N PHE CA 162 12.18 -1.18 54.03
CA PHE CA 162 10.76 -1.43 53.78
C PHE CA 162 10.02 -0.13 53.55
N GLU CA 163 10.32 0.91 54.34
CA GLU CA 163 9.66 2.19 54.15
C GLU CA 163 9.95 2.76 52.77
N THR CA 164 11.21 2.67 52.32
CA THR CA 164 11.58 3.23 51.03
C THR CA 164 10.95 2.44 49.89
N ILE CA 165 10.95 1.11 49.96
CA ILE CA 165 10.34 0.33 48.90
C ILE CA 165 8.83 0.52 48.89
N SER CA 166 8.24 0.84 50.04
CA SER CA 166 6.81 1.13 50.06
C SER CA 166 6.52 2.50 49.44
N GLN CA 167 7.33 3.51 49.78
CA GLN CA 167 7.07 4.86 49.29
C GLN CA 167 7.45 5.03 47.83
N ALA CA 168 8.38 4.24 47.31
CA ALA CA 168 8.76 4.33 45.92
C ALA CA 168 7.79 3.62 44.99
N MET CA 169 6.80 2.91 45.54
CA MET CA 169 5.82 2.19 44.75
C MET CA 169 4.41 2.70 44.98
N LEU CA 170 4.00 2.90 46.24
CA LEU CA 170 2.60 3.12 46.55
C LEU CA 170 2.06 4.38 45.89
N ASN CA 171 2.83 5.48 45.92
CA ASN CA 171 2.41 6.72 45.30
C ASN CA 171 3.08 6.97 43.96
N ALA CA 172 3.84 6.00 43.45
CA ALA CA 172 4.48 6.12 42.15
C ALA CA 172 3.89 5.21 41.09
N VAL CA 173 3.08 4.23 41.48
CA VAL CA 173 2.44 3.35 40.51
C VAL CA 173 1.01 3.80 40.19
N ASP CA 174 0.37 4.58 41.06
CA ASP CA 174 -0.98 5.06 40.79
C ASP CA 174 -1.01 6.09 39.67
N ARG CA 175 0.14 6.62 39.27
CA ARG CA 175 0.18 7.59 38.18
C ARG CA 175 0.19 6.88 36.83
N ASP CA 176 -0.76 5.96 36.64
CA ASP CA 176 -0.89 5.22 35.39
C ASP CA 176 -2.19 4.44 35.43
N ALA CA 177 -2.80 4.29 34.26
CA ALA CA 177 -4.08 3.59 34.16
C ALA CA 177 -3.93 2.13 34.57
N VAL CA 178 -3.15 1.36 33.80
CA VAL CA 178 -2.99 -0.06 34.05
C VAL CA 178 -1.96 -0.28 35.15
N SER CA 179 -1.87 -1.52 35.65
CA SER CA 179 -0.87 -1.93 36.64
C SER CA 179 -1.05 -1.15 37.94
N GLY CA 180 -2.19 -1.41 38.59
CA GLY CA 180 -2.44 -0.85 39.91
C GLY CA 180 -3.21 -1.80 40.80
N MET CA 181 -3.92 -1.25 41.79
CA MET CA 181 -4.86 -2.00 42.64
C MET CA 181 -4.15 -3.16 43.35
N GLY CA 182 -3.23 -2.81 44.23
CA GLY CA 182 -2.59 -3.77 45.09
C GLY CA 182 -1.09 -3.86 44.95
N VAL CA 183 -0.39 -4.01 46.07
CA VAL CA 183 1.07 -4.08 46.08
C VAL CA 183 1.49 -5.15 47.09
N ILE CA 184 2.37 -6.05 46.66
CA ILE CA 184 2.94 -7.08 47.51
C ILE CA 184 4.39 -6.72 47.76
N VAL CA 185 4.82 -6.76 49.01
CA VAL CA 185 6.19 -6.45 49.39
C VAL CA 185 6.83 -7.69 49.99
N HIS CA 186 7.94 -8.12 49.41
CA HIS CA 186 8.72 -9.25 49.91
C HIS CA 186 10.05 -8.71 50.45
N ILE CA 187 10.27 -8.89 51.75
CA ILE CA 187 11.51 -8.50 52.40
C ILE CA 187 12.25 -9.77 52.79
N ILE CA 188 13.53 -9.85 52.40
CA ILE CA 188 14.34 -11.05 52.61
C ILE CA 188 15.52 -10.63 53.49
N GLU CA 189 15.39 -10.80 54.79
CA GLU CA 189 16.50 -10.52 55.68
C GLU CA 189 17.35 -11.77 55.83
N LYS CA 190 18.32 -11.74 56.74
CA LYS CA 190 19.33 -12.79 56.79
C LYS CA 190 18.72 -14.15 57.16
N ASP CA 191 17.79 -14.18 58.12
CA ASP CA 191 17.35 -15.45 58.69
C ASP CA 191 15.92 -15.84 58.34
N LYS CA 192 15.01 -14.90 58.15
CA LYS CA 192 13.61 -15.25 57.92
C LYS CA 192 12.99 -14.41 56.82
N ILE CA 193 12.20 -15.06 55.98
CA ILE CA 193 11.45 -14.38 54.93
C ILE CA 193 10.19 -13.77 55.54
N THR CA 194 9.78 -12.62 55.01
CA THR CA 194 8.59 -11.93 55.49
C THR CA 194 7.86 -11.29 54.31
N THR CA 195 6.54 -11.46 54.28
CA THR CA 195 5.71 -10.95 53.22
C THR CA 195 4.68 -9.98 53.79
N ARG CA 196 4.45 -8.87 53.08
CA ARG CA 196 3.49 -7.87 53.49
C ARG CA 196 2.65 -7.46 52.29
N THR CA 197 1.42 -7.02 52.56
CA THR CA 197 0.50 -6.55 51.53
C THR CA 197 0.07 -5.13 51.88
N LEU CA 198 0.43 -4.17 51.04
CA LEU CA 198 0.04 -2.79 51.25
C LEU CA 198 -1.39 -2.57 50.78
N LYS CA 199 -1.86 -1.33 50.92
CA LYS CA 199 -3.16 -0.91 50.39
C LYS CA 199 -2.97 0.37 49.61
N ALA CA 200 -3.62 0.45 48.45
CA ALA CA 200 -3.46 1.59 47.56
C ALA CA 200 -4.83 2.01 47.07
N ARG CA 201 -4.86 2.97 46.14
CA ARG CA 201 -6.12 3.48 45.61
C ARG CA 201 -6.81 2.41 44.78
N MET CA 202 -8.10 2.21 45.02
CA MET CA 202 -8.88 1.21 44.30
C MET CA 202 -9.53 1.87 43.10
N ASP CA 203 -8.72 2.11 42.08
CA ASP CA 203 -9.20 2.73 40.84
C ASP CA 203 -8.50 2.14 39.62
N MET DA 1 -21.89 -11.38 20.23
CA MET DA 1 -21.38 -12.69 19.84
C MET DA 1 -22.07 -13.78 20.66
N GLU DA 2 -21.45 -14.17 21.77
CA GLU DA 2 -22.03 -15.16 22.66
C GLU DA 2 -21.91 -14.72 24.11
N TYR DA 3 -22.21 -15.63 25.04
CA TYR DA 3 -22.27 -15.27 26.45
C TYR DA 3 -21.92 -16.47 27.31
N LEU DA 4 -21.01 -16.25 28.26
CA LEU DA 4 -20.59 -17.27 29.22
C LEU DA 4 -20.31 -16.62 30.55
N ILE DA 5 -20.97 -17.10 31.62
CA ILE DA 5 -20.68 -16.64 32.97
C ILE DA 5 -20.67 -17.84 33.90
N GLY DA 6 -19.97 -17.66 35.02
CA GLY DA 6 -19.93 -18.68 36.05
C GLY DA 6 -19.69 -18.07 37.42
N ILE DA 7 -20.55 -18.39 38.38
CA ILE DA 7 -20.46 -17.85 39.73
C ILE DA 7 -20.03 -18.95 40.68
N GLN DA 8 -19.11 -18.62 41.58
CA GLN DA 8 -18.61 -19.57 42.56
C GLN DA 8 -19.54 -19.56 43.77
N GLY DA 9 -19.17 -20.27 44.83
CA GLY DA 9 -19.96 -20.37 46.03
C GLY DA 9 -19.25 -21.22 47.05
N PRO DA 10 -19.97 -21.65 48.09
CA PRO DA 10 -19.33 -22.54 49.08
C PRO DA 10 -19.06 -23.94 48.53
N ASP DA 11 -20.01 -24.53 47.82
CA ASP DA 11 -19.85 -25.91 47.35
C ASP DA 11 -20.42 -26.14 45.96
N TYR DA 12 -20.41 -25.09 45.13
CA TYR DA 12 -20.96 -25.21 43.76
C TYR DA 12 -20.18 -24.33 42.78
N VAL DA 13 -20.20 -24.68 41.50
CA VAL DA 13 -19.48 -23.93 40.47
C VAL DA 13 -20.45 -23.51 39.37
N LEU DA 14 -21.71 -23.26 39.75
CA LEU DA 14 -22.81 -22.93 38.84
C LEU DA 14 -22.40 -22.10 37.62
N VAL DA 15 -22.77 -22.55 36.43
CA VAL DA 15 -22.44 -21.88 35.17
C VAL DA 15 -23.69 -21.76 34.32
N ALA DA 16 -23.79 -20.65 33.58
CA ALA DA 16 -24.85 -20.44 32.61
C ALA DA 16 -24.27 -20.59 31.20
N SER DA 17 -25.06 -20.27 30.20
CA SER DA 17 -24.59 -20.41 28.80
C SER DA 17 -25.51 -19.64 27.89
N ASP DA 18 -25.57 -20.01 26.61
CA ASP DA 18 -26.47 -19.36 25.65
C ASP DA 18 -26.66 -20.32 24.47
N ARG DA 19 -27.76 -21.04 24.49
CA ARG DA 19 -28.07 -22.04 23.47
C ARG DA 19 -28.51 -21.32 22.21
N VAL DA 20 -27.60 -21.15 21.27
CA VAL DA 20 -27.83 -20.34 20.08
C VAL DA 20 -26.78 -20.70 19.04
N ALA DA 21 -27.09 -20.45 17.78
CA ALA DA 21 -26.14 -20.68 16.69
C ALA DA 21 -25.74 -19.37 16.04
N ALA DA 22 -25.01 -19.44 14.93
CA ALA DA 22 -24.59 -18.22 14.25
C ALA DA 22 -24.48 -18.41 12.74
N SER DA 23 -24.63 -17.32 11.99
CA SER DA 23 -24.46 -17.32 10.55
C SER DA 23 -24.28 -15.88 10.07
N ASN DA 24 -24.45 -15.65 8.76
CA ASN DA 24 -24.37 -14.29 8.24
C ASN DA 24 -25.40 -13.38 8.90
N ILE DA 25 -26.68 -13.60 8.59
CA ILE DA 25 -27.75 -12.73 9.10
C ILE DA 25 -28.84 -13.63 9.68
N VAL DA 26 -28.56 -14.92 9.82
CA VAL DA 26 -29.58 -15.92 10.11
C VAL DA 26 -29.18 -16.69 11.35
N GLN DA 27 -30.18 -17.19 12.09
CA GLN DA 27 -29.98 -18.08 13.22
C GLN DA 27 -30.33 -19.49 12.76
N MET DA 28 -29.31 -20.32 12.56
CA MET DA 28 -29.54 -21.66 12.03
C MET DA 28 -30.30 -22.53 13.02
N LYS DA 29 -29.88 -22.55 14.29
CA LYS DA 29 -30.50 -23.38 15.29
C LYS DA 29 -30.59 -22.62 16.61
N ASP DA 30 -31.69 -22.81 17.33
CA ASP DA 30 -31.97 -22.05 18.54
C ASP DA 30 -31.64 -22.83 19.82
N ASP DA 31 -31.06 -24.02 19.69
CA ASP DA 31 -30.66 -24.79 20.88
C ASP DA 31 -29.42 -25.61 20.50
N HIS DA 32 -28.25 -25.05 20.82
CA HIS DA 32 -26.96 -25.67 20.54
C HIS DA 32 -26.14 -25.70 21.83
N ASP DA 33 -26.18 -26.82 22.54
CA ASP DA 33 -25.47 -26.96 23.80
C ASP DA 33 -23.96 -26.79 23.63
N LYS DA 34 -23.41 -25.74 24.25
CA LYS DA 34 -21.98 -25.46 24.20
C LYS DA 34 -21.21 -26.17 25.31
N MET DA 35 -21.90 -26.85 26.22
CA MET DA 35 -21.28 -27.38 27.44
C MET DA 35 -20.75 -28.79 27.19
N PHE DA 36 -19.49 -28.88 26.81
CA PHE DA 36 -18.82 -30.16 26.73
C PHE DA 36 -18.50 -30.69 28.12
N LYS DA 37 -18.47 -32.01 28.25
CA LYS DA 37 -18.29 -32.68 29.53
C LYS DA 37 -17.00 -33.49 29.53
N MET DA 38 -16.22 -33.36 30.60
CA MET DA 38 -14.98 -34.10 30.78
C MET DA 38 -15.17 -35.37 31.60
N SER DA 39 -15.65 -35.22 32.83
CA SER DA 39 -15.81 -36.32 33.76
C SER DA 39 -17.08 -36.09 34.59
N GLU DA 40 -17.19 -36.85 35.67
CA GLU DA 40 -18.35 -36.70 36.54
C GLU DA 40 -18.31 -35.43 37.37
N LYS DA 41 -17.20 -34.69 37.35
CA LYS DA 41 -17.05 -33.52 38.19
C LYS DA 41 -16.52 -32.29 37.45
N ILE DA 42 -16.31 -32.37 36.14
CA ILE DA 42 -15.64 -31.31 35.38
C ILE DA 42 -16.48 -30.95 34.17
N LEU DA 43 -16.73 -29.66 33.98
CA LEU DA 43 -17.30 -29.12 32.76
C LEU DA 43 -16.25 -28.30 32.01
N LEU DA 44 -16.62 -27.89 30.80
CA LEU DA 44 -15.70 -27.09 29.97
C LEU DA 44 -16.56 -26.23 29.04
N LEU DA 45 -16.67 -24.94 29.37
CA LEU DA 45 -17.34 -24.00 28.48
C LEU DA 45 -16.34 -23.46 27.47
N CYS DA 46 -16.82 -23.19 26.26
CA CYS DA 46 -15.92 -22.77 25.19
C CYS DA 46 -16.72 -21.96 24.16
N VAL DA 47 -16.34 -20.70 23.99
CA VAL DA 47 -16.86 -19.85 22.93
C VAL DA 47 -15.68 -19.26 22.16
N GLY DA 48 -15.75 -19.35 20.84
CA GLY DA 48 -14.70 -18.79 20.02
C GLY DA 48 -15.07 -18.80 18.56
N GLU DA 49 -14.04 -18.78 17.72
CA GLU DA 49 -14.24 -18.85 16.28
C GLU DA 49 -14.90 -20.18 15.90
N ALA DA 50 -15.76 -20.13 14.90
CA ALA DA 50 -16.50 -21.31 14.49
C ALA DA 50 -15.56 -22.41 14.01
N GLY DA 51 -15.92 -23.66 14.31
CA GLY DA 51 -15.11 -24.81 13.93
C GLY DA 51 -13.94 -25.11 14.83
N ASP DA 52 -13.04 -24.14 15.02
CA ASP DA 52 -11.91 -24.34 15.89
C ASP DA 52 -12.32 -24.64 17.32
N THR DA 53 -13.41 -24.05 17.80
CA THR DA 53 -13.90 -24.34 19.14
C THR DA 53 -14.32 -25.80 19.30
N VAL DA 54 -15.17 -26.28 18.41
CA VAL DA 54 -15.66 -27.65 18.51
C VAL DA 54 -14.55 -28.65 18.21
N GLN DA 55 -13.51 -28.25 17.48
CA GLN DA 55 -12.39 -29.15 17.26
C GLN DA 55 -11.48 -29.23 18.49
N PHE DA 56 -11.11 -28.07 19.02
CA PHE DA 56 -10.22 -28.05 20.19
C PHE DA 56 -10.88 -28.68 21.40
N ALA DA 57 -12.17 -28.42 21.61
CA ALA DA 57 -12.86 -29.03 22.73
C ALA DA 57 -12.88 -30.54 22.60
N GLU DA 58 -13.15 -31.05 21.41
CA GLU DA 58 -13.16 -32.50 21.21
C GLU DA 58 -11.79 -33.09 21.45
N TYR DA 59 -10.73 -32.44 20.94
CA TYR DA 59 -9.39 -32.97 21.13
C TYR DA 59 -9.00 -32.98 22.60
N ILE DA 60 -9.29 -31.90 23.32
CA ILE DA 60 -8.93 -31.82 24.74
C ILE DA 60 -9.86 -32.65 25.62
N GLN DA 61 -11.01 -33.08 25.10
CA GLN DA 61 -11.94 -33.89 25.86
C GLN DA 61 -11.70 -35.38 25.67
N LYS DA 62 -11.33 -35.82 24.46
CA LYS DA 62 -10.90 -37.20 24.31
C LYS DA 62 -9.41 -37.30 24.64
N ASN DA 63 -9.00 -36.67 25.73
CA ASN DA 63 -7.68 -36.85 26.31
C ASN DA 63 -7.68 -36.96 27.82
N VAL DA 64 -8.70 -36.43 28.51
CA VAL DA 64 -8.81 -36.59 29.95
C VAL DA 64 -9.40 -37.94 30.33
N GLN DA 65 -10.28 -38.50 29.52
CA GLN DA 65 -10.76 -39.85 29.74
C GLN DA 65 -9.65 -40.87 29.63
N LEU DA 66 -8.66 -40.63 28.78
CA LEU DA 66 -7.52 -41.52 28.66
C LEU DA 66 -6.78 -41.65 29.99
N TYR DA 67 -6.59 -40.53 30.68
CA TYR DA 67 -5.87 -40.55 31.96
C TYR DA 67 -6.65 -41.38 32.99
N LYS DA 68 -7.96 -41.18 33.07
CA LYS DA 68 -8.76 -41.97 34.00
C LYS DA 68 -8.72 -43.44 33.66
N MET DA 69 -8.87 -43.76 32.38
CA MET DA 69 -8.94 -45.15 31.94
C MET DA 69 -7.58 -45.84 31.99
N ARG DA 70 -6.49 -45.08 32.08
CA ARG DA 70 -5.15 -45.64 32.17
C ARG DA 70 -4.59 -45.62 33.58
N ASN DA 71 -5.20 -44.88 34.52
CA ASN DA 71 -4.66 -44.86 35.87
C ASN DA 71 -5.71 -45.15 36.94
N GLY DA 72 -6.93 -45.53 36.58
CA GLY DA 72 -7.93 -45.87 37.57
C GLY DA 72 -8.65 -44.68 38.18
N TYR DA 73 -7.88 -43.74 38.73
CA TYR DA 73 -8.44 -42.57 39.40
C TYR DA 73 -8.74 -41.47 38.38
N GLU DA 74 -8.98 -40.26 38.87
CA GLU DA 74 -9.40 -39.13 38.05
C GLU DA 74 -8.49 -37.93 38.29
N LEU DA 75 -8.37 -37.09 37.26
CA LEU DA 75 -7.63 -35.85 37.37
C LEU DA 75 -8.26 -34.92 38.40
N SER DA 76 -7.57 -33.83 38.68
CA SER DA 76 -8.02 -32.72 39.51
C SER DA 76 -8.21 -31.48 38.65
N PRO DA 77 -9.12 -30.58 39.06
CA PRO DA 77 -9.35 -29.37 38.26
C PRO DA 77 -8.10 -28.55 38.00
N THR DA 78 -7.20 -28.43 38.97
CA THR DA 78 -5.98 -27.66 38.75
C THR DA 78 -5.10 -28.30 37.69
N ALA DA 79 -4.95 -29.62 37.71
CA ALA DA 79 -4.19 -30.29 36.67
C ALA DA 79 -4.85 -30.15 35.32
N ALA DA 80 -6.18 -30.26 35.28
CA ALA DA 80 -6.89 -30.10 34.01
C ALA DA 80 -6.67 -28.71 33.43
N ALA DA 81 -6.71 -27.68 34.28
CA ALA DA 81 -6.49 -26.32 33.80
C ALA DA 81 -5.05 -26.14 33.31
N ASN DA 82 -4.08 -26.58 34.11
CA ASN DA 82 -2.69 -26.41 33.73
C ASN DA 82 -2.29 -27.27 32.53
N PHE DA 83 -3.11 -28.25 32.17
CA PHE DA 83 -2.88 -29.04 30.97
C PHE DA 83 -3.55 -28.40 29.76
N THR DA 84 -4.80 -27.94 29.94
CA THR DA 84 -5.51 -27.30 28.84
C THR DA 84 -4.81 -26.03 28.40
N ARG DA 85 -4.31 -25.23 29.35
CA ARG DA 85 -3.58 -24.02 28.99
C ARG DA 85 -2.34 -24.35 28.17
N ARG DA 86 -1.59 -25.37 28.60
CA ARG DA 86 -0.38 -25.72 27.89
C ARG DA 86 -0.68 -26.19 26.46
N ASN DA 87 -1.70 -27.04 26.31
CA ASN DA 87 -2.06 -27.50 24.98
C ASN DA 87 -2.51 -26.34 24.10
N LEU DA 88 -3.34 -25.45 24.65
CA LEU DA 88 -3.83 -24.32 23.87
C LEU DA 88 -2.67 -23.42 23.43
N ALA DA 89 -1.75 -23.12 24.34
CA ALA DA 89 -0.61 -22.27 23.97
C ALA DA 89 0.24 -22.91 22.90
N ASP DA 90 0.63 -24.17 23.10
CA ASP DA 90 1.50 -24.84 22.14
C ASP DA 90 0.85 -24.93 20.78
N CYS DA 91 -0.45 -25.26 20.73
CA CYS DA 91 -1.12 -25.41 19.44
C CYS DA 91 -1.36 -24.07 18.76
N LEU DA 92 -1.78 -23.05 19.52
CA LEU DA 92 -2.05 -21.75 18.93
C LEU DA 92 -0.79 -21.14 18.36
N ARG DA 93 0.32 -21.20 19.11
CA ARG DA 93 1.54 -20.59 18.60
C ARG DA 93 2.15 -21.40 17.46
N SER DA 94 1.81 -22.69 17.35
CA SER DA 94 2.49 -23.56 16.39
C SER DA 94 2.25 -23.14 14.95
N ARG DA 95 1.01 -23.29 14.48
CA ARG DA 95 0.72 -22.95 13.09
C ARG DA 95 -0.67 -22.37 12.84
N THR DA 96 -1.48 -22.16 13.88
CA THR DA 96 -2.88 -21.82 13.70
C THR DA 96 -3.22 -20.51 14.40
N PRO DA 97 -3.72 -19.52 13.69
CA PRO DA 97 -4.25 -18.30 14.35
C PRO DA 97 -5.64 -18.53 14.94
N TYR DA 98 -5.68 -19.27 16.05
CA TYR DA 98 -6.93 -19.58 16.72
C TYR DA 98 -7.54 -18.32 17.34
N HIS DA 99 -8.81 -18.46 17.71
CA HIS DA 99 -9.49 -17.50 18.59
C HIS DA 99 -10.55 -18.29 19.35
N VAL DA 100 -10.19 -18.74 20.56
CA VAL DA 100 -11.09 -19.51 21.41
C VAL DA 100 -10.98 -18.98 22.83
N ASN DA 101 -12.13 -18.88 23.49
CA ASN DA 101 -12.19 -18.56 24.91
C ASN DA 101 -12.73 -19.77 25.66
N LEU DA 102 -12.22 -19.98 26.86
CA LEU DA 102 -12.59 -21.14 27.65
C LEU DA 102 -12.95 -20.70 29.06
N LEU DA 103 -13.75 -21.54 29.72
CA LEU DA 103 -14.14 -21.27 31.12
C LEU DA 103 -14.30 -22.64 31.79
N LEU DA 104 -13.24 -23.10 32.43
CA LEU DA 104 -13.27 -24.39 33.09
C LEU DA 104 -14.19 -24.34 34.31
N ALA DA 105 -14.45 -25.51 34.88
CA ALA DA 105 -15.25 -25.63 36.09
C ALA DA 105 -14.68 -26.79 36.90
N GLY DA 106 -15.46 -27.28 37.85
CA GLY DA 106 -15.04 -28.47 38.57
C GLY DA 106 -15.19 -28.40 40.06
N TYR DA 107 -15.31 -29.56 40.70
CA TYR DA 107 -15.40 -29.66 42.15
C TYR DA 107 -14.61 -30.89 42.59
N ASP DA 108 -13.44 -30.66 43.19
CA ASP DA 108 -12.65 -31.75 43.74
C ASP DA 108 -13.14 -32.06 45.14
N GLU DA 109 -12.41 -32.90 45.87
CA GLU DA 109 -12.83 -33.34 47.19
C GLU DA 109 -11.92 -32.84 48.30
N HIS DA 110 -11.08 -31.84 48.03
CA HIS DA 110 -10.19 -31.34 49.08
C HIS DA 110 -10.34 -29.84 49.31
N GLU DA 111 -10.45 -29.04 48.24
CA GLU DA 111 -10.61 -27.59 48.37
C GLU DA 111 -11.78 -27.10 47.53
N GLY DA 112 -12.98 -27.13 48.12
CA GLY DA 112 -14.17 -26.52 47.57
C GLY DA 112 -14.37 -26.68 46.08
N PRO DA 113 -14.98 -25.67 45.46
CA PRO DA 113 -15.07 -25.65 44.00
C PRO DA 113 -13.87 -24.96 43.37
N ALA DA 114 -13.88 -24.80 42.05
CA ALA DA 114 -12.78 -24.12 41.36
C ALA DA 114 -13.28 -23.69 39.99
N LEU DA 115 -13.17 -22.39 39.70
CA LEU DA 115 -13.56 -21.83 38.41
C LEU DA 115 -12.39 -21.05 37.83
N TYR DA 116 -12.06 -21.32 36.57
CA TYR DA 116 -10.87 -20.77 35.93
C TYR DA 116 -11.27 -19.96 34.71
N TYR DA 117 -10.66 -18.79 34.57
CA TYR DA 117 -10.87 -17.92 33.43
C TYR DA 117 -9.64 -17.93 32.52
N MET DA 118 -9.88 -18.10 31.22
CA MET DA 118 -8.79 -18.16 30.25
C MET DA 118 -9.15 -17.35 29.02
N ASP DA 119 -8.26 -16.44 28.63
CA ASP DA 119 -8.44 -15.65 27.42
C ASP DA 119 -7.97 -16.47 26.21
N TYR DA 120 -7.83 -15.81 25.06
CA TYR DA 120 -7.40 -16.49 23.85
C TYR DA 120 -5.89 -16.48 23.67
N LEU DA 121 -5.12 -15.92 24.60
CA LEU DA 121 -3.63 -16.05 24.49
C LEU DA 121 -3.12 -17.04 25.54
N ALA DA 122 -4.01 -17.82 26.13
CA ALA DA 122 -3.62 -18.88 27.07
C ALA DA 122 -3.01 -18.30 28.34
N ALA DA 123 -3.83 -17.51 29.05
CA ALA DA 123 -3.55 -17.11 30.42
C ALA DA 123 -4.36 -17.97 31.37
N LEU DA 124 -4.10 -17.82 32.67
CA LEU DA 124 -4.79 -18.64 33.66
C LEU DA 124 -4.92 -17.85 34.95
N ALA DA 125 -6.16 -17.51 35.31
CA ALA DA 125 -6.49 -16.86 36.57
C ALA DA 125 -7.42 -17.77 37.37
N LYS DA 126 -7.81 -17.30 38.55
CA LYS DA 126 -8.73 -18.04 39.41
C LYS DA 126 -9.79 -17.11 39.98
N ALA DA 127 -10.41 -16.32 39.12
CA ALA DA 127 -11.40 -15.35 39.56
C ALA DA 127 -12.61 -16.07 40.18
N PRO DA 128 -13.24 -15.46 41.19
CA PRO DA 128 -14.43 -16.08 41.79
C PRO DA 128 -15.68 -15.99 40.93
N PHE DA 129 -15.70 -15.11 39.92
CA PHE DA 129 -16.80 -15.08 38.96
C PHE DA 129 -16.31 -14.31 37.73
N ALA DA 130 -16.30 -14.98 36.58
CA ALA DA 130 -15.80 -14.41 35.35
C ALA DA 130 -16.90 -14.36 34.30
N ALA DA 131 -16.56 -13.82 33.14
CA ALA DA 131 -17.51 -13.72 32.04
C ALA DA 131 -16.75 -13.69 30.73
N HIS DA 132 -17.48 -13.99 29.65
CA HIS DA 132 -16.92 -14.00 28.30
C HIS DA 132 -17.84 -13.19 27.40
N GLY DA 133 -17.54 -13.21 26.10
CA GLY DA 133 -18.39 -12.60 25.10
C GLY DA 133 -18.50 -11.10 25.26
N TYR DA 134 -19.58 -10.55 24.71
CA TYR DA 134 -19.84 -9.12 24.81
C TYR DA 134 -20.72 -8.76 25.99
N GLY DA 135 -21.61 -9.67 26.40
CA GLY DA 135 -22.45 -9.41 27.55
C GLY DA 135 -21.69 -9.24 28.84
N ALA DA 136 -20.42 -9.65 28.86
CA ALA DA 136 -19.58 -9.44 30.03
C ALA DA 136 -19.54 -7.97 30.41
N PHE DA 137 -19.39 -7.09 29.41
CA PHE DA 137 -19.31 -5.66 29.68
C PHE DA 137 -20.55 -5.18 30.43
N LEU DA 138 -21.74 -5.56 29.96
CA LEU DA 138 -22.97 -5.07 30.55
C LEU DA 138 -23.42 -5.83 31.79
N THR DA 139 -22.81 -6.97 32.09
CA THR DA 139 -23.31 -7.80 33.18
C THR DA 139 -22.33 -8.02 34.32
N LEU DA 140 -21.04 -7.76 34.13
CA LEU DA 140 -20.08 -8.03 35.18
C LEU DA 140 -20.28 -7.11 36.37
N SER DA 141 -20.63 -5.85 36.13
CA SER DA 141 -20.92 -4.95 37.23
C SER DA 141 -22.13 -5.41 38.03
N ILE DA 142 -23.17 -5.89 37.34
CA ILE DA 142 -24.35 -6.40 38.03
C ILE DA 142 -23.97 -7.61 38.88
N LEU DA 143 -23.13 -8.50 38.32
CA LEU DA 143 -22.66 -9.63 39.11
C LEU DA 143 -21.85 -9.20 40.33
N ASP DA 144 -21.04 -8.15 40.18
CA ASP DA 144 -20.19 -7.71 41.29
C ASP DA 144 -20.97 -6.97 42.37
N ARG DA 145 -22.07 -6.31 42.00
CA ARG DA 145 -22.78 -5.49 42.98
C ARG DA 145 -23.40 -6.33 44.09
N TYR DA 146 -24.12 -7.39 43.74
CA TYR DA 146 -24.86 -8.17 44.72
C TYR DA 146 -24.09 -9.37 45.24
N TYR DA 147 -22.86 -9.60 44.78
CA TYR DA 147 -22.14 -10.82 45.11
C TYR DA 147 -21.61 -10.75 46.53
N THR DA 148 -22.40 -11.26 47.48
CA THR DA 148 -21.88 -11.53 48.80
C THR DA 148 -20.84 -12.64 48.71
N PRO DA 149 -19.80 -12.59 49.54
CA PRO DA 149 -18.78 -13.66 49.50
C PRO DA 149 -19.36 -15.06 49.65
N THR DA 150 -20.40 -15.23 50.46
CA THR DA 150 -21.11 -16.49 50.58
C THR DA 150 -22.52 -16.32 50.00
N ILE DA 151 -22.88 -17.21 49.09
CA ILE DA 151 -24.21 -17.14 48.45
C ILE DA 151 -24.84 -18.52 48.53
N SER DA 152 -26.06 -18.63 49.00
CA SER DA 152 -26.79 -19.89 49.03
C SER DA 152 -27.21 -20.29 47.62
N ARG DA 153 -27.33 -21.60 47.40
CA ARG DA 153 -27.71 -22.11 46.10
C ARG DA 153 -29.04 -21.54 45.64
N GLU DA 154 -29.96 -21.33 46.57
CA GLU DA 154 -31.25 -20.74 46.21
C GLU DA 154 -31.09 -19.33 45.66
N ARG DA 155 -30.25 -18.51 46.30
CA ARG DA 155 -30.08 -17.14 45.87
C ARG DA 155 -29.21 -17.01 44.62
N ALA DA 156 -28.36 -18.01 44.35
CA ALA DA 156 -27.53 -17.94 43.16
C ALA DA 156 -28.38 -17.93 41.89
N VAL DA 157 -29.44 -18.73 41.86
CA VAL DA 157 -30.32 -18.77 40.70
C VAL DA 157 -31.00 -17.41 40.50
N GLU DA 158 -31.45 -16.79 41.59
CA GLU DA 158 -32.09 -15.48 41.48
C GLU DA 158 -31.12 -14.43 40.97
N LEU DA 159 -29.88 -14.43 41.48
CA LEU DA 159 -28.89 -13.49 41.00
C LEU DA 159 -28.62 -13.69 39.52
N LEU DA 160 -28.49 -14.94 39.10
CA LEU DA 160 -28.29 -15.23 37.68
C LEU DA 160 -29.48 -14.75 36.85
N ARG DA 161 -30.69 -14.94 37.35
CA ARG DA 161 -31.88 -14.52 36.61
C ARG DA 161 -31.89 -13.00 36.42
N LYS DA 162 -31.56 -12.24 37.47
CA LYS DA 162 -31.49 -10.79 37.31
C LYS DA 162 -30.40 -10.40 36.32
N CYS DA 163 -29.23 -11.04 36.42
CA CYS DA 163 -28.11 -10.71 35.54
C CYS DA 163 -28.44 -11.02 34.09
N LEU DA 164 -29.27 -12.02 33.84
CA LEU DA 164 -29.67 -12.33 32.47
C LEU DA 164 -30.83 -11.46 31.99
N GLU DA 165 -31.72 -11.05 32.89
CA GLU DA 165 -32.78 -10.12 32.52
C GLU DA 165 -32.21 -8.80 32.04
N GLU DA 166 -31.21 -8.28 32.77
CA GLU DA 166 -30.62 -7.01 32.35
C GLU DA 166 -29.99 -7.13 30.96
N LEU DA 167 -29.28 -8.22 30.70
CA LEU DA 167 -28.70 -8.45 29.38
C LEU DA 167 -29.76 -8.56 28.31
N GLN DA 168 -30.82 -9.31 28.56
CA GLN DA 168 -31.89 -9.46 27.58
C GLN DA 168 -32.62 -8.15 27.31
N LYS DA 169 -32.62 -7.22 28.26
CA LYS DA 169 -33.28 -5.95 28.05
C LYS DA 169 -32.41 -4.88 27.40
N ARG DA 170 -31.09 -4.89 27.64
CA ARG DA 170 -30.24 -3.79 27.17
C ARG DA 170 -29.21 -4.21 26.12
N PHE DA 171 -29.43 -5.31 25.40
CA PHE DA 171 -28.45 -5.80 24.45
C PHE DA 171 -28.96 -5.71 23.03
N ILE DA 172 -28.04 -5.58 22.09
CA ILE DA 172 -28.39 -5.48 20.68
C ILE DA 172 -28.90 -6.81 20.14
N LEU DA 173 -28.24 -7.91 20.52
CA LEU DA 173 -28.54 -9.20 19.92
C LEU DA 173 -29.77 -9.82 20.57
N ASN DA 174 -30.13 -11.02 20.09
CA ASN DA 174 -31.40 -11.63 20.43
C ASN DA 174 -31.23 -12.99 21.11
N LEU DA 175 -30.34 -13.08 22.11
CA LEU DA 175 -30.17 -14.30 22.88
C LEU DA 175 -31.51 -14.70 23.49
N PRO DA 176 -32.17 -15.74 22.97
CA PRO DA 176 -33.56 -15.98 23.31
C PRO DA 176 -33.77 -16.80 24.57
N THR DA 177 -32.83 -17.70 24.89
CA THR DA 177 -33.00 -18.59 26.01
C THR DA 177 -31.63 -19.14 26.42
N PHE DA 178 -31.48 -19.43 27.71
CA PHE DA 178 -30.22 -19.83 28.31
C PHE DA 178 -30.36 -21.15 29.03
N SER DA 179 -29.22 -21.81 29.20
CA SER DA 179 -29.18 -23.11 29.89
C SER DA 179 -28.46 -22.92 31.21
N VAL DA 180 -28.77 -23.72 32.21
CA VAL DA 180 -28.19 -23.61 33.53
C VAL DA 180 -27.79 -24.99 34.03
N ARG DA 181 -26.56 -25.12 34.50
CA ARG DA 181 -26.09 -26.36 35.11
C ARG DA 181 -25.29 -26.03 36.37
N ILE DA 182 -25.52 -26.80 37.42
CA ILE DA 182 -24.86 -26.61 38.71
C ILE DA 182 -24.20 -27.91 39.12
N ILE DA 183 -22.95 -27.82 39.59
CA ILE DA 183 -22.15 -28.98 39.98
C ILE DA 183 -22.02 -29.02 41.49
N ASP DA 184 -22.34 -30.18 42.07
CA ASP DA 184 -22.18 -30.39 43.51
C ASP DA 184 -21.40 -31.68 43.75
N LYS DA 185 -21.31 -32.12 45.00
CA LYS DA 185 -20.61 -33.37 45.29
C LYS DA 185 -21.54 -34.56 45.10
N ASN DA 186 -22.24 -34.58 43.96
CA ASN DA 186 -23.09 -35.71 43.61
C ASN DA 186 -23.07 -36.03 42.12
N GLY DA 187 -22.25 -35.34 41.33
CA GLY DA 187 -22.26 -35.49 39.88
C GLY DA 187 -22.51 -34.16 39.19
N ILE DA 188 -23.19 -34.23 38.05
CA ILE DA 188 -23.53 -33.03 37.30
C ILE DA 188 -25.04 -32.84 37.32
N HIS DA 189 -25.53 -32.04 38.28
CA HIS DA 189 -26.95 -31.77 38.37
C HIS DA 189 -27.38 -30.83 37.24
N ASP DA 190 -28.68 -30.81 36.97
CA ASP DA 190 -29.24 -29.99 35.92
C ASP DA 190 -30.47 -29.25 36.44
N LEU DA 191 -30.73 -28.10 35.84
CA LEU DA 191 -31.87 -27.26 36.20
C LEU DA 191 -32.65 -26.91 34.93
N ASP DA 192 -33.91 -26.53 35.14
CA ASP DA 192 -34.76 -26.18 34.00
C ASP DA 192 -34.21 -24.98 33.26
N ASN DA 193 -34.38 -24.98 31.94
CA ASN DA 193 -33.83 -23.92 31.11
C ASN DA 193 -34.48 -22.58 31.42
N ILE DA 194 -33.72 -21.51 31.19
CA ILE DA 194 -34.21 -20.14 31.34
C ILE DA 194 -34.62 -19.65 29.96
N SER DA 195 -35.92 -19.46 29.76
CA SER DA 195 -36.45 -19.03 28.48
C SER DA 195 -37.29 -17.78 28.68
N PHE DA 196 -37.05 -16.77 27.85
CA PHE DA 196 -37.79 -15.51 27.92
C PHE DA 196 -38.80 -15.47 26.80
N PRO DA 197 -40.11 -15.47 27.09
CA PRO DA 197 -41.18 -15.45 26.08
C PRO DA 197 -41.07 -14.29 25.10
N PRO EA 1 -7.27 -17.36 -13.08
CA PRO EA 1 -8.11 -17.33 -14.28
C PRO EA 1 -9.44 -16.64 -14.03
N GLY EA 2 -10.47 -17.06 -14.77
CA GLY EA 2 -11.80 -16.55 -14.54
C GLY EA 2 -12.47 -17.21 -13.35
N ILE EA 3 -13.64 -16.67 -12.99
CA ILE EA 3 -14.42 -17.25 -11.91
C ILE EA 3 -14.82 -18.66 -12.29
N GLU EA 4 -14.64 -19.60 -11.37
CA GLU EA 4 -14.81 -21.02 -11.71
C GLU EA 4 -16.24 -21.35 -12.12
N MET EA 5 -17.18 -21.34 -11.18
CA MET EA 5 -18.61 -21.61 -11.39
C MET EA 5 -19.34 -21.20 -10.12
N LEU EA 6 -20.66 -21.11 -10.25
CA LEU EA 6 -21.60 -21.16 -9.12
C LEU EA 6 -21.24 -20.16 -8.02
N HIS EA 7 -21.39 -18.87 -8.35
CA HIS EA 7 -21.24 -17.82 -7.36
C HIS EA 7 -22.28 -17.93 -6.24
N GLY EA 8 -23.41 -18.57 -6.51
CA GLY EA 8 -24.42 -18.77 -5.49
C GLY EA 8 -25.55 -19.63 -6.00
N THR EA 9 -26.32 -20.17 -5.06
CA THR EA 9 -27.44 -21.06 -5.39
C THR EA 9 -28.36 -21.13 -4.19
N THR EA 10 -29.31 -22.07 -4.23
CA THR EA 10 -30.26 -22.26 -3.15
C THR EA 10 -30.58 -23.74 -3.00
N THR EA 11 -31.04 -24.11 -1.81
CA THR EA 11 -31.50 -25.45 -1.49
C THR EA 11 -32.11 -25.42 -0.10
N LEU EA 12 -32.89 -26.46 0.21
CA LEU EA 12 -33.51 -26.56 1.52
C LEU EA 12 -33.77 -28.02 1.85
N ALA EA 13 -33.96 -28.30 3.14
CA ALA EA 13 -34.29 -29.65 3.59
C ALA EA 13 -34.87 -29.58 4.98
N PHE EA 14 -36.07 -30.12 5.17
CA PHE EA 14 -36.70 -30.25 6.46
C PHE EA 14 -37.06 -31.70 6.71
N LYS EA 15 -37.18 -32.06 7.99
CA LYS EA 15 -37.49 -33.42 8.39
C LYS EA 15 -38.82 -33.45 9.13
N PHE EA 16 -39.57 -34.53 8.95
CA PHE EA 16 -40.84 -34.72 9.63
C PHE EA 16 -41.04 -36.22 9.87
N ARG EA 17 -42.28 -36.60 10.18
CA ARG EA 17 -42.57 -37.96 10.62
C ARG EA 17 -42.33 -39.01 9.56
N HIS EA 18 -42.14 -38.64 8.30
CA HIS EA 18 -41.97 -39.60 7.21
C HIS EA 18 -40.65 -39.38 6.47
N GLY EA 19 -39.60 -39.02 7.20
CA GLY EA 19 -38.28 -38.96 6.61
C GLY EA 19 -37.72 -37.56 6.42
N VAL EA 20 -36.96 -37.37 5.34
CA VAL EA 20 -36.29 -36.12 5.05
C VAL EA 20 -36.49 -35.80 3.57
N ILE EA 21 -36.77 -34.52 3.28
CA ILE EA 21 -37.03 -34.05 1.93
C ILE EA 21 -35.93 -33.10 1.53
N VAL EA 22 -35.47 -33.21 0.29
CA VAL EA 22 -34.40 -32.38 -0.24
C VAL EA 22 -34.86 -31.74 -1.55
N ALA EA 23 -34.64 -30.44 -1.68
CA ALA EA 23 -34.99 -29.70 -2.88
C ALA EA 23 -33.80 -28.83 -3.30
N ALA EA 24 -33.68 -28.61 -4.60
CA ALA EA 24 -32.56 -27.84 -5.12
C ALA EA 24 -32.93 -27.25 -6.47
N ASP EA 25 -32.19 -26.21 -6.85
CA ASP EA 25 -32.31 -25.53 -8.13
C ASP EA 25 -31.22 -26.04 -9.07
N SER EA 26 -31.08 -25.40 -10.23
CA SER EA 26 -29.98 -25.74 -11.14
C SER EA 26 -29.66 -24.51 -11.99
N ARG EA 27 -28.69 -23.71 -11.53
CA ARG EA 27 -28.12 -22.61 -12.32
C ARG EA 27 -26.70 -22.38 -11.81
N ALA EA 28 -25.72 -22.93 -12.54
CA ALA EA 28 -24.32 -22.78 -12.18
C ALA EA 28 -23.79 -21.54 -12.90
N THR EA 29 -23.89 -20.39 -12.24
CA THR EA 29 -23.46 -19.14 -12.84
C THR EA 29 -21.93 -19.03 -12.81
N ALA EA 30 -21.41 -18.05 -13.54
CA ALA EA 30 -19.99 -17.78 -13.63
C ALA EA 30 -19.73 -16.29 -13.48
N GLY EA 31 -20.34 -15.68 -12.47
CA GLY EA 31 -20.20 -14.25 -12.24
C GLY EA 31 -21.31 -13.42 -12.86
N ALA EA 32 -21.32 -13.31 -14.19
CA ALA EA 32 -22.35 -12.53 -14.86
C ALA EA 32 -22.87 -13.19 -16.13
N TYR EA 33 -22.50 -14.44 -16.39
CA TYR EA 33 -22.95 -15.16 -17.58
C TYR EA 33 -23.42 -16.54 -17.17
N ILE EA 34 -24.61 -16.93 -17.60
CA ILE EA 34 -25.18 -18.22 -17.25
C ILE EA 34 -24.46 -19.30 -18.04
N ALA EA 35 -23.85 -20.24 -17.33
CA ALA EA 35 -23.08 -21.30 -17.97
C ALA EA 35 -23.92 -22.52 -18.32
N SER EA 36 -24.90 -22.87 -17.50
CA SER EA 36 -25.71 -24.05 -17.73
C SER EA 36 -27.07 -23.87 -17.09
N GLN EA 37 -27.99 -24.77 -17.45
CA GLN EA 37 -29.36 -24.72 -16.96
C GLN EA 37 -29.83 -25.98 -16.26
N THR EA 38 -29.17 -27.12 -16.47
CA THR EA 38 -29.62 -28.40 -15.93
C THR EA 38 -28.44 -29.14 -15.31
N VAL EA 39 -27.72 -28.46 -14.42
CA VAL EA 39 -26.64 -29.09 -13.68
C VAL EA 39 -27.22 -29.68 -12.40
N LYS EA 40 -27.06 -30.99 -12.23
CA LYS EA 40 -27.59 -31.68 -11.06
C LYS EA 40 -26.76 -31.34 -9.83
N LYS EA 41 -27.44 -31.03 -8.73
CA LYS EA 41 -26.78 -30.66 -7.48
C LYS EA 41 -27.01 -31.65 -6.36
N VAL EA 42 -28.16 -32.33 -6.33
CA VAL EA 42 -28.39 -33.37 -5.34
C VAL EA 42 -27.51 -34.56 -5.70
N ILE EA 43 -26.40 -34.71 -4.99
CA ILE EA 43 -25.40 -35.72 -5.32
C ILE EA 43 -25.74 -37.02 -4.62
N GLU EA 44 -25.75 -38.11 -5.36
CA GLU EA 44 -26.01 -39.44 -4.83
C GLU EA 44 -24.69 -40.14 -4.57
N ILE EA 45 -24.56 -40.75 -3.39
CA ILE EA 45 -23.31 -41.41 -3.01
C ILE EA 45 -23.58 -42.88 -2.72
N ASN EA 46 -24.81 -43.20 -2.34
CA ASN EA 46 -25.27 -44.57 -2.15
C ASN EA 46 -26.77 -44.53 -1.93
N PRO EA 47 -27.48 -45.65 -2.08
CA PRO EA 47 -28.93 -45.61 -1.89
C PRO EA 47 -29.34 -45.59 -0.43
N TYR EA 48 -28.64 -44.77 0.36
CA TYR EA 48 -29.09 -44.42 1.70
C TYR EA 48 -28.88 -42.97 2.07
N LEU EA 49 -27.96 -42.24 1.43
CA LEU EA 49 -27.67 -40.85 1.75
C LEU EA 49 -27.89 -39.99 0.51
N LEU EA 50 -27.85 -38.67 0.72
CA LEU EA 50 -28.12 -37.71 -0.35
C LEU EA 50 -27.26 -36.48 -0.10
N GLY EA 51 -26.08 -36.44 -0.74
CA GLY EA 51 -25.22 -35.28 -0.63
C GLY EA 51 -25.81 -34.07 -1.32
N THR EA 52 -25.51 -32.90 -0.78
CA THR EA 52 -25.99 -31.64 -1.33
C THR EA 52 -24.83 -30.82 -1.89
N MET EA 53 -25.19 -29.78 -2.63
CA MET EA 53 -24.23 -28.95 -3.35
C MET EA 53 -24.51 -27.48 -3.07
N ALA EA 54 -23.45 -26.70 -2.91
CA ALA EA 54 -23.54 -25.26 -2.69
C ALA EA 54 -22.12 -24.71 -2.78
N GLY EA 55 -22.00 -23.39 -2.69
CA GLY EA 55 -20.70 -22.75 -2.77
C GLY EA 55 -20.05 -23.04 -4.11
N GLY EA 56 -18.81 -23.50 -4.06
CA GLY EA 56 -18.12 -23.91 -5.27
C GLY EA 56 -18.68 -25.20 -5.83
N ALA EA 57 -18.26 -25.52 -7.04
CA ALA EA 57 -18.73 -26.74 -7.72
C ALA EA 57 -17.70 -27.85 -7.67
N ALA EA 58 -16.49 -27.59 -8.18
CA ALA EA 58 -15.48 -28.64 -8.26
C ALA EA 58 -15.09 -29.16 -6.89
N ASP EA 59 -14.91 -28.26 -5.92
CA ASP EA 59 -14.56 -28.67 -4.57
C ASP EA 59 -15.64 -29.58 -3.98
N CYS EA 60 -16.90 -29.17 -4.12
CA CYS EA 60 -18.00 -29.97 -3.59
C CYS EA 60 -18.02 -31.35 -4.24
N SER EA 61 -17.91 -31.41 -5.57
CA SER EA 61 -17.95 -32.69 -6.25
C SER EA 61 -16.81 -33.59 -5.81
N PHE EA 62 -15.60 -33.05 -5.71
CA PHE EA 62 -14.45 -33.85 -5.33
C PHE EA 62 -14.60 -34.40 -3.92
N TRP EA 63 -15.04 -33.56 -2.99
CA TRP EA 63 -15.13 -34.03 -1.60
C TRP EA 63 -16.27 -35.02 -1.42
N GLU EA 64 -17.39 -34.86 -2.14
CA GLU EA 64 -18.41 -35.91 -2.10
C GLU EA 64 -17.88 -37.21 -2.69
N ARG EA 65 -17.06 -37.14 -3.75
CA ARG EA 65 -16.51 -38.37 -4.30
C ARG EA 65 -15.63 -39.08 -3.27
N LEU EA 66 -14.77 -38.32 -2.58
CA LEU EA 66 -13.93 -38.94 -1.55
C LEU EA 66 -14.77 -39.51 -0.41
N LEU EA 67 -15.82 -38.79 0.00
CA LEU EA 67 -16.69 -39.31 1.05
C LEU EA 67 -17.38 -40.60 0.61
N ALA EA 68 -17.81 -40.67 -0.64
CA ALA EA 68 -18.43 -41.88 -1.15
C ALA EA 68 -17.44 -43.04 -1.14
N ARG EA 69 -16.20 -42.79 -1.55
CA ARG EA 69 -15.20 -43.86 -1.52
C ARG EA 69 -14.98 -44.36 -0.09
N GLN EA 70 -14.84 -43.44 0.86
CA GLN EA 70 -14.60 -43.85 2.25
C GLN EA 70 -15.79 -44.62 2.80
N CYS EA 71 -17.00 -44.18 2.51
CA CYS EA 71 -18.19 -44.88 2.97
C CYS EA 71 -18.28 -46.28 2.37
N ARG EA 72 -17.97 -46.42 1.08
CA ARG EA 72 -18.00 -47.73 0.46
C ARG EA 72 -16.95 -48.65 1.07
N ILE EA 73 -15.76 -48.12 1.36
CA ILE EA 73 -14.72 -48.93 1.98
C ILE EA 73 -15.16 -49.40 3.36
N TYR EA 74 -15.75 -48.50 4.14
CA TYR EA 74 -16.22 -48.88 5.47
C TYR EA 74 -17.32 -49.93 5.38
N GLU EA 75 -18.24 -49.77 4.43
CA GLU EA 75 -19.29 -50.76 4.20
C GLU EA 75 -18.69 -52.13 3.90
N LEU EA 76 -17.71 -52.17 3.00
CA LEU EA 76 -17.11 -53.46 2.64
C LEU EA 76 -16.36 -54.07 3.80
N ARG EA 77 -15.74 -53.25 4.64
CA ARG EA 77 -14.94 -53.79 5.74
C ARG EA 77 -15.81 -54.31 6.88
N ASN EA 78 -16.64 -53.45 7.46
CA ASN EA 78 -17.31 -53.79 8.71
C ASN EA 78 -18.67 -54.45 8.52
N LYS EA 79 -19.08 -54.71 7.28
CA LYS EA 79 -20.30 -55.47 7.00
C LYS EA 79 -21.57 -54.79 7.51
N GLU EA 80 -21.44 -53.57 8.04
CA GLU EA 80 -22.56 -52.85 8.61
C GLU EA 80 -22.63 -51.45 8.02
N ARG EA 81 -23.85 -50.96 7.83
CA ARG EA 81 -24.04 -49.64 7.25
C ARG EA 81 -23.53 -48.56 8.20
N ILE EA 82 -22.99 -47.50 7.62
CA ILE EA 82 -22.41 -46.40 8.39
C ILE EA 82 -23.49 -45.39 8.71
N SER EA 83 -23.47 -44.88 9.93
CA SER EA 83 -24.43 -43.87 10.36
C SER EA 83 -24.11 -42.53 9.71
N VAL EA 84 -25.12 -41.66 9.66
CA VAL EA 84 -24.95 -40.35 9.03
C VAL EA 84 -23.97 -39.49 9.80
N ALA EA 85 -23.96 -39.61 11.14
CA ALA EA 85 -23.08 -38.78 11.95
C ALA EA 85 -21.62 -39.06 11.65
N ALA EA 86 -21.28 -40.34 11.45
CA ALA EA 86 -19.89 -40.69 11.14
C ALA EA 86 -19.45 -40.06 9.84
N ALA EA 87 -20.29 -40.14 8.80
CA ALA EA 87 -19.94 -39.54 7.52
C ALA EA 87 -19.82 -38.02 7.64
N SER EA 88 -20.72 -37.40 8.39
CA SER EA 88 -20.67 -35.96 8.57
C SER EA 88 -19.37 -35.54 9.24
N LYS EA 89 -18.98 -36.25 10.31
CA LYS EA 89 -17.73 -35.91 10.99
C LYS EA 89 -16.52 -36.18 10.10
N LEU EA 90 -16.57 -37.24 9.31
CA LEU EA 90 -15.47 -37.52 8.38
C LEU EA 90 -15.29 -36.36 7.41
N LEU EA 91 -16.38 -35.95 6.77
CA LEU EA 91 -16.29 -34.84 5.82
C LEU EA 91 -15.85 -33.56 6.53
N ALA EA 92 -16.30 -33.36 7.77
CA ALA EA 92 -15.87 -32.18 8.52
C ALA EA 92 -14.36 -32.17 8.72
N ASN EA 93 -13.80 -33.32 9.11
CA ASN EA 93 -12.36 -33.39 9.29
C ASN EA 93 -11.61 -33.13 7.99
N MET EA 94 -12.06 -33.76 6.90
CA MET EA 94 -11.36 -33.57 5.63
C MET EA 94 -11.41 -32.11 5.18
N VAL EA 95 -12.56 -31.47 5.30
CA VAL EA 95 -12.65 -30.09 4.84
C VAL EA 95 -11.88 -29.16 5.77
N TYR EA 96 -11.92 -29.40 7.08
CA TYR EA 96 -11.23 -28.55 8.02
C TYR EA 96 -9.72 -28.72 7.94
N GLN EA 97 -9.25 -29.83 7.35
CA GLN EA 97 -7.82 -30.00 7.15
C GLN EA 97 -7.22 -28.82 6.39
N TYR EA 98 -7.88 -28.40 5.31
CA TYR EA 98 -7.46 -27.23 4.55
C TYR EA 98 -8.41 -26.08 4.88
N LYS EA 99 -7.88 -25.02 5.47
CA LYS EA 99 -8.66 -23.80 5.69
C LYS EA 99 -7.79 -22.59 5.41
N GLY EA 100 -8.41 -21.57 4.81
CA GLY EA 100 -7.74 -20.34 4.47
C GLY EA 100 -7.17 -20.29 3.07
N MET EA 101 -7.12 -21.42 2.36
CA MET EA 101 -6.62 -21.43 1.00
C MET EA 101 -7.69 -21.16 -0.03
N GLY EA 102 -8.92 -20.89 0.38
CA GLY EA 102 -9.96 -20.51 -0.56
C GLY EA 102 -11.05 -21.53 -0.72
N LEU EA 103 -11.09 -22.52 0.16
CA LEU EA 103 -12.16 -23.51 0.13
C LEU EA 103 -13.50 -22.86 0.45
N SER EA 104 -14.54 -23.35 -0.19
CA SER EA 104 -15.89 -22.82 0.01
C SER EA 104 -16.89 -23.88 -0.39
N MET EA 105 -17.65 -24.38 0.57
CA MET EA 105 -18.61 -25.45 0.29
C MET EA 105 -19.65 -25.49 1.40
N GLY EA 106 -20.87 -25.83 1.00
CA GLY EA 106 -21.94 -26.08 1.95
C GLY EA 106 -22.68 -27.35 1.61
N THR EA 107 -22.64 -28.34 2.50
CA THR EA 107 -23.25 -29.63 2.25
C THR EA 107 -24.12 -30.03 3.44
N MET EA 108 -25.17 -30.79 3.14
CA MET EA 108 -26.24 -31.10 4.08
C MET EA 108 -26.54 -32.59 4.08
N ILE EA 109 -25.48 -33.40 4.23
CA ILE EA 109 -25.57 -34.85 4.27
C ILE EA 109 -26.74 -35.29 5.12
N CYS EA 110 -27.61 -36.14 4.58
CA CYS EA 110 -28.82 -36.56 5.26
C CYS EA 110 -29.20 -37.95 4.78
N GLY EA 111 -29.99 -38.64 5.59
CA GLY EA 111 -30.44 -39.97 5.26
C GLY EA 111 -31.02 -40.67 6.47
N TRP EA 112 -31.36 -41.94 6.26
CA TRP EA 112 -31.95 -42.78 7.30
C TRP EA 112 -30.95 -43.84 7.74
N ASP EA 113 -31.01 -44.17 9.03
CA ASP EA 113 -30.14 -45.18 9.61
C ASP EA 113 -30.82 -45.75 10.85
N LYS EA 114 -30.04 -46.45 11.68
CA LYS EA 114 -30.60 -47.16 12.83
C LYS EA 114 -31.20 -46.23 13.87
N ARG EA 115 -30.77 -44.97 13.91
CA ARG EA 115 -31.27 -44.02 14.89
C ARG EA 115 -32.43 -43.18 14.35
N GLY EA 116 -32.90 -43.45 13.14
CA GLY EA 116 -33.97 -42.68 12.55
C GLY EA 116 -33.48 -41.79 11.43
N PRO EA 117 -33.98 -40.56 11.38
CA PRO EA 117 -33.47 -39.60 10.40
C PRO EA 117 -32.23 -38.89 10.91
N GLY EA 118 -31.70 -37.97 10.12
CA GLY EA 118 -30.57 -37.14 10.53
C GLY EA 118 -30.16 -36.21 9.42
N LEU EA 119 -29.93 -34.94 9.74
CA LEU EA 119 -29.69 -33.92 8.71
C LEU EA 119 -28.55 -33.00 9.15
N TYR EA 120 -27.42 -33.60 9.51
CA TYR EA 120 -26.28 -32.81 9.96
C TYR EA 120 -25.75 -31.91 8.85
N TYR EA 121 -25.20 -30.77 9.25
CA TYR EA 121 -24.67 -29.76 8.36
C TYR EA 121 -23.20 -29.50 8.62
N VAL EA 122 -22.42 -29.38 7.54
CA VAL EA 122 -21.01 -29.06 7.61
C VAL EA 122 -20.66 -28.12 6.46
N ASP EA 123 -19.64 -27.31 6.67
CA ASP EA 123 -19.20 -26.36 5.66
C ASP EA 123 -17.69 -26.15 5.79
N SER EA 124 -17.16 -25.20 5.02
CA SER EA 124 -15.72 -24.92 5.05
C SER EA 124 -15.27 -24.36 6.39
N GLU EA 125 -16.16 -23.70 7.14
CA GLU EA 125 -15.76 -23.11 8.41
C GLU EA 125 -15.36 -24.17 9.42
N GLY EA 126 -16.07 -25.29 9.46
CA GLY EA 126 -15.72 -26.41 10.30
C GLY EA 126 -16.77 -26.82 11.31
N ASN EA 127 -17.83 -26.05 11.51
CA ASN EA 127 -18.85 -26.43 12.46
C ASN EA 127 -19.70 -27.57 11.91
N ARG EA 128 -20.23 -28.38 12.81
CA ARG EA 128 -20.98 -29.57 12.45
C ARG EA 128 -22.38 -29.54 13.07
N ILE EA 129 -23.06 -28.41 12.93
CA ILE EA 129 -24.33 -28.21 13.60
C ILE EA 129 -25.39 -29.16 13.05
N SER EA 130 -26.24 -29.66 13.93
CA SER EA 130 -27.41 -30.44 13.54
C SER EA 130 -28.61 -29.51 13.39
N GLY EA 131 -29.80 -30.09 13.28
CA GLY EA 131 -31.00 -29.28 13.23
C GLY EA 131 -32.17 -30.06 12.66
N ALA EA 132 -33.27 -29.34 12.46
CA ALA EA 132 -34.47 -29.91 11.85
C ALA EA 132 -35.00 -29.05 10.71
N THR EA 133 -34.26 -28.02 10.30
CA THR EA 133 -34.71 -27.09 9.27
C THR EA 133 -33.49 -26.36 8.75
N PHE EA 134 -33.22 -26.45 7.45
CA PHE EA 134 -31.97 -25.92 6.93
C PHE EA 134 -32.18 -25.35 5.53
N SER EA 135 -31.30 -24.41 5.17
CA SER EA 135 -31.26 -23.82 3.85
C SER EA 135 -29.94 -23.07 3.67
N VAL EA 136 -29.20 -23.40 2.61
CA VAL EA 136 -27.88 -22.81 2.40
C VAL EA 136 -27.77 -22.31 0.97
N GLY EA 137 -26.82 -21.39 0.78
CA GLY EA 137 -26.59 -20.76 -0.51
C GLY EA 137 -27.03 -19.31 -0.50
N SER EA 138 -26.83 -18.66 -1.65
CA SER EA 138 -27.27 -17.28 -1.81
C SER EA 138 -28.78 -17.16 -1.67
N GLY EA 139 -29.52 -18.11 -2.24
CA GLY EA 139 -30.96 -18.07 -2.20
C GLY EA 139 -31.57 -18.80 -1.02
N SER EA 140 -30.76 -19.07 0.01
CA SER EA 140 -31.28 -19.67 1.23
C SER EA 140 -32.31 -18.74 1.88
N VAL EA 141 -31.98 -17.46 1.97
CA VAL EA 141 -32.93 -16.45 2.40
C VAL EA 141 -33.91 -16.30 1.23
N TYR EA 142 -35.04 -15.61 1.45
CA TYR EA 142 -36.15 -15.53 0.50
C TYR EA 142 -36.88 -16.86 0.44
N ALA EA 143 -36.34 -17.87 1.11
CA ALA EA 143 -36.99 -19.18 1.19
C ALA EA 143 -37.07 -19.59 2.66
N TYR EA 144 -36.09 -19.14 3.45
CA TYR EA 144 -36.08 -19.44 4.86
C TYR EA 144 -37.38 -19.03 5.54
N GLY EA 145 -37.84 -17.80 5.26
CA GLY EA 145 -39.04 -17.31 5.91
C GLY EA 145 -40.27 -18.12 5.56
N VAL EA 146 -40.47 -18.39 4.27
CA VAL EA 146 -41.66 -19.12 3.84
C VAL EA 146 -41.65 -20.53 4.38
N MET EA 147 -40.51 -21.22 4.25
CA MET EA 147 -40.42 -22.61 4.68
C MET EA 147 -40.44 -22.74 6.20
N ASP EA 148 -40.08 -21.68 6.92
CA ASP EA 148 -40.28 -21.68 8.37
C ASP EA 148 -41.72 -21.40 8.74
N ARG EA 149 -42.42 -20.56 7.97
CA ARG EA 149 -43.82 -20.28 8.26
C ARG EA 149 -44.70 -21.50 7.99
N GLY EA 150 -44.38 -22.28 6.96
CA GLY EA 150 -45.23 -23.39 6.60
C GLY EA 150 -44.97 -24.68 7.34
N TYR EA 151 -43.78 -24.83 7.92
CA TYR EA 151 -43.40 -26.09 8.53
C TYR EA 151 -44.20 -26.36 9.80
N SER EA 152 -44.67 -27.60 9.95
CA SER EA 152 -45.47 -27.97 11.12
C SER EA 152 -45.12 -29.33 11.72
N TYR EA 153 -44.21 -30.10 11.11
CA TYR EA 153 -43.73 -31.37 11.65
C TYR EA 153 -44.82 -32.43 11.74
N ASP EA 154 -46.03 -32.11 11.28
CA ASP EA 154 -47.13 -33.07 11.25
C ASP EA 154 -47.79 -33.11 9.89
N LEU EA 155 -47.05 -32.72 8.86
CA LEU EA 155 -47.59 -32.60 7.52
C LEU EA 155 -47.78 -33.98 6.88
N GLU EA 156 -48.51 -34.01 5.78
CA GLU EA 156 -48.64 -35.19 4.97
C GLU EA 156 -47.53 -35.21 3.92
N VAL EA 157 -47.64 -36.09 2.93
CA VAL EA 157 -46.60 -36.18 1.91
C VAL EA 157 -46.84 -35.14 0.82
N GLU EA 158 -48.06 -35.10 0.27
CA GLU EA 158 -48.37 -34.15 -0.79
C GLU EA 158 -48.26 -32.72 -0.30
N GLN EA 159 -48.69 -32.47 0.94
CA GLN EA 159 -48.57 -31.12 1.50
C GLN EA 159 -47.11 -30.71 1.62
N ALA EA 160 -46.24 -31.63 2.04
CA ALA EA 160 -44.82 -31.31 2.13
C ALA EA 160 -44.23 -31.05 0.75
N TYR EA 161 -44.61 -31.85 -0.24
CA TYR EA 161 -44.13 -31.62 -1.60
C TYR EA 161 -44.54 -30.23 -2.10
N ASP EA 162 -45.81 -29.88 -1.87
CA ASP EA 162 -46.30 -28.56 -2.30
C ASP EA 162 -45.57 -27.45 -1.56
N LEU EA 163 -45.30 -27.63 -0.26
CA LEU EA 163 -44.57 -26.63 0.49
C LEU EA 163 -43.17 -26.42 -0.08
N ALA EA 164 -42.47 -27.52 -0.38
CA ALA EA 164 -41.14 -27.40 -0.94
C ALA EA 164 -41.16 -26.70 -2.29
N ARG EA 165 -42.11 -27.06 -3.14
CA ARG EA 165 -42.21 -26.42 -4.45
C ARG EA 165 -42.48 -24.92 -4.31
N ARG EA 166 -43.42 -24.56 -3.43
CA ARG EA 166 -43.72 -23.14 -3.22
C ARG EA 166 -42.51 -22.39 -2.70
N ALA EA 167 -41.78 -22.98 -1.75
CA ALA EA 167 -40.63 -22.31 -1.17
C ALA EA 167 -39.57 -22.05 -2.24
N ILE EA 168 -39.24 -23.08 -3.04
CA ILE EA 168 -38.23 -22.90 -4.07
C ILE EA 168 -38.67 -21.87 -5.10
N TYR EA 169 -39.93 -21.92 -5.51
CA TYR EA 169 -40.40 -20.99 -6.54
C TYR EA 169 -40.37 -19.55 -6.02
N GLN EA 170 -40.83 -19.32 -4.79
CA GLN EA 170 -40.82 -17.97 -4.25
C GLN EA 170 -39.40 -17.48 -4.00
N ALA EA 171 -38.48 -18.39 -3.68
CA ALA EA 171 -37.08 -17.97 -3.53
C ALA EA 171 -36.48 -17.58 -4.87
N THR EA 172 -36.74 -18.36 -5.92
CA THR EA 172 -36.11 -18.09 -7.21
C THR EA 172 -36.79 -16.95 -7.96
N TYR EA 173 -38.03 -16.60 -7.62
CA TYR EA 173 -38.67 -15.48 -8.28
C TYR EA 173 -38.04 -14.15 -7.85
N ARG EA 174 -37.60 -14.05 -6.60
CA ARG EA 174 -37.08 -12.80 -6.07
C ARG EA 174 -35.57 -12.68 -6.19
N ASP EA 175 -34.85 -13.80 -6.20
CA ASP EA 175 -33.40 -13.77 -6.31
C ASP EA 175 -33.01 -13.53 -7.77
N ALA EA 176 -31.72 -13.62 -8.07
CA ALA EA 176 -31.23 -13.41 -9.43
C ALA EA 176 -30.28 -14.49 -9.90
N TYR EA 177 -29.99 -15.50 -9.08
CA TYR EA 177 -29.10 -16.58 -9.47
C TYR EA 177 -29.76 -17.95 -9.49
N SER EA 178 -30.73 -18.20 -8.61
CA SER EA 178 -31.44 -19.46 -8.62
C SER EA 178 -32.42 -19.51 -9.79
N GLY EA 179 -32.89 -20.72 -10.08
CA GLY EA 179 -33.88 -20.92 -11.12
C GLY EA 179 -33.56 -22.15 -11.93
N GLY EA 180 -34.16 -22.23 -13.11
CA GLY EA 180 -33.95 -23.37 -14.00
C GLY EA 180 -34.96 -24.48 -13.74
N ALA EA 181 -34.50 -25.56 -13.14
CA ALA EA 181 -35.35 -26.69 -12.78
C ALA EA 181 -35.43 -26.83 -11.27
N VAL EA 182 -36.37 -27.65 -10.82
CA VAL EA 182 -36.57 -27.96 -9.41
C VAL EA 182 -36.54 -29.46 -9.24
N ASN EA 183 -35.58 -29.96 -8.46
CA ASN EA 183 -35.47 -31.38 -8.16
C ASN EA 183 -35.92 -31.63 -6.74
N LEU EA 184 -36.76 -32.65 -6.56
CA LEU EA 184 -37.33 -32.97 -5.27
C LEU EA 184 -36.99 -34.40 -4.90
N TYR EA 185 -36.44 -34.59 -3.70
CA TYR EA 185 -35.92 -35.89 -3.27
C TYR EA 185 -36.56 -36.31 -1.95
N HIS EA 186 -36.93 -37.58 -1.86
CA HIS EA 186 -37.54 -38.16 -0.67
C HIS EA 186 -36.64 -39.24 -0.11
N VAL EA 187 -36.67 -39.41 1.22
CA VAL EA 187 -35.87 -40.41 1.91
C VAL EA 187 -36.79 -41.24 2.79
N ARG EA 188 -36.57 -42.55 2.78
CA ARG EA 188 -37.39 -43.46 3.57
C ARG EA 188 -36.52 -44.64 4.02
N GLU EA 189 -37.17 -45.70 4.50
CA GLU EA 189 -36.44 -46.86 5.00
C GLU EA 189 -35.66 -47.56 3.90
N ASP EA 190 -36.25 -47.68 2.71
CA ASP EA 190 -35.64 -48.39 1.60
C ASP EA 190 -34.78 -47.49 0.73
N GLY EA 191 -34.22 -46.43 1.30
CA GLY EA 191 -33.40 -45.51 0.54
C GLY EA 191 -34.20 -44.43 -0.13
N TRP EA 192 -33.48 -43.50 -0.76
CA TRP EA 192 -34.12 -42.38 -1.41
C TRP EA 192 -34.82 -42.81 -2.68
N ILE EA 193 -35.85 -42.05 -3.06
CA ILE EA 193 -36.52 -42.19 -4.36
C ILE EA 193 -36.68 -40.81 -4.96
N ARG EA 194 -36.41 -40.69 -6.26
CA ARG EA 194 -36.59 -39.42 -6.93
C ARG EA 194 -38.09 -39.14 -7.11
N VAL EA 195 -38.51 -37.94 -6.70
CA VAL EA 195 -39.94 -37.63 -6.69
C VAL EA 195 -40.37 -37.12 -8.06
N SER EA 196 -39.80 -35.99 -8.48
CA SER EA 196 -40.17 -35.39 -9.76
C SER EA 196 -39.20 -34.26 -10.06
N SER EA 197 -39.21 -33.83 -11.33
CA SER EA 197 -38.49 -32.64 -11.78
C SER EA 197 -39.47 -31.73 -12.50
N ASP EA 198 -39.23 -30.43 -12.39
CA ASP EA 198 -40.18 -29.46 -12.92
C ASP EA 198 -39.45 -28.21 -13.39
N ASN EA 199 -40.12 -27.47 -14.27
CA ASN EA 199 -39.58 -26.23 -14.84
C ASN EA 199 -40.27 -25.03 -14.21
N VAL EA 200 -39.51 -23.96 -14.02
CA VAL EA 200 -40.00 -22.79 -13.31
C VAL EA 200 -41.19 -22.17 -14.03
N ALA EA 201 -41.16 -22.18 -15.37
CA ALA EA 201 -42.22 -21.53 -16.14
C ALA EA 201 -43.58 -22.18 -15.87
N ASP EA 202 -43.63 -23.51 -15.84
CA ASP EA 202 -44.89 -24.19 -15.59
C ASP EA 202 -45.41 -23.91 -14.19
N LEU EA 203 -44.52 -23.90 -13.20
CA LEU EA 203 -44.94 -23.59 -11.83
C LEU EA 203 -45.46 -22.16 -11.73
N HIS EA 204 -44.81 -21.22 -12.41
CA HIS EA 204 -45.29 -19.84 -12.41
C HIS EA 204 -46.66 -19.74 -13.07
N GLU EA 205 -46.86 -20.47 -14.16
CA GLU EA 205 -48.15 -20.45 -14.85
C GLU EA 205 -49.25 -21.03 -13.96
N LYS EA 206 -48.96 -22.13 -13.27
CA LYS EA 206 -49.97 -22.80 -12.47
C LYS EA 206 -50.18 -22.13 -11.11
N TYR EA 207 -49.23 -21.32 -10.66
CA TYR EA 207 -49.34 -20.57 -9.41
C TYR EA 207 -49.77 -19.13 -9.62
N SER EA 208 -50.11 -18.75 -10.85
CA SER EA 208 -50.52 -17.38 -11.14
C SER EA 208 -52.01 -17.19 -10.85
N PHE FA 1 6.41 -10.11 -12.89
CA PHE FA 1 6.18 -11.43 -13.45
C PHE FA 1 4.74 -11.88 -13.25
N SER FA 2 4.21 -12.60 -14.24
CA SER FA 2 2.85 -13.12 -14.18
C SER FA 2 2.76 -14.39 -15.01
N PRO FA 3 2.63 -15.55 -14.37
CA PRO FA 3 2.62 -16.83 -15.10
C PRO FA 3 1.29 -17.13 -15.79
N TYR FA 4 0.74 -16.14 -16.47
CA TYR FA 4 -0.51 -16.31 -17.21
C TYR FA 4 -0.54 -15.29 -18.34
N VAL FA 5 -1.13 -15.71 -19.46
CA VAL FA 5 -1.32 -14.82 -20.61
C VAL FA 5 -2.40 -15.43 -21.48
N PHE FA 6 -3.15 -14.58 -22.16
CA PHE FA 6 -4.26 -15.04 -22.99
C PHE FA 6 -3.79 -15.35 -24.41
N ASN FA 7 -4.52 -16.25 -25.06
CA ASN FA 7 -4.22 -16.60 -26.44
C ASN FA 7 -5.45 -16.79 -27.31
N GLY FA 8 -6.65 -16.55 -26.79
CA GLY FA 8 -7.83 -16.62 -27.62
C GLY FA 8 -8.20 -18.02 -28.02
N GLY FA 9 -9.08 -18.10 -29.02
CA GLY FA 9 -9.62 -19.35 -29.50
C GLY FA 9 -11.13 -19.43 -29.28
N THR FA 10 -11.70 -20.48 -29.86
CA THR FA 10 -13.14 -20.71 -29.76
C THR FA 10 -13.41 -22.18 -30.02
N ILE FA 11 -14.24 -22.79 -29.19
CA ILE FA 11 -14.58 -24.20 -29.32
C ILE FA 11 -16.10 -24.33 -29.39
N LEU FA 12 -16.57 -25.12 -30.35
CA LEU FA 12 -17.99 -25.43 -30.50
C LEU FA 12 -18.15 -26.92 -30.71
N ALA FA 13 -19.18 -27.49 -30.10
CA ALA FA 13 -19.41 -28.93 -30.17
C ALA FA 13 -20.90 -29.21 -30.25
N ILE FA 14 -21.29 -29.95 -31.28
CA ILE FA 14 -22.67 -30.39 -31.46
C ILE FA 14 -22.70 -31.90 -31.29
N ALA FA 15 -23.54 -32.37 -30.37
CA ALA FA 15 -23.71 -33.80 -30.13
C ALA FA 15 -25.08 -34.20 -30.67
N GLY FA 16 -25.11 -34.78 -31.86
CA GLY FA 16 -26.36 -35.13 -32.50
C GLY FA 16 -26.90 -36.46 -32.03
N GLU FA 17 -27.32 -37.31 -32.99
CA GLU FA 17 -27.87 -38.61 -32.65
C GLU FA 17 -26.81 -39.70 -32.71
N ASP FA 18 -26.07 -39.79 -33.81
CA ASP FA 18 -24.97 -40.74 -33.94
C ASP FA 18 -23.76 -40.07 -34.56
N PHE FA 19 -23.43 -38.86 -34.10
CA PHE FA 19 -22.30 -38.11 -34.64
C PHE FA 19 -21.95 -37.00 -33.67
N ALA FA 20 -20.65 -36.86 -33.39
CA ALA FA 20 -20.13 -35.75 -32.61
C ALA FA 20 -19.28 -34.86 -33.51
N ILE FA 21 -19.41 -33.56 -33.32
CA ILE FA 21 -18.68 -32.58 -34.13
C ILE FA 21 -17.96 -31.63 -33.20
N VAL FA 22 -16.66 -31.44 -33.44
CA VAL FA 22 -15.85 -30.46 -32.72
C VAL FA 22 -15.13 -29.60 -33.75
N ALA FA 23 -15.29 -28.30 -33.64
CA ALA FA 23 -14.67 -27.36 -34.57
C ALA FA 23 -14.09 -26.19 -33.78
N SER FA 24 -13.10 -25.54 -34.38
CA SER FA 24 -12.40 -24.47 -33.69
C SER FA 24 -11.66 -23.59 -34.69
N ASP FA 25 -11.66 -22.28 -34.43
CA ASP FA 25 -10.85 -21.37 -35.21
C ASP FA 25 -9.37 -21.57 -34.87
N THR FA 26 -8.50 -20.99 -35.68
CA THR FA 26 -7.06 -21.25 -35.59
C THR FA 26 -6.31 -19.92 -35.70
N ARG FA 27 -5.96 -19.33 -34.56
CA ARG FA 27 -5.19 -18.08 -34.55
C ARG FA 27 -4.58 -17.89 -33.18
N LEU FA 28 -3.25 -17.89 -33.10
CA LEU FA 28 -2.54 -17.63 -31.86
C LEU FA 28 -2.25 -16.14 -31.77
N SER FA 29 -3.01 -15.44 -30.93
CA SER FA 29 -2.86 -14.00 -30.77
C SER FA 29 -2.68 -13.67 -29.30
N GLU FA 30 -1.66 -12.88 -28.99
CA GLU FA 30 -1.41 -12.39 -27.64
C GLU FA 30 -1.10 -10.92 -27.69
N GLY FA 31 -1.51 -10.20 -26.66
CA GLY FA 31 -1.34 -8.76 -26.65
C GLY FA 31 -2.17 -8.11 -27.73
N PHE FA 32 -1.51 -7.62 -28.78
CA PHE FA 32 -2.19 -7.09 -29.95
C PHE FA 32 -1.68 -7.63 -31.26
N SER FA 33 -0.62 -8.44 -31.28
CA SER FA 33 -0.06 -8.98 -32.50
C SER FA 33 -0.60 -10.38 -32.76
N ILE FA 34 -0.22 -10.93 -33.91
CA ILE FA 34 -0.59 -12.28 -34.32
C ILE FA 34 0.69 -13.08 -34.50
N HIS FA 35 0.72 -14.27 -33.89
CA HIS FA 35 1.90 -15.12 -33.97
C HIS FA 35 1.88 -16.03 -35.19
N THR FA 36 0.75 -16.66 -35.47
CA THR FA 36 0.65 -17.57 -36.61
C THR FA 36 -0.81 -17.65 -37.04
N ARG FA 37 -1.06 -18.42 -38.10
CA ARG FA 37 -2.40 -18.56 -38.64
C ARG FA 37 -2.79 -20.01 -38.92
N ASP FA 38 -2.03 -20.99 -38.42
CA ASP FA 38 -2.38 -22.39 -38.63
C ASP FA 38 -2.77 -23.08 -37.33
N SER FA 39 -1.87 -23.15 -36.35
CA SER FA 39 -2.12 -23.40 -34.93
C SER FA 39 -3.36 -24.24 -34.65
N PRO FA 40 -3.44 -25.48 -35.12
CA PRO FA 40 -4.67 -26.25 -34.94
C PRO FA 40 -4.99 -26.48 -33.47
N LYS FA 41 -6.28 -26.44 -33.15
CA LYS FA 41 -6.76 -26.62 -31.79
C LYS FA 41 -7.77 -27.75 -31.72
N CYS FA 42 -7.49 -28.85 -32.41
CA CYS FA 42 -8.36 -30.02 -32.37
C CYS FA 42 -7.48 -31.25 -32.53
N TYR FA 43 -7.12 -31.88 -31.42
CA TYR FA 43 -6.23 -33.03 -31.41
C TYR FA 43 -7.03 -34.32 -31.22
N LYS FA 44 -6.59 -35.37 -31.90
CA LYS FA 44 -7.22 -36.67 -31.78
C LYS FA 44 -6.59 -37.48 -30.64
N LEU FA 45 -7.42 -38.26 -29.97
CA LEU FA 45 -6.98 -39.11 -28.87
C LEU FA 45 -7.11 -40.59 -29.21
N THR FA 46 -8.31 -41.05 -29.56
CA THR FA 46 -8.52 -42.43 -29.97
C THR FA 46 -9.25 -42.45 -31.30
N ASP FA 47 -9.68 -43.63 -31.73
CA ASP FA 47 -10.43 -43.74 -32.98
C ASP FA 47 -11.84 -43.20 -32.88
N LYS FA 48 -12.34 -42.93 -31.66
CA LYS FA 48 -13.71 -42.48 -31.50
C LYS FA 48 -13.83 -41.41 -30.40
N THR FA 49 -12.81 -40.57 -30.25
CA THR FA 49 -12.86 -39.52 -29.23
C THR FA 49 -11.92 -38.40 -29.62
N VAL FA 50 -12.43 -37.17 -29.66
CA VAL FA 50 -11.66 -36.00 -30.04
C VAL FA 50 -11.72 -34.99 -28.90
N ILE FA 51 -10.58 -34.35 -28.63
CA ILE FA 51 -10.47 -33.36 -27.56
C ILE FA 51 -10.22 -31.99 -28.17
N GLY FA 52 -10.96 -30.99 -27.69
CA GLY FA 52 -10.75 -29.61 -28.05
C GLY FA 52 -10.36 -28.81 -26.83
N CYS FA 53 -9.23 -28.11 -26.91
CA CYS FA 53 -8.65 -27.42 -25.77
C CYS FA 53 -8.35 -25.98 -26.14
N SER FA 54 -9.14 -25.05 -25.61
CA SER FA 54 -8.93 -23.62 -25.82
C SER FA 54 -8.07 -23.05 -24.70
N GLY FA 55 -8.05 -21.73 -24.60
CA GLY FA 55 -7.40 -21.07 -23.49
C GLY FA 55 -5.92 -20.81 -23.72
N PHE FA 56 -5.22 -20.58 -22.62
CA PHE FA 56 -3.80 -20.27 -22.66
C PHE FA 56 -3.03 -21.39 -23.34
N HIS FA 57 -2.19 -21.02 -24.31
CA HIS FA 57 -1.46 -22.01 -25.10
C HIS FA 57 -0.10 -22.32 -24.50
N GLY FA 58 -0.07 -22.60 -23.20
CA GLY FA 58 1.12 -23.15 -22.58
C GLY FA 58 0.77 -24.37 -21.76
N ASP FA 59 -0.52 -24.50 -21.41
CA ASP FA 59 -1.05 -25.69 -20.79
C ASP FA 59 -1.93 -26.49 -21.73
N CYS FA 60 -2.47 -25.87 -22.78
CA CYS FA 60 -3.19 -26.61 -23.80
C CYS FA 60 -2.31 -27.68 -24.44
N LEU FA 61 -1.00 -27.45 -24.44
CA LEU FA 61 -0.06 -28.44 -24.95
C LEU FA 61 0.30 -29.48 -23.88
N THR FA 62 0.50 -29.04 -22.63
CA THR FA 62 0.88 -29.97 -21.57
C THR FA 62 -0.22 -30.98 -21.29
N LEU FA 63 -1.47 -30.53 -21.17
CA LEU FA 63 -2.57 -31.47 -20.96
C LEU FA 63 -2.72 -32.42 -22.13
N THR FA 64 -2.56 -31.93 -23.36
CA THR FA 64 -2.64 -32.82 -24.52
C THR FA 64 -1.55 -33.87 -24.46
N LYS FA 65 -0.34 -33.48 -24.06
CA LYS FA 65 0.77 -34.43 -24.03
C LYS FA 65 0.69 -35.37 -22.83
N ILE FA 66 -0.06 -35.01 -21.79
CA ILE FA 66 -0.20 -35.88 -20.62
C ILE FA 66 -1.35 -36.86 -20.79
N ILE FA 67 -2.45 -36.43 -21.42
CA ILE FA 67 -3.61 -37.30 -21.57
C ILE FA 67 -3.27 -38.51 -22.42
N GLU FA 68 -2.53 -38.31 -23.52
CA GLU FA 68 -2.18 -39.44 -24.36
C GLU FA 68 -1.28 -40.43 -23.62
N ALA FA 69 -0.35 -39.93 -22.80
CA ALA FA 69 0.51 -40.83 -22.04
C ALA FA 69 -0.29 -41.63 -21.02
N ARG FA 70 -1.21 -40.98 -20.32
CA ARG FA 70 -2.02 -41.71 -19.35
C ARG FA 70 -2.95 -42.71 -20.05
N LEU FA 71 -3.44 -42.36 -21.23
CA LEU FA 71 -4.25 -43.28 -22.01
C LEU FA 71 -3.44 -44.51 -22.41
N LYS FA 72 -2.19 -44.30 -22.82
CA LYS FA 72 -1.33 -45.43 -23.16
C LYS FA 72 -1.08 -46.30 -21.93
N MET FA 73 -0.87 -45.68 -20.77
CA MET FA 73 -0.68 -46.45 -19.55
C MET FA 73 -1.92 -47.30 -19.23
N TYR FA 74 -3.11 -46.71 -19.35
CA TYR FA 74 -4.33 -47.46 -19.08
C TYR FA 74 -4.49 -48.61 -20.07
N LYS FA 75 -4.22 -48.36 -21.35
CA LYS FA 75 -4.37 -49.42 -22.34
C LYS FA 75 -3.41 -50.56 -22.07
N HIS FA 76 -2.17 -50.24 -21.71
CA HIS FA 76 -1.20 -51.29 -21.40
C HIS FA 76 -1.60 -52.06 -20.14
N SER FA 77 -2.14 -51.37 -19.14
CA SER FA 77 -2.47 -52.02 -17.88
C SER FA 77 -3.70 -52.91 -18.03
N ASN FA 78 -4.85 -52.32 -18.38
CA ASN FA 78 -6.10 -53.06 -18.38
C ASN FA 78 -6.39 -53.79 -19.68
N ASN FA 79 -5.52 -53.66 -20.69
CA ASN FA 79 -5.69 -54.34 -21.97
C ASN FA 79 -7.03 -54.00 -22.62
N LYS FA 80 -7.29 -52.70 -22.76
CA LYS FA 80 -8.50 -52.20 -23.39
C LYS FA 80 -8.22 -50.78 -23.88
N ALA FA 81 -9.27 -50.06 -24.25
CA ALA FA 81 -9.17 -48.65 -24.62
C ALA FA 81 -10.20 -47.87 -23.83
N MET FA 82 -9.78 -46.71 -23.31
CA MET FA 82 -10.69 -45.87 -22.55
C MET FA 82 -11.85 -45.40 -23.41
N THR FA 83 -13.07 -45.55 -22.88
CA THR FA 83 -14.23 -44.98 -23.52
C THR FA 83 -14.36 -43.51 -23.16
N THR FA 84 -15.23 -42.80 -23.88
CA THR FA 84 -15.41 -41.38 -23.62
C THR FA 84 -16.04 -41.10 -22.27
N GLY FA 85 -16.59 -42.11 -21.59
CA GLY FA 85 -17.17 -41.91 -20.27
C GLY FA 85 -16.18 -41.89 -19.14
N ALA FA 86 -14.95 -42.34 -19.37
CA ALA FA 86 -13.92 -42.35 -18.34
C ALA FA 86 -12.91 -41.23 -18.50
N ILE FA 87 -12.66 -40.78 -19.74
CA ILE FA 87 -11.71 -39.71 -19.97
C ILE FA 87 -12.15 -38.45 -19.25
N ALA FA 88 -13.47 -38.22 -19.18
CA ALA FA 88 -13.96 -37.04 -18.47
C ALA FA 88 -13.52 -37.05 -17.01
N ALA FA 89 -13.76 -38.16 -16.30
CA ALA FA 89 -13.38 -38.23 -14.89
C ALA FA 89 -11.87 -38.18 -14.73
N MET FA 90 -11.13 -38.84 -15.61
CA MET FA 90 -9.67 -38.85 -15.50
C MET FA 90 -9.10 -37.43 -15.69
N LEU FA 91 -9.60 -36.71 -16.69
CA LEU FA 91 -9.14 -35.34 -16.91
C LEU FA 91 -9.60 -34.42 -15.78
N SER FA 92 -10.78 -34.67 -15.21
CA SER FA 92 -11.22 -33.87 -14.07
C SER FA 92 -10.29 -34.06 -12.88
N THR FA 93 -9.88 -35.31 -12.63
CA THR FA 93 -8.94 -35.56 -11.54
C THR FA 93 -7.61 -34.85 -11.80
N ILE FA 94 -7.08 -34.95 -13.02
CA ILE FA 94 -5.82 -34.27 -13.33
C ILE FA 94 -5.96 -32.77 -13.14
N LEU FA 95 -7.06 -32.19 -13.62
CA LEU FA 95 -7.26 -30.75 -13.50
C LEU FA 95 -7.34 -30.33 -12.03
N TYR FA 96 -8.08 -31.09 -11.22
CA TYR FA 96 -8.21 -30.74 -9.81
C TYR FA 96 -6.94 -31.01 -9.02
N SER FA 97 -6.01 -31.79 -9.56
CA SER FA 97 -4.76 -32.03 -8.85
C SER FA 97 -4.00 -30.75 -8.54
N ARG FA 98 -4.27 -29.67 -9.25
CA ARG FA 98 -3.59 -28.41 -9.02
C ARG FA 98 -4.58 -27.29 -8.73
N ARG FA 99 -5.52 -27.53 -7.82
CA ARG FA 99 -6.53 -26.52 -7.50
C ARG FA 99 -5.92 -25.25 -6.91
N PHE FA 100 -4.72 -25.34 -6.34
CA PHE FA 100 -4.05 -24.17 -5.80
C PHE FA 100 -3.10 -23.52 -6.79
N PHE FA 101 -3.02 -24.06 -8.02
CA PHE FA 101 -2.28 -23.44 -9.11
C PHE FA 101 -3.01 -23.78 -10.41
N PRO FA 102 -4.19 -23.18 -10.61
CA PRO FA 102 -5.12 -23.72 -11.61
C PRO FA 102 -4.59 -23.65 -13.02
N TYR FA 103 -4.97 -24.65 -13.81
CA TYR FA 103 -4.70 -24.62 -15.24
C TYR FA 103 -5.63 -23.62 -15.92
N TYR FA 104 -5.09 -22.85 -16.85
CA TYR FA 104 -5.87 -21.84 -17.58
C TYR FA 104 -6.25 -22.43 -18.93
N VAL FA 105 -7.22 -23.34 -18.90
CA VAL FA 105 -7.73 -23.99 -20.10
C VAL FA 105 -9.24 -24.09 -20.02
N TYR FA 106 -9.86 -24.32 -21.17
CA TYR FA 106 -11.30 -24.53 -21.28
C TYR FA 106 -11.50 -25.70 -22.25
N ASN FA 107 -11.55 -26.91 -21.71
CA ASN FA 107 -11.52 -28.11 -22.53
C ASN FA 107 -12.93 -28.57 -22.90
N ILE FA 108 -13.04 -29.17 -24.07
CA ILE FA 108 -14.29 -29.75 -24.57
C ILE FA 108 -13.99 -31.14 -25.10
N ILE FA 109 -14.78 -32.12 -24.66
CA ILE FA 109 -14.62 -33.52 -25.06
C ILE FA 109 -15.83 -33.93 -25.86
N GLY FA 110 -15.60 -34.54 -27.01
CA GLY FA 110 -16.67 -35.08 -27.83
C GLY FA 110 -16.31 -36.46 -28.32
N GLY FA 111 -17.32 -37.33 -28.41
CA GLY FA 111 -17.07 -38.69 -28.84
C GLY FA 111 -18.34 -39.50 -28.80
N LEU FA 112 -18.18 -40.79 -29.02
CA LEU FA 112 -19.29 -41.74 -29.04
C LEU FA 112 -19.32 -42.54 -27.74
N ASP FA 113 -20.53 -42.84 -27.28
CA ASP FA 113 -20.73 -43.62 -26.06
C ASP FA 113 -20.51 -45.10 -26.37
N GLU FA 114 -20.91 -45.99 -25.47
CA GLU FA 114 -20.79 -47.42 -25.74
C GLU FA 114 -21.59 -47.82 -26.98
N GLU FA 115 -22.82 -47.34 -27.09
CA GLU FA 115 -23.62 -47.50 -28.29
C GLU FA 115 -23.53 -46.24 -29.14
N GLY FA 116 -24.00 -46.36 -30.38
CA GLY FA 116 -23.98 -45.18 -31.25
C GLY FA 116 -24.87 -44.09 -30.70
N LYS FA 117 -24.25 -43.07 -30.12
CA LYS FA 117 -24.96 -41.97 -29.46
C LYS FA 117 -24.01 -40.79 -29.37
N GLY FA 118 -24.56 -39.59 -29.56
CA GLY FA 118 -23.75 -38.40 -29.37
C GLY FA 118 -23.55 -38.07 -27.90
N ALA FA 119 -22.40 -37.47 -27.60
CA ALA FA 119 -22.07 -37.10 -26.24
C ALA FA 119 -20.97 -36.05 -26.26
N VAL FA 120 -21.22 -34.91 -25.64
CA VAL FA 120 -20.24 -33.84 -25.53
C VAL FA 120 -20.18 -33.40 -24.07
N TYR FA 121 -19.00 -33.46 -23.48
CA TYR FA 121 -18.80 -33.03 -22.10
C TYR FA 121 -18.33 -31.58 -22.07
N SER FA 122 -18.18 -31.03 -20.87
CA SER FA 122 -17.76 -29.65 -20.72
C SER FA 122 -17.14 -29.47 -19.35
N PHE FA 123 -16.01 -28.77 -19.29
CA PHE FA 123 -15.28 -28.59 -18.04
C PHE FA 123 -15.19 -27.09 -17.71
N ASP FA 124 -14.46 -26.80 -16.65
CA ASP FA 124 -14.16 -25.45 -16.17
C ASP FA 124 -12.70 -25.44 -15.74
N PRO FA 125 -12.09 -24.25 -15.63
CA PRO FA 125 -10.65 -24.21 -15.33
C PRO FA 125 -10.26 -24.97 -14.06
N VAL FA 126 -11.08 -24.90 -13.01
CA VAL FA 126 -10.77 -25.67 -11.81
C VAL FA 126 -10.96 -27.16 -12.06
N GLY FA 127 -11.98 -27.51 -12.84
CA GLY FA 127 -12.22 -28.90 -13.21
C GLY FA 127 -13.47 -29.51 -12.59
N SER FA 128 -14.55 -29.54 -13.37
CA SER FA 128 -15.80 -30.15 -12.91
C SER FA 128 -16.62 -30.46 -14.15
N TYR FA 129 -16.72 -31.75 -14.49
CA TYR FA 129 -17.40 -32.13 -15.72
C TYR FA 129 -18.91 -32.06 -15.55
N GLN FA 130 -19.60 -32.01 -16.69
CA GLN FA 130 -21.06 -32.01 -16.72
C GLN FA 130 -21.51 -32.36 -18.13
N ARG FA 131 -22.38 -33.36 -18.24
CA ARG FA 131 -22.86 -33.78 -19.55
C ARG FA 131 -23.73 -32.70 -20.18
N ASP FA 132 -23.64 -32.56 -21.50
CA ASP FA 132 -24.38 -31.56 -22.23
C ASP FA 132 -24.78 -32.14 -23.58
N SER FA 133 -25.38 -31.31 -24.43
CA SER FA 133 -25.85 -31.78 -25.73
C SER FA 133 -25.35 -30.89 -26.85
N PHE FA 134 -25.17 -29.59 -26.58
CA PHE FA 134 -24.70 -28.65 -27.60
C PHE FA 134 -23.75 -27.62 -27.02
N LYS FA 135 -23.07 -27.95 -25.92
CA LYS FA 135 -22.28 -26.95 -25.21
C LYS FA 135 -21.10 -26.49 -26.05
N ALA FA 136 -20.89 -25.18 -26.08
CA ALA FA 136 -19.72 -24.54 -26.66
C ALA FA 136 -19.01 -23.75 -25.57
N GLY FA 137 -18.00 -23.00 -25.96
CA GLY FA 137 -17.28 -22.18 -25.00
C GLY FA 137 -15.85 -21.95 -25.43
N GLY FA 138 -15.19 -21.04 -24.72
CA GLY FA 138 -13.84 -20.64 -25.06
C GLY FA 138 -13.63 -19.16 -24.80
N SER FA 139 -12.71 -18.55 -25.55
CA SER FA 139 -12.48 -17.12 -25.40
C SER FA 139 -13.66 -16.31 -25.90
N ALA FA 140 -14.00 -16.47 -27.17
CA ALA FA 140 -15.13 -15.75 -27.76
C ALA FA 140 -16.44 -16.50 -27.59
N SER FA 141 -16.75 -16.87 -26.36
CA SER FA 141 -18.01 -17.53 -26.05
C SER FA 141 -19.09 -16.47 -25.86
N ALA FA 142 -20.23 -16.89 -25.32
CA ALA FA 142 -21.36 -16.00 -25.01
C ALA FA 142 -21.97 -15.41 -26.27
N MET FA 143 -21.39 -15.70 -27.43
CA MET FA 143 -21.96 -15.35 -28.71
C MET FA 143 -22.33 -16.57 -29.53
N LEU FA 144 -21.47 -17.58 -29.49
CA LEU FA 144 -21.75 -18.83 -30.20
C LEU FA 144 -22.96 -19.53 -29.60
N GLN FA 145 -23.03 -19.56 -28.26
CA GLN FA 145 -24.03 -20.41 -27.59
C GLN FA 145 -25.47 -19.98 -27.84
N PRO FA 146 -25.85 -18.71 -27.70
CA PRO FA 146 -27.29 -18.37 -27.80
C PRO FA 146 -27.92 -18.76 -29.13
N LEU FA 147 -27.20 -18.62 -30.24
CA LEU FA 147 -27.77 -19.01 -31.52
C LEU FA 147 -28.04 -20.51 -31.57
N LEU FA 148 -27.11 -21.31 -31.05
CA LEU FA 148 -27.32 -22.74 -30.98
C LEU FA 148 -28.51 -23.08 -30.09
N ASP FA 149 -28.62 -22.38 -28.97
CA ASP FA 149 -29.78 -22.55 -28.10
C ASP FA 149 -31.07 -22.26 -28.85
N ASN FA 150 -31.05 -21.26 -29.73
CA ASN FA 150 -32.23 -20.95 -30.53
C ASN FA 150 -32.52 -22.07 -31.53
N GLN FA 151 -31.47 -22.62 -32.14
CA GLN FA 151 -31.63 -23.55 -33.26
C GLN FA 151 -31.74 -25.01 -32.83
N VAL FA 152 -30.72 -25.52 -32.14
CA VAL FA 152 -30.64 -26.96 -31.87
C VAL FA 152 -31.82 -27.40 -31.01
N GLY FA 153 -31.90 -26.89 -29.78
CA GLY FA 153 -33.02 -27.20 -28.93
C GLY FA 153 -34.01 -26.05 -28.90
N PHE FA 154 -35.12 -26.21 -29.62
CA PHE FA 154 -36.07 -25.12 -29.81
C PHE FA 154 -36.57 -24.57 -28.48
N LYS FA 155 -36.18 -23.35 -28.16
CA LYS FA 155 -36.56 -22.68 -26.93
C LYS FA 155 -37.24 -21.35 -27.26
N ASN FA 156 -38.26 -21.02 -26.48
CA ASN FA 156 -39.06 -19.80 -26.67
C ASN FA 156 -39.71 -19.77 -28.05
N MET FA 157 -40.04 -20.94 -28.57
CA MET FA 157 -40.79 -21.07 -29.82
C MET FA 157 -42.01 -21.92 -29.57
N GLN FA 158 -43.13 -21.54 -30.17
CA GLN FA 158 -44.39 -22.24 -29.98
C GLN FA 158 -44.97 -22.60 -31.35
N ASN FA 159 -45.85 -23.61 -31.33
CA ASN FA 159 -46.49 -24.11 -32.54
C ASN FA 159 -45.46 -24.57 -33.58
N VAL FA 160 -44.37 -25.16 -33.10
CA VAL FA 160 -43.33 -25.72 -33.94
C VAL FA 160 -43.00 -27.12 -33.45
N GLU FA 161 -42.87 -28.06 -34.38
CA GLU FA 161 -42.63 -29.44 -34.03
C GLU FA 161 -41.14 -29.66 -33.70
N HIS FA 162 -40.79 -30.90 -33.39
CA HIS FA 162 -39.43 -31.27 -33.05
C HIS FA 162 -38.90 -32.26 -34.08
N VAL FA 163 -37.73 -31.97 -34.63
CA VAL FA 163 -37.11 -32.81 -35.65
C VAL FA 163 -35.68 -33.14 -35.22
N PRO FA 164 -35.25 -34.40 -35.33
CA PRO FA 164 -33.86 -34.72 -34.99
C PRO FA 164 -32.88 -34.07 -35.96
N LEU FA 165 -31.69 -33.77 -35.44
CA LEU FA 165 -30.67 -33.13 -36.26
C LEU FA 165 -30.11 -34.12 -37.29
N SER FA 166 -30.09 -33.69 -38.54
CA SER FA 166 -29.50 -34.48 -39.62
C SER FA 166 -28.07 -34.01 -39.87
N LEU FA 167 -27.25 -34.91 -40.39
CA LEU FA 167 -25.83 -34.60 -40.57
C LEU FA 167 -25.64 -33.45 -41.55
N ASP FA 168 -26.43 -33.40 -42.61
CA ASP FA 168 -26.33 -32.33 -43.58
C ASP FA 168 -26.58 -30.96 -42.95
N ARG FA 169 -27.43 -30.91 -41.93
CA ARG FA 169 -27.74 -29.64 -41.28
C ARG FA 169 -26.62 -29.17 -40.35
N ALA FA 170 -25.86 -30.09 -39.77
CA ALA FA 170 -24.93 -29.73 -38.71
C ALA FA 170 -23.78 -28.86 -39.25
N MET FA 171 -23.14 -29.29 -40.32
CA MET FA 171 -22.05 -28.50 -40.89
C MET FA 171 -22.56 -27.17 -41.43
N ARG FA 172 -23.74 -27.19 -42.08
CA ARG FA 172 -24.32 -25.97 -42.60
C ARG FA 172 -24.60 -24.97 -41.49
N LEU FA 173 -25.00 -25.46 -40.31
CA LEU FA 173 -25.21 -24.57 -39.17
C LEU FA 173 -23.89 -24.07 -38.59
N VAL FA 174 -22.91 -24.95 -38.44
CA VAL FA 174 -21.65 -24.58 -37.79
C VAL FA 174 -20.91 -23.53 -38.62
N LYS FA 175 -20.84 -23.76 -39.93
CA LYS FA 175 -20.17 -22.78 -40.80
C LYS FA 175 -20.86 -21.43 -40.73
N ASP FA 176 -22.19 -21.42 -40.76
CA ASP FA 176 -22.93 -20.17 -40.70
C ASP FA 176 -22.68 -19.44 -39.38
N VAL FA 177 -22.68 -20.17 -38.27
CA VAL FA 177 -22.51 -19.53 -36.97
C VAL FA 177 -21.11 -18.95 -36.84
N PHE FA 178 -20.09 -19.70 -37.27
CA PHE FA 178 -18.73 -19.16 -37.22
C PHE FA 178 -18.58 -17.95 -38.13
N ILE FA 179 -19.17 -17.99 -39.33
CA ILE FA 179 -19.07 -16.84 -40.22
C ILE FA 179 -19.73 -15.61 -39.59
N SER FA 180 -20.89 -15.81 -38.99
CA SER FA 180 -21.59 -14.69 -38.35
C SER FA 180 -20.81 -14.14 -37.16
N ALA FA 181 -20.21 -15.02 -36.37
CA ALA FA 181 -19.55 -14.59 -35.14
C ALA FA 181 -18.09 -14.18 -35.33
N ALA FA 182 -17.51 -14.40 -36.51
CA ALA FA 182 -16.12 -14.00 -36.73
C ALA FA 182 -15.96 -12.50 -36.86
N GLU FA 183 -16.95 -11.81 -37.45
CA GLU FA 183 -16.80 -10.39 -37.72
C GLU FA 183 -16.73 -9.58 -36.42
N ARG FA 184 -17.68 -9.80 -35.52
CA ARG FA 184 -17.83 -8.93 -34.35
C ARG FA 184 -16.82 -9.22 -33.25
N ASP FA 185 -16.04 -10.29 -33.36
CA ASP FA 185 -15.02 -10.60 -32.37
C ASP FA 185 -13.64 -10.34 -32.95
N VAL FA 186 -12.70 -10.04 -32.06
CA VAL FA 186 -11.35 -9.69 -32.48
C VAL FA 186 -10.45 -10.91 -32.60
N TYR FA 187 -10.54 -11.84 -31.64
CA TYR FA 187 -9.58 -12.94 -31.57
C TYR FA 187 -9.88 -14.07 -32.55
N THR FA 188 -11.05 -14.08 -33.18
CA THR FA 188 -11.43 -15.17 -34.06
C THR FA 188 -11.16 -14.82 -35.52
N GLY FA 189 -11.29 -15.82 -36.39
CA GLY FA 189 -11.11 -15.65 -37.81
C GLY FA 189 -10.05 -16.60 -38.36
N ASP FA 190 -9.42 -16.17 -39.46
CA ASP FA 190 -8.34 -16.90 -40.12
C ASP FA 190 -8.91 -18.21 -40.66
N ALA FA 191 -8.38 -19.37 -40.27
CA ALA FA 191 -8.80 -20.65 -40.82
C ALA FA 191 -9.64 -21.42 -39.80
N LEU FA 192 -10.58 -22.20 -40.32
CA LEU FA 192 -11.48 -23.01 -39.49
C LEU FA 192 -11.25 -24.48 -39.79
N ARG FA 193 -11.11 -25.27 -38.72
CA ARG FA 193 -10.89 -26.71 -38.82
C ARG FA 193 -12.06 -27.44 -38.18
N ILE FA 194 -12.65 -28.39 -38.92
CA ILE FA 194 -13.77 -29.18 -38.44
C ILE FA 194 -13.31 -30.62 -38.29
N CYS FA 195 -13.70 -31.26 -37.18
CA CYS FA 195 -13.29 -32.63 -36.91
C CYS FA 195 -14.51 -33.53 -36.68
N ILE FA 196 -15.47 -33.47 -37.61
CA ILE FA 196 -16.62 -34.36 -37.55
C ILE FA 196 -16.16 -35.81 -37.45
N VAL FA 197 -16.74 -36.54 -36.50
CA VAL FA 197 -16.35 -37.91 -36.20
C VAL FA 197 -17.59 -38.79 -36.17
N THR FA 198 -17.53 -39.93 -36.86
CA THR FA 198 -18.62 -40.89 -36.89
C THR FA 198 -18.10 -42.28 -36.55
N LYS FA 199 -18.96 -43.30 -36.69
CA LYS FA 199 -18.61 -44.66 -36.32
C LYS FA 199 -17.77 -45.36 -37.39
N GLU FA 200 -17.16 -44.61 -38.31
CA GLU FA 200 -16.19 -45.17 -39.25
C GLU FA 200 -14.82 -44.53 -39.14
N GLY FA 201 -14.65 -43.51 -38.31
CA GLY FA 201 -13.36 -42.90 -38.12
C GLY FA 201 -13.50 -41.40 -37.95
N ILE FA 202 -12.40 -40.70 -38.22
CA ILE FA 202 -12.31 -39.25 -38.08
C ILE FA 202 -11.96 -38.66 -39.44
N ARG FA 203 -12.74 -37.69 -39.88
CA ARG FA 203 -12.53 -37.00 -41.14
C ARG FA 203 -12.44 -35.50 -40.89
N GLU FA 204 -11.52 -34.85 -41.59
CA GLU FA 204 -11.23 -33.44 -41.35
C GLU FA 204 -11.99 -32.56 -42.34
N GLU FA 205 -11.88 -31.24 -42.13
CA GLU FA 205 -12.53 -30.27 -42.98
C GLU FA 205 -11.98 -28.87 -42.70
N THR FA 206 -11.59 -28.13 -43.74
CA THR FA 206 -11.03 -26.80 -43.60
C THR FA 206 -11.68 -25.85 -44.60
N VAL FA 207 -12.17 -24.71 -44.12
CA VAL FA 207 -12.78 -23.69 -44.96
C VAL FA 207 -12.24 -22.33 -44.58
N SER FA 208 -12.37 -21.38 -45.50
CA SER FA 208 -11.95 -20.01 -45.25
C SER FA 208 -12.94 -19.30 -44.33
N LEU FA 209 -12.45 -18.29 -43.62
CA LEU FA 209 -13.27 -17.58 -42.65
C LEU FA 209 -12.69 -16.19 -42.44
N ARG FA 210 -13.30 -15.18 -43.08
CA ARG FA 210 -12.92 -13.77 -42.94
C ARG FA 210 -11.41 -13.60 -43.08
N LYS FA 211 -10.95 -13.88 -44.31
CA LYS FA 211 -9.53 -13.96 -44.61
C LYS FA 211 -8.75 -12.78 -44.04
N ASP FA 212 -7.78 -13.10 -43.19
CA ASP FA 212 -6.93 -12.09 -42.57
C ASP FA 212 -5.50 -12.60 -42.47
N MET GA 1 21.72 -7.66 -16.09
CA MET GA 1 20.49 -7.77 -16.88
C MET GA 1 20.74 -7.47 -18.35
N VAL GA 2 21.78 -8.09 -18.90
CA VAL GA 2 22.10 -7.91 -20.32
C VAL GA 2 20.95 -8.43 -21.17
N THR GA 3 20.70 -7.76 -22.29
CA THR GA 3 19.52 -8.03 -23.11
C THR GA 3 19.90 -8.03 -24.58
N GLY GA 4 19.18 -8.85 -25.36
CA GLY GA 4 19.35 -8.89 -26.79
C GLY GA 4 18.31 -8.03 -27.50
N THR GA 5 18.31 -8.12 -28.83
CA THR GA 5 17.44 -7.30 -29.66
C THR GA 5 16.42 -8.11 -30.45
N SER GA 6 16.86 -9.03 -31.31
CA SER GA 6 15.96 -9.70 -32.23
C SER GA 6 16.71 -10.84 -32.91
N VAL GA 7 16.04 -11.99 -33.04
CA VAL GA 7 16.68 -13.20 -33.54
C VAL GA 7 15.81 -13.76 -34.67
N LEU GA 8 15.16 -12.85 -35.40
CA LEU GA 8 14.24 -13.20 -36.49
C LEU GA 8 14.81 -14.21 -37.48
N GLY GA 9 13.93 -14.88 -38.21
CA GLY GA 9 14.35 -15.82 -39.21
C GLY GA 9 13.20 -16.18 -40.13
N VAL GA 10 13.56 -16.63 -41.32
CA VAL GA 10 12.58 -17.00 -42.34
C VAL GA 10 12.95 -18.36 -42.91
N LYS GA 11 11.93 -19.11 -43.32
CA LYS GA 11 12.17 -20.38 -43.98
C LYS GA 11 12.68 -20.14 -45.40
N PHE GA 12 12.83 -21.24 -46.14
CA PHE GA 12 13.67 -21.22 -47.33
C PHE GA 12 13.57 -22.53 -48.11
N GLU GA 13 13.86 -22.48 -49.42
CA GLU GA 13 13.86 -23.67 -50.26
C GLU GA 13 15.11 -24.48 -49.93
N GLY GA 14 14.96 -25.51 -49.09
CA GLY GA 14 16.09 -26.31 -48.68
C GLY GA 14 17.09 -25.54 -47.83
N GLY GA 15 16.69 -25.17 -46.63
CA GLY GA 15 17.56 -24.43 -45.73
C GLY GA 15 16.81 -23.43 -44.87
N VAL GA 16 17.50 -22.82 -43.92
CA VAL GA 16 16.95 -21.77 -43.08
C VAL GA 16 18.04 -20.74 -42.83
N VAL GA 17 17.65 -19.48 -42.71
CA VAL GA 17 18.58 -18.39 -42.44
C VAL GA 17 18.17 -17.67 -41.16
N ILE GA 18 19.13 -17.42 -40.29
CA ILE GA 18 18.90 -16.76 -39.01
C ILE GA 18 19.90 -15.62 -38.87
N ALA GA 19 19.42 -14.48 -38.39
CA ALA GA 19 20.25 -13.29 -38.20
C ALA GA 19 20.05 -12.75 -36.79
N ALA GA 20 21.09 -12.12 -36.27
CA ALA GA 20 21.02 -11.56 -34.91
C ALA GA 20 22.07 -10.46 -34.79
N ASP GA 21 21.88 -9.61 -33.78
CA ASP GA 21 22.74 -8.46 -33.54
C ASP GA 21 23.73 -8.78 -32.44
N MET GA 22 25.01 -8.46 -32.68
CA MET GA 22 26.07 -8.68 -31.70
C MET GA 22 26.13 -7.51 -30.74
N LEU GA 23 25.14 -7.46 -29.84
CA LEU GA 23 25.01 -6.36 -28.90
C LEU GA 23 24.66 -6.88 -27.52
N GLY GA 24 25.07 -6.13 -26.51
CA GLY GA 24 24.65 -6.38 -25.14
C GLY GA 24 24.35 -5.07 -24.44
N SER GA 25 23.12 -4.91 -23.94
CA SER GA 25 22.67 -3.66 -23.37
C SER GA 25 22.49 -3.81 -21.86
N TYR GA 26 23.12 -2.92 -21.11
CA TYR GA 26 22.97 -2.88 -19.66
C TYR GA 26 21.86 -1.91 -19.26
N GLY GA 27 20.64 -2.27 -19.67
CA GLY GA 27 19.49 -1.41 -19.44
C GLY GA 27 19.33 -0.38 -20.54
N SER GA 28 20.20 0.61 -20.56
CA SER GA 28 20.26 1.60 -21.64
C SER GA 28 21.64 1.75 -22.22
N LEU GA 29 22.68 1.65 -21.41
CA LEU GA 29 24.05 1.75 -21.88
C LEU GA 29 24.41 0.53 -22.74
N ALA GA 30 25.34 0.73 -23.67
CA ALA GA 30 25.83 -0.35 -24.52
C ALA GA 30 27.13 -0.87 -23.93
N ARG GA 31 27.01 -1.83 -23.01
CA ARG GA 31 28.18 -2.28 -22.25
C ARG GA 31 29.13 -3.11 -23.10
N PHE GA 32 28.60 -4.04 -23.88
CA PHE GA 32 29.41 -4.96 -24.66
C PHE GA 32 29.05 -4.84 -26.14
N ARG GA 33 30.06 -5.02 -27.00
CA ARG GA 33 29.85 -4.78 -28.42
C ARG GA 33 30.50 -5.83 -29.33
N ASN GA 34 30.80 -7.02 -28.80
CA ASN GA 34 31.36 -8.07 -29.63
C ASN GA 34 30.83 -9.47 -29.32
N ILE GA 35 29.85 -9.60 -28.40
CA ILE GA 35 29.37 -10.92 -28.02
C ILE GA 35 28.56 -11.53 -29.16
N SER GA 36 28.56 -12.86 -29.23
CA SER GA 36 27.87 -13.60 -30.28
C SER GA 36 26.60 -14.22 -29.75
N ARG GA 37 25.68 -14.53 -30.67
CA ARG GA 37 24.37 -15.03 -30.27
C ARG GA 37 23.88 -16.18 -31.15
N ILE GA 38 24.77 -16.87 -31.86
CA ILE GA 38 24.40 -17.96 -32.76
C ILE GA 38 25.21 -19.19 -32.36
N MET GA 39 24.58 -20.36 -32.46
CA MET GA 39 25.17 -21.60 -32.00
C MET GA 39 25.18 -22.63 -33.13
N ARG GA 40 25.98 -23.67 -32.94
CA ARG GA 40 26.22 -24.73 -33.91
C ARG GA 40 26.10 -26.10 -33.25
N VAL GA 41 24.98 -26.32 -32.57
CA VAL GA 41 24.83 -27.47 -31.67
C VAL GA 41 25.25 -28.78 -32.33
N ASN GA 42 24.91 -28.98 -33.59
CA ASN GA 42 25.35 -30.18 -34.29
C ASN GA 42 25.52 -29.87 -35.76
N ASN GA 43 25.59 -30.91 -36.59
CA ASN GA 43 25.86 -30.77 -38.01
C ASN GA 43 24.62 -30.43 -38.84
N SER GA 44 23.44 -30.40 -38.23
CA SER GA 44 22.23 -30.11 -39.00
C SER GA 44 21.25 -29.18 -38.29
N THR GA 45 21.59 -28.67 -37.11
CA THR GA 45 20.70 -27.77 -36.38
C THR GA 45 21.52 -26.61 -35.83
N MET GA 46 20.96 -25.41 -35.90
CA MET GA 46 21.56 -24.21 -35.38
C MET GA 46 20.61 -23.58 -34.35
N LEU GA 47 20.99 -22.41 -33.82
CA LEU GA 47 20.27 -21.87 -32.69
C LEU GA 47 20.47 -20.36 -32.62
N GLY GA 48 19.49 -19.68 -32.04
CA GLY GA 48 19.61 -18.26 -31.75
C GLY GA 48 18.68 -17.90 -30.61
N ALA GA 49 19.09 -16.90 -29.83
CA ALA GA 49 18.34 -16.56 -28.62
C ALA GA 49 18.47 -15.07 -28.33
N SER GA 50 17.51 -14.56 -27.56
CA SER GA 50 17.46 -13.15 -27.20
C SER GA 50 17.20 -13.06 -25.70
N GLY GA 51 16.83 -11.87 -25.23
CA GLY GA 51 16.58 -11.69 -23.82
C GLY GA 51 17.88 -11.72 -23.02
N ASP GA 52 17.84 -12.34 -21.85
CA ASP GA 52 19.00 -12.41 -21.00
C ASP GA 52 20.12 -13.22 -21.66
N TYR GA 53 21.34 -12.96 -21.23
CA TYR GA 53 22.51 -13.61 -21.83
C TYR GA 53 23.09 -14.73 -20.97
N ALA GA 54 23.06 -14.59 -19.64
CA ALA GA 54 23.58 -15.65 -18.79
C ALA GA 54 22.80 -16.94 -18.95
N ASP GA 55 21.47 -16.84 -19.04
CA ASP GA 55 20.66 -18.03 -19.26
C ASP GA 55 20.97 -18.63 -20.62
N PHE GA 56 21.25 -17.79 -21.62
CA PHE GA 56 21.65 -18.30 -22.92
C PHE GA 56 22.95 -19.08 -22.82
N GLN GA 57 23.92 -18.57 -22.06
CA GLN GA 57 25.15 -19.32 -21.81
C GLN GA 57 24.85 -20.67 -21.16
N TYR GA 58 23.96 -20.67 -20.16
CA TYR GA 58 23.70 -21.90 -19.42
C TYR GA 58 23.07 -22.96 -20.31
N LEU GA 59 22.05 -22.57 -21.09
CA LEU GA 59 21.45 -23.54 -22.02
C LEU GA 59 22.43 -23.92 -23.12
N LYS GA 60 23.32 -23.00 -23.53
CA LYS GA 60 24.35 -23.37 -24.48
C LYS GA 60 25.20 -24.52 -23.95
N GLN GA 61 25.69 -24.37 -22.72
CA GLN GA 61 26.50 -25.43 -22.12
C GLN GA 61 25.73 -26.74 -22.02
N VAL GA 62 24.49 -26.66 -21.52
CA VAL GA 62 23.72 -27.89 -21.28
C VAL GA 62 23.44 -28.61 -22.60
N LEU GA 63 22.99 -27.86 -23.61
CA LEU GA 63 22.60 -28.50 -24.87
C LEU GA 63 23.81 -29.01 -25.63
N GLY GA 64 24.92 -28.26 -25.62
CA GLY GA 64 26.14 -28.76 -26.22
C GLY GA 64 26.62 -30.03 -25.55
N GLN GA 65 26.51 -30.09 -24.22
CA GLN GA 65 26.87 -31.30 -23.49
C GLN GA 65 26.01 -32.47 -23.90
N MET GA 66 24.70 -32.26 -23.99
CA MET GA 66 23.80 -33.34 -24.38
C MET GA 66 24.12 -33.87 -25.77
N VAL GA 67 24.32 -32.95 -26.73
CA VAL GA 67 24.55 -33.38 -28.10
C VAL GA 67 25.90 -34.06 -28.23
N ILE GA 68 26.92 -33.58 -27.51
CA ILE GA 68 28.23 -34.22 -27.60
C ILE GA 68 28.20 -35.59 -26.96
N ASP GA 69 27.43 -35.75 -25.88
CA ASP GA 69 27.28 -37.08 -25.28
C ASP GA 69 26.60 -38.03 -26.25
N GLU GA 70 25.52 -37.58 -26.89
CA GLU GA 70 24.81 -38.45 -27.83
C GLU GA 70 25.70 -38.84 -29.00
N GLU GA 71 26.47 -37.90 -29.54
CA GLU GA 71 27.37 -38.23 -30.63
C GLU GA 71 28.47 -39.18 -30.16
N LEU GA 72 28.97 -38.98 -28.94
CA LEU GA 72 30.06 -39.80 -28.44
C LEU GA 72 29.62 -41.24 -28.22
N LEU GA 73 28.36 -41.45 -27.83
CA LEU GA 73 27.85 -42.81 -27.61
C LEU GA 73 28.06 -43.67 -28.86
N GLY GA 74 27.40 -43.30 -29.96
CA GLY GA 74 27.63 -43.93 -31.24
C GLY GA 74 26.60 -44.97 -31.58
N ASP GA 75 25.58 -44.58 -32.36
CA ASP GA 75 24.57 -45.52 -32.81
C ASP GA 75 24.09 -45.26 -34.23
N GLY GA 76 24.66 -44.28 -34.93
CA GLY GA 76 24.11 -43.90 -36.22
C GLY GA 76 22.85 -43.08 -36.13
N HIS GA 77 22.56 -42.49 -34.97
CA HIS GA 77 21.39 -41.66 -34.78
C HIS GA 77 21.80 -40.32 -34.19
N SER GA 78 21.07 -39.27 -34.56
CA SER GA 78 21.33 -37.94 -34.04
C SER GA 78 20.04 -37.33 -33.47
N TYR GA 79 20.08 -36.06 -33.11
CA TYR GA 79 18.92 -35.34 -32.61
C TYR GA 79 18.31 -34.53 -33.74
N SER GA 80 17.13 -34.94 -34.19
CA SER GA 80 16.38 -34.15 -35.14
C SER GA 80 15.92 -32.84 -34.48
N PRO GA 81 15.78 -31.76 -35.25
CA PRO GA 81 15.43 -30.47 -34.63
C PRO GA 81 14.13 -30.49 -33.86
N ARG GA 82 13.18 -31.35 -34.26
CA ARG GA 82 11.92 -31.43 -33.53
C ARG GA 82 12.14 -31.87 -32.09
N ALA GA 83 13.03 -32.85 -31.88
CA ALA GA 83 13.32 -33.32 -30.53
C ALA GA 83 13.94 -32.22 -29.68
N ILE GA 84 14.89 -31.46 -30.26
CA ILE GA 84 15.51 -30.38 -29.52
C ILE GA 84 14.48 -29.31 -29.16
N HIS GA 85 13.60 -28.98 -30.10
CA HIS GA 85 12.54 -28.02 -29.82
C HIS GA 85 11.64 -28.49 -28.69
N SER GA 86 11.26 -29.78 -28.71
CA SER GA 86 10.43 -30.32 -27.64
C SER GA 86 11.15 -30.26 -26.30
N TRP GA 87 12.44 -30.60 -26.29
CA TRP GA 87 13.20 -30.56 -25.05
C TRP GA 87 13.26 -29.14 -24.48
N LEU GA 88 13.52 -28.15 -25.34
CA LEU GA 88 13.56 -26.77 -24.87
C LEU GA 88 12.20 -26.34 -24.34
N THR GA 89 11.12 -26.71 -25.03
CA THR GA 89 9.79 -26.36 -24.56
C THR GA 89 9.52 -26.95 -23.19
N ARG GA 90 9.87 -28.22 -22.99
CA ARG GA 90 9.64 -28.86 -21.70
C ARG GA 90 10.47 -28.21 -20.60
N ALA GA 91 11.74 -27.91 -20.89
CA ALA GA 91 12.59 -27.28 -19.89
C ALA GA 91 12.03 -25.91 -19.49
N MET GA 92 11.63 -25.11 -20.49
CA MET GA 92 11.10 -23.79 -20.18
C MET GA 92 9.81 -23.87 -19.38
N TYR GA 93 8.91 -24.79 -19.74
CA TYR GA 93 7.66 -24.91 -18.99
C TYR GA 93 7.91 -25.37 -17.56
N SER GA 94 8.80 -26.35 -17.38
CA SER GA 94 9.09 -26.83 -16.04
C SER GA 94 9.70 -25.72 -15.18
N ARG GA 95 10.59 -24.92 -15.77
CA ARG GA 95 11.16 -23.81 -15.03
C ARG GA 95 10.10 -22.76 -14.69
N ARG GA 96 9.16 -22.53 -15.61
CA ARG GA 96 8.09 -21.58 -15.34
C ARG GA 96 7.22 -22.04 -14.18
N SER GA 97 6.88 -23.32 -14.13
CA SER GA 97 5.99 -23.81 -13.09
C SER GA 97 6.62 -23.80 -11.71
N LYS GA 98 7.93 -23.58 -11.61
CA LYS GA 98 8.63 -23.61 -10.33
C LYS GA 98 8.90 -22.21 -9.78
N MET GA 99 8.38 -21.16 -10.42
CA MET GA 99 8.64 -19.78 -10.03
C MET GA 99 10.13 -19.47 -10.07
N ASN GA 100 10.77 -19.81 -11.19
CA ASN GA 100 12.16 -19.43 -11.46
C ASN GA 100 12.34 -19.35 -12.97
N PRO GA 101 11.74 -18.35 -13.60
CA PRO GA 101 11.73 -18.31 -15.07
C PRO GA 101 13.07 -17.91 -15.65
N LEU GA 102 13.32 -18.40 -16.86
CA LEU GA 102 14.49 -18.03 -17.63
C LEU GA 102 14.07 -16.96 -18.63
N TRP GA 103 14.51 -15.72 -18.41
CA TRP GA 103 14.10 -14.59 -19.23
C TRP GA 103 14.80 -14.71 -20.58
N ASN GA 104 14.22 -15.53 -21.45
CA ASN GA 104 14.87 -15.84 -22.71
C ASN GA 104 13.81 -16.13 -23.77
N THR GA 105 14.21 -16.01 -25.03
CA THR GA 105 13.34 -16.26 -26.16
C THR GA 105 14.21 -16.69 -27.32
N MET GA 106 13.99 -17.89 -27.84
CA MET GA 106 14.93 -18.54 -28.73
C MET GA 106 14.26 -18.91 -30.04
N VAL GA 107 15.09 -19.20 -31.05
CA VAL GA 107 14.65 -19.68 -32.34
C VAL GA 107 15.47 -20.91 -32.70
N ILE GA 108 14.80 -21.99 -33.09
CA ILE GA 108 15.45 -23.24 -33.47
C ILE GA 108 15.16 -23.50 -34.94
N GLY GA 109 16.20 -23.61 -35.75
CA GLY GA 109 16.04 -23.88 -37.15
C GLY GA 109 16.97 -24.99 -37.60
N GLY GA 110 16.52 -25.73 -38.62
CA GLY GA 110 17.30 -26.85 -39.10
C GLY GA 110 16.69 -27.42 -40.37
N TYR GA 111 17.41 -28.38 -40.94
CA TYR GA 111 17.00 -29.01 -42.20
C TYR GA 111 17.40 -30.48 -42.14
N ALA GA 112 16.43 -31.35 -41.87
CA ALA GA 112 16.65 -32.78 -41.80
C ALA GA 112 15.59 -33.51 -42.62
N ASP GA 113 16.00 -34.63 -43.21
CA ASP GA 113 15.11 -35.47 -44.02
C ASP GA 113 14.48 -34.67 -45.17
N GLY GA 114 15.26 -33.78 -45.77
CA GLY GA 114 14.80 -33.03 -46.92
C GLY GA 114 13.64 -32.10 -46.63
N GLU GA 115 13.59 -31.51 -45.44
CA GLU GA 115 12.56 -30.54 -45.10
C GLU GA 115 13.09 -29.60 -44.04
N SER GA 116 12.47 -28.42 -43.97
CA SER GA 116 12.92 -27.36 -43.07
C SER GA 116 12.03 -27.28 -41.84
N PHE GA 117 12.63 -26.85 -40.72
CA PHE GA 117 11.93 -26.70 -39.47
C PHE GA 117 12.34 -25.39 -38.81
N LEU GA 118 11.36 -24.71 -38.20
CA LEU GA 118 11.62 -23.46 -37.51
C LEU GA 118 10.55 -23.29 -36.44
N GLY GA 119 10.98 -22.92 -35.22
CA GLY GA 119 10.07 -22.90 -34.09
C GLY GA 119 10.29 -21.71 -33.18
N TYR GA 120 9.35 -21.55 -32.24
CA TYR GA 120 9.36 -20.46 -31.28
C TYR GA 120 9.15 -21.08 -29.90
N VAL GA 121 9.94 -20.65 -28.92
CA VAL GA 121 9.98 -21.33 -27.62
C VAL GA 121 9.79 -20.36 -26.45
N ASP GA 122 8.98 -19.32 -26.64
CA ASP GA 122 8.79 -18.25 -25.67
C ASP GA 122 8.68 -18.76 -24.23
N MET GA 123 9.21 -17.98 -23.27
CA MET GA 123 9.45 -18.47 -21.92
C MET GA 123 8.17 -18.91 -21.21
N LEU GA 124 7.01 -18.42 -21.63
CA LEU GA 124 5.76 -18.79 -20.96
C LEU GA 124 5.23 -20.13 -21.43
N GLY GA 125 6.01 -20.90 -22.20
CA GLY GA 125 5.59 -22.21 -22.63
C GLY GA 125 4.83 -22.18 -23.95
N VAL GA 126 5.25 -21.33 -24.86
CA VAL GA 126 4.60 -21.17 -26.16
C VAL GA 126 5.46 -21.84 -27.21
N ALA GA 127 4.85 -22.66 -28.07
CA ALA GA 127 5.60 -23.39 -29.08
C ALA GA 127 4.73 -23.59 -30.31
N TYR GA 128 5.35 -23.41 -31.48
CA TYR GA 128 4.68 -23.57 -32.77
C TYR GA 128 5.73 -23.46 -33.86
N GLU GA 129 5.29 -23.64 -35.10
CA GLU GA 129 6.14 -23.46 -36.28
C GLU GA 129 5.46 -22.51 -37.25
N ALA GA 130 6.28 -21.84 -38.06
CA ALA GA 130 5.75 -20.84 -38.99
C ALA GA 130 6.75 -20.68 -40.12
N PRO GA 131 6.31 -20.23 -41.29
CA PRO GA 131 7.26 -19.94 -42.38
C PRO GA 131 8.22 -18.80 -42.07
N SER GA 132 7.87 -17.91 -41.14
CA SER GA 132 8.72 -16.80 -40.77
C SER GA 132 8.57 -16.53 -39.28
N LEU GA 133 9.54 -15.81 -38.72
CA LEU GA 133 9.51 -15.58 -37.28
C LEU GA 133 10.32 -14.33 -36.95
N ALA GA 134 10.00 -13.75 -35.79
CA ALA GA 134 10.74 -12.63 -35.23
C ALA GA 134 10.67 -12.74 -33.72
N THR GA 135 11.61 -12.09 -33.04
CA THR GA 135 11.73 -12.18 -31.59
C THR GA 135 11.81 -10.80 -30.98
N GLY GA 136 11.45 -10.73 -29.70
CA GLY GA 136 11.57 -9.48 -28.96
C GLY GA 136 10.75 -8.39 -29.57
N TYR GA 137 11.37 -7.23 -29.76
CA TYR GA 137 10.69 -6.07 -30.31
C TYR GA 137 10.54 -6.13 -31.83
N GLY GA 138 11.16 -7.12 -32.48
CA GLY GA 138 10.99 -7.28 -33.91
C GLY GA 138 9.67 -7.89 -34.32
N ALA GA 139 8.86 -8.34 -33.37
CA ALA GA 139 7.58 -8.95 -33.70
C ALA GA 139 6.59 -7.97 -34.31
N TYR GA 140 6.85 -6.67 -34.22
CA TYR GA 140 5.99 -5.65 -34.80
C TYR GA 140 6.56 -5.05 -36.08
N LEU GA 141 7.87 -4.89 -36.17
CA LEU GA 141 8.52 -4.29 -37.33
C LEU GA 141 9.06 -5.31 -38.31
N ALA GA 142 9.71 -6.36 -37.82
CA ALA GA 142 10.36 -7.31 -38.71
C ALA GA 142 9.34 -8.22 -39.39
N GLN GA 143 8.31 -8.62 -38.68
CA GLN GA 143 7.35 -9.59 -39.21
C GLN GA 143 6.61 -9.11 -40.46
N PRO GA 144 6.02 -7.92 -40.51
CA PRO GA 144 5.09 -7.60 -41.61
C PRO GA 144 5.68 -7.75 -43.00
N LEU GA 145 6.92 -7.32 -43.22
CA LEU GA 145 7.53 -7.44 -44.54
C LEU GA 145 7.65 -8.90 -44.95
N LEU GA 146 8.17 -9.73 -44.05
CA LEU GA 146 8.33 -11.15 -44.34
C LEU GA 146 7.00 -11.82 -44.59
N ARG GA 147 5.98 -11.49 -43.79
CA ARG GA 147 4.66 -12.06 -43.98
C ARG GA 147 4.09 -11.67 -45.33
N GLU GA 148 4.22 -10.39 -45.71
CA GLU GA 148 3.69 -9.93 -46.99
C GLU GA 148 4.38 -10.64 -48.16
N VAL GA 149 5.71 -10.70 -48.12
CA VAL GA 149 6.44 -11.34 -49.23
C VAL GA 149 6.12 -12.83 -49.28
N LEU GA 150 5.96 -13.47 -48.13
CA LEU GA 150 5.66 -14.90 -48.12
C LEU GA 150 4.25 -15.17 -48.62
N GLU GA 151 3.29 -14.30 -48.28
CA GLU GA 151 1.94 -14.46 -48.79
C GLU GA 151 1.88 -14.25 -50.30
N LYS GA 152 2.63 -13.26 -50.79
CA LYS GA 152 2.70 -13.07 -52.25
C LYS GA 152 3.38 -14.25 -52.93
N GLN GA 153 4.47 -14.74 -52.35
CA GLN GA 153 5.20 -15.88 -52.90
C GLN GA 153 5.57 -16.85 -51.79
N PRO GA 154 5.03 -18.08 -51.80
CA PRO GA 154 5.29 -19.01 -50.69
C PRO GA 154 6.64 -19.72 -50.76
N VAL GA 155 7.33 -19.67 -51.90
CA VAL GA 155 8.62 -20.34 -52.07
C VAL GA 155 9.61 -19.33 -52.65
N LEU GA 156 10.86 -19.39 -52.18
CA LEU GA 156 11.87 -18.43 -52.59
C LEU GA 156 13.17 -19.11 -52.98
N SER GA 157 14.21 -18.30 -53.23
CA SER GA 157 15.56 -18.78 -53.49
C SER GA 157 16.51 -18.04 -52.55
N GLN GA 158 17.82 -18.29 -52.73
CA GLN GA 158 18.79 -17.79 -51.77
C GLN GA 158 19.00 -16.28 -51.90
N THR GA 159 19.04 -15.78 -53.13
CA THR GA 159 19.34 -14.36 -53.34
C THR GA 159 18.29 -13.47 -52.71
N GLU GA 160 17.01 -13.72 -53.02
CA GLU GA 160 15.96 -12.85 -52.49
C GLU GA 160 15.78 -13.01 -50.99
N ALA GA 161 16.00 -14.21 -50.46
CA ALA GA 161 15.94 -14.39 -49.00
C ALA GA 161 17.03 -13.58 -48.31
N ARG GA 162 18.25 -13.65 -48.83
CA ARG GA 162 19.34 -12.89 -48.24
C ARG GA 162 19.07 -11.38 -48.33
N ASP GA 163 18.57 -10.92 -49.47
CA ASP GA 163 18.26 -9.49 -49.60
C ASP GA 163 17.11 -9.08 -48.70
N LEU GA 164 16.13 -9.96 -48.49
CA LEU GA 164 15.03 -9.66 -47.57
C LEU GA 164 15.54 -9.50 -46.16
N VAL GA 165 16.43 -10.39 -45.71
CA VAL GA 165 17.01 -10.27 -44.38
C VAL GA 165 17.84 -8.98 -44.28
N GLU GA 166 18.55 -8.63 -45.37
CA GLU GA 166 19.32 -7.39 -45.38
C GLU GA 166 18.42 -6.18 -45.22
N ARG GA 167 17.30 -6.15 -45.94
CA ARG GA 167 16.36 -5.04 -45.83
C ARG GA 167 15.77 -4.96 -44.43
N CYS GA 168 15.47 -6.11 -43.83
CA CYS GA 168 14.93 -6.11 -42.48
C CYS GA 168 15.94 -5.57 -41.47
N MET GA 169 17.22 -5.94 -41.62
CA MET GA 169 18.26 -5.33 -40.79
C MET GA 169 18.32 -3.83 -41.00
N ARG GA 170 18.19 -3.38 -42.25
CA ARG GA 170 18.25 -1.95 -42.53
C ARG GA 170 17.15 -1.22 -41.76
N VAL GA 171 15.90 -1.69 -41.88
CA VAL GA 171 14.81 -0.98 -41.23
C VAL GA 171 14.93 -1.07 -39.71
N LEU GA 172 15.31 -2.25 -39.19
CA LEU GA 172 15.40 -2.40 -37.74
C LEU GA 172 16.50 -1.52 -37.16
N TYR GA 173 17.64 -1.42 -37.84
CA TYR GA 173 18.68 -0.50 -37.38
C TYR GA 173 18.19 0.94 -37.48
N TYR GA 174 17.39 1.25 -38.49
CA TYR GA 174 16.83 2.60 -38.60
C TYR GA 174 16.01 2.96 -37.38
N ARG GA 175 15.12 2.07 -36.95
CA ARG GA 175 14.06 2.46 -36.03
C ARG GA 175 13.98 1.53 -34.82
N ASP GA 176 15.10 1.27 -34.17
CA ASP GA 176 15.09 0.58 -32.89
C ASP GA 176 16.07 1.26 -31.94
N ALA GA 177 15.74 1.21 -30.65
CA ALA GA 177 16.58 1.85 -29.64
C ALA GA 177 17.85 1.04 -29.40
N ARG GA 178 17.74 -0.29 -29.34
CA ARG GA 178 18.88 -1.18 -29.10
C ARG GA 178 19.22 -1.88 -30.40
N SER GA 179 20.31 -1.48 -31.02
CA SER GA 179 20.76 -2.08 -32.28
C SER GA 179 22.21 -1.73 -32.50
N TYR GA 180 22.83 -2.43 -33.45
CA TYR GA 180 24.21 -2.21 -33.80
C TYR GA 180 24.36 -2.27 -35.31
N ASN GA 181 25.41 -1.63 -35.81
CA ASN GA 181 25.66 -1.62 -37.26
C ASN GA 181 25.97 -3.02 -37.78
N ARG GA 182 26.72 -3.80 -37.02
CA ARG GA 182 27.11 -5.13 -37.43
C ARG GA 182 26.10 -6.17 -36.96
N PHE GA 183 26.06 -7.29 -37.67
CA PHE GA 183 25.14 -8.38 -37.33
C PHE GA 183 25.64 -9.66 -37.97
N GLN GA 184 25.25 -10.78 -37.37
CA GLN GA 184 25.67 -12.10 -37.81
C GLN GA 184 24.56 -12.78 -38.61
N THR GA 185 24.95 -13.81 -39.37
CA THR GA 185 24.01 -14.62 -40.13
C THR GA 185 24.61 -16.00 -40.30
N ALA GA 186 23.74 -16.98 -40.55
CA ALA GA 186 24.19 -18.36 -40.71
C ALA GA 186 23.11 -19.17 -41.40
N THR GA 187 23.46 -19.78 -42.52
CA THR GA 187 22.57 -20.67 -43.25
C THR GA 187 22.77 -22.11 -42.77
N VAL GA 188 21.75 -22.94 -42.99
CA VAL GA 188 21.77 -24.30 -42.48
C VAL GA 188 21.49 -25.29 -43.61
N THR GA 189 21.90 -24.95 -44.82
CA THR GA 189 21.72 -25.82 -45.97
C THR GA 189 22.40 -27.18 -45.74
N GLU GA 190 22.08 -28.13 -46.61
CA GLU GA 190 22.44 -29.53 -46.35
C GLU GA 190 23.95 -29.75 -46.38
N LYS GA 191 24.74 -28.79 -46.89
CA LYS GA 191 26.18 -28.91 -46.77
C LYS GA 191 26.62 -28.89 -45.31
N GLY GA 192 25.99 -28.03 -44.51
CA GLY GA 192 26.34 -27.93 -43.09
C GLY GA 192 25.81 -26.63 -42.52
N VAL GA 193 26.46 -26.19 -41.45
CA VAL GA 193 26.13 -24.93 -40.80
C VAL GA 193 27.30 -23.98 -40.99
N GLU GA 194 27.04 -22.84 -41.62
CA GLU GA 194 28.09 -21.88 -41.98
C GLU GA 194 27.78 -20.55 -41.31
N ILE GA 195 28.45 -20.28 -40.19
CA ILE GA 195 28.29 -19.01 -39.49
C ILE GA 195 29.08 -17.94 -40.23
N GLU GA 196 28.42 -16.83 -40.55
CA GLU GA 196 29.04 -15.74 -41.29
C GLU GA 196 28.90 -14.44 -40.50
N GLY GA 197 29.95 -13.63 -40.53
CA GLY GA 197 29.95 -12.35 -39.87
C GLY GA 197 31.34 -11.84 -39.59
N PRO GA 198 31.47 -10.56 -39.22
CA PRO GA 198 30.36 -9.59 -39.13
C PRO GA 198 29.98 -9.00 -40.48
N LEU GA 199 28.80 -8.41 -40.56
CA LEU GA 199 28.32 -7.74 -41.75
C LEU GA 199 28.17 -6.25 -41.48
N SER GA 200 27.66 -5.53 -42.47
CA SER GA 200 27.48 -4.09 -42.37
C SER GA 200 26.21 -3.69 -43.10
N THR GA 201 25.70 -2.51 -42.77
CA THR GA 201 24.46 -1.99 -43.32
C THR GA 201 24.67 -0.55 -43.76
N GLU GA 202 24.73 -0.32 -45.07
CA GLU GA 202 24.84 1.03 -45.60
C GLU GA 202 23.48 1.72 -45.53
N THR GA 203 23.47 2.94 -45.00
CA THR GA 203 22.25 3.68 -44.75
C THR GA 203 22.23 4.98 -45.55
N ASN GA 204 21.09 5.66 -45.52
CA ASN GA 204 20.93 6.94 -46.20
C ASN GA 204 20.04 7.84 -45.33
N TRP GA 205 20.56 9.01 -44.98
CA TRP GA 205 19.84 10.00 -44.20
C TRP GA 205 19.59 11.26 -45.02
N ASP GA 206 19.28 11.09 -46.30
CA ASP GA 206 19.13 12.21 -47.22
C ASP GA 206 17.88 13.05 -46.93
N ILE GA 207 16.97 12.56 -46.08
CA ILE GA 207 15.75 13.30 -45.79
C ILE GA 207 15.95 14.14 -44.54
N ALA GA 208 17.20 14.38 -44.17
CA ALA GA 208 17.51 15.21 -43.02
C ALA GA 208 17.56 16.68 -43.43
N THR HA 1 34.71 3.90 -6.46
CA THR HA 1 34.71 2.45 -6.64
C THR HA 1 35.02 2.10 -8.09
N THR HA 2 35.77 2.96 -8.77
CA THR HA 2 36.09 2.74 -10.17
C THR HA 2 37.14 1.66 -10.32
N ILE HA 3 36.86 0.67 -11.18
CA ILE HA 3 37.76 -0.45 -11.42
C ILE HA 3 37.94 -0.57 -12.93
N MET HA 4 39.19 -0.75 -13.37
CA MET HA 4 39.43 -0.96 -14.79
C MET HA 4 40.69 -1.78 -14.98
N ALA HA 5 40.74 -2.48 -16.12
CA ALA HA 5 41.88 -3.29 -16.51
C ALA HA 5 42.20 -3.05 -17.97
N VAL HA 6 43.48 -3.16 -18.32
CA VAL HA 6 43.93 -2.99 -19.70
C VAL HA 6 44.97 -4.08 -20.00
N GLN HA 7 44.90 -4.63 -21.20
CA GLN HA 7 45.80 -5.69 -21.64
C GLN HA 7 46.81 -5.13 -22.64
N PHE HA 8 48.08 -5.47 -22.45
CA PHE HA 8 49.13 -5.15 -23.41
C PHE HA 8 49.91 -6.43 -23.72
N ASP HA 9 50.95 -6.28 -24.54
CA ASP HA 9 51.74 -7.44 -24.98
C ASP HA 9 52.67 -7.89 -23.86
N GLY HA 10 52.50 -9.13 -23.42
CA GLY HA 10 53.36 -9.71 -22.40
C GLY HA 10 52.85 -9.56 -20.98
N GLY HA 11 51.76 -8.83 -20.77
CA GLY HA 11 51.23 -8.66 -19.43
C GLY HA 11 50.06 -7.71 -19.44
N VAL HA 12 49.49 -7.50 -18.26
CA VAL HA 12 48.36 -6.60 -18.08
C VAL HA 12 48.61 -5.69 -16.89
N VAL HA 13 47.88 -4.58 -16.85
CA VAL HA 13 47.93 -3.67 -15.72
C VAL HA 13 46.56 -3.71 -15.03
N LEU HA 14 46.50 -3.12 -13.84
CA LEU HA 14 45.31 -3.19 -13.02
C LEU HA 14 45.33 -2.05 -12.02
N GLY HA 15 44.24 -1.28 -11.98
CA GLY HA 15 44.14 -0.16 -11.06
C GLY HA 15 42.85 -0.22 -10.28
N ALA HA 16 42.74 0.69 -9.30
CA ALA HA 16 41.59 0.74 -8.42
C ALA HA 16 41.65 2.04 -7.64
N ASP HA 17 40.62 2.28 -6.83
CA ASP HA 17 40.55 3.43 -5.96
C ASP HA 17 40.09 3.01 -4.58
N SER HA 18 40.67 3.62 -3.55
CA SER HA 18 40.38 3.26 -2.16
C SER HA 18 39.52 4.35 -1.53
N ARG HA 19 38.20 4.25 -1.73
CA ARG HA 19 37.26 5.13 -1.05
C ARG HA 19 35.99 4.38 -0.68
N THR HA 20 36.13 3.18 -0.12
CA THR HA 20 34.97 2.44 0.34
C THR HA 20 34.20 3.27 1.38
N THR HA 21 32.89 3.35 1.22
CA THR HA 21 32.06 4.26 1.99
C THR HA 21 30.80 3.54 2.45
N THR HA 22 29.90 4.29 3.08
CA THR HA 22 28.63 3.75 3.57
C THR HA 22 27.48 4.72 3.33
N GLY HA 23 27.54 5.48 2.24
CA GLY HA 23 26.50 6.45 1.93
C GLY HA 23 27.05 7.84 1.70
N SER HA 24 26.62 8.80 2.52
CA SER HA 24 27.13 10.15 2.47
C SER HA 24 28.34 10.35 3.36
N TYR HA 25 28.84 9.29 3.99
CA TYR HA 25 29.92 9.35 4.95
C TYR HA 25 31.01 8.36 4.55
N ILE HA 26 32.27 8.79 4.68
CA ILE HA 26 33.40 7.97 4.27
C ILE HA 26 33.67 6.93 5.35
N ALA HA 27 33.69 5.65 4.95
CA ALA HA 27 33.95 4.58 5.90
C ALA HA 27 35.45 4.44 6.15
N ASN HA 28 36.21 4.13 5.11
CA ASN HA 28 37.66 3.98 5.20
C ASN HA 28 38.31 4.86 4.14
N ARG HA 29 39.33 5.62 4.56
CA ARG HA 29 40.02 6.52 3.65
C ARG HA 29 40.93 5.77 2.68
N VAL HA 30 41.66 4.77 3.16
CA VAL HA 30 42.58 4.00 2.32
C VAL HA 30 42.35 2.52 2.58
N THR HA 31 42.17 1.75 1.51
CA THR HA 31 41.95 0.32 1.59
C THR HA 31 42.72 -0.36 0.47
N ASP HA 32 42.61 -1.69 0.40
CA ASP HA 32 43.27 -2.49 -0.62
C ASP HA 32 42.17 -3.22 -1.40
N LYS HA 33 41.63 -2.55 -2.41
CA LYS HA 33 40.60 -3.16 -3.26
C LYS HA 33 41.27 -3.96 -4.37
N LEU HA 34 42.16 -4.89 -4.00
CA LEU HA 34 42.90 -5.67 -4.99
C LEU HA 34 43.40 -6.92 -4.28
N THR HA 35 42.71 -8.05 -4.49
CA THR HA 35 43.02 -9.28 -3.78
C THR HA 35 43.93 -10.18 -4.61
N PRO HA 36 45.06 -10.63 -4.06
CA PRO HA 36 46.00 -11.51 -4.78
C PRO HA 36 45.68 -13.00 -4.65
N ILE HA 37 44.72 -13.46 -5.45
CA ILE HA 37 44.37 -14.88 -5.47
C ILE HA 37 45.52 -15.67 -6.06
N HIS HA 38 45.91 -16.75 -5.38
CA HIS HA 38 47.03 -17.61 -5.80
C HIS HA 38 48.28 -16.73 -5.86
N ASP HA 39 48.98 -16.65 -6.99
CA ASP HA 39 50.17 -15.81 -7.09
C ASP HA 39 50.23 -14.99 -8.36
N ARG HA 40 49.40 -15.25 -9.36
CA ARG HA 40 49.37 -14.47 -10.59
C ARG HA 40 48.02 -13.83 -10.86
N ILE HA 41 46.94 -14.60 -10.72
CA ILE HA 41 45.60 -14.07 -10.98
C ILE HA 41 45.25 -13.05 -9.91
N PHE HA 42 44.70 -11.92 -10.33
CA PHE HA 42 44.25 -10.87 -9.42
C PHE HA 42 42.79 -10.59 -9.65
N CYS HA 43 42.07 -10.29 -8.57
CA CYS HA 43 40.62 -10.14 -8.60
C CYS HA 43 40.23 -8.86 -7.89
N CYS HA 44 39.62 -7.93 -8.62
CA CYS HA 44 39.09 -6.72 -8.03
C CYS HA 44 37.66 -6.97 -7.55
N ARG HA 45 37.03 -5.92 -7.01
CA ARG HA 45 35.71 -6.08 -6.43
C ARG HA 45 34.89 -4.83 -6.68
N SER HA 46 33.57 -4.99 -6.56
CA SER HA 46 32.62 -3.90 -6.68
C SER HA 46 31.33 -4.34 -6.00
N GLY HA 47 30.27 -3.54 -6.17
CA GLY HA 47 29.00 -3.90 -5.55
C GLY HA 47 29.06 -3.79 -4.03
N SER HA 48 28.64 -4.85 -3.34
CA SER HA 48 28.57 -4.85 -1.89
C SER HA 48 29.96 -5.08 -1.31
N ALA HA 49 30.01 -5.34 0.00
CA ALA HA 49 31.28 -5.47 0.71
C ALA HA 49 31.44 -6.78 1.47
N ALA HA 50 30.44 -7.66 1.45
CA ALA HA 50 30.52 -8.94 2.12
C ALA HA 50 30.36 -10.13 1.18
N ASP HA 51 29.42 -10.04 0.24
CA ASP HA 51 29.24 -11.10 -0.73
C ASP HA 51 30.49 -11.26 -1.59
N THR HA 52 31.11 -10.14 -1.96
CA THR HA 52 32.35 -10.19 -2.73
C THR HA 52 33.44 -10.90 -1.94
N GLN HA 53 33.56 -10.60 -0.64
CA GLN HA 53 34.56 -11.26 0.19
C GLN HA 53 34.31 -12.76 0.26
N ALA HA 54 33.06 -13.16 0.47
CA ALA HA 54 32.74 -14.58 0.54
C ALA HA 54 33.06 -15.29 -0.77
N VAL HA 55 32.70 -14.65 -1.90
CA VAL HA 55 32.97 -15.24 -3.20
C VAL HA 55 34.48 -15.37 -3.41
N ALA HA 56 35.24 -14.34 -3.03
CA ALA HA 56 36.69 -14.39 -3.19
C ALA HA 56 37.30 -15.51 -2.35
N ASP HA 57 36.82 -15.68 -1.12
CA ASP HA 57 37.32 -16.76 -0.28
C ASP HA 57 37.04 -18.13 -0.88
N ALA HA 58 35.80 -18.32 -1.36
CA ALA HA 58 35.46 -19.60 -1.98
C ALA HA 58 36.31 -19.86 -3.22
N VAL HA 59 36.52 -18.82 -4.03
CA VAL HA 59 37.34 -18.97 -5.23
C VAL HA 59 38.76 -19.33 -4.85
N THR HA 60 39.32 -18.66 -3.84
CA THR HA 60 40.67 -19.00 -3.39
C THR HA 60 40.75 -20.46 -2.98
N TYR HA 61 39.80 -20.89 -2.15
CA TYR HA 61 39.74 -22.28 -1.72
C TYR HA 61 39.78 -23.24 -2.92
N GLN HA 62 38.78 -23.12 -3.80
CA GLN HA 62 38.64 -24.08 -4.88
C GLN HA 62 39.81 -24.03 -5.85
N LEU HA 63 40.28 -22.82 -6.19
CA LEU HA 63 41.35 -22.71 -7.17
C LEU HA 63 42.67 -23.23 -6.61
N GLY HA 64 42.97 -22.94 -5.35
CA GLY HA 64 44.17 -23.51 -4.75
C GLY HA 64 44.11 -25.02 -4.70
N PHE HA 65 42.95 -25.58 -4.33
CA PHE HA 65 42.80 -27.02 -4.33
C PHE HA 65 43.03 -27.60 -5.71
N HIS HA 66 42.44 -26.98 -6.73
CA HIS HA 66 42.59 -27.48 -8.10
C HIS HA 66 44.04 -27.42 -8.56
N SER HA 67 44.71 -26.28 -8.30
CA SER HA 67 46.08 -26.12 -8.75
C SER HA 67 47.01 -27.13 -8.07
N ILE HA 68 46.82 -27.35 -6.77
CA ILE HA 68 47.68 -28.31 -6.09
C ILE HA 68 47.30 -29.74 -6.46
N GLU HA 69 46.07 -29.96 -6.93
CA GLU HA 69 45.68 -31.30 -7.38
C GLU HA 69 46.32 -31.64 -8.73
N LEU HA 70 46.31 -30.69 -9.67
CA LEU HA 70 46.89 -30.98 -10.98
C LEU HA 70 48.40 -30.81 -11.03
N ASN HA 71 49.00 -30.23 -9.98
CA ASN HA 71 50.44 -30.00 -9.92
C ASN HA 71 50.91 -29.18 -11.14
N GLU HA 72 50.12 -28.18 -11.50
CA GLU HA 72 50.43 -27.28 -12.61
C GLU HA 72 49.93 -25.88 -12.26
N PRO HA 73 50.55 -24.85 -12.84
CA PRO HA 73 50.02 -23.51 -12.62
C PRO HA 73 48.63 -23.37 -13.18
N PRO HA 74 47.77 -22.59 -12.54
CA PRO HA 74 46.38 -22.48 -12.99
C PRO HA 74 46.26 -21.67 -14.27
N LEU HA 75 45.13 -21.86 -14.95
CA LEU HA 75 44.77 -21.10 -16.13
C LEU HA 75 43.63 -20.14 -15.79
N VAL HA 76 43.73 -18.91 -16.30
CA VAL HA 76 42.78 -17.87 -15.92
C VAL HA 76 41.37 -18.23 -16.33
N HIS HA 77 41.21 -19.00 -17.42
CA HIS HA 77 39.88 -19.41 -17.83
C HIS HA 77 39.20 -20.26 -16.77
N THR HA 78 39.98 -21.05 -16.03
CA THR HA 78 39.41 -21.81 -14.91
C THR HA 78 38.85 -20.88 -13.84
N ALA HA 79 39.59 -19.81 -13.51
CA ALA HA 79 39.09 -18.85 -12.53
C ALA HA 79 37.83 -18.16 -13.02
N ALA HA 80 37.80 -17.78 -14.31
CA ALA HA 80 36.61 -17.14 -14.86
C ALA HA 80 35.41 -18.08 -14.81
N SER HA 81 35.61 -19.35 -15.16
CA SER HA 81 34.51 -20.30 -15.11
C SER HA 81 34.03 -20.51 -13.69
N LEU HA 82 34.95 -20.58 -12.73
CA LEU HA 82 34.55 -20.76 -11.33
C LEU HA 82 33.74 -19.57 -10.84
N PHE HA 83 34.21 -18.35 -11.15
CA PHE HA 83 33.45 -17.16 -10.76
C PHE HA 83 32.07 -17.15 -11.39
N LYS HA 84 31.99 -17.49 -12.68
CA LYS HA 84 30.70 -17.51 -13.36
C LYS HA 84 29.75 -18.52 -12.71
N GLU HA 85 30.25 -19.72 -12.45
CA GLU HA 85 29.38 -20.76 -11.90
C GLU HA 85 28.95 -20.43 -10.47
N MET HA 86 29.82 -19.78 -9.71
CA MET HA 86 29.44 -19.39 -8.35
C MET HA 86 28.43 -18.26 -8.37
N CYS HA 87 28.63 -17.26 -9.24
CA CYS HA 87 27.76 -16.08 -9.22
C CYS HA 87 26.39 -16.39 -9.80
N TYR HA 88 26.34 -17.07 -10.94
CA TYR HA 88 25.07 -17.26 -11.63
C TYR HA 88 24.11 -18.12 -10.83
N ARG HA 89 24.63 -19.14 -10.14
CA ARG HA 89 23.77 -20.05 -9.41
C ARG HA 89 23.01 -19.35 -8.28
N TYR HA 90 23.57 -18.26 -7.75
CA TYR HA 90 22.99 -17.53 -6.63
C TYR HA 90 22.52 -16.15 -7.05
N ARG HA 91 21.90 -16.04 -8.22
CA ARG HA 91 21.54 -14.74 -8.77
C ARG HA 91 20.28 -14.19 -8.14
N GLU HA 92 20.20 -14.18 -6.82
CA GLU HA 92 19.07 -13.59 -6.13
C GLU HA 92 19.48 -12.60 -5.05
N ASP HA 93 20.57 -12.87 -4.33
CA ASP HA 93 21.01 -12.01 -3.25
C ASP HA 93 22.53 -11.90 -3.20
N LEU HA 94 23.18 -11.96 -4.35
CA LEU HA 94 24.64 -11.95 -4.44
C LEU HA 94 25.12 -10.84 -5.37
N MET HA 95 24.61 -9.63 -5.17
CA MET HA 95 24.96 -8.51 -6.05
C MET HA 95 26.42 -8.14 -5.88
N ALA HA 96 27.28 -8.69 -6.75
CA ALA HA 96 28.72 -8.50 -6.63
C ALA HA 96 29.32 -8.48 -8.04
N GLY HA 97 29.56 -7.28 -8.56
CA GLY HA 97 30.26 -7.15 -9.83
C GLY HA 97 31.75 -7.34 -9.66
N ILE HA 98 32.32 -8.27 -10.43
CA ILE HA 98 33.71 -8.68 -10.25
C ILE HA 98 34.44 -8.56 -11.57
N ILE HA 99 35.73 -8.24 -11.50
CA ILE HA 99 36.61 -8.25 -12.66
C ILE HA 99 37.90 -8.95 -12.27
N ILE HA 100 38.32 -9.92 -13.07
CA ILE HA 100 39.52 -10.69 -12.79
C ILE HA 100 40.46 -10.61 -13.99
N ALA HA 101 41.75 -10.72 -13.71
CA ALA HA 101 42.78 -10.68 -14.74
C ALA HA 101 44.03 -11.33 -14.19
N GLY HA 102 44.93 -11.72 -15.09
CA GLY HA 102 46.15 -12.37 -14.68
C GLY HA 102 46.96 -12.84 -15.88
N TRP HA 103 48.00 -13.58 -15.57
CA TRP HA 103 48.92 -14.10 -16.58
C TRP HA 103 49.13 -15.59 -16.35
N ASP HA 104 49.30 -16.32 -17.44
CA ASP HA 104 49.51 -17.76 -17.43
C ASP HA 104 50.59 -18.09 -18.44
N PRO HA 105 51.27 -19.23 -18.27
CA PRO HA 105 52.35 -19.57 -19.22
C PRO HA 105 51.87 -19.71 -20.65
N GLN HA 106 50.64 -20.15 -20.87
CA GLN HA 106 50.11 -20.34 -22.21
C GLN HA 106 49.15 -19.20 -22.53
N GLU HA 107 49.34 -18.58 -23.69
CA GLU HA 107 48.66 -17.34 -24.10
C GLU HA 107 48.58 -16.35 -22.94
N GLY HA 108 49.76 -15.90 -22.52
CA GLY HA 108 49.84 -14.99 -21.40
C GLY HA 108 49.13 -13.66 -21.66
N GLY HA 109 48.52 -13.14 -20.61
CA GLY HA 109 47.82 -11.86 -20.70
C GLY HA 109 46.35 -12.04 -20.99
N GLN HA 110 45.51 -11.87 -19.96
CA GLN HA 110 44.07 -12.08 -20.12
C GLN HA 110 43.32 -11.10 -19.25
N GLY HA 111 42.27 -10.51 -19.83
CA GLY HA 111 41.37 -9.66 -19.06
C GLY HA 111 39.94 -10.12 -19.20
N TYR HA 112 39.34 -10.55 -18.10
CA TYR HA 112 37.98 -11.09 -18.10
C TYR HA 112 37.06 -10.19 -17.30
N SER HA 113 35.79 -10.16 -17.71
CA SER HA 113 34.77 -9.41 -17.01
C SER HA 113 33.62 -10.35 -16.66
N VAL HA 114 32.95 -10.06 -15.55
CA VAL HA 114 31.82 -10.86 -15.10
C VAL HA 114 30.87 -9.95 -14.31
N PRO HA 115 30.04 -9.16 -15.00
CA PRO HA 115 29.17 -8.22 -14.30
C PRO HA 115 28.07 -8.88 -13.51
N MET HA 116 27.25 -8.10 -12.82
CA MET HA 116 26.14 -8.64 -12.06
C MET HA 116 25.18 -9.37 -12.99
N GLY HA 117 24.77 -10.57 -12.57
CA GLY HA 117 23.94 -11.44 -13.40
C GLY HA 117 24.63 -12.72 -13.82
N GLY HA 118 25.93 -12.86 -13.57
CA GLY HA 118 26.64 -14.08 -13.84
C GLY HA 118 27.19 -14.23 -15.24
N MET HA 119 26.91 -13.27 -16.14
CA MET HA 119 27.42 -13.38 -17.50
C MET HA 119 28.93 -13.21 -17.51
N MET HA 120 29.60 -13.97 -18.37
CA MET HA 120 31.05 -13.95 -18.48
C MET HA 120 31.46 -13.73 -19.92
N VAL HA 121 32.44 -12.85 -20.14
CA VAL HA 121 32.94 -12.57 -21.48
C VAL HA 121 34.31 -11.91 -21.34
N ARG HA 122 35.11 -11.98 -22.40
CA ARG HA 122 36.44 -11.41 -22.43
C ARG HA 122 36.45 -10.17 -23.31
N GLN HA 123 37.24 -9.16 -22.91
CA GLN HA 123 37.40 -7.95 -23.70
C GLN HA 123 38.79 -7.38 -23.45
N SER HA 124 39.25 -6.55 -24.39
CA SER HA 124 40.58 -5.98 -24.29
C SER HA 124 40.73 -5.10 -23.05
N PHE HA 125 39.73 -4.26 -22.79
CA PHE HA 125 39.71 -3.41 -21.61
C PHE HA 125 38.39 -3.62 -20.89
N ALA HA 126 38.45 -3.80 -19.58
CA ALA HA 126 37.26 -3.99 -18.75
C ALA HA 126 37.15 -2.82 -17.78
N ILE HA 127 35.93 -2.30 -17.64
CA ILE HA 127 35.65 -1.20 -16.71
C ILE HA 127 34.40 -1.57 -15.94
N GLY HA 128 34.43 -1.34 -14.62
CA GLY HA 128 33.28 -1.65 -13.79
C GLY HA 128 33.27 -0.88 -12.48
N GLY HA 129 32.09 -0.42 -12.08
CA GLY HA 129 31.94 0.31 -10.85
C GLY HA 129 30.86 1.35 -10.97
N SER HA 130 30.36 1.80 -9.81
CA SER HA 130 29.32 2.82 -9.79
C SER HA 130 29.82 4.13 -10.40
N GLY HA 131 31.06 4.51 -10.11
CA GLY HA 131 31.65 5.70 -10.68
C GLY HA 131 32.50 5.38 -11.88
N SER HA 132 32.13 4.34 -12.62
CA SER HA 132 32.87 3.87 -13.79
C SER HA 132 32.04 4.02 -15.06
N SER HA 133 31.32 5.14 -15.17
CA SER HA 133 30.53 5.42 -16.37
C SER HA 133 30.83 6.78 -16.96
N TYR HA 134 31.83 7.49 -16.47
CA TYR HA 134 32.15 8.83 -16.94
C TYR HA 134 33.39 8.87 -17.80
N ILE HA 135 33.99 7.71 -18.10
CA ILE HA 135 35.26 7.68 -18.84
C ILE HA 135 35.16 6.78 -20.05
N TYR HA 136 33.94 6.35 -20.38
CA TYR HA 136 33.76 5.48 -21.55
C TYR HA 136 34.24 6.16 -22.82
N GLY HA 137 33.83 7.41 -23.03
CA GLY HA 137 34.25 8.13 -24.22
C GLY HA 137 35.76 8.32 -24.28
N TYR HA 138 36.36 8.70 -23.16
CA TYR HA 138 37.80 8.94 -23.13
C TYR HA 138 38.57 7.66 -23.42
N VAL HA 139 38.17 6.56 -22.79
CA VAL HA 139 38.90 5.30 -22.99
C VAL HA 139 38.69 4.78 -24.40
N ASP HA 140 37.51 4.98 -24.98
CA ASP HA 140 37.30 4.56 -26.36
C ASP HA 140 38.12 5.39 -27.34
N ALA HA 141 38.20 6.71 -27.11
CA ALA HA 141 38.90 7.57 -28.04
C ALA HA 141 40.41 7.55 -27.88
N THR HA 142 40.93 7.10 -26.74
CA THR HA 142 42.36 7.15 -26.50
C THR HA 142 43.06 5.80 -26.67
N TYR HA 143 42.38 4.71 -26.36
CA TYR HA 143 43.01 3.39 -26.36
C TYR HA 143 43.32 2.96 -27.79
N ARG HA 144 44.58 3.05 -28.17
CA ARG HA 144 45.06 2.49 -29.43
C ARG HA 144 45.55 1.06 -29.17
N GLU HA 145 46.25 0.48 -30.15
CA GLU HA 145 46.78 -0.87 -30.00
C GLU HA 145 48.28 -0.87 -30.27
N GLY HA 146 49.00 -1.71 -29.55
CA GLY HA 146 50.44 -1.82 -29.70
C GLY HA 146 51.22 -0.97 -28.73
N MET HA 147 50.90 -1.07 -27.44
CA MET HA 147 51.52 -0.28 -26.40
C MET HA 147 52.23 -1.17 -25.40
N THR HA 148 53.35 -0.70 -24.87
CA THR HA 148 54.13 -1.44 -23.90
C THR HA 148 53.78 -0.97 -22.48
N LYS HA 149 54.56 -1.43 -21.50
CA LYS HA 149 54.18 -1.28 -20.09
C LYS HA 149 54.10 0.19 -19.67
N GLU HA 150 55.08 1.01 -20.08
CA GLU HA 150 55.16 2.37 -19.56
C GLU HA 150 53.97 3.21 -19.98
N GLU HA 151 53.67 3.27 -21.28
CA GLU HA 151 52.56 4.08 -21.73
C GLU HA 151 51.22 3.51 -21.29
N CYS HA 152 51.14 2.18 -21.13
CA CYS HA 152 49.93 1.59 -20.57
C CYS HA 152 49.70 2.04 -19.14
N LEU HA 153 50.76 2.07 -18.34
CA LEU HA 153 50.64 2.56 -16.97
C LEU HA 153 50.21 4.02 -16.95
N GLN HA 154 50.83 4.84 -17.79
CA GLN HA 154 50.45 6.25 -17.85
C GLN HA 154 48.99 6.41 -18.27
N PHE HA 155 48.56 5.64 -19.27
CA PHE HA 155 47.18 5.74 -19.73
C PHE HA 155 46.20 5.32 -18.65
N THR HA 156 46.50 4.24 -17.93
CA THR HA 156 45.62 3.82 -16.84
C THR HA 156 45.57 4.89 -15.75
N ALA HA 157 46.73 5.47 -15.41
CA ALA HA 157 46.75 6.51 -14.40
C ALA HA 157 45.87 7.69 -14.80
N ASN HA 158 46.02 8.16 -16.05
CA ASN HA 158 45.23 9.31 -16.51
C ASN HA 158 43.75 8.97 -16.53
N ALA HA 159 43.39 7.81 -17.08
CA ALA HA 159 41.99 7.45 -17.24
C ALA HA 159 41.31 7.30 -15.89
N LEU HA 160 42.00 6.69 -14.93
CA LEU HA 160 41.39 6.54 -13.61
C LEU HA 160 41.35 7.86 -12.86
N ALA HA 161 42.39 8.69 -13.02
CA ALA HA 161 42.40 9.98 -12.34
C ALA HA 161 41.32 10.90 -12.86
N LEU HA 162 40.90 10.74 -14.12
CA LEU HA 162 39.82 11.58 -14.64
C LEU HA 162 38.52 11.35 -13.88
N ALA HA 163 38.11 10.09 -13.73
CA ALA HA 163 36.93 9.78 -12.94
C ALA HA 163 37.18 9.95 -11.44
N MET HA 164 38.45 10.02 -11.03
CA MET HA 164 38.77 10.15 -9.63
C MET HA 164 38.28 11.47 -9.05
N GLU HA 165 37.98 12.46 -9.90
CA GLU HA 165 37.59 13.79 -9.45
C GLU HA 165 36.14 14.16 -9.77
N ARG HA 166 35.53 13.53 -10.78
CA ARG HA 166 34.18 13.87 -11.21
C ARG HA 166 33.15 12.92 -10.61
N ASP HA 167 33.35 12.48 -9.38
CA ASP HA 167 32.42 11.57 -8.73
C ASP HA 167 32.52 11.76 -7.22
N GLY HA 168 31.49 11.29 -6.53
CA GLY HA 168 31.48 11.36 -5.07
C GLY HA 168 31.98 10.10 -4.43
N SER HA 169 31.72 8.96 -5.07
CA SER HA 169 32.16 7.69 -4.51
C SER HA 169 33.68 7.52 -4.58
N SER HA 170 34.31 8.03 -5.63
CA SER HA 170 35.75 7.91 -5.80
C SER HA 170 36.47 9.08 -5.13
N GLY HA 171 37.76 8.87 -4.88
CA GLY HA 171 38.59 9.89 -4.25
C GLY HA 171 39.64 9.30 -3.32
N GLY HA 172 40.87 9.78 -3.44
CA GLY HA 172 41.95 9.25 -2.62
C GLY HA 172 43.14 8.78 -3.44
N VAL HA 173 43.85 7.77 -2.93
CA VAL HA 173 45.06 7.28 -3.58
C VAL HA 173 44.70 6.32 -4.70
N ILE HA 174 45.69 5.97 -5.53
CA ILE HA 174 45.50 5.08 -6.67
C ILE HA 174 46.43 3.89 -6.51
N ARG HA 175 45.99 2.73 -6.99
CA ARG HA 175 46.60 1.44 -6.65
C ARG HA 175 46.98 0.66 -7.90
N LEU HA 176 47.70 1.30 -8.83
CA LEU HA 176 48.17 0.60 -10.01
C LEU HA 176 49.00 -0.63 -9.64
N ALA HA 177 48.78 -1.71 -10.37
CA ALA HA 177 49.56 -2.94 -10.21
C ALA HA 177 49.59 -3.68 -11.54
N ALA HA 178 50.77 -4.07 -11.98
CA ALA HA 178 50.96 -4.70 -13.27
C ALA HA 178 51.48 -6.12 -13.09
N ILE HA 179 50.78 -7.09 -13.70
CA ILE HA 179 51.18 -8.49 -13.69
C ILE HA 179 51.82 -8.82 -15.02
N ALA HA 180 53.03 -9.37 -14.99
CA ALA HA 180 53.77 -9.62 -16.21
C ALA HA 180 54.22 -11.08 -16.30
N GLU HA 181 55.08 -11.37 -17.29
CA GLU HA 181 55.57 -12.73 -17.48
C GLU HA 181 56.35 -13.22 -16.27
N SER HA 182 57.21 -12.36 -15.72
CA SER HA 182 58.09 -12.79 -14.63
C SER HA 182 57.37 -12.78 -13.29
N GLY HA 183 56.91 -11.62 -12.84
CA GLY HA 183 56.30 -11.52 -11.53
C GLY HA 183 55.29 -10.39 -11.41
N VAL HA 184 55.00 -10.00 -10.16
CA VAL HA 184 54.02 -8.95 -9.87
C VAL HA 184 54.73 -7.82 -9.15
N GLU HA 185 54.51 -6.60 -9.62
CA GLU HA 185 55.05 -5.40 -8.98
C GLU HA 185 53.92 -4.42 -8.75
N ARG HA 186 53.96 -3.74 -7.60
CA ARG HA 186 52.89 -2.83 -7.20
C ARG HA 186 53.48 -1.47 -6.85
N GLN HA 187 52.67 -0.43 -7.05
CA GLN HA 187 53.04 0.92 -6.66
C GLN HA 187 51.77 1.72 -6.42
N VAL HA 188 51.92 2.80 -5.65
CA VAL HA 188 50.80 3.66 -5.29
C VAL HA 188 51.11 5.09 -5.70
N LEU HA 189 50.13 5.74 -6.32
CA LEU HA 189 50.25 7.14 -6.72
C LEU HA 189 49.49 8.00 -5.72
N LEU HA 190 50.20 8.91 -5.06
CA LEU HA 190 49.60 9.75 -4.03
C LEU HA 190 50.07 11.18 -4.21
N GLY HA 191 49.24 12.12 -3.76
CA GLY HA 191 49.60 13.53 -3.83
C GLY HA 191 49.66 14.03 -5.26
N ASP HA 192 50.62 14.91 -5.52
CA ASP HA 192 50.78 15.50 -6.84
C ASP HA 192 51.21 14.49 -7.90
N GLN HA 193 51.64 13.29 -7.49
CA GLN HA 193 51.99 12.27 -8.47
C GLN HA 193 50.80 11.91 -9.35
N ILE HA 194 49.58 12.04 -8.82
CA ILE HA 194 48.37 11.85 -9.62
C ILE HA 194 48.31 12.95 -10.67
N PRO HA 195 48.19 12.62 -11.94
CA PRO HA 195 48.07 13.67 -12.96
C PRO HA 195 46.81 14.50 -12.74
N LYS HA 196 46.91 15.80 -13.03
CA LYS HA 196 45.79 16.70 -12.79
C LYS HA 196 44.58 16.31 -13.64
N PHE HA 197 44.73 16.40 -14.97
CA PHE HA 197 43.66 16.03 -15.88
C PHE HA 197 44.19 15.90 -17.31
#